data_1JKN
#
_entry.id   1JKN
#
_cell.length_a   ?
_cell.length_b   ?
_cell.length_c   ?
_cell.angle_alpha   ?
_cell.angle_beta   ?
_cell.angle_gamma   ?
#
loop_
_entity.id
_entity.type
_entity.pdbx_description
1 polymer "diadenosine 5',5'''-P1,P4-tetraphosphate hydrolase"
2 non-polymer "ADENOSINE-5'-TRIPHOSPHATE"
#
_entity_poly.entity_id   1
_entity_poly.type   'polypeptide(L)'
_entity_poly.pdbx_seq_one_letter_code
;GPLGSMDSPPEGYRRNVGICLMNNDKKIFAASRLDIPDAWQMPQGGIDEGEDPRNAAIRELREETGVTSAEVIAEVPYWL
TYDFPPKVREKLNIQWGSDWKGQAQKWFLFKFTGQDQEINLLGDGSEKPEFGEWSWVTPEQLIDLTVEFKKPVYKEVLSV
FAPHL
;
_entity_poly.pdbx_strand_id   A
#
loop_
_chem_comp.id
_chem_comp.type
_chem_comp.name
_chem_comp.formula
ATP non-polymer ADENOSINE-5'-TRIPHOSPHATE 'C10 H16 N5 O13 P3'
#
# COMPACT_ATOMS: atom_id res chain seq x y z
N GLY A 1 11.58 -12.30 18.26
CA GLY A 1 10.77 -11.06 18.10
C GLY A 1 9.69 -11.20 17.04
N PRO A 2 9.30 -10.09 16.39
CA PRO A 2 8.28 -10.11 15.35
C PRO A 2 8.76 -10.80 14.07
N LEU A 3 7.83 -11.43 13.37
CA LEU A 3 8.15 -12.14 12.13
C LEU A 3 7.08 -11.91 11.07
N GLY A 4 7.13 -10.74 10.43
CA GLY A 4 6.16 -10.43 9.40
C GLY A 4 6.78 -9.69 8.23
N SER A 5 7.88 -10.22 7.71
CA SER A 5 8.56 -9.62 6.59
C SER A 5 9.01 -10.71 5.62
N MET A 6 9.98 -10.37 4.78
CA MET A 6 10.51 -11.30 3.80
C MET A 6 11.68 -10.67 3.05
N ASP A 7 12.89 -11.20 3.29
CA ASP A 7 14.09 -10.70 2.63
C ASP A 7 14.19 -11.15 1.17
N SER A 8 13.09 -11.67 0.63
CA SER A 8 13.07 -12.13 -0.74
C SER A 8 11.68 -12.61 -1.13
N PRO A 9 11.19 -12.26 -2.34
CA PRO A 9 9.86 -12.67 -2.79
C PRO A 9 9.73 -14.19 -2.88
N PRO A 10 8.92 -14.80 -1.99
CA PRO A 10 8.71 -16.24 -1.97
C PRO A 10 7.76 -16.70 -3.08
N GLU A 11 7.43 -17.97 -3.06
CA GLU A 11 6.54 -18.55 -4.05
C GLU A 11 5.08 -18.39 -3.62
N GLY A 12 4.19 -18.29 -4.60
CA GLY A 12 2.78 -18.12 -4.31
C GLY A 12 2.35 -16.68 -4.32
N TYR A 13 3.24 -15.79 -3.88
CA TYR A 13 2.93 -14.36 -3.85
C TYR A 13 3.37 -13.68 -5.14
N ARG A 14 2.49 -12.85 -5.68
CA ARG A 14 2.78 -12.12 -6.92
C ARG A 14 3.52 -10.82 -6.62
N ARG A 15 4.31 -10.35 -7.59
CA ARG A 15 5.08 -9.11 -7.42
C ARG A 15 4.15 -7.95 -7.07
N ASN A 16 4.51 -7.23 -6.01
CA ASN A 16 3.71 -6.10 -5.56
C ASN A 16 4.57 -5.06 -4.85
N VAL A 17 4.14 -3.81 -4.88
CA VAL A 17 4.87 -2.74 -4.22
C VAL A 17 3.91 -1.76 -3.55
N GLY A 18 4.24 -1.36 -2.32
CA GLY A 18 3.40 -0.44 -1.59
C GLY A 18 4.01 0.94 -1.45
N ILE A 19 3.17 1.95 -1.38
CA ILE A 19 3.63 3.33 -1.23
C ILE A 19 3.05 3.97 0.02
N CYS A 20 3.86 4.10 1.05
CA CYS A 20 3.42 4.72 2.30
C CYS A 20 3.67 6.21 2.25
N LEU A 21 2.61 6.99 2.09
CA LEU A 21 2.75 8.45 2.00
C LEU A 21 2.34 9.10 3.32
N MET A 22 3.06 10.17 3.67
CA MET A 22 2.78 10.89 4.90
C MET A 22 2.56 12.37 4.62
N ASN A 23 1.85 13.03 5.53
CA ASN A 23 1.55 14.44 5.39
C ASN A 23 2.54 15.29 6.19
N ASN A 24 2.44 16.60 6.01
CA ASN A 24 3.31 17.54 6.72
C ASN A 24 3.07 17.47 8.23
N ASP A 25 1.94 16.88 8.62
CA ASP A 25 1.61 16.74 10.04
C ASP A 25 2.16 15.44 10.60
N LYS A 26 2.82 14.65 9.75
CA LYS A 26 3.41 13.38 10.15
C LYS A 26 2.36 12.26 10.19
N LYS A 27 1.30 12.42 9.41
CA LYS A 27 0.25 11.42 9.34
C LYS A 27 0.51 10.49 8.16
N ILE A 28 -0.26 9.42 8.06
CA ILE A 28 -0.10 8.47 6.96
C ILE A 28 -1.31 8.51 6.03
N PHE A 29 -1.05 8.74 4.75
CA PHE A 29 -2.11 8.80 3.76
C PHE A 29 -2.90 7.51 3.69
N ALA A 30 -4.13 7.55 4.19
CA ALA A 30 -5.00 6.38 4.18
C ALA A 30 -6.23 6.66 3.32
N ALA A 31 -6.55 5.74 2.43
CA ALA A 31 -7.70 5.89 1.55
C ALA A 31 -8.73 4.81 1.80
N SER A 32 -10.00 5.22 1.81
CA SER A 32 -11.10 4.29 2.03
C SER A 32 -11.47 3.58 0.74
N ARG A 33 -12.06 2.40 0.87
CA ARG A 33 -12.45 1.61 -0.29
C ARG A 33 -13.66 2.21 -0.99
N LEU A 34 -13.81 1.88 -2.25
CA LEU A 34 -14.93 2.35 -3.04
C LEU A 34 -16.06 1.32 -2.99
N ASP A 35 -15.78 0.18 -2.35
CA ASP A 35 -16.77 -0.89 -2.24
C ASP A 35 -16.97 -1.35 -0.81
N ILE A 36 -16.00 -1.06 0.08
CA ILE A 36 -16.12 -1.47 1.47
C ILE A 36 -16.12 -0.26 2.39
N PRO A 37 -17.25 0.02 3.05
CA PRO A 37 -17.34 1.16 3.97
C PRO A 37 -16.44 0.99 5.18
N ASP A 38 -15.67 2.04 5.48
CA ASP A 38 -14.75 2.03 6.61
C ASP A 38 -13.49 1.24 6.31
N ALA A 39 -13.38 0.76 5.09
CA ALA A 39 -12.22 -0.01 4.67
C ALA A 39 -11.14 0.91 4.12
N TRP A 40 -10.19 1.24 4.97
CA TRP A 40 -9.10 2.12 4.59
C TRP A 40 -7.83 1.34 4.32
N GLN A 41 -6.94 1.92 3.53
CA GLN A 41 -5.68 1.29 3.18
C GLN A 41 -4.74 2.27 2.49
N MET A 42 -3.58 1.78 2.07
CA MET A 42 -2.59 2.60 1.39
C MET A 42 -2.47 2.17 -0.07
N PRO A 43 -2.03 3.09 -0.95
CA PRO A 43 -1.86 2.79 -2.38
C PRO A 43 -0.79 1.74 -2.64
N GLN A 44 -1.12 0.74 -3.46
CA GLN A 44 -0.19 -0.33 -3.78
C GLN A 44 -0.51 -0.95 -5.14
N GLY A 45 0.44 -1.70 -5.68
CA GLY A 45 0.23 -2.34 -6.98
C GLY A 45 1.07 -3.60 -7.13
N GLY A 46 0.69 -4.45 -8.08
CA GLY A 46 1.40 -5.71 -8.29
C GLY A 46 2.60 -5.56 -9.23
N ILE A 47 3.28 -4.42 -9.16
CA ILE A 47 4.45 -4.16 -9.99
C ILE A 47 4.15 -4.40 -11.47
N ASP A 48 4.97 -3.81 -12.33
CA ASP A 48 4.81 -3.95 -13.77
C ASP A 48 5.60 -5.14 -14.30
N GLU A 49 5.25 -5.60 -15.49
CA GLU A 49 5.94 -6.73 -16.11
C GLU A 49 7.43 -6.48 -16.19
N GLY A 50 8.16 -7.04 -15.25
CA GLY A 50 9.60 -6.87 -15.21
C GLY A 50 9.98 -5.47 -14.77
N GLU A 51 9.35 -5.01 -13.71
CA GLU A 51 9.59 -3.68 -13.17
C GLU A 51 10.20 -3.76 -11.79
N ASP A 52 11.10 -2.83 -11.50
CA ASP A 52 11.73 -2.77 -10.19
C ASP A 52 10.77 -2.17 -9.17
N PRO A 53 10.80 -2.67 -7.93
CA PRO A 53 9.91 -2.21 -6.86
C PRO A 53 9.85 -0.69 -6.73
N ARG A 54 10.99 -0.08 -6.39
CA ARG A 54 11.08 1.36 -6.21
C ARG A 54 10.38 2.13 -7.33
N ASN A 55 10.43 1.59 -8.55
CA ASN A 55 9.81 2.25 -9.69
C ASN A 55 8.32 1.91 -9.75
N ALA A 56 8.00 0.64 -9.59
CA ALA A 56 6.61 0.21 -9.61
C ALA A 56 5.81 0.93 -8.54
N ALA A 57 6.46 1.19 -7.41
CA ALA A 57 5.81 1.88 -6.30
C ALA A 57 5.62 3.35 -6.65
N ILE A 58 6.70 4.02 -7.01
CA ILE A 58 6.64 5.43 -7.39
C ILE A 58 5.67 5.62 -8.55
N ARG A 59 5.55 4.59 -9.38
CA ARG A 59 4.64 4.64 -10.52
C ARG A 59 3.23 4.33 -10.06
N GLU A 60 3.11 3.20 -9.38
CA GLU A 60 1.83 2.74 -8.87
C GLU A 60 1.11 3.84 -8.08
N LEU A 61 1.87 4.59 -7.30
CA LEU A 61 1.30 5.67 -6.50
C LEU A 61 0.56 6.65 -7.39
N ARG A 62 1.24 7.16 -8.40
CA ARG A 62 0.64 8.09 -9.34
C ARG A 62 -0.50 7.41 -10.10
N GLU A 63 -0.59 6.09 -9.98
CA GLU A 63 -1.65 5.35 -10.66
C GLU A 63 -2.87 5.18 -9.78
N GLU A 64 -2.65 4.93 -8.49
CA GLU A 64 -3.75 4.72 -7.55
C GLU A 64 -4.22 6.03 -6.93
N THR A 65 -3.30 6.95 -6.68
CA THR A 65 -3.65 8.23 -6.08
C THR A 65 -3.31 9.38 -7.02
N GLY A 66 -2.36 9.13 -7.91
CA GLY A 66 -1.95 10.15 -8.85
C GLY A 66 -1.09 11.22 -8.20
N VAL A 67 -0.72 11.02 -6.94
CA VAL A 67 0.11 11.97 -6.22
C VAL A 67 1.42 12.19 -6.97
N THR A 68 1.60 13.39 -7.51
CA THR A 68 2.82 13.72 -8.24
C THR A 68 3.87 14.32 -7.33
N SER A 69 3.43 15.08 -6.33
CA SER A 69 4.34 15.71 -5.40
C SER A 69 4.61 14.80 -4.21
N ALA A 70 5.42 13.78 -4.43
CA ALA A 70 5.77 12.83 -3.38
C ALA A 70 7.17 12.28 -3.62
N GLU A 71 7.96 12.25 -2.55
CA GLU A 71 9.33 11.74 -2.61
C GLU A 71 9.52 10.68 -1.55
N VAL A 72 10.38 9.71 -1.83
CA VAL A 72 10.63 8.63 -0.88
C VAL A 72 11.54 9.07 0.25
N ILE A 73 11.07 8.83 1.47
CA ILE A 73 11.82 9.19 2.67
C ILE A 73 12.35 7.93 3.35
N ALA A 74 11.74 6.79 3.03
CA ALA A 74 12.15 5.52 3.61
C ALA A 74 11.74 4.34 2.75
N GLU A 75 12.39 3.21 2.98
CA GLU A 75 12.10 1.99 2.24
C GLU A 75 12.37 0.78 3.11
N VAL A 76 11.34 -0.01 3.38
CA VAL A 76 11.49 -1.21 4.21
C VAL A 76 12.55 -2.12 3.61
N PRO A 77 13.58 -2.47 4.42
CA PRO A 77 14.68 -3.33 3.96
C PRO A 77 14.23 -4.70 3.47
N TYR A 78 13.01 -5.10 3.84
CA TYR A 78 12.48 -6.39 3.43
C TYR A 78 11.16 -6.24 2.69
N TRP A 79 10.55 -7.37 2.35
CA TRP A 79 9.28 -7.38 1.66
C TRP A 79 8.17 -7.73 2.63
N LEU A 80 7.01 -7.18 2.41
CA LEU A 80 5.87 -7.45 3.26
C LEU A 80 4.92 -8.42 2.56
N THR A 81 4.75 -9.59 3.15
CA THR A 81 3.88 -10.60 2.58
C THR A 81 2.67 -10.86 3.46
N TYR A 82 1.50 -10.91 2.84
CA TYR A 82 0.26 -11.15 3.57
C TYR A 82 -0.60 -12.15 2.82
N ASP A 83 -1.66 -12.61 3.47
CA ASP A 83 -2.58 -13.58 2.86
C ASP A 83 -4.02 -13.15 3.04
N PHE A 84 -4.90 -13.67 2.18
CA PHE A 84 -6.31 -13.34 2.24
C PHE A 84 -7.12 -14.53 2.75
N PRO A 85 -8.27 -14.28 3.39
CA PRO A 85 -9.13 -15.33 3.92
C PRO A 85 -9.77 -16.18 2.83
N PRO A 86 -10.43 -17.29 3.21
CA PRO A 86 -11.09 -18.20 2.27
C PRO A 86 -12.22 -17.54 1.48
N LYS A 87 -12.67 -16.38 1.93
CA LYS A 87 -13.75 -15.68 1.26
C LYS A 87 -13.17 -14.71 0.24
N VAL A 88 -12.07 -14.10 0.60
CA VAL A 88 -11.39 -13.16 -0.28
C VAL A 88 -10.62 -13.91 -1.34
N ARG A 89 -9.83 -14.87 -0.90
CA ARG A 89 -9.05 -15.69 -1.82
C ARG A 89 -9.98 -16.31 -2.85
N GLU A 90 -10.91 -17.07 -2.33
CA GLU A 90 -11.91 -17.74 -3.15
C GLU A 90 -12.67 -16.76 -4.03
N LYS A 91 -12.75 -15.51 -3.56
CA LYS A 91 -13.45 -14.46 -4.30
C LYS A 91 -12.54 -13.87 -5.37
N LEU A 92 -11.29 -13.62 -5.00
CA LEU A 92 -10.32 -13.06 -5.94
C LEU A 92 -10.11 -14.00 -7.11
N ASN A 93 -9.93 -15.29 -6.80
CA ASN A 93 -9.73 -16.30 -7.83
C ASN A 93 -10.74 -16.14 -8.96
N ILE A 94 -11.95 -15.71 -8.60
CA ILE A 94 -13.00 -15.51 -9.58
C ILE A 94 -13.09 -14.06 -10.02
N GLN A 95 -13.06 -13.15 -9.05
CA GLN A 95 -13.15 -11.72 -9.33
C GLN A 95 -11.88 -11.22 -10.02
N TRP A 96 -10.74 -11.45 -9.37
CA TRP A 96 -9.45 -11.03 -9.92
C TRP A 96 -8.97 -12.01 -10.96
N GLY A 97 -9.31 -13.29 -10.80
CA GLY A 97 -8.88 -14.29 -11.76
C GLY A 97 -7.42 -14.66 -11.60
N SER A 98 -6.96 -14.70 -10.36
CA SER A 98 -5.57 -15.04 -10.07
C SER A 98 -5.49 -16.11 -8.99
N ASP A 99 -4.47 -16.96 -9.08
CA ASP A 99 -4.28 -18.03 -8.12
C ASP A 99 -3.02 -17.80 -7.29
N TRP A 100 -3.09 -16.87 -6.35
CA TRP A 100 -1.97 -16.55 -5.49
C TRP A 100 -2.38 -16.56 -4.03
N LYS A 101 -1.45 -16.89 -3.15
CA LYS A 101 -1.72 -16.94 -1.72
C LYS A 101 -1.69 -15.53 -1.13
N GLY A 102 -0.90 -14.66 -1.73
CA GLY A 102 -0.79 -13.30 -1.27
C GLY A 102 0.02 -12.44 -2.21
N GLN A 103 0.76 -11.50 -1.64
CA GLN A 103 1.59 -10.59 -2.44
C GLN A 103 2.71 -9.99 -1.60
N ALA A 104 3.95 -10.27 -1.98
CA ALA A 104 5.11 -9.73 -1.28
C ALA A 104 5.44 -8.34 -1.82
N GLN A 105 5.26 -7.32 -0.99
CA GLN A 105 5.52 -5.95 -1.43
C GLN A 105 6.50 -5.21 -0.52
N LYS A 106 7.37 -4.42 -1.14
CA LYS A 106 8.35 -3.62 -0.43
C LYS A 106 7.84 -2.19 -0.27
N TRP A 107 7.23 -1.92 0.88
CA TRP A 107 6.67 -0.60 1.15
C TRP A 107 7.74 0.49 1.17
N PHE A 108 7.40 1.64 0.58
CA PHE A 108 8.31 2.78 0.51
C PHE A 108 7.64 4.01 1.10
N LEU A 109 8.33 4.71 1.99
CA LEU A 109 7.77 5.91 2.60
C LEU A 109 7.91 7.09 1.65
N PHE A 110 6.81 7.82 1.46
CA PHE A 110 6.82 9.00 0.59
C PHE A 110 6.33 10.23 1.32
N LYS A 111 7.12 11.29 1.27
CA LYS A 111 6.73 12.55 1.90
C LYS A 111 5.97 13.39 0.89
N PHE A 112 4.75 13.81 1.26
CA PHE A 112 3.94 14.62 0.36
C PHE A 112 4.52 16.02 0.21
N THR A 113 4.80 16.40 -1.03
CA THR A 113 5.36 17.72 -1.31
C THR A 113 4.48 18.47 -2.31
N GLY A 114 3.17 18.30 -2.17
CA GLY A 114 2.23 18.96 -3.05
C GLY A 114 1.05 19.54 -2.30
N GLN A 115 -0.11 19.50 -2.91
CA GLN A 115 -1.32 20.02 -2.28
C GLN A 115 -2.42 18.97 -2.32
N ASP A 116 -3.35 19.06 -1.38
CA ASP A 116 -4.46 18.12 -1.30
C ASP A 116 -5.16 17.96 -2.65
N GLN A 117 -4.92 18.90 -3.56
CA GLN A 117 -5.53 18.87 -4.88
C GLN A 117 -4.84 17.85 -5.78
N GLU A 118 -3.64 17.44 -5.40
CA GLU A 118 -2.87 16.47 -6.17
C GLU A 118 -3.36 15.06 -5.90
N ILE A 119 -3.96 14.85 -4.73
CA ILE A 119 -4.47 13.54 -4.34
C ILE A 119 -5.69 13.16 -5.17
N ASN A 120 -5.49 12.26 -6.11
CA ASN A 120 -6.58 11.78 -6.96
C ASN A 120 -6.71 10.27 -6.84
N LEU A 121 -7.62 9.83 -5.97
CA LEU A 121 -7.84 8.41 -5.74
C LEU A 121 -8.13 7.66 -7.05
N LEU A 122 -8.59 8.39 -8.06
CA LEU A 122 -8.87 7.78 -9.35
C LEU A 122 -7.60 7.23 -9.96
N GLY A 123 -6.63 8.12 -10.16
CA GLY A 123 -5.37 7.74 -10.73
C GLY A 123 -4.86 8.80 -11.68
N ASP A 124 -3.78 8.48 -12.39
CA ASP A 124 -3.20 9.41 -13.35
C ASP A 124 -3.78 9.13 -14.73
N GLY A 125 -5.07 8.82 -14.77
CA GLY A 125 -5.72 8.54 -16.03
C GLY A 125 -5.29 7.21 -16.62
N SER A 126 -4.88 6.30 -15.75
CA SER A 126 -4.43 4.97 -16.19
C SER A 126 -5.37 3.88 -15.68
N GLU A 127 -5.36 3.66 -14.36
CA GLU A 127 -6.20 2.64 -13.76
C GLU A 127 -7.51 3.23 -13.27
N LYS A 128 -8.47 2.36 -12.98
CA LYS A 128 -9.78 2.80 -12.50
C LYS A 128 -9.76 3.08 -11.00
N PRO A 129 -10.58 4.03 -10.54
CA PRO A 129 -10.65 4.41 -9.13
C PRO A 129 -10.84 3.20 -8.22
N GLU A 130 -9.99 3.08 -7.20
CA GLU A 130 -10.07 1.99 -6.25
C GLU A 130 -10.57 2.48 -4.89
N PHE A 131 -10.27 3.73 -4.59
CA PHE A 131 -10.69 4.34 -3.34
C PHE A 131 -11.74 5.42 -3.59
N GLY A 132 -12.52 5.75 -2.56
CA GLY A 132 -13.54 6.77 -2.70
C GLY A 132 -13.25 7.98 -1.85
N GLU A 133 -12.43 7.79 -0.82
CA GLU A 133 -12.07 8.85 0.09
C GLU A 133 -10.69 8.59 0.70
N TRP A 134 -10.21 9.55 1.45
CA TRP A 134 -8.92 9.44 2.11
C TRP A 134 -8.82 10.40 3.29
N SER A 135 -7.95 10.06 4.22
CA SER A 135 -7.75 10.90 5.41
C SER A 135 -6.37 10.68 6.01
N TRP A 136 -5.94 11.62 6.84
CA TRP A 136 -4.64 11.55 7.49
C TRP A 136 -4.77 10.92 8.87
N VAL A 137 -3.99 9.86 9.11
CA VAL A 137 -4.03 9.16 10.39
C VAL A 137 -2.63 8.83 10.88
N THR A 138 -2.49 8.76 12.19
CA THR A 138 -1.21 8.44 12.81
C THR A 138 -0.88 6.97 12.56
N PRO A 139 0.40 6.58 12.64
CA PRO A 139 0.81 5.20 12.41
C PRO A 139 0.05 4.23 13.32
N GLU A 140 -0.51 4.76 14.39
CA GLU A 140 -1.27 3.97 15.33
C GLU A 140 -2.74 3.93 14.92
N GLN A 141 -3.22 5.03 14.35
CA GLN A 141 -4.60 5.11 13.90
C GLN A 141 -4.78 4.27 12.65
N LEU A 142 -3.90 4.48 11.67
CA LEU A 142 -3.96 3.71 10.43
C LEU A 142 -3.94 2.23 10.73
N ILE A 143 -3.27 1.89 11.83
CA ILE A 143 -3.19 0.52 12.28
C ILE A 143 -4.55 0.04 12.77
N ASP A 144 -5.35 0.98 13.25
CA ASP A 144 -6.70 0.67 13.73
C ASP A 144 -7.66 0.54 12.56
N LEU A 145 -7.27 1.14 11.42
CA LEU A 145 -8.09 1.08 10.22
C LEU A 145 -7.82 -0.21 9.47
N THR A 146 -6.55 -0.60 9.44
CA THR A 146 -6.13 -1.81 8.76
C THR A 146 -6.83 -3.04 9.33
N VAL A 147 -6.78 -4.14 8.60
CA VAL A 147 -7.41 -5.39 9.04
C VAL A 147 -6.41 -6.30 9.73
N GLU A 148 -6.92 -7.25 10.52
CA GLU A 148 -6.08 -8.19 11.26
C GLU A 148 -5.01 -8.84 10.39
N PHE A 149 -5.37 -9.23 9.16
CA PHE A 149 -4.43 -9.88 8.26
C PHE A 149 -3.52 -8.87 7.56
N LYS A 150 -3.67 -7.59 7.88
CA LYS A 150 -2.85 -6.54 7.28
C LYS A 150 -2.24 -5.64 8.34
N LYS A 151 -2.44 -6.00 9.60
CA LYS A 151 -1.90 -5.21 10.72
C LYS A 151 -0.37 -5.19 10.70
N PRO A 152 0.27 -6.37 10.85
CA PRO A 152 1.73 -6.47 10.85
C PRO A 152 2.35 -5.93 9.56
N VAL A 153 1.77 -6.33 8.44
CA VAL A 153 2.25 -5.88 7.13
C VAL A 153 2.31 -4.37 7.06
N TYR A 154 1.44 -3.72 7.82
CA TYR A 154 1.39 -2.26 7.87
C TYR A 154 2.28 -1.73 8.98
N LYS A 155 2.10 -2.28 10.18
CA LYS A 155 2.89 -1.87 11.34
C LYS A 155 4.36 -1.93 11.01
N GLU A 156 4.73 -2.88 10.16
CA GLU A 156 6.11 -3.04 9.73
C GLU A 156 6.55 -1.81 8.94
N VAL A 157 5.69 -1.41 8.02
CA VAL A 157 5.95 -0.23 7.19
C VAL A 157 6.12 1.00 8.07
N LEU A 158 5.17 1.22 8.96
CA LEU A 158 5.22 2.34 9.88
C LEU A 158 6.44 2.22 10.78
N SER A 159 6.59 1.05 11.38
CA SER A 159 7.71 0.79 12.27
C SER A 159 9.03 1.16 11.61
N VAL A 160 9.19 0.77 10.35
CA VAL A 160 10.39 1.08 9.60
C VAL A 160 10.44 2.56 9.27
N PHE A 161 9.27 3.18 9.22
CA PHE A 161 9.14 4.59 8.90
C PHE A 161 8.85 5.43 10.15
N ALA A 162 9.01 4.82 11.31
CA ALA A 162 8.77 5.49 12.59
C ALA A 162 9.55 6.80 12.68
N PRO A 163 10.89 6.75 12.51
CA PRO A 163 11.73 7.95 12.59
C PRO A 163 11.27 9.06 11.65
N HIS A 164 10.53 8.68 10.62
CA HIS A 164 10.02 9.64 9.65
C HIS A 164 8.64 10.14 10.05
N LEU A 165 7.97 9.39 10.93
CA LEU A 165 6.64 9.77 11.40
C LEU A 165 6.66 10.17 12.87
PG ATP B . -3.41 -5.06 -4.73
O1G ATP B . -2.03 -4.59 -4.52
O2G ATP B . -3.22 -6.08 -5.79
O3G ATP B . -4.47 -4.10 -5.16
PB ATP B . -5.22 -5.63 -2.78
O1B ATP B . -6.19 -6.40 -3.62
O2B ATP B . -5.51 -4.21 -2.45
O3B ATP B . -3.92 -5.71 -3.49
PA ATP B . -5.73 -6.11 -0.13
O1A ATP B . -6.51 -4.87 0.07
O2A ATP B . -4.63 -6.44 0.82
O3A ATP B . -5.24 -6.39 -1.50
O5' ATP B . -6.83 -7.27 -0.07
C5' ATP B . -7.67 -7.53 -1.19
C4' ATP B . -9.03 -7.96 -0.72
O4' ATP B . -8.98 -8.28 0.69
C3' ATP B . -10.12 -6.90 -0.82
O3' ATP B . -10.70 -6.86 -2.13
C2' ATP B . -11.12 -7.37 0.23
O2' ATP B . -11.88 -8.47 -0.22
C1' ATP B . -10.17 -7.85 1.33
N9 ATP B . -9.82 -6.81 2.31
C8 ATP B . -8.78 -5.92 2.27
N7 ATP B . -8.73 -5.12 3.30
C5 ATP B . -9.83 -5.50 4.07
C6 ATP B . -10.34 -5.03 5.28
N6 ATP B . -9.79 -4.03 5.98
N1 ATP B . -11.44 -5.63 5.78
C2 ATP B . -11.98 -6.64 5.09
N3 ATP B . -11.60 -7.17 3.93
C4 ATP B . -10.51 -6.55 3.47
H5'1 ATP B . -7.24 -8.32 -1.80
H5'2 ATP B . -7.77 -6.63 -1.80
H4' ATP B . -9.36 -8.80 -1.35
H3' ATP B . -9.73 -5.91 -0.62
HO3' ATP B . -10.01 -7.09 -2.75
H2' ATP B . -11.73 -6.54 0.57
HO2' ATP B . -11.42 -8.84 -0.98
H1' ATP B . -10.57 -8.70 1.87
H8 ATP B . -8.06 -5.90 1.46
HN61 ATP B . -8.97 -3.56 5.64
HN62 ATP B . -10.20 -3.73 6.85
H2 ATP B . -12.88 -7.09 5.53
N GLY A 1 9.34 -15.20 16.28
CA GLY A 1 9.36 -15.49 14.82
C GLY A 1 9.28 -14.24 13.98
N PRO A 2 9.80 -14.28 12.73
CA PRO A 2 9.77 -13.13 11.82
C PRO A 2 8.36 -12.82 11.33
N LEU A 3 8.08 -11.53 11.14
CA LEU A 3 6.77 -11.10 10.67
C LEU A 3 6.86 -9.73 10.01
N GLY A 4 6.19 -9.58 8.86
CA GLY A 4 6.20 -8.32 8.15
C GLY A 4 7.59 -7.91 7.73
N SER A 5 8.45 -8.90 7.49
CA SER A 5 9.83 -8.64 7.07
C SER A 5 10.51 -9.93 6.65
N MET A 6 10.99 -9.97 5.41
CA MET A 6 11.66 -11.16 4.89
C MET A 6 13.02 -10.83 4.27
N ASP A 7 13.12 -9.64 3.68
CA ASP A 7 14.36 -9.20 3.05
C ASP A 7 14.60 -9.94 1.73
N SER A 8 13.50 -10.41 1.12
CA SER A 8 13.58 -11.13 -0.15
C SER A 8 12.21 -11.67 -0.53
N PRO A 9 11.77 -11.43 -1.79
CA PRO A 9 10.47 -11.90 -2.28
C PRO A 9 10.40 -13.43 -2.34
N PRO A 10 9.59 -14.05 -1.45
CA PRO A 10 9.43 -15.50 -1.41
C PRO A 10 8.48 -16.00 -2.49
N GLU A 11 8.23 -17.30 -2.47
CA GLU A 11 7.34 -17.93 -3.45
C GLU A 11 5.91 -17.95 -2.95
N GLY A 12 4.96 -18.03 -3.88
CA GLY A 12 3.56 -18.05 -3.50
C GLY A 12 2.93 -16.68 -3.55
N TYR A 13 3.74 -15.65 -3.35
CA TYR A 13 3.24 -14.28 -3.37
C TYR A 13 3.62 -13.57 -4.66
N ARG A 14 2.70 -12.77 -5.19
CA ARG A 14 2.93 -12.03 -6.43
C ARG A 14 3.73 -10.76 -6.17
N ARG A 15 4.48 -10.32 -7.18
CA ARG A 15 5.28 -9.12 -7.08
C ARG A 15 4.41 -7.87 -6.97
N ASN A 16 4.63 -7.07 -5.93
CA ASN A 16 3.86 -5.85 -5.74
C ASN A 16 4.67 -4.82 -4.95
N VAL A 17 4.32 -3.55 -5.10
CA VAL A 17 5.02 -2.48 -4.41
C VAL A 17 4.05 -1.58 -3.65
N GLY A 18 4.35 -1.32 -2.38
CA GLY A 18 3.50 -0.48 -1.57
C GLY A 18 4.02 0.94 -1.49
N ILE A 19 3.12 1.89 -1.25
CA ILE A 19 3.50 3.29 -1.16
C ILE A 19 2.89 3.96 0.08
N CYS A 20 3.73 4.15 1.10
CA CYS A 20 3.27 4.79 2.32
C CYS A 20 3.47 6.28 2.22
N LEU A 21 2.38 7.02 2.00
CA LEU A 21 2.46 8.47 1.86
C LEU A 21 1.98 9.16 3.13
N MET A 22 2.59 10.30 3.43
CA MET A 22 2.23 11.05 4.62
C MET A 22 1.94 12.51 4.28
N ASN A 23 1.17 13.16 5.13
CA ASN A 23 0.81 14.57 4.93
C ASN A 23 1.78 15.48 5.67
N ASN A 24 1.60 16.78 5.45
CA ASN A 24 2.44 17.79 6.11
C ASN A 24 2.23 17.76 7.62
N ASP A 25 1.14 17.13 8.06
CA ASP A 25 0.84 17.04 9.48
C ASP A 25 1.47 15.79 10.10
N LYS A 26 2.16 15.01 9.26
CA LYS A 26 2.82 13.78 9.72
C LYS A 26 1.85 12.61 9.80
N LYS A 27 0.77 12.68 9.03
CA LYS A 27 -0.22 11.61 9.01
C LYS A 27 0.08 10.65 7.89
N ILE A 28 -0.66 9.55 7.82
CA ILE A 28 -0.45 8.56 6.77
C ILE A 28 -1.66 8.50 5.84
N PHE A 29 -1.40 8.70 4.55
CA PHE A 29 -2.47 8.68 3.55
C PHE A 29 -3.23 7.35 3.57
N ALA A 30 -4.47 7.41 4.04
CA ALA A 30 -5.31 6.23 4.08
C ALA A 30 -6.53 6.41 3.19
N ALA A 31 -6.86 5.36 2.42
CA ALA A 31 -7.98 5.42 1.52
C ALA A 31 -9.01 4.35 1.84
N SER A 32 -10.28 4.71 1.76
CA SER A 32 -11.37 3.78 2.04
C SER A 32 -11.66 2.92 0.82
N ARG A 33 -12.28 1.77 1.05
CA ARG A 33 -12.60 0.84 -0.03
C ARG A 33 -13.73 1.37 -0.89
N LEU A 34 -13.84 0.80 -2.08
CA LEU A 34 -14.90 1.16 -3.00
C LEU A 34 -16.06 0.17 -2.86
N ASP A 35 -15.83 -0.88 -2.06
CA ASP A 35 -16.86 -1.90 -1.85
C ASP A 35 -17.13 -2.18 -0.38
N ILE A 36 -16.20 -1.79 0.51
CA ILE A 36 -16.40 -2.02 1.94
C ILE A 36 -16.38 -0.71 2.71
N PRO A 37 -17.52 -0.31 3.30
CA PRO A 37 -17.61 0.92 4.08
C PRO A 37 -16.76 0.84 5.34
N ASP A 38 -15.98 1.89 5.56
CA ASP A 38 -15.10 1.97 6.74
C ASP A 38 -13.84 1.13 6.55
N ALA A 39 -13.72 0.52 5.39
CA ALA A 39 -12.56 -0.29 5.08
C ALA A 39 -11.46 0.57 4.47
N TRP A 40 -10.52 0.98 5.30
CA TRP A 40 -9.42 1.82 4.84
C TRP A 40 -8.14 1.01 4.69
N GLN A 41 -7.24 1.53 3.87
CA GLN A 41 -5.97 0.87 3.60
C GLN A 41 -5.02 1.80 2.85
N MET A 42 -3.83 1.30 2.56
CA MET A 42 -2.82 2.09 1.84
C MET A 42 -2.76 1.66 0.37
N PRO A 43 -2.24 2.52 -0.51
CA PRO A 43 -2.14 2.23 -1.94
C PRO A 43 -1.12 1.13 -2.24
N GLN A 44 -1.50 0.22 -3.14
CA GLN A 44 -0.63 -0.89 -3.54
C GLN A 44 -0.69 -1.09 -5.05
N GLY A 45 0.42 -1.55 -5.62
CA GLY A 45 0.46 -1.77 -7.05
C GLY A 45 1.40 -2.90 -7.43
N GLY A 46 0.94 -3.79 -8.29
CA GLY A 46 1.75 -4.90 -8.72
C GLY A 46 2.89 -4.47 -9.62
N ILE A 47 4.11 -4.89 -9.29
CA ILE A 47 5.28 -4.54 -10.07
C ILE A 47 5.16 -5.07 -11.50
N ASP A 48 5.94 -4.51 -12.41
CA ASP A 48 5.92 -4.93 -13.81
C ASP A 48 6.93 -6.04 -14.05
N GLU A 49 7.06 -6.45 -15.31
CA GLU A 49 7.99 -7.50 -15.68
C GLU A 49 9.41 -6.95 -15.74
N GLY A 50 10.16 -7.16 -14.67
CA GLY A 50 11.51 -6.67 -14.60
C GLY A 50 11.56 -5.19 -14.26
N GLU A 51 10.77 -4.81 -13.27
CA GLU A 51 10.70 -3.43 -12.83
C GLU A 51 11.21 -3.28 -11.41
N ASP A 52 11.81 -2.13 -11.13
CA ASP A 52 12.35 -1.85 -9.82
C ASP A 52 11.22 -1.56 -8.82
N PRO A 53 11.30 -2.13 -7.61
CA PRO A 53 10.27 -1.94 -6.57
C PRO A 53 9.98 -0.47 -6.31
N ARG A 54 11.03 0.28 -5.95
CA ARG A 54 10.89 1.70 -5.65
C ARG A 54 10.33 2.47 -6.84
N ASN A 55 10.56 1.96 -8.04
CA ASN A 55 10.07 2.61 -9.25
C ASN A 55 8.62 2.20 -9.53
N ALA A 56 8.36 0.91 -9.46
CA ALA A 56 7.01 0.39 -9.70
C ALA A 56 6.03 1.03 -8.72
N ALA A 57 6.53 1.37 -7.52
CA ALA A 57 5.70 1.99 -6.50
C ALA A 57 5.43 3.44 -6.86
N ILE A 58 6.49 4.17 -7.19
CA ILE A 58 6.36 5.57 -7.58
C ILE A 58 5.43 5.71 -8.77
N ARG A 59 5.41 4.67 -9.59
CA ARG A 59 4.56 4.63 -10.77
C ARG A 59 3.16 4.19 -10.38
N GLU A 60 3.12 3.06 -9.70
CA GLU A 60 1.86 2.46 -9.25
C GLU A 60 1.03 3.45 -8.44
N LEU A 61 1.67 4.15 -7.51
CA LEU A 61 0.99 5.12 -6.67
C LEU A 61 0.23 6.14 -7.52
N ARG A 62 0.97 6.80 -8.40
CA ARG A 62 0.35 7.79 -9.29
C ARG A 62 -0.72 7.13 -10.16
N GLU A 63 -0.71 5.80 -10.20
CA GLU A 63 -1.68 5.06 -11.00
C GLU A 63 -2.92 4.68 -10.20
N GLU A 64 -2.71 4.25 -8.96
CA GLU A 64 -3.80 3.82 -8.10
C GLU A 64 -4.34 4.97 -7.24
N THR A 65 -3.51 5.97 -6.99
CA THR A 65 -3.93 7.11 -6.17
C THR A 65 -3.89 8.40 -6.96
N GLY A 66 -3.14 8.38 -8.06
CA GLY A 66 -3.03 9.57 -8.89
C GLY A 66 -2.18 10.66 -8.26
N VAL A 67 -1.57 10.37 -7.12
CA VAL A 67 -0.73 11.34 -6.43
C VAL A 67 0.57 11.55 -7.21
N THR A 68 0.75 12.75 -7.73
CA THR A 68 1.94 13.08 -8.50
C THR A 68 2.97 13.80 -7.64
N SER A 69 2.49 14.59 -6.68
CA SER A 69 3.38 15.32 -5.79
C SER A 69 3.71 14.52 -4.55
N ALA A 70 4.59 13.55 -4.72
CA ALA A 70 5.02 12.69 -3.62
C ALA A 70 6.45 12.22 -3.82
N GLU A 71 7.27 12.40 -2.79
CA GLU A 71 8.67 11.99 -2.85
C GLU A 71 8.96 10.95 -1.79
N VAL A 72 9.84 10.03 -2.09
CA VAL A 72 10.17 8.97 -1.14
C VAL A 72 11.10 9.47 -0.05
N ILE A 73 10.64 9.32 1.19
CA ILE A 73 11.40 9.73 2.35
C ILE A 73 12.00 8.52 3.06
N ALA A 74 11.50 7.33 2.73
CA ALA A 74 11.98 6.10 3.33
C ALA A 74 11.64 4.89 2.47
N GLU A 75 12.37 3.81 2.68
CA GLU A 75 12.16 2.58 1.93
C GLU A 75 12.50 1.38 2.80
N VAL A 76 11.50 0.56 3.09
CA VAL A 76 11.69 -0.62 3.91
C VAL A 76 12.74 -1.53 3.28
N PRO A 77 13.78 -1.92 4.06
CA PRO A 77 14.87 -2.77 3.57
C PRO A 77 14.40 -4.17 3.18
N TYR A 78 13.23 -4.57 3.68
CA TYR A 78 12.71 -5.90 3.37
C TYR A 78 11.33 -5.83 2.71
N TRP A 79 10.75 -7.00 2.47
CA TRP A 79 9.43 -7.09 1.86
C TRP A 79 8.42 -7.57 2.88
N LEU A 80 7.19 -7.10 2.76
CA LEU A 80 6.14 -7.50 3.67
C LEU A 80 5.10 -8.33 2.94
N THR A 81 4.95 -9.57 3.35
CA THR A 81 4.00 -10.48 2.72
C THR A 81 2.86 -10.82 3.68
N TYR A 82 1.64 -10.72 3.19
CA TYR A 82 0.47 -11.02 4.01
C TYR A 82 -0.48 -11.95 3.27
N ASP A 83 -1.38 -12.55 4.02
CA ASP A 83 -2.35 -13.48 3.45
C ASP A 83 -3.78 -13.02 3.72
N PHE A 84 -4.71 -13.50 2.90
CA PHE A 84 -6.11 -13.14 3.04
C PHE A 84 -6.94 -14.36 3.46
N PRO A 85 -8.08 -14.13 4.13
CA PRO A 85 -8.96 -15.21 4.59
C PRO A 85 -9.53 -16.02 3.42
N PRO A 86 -10.17 -17.16 3.72
CA PRO A 86 -10.75 -18.04 2.70
C PRO A 86 -11.87 -17.37 1.90
N LYS A 87 -12.38 -16.26 2.42
CA LYS A 87 -13.45 -15.53 1.74
C LYS A 87 -12.86 -14.45 0.85
N VAL A 88 -11.77 -13.88 1.31
CA VAL A 88 -11.08 -12.84 0.56
C VAL A 88 -10.17 -13.47 -0.50
N ARG A 89 -9.37 -14.44 -0.07
CA ARG A 89 -8.47 -15.14 -0.97
C ARG A 89 -9.27 -15.75 -2.12
N GLU A 90 -10.37 -16.39 -1.74
CA GLU A 90 -11.25 -17.03 -2.70
C GLU A 90 -11.97 -15.98 -3.55
N LYS A 91 -12.16 -14.80 -2.97
CA LYS A 91 -12.84 -13.70 -3.65
C LYS A 91 -11.90 -13.06 -4.67
N LEU A 92 -10.67 -12.78 -4.24
CA LEU A 92 -9.67 -12.17 -5.12
C LEU A 92 -9.46 -13.03 -6.35
N ASN A 93 -9.29 -14.33 -6.13
CA ASN A 93 -9.08 -15.27 -7.24
C ASN A 93 -10.07 -15.01 -8.36
N ILE A 94 -11.27 -14.54 -7.98
CA ILE A 94 -12.30 -14.23 -8.97
C ILE A 94 -12.31 -12.75 -9.32
N GLN A 95 -12.31 -11.89 -8.30
CA GLN A 95 -12.31 -10.45 -8.51
C GLN A 95 -11.00 -10.00 -9.15
N TRP A 96 -9.90 -10.30 -8.49
CA TRP A 96 -8.57 -9.94 -8.99
C TRP A 96 -8.15 -10.85 -10.14
N GLY A 97 -8.56 -12.12 -10.04
CA GLY A 97 -8.21 -13.07 -11.08
C GLY A 97 -6.80 -13.59 -10.95
N SER A 98 -6.33 -13.72 -9.71
CA SER A 98 -4.98 -14.21 -9.45
C SER A 98 -5.02 -15.39 -8.49
N ASP A 99 -4.07 -16.31 -8.68
CA ASP A 99 -3.99 -17.49 -7.83
C ASP A 99 -2.77 -17.43 -6.92
N TRP A 100 -2.76 -16.44 -6.02
CA TRP A 100 -1.65 -16.27 -5.09
C TRP A 100 -2.14 -16.35 -3.65
N LYS A 101 -1.28 -16.82 -2.76
CA LYS A 101 -1.63 -16.93 -1.35
C LYS A 101 -1.61 -15.56 -0.67
N GLY A 102 -0.74 -14.68 -1.17
CA GLY A 102 -0.65 -13.34 -0.62
C GLY A 102 0.04 -12.39 -1.57
N GLN A 103 0.84 -11.49 -1.02
CA GLN A 103 1.57 -10.52 -1.83
C GLN A 103 2.78 -9.97 -1.08
N ALA A 104 3.96 -10.25 -1.63
CA ALA A 104 5.21 -9.77 -1.03
C ALA A 104 5.61 -8.45 -1.67
N GLN A 105 5.43 -7.36 -0.95
CA GLN A 105 5.76 -6.04 -1.48
C GLN A 105 6.71 -5.26 -0.57
N LYS A 106 7.47 -4.35 -1.20
CA LYS A 106 8.41 -3.51 -0.48
C LYS A 106 7.84 -2.10 -0.35
N TRP A 107 7.25 -1.82 0.81
CA TRP A 107 6.64 -0.52 1.05
C TRP A 107 7.65 0.61 1.07
N PHE A 108 7.29 1.72 0.43
CA PHE A 108 8.14 2.90 0.37
C PHE A 108 7.42 4.10 0.94
N LEU A 109 8.12 4.91 1.73
CA LEU A 109 7.51 6.08 2.31
C LEU A 109 7.46 7.20 1.28
N PHE A 110 6.50 8.11 1.43
CA PHE A 110 6.37 9.22 0.49
C PHE A 110 5.84 10.46 1.17
N LYS A 111 6.57 11.56 1.01
CA LYS A 111 6.15 12.84 1.57
C LYS A 111 5.33 13.58 0.53
N PHE A 112 4.10 13.94 0.88
CA PHE A 112 3.22 14.64 -0.04
C PHE A 112 3.73 16.05 -0.30
N THR A 113 3.94 16.37 -1.57
CA THR A 113 4.42 17.70 -1.96
C THR A 113 3.47 18.34 -2.96
N GLY A 114 2.18 18.12 -2.77
CA GLY A 114 1.18 18.69 -3.66
C GLY A 114 -0.02 19.20 -2.90
N GLN A 115 -1.19 19.05 -3.51
CA GLN A 115 -2.43 19.49 -2.89
C GLN A 115 -3.45 18.36 -2.91
N ASP A 116 -4.38 18.40 -1.98
CA ASP A 116 -5.42 17.38 -1.89
C ASP A 116 -6.11 17.16 -3.22
N GLN A 117 -5.93 18.10 -4.15
CA GLN A 117 -6.54 18.00 -5.48
C GLN A 117 -5.77 17.03 -6.37
N GLU A 118 -4.53 16.74 -5.99
CA GLU A 118 -3.69 15.83 -6.75
C GLU A 118 -4.04 14.38 -6.45
N ILE A 119 -4.60 14.15 -5.27
CA ILE A 119 -4.98 12.81 -4.85
C ILE A 119 -6.23 12.34 -5.58
N ASN A 120 -6.04 11.46 -6.55
CA ASN A 120 -7.14 10.90 -7.31
C ASN A 120 -7.18 9.39 -7.15
N LEU A 121 -8.02 8.94 -6.22
CA LEU A 121 -8.15 7.50 -5.94
C LEU A 121 -8.51 6.72 -7.19
N LEU A 122 -9.09 7.40 -8.18
CA LEU A 122 -9.47 6.76 -9.43
C LEU A 122 -8.24 6.20 -10.11
N GLY A 123 -7.29 7.08 -10.36
CA GLY A 123 -6.05 6.69 -11.01
C GLY A 123 -5.59 7.75 -11.98
N ASP A 124 -4.52 7.43 -12.70
CA ASP A 124 -3.99 8.35 -13.69
C ASP A 124 -4.61 8.08 -15.06
N GLY A 125 -5.90 7.77 -15.04
CA GLY A 125 -6.61 7.47 -16.27
C GLY A 125 -6.15 6.18 -16.90
N SER A 126 -5.69 5.24 -16.07
CA SER A 126 -5.20 3.95 -16.54
C SER A 126 -6.08 2.82 -16.04
N GLU A 127 -6.07 2.59 -14.73
CA GLU A 127 -6.86 1.52 -14.13
C GLU A 127 -8.13 2.07 -13.48
N LYS A 128 -9.07 1.18 -13.18
CA LYS A 128 -10.33 1.58 -12.56
C LYS A 128 -10.12 1.94 -11.08
N PRO A 129 -10.90 2.91 -10.57
CA PRO A 129 -10.80 3.35 -9.17
C PRO A 129 -10.87 2.19 -8.19
N GLU A 130 -10.04 2.25 -7.15
CA GLU A 130 -10.01 1.21 -6.12
C GLU A 130 -10.59 1.74 -4.81
N PHE A 131 -10.40 3.03 -4.57
CA PHE A 131 -10.89 3.68 -3.36
C PHE A 131 -11.92 4.75 -3.71
N GLY A 132 -12.75 5.11 -2.73
CA GLY A 132 -13.75 6.13 -2.97
C GLY A 132 -13.53 7.36 -2.11
N GLU A 133 -12.70 7.20 -1.08
CA GLU A 133 -12.38 8.27 -0.17
C GLU A 133 -11.01 8.08 0.43
N TRP A 134 -10.57 9.07 1.20
CA TRP A 134 -9.28 9.02 1.86
C TRP A 134 -9.23 9.98 3.03
N SER A 135 -8.39 9.66 4.00
CA SER A 135 -8.24 10.49 5.19
C SER A 135 -6.85 10.37 5.79
N TRP A 136 -6.44 11.38 6.54
CA TRP A 136 -5.14 11.39 7.19
C TRP A 136 -5.22 10.81 8.59
N VAL A 137 -4.40 9.80 8.86
CA VAL A 137 -4.38 9.15 10.16
C VAL A 137 -2.96 8.94 10.67
N THR A 138 -2.83 8.94 11.99
CA THR A 138 -1.53 8.73 12.61
C THR A 138 -1.10 7.29 12.40
N PRO A 139 0.22 7.00 12.50
CA PRO A 139 0.73 5.65 12.31
C PRO A 139 0.05 4.64 13.23
N GLU A 140 -0.57 5.16 14.29
CA GLU A 140 -1.28 4.32 15.24
C GLU A 140 -2.74 4.20 14.85
N GLN A 141 -3.29 5.27 14.28
CA GLN A 141 -4.69 5.27 13.86
C GLN A 141 -4.86 4.36 12.66
N LEU A 142 -4.00 4.55 11.65
CA LEU A 142 -4.06 3.73 10.45
C LEU A 142 -4.00 2.25 10.82
N ILE A 143 -3.28 1.98 11.89
CA ILE A 143 -3.14 0.63 12.41
C ILE A 143 -4.48 0.14 12.94
N ASP A 144 -5.30 1.09 13.40
CA ASP A 144 -6.62 0.77 13.91
C ASP A 144 -7.57 0.52 12.75
N LEU A 145 -7.34 1.23 11.65
CA LEU A 145 -8.15 1.09 10.46
C LEU A 145 -7.79 -0.20 9.74
N THR A 146 -6.49 -0.48 9.71
CA THR A 146 -5.97 -1.68 9.06
C THR A 146 -6.62 -2.94 9.62
N VAL A 147 -6.48 -4.05 8.88
CA VAL A 147 -7.06 -5.32 9.31
C VAL A 147 -6.03 -6.20 9.99
N GLU A 148 -6.51 -7.17 10.76
CA GLU A 148 -5.63 -8.08 11.49
C GLU A 148 -4.54 -8.68 10.62
N PHE A 149 -4.85 -8.97 9.36
CA PHE A 149 -3.87 -9.56 8.45
C PHE A 149 -2.99 -8.50 7.78
N LYS A 150 -3.14 -7.25 8.21
CA LYS A 150 -2.33 -6.16 7.66
C LYS A 150 -1.68 -5.32 8.75
N LYS A 151 -1.99 -5.62 10.01
CA LYS A 151 -1.43 -4.90 11.14
C LYS A 151 0.10 -4.92 11.11
N PRO A 152 0.71 -6.11 11.21
CA PRO A 152 2.17 -6.26 11.20
C PRO A 152 2.78 -5.75 9.90
N VAL A 153 2.15 -6.07 8.77
CA VAL A 153 2.63 -5.64 7.47
C VAL A 153 2.65 -4.13 7.37
N TYR A 154 1.78 -3.49 8.13
CA TYR A 154 1.70 -2.04 8.15
C TYR A 154 2.61 -1.46 9.23
N LYS A 155 2.44 -1.95 10.45
CA LYS A 155 3.25 -1.49 11.58
C LYS A 155 4.74 -1.51 11.22
N GLU A 156 5.11 -2.45 10.36
CA GLU A 156 6.49 -2.57 9.92
C GLU A 156 6.85 -1.39 9.04
N VAL A 157 5.94 -1.06 8.13
CA VAL A 157 6.14 0.07 7.21
C VAL A 157 6.36 1.34 8.00
N LEU A 158 5.49 1.57 8.97
CA LEU A 158 5.58 2.74 9.83
C LEU A 158 6.87 2.68 10.64
N SER A 159 7.09 1.53 11.27
CA SER A 159 8.28 1.31 12.08
C SER A 159 9.55 1.69 11.32
N VAL A 160 9.63 1.24 10.07
CA VAL A 160 10.78 1.54 9.23
C VAL A 160 10.78 3.02 8.83
N PHE A 161 9.60 3.62 8.84
CA PHE A 161 9.45 5.02 8.46
C PHE A 161 9.34 5.94 9.68
N ALA A 162 9.35 5.35 10.87
CA ALA A 162 9.25 6.12 12.11
C ALA A 162 10.17 7.33 12.11
N PRO A 163 11.47 7.13 11.80
CA PRO A 163 12.45 8.22 11.77
C PRO A 163 11.97 9.42 10.95
N HIS A 164 11.05 9.17 10.02
CA HIS A 164 10.52 10.25 9.18
C HIS A 164 9.14 10.71 9.68
N LEU A 165 8.51 9.88 10.52
CA LEU A 165 7.19 10.20 11.05
C LEU A 165 7.19 10.11 12.57
PG ATP B . -5.21 -3.06 -4.58
O1G ATP B . -4.48 -1.81 -4.94
O2G ATP B . -4.46 -3.51 -3.39
O3G ATP B . -5.29 -4.18 -5.56
PB ATP B . -7.58 -3.36 -3.29
O1B ATP B . -8.32 -4.36 -4.10
O2B ATP B . -8.30 -2.30 -2.57
O3B ATP B . -6.61 -2.73 -4.22
PA ATP B . -7.25 -4.62 -0.87
O1A ATP B . -8.44 -3.98 -0.23
O2A ATP B . -5.98 -4.69 -0.10
O3A ATP B . -6.92 -4.22 -2.26
O5' ATP B . -7.76 -6.09 -1.20
C5' ATP B . -7.53 -7.16 -0.28
C4' ATP B . -8.85 -7.69 0.22
O4' ATP B . -8.74 -7.98 1.64
C3' ATP B . -10.03 -6.74 0.11
O3' ATP B . -10.63 -6.79 -1.17
C2' ATP B . -10.95 -7.24 1.21
O2' ATP B . -11.62 -8.42 0.81
C1' ATP B . -9.94 -7.60 2.29
N9 ATP B . -9.63 -6.49 3.19
C8 ATP B . -8.67 -5.52 3.06
N7 ATP B . -8.64 -4.66 4.05
C5 ATP B . -9.66 -5.08 4.89
C6 ATP B . -10.15 -4.59 6.12
N6 ATP B . -9.65 -3.51 6.72
N1 ATP B . -11.17 -5.26 6.70
C2 ATP B . -11.67 -6.33 6.07
N3 ATP B . -11.30 -6.90 4.93
C4 ATP B . -10.28 -6.22 4.38
H5'1 ATP B . -6.94 -6.81 0.57
H5'2 ATP B . -6.99 -7.96 -0.77
H4' ATP B . -9.11 -8.58 -0.38
H3' ATP B . -9.72 -5.71 0.27
HO3' ATP B . -10.42 -7.64 -1.57
H2' ATP B . -11.63 -6.46 1.53
HO2' ATP B . -11.66 -8.43 -0.14
H1' ATP B . -10.26 -8.45 2.89
H8 ATP B . -7.99 -5.49 2.22
HN61 ATP B . -8.88 -3.00 6.31
HN62 ATP B . -10.05 -3.20 7.61
H2 ATP B . -12.49 -6.82 6.59
N GLY A 1 5.37 -6.97 16.68
CA GLY A 1 4.82 -7.44 15.37
C GLY A 1 5.73 -8.44 14.69
N PRO A 2 5.53 -9.75 14.94
CA PRO A 2 6.34 -10.80 14.34
C PRO A 2 6.09 -10.95 12.84
N LEU A 3 7.13 -11.27 12.09
CA LEU A 3 7.01 -11.44 10.65
C LEU A 3 6.52 -10.15 9.98
N GLY A 4 7.02 -9.02 10.48
CA GLY A 4 6.61 -7.74 9.92
C GLY A 4 7.09 -7.55 8.50
N SER A 5 8.40 -7.65 8.30
CA SER A 5 8.99 -7.50 6.98
C SER A 5 9.47 -8.84 6.47
N MET A 6 10.43 -8.81 5.58
CA MET A 6 10.99 -10.03 5.00
C MET A 6 12.46 -9.88 4.66
N ASP A 7 12.85 -8.73 4.11
CA ASP A 7 14.23 -8.47 3.72
C ASP A 7 14.60 -9.23 2.45
N SER A 8 13.58 -9.73 1.74
CA SER A 8 13.79 -10.48 0.51
C SER A 8 12.49 -11.10 0.02
N PRO A 9 12.16 -10.94 -1.27
CA PRO A 9 10.92 -11.49 -1.84
C PRO A 9 11.06 -12.97 -2.18
N PRO A 10 10.26 -13.84 -1.53
CA PRO A 10 10.28 -15.27 -1.77
C PRO A 10 9.40 -15.65 -2.95
N GLU A 11 9.39 -16.93 -3.30
CA GLU A 11 8.59 -17.41 -4.41
C GLU A 11 7.21 -17.87 -3.96
N GLY A 12 6.84 -17.45 -2.77
CA GLY A 12 5.54 -17.80 -2.24
C GLY A 12 4.59 -16.61 -2.24
N TYR A 13 5.11 -15.46 -2.67
CA TYR A 13 4.32 -14.24 -2.71
C TYR A 13 4.44 -13.57 -4.08
N ARG A 14 3.41 -12.82 -4.45
CA ARG A 14 3.40 -12.11 -5.73
C ARG A 14 4.14 -10.78 -5.62
N ARG A 15 4.70 -10.33 -6.74
CA ARG A 15 5.44 -9.07 -6.76
C ARG A 15 4.50 -7.87 -6.70
N ASN A 16 4.73 -6.99 -5.73
CA ASN A 16 3.90 -5.80 -5.55
C ASN A 16 4.70 -4.69 -4.89
N VAL A 17 4.24 -3.45 -5.06
CA VAL A 17 4.91 -2.30 -4.46
C VAL A 17 3.92 -1.42 -3.71
N GLY A 18 4.31 -1.00 -2.52
CA GLY A 18 3.45 -0.15 -1.71
C GLY A 18 3.89 1.30 -1.71
N ILE A 19 2.94 2.21 -1.55
CA ILE A 19 3.24 3.63 -1.54
C ILE A 19 2.70 4.31 -0.28
N CYS A 20 3.59 4.57 0.67
CA CYS A 20 3.19 5.23 1.91
C CYS A 20 3.33 6.74 1.75
N LEU A 21 2.20 7.42 1.56
CA LEU A 21 2.22 8.86 1.36
C LEU A 21 1.78 9.59 2.62
N MET A 22 2.37 10.76 2.86
CA MET A 22 2.05 11.57 4.03
C MET A 22 1.70 12.99 3.62
N ASN A 23 0.96 13.68 4.47
CA ASN A 23 0.55 15.05 4.19
C ASN A 23 1.40 16.05 4.98
N ASN A 24 1.24 17.33 4.63
CA ASN A 24 1.98 18.40 5.29
C ASN A 24 1.78 18.38 6.81
N ASP A 25 0.73 17.69 7.26
CA ASP A 25 0.44 17.59 8.69
C ASP A 25 1.16 16.40 9.32
N LYS A 26 1.92 15.68 8.49
CA LYS A 26 2.67 14.51 8.96
C LYS A 26 1.76 13.30 9.16
N LYS A 27 0.64 13.27 8.44
CA LYS A 27 -0.28 12.14 8.54
C LYS A 27 0.00 11.14 7.43
N ILE A 28 -0.65 9.99 7.49
CA ILE A 28 -0.44 8.96 6.47
C ILE A 28 -1.67 8.83 5.58
N PHE A 29 -1.47 9.06 4.29
CA PHE A 29 -2.54 8.98 3.31
C PHE A 29 -3.24 7.63 3.38
N ALA A 30 -4.47 7.63 3.88
CA ALA A 30 -5.26 6.41 4.01
C ALA A 30 -6.51 6.49 3.14
N ALA A 31 -6.81 5.40 2.44
CA ALA A 31 -7.98 5.35 1.58
C ALA A 31 -8.92 4.21 1.98
N SER A 32 -10.21 4.49 1.97
CA SER A 32 -11.21 3.49 2.33
C SER A 32 -11.53 2.59 1.14
N ARG A 33 -12.06 1.40 1.42
CA ARG A 33 -12.39 0.46 0.36
C ARG A 33 -13.66 0.87 -0.36
N LEU A 34 -13.82 0.35 -1.57
CA LEU A 34 -14.99 0.63 -2.37
C LEU A 34 -16.03 -0.47 -2.16
N ASP A 35 -15.65 -1.51 -1.41
CA ASP A 35 -16.55 -2.63 -1.15
C ASP A 35 -16.65 -2.96 0.34
N ILE A 36 -15.70 -2.48 1.15
CA ILE A 36 -15.73 -2.76 2.57
C ILE A 36 -15.82 -1.46 3.37
N PRO A 37 -16.97 -1.22 4.03
CA PRO A 37 -17.15 -0.02 4.83
C PRO A 37 -16.21 0.01 6.02
N ASP A 38 -15.54 1.15 6.21
CA ASP A 38 -14.60 1.33 7.31
C ASP A 38 -13.28 0.63 7.05
N ALA A 39 -13.14 0.08 5.85
CA ALA A 39 -11.92 -0.60 5.47
C ALA A 39 -10.95 0.36 4.81
N TRP A 40 -10.02 0.86 5.60
CA TRP A 40 -9.02 1.81 5.10
C TRP A 40 -7.68 1.12 4.89
N GLN A 41 -6.88 1.71 4.01
CA GLN A 41 -5.56 1.17 3.71
C GLN A 41 -4.75 2.16 2.88
N MET A 42 -3.55 1.76 2.48
CA MET A 42 -2.68 2.62 1.69
C MET A 42 -2.61 2.12 0.25
N PRO A 43 -2.21 3.01 -0.70
CA PRO A 43 -2.12 2.66 -2.11
C PRO A 43 -1.01 1.64 -2.39
N GLN A 44 -1.37 0.58 -3.12
CA GLN A 44 -0.41 -0.47 -3.47
C GLN A 44 -0.83 -1.17 -4.75
N GLY A 45 0.12 -1.84 -5.39
CA GLY A 45 -0.18 -2.54 -6.63
C GLY A 45 0.89 -3.54 -7.00
N GLY A 46 0.59 -4.38 -7.99
CA GLY A 46 1.55 -5.39 -8.43
C GLY A 46 2.55 -4.83 -9.42
N ILE A 47 3.83 -5.09 -9.17
CA ILE A 47 4.89 -4.61 -10.04
C ILE A 47 4.72 -5.17 -11.45
N ASP A 48 5.36 -4.53 -12.41
CA ASP A 48 5.28 -4.96 -13.81
C ASP A 48 6.40 -5.95 -14.14
N GLU A 49 6.14 -6.83 -15.10
CA GLU A 49 7.12 -7.82 -15.51
C GLU A 49 8.42 -7.16 -15.91
N GLY A 50 9.36 -7.14 -14.98
CA GLY A 50 10.65 -6.54 -15.23
C GLY A 50 10.66 -5.06 -14.89
N GLU A 51 9.93 -4.71 -13.83
CA GLU A 51 9.84 -3.32 -13.38
C GLU A 51 10.45 -3.16 -12.00
N ASP A 52 11.12 -2.03 -11.80
CA ASP A 52 11.76 -1.74 -10.52
C ASP A 52 10.71 -1.37 -9.47
N PRO A 53 10.91 -1.79 -8.21
CA PRO A 53 9.97 -1.50 -7.13
C PRO A 53 9.67 -0.01 -6.99
N ARG A 54 10.72 0.79 -6.89
CA ARG A 54 10.56 2.24 -6.75
C ARG A 54 9.81 2.83 -7.93
N ASN A 55 9.90 2.17 -9.08
CA ASN A 55 9.22 2.64 -10.28
C ASN A 55 7.78 2.15 -10.32
N ALA A 56 7.60 0.86 -10.07
CA ALA A 56 6.28 0.27 -10.06
C ALA A 56 5.41 0.95 -9.01
N ALA A 57 6.02 1.38 -7.92
CA ALA A 57 5.31 2.06 -6.85
C ALA A 57 4.91 3.46 -7.29
N ILE A 58 5.89 4.23 -7.76
CA ILE A 58 5.65 5.59 -8.23
C ILE A 58 4.60 5.57 -9.34
N ARG A 59 4.57 4.47 -10.07
CA ARG A 59 3.62 4.30 -11.16
C ARG A 59 2.28 3.85 -10.60
N GLU A 60 2.34 2.79 -9.82
CA GLU A 60 1.15 2.20 -9.21
C GLU A 60 0.33 3.26 -8.48
N LEU A 61 1.00 4.11 -7.72
CA LEU A 61 0.34 5.18 -6.97
C LEU A 61 -0.49 6.04 -7.91
N ARG A 62 0.14 6.59 -8.93
CA ARG A 62 -0.55 7.42 -9.89
C ARG A 62 -1.64 6.62 -10.61
N GLU A 63 -1.62 5.30 -10.45
CA GLU A 63 -2.60 4.44 -11.09
C GLU A 63 -3.80 4.20 -10.18
N GLU A 64 -3.56 4.05 -8.88
CA GLU A 64 -4.62 3.79 -7.92
C GLU A 64 -5.20 5.08 -7.35
N THR A 65 -4.35 6.08 -7.15
CA THR A 65 -4.80 7.36 -6.61
C THR A 65 -4.55 8.49 -7.59
N GLY A 66 -3.61 8.28 -8.49
CA GLY A 66 -3.29 9.29 -9.48
C GLY A 66 -2.49 10.45 -8.89
N VAL A 67 -2.07 10.32 -7.64
CA VAL A 67 -1.29 11.37 -7.00
C VAL A 67 -0.04 11.69 -7.81
N THR A 68 -0.03 12.87 -8.42
CA THR A 68 1.09 13.29 -9.25
C THR A 68 2.14 14.03 -8.42
N SER A 69 1.68 14.82 -7.45
CA SER A 69 2.60 15.58 -6.62
C SER A 69 2.99 14.79 -5.38
N ALA A 70 3.89 13.84 -5.59
CA ALA A 70 4.39 12.99 -4.50
C ALA A 70 5.82 12.56 -4.77
N GLU A 71 6.68 12.78 -3.78
CA GLU A 71 8.08 12.41 -3.90
C GLU A 71 8.45 11.40 -2.82
N VAL A 72 9.37 10.51 -3.14
CA VAL A 72 9.79 9.50 -2.19
C VAL A 72 10.75 10.05 -1.15
N ILE A 73 10.36 9.91 0.11
CA ILE A 73 11.17 10.39 1.22
C ILE A 73 11.85 9.23 1.94
N ALA A 74 11.33 8.02 1.75
CA ALA A 74 11.90 6.85 2.39
C ALA A 74 11.55 5.57 1.64
N GLU A 75 12.31 4.51 1.93
CA GLU A 75 12.10 3.22 1.30
C GLU A 75 12.48 2.10 2.27
N VAL A 76 11.49 1.32 2.67
CA VAL A 76 11.73 0.21 3.59
C VAL A 76 12.78 -0.75 3.02
N PRO A 77 13.86 -1.02 3.77
CA PRO A 77 14.95 -1.90 3.33
C PRO A 77 14.55 -3.37 3.22
N TYR A 78 13.38 -3.72 3.77
CA TYR A 78 12.93 -5.11 3.72
C TYR A 78 11.53 -5.23 3.15
N TRP A 79 11.34 -6.17 2.24
CA TRP A 79 10.03 -6.38 1.64
C TRP A 79 9.01 -6.74 2.70
N LEU A 80 7.78 -6.32 2.46
CA LEU A 80 6.69 -6.59 3.38
C LEU A 80 5.83 -7.71 2.82
N THR A 81 5.77 -8.81 3.57
CA THR A 81 5.00 -9.96 3.15
C THR A 81 3.83 -10.20 4.11
N TYR A 82 2.66 -10.45 3.55
CA TYR A 82 1.46 -10.68 4.34
C TYR A 82 0.71 -11.91 3.82
N ASP A 83 -0.28 -12.36 4.58
CA ASP A 83 -1.07 -13.52 4.20
C ASP A 83 -2.56 -13.25 4.41
N PHE A 84 -3.38 -13.74 3.50
CA PHE A 84 -4.83 -13.55 3.59
C PHE A 84 -5.47 -14.72 4.33
N PRO A 85 -6.61 -14.47 5.01
CA PRO A 85 -7.33 -15.50 5.75
C PRO A 85 -7.85 -16.62 4.85
N PRO A 86 -8.34 -17.72 5.45
CA PRO A 86 -8.87 -18.86 4.71
C PRO A 86 -10.11 -18.53 3.88
N LYS A 87 -10.75 -17.41 4.19
CA LYS A 87 -11.94 -17.00 3.47
C LYS A 87 -11.57 -16.07 2.32
N VAL A 88 -10.53 -15.27 2.55
CA VAL A 88 -10.06 -14.35 1.54
C VAL A 88 -9.12 -15.06 0.56
N ARG A 89 -8.19 -15.84 1.11
CA ARG A 89 -7.25 -16.59 0.28
C ARG A 89 -8.02 -17.55 -0.60
N GLU A 90 -8.96 -18.25 0.02
CA GLU A 90 -9.79 -19.22 -0.68
C GLU A 90 -10.71 -18.51 -1.66
N LYS A 91 -11.03 -17.25 -1.37
CA LYS A 91 -11.89 -16.46 -2.24
C LYS A 91 -11.11 -15.92 -3.43
N LEU A 92 -9.94 -15.36 -3.16
CA LEU A 92 -9.10 -14.82 -4.22
C LEU A 92 -8.75 -15.90 -5.23
N ASN A 93 -8.36 -17.06 -4.72
CA ASN A 93 -8.00 -18.18 -5.58
C ASN A 93 -9.04 -18.37 -6.68
N ILE A 94 -10.29 -18.05 -6.36
CA ILE A 94 -11.38 -18.17 -7.33
C ILE A 94 -11.66 -16.84 -8.01
N GLN A 95 -11.79 -15.79 -7.20
CA GLN A 95 -12.07 -14.45 -7.73
C GLN A 95 -10.89 -13.93 -8.53
N TRP A 96 -9.73 -13.89 -7.90
CA TRP A 96 -8.51 -13.42 -8.55
C TRP A 96 -7.93 -14.50 -9.46
N GLY A 97 -8.07 -15.75 -9.05
CA GLY A 97 -7.55 -16.84 -9.86
C GLY A 97 -6.06 -17.03 -9.66
N SER A 98 -5.58 -16.83 -8.43
CA SER A 98 -4.17 -16.99 -8.12
C SER A 98 -3.99 -17.93 -6.95
N ASP A 99 -2.88 -18.67 -6.97
CA ASP A 99 -2.57 -19.61 -5.91
C ASP A 99 -1.38 -19.14 -5.07
N TRP A 100 -1.36 -17.85 -4.76
CA TRP A 100 -0.29 -17.26 -3.97
C TRP A 100 -0.68 -17.17 -2.51
N LYS A 101 0.31 -17.25 -1.62
CA LYS A 101 0.06 -17.18 -0.19
C LYS A 101 -0.13 -15.73 0.25
N GLY A 102 0.47 -14.81 -0.51
CA GLY A 102 0.36 -13.40 -0.20
C GLY A 102 1.02 -12.54 -1.25
N GLN A 103 1.74 -11.52 -0.82
CA GLN A 103 2.41 -10.61 -1.74
C GLN A 103 3.57 -9.89 -1.06
N ALA A 104 4.78 -10.13 -1.54
CA ALA A 104 5.97 -9.49 -0.99
C ALA A 104 6.19 -8.14 -1.68
N GLN A 105 5.89 -7.06 -0.96
CA GLN A 105 6.02 -5.73 -1.55
C GLN A 105 6.92 -4.81 -0.71
N LYS A 106 7.67 -3.96 -1.40
CA LYS A 106 8.55 -3.00 -0.75
C LYS A 106 7.89 -1.63 -0.72
N TRP A 107 7.51 -1.18 0.46
CA TRP A 107 6.84 0.10 0.62
C TRP A 107 7.81 1.27 0.52
N PHE A 108 7.32 2.37 -0.06
CA PHE A 108 8.12 3.58 -0.24
C PHE A 108 7.38 4.78 0.34
N LEU A 109 8.08 5.59 1.12
CA LEU A 109 7.46 6.78 1.70
C LEU A 109 7.40 7.89 0.68
N PHE A 110 6.23 8.53 0.57
CA PHE A 110 6.06 9.62 -0.38
C PHE A 110 5.53 10.87 0.29
N LYS A 111 6.20 11.99 0.07
CA LYS A 111 5.75 13.26 0.64
C LYS A 111 4.85 13.97 -0.38
N PHE A 112 3.63 14.27 0.04
CA PHE A 112 2.68 14.94 -0.85
C PHE A 112 3.13 16.36 -1.15
N THR A 113 3.29 16.68 -2.43
CA THR A 113 3.71 18.01 -2.85
C THR A 113 2.68 18.61 -3.81
N GLY A 114 1.40 18.34 -3.54
CA GLY A 114 0.34 18.86 -4.37
C GLY A 114 -0.84 19.35 -3.56
N GLN A 115 -2.03 19.15 -4.09
CA GLN A 115 -3.25 19.56 -3.42
C GLN A 115 -4.22 18.40 -3.34
N ASP A 116 -5.09 18.44 -2.36
CA ASP A 116 -6.10 17.39 -2.18
C ASP A 116 -6.83 17.09 -3.48
N GLN A 117 -6.75 18.01 -4.44
CA GLN A 117 -7.41 17.84 -5.73
C GLN A 117 -6.67 16.81 -6.59
N GLU A 118 -5.41 16.56 -6.26
CA GLU A 118 -4.60 15.61 -7.01
C GLU A 118 -4.97 14.18 -6.63
N ILE A 119 -5.50 14.01 -5.42
CA ILE A 119 -5.89 12.69 -4.94
C ILE A 119 -7.12 12.17 -5.68
N ASN A 120 -6.89 11.21 -6.57
CA ASN A 120 -7.98 10.62 -7.34
C ASN A 120 -7.99 9.10 -7.13
N LEU A 121 -8.82 8.66 -6.20
CA LEU A 121 -8.94 7.24 -5.90
C LEU A 121 -9.27 6.42 -7.14
N LEU A 122 -9.81 7.08 -8.16
CA LEU A 122 -10.15 6.40 -9.40
C LEU A 122 -8.88 5.85 -10.05
N GLY A 123 -7.97 6.77 -10.36
CA GLY A 123 -6.72 6.42 -10.97
C GLY A 123 -6.33 7.40 -12.05
N ASP A 124 -5.28 7.09 -12.77
CA ASP A 124 -4.82 7.95 -13.85
C ASP A 124 -5.44 7.51 -15.17
N GLY A 125 -6.71 7.10 -15.11
CA GLY A 125 -7.40 6.65 -16.29
C GLY A 125 -6.76 5.41 -16.89
N SER A 126 -6.11 4.61 -16.03
CA SER A 126 -5.45 3.39 -16.47
C SER A 126 -6.28 2.16 -16.13
N GLU A 127 -6.51 1.94 -14.84
CA GLU A 127 -7.28 0.78 -14.40
C GLU A 127 -8.48 1.22 -13.56
N LYS A 128 -9.42 0.30 -13.35
CA LYS A 128 -10.61 0.58 -12.55
C LYS A 128 -10.24 1.03 -11.15
N PRO A 129 -11.03 1.94 -10.56
CA PRO A 129 -10.79 2.45 -9.20
C PRO A 129 -10.60 1.33 -8.18
N GLU A 130 -10.43 1.72 -6.92
CA GLU A 130 -10.24 0.75 -5.84
C GLU A 130 -10.80 1.30 -4.53
N PHE A 131 -10.54 2.58 -4.27
CA PHE A 131 -11.01 3.22 -3.04
C PHE A 131 -12.17 4.16 -3.35
N GLY A 132 -12.96 4.48 -2.33
CA GLY A 132 -14.09 5.37 -2.51
C GLY A 132 -13.92 6.64 -1.70
N GLU A 133 -13.05 6.57 -0.70
CA GLU A 133 -12.78 7.70 0.16
C GLU A 133 -11.36 7.61 0.72
N TRP A 134 -10.95 8.65 1.41
CA TRP A 134 -9.63 8.69 2.02
C TRP A 134 -9.57 9.73 3.13
N SER A 135 -8.59 9.58 4.00
CA SER A 135 -8.41 10.49 5.13
C SER A 135 -6.98 10.46 5.65
N TRP A 136 -6.60 11.51 6.38
CA TRP A 136 -5.27 11.61 6.96
C TRP A 136 -5.27 11.06 8.39
N VAL A 137 -4.39 10.10 8.64
CA VAL A 137 -4.28 9.49 9.97
C VAL A 137 -2.83 9.31 10.39
N THR A 138 -2.62 9.34 11.70
CA THR A 138 -1.28 9.16 12.25
C THR A 138 -0.84 7.71 12.04
N PRO A 139 0.47 7.43 12.13
CA PRO A 139 0.98 6.07 11.93
C PRO A 139 0.38 5.10 12.94
N GLU A 140 -0.20 5.65 14.01
CA GLU A 140 -0.83 4.84 15.04
C GLU A 140 -2.30 4.66 14.72
N GLN A 141 -2.92 5.69 14.12
CA GLN A 141 -4.32 5.62 13.77
C GLN A 141 -4.51 4.68 12.58
N LEU A 142 -3.74 4.90 11.53
CA LEU A 142 -3.82 4.06 10.34
C LEU A 142 -3.63 2.61 10.73
N ILE A 143 -2.84 2.40 11.77
CA ILE A 143 -2.58 1.08 12.29
C ILE A 143 -3.84 0.50 12.92
N ASP A 144 -4.71 1.40 13.40
CA ASP A 144 -5.97 0.98 14.00
C ASP A 144 -7.02 0.76 12.91
N LEU A 145 -6.73 1.25 11.71
CA LEU A 145 -7.63 1.09 10.58
C LEU A 145 -7.29 -0.16 9.81
N THR A 146 -6.00 -0.43 9.69
CA THR A 146 -5.51 -1.61 8.97
C THR A 146 -6.11 -2.89 9.54
N VAL A 147 -6.03 -3.96 8.76
CA VAL A 147 -6.57 -5.26 9.18
C VAL A 147 -5.51 -6.06 9.95
N GLU A 148 -5.97 -7.07 10.68
CA GLU A 148 -5.08 -7.90 11.48
C GLU A 148 -4.07 -8.67 10.61
N PHE A 149 -4.47 -9.02 9.39
CA PHE A 149 -3.59 -9.77 8.50
C PHE A 149 -2.60 -8.86 7.78
N LYS A 150 -2.64 -7.56 8.08
CA LYS A 150 -1.73 -6.60 7.46
C LYS A 150 -1.34 -5.49 8.44
N LYS A 151 -1.59 -5.72 9.72
CA LYS A 151 -1.26 -4.73 10.75
C LYS A 151 0.23 -4.40 10.74
N PRO A 152 1.10 -5.39 11.01
CA PRO A 152 2.55 -5.19 11.01
C PRO A 152 3.09 -4.72 9.67
N VAL A 153 2.59 -5.34 8.60
CA VAL A 153 3.01 -4.99 7.24
C VAL A 153 2.98 -3.48 7.03
N TYR A 154 2.09 -2.81 7.74
CA TYR A 154 1.96 -1.37 7.65
C TYR A 154 2.85 -0.69 8.69
N LYS A 155 2.65 -1.08 9.95
CA LYS A 155 3.43 -0.54 11.05
C LYS A 155 4.92 -0.57 10.71
N GLU A 156 5.31 -1.63 10.01
CA GLU A 156 6.69 -1.79 9.58
C GLU A 156 7.08 -0.64 8.67
N VAL A 157 6.20 -0.35 7.73
CA VAL A 157 6.43 0.75 6.78
C VAL A 157 6.53 2.07 7.52
N LEU A 158 5.61 2.28 8.45
CA LEU A 158 5.59 3.50 9.25
C LEU A 158 6.85 3.57 10.10
N SER A 159 7.14 2.46 10.79
CA SER A 159 8.31 2.38 11.66
C SER A 159 9.57 2.82 10.91
N VAL A 160 9.70 2.36 9.67
CA VAL A 160 10.85 2.72 8.85
C VAL A 160 10.75 4.18 8.42
N PHE A 161 9.52 4.69 8.38
CA PHE A 161 9.26 6.06 7.96
C PHE A 161 8.98 6.97 9.16
N ALA A 162 9.20 6.44 10.35
CA ALA A 162 8.96 7.20 11.58
C ALA A 162 9.71 8.53 11.56
N PRO A 163 11.04 8.51 11.35
CA PRO A 163 11.84 9.73 11.30
C PRO A 163 11.36 10.72 10.24
N HIS A 164 10.65 10.19 9.24
CA HIS A 164 10.12 11.02 8.17
C HIS A 164 8.71 11.52 8.51
N LEU A 165 8.05 10.82 9.43
CA LEU A 165 6.70 11.19 9.84
C LEU A 165 6.70 11.85 11.21
PG ATP B . -11.74 -5.21 -4.22
O1G ATP B . -11.27 -4.50 -5.43
O2G ATP B . -12.73 -6.17 -4.79
O3G ATP B . -12.38 -4.45 -3.11
PB ATP B . -9.94 -7.23 -3.99
O1B ATP B . -9.42 -7.01 -5.37
O2B ATP B . -10.85 -8.36 -3.71
O3B ATP B . -10.61 -5.96 -3.61
PA ATP B . -7.65 -6.60 -2.62
O1A ATP B . -7.91 -5.14 -2.61
O2A ATP B . -6.32 -7.09 -3.07
O3A ATP B . -8.69 -7.47 -3.22
O5' ATP B . -7.88 -7.03 -1.10
C5' ATP B . -7.63 -8.37 -0.68
C4' ATP B . -8.80 -8.90 0.09
O4' ATP B . -8.46 -8.95 1.51
C3' ATP B . -10.06 -8.05 0.05
O3' ATP B . -10.83 -8.30 -1.12
C2' ATP B . -10.78 -8.46 1.32
O2' ATP B . -11.40 -9.72 1.18
C1' ATP B . -9.60 -8.61 2.29
N9 ATP B . -9.29 -7.39 3.04
C8 ATP B . -8.47 -6.35 2.67
N7 ATP B . -8.40 -5.39 3.56
C5 ATP B . -9.24 -5.82 4.57
C6 ATP B . -9.60 -5.25 5.81
N6 ATP B . -9.15 -4.07 6.23
N1 ATP B . -10.46 -5.94 6.59
C2 ATP B . -10.91 -7.12 6.16
N3 ATP B . -10.65 -7.76 5.02
C4 ATP B . -9.79 -7.05 4.27
H5'1 ATP B . -6.73 -8.39 -0.05
H5'2 ATP B . -7.46 -9.01 -1.56
H4' ATP B . -9.06 -9.87 -0.32
H3' ATP B . -9.82 -6.99 0.03
HO3' ATP B . -10.24 -8.23 -1.87
H2' ATP B . -11.47 -7.68 1.65
HO2' ATP B . -11.67 -9.81 0.27
H1' ATP B . -9.75 -9.41 3.00
H8 ATP B . -7.91 -6.34 1.74
HN61 ATP B . -8.51 -3.54 5.66
HN62 ATP B . -9.45 -3.71 7.13
H2 ATP B . -11.60 -7.64 6.83
N GLY A 1 6.71 -6.02 15.67
CA GLY A 1 6.76 -7.46 16.05
C GLY A 1 7.19 -8.35 14.90
N PRO A 2 6.73 -9.61 14.87
CA PRO A 2 7.09 -10.55 13.81
C PRO A 2 6.45 -10.19 12.47
N LEU A 3 6.90 -10.85 11.40
CA LEU A 3 6.37 -10.59 10.07
C LEU A 3 6.58 -9.14 9.67
N GLY A 4 6.11 -8.79 8.48
CA GLY A 4 6.25 -7.42 7.99
C GLY A 4 7.70 -7.07 7.70
N SER A 5 8.51 -8.07 7.40
CA SER A 5 9.92 -7.85 7.09
C SER A 5 10.56 -9.16 6.61
N MET A 6 11.16 -9.12 5.43
CA MET A 6 11.81 -10.30 4.86
C MET A 6 13.20 -9.98 4.32
N ASP A 7 13.34 -8.80 3.71
CA ASP A 7 14.61 -8.39 3.13
C ASP A 7 14.90 -9.13 1.83
N SER A 8 13.84 -9.68 1.23
CA SER A 8 13.97 -10.43 -0.02
C SER A 8 12.63 -11.06 -0.40
N PRO A 9 12.26 -11.03 -1.69
CA PRO A 9 11.01 -11.61 -2.16
C PRO A 9 11.00 -13.13 -2.07
N PRO A 10 10.21 -13.70 -1.15
CA PRO A 10 10.12 -15.15 -0.97
C PRO A 10 9.26 -15.80 -2.04
N GLU A 11 9.06 -17.11 -1.89
CA GLU A 11 8.26 -17.87 -2.84
C GLU A 11 6.79 -17.88 -2.43
N GLY A 12 5.90 -17.99 -3.41
CA GLY A 12 4.48 -18.02 -3.12
C GLY A 12 3.84 -16.64 -3.23
N TYR A 13 4.58 -15.61 -2.84
CA TYR A 13 4.07 -14.24 -2.90
C TYR A 13 4.37 -13.61 -4.26
N ARG A 14 3.40 -12.87 -4.79
CA ARG A 14 3.55 -12.21 -6.08
C ARG A 14 4.28 -10.88 -5.92
N ARG A 15 4.97 -10.46 -6.98
CA ARG A 15 5.72 -9.21 -6.97
C ARG A 15 4.77 -8.02 -6.86
N ASN A 16 5.01 -7.17 -5.86
CA ASN A 16 4.18 -5.99 -5.64
C ASN A 16 4.97 -4.89 -4.94
N VAL A 17 4.48 -3.66 -5.04
CA VAL A 17 5.14 -2.53 -4.41
C VAL A 17 4.15 -1.68 -3.60
N GLY A 18 4.58 -1.22 -2.44
CA GLY A 18 3.72 -0.40 -1.60
C GLY A 18 4.11 1.06 -1.64
N ILE A 19 3.12 1.93 -1.46
CA ILE A 19 3.38 3.37 -1.49
C ILE A 19 2.75 4.07 -0.28
N CYS A 20 3.57 4.40 0.71
CA CYS A 20 3.10 5.09 1.90
C CYS A 20 3.17 6.59 1.68
N LEU A 21 2.02 7.23 1.56
CA LEU A 21 1.97 8.66 1.33
C LEU A 21 1.61 9.42 2.60
N MET A 22 2.22 10.59 2.76
CA MET A 22 1.98 11.41 3.94
C MET A 22 1.63 12.84 3.54
N ASN A 23 0.95 13.54 4.43
CA ASN A 23 0.56 14.92 4.17
C ASN A 23 1.43 15.92 4.94
N ASN A 24 1.26 17.19 4.62
CA ASN A 24 2.03 18.25 5.29
C ASN A 24 1.85 18.22 6.80
N ASP A 25 0.79 17.53 7.26
CA ASP A 25 0.52 17.43 8.69
C ASP A 25 1.24 16.23 9.30
N LYS A 26 1.99 15.50 8.47
CA LYS A 26 2.73 14.33 8.91
C LYS A 26 1.83 13.12 9.12
N LYS A 27 0.70 13.10 8.41
CA LYS A 27 -0.23 11.99 8.51
C LYS A 27 0.01 11.02 7.36
N ILE A 28 -0.66 9.87 7.41
CA ILE A 28 -0.50 8.87 6.35
C ILE A 28 -1.78 8.74 5.54
N PHE A 29 -1.64 8.93 4.22
CA PHE A 29 -2.77 8.85 3.31
C PHE A 29 -3.47 7.50 3.42
N ALA A 30 -4.67 7.50 3.99
CA ALA A 30 -5.45 6.27 4.14
C ALA A 30 -6.73 6.35 3.33
N ALA A 31 -7.00 5.32 2.55
CA ALA A 31 -8.18 5.28 1.71
C ALA A 31 -9.12 4.17 2.15
N SER A 32 -10.41 4.49 2.21
CA SER A 32 -11.42 3.51 2.61
C SER A 32 -11.83 2.63 1.44
N ARG A 33 -12.31 1.43 1.74
CA ARG A 33 -12.72 0.50 0.71
C ARG A 33 -14.00 0.95 0.02
N LEU A 34 -14.22 0.44 -1.18
CA LEU A 34 -15.41 0.76 -1.94
C LEU A 34 -16.48 -0.29 -1.68
N ASP A 35 -16.11 -1.34 -0.93
CA ASP A 35 -17.04 -2.42 -0.63
C ASP A 35 -17.11 -2.71 0.87
N ILE A 36 -16.10 -2.27 1.63
CA ILE A 36 -16.09 -2.52 3.06
C ILE A 36 -16.08 -1.21 3.84
N PRO A 37 -17.18 -0.91 4.56
CA PRO A 37 -17.27 0.32 5.34
C PRO A 37 -16.27 0.35 6.49
N ASP A 38 -15.56 1.45 6.59
CA ASP A 38 -14.56 1.63 7.65
C ASP A 38 -13.28 0.86 7.34
N ALA A 39 -13.24 0.23 6.18
CA ALA A 39 -12.07 -0.53 5.77
C ALA A 39 -11.09 0.38 5.05
N TRP A 40 -10.09 0.84 5.78
CA TRP A 40 -9.07 1.72 5.22
C TRP A 40 -7.77 0.97 5.00
N GLN A 41 -6.97 1.49 4.09
CA GLN A 41 -5.68 0.87 3.75
C GLN A 41 -4.84 1.81 2.90
N MET A 42 -3.59 1.43 2.67
CA MET A 42 -2.68 2.24 1.86
C MET A 42 -2.62 1.70 0.44
N PRO A 43 -2.24 2.56 -0.53
CA PRO A 43 -2.15 2.17 -1.94
C PRO A 43 -1.02 1.19 -2.22
N GLN A 44 -1.30 0.20 -3.07
CA GLN A 44 -0.31 -0.81 -3.44
C GLN A 44 -0.65 -1.39 -4.81
N GLY A 45 0.35 -1.97 -5.47
CA GLY A 45 0.13 -2.54 -6.79
C GLY A 45 1.21 -3.51 -7.20
N GLY A 46 0.83 -4.54 -7.94
CA GLY A 46 1.79 -5.53 -8.39
C GLY A 46 2.83 -4.94 -9.32
N ILE A 47 4.08 -5.33 -9.14
CA ILE A 47 5.17 -4.84 -9.98
C ILE A 47 5.04 -5.38 -11.39
N ASP A 48 5.71 -4.71 -12.33
CA ASP A 48 5.68 -5.13 -13.73
C ASP A 48 6.80 -6.11 -14.04
N GLU A 49 6.57 -7.00 -15.00
CA GLU A 49 7.56 -8.00 -15.38
C GLU A 49 8.88 -7.34 -15.72
N GLY A 50 9.78 -7.34 -14.76
CA GLY A 50 11.09 -6.74 -14.96
C GLY A 50 11.08 -5.25 -14.63
N GLU A 51 10.34 -4.89 -13.60
CA GLU A 51 10.23 -3.51 -13.18
C GLU A 51 10.82 -3.32 -11.79
N ASP A 52 11.46 -2.18 -11.58
CA ASP A 52 12.07 -1.87 -10.29
C ASP A 52 11.00 -1.54 -9.26
N PRO A 53 11.17 -2.01 -8.02
CA PRO A 53 10.21 -1.76 -6.93
C PRO A 53 9.88 -0.28 -6.78
N ARG A 54 10.90 0.55 -6.63
CA ARG A 54 10.71 1.99 -6.47
C ARG A 54 9.99 2.58 -7.67
N ASN A 55 10.15 1.96 -8.83
CA ASN A 55 9.52 2.44 -10.05
C ASN A 55 8.07 1.96 -10.13
N ALA A 56 7.87 0.66 -9.95
CA ALA A 56 6.54 0.08 -10.01
C ALA A 56 5.63 0.75 -8.98
N ALA A 57 6.22 1.19 -7.87
CA ALA A 57 5.48 1.85 -6.81
C ALA A 57 5.10 3.26 -7.25
N ILE A 58 6.08 4.02 -7.71
CA ILE A 58 5.85 5.37 -8.17
C ILE A 58 4.81 5.37 -9.29
N ARG A 59 4.74 4.27 -10.01
CA ARG A 59 3.79 4.11 -11.09
C ARG A 59 2.46 3.64 -10.55
N GLU A 60 2.53 2.56 -9.79
CA GLU A 60 1.36 1.94 -9.18
C GLU A 60 0.54 2.96 -8.40
N LEU A 61 1.22 3.74 -7.56
CA LEU A 61 0.54 4.76 -6.75
C LEU A 61 -0.31 5.67 -7.62
N ARG A 62 0.32 6.31 -8.59
CA ARG A 62 -0.38 7.19 -9.50
C ARG A 62 -1.49 6.43 -10.23
N GLU A 63 -1.43 5.10 -10.18
CA GLU A 63 -2.43 4.26 -10.84
C GLU A 63 -3.57 3.90 -9.90
N GLU A 64 -3.25 3.61 -8.64
CA GLU A 64 -4.25 3.22 -7.66
C GLU A 64 -4.81 4.41 -6.89
N THR A 65 -4.03 5.48 -6.79
CA THR A 65 -4.45 6.66 -6.07
C THR A 65 -4.55 7.87 -6.99
N GLY A 66 -3.89 7.79 -8.13
CA GLY A 66 -3.93 8.88 -9.09
C GLY A 66 -3.11 10.08 -8.64
N VAL A 67 -2.39 9.95 -7.52
CA VAL A 67 -1.56 11.02 -7.01
C VAL A 67 -0.34 11.22 -7.89
N THR A 68 -0.25 12.39 -8.53
CA THR A 68 0.87 12.71 -9.40
C THR A 68 1.95 13.49 -8.64
N SER A 69 1.51 14.34 -7.72
CA SER A 69 2.43 15.15 -6.95
C SER A 69 2.85 14.43 -5.66
N ALA A 70 3.78 13.50 -5.81
CA ALA A 70 4.30 12.74 -4.69
C ALA A 70 5.74 12.34 -4.91
N GLU A 71 6.57 12.58 -3.90
CA GLU A 71 8.00 12.25 -3.97
C GLU A 71 8.35 11.28 -2.86
N VAL A 72 9.30 10.40 -3.14
CA VAL A 72 9.73 9.41 -2.15
C VAL A 72 10.64 10.02 -1.10
N ILE A 73 10.22 9.89 0.15
CA ILE A 73 10.99 10.41 1.27
C ILE A 73 11.66 9.27 2.02
N ALA A 74 11.15 8.05 1.85
CA ALA A 74 11.70 6.89 2.51
C ALA A 74 11.41 5.61 1.73
N GLU A 75 12.17 4.56 2.01
CA GLU A 75 12.01 3.29 1.35
C GLU A 75 12.36 2.15 2.30
N VAL A 76 11.39 1.33 2.64
CA VAL A 76 11.61 0.20 3.53
C VAL A 76 12.71 -0.70 2.97
N PRO A 77 13.76 -0.98 3.77
CA PRO A 77 14.90 -1.81 3.34
C PRO A 77 14.54 -3.28 3.10
N TYR A 78 13.37 -3.71 3.55
CA TYR A 78 12.96 -5.11 3.36
C TYR A 78 11.58 -5.22 2.75
N TRP A 79 11.30 -6.36 2.12
CA TRP A 79 10.01 -6.59 1.52
C TRP A 79 8.99 -6.94 2.60
N LEU A 80 7.76 -6.51 2.38
CA LEU A 80 6.70 -6.77 3.34
C LEU A 80 5.73 -7.79 2.75
N THR A 81 5.61 -8.93 3.41
CA THR A 81 4.73 -9.99 2.96
C THR A 81 3.60 -10.21 3.97
N TYR A 82 2.38 -10.28 3.46
CA TYR A 82 1.21 -10.47 4.31
C TYR A 82 0.42 -11.69 3.86
N ASP A 83 -0.55 -12.10 4.66
CA ASP A 83 -1.39 -13.25 4.33
C ASP A 83 -2.86 -12.90 4.43
N PHE A 84 -3.70 -13.68 3.75
CA PHE A 84 -5.13 -13.46 3.75
C PHE A 84 -5.87 -14.68 4.31
N PRO A 85 -7.02 -14.46 4.96
CA PRO A 85 -7.82 -15.56 5.53
C PRO A 85 -8.32 -16.53 4.47
N PRO A 86 -8.88 -17.68 4.91
CA PRO A 86 -9.40 -18.70 4.00
C PRO A 86 -10.56 -18.22 3.14
N LYS A 87 -11.18 -17.12 3.54
CA LYS A 87 -12.31 -16.56 2.81
C LYS A 87 -11.80 -15.54 1.80
N VAL A 88 -10.76 -14.82 2.18
CA VAL A 88 -10.18 -13.81 1.32
C VAL A 88 -9.22 -14.46 0.32
N ARG A 89 -8.36 -15.34 0.83
CA ARG A 89 -7.41 -16.04 -0.02
C ARG A 89 -8.16 -16.85 -1.05
N GLU A 90 -9.19 -17.54 -0.59
CA GLU A 90 -10.02 -18.37 -1.45
C GLU A 90 -10.87 -17.50 -2.37
N LYS A 91 -11.18 -16.29 -1.92
CA LYS A 91 -11.99 -15.35 -2.69
C LYS A 91 -11.16 -14.73 -3.81
N LEU A 92 -9.96 -14.27 -3.47
CA LEU A 92 -9.08 -13.66 -4.45
C LEU A 92 -8.76 -14.64 -5.57
N ASN A 93 -8.42 -15.87 -5.19
CA ASN A 93 -8.12 -16.91 -6.16
C ASN A 93 -9.14 -16.92 -7.28
N ILE A 94 -10.38 -16.58 -6.94
CA ILE A 94 -11.46 -16.54 -7.92
C ILE A 94 -11.66 -15.12 -8.46
N GLN A 95 -11.77 -14.16 -7.54
CA GLN A 95 -11.96 -12.77 -7.92
C GLN A 95 -10.76 -12.23 -8.68
N TRP A 96 -9.59 -12.32 -8.05
CA TRP A 96 -8.36 -11.85 -8.68
C TRP A 96 -7.86 -12.86 -9.70
N GLY A 97 -8.04 -14.15 -9.40
CA GLY A 97 -7.60 -15.18 -10.32
C GLY A 97 -6.12 -15.49 -10.17
N SER A 98 -5.63 -15.41 -8.94
CA SER A 98 -4.23 -15.69 -8.66
C SER A 98 -4.09 -16.75 -7.57
N ASP A 99 -3.04 -17.55 -7.68
CA ASP A 99 -2.79 -18.61 -6.71
C ASP A 99 -1.56 -18.28 -5.85
N TRP A 100 -1.68 -17.22 -5.06
CA TRP A 100 -0.59 -16.80 -4.19
C TRP A 100 -1.04 -16.77 -2.73
N LYS A 101 -0.11 -17.01 -1.82
CA LYS A 101 -0.41 -16.99 -0.39
C LYS A 101 -0.50 -15.56 0.12
N GLY A 102 0.23 -14.66 -0.51
CA GLY A 102 0.24 -13.28 -0.10
C GLY A 102 0.90 -12.39 -1.14
N GLN A 103 1.62 -11.39 -0.67
CA GLN A 103 2.30 -10.46 -1.56
C GLN A 103 3.46 -9.76 -0.86
N ALA A 104 4.67 -10.01 -1.34
CA ALA A 104 5.87 -9.40 -0.77
C ALA A 104 6.16 -8.09 -1.49
N GLN A 105 5.89 -6.97 -0.82
CA GLN A 105 6.10 -5.66 -1.43
C GLN A 105 7.00 -4.76 -0.59
N LYS A 106 7.82 -3.97 -1.29
CA LYS A 106 8.73 -3.03 -0.63
C LYS A 106 8.11 -1.64 -0.62
N TRP A 107 7.46 -1.29 0.49
CA TRP A 107 6.80 0.00 0.62
C TRP A 107 7.78 1.17 0.55
N PHE A 108 7.28 2.30 0.03
CA PHE A 108 8.09 3.50 -0.10
C PHE A 108 7.31 4.70 0.43
N LEU A 109 7.98 5.54 1.21
CA LEU A 109 7.33 6.73 1.76
C LEU A 109 7.28 7.83 0.72
N PHE A 110 6.10 8.41 0.52
CA PHE A 110 5.92 9.47 -0.45
C PHE A 110 5.34 10.72 0.18
N LYS A 111 6.01 11.84 -0.02
CA LYS A 111 5.52 13.11 0.50
C LYS A 111 4.63 13.77 -0.55
N PHE A 112 3.40 14.09 -0.16
CA PHE A 112 2.46 14.72 -1.09
C PHE A 112 2.90 16.14 -1.44
N THR A 113 3.03 16.40 -2.73
CA THR A 113 3.44 17.72 -3.21
C THR A 113 2.43 18.26 -4.21
N GLY A 114 1.15 18.00 -3.95
CA GLY A 114 0.10 18.48 -4.82
C GLY A 114 -1.09 19.00 -4.05
N GLN A 115 -2.28 18.79 -4.58
CA GLN A 115 -3.50 19.23 -3.95
C GLN A 115 -4.48 18.08 -3.83
N ASP A 116 -5.37 18.16 -2.85
CA ASP A 116 -6.37 17.12 -2.63
C ASP A 116 -7.11 16.77 -3.92
N GLN A 117 -7.01 17.64 -4.92
CA GLN A 117 -7.67 17.41 -6.20
C GLN A 117 -6.91 16.40 -7.05
N GLU A 118 -5.62 16.22 -6.74
CA GLU A 118 -4.79 15.29 -7.47
C GLU A 118 -5.04 13.86 -7.02
N ILE A 119 -5.51 13.71 -5.79
CA ILE A 119 -5.80 12.39 -5.23
C ILE A 119 -7.05 11.78 -5.82
N ASN A 120 -6.85 10.84 -6.74
CA ASN A 120 -7.96 10.16 -7.39
C ASN A 120 -7.89 8.67 -7.10
N LEU A 121 -8.63 8.24 -6.09
CA LEU A 121 -8.64 6.84 -5.68
C LEU A 121 -8.99 5.92 -6.86
N LEU A 122 -9.68 6.47 -7.85
CA LEU A 122 -10.07 5.69 -9.02
C LEU A 122 -8.82 5.19 -9.74
N GLY A 123 -7.95 6.12 -10.09
CA GLY A 123 -6.72 5.79 -10.78
C GLY A 123 -6.37 6.84 -11.80
N ASP A 124 -5.36 6.55 -12.61
CA ASP A 124 -4.93 7.46 -13.66
C ASP A 124 -5.64 7.11 -14.96
N GLY A 125 -6.91 6.75 -14.86
CA GLY A 125 -7.68 6.39 -16.04
C GLY A 125 -7.17 5.10 -16.67
N SER A 126 -6.60 4.23 -15.84
CA SER A 126 -6.07 2.96 -16.32
C SER A 126 -6.73 1.79 -15.60
N GLU A 127 -6.46 1.65 -14.31
CA GLU A 127 -7.03 0.56 -13.52
C GLU A 127 -8.43 0.92 -13.01
N LYS A 128 -9.15 -0.09 -12.54
CA LYS A 128 -10.49 0.11 -12.02
C LYS A 128 -10.45 0.60 -10.58
N PRO A 129 -11.47 1.37 -10.16
CA PRO A 129 -11.56 1.92 -8.81
C PRO A 129 -11.30 0.86 -7.74
N GLU A 130 -11.05 1.32 -6.51
CA GLU A 130 -10.79 0.43 -5.39
C GLU A 130 -11.26 1.05 -4.08
N PHE A 131 -10.93 2.32 -3.90
CA PHE A 131 -11.31 3.06 -2.70
C PHE A 131 -12.41 4.07 -3.02
N GLY A 132 -13.16 4.49 -2.01
CA GLY A 132 -14.22 5.46 -2.23
C GLY A 132 -13.96 6.78 -1.53
N GLU A 133 -13.06 6.74 -0.54
CA GLU A 133 -12.71 7.91 0.22
C GLU A 133 -11.30 7.80 0.75
N TRP A 134 -10.84 8.87 1.39
CA TRP A 134 -9.51 8.90 1.98
C TRP A 134 -9.42 9.92 3.10
N SER A 135 -8.56 9.65 4.05
CA SER A 135 -8.38 10.54 5.20
C SER A 135 -6.94 10.50 5.71
N TRP A 136 -6.57 11.52 6.48
CA TRP A 136 -5.23 11.61 7.05
C TRP A 136 -5.21 11.06 8.47
N VAL A 137 -4.32 10.09 8.71
CA VAL A 137 -4.21 9.48 10.02
C VAL A 137 -2.76 9.30 10.42
N THR A 138 -2.51 9.34 11.73
CA THR A 138 -1.17 9.16 12.25
C THR A 138 -0.74 7.71 12.09
N PRO A 139 0.58 7.44 12.09
CA PRO A 139 1.08 6.08 11.94
C PRO A 139 0.48 5.13 12.97
N GLU A 140 -0.02 5.70 14.05
CA GLU A 140 -0.65 4.93 15.11
C GLU A 140 -2.14 4.74 14.82
N GLN A 141 -2.75 5.76 14.20
CA GLN A 141 -4.15 5.68 13.86
C GLN A 141 -4.37 4.74 12.69
N LEU A 142 -3.58 4.94 11.63
CA LEU A 142 -3.67 4.09 10.45
C LEU A 142 -3.50 2.62 10.86
N ILE A 143 -2.75 2.43 11.92
CA ILE A 143 -2.50 1.11 12.46
C ILE A 143 -3.79 0.55 13.06
N ASP A 144 -4.64 1.45 13.53
CA ASP A 144 -5.91 1.07 14.11
C ASP A 144 -6.93 0.78 13.01
N LEU A 145 -6.67 1.32 11.83
CA LEU A 145 -7.55 1.12 10.68
C LEU A 145 -7.17 -0.17 9.96
N THR A 146 -5.87 -0.41 9.88
CA THR A 146 -5.35 -1.61 9.21
C THR A 146 -5.87 -2.88 9.89
N VAL A 147 -5.89 -3.97 9.14
CA VAL A 147 -6.35 -5.25 9.66
C VAL A 147 -5.19 -6.04 10.27
N GLU A 148 -5.53 -7.01 11.12
CA GLU A 148 -4.52 -7.83 11.79
C GLU A 148 -3.49 -8.42 10.82
N PHE A 149 -3.94 -8.77 9.62
CA PHE A 149 -3.04 -9.36 8.62
C PHE A 149 -2.31 -8.28 7.83
N LYS A 150 -2.41 -7.03 8.27
CA LYS A 150 -1.74 -5.92 7.59
C LYS A 150 -1.06 -5.00 8.60
N LYS A 151 -1.57 -4.99 9.83
CA LYS A 151 -1.00 -4.15 10.89
C LYS A 151 0.53 -4.21 10.91
N PRO A 152 1.10 -5.42 11.10
CA PRO A 152 2.55 -5.59 11.13
C PRO A 152 3.21 -5.15 9.82
N VAL A 153 2.57 -5.48 8.71
CA VAL A 153 3.07 -5.11 7.39
C VAL A 153 3.06 -3.60 7.20
N TYR A 154 2.17 -2.94 7.93
CA TYR A 154 2.05 -1.49 7.86
C TYR A 154 2.95 -0.83 8.91
N LYS A 155 2.87 -1.31 10.14
CA LYS A 155 3.68 -0.76 11.23
C LYS A 155 5.14 -0.70 10.83
N GLU A 156 5.57 -1.66 10.03
CA GLU A 156 6.94 -1.71 9.56
C GLU A 156 7.19 -0.54 8.61
N VAL A 157 6.23 -0.34 7.72
CA VAL A 157 6.31 0.75 6.75
C VAL A 157 6.42 2.09 7.47
N LEU A 158 5.55 2.27 8.46
CA LEU A 158 5.55 3.49 9.26
C LEU A 158 6.82 3.56 10.08
N SER A 159 7.12 2.46 10.77
CA SER A 159 8.32 2.37 11.61
C SER A 159 9.55 2.80 10.83
N VAL A 160 9.67 2.30 9.60
CA VAL A 160 10.80 2.65 8.75
C VAL A 160 10.70 4.11 8.29
N PHE A 161 9.48 4.63 8.29
CA PHE A 161 9.23 6.00 7.85
C PHE A 161 9.02 6.94 9.04
N ALA A 162 9.14 6.41 10.25
CA ALA A 162 8.97 7.21 11.46
C ALA A 162 9.84 8.47 11.42
N PRO A 163 11.15 8.32 11.22
CA PRO A 163 12.08 9.45 11.17
C PRO A 163 11.67 10.49 10.12
N HIS A 164 10.86 10.07 9.16
CA HIS A 164 10.40 10.97 8.12
C HIS A 164 9.11 11.66 8.53
N LEU A 165 8.40 11.06 9.49
CA LEU A 165 7.15 11.64 9.98
C LEU A 165 6.92 11.27 11.44
PG ATP B . -12.23 -4.89 -5.34
O1G ATP B . -11.60 -4.68 -6.66
O2G ATP B . -13.50 -5.56 -5.72
O3G ATP B . -12.54 -3.73 -4.47
PB ATP B . -11.60 -6.44 -3.20
O1B ATP B . -11.80 -7.89 -3.46
O2B ATP B . -12.65 -5.68 -2.47
O3B ATP B . -11.40 -5.81 -4.52
PA ATP B . -8.93 -6.64 -2.60
O1A ATP B . -8.12 -5.44 -2.95
O2A ATP B . -8.78 -7.86 -3.43
O3A ATP B . -10.38 -6.43 -2.35
O5' ATP B . -8.51 -6.95 -1.10
C5' ATP B . -8.28 -8.29 -0.67
C4' ATP B . -9.42 -8.76 0.19
O4' ATP B . -8.97 -8.89 1.57
C3' ATP B . -10.61 -7.81 0.30
O3' ATP B . -11.51 -7.94 -0.80
C2' ATP B . -11.24 -8.21 1.62
O2' ATP B . -11.98 -9.41 1.49
C1' ATP B . -10.00 -8.49 2.45
N9 ATP B . -9.52 -7.34 3.22
C8 ATP B . -8.62 -6.38 2.82
N7 ATP B . -8.40 -5.46 3.74
C5 ATP B . -9.20 -5.85 4.80
C6 ATP B . -9.42 -5.30 6.08
N6 ATP B . -8.81 -4.19 6.51
N1 ATP B . -10.28 -5.93 6.90
C2 ATP B . -10.88 -7.04 6.46
N3 ATP B . -10.77 -7.66 5.28
C4 ATP B . -9.90 -7.01 4.50
H5'1 ATP B . -7.36 -8.35 -0.10
H5'2 ATP B . -8.20 -8.94 -1.54
H4' ATP B . -9.81 -9.68 -0.23
H3' ATP B . -10.29 -6.76 0.29
HO3' ATP B . -12.21 -7.31 -0.68
H2' ATP B . -11.83 -7.39 2.03
HO2' ATP B . -12.90 -9.16 1.41
H1' ATP B . -10.15 -9.31 3.15
H8 ATP B . -8.14 -6.37 1.85
HN61 ATP B . -8.16 -3.70 5.92
HN62 ATP B . -9.01 -3.85 7.44
H2 ATP B . -11.57 -7.52 7.16
N GLY A 1 13.80 -17.54 9.81
CA GLY A 1 12.33 -17.43 9.61
C GLY A 1 11.82 -16.01 9.84
N PRO A 2 12.20 -15.07 8.96
CA PRO A 2 11.77 -13.67 9.08
C PRO A 2 10.29 -13.49 8.77
N LEU A 3 9.69 -12.46 9.36
CA LEU A 3 8.27 -12.17 9.15
C LEU A 3 8.00 -10.68 9.21
N GLY A 4 7.39 -10.14 8.16
CA GLY A 4 7.09 -8.73 8.11
C GLY A 4 8.23 -7.89 7.56
N SER A 5 9.38 -8.52 7.38
CA SER A 5 10.55 -7.84 6.84
C SER A 5 11.73 -8.80 6.72
N MET A 6 12.31 -8.89 5.53
CA MET A 6 13.44 -9.79 5.30
C MET A 6 14.37 -9.27 4.20
N ASP A 7 13.83 -8.45 3.31
CA ASP A 7 14.63 -7.89 2.21
C ASP A 7 14.83 -8.91 1.10
N SER A 8 13.76 -9.64 0.77
CA SER A 8 13.82 -10.66 -0.28
C SER A 8 12.45 -11.29 -0.50
N PRO A 9 11.91 -11.21 -1.72
CA PRO A 9 10.60 -11.79 -2.05
C PRO A 9 10.63 -13.32 -2.07
N PRO A 10 9.79 -13.97 -1.25
CA PRO A 10 9.73 -15.42 -1.17
C PRO A 10 8.74 -16.01 -2.18
N GLU A 11 8.47 -17.30 -2.01
CA GLU A 11 7.54 -18.00 -2.90
C GLU A 11 6.12 -17.92 -2.34
N GLY A 12 5.13 -18.00 -3.23
CA GLY A 12 3.75 -17.95 -2.81
C GLY A 12 3.17 -16.54 -2.93
N TYR A 13 4.01 -15.54 -2.67
CA TYR A 13 3.57 -14.15 -2.75
C TYR A 13 4.08 -13.50 -4.04
N ARG A 14 3.20 -12.74 -4.69
CA ARG A 14 3.56 -12.06 -5.94
C ARG A 14 4.21 -10.71 -5.66
N ARG A 15 5.06 -10.28 -6.59
CA ARG A 15 5.75 -8.99 -6.45
C ARG A 15 4.77 -7.83 -6.45
N ASN A 16 4.95 -6.92 -5.49
CA ASN A 16 4.09 -5.75 -5.37
C ASN A 16 4.84 -4.61 -4.70
N VAL A 17 4.39 -3.38 -4.93
CA VAL A 17 5.04 -2.22 -4.34
C VAL A 17 4.04 -1.33 -3.62
N GLY A 18 4.34 -0.99 -2.37
CA GLY A 18 3.46 -0.16 -1.59
C GLY A 18 3.90 1.30 -1.58
N ILE A 19 2.94 2.21 -1.53
CA ILE A 19 3.25 3.63 -1.51
C ILE A 19 2.68 4.32 -0.28
N CYS A 20 3.54 4.61 0.69
CA CYS A 20 3.11 5.28 1.90
C CYS A 20 3.21 6.78 1.73
N LEU A 21 2.06 7.43 1.52
CA LEU A 21 2.03 8.88 1.31
C LEU A 21 1.58 9.61 2.56
N MET A 22 2.15 10.78 2.79
CA MET A 22 1.82 11.60 3.94
C MET A 22 1.49 13.02 3.51
N ASN A 23 0.74 13.73 4.35
CA ASN A 23 0.36 15.10 4.06
C ASN A 23 1.27 16.09 4.78
N ASN A 24 1.09 17.38 4.46
CA ASN A 24 1.89 18.43 5.06
C ASN A 24 1.70 18.48 6.58
N ASP A 25 0.65 17.81 7.07
CA ASP A 25 0.37 17.78 8.50
C ASP A 25 1.09 16.60 9.17
N LYS A 26 1.83 15.84 8.38
CA LYS A 26 2.58 14.69 8.87
C LYS A 26 1.68 13.49 9.11
N LYS A 27 0.58 13.41 8.36
CA LYS A 27 -0.35 12.31 8.49
C LYS A 27 -0.10 11.29 7.38
N ILE A 28 -0.82 10.18 7.44
CA ILE A 28 -0.66 9.13 6.43
C ILE A 28 -1.86 9.10 5.50
N PHE A 29 -1.62 8.75 4.25
CA PHE A 29 -2.70 8.68 3.26
C PHE A 29 -3.44 7.35 3.36
N ALA A 30 -4.63 7.38 3.94
CA ALA A 30 -5.44 6.19 4.09
C ALA A 30 -6.73 6.31 3.29
N ALA A 31 -7.02 5.29 2.49
CA ALA A 31 -8.23 5.30 1.67
C ALA A 31 -9.17 4.17 2.09
N SER A 32 -10.46 4.48 2.16
CA SER A 32 -11.46 3.50 2.54
C SER A 32 -11.86 2.64 1.36
N ARG A 33 -12.29 1.41 1.63
CA ARG A 33 -12.69 0.49 0.58
C ARG A 33 -13.95 0.95 -0.12
N LEU A 34 -14.18 0.37 -1.29
CA LEU A 34 -15.36 0.67 -2.06
C LEU A 34 -16.42 -0.41 -1.81
N ASP A 35 -16.01 -1.46 -1.09
CA ASP A 35 -16.91 -2.57 -0.79
C ASP A 35 -17.00 -2.85 0.70
N ILE A 36 -16.02 -2.39 1.49
CA ILE A 36 -16.03 -2.63 2.93
C ILE A 36 -16.03 -1.33 3.70
N PRO A 37 -17.13 -1.01 4.41
CA PRO A 37 -17.23 0.21 5.19
C PRO A 37 -16.25 0.21 6.35
N ASP A 38 -15.53 1.31 6.50
CA ASP A 38 -14.54 1.46 7.57
C ASP A 38 -13.25 0.72 7.25
N ALA A 39 -13.21 0.11 6.09
CA ALA A 39 -12.02 -0.62 5.66
C ALA A 39 -11.06 0.30 4.95
N TRP A 40 -10.08 0.79 5.69
CA TRP A 40 -9.08 1.69 5.13
C TRP A 40 -7.78 0.98 4.85
N GLN A 41 -6.97 1.57 3.98
CA GLN A 41 -5.67 0.99 3.62
C GLN A 41 -4.84 2.00 2.83
N MET A 42 -3.65 1.58 2.42
CA MET A 42 -2.76 2.43 1.66
C MET A 42 -2.66 1.97 0.20
N PRO A 43 -2.29 2.88 -0.71
CA PRO A 43 -2.17 2.56 -2.14
C PRO A 43 -1.03 1.58 -2.43
N GLN A 44 -1.35 0.50 -3.15
CA GLN A 44 -0.37 -0.51 -3.50
C GLN A 44 -0.77 -1.23 -4.78
N GLY A 45 0.21 -1.81 -5.46
CA GLY A 45 -0.08 -2.54 -6.69
C GLY A 45 1.05 -3.46 -7.10
N GLY A 46 0.69 -4.60 -7.67
CA GLY A 46 1.69 -5.57 -8.09
C GLY A 46 2.70 -4.98 -9.05
N ILE A 47 3.97 -5.36 -8.89
CA ILE A 47 5.02 -4.86 -9.75
C ILE A 47 4.89 -5.44 -11.16
N ASP A 48 5.53 -4.78 -12.12
CA ASP A 48 5.48 -5.22 -13.51
C ASP A 48 6.61 -6.20 -13.83
N GLU A 49 6.53 -6.84 -15.00
CA GLU A 49 7.55 -7.78 -15.41
C GLU A 49 8.86 -7.06 -15.68
N GLY A 50 9.75 -7.12 -14.70
CA GLY A 50 11.04 -6.47 -14.83
C GLY A 50 10.95 -4.99 -14.52
N GLU A 51 10.20 -4.66 -13.48
CA GLU A 51 10.02 -3.28 -13.07
C GLU A 51 10.69 -3.02 -11.73
N ASP A 52 11.22 -1.82 -11.57
CA ASP A 52 11.88 -1.43 -10.32
C ASP A 52 10.85 -1.13 -9.25
N PRO A 53 11.06 -1.65 -8.02
CA PRO A 53 10.12 -1.44 -6.91
C PRO A 53 9.82 0.04 -6.69
N ARG A 54 10.84 0.88 -6.81
CA ARG A 54 10.68 2.31 -6.61
C ARG A 54 9.90 2.94 -7.77
N ASN A 55 10.00 2.34 -8.94
CA ASN A 55 9.30 2.85 -10.12
C ASN A 55 7.87 2.32 -10.17
N ALA A 56 7.71 1.03 -9.91
CA ALA A 56 6.41 0.41 -9.91
C ALA A 56 5.51 1.07 -8.87
N ALA A 57 6.12 1.51 -7.77
CA ALA A 57 5.39 2.17 -6.69
C ALA A 57 4.97 3.56 -7.13
N ILE A 58 5.94 4.35 -7.57
CA ILE A 58 5.67 5.70 -8.04
C ILE A 58 4.62 5.68 -9.16
N ARG A 59 4.60 4.58 -9.89
CA ARG A 59 3.64 4.40 -10.97
C ARG A 59 2.31 3.92 -10.41
N GLU A 60 2.40 2.85 -9.65
CA GLU A 60 1.23 2.23 -9.03
C GLU A 60 0.40 3.25 -8.26
N LEU A 61 1.07 4.07 -7.45
CA LEU A 61 0.39 5.09 -6.66
C LEU A 61 -0.47 5.98 -7.54
N ARG A 62 0.16 6.60 -8.54
CA ARG A 62 -0.56 7.45 -9.47
C ARG A 62 -1.66 6.66 -10.19
N GLU A 63 -1.58 5.34 -10.11
CA GLU A 63 -2.55 4.48 -10.76
C GLU A 63 -3.71 4.13 -9.82
N GLU A 64 -3.39 3.86 -8.56
CA GLU A 64 -4.39 3.48 -7.57
C GLU A 64 -4.95 4.68 -6.82
N THR A 65 -4.18 5.75 -6.74
CA THR A 65 -4.63 6.95 -6.03
C THR A 65 -4.70 8.14 -6.97
N GLY A 66 -4.00 8.06 -8.09
CA GLY A 66 -4.01 9.14 -9.05
C GLY A 66 -3.14 10.31 -8.62
N VAL A 67 -2.49 10.19 -7.47
CA VAL A 67 -1.63 11.26 -6.97
C VAL A 67 -0.38 11.39 -7.84
N THR A 68 -0.24 12.55 -8.48
CA THR A 68 0.91 12.80 -9.34
C THR A 68 1.98 13.59 -8.60
N SER A 69 1.54 14.46 -7.69
CA SER A 69 2.47 15.28 -6.92
C SER A 69 2.87 14.56 -5.63
N ALA A 70 3.80 13.63 -5.75
CA ALA A 70 4.28 12.87 -4.61
C ALA A 70 5.74 12.46 -4.82
N GLU A 71 6.56 12.75 -3.82
CA GLU A 71 7.99 12.42 -3.89
C GLU A 71 8.33 11.46 -2.78
N VAL A 72 9.28 10.57 -3.04
CA VAL A 72 9.69 9.59 -2.05
C VAL A 72 10.65 10.20 -1.03
N ILE A 73 10.23 10.14 0.23
CA ILE A 73 11.03 10.67 1.33
C ILE A 73 11.73 9.53 2.07
N ALA A 74 11.22 8.31 1.90
CA ALA A 74 11.80 7.14 2.55
C ALA A 74 11.50 5.88 1.75
N GLU A 75 12.30 4.85 2.00
CA GLU A 75 12.13 3.57 1.31
C GLU A 75 12.56 2.43 2.23
N VAL A 76 11.60 1.58 2.58
CA VAL A 76 11.87 0.45 3.45
C VAL A 76 12.97 -0.43 2.83
N PRO A 77 14.02 -0.75 3.62
CA PRO A 77 15.14 -1.57 3.14
C PRO A 77 14.77 -3.01 2.84
N TYR A 78 13.61 -3.46 3.33
CA TYR A 78 13.18 -4.83 3.09
C TYR A 78 11.76 -4.92 2.53
N TRP A 79 11.31 -6.14 2.31
CA TRP A 79 9.98 -6.38 1.78
C TRP A 79 9.05 -6.86 2.88
N LEU A 80 7.79 -6.50 2.78
CA LEU A 80 6.79 -6.90 3.75
C LEU A 80 5.80 -7.86 3.10
N THR A 81 5.77 -9.08 3.60
CA THR A 81 4.87 -10.10 3.07
C THR A 81 3.77 -10.43 4.08
N TYR A 82 2.54 -10.43 3.60
CA TYR A 82 1.39 -10.73 4.44
C TYR A 82 0.57 -11.86 3.85
N ASP A 83 -0.39 -12.36 4.61
CA ASP A 83 -1.24 -13.45 4.14
C ASP A 83 -2.71 -13.12 4.39
N PHE A 84 -3.58 -13.75 3.61
CA PHE A 84 -5.02 -13.53 3.74
C PHE A 84 -5.70 -14.72 4.41
N PRO A 85 -6.77 -14.47 5.19
CA PRO A 85 -7.49 -15.53 5.89
C PRO A 85 -8.13 -16.53 4.93
N PRO A 86 -8.65 -17.65 5.47
CA PRO A 86 -9.28 -18.70 4.66
C PRO A 86 -10.53 -18.23 3.92
N LYS A 87 -11.07 -17.09 4.34
CA LYS A 87 -12.27 -16.55 3.71
C LYS A 87 -11.88 -15.56 2.61
N VAL A 88 -10.79 -14.85 2.85
CA VAL A 88 -10.29 -13.89 1.88
C VAL A 88 -9.46 -14.59 0.81
N ARG A 89 -8.55 -15.46 1.25
CA ARG A 89 -7.71 -16.21 0.33
C ARG A 89 -8.58 -17.05 -0.58
N GLU A 90 -9.56 -17.72 0.02
CA GLU A 90 -10.49 -18.56 -0.70
C GLU A 90 -11.42 -17.73 -1.57
N LYS A 91 -11.65 -16.49 -1.15
CA LYS A 91 -12.52 -15.58 -1.88
C LYS A 91 -11.80 -14.98 -3.08
N LEU A 92 -10.58 -14.52 -2.86
CA LEU A 92 -9.79 -13.92 -3.93
C LEU A 92 -9.55 -14.94 -5.05
N ASN A 93 -9.16 -16.14 -4.65
CA ASN A 93 -8.90 -17.21 -5.61
C ASN A 93 -10.02 -17.29 -6.64
N ILE A 94 -11.24 -17.01 -6.19
CA ILE A 94 -12.41 -17.05 -7.07
C ILE A 94 -12.74 -15.66 -7.62
N GLN A 95 -12.76 -14.67 -6.74
CA GLN A 95 -13.07 -13.31 -7.14
C GLN A 95 -11.96 -12.72 -8.00
N TRP A 96 -10.74 -12.75 -7.47
CA TRP A 96 -9.58 -12.23 -8.19
C TRP A 96 -9.09 -13.24 -9.22
N GLY A 97 -9.21 -14.52 -8.89
CA GLY A 97 -8.76 -15.56 -9.81
C GLY A 97 -7.27 -15.74 -9.79
N SER A 98 -6.66 -15.58 -8.62
CA SER A 98 -5.22 -15.73 -8.46
C SER A 98 -4.89 -16.79 -7.42
N ASP A 99 -3.78 -17.48 -7.62
CA ASP A 99 -3.34 -18.52 -6.69
C ASP A 99 -2.11 -18.07 -5.92
N TRP A 100 -2.31 -17.16 -4.97
CA TRP A 100 -1.23 -16.65 -4.15
C TRP A 100 -1.63 -16.61 -2.69
N LYS A 101 -0.64 -16.75 -1.80
CA LYS A 101 -0.89 -16.73 -0.37
C LYS A 101 -0.83 -15.30 0.17
N GLY A 102 -0.16 -14.42 -0.57
CA GLY A 102 -0.03 -13.05 -0.16
C GLY A 102 0.68 -12.21 -1.19
N GLN A 103 1.44 -11.23 -0.74
CA GLN A 103 2.17 -10.35 -1.63
C GLN A 103 3.35 -9.68 -0.92
N ALA A 104 4.57 -10.00 -1.38
CA ALA A 104 5.77 -9.40 -0.81
C ALA A 104 6.04 -8.07 -1.47
N GLN A 105 5.91 -6.98 -0.73
CA GLN A 105 6.12 -5.65 -1.30
C GLN A 105 7.09 -4.80 -0.49
N LYS A 106 7.75 -3.87 -1.18
CA LYS A 106 8.68 -2.94 -0.56
C LYS A 106 8.07 -1.54 -0.52
N TRP A 107 7.48 -1.20 0.61
CA TRP A 107 6.81 0.10 0.78
C TRP A 107 7.78 1.26 0.65
N PHE A 108 7.27 2.37 0.14
CA PHE A 108 8.05 3.59 -0.04
C PHE A 108 7.27 4.79 0.49
N LEU A 109 7.95 5.65 1.24
CA LEU A 109 7.29 6.84 1.78
C LEU A 109 7.21 7.91 0.71
N PHE A 110 6.10 8.66 0.69
CA PHE A 110 5.93 9.71 -0.29
C PHE A 110 5.35 10.98 0.32
N LYS A 111 6.01 12.09 0.09
CA LYS A 111 5.54 13.37 0.60
C LYS A 111 4.65 14.02 -0.46
N PHE A 112 3.41 14.30 -0.11
CA PHE A 112 2.46 14.90 -1.04
C PHE A 112 2.89 16.32 -1.42
N THR A 113 2.99 16.57 -2.72
CA THR A 113 3.37 17.88 -3.22
C THR A 113 2.34 18.40 -4.21
N GLY A 114 1.07 18.11 -3.93
CA GLY A 114 0.00 18.56 -4.79
C GLY A 114 -1.16 19.13 -4.00
N GLN A 115 -2.38 18.89 -4.49
CA GLN A 115 -3.56 19.38 -3.82
C GLN A 115 -4.57 18.24 -3.65
N ASP A 116 -5.42 18.36 -2.64
CA ASP A 116 -6.43 17.35 -2.37
C ASP A 116 -7.27 17.04 -3.62
N GLN A 117 -7.17 17.91 -4.63
CA GLN A 117 -7.92 17.72 -5.85
C GLN A 117 -7.23 16.71 -6.78
N GLU A 118 -5.93 16.50 -6.55
CA GLU A 118 -5.16 15.57 -7.37
C GLU A 118 -5.43 14.13 -6.94
N ILE A 119 -5.82 13.96 -5.68
CA ILE A 119 -6.11 12.64 -5.14
C ILE A 119 -7.34 12.02 -5.80
N ASN A 120 -7.09 11.06 -6.69
CA ASN A 120 -8.16 10.37 -7.38
C ASN A 120 -8.07 8.87 -7.12
N LEU A 121 -8.83 8.40 -6.14
CA LEU A 121 -8.83 6.99 -5.77
C LEU A 121 -9.17 6.11 -6.96
N LEU A 122 -9.83 6.68 -7.97
CA LEU A 122 -10.20 5.92 -9.16
C LEU A 122 -8.95 5.41 -9.84
N GLY A 123 -8.07 6.33 -10.18
CA GLY A 123 -6.83 5.98 -10.84
C GLY A 123 -6.46 7.01 -11.89
N ASP A 124 -5.39 6.75 -12.61
CA ASP A 124 -4.94 7.63 -13.67
C ASP A 124 -5.56 7.21 -14.99
N GLY A 125 -6.82 6.80 -14.92
CA GLY A 125 -7.52 6.36 -16.12
C GLY A 125 -6.99 5.03 -16.63
N SER A 126 -6.46 4.23 -15.71
CA SER A 126 -5.91 2.93 -16.05
C SER A 126 -6.63 1.81 -15.31
N GLU A 127 -6.40 1.75 -13.99
CA GLU A 127 -7.01 0.72 -13.17
C GLU A 127 -8.41 1.13 -12.71
N LYS A 128 -9.18 0.16 -12.22
CA LYS A 128 -10.54 0.42 -11.76
C LYS A 128 -10.54 0.90 -10.31
N PRO A 129 -11.49 1.78 -9.95
CA PRO A 129 -11.60 2.32 -8.60
C PRO A 129 -11.63 1.23 -7.53
N GLU A 130 -10.76 1.36 -6.53
CA GLU A 130 -10.69 0.39 -5.44
C GLU A 130 -11.17 1.01 -4.14
N PHE A 131 -10.89 2.30 -3.97
CA PHE A 131 -11.29 3.03 -2.77
C PHE A 131 -12.42 3.99 -3.08
N GLY A 132 -13.17 4.41 -2.06
CA GLY A 132 -14.27 5.33 -2.28
C GLY A 132 -14.03 6.65 -1.58
N GLU A 133 -13.14 6.64 -0.61
CA GLU A 133 -12.80 7.82 0.16
C GLU A 133 -11.39 7.75 0.69
N TRP A 134 -10.94 8.82 1.32
CA TRP A 134 -9.61 8.88 1.89
C TRP A 134 -9.54 9.90 3.01
N SER A 135 -8.61 9.68 3.93
CA SER A 135 -8.43 10.59 5.05
C SER A 135 -7.00 10.56 5.58
N TRP A 136 -6.62 11.61 6.30
CA TRP A 136 -5.30 11.73 6.87
C TRP A 136 -5.27 11.21 8.30
N VAL A 137 -4.35 10.28 8.58
CA VAL A 137 -4.24 9.69 9.90
C VAL A 137 -2.80 9.60 10.36
N THR A 138 -2.60 9.63 11.67
CA THR A 138 -1.27 9.51 12.24
C THR A 138 -0.77 8.08 12.07
N PRO A 139 0.55 7.87 11.98
CA PRO A 139 1.12 6.53 11.83
C PRO A 139 0.55 5.55 12.84
N GLU A 140 0.02 6.08 13.93
CA GLU A 140 -0.57 5.26 14.98
C GLU A 140 -2.05 5.03 14.68
N GLN A 141 -2.69 6.03 14.08
CA GLN A 141 -4.10 5.93 13.73
C GLN A 141 -4.28 4.95 12.58
N LEU A 142 -3.50 5.14 11.51
CA LEU A 142 -3.58 4.26 10.35
C LEU A 142 -3.41 2.82 10.80
N ILE A 143 -2.60 2.65 11.83
CA ILE A 143 -2.34 1.34 12.40
C ILE A 143 -3.61 0.79 13.04
N ASP A 144 -4.47 1.70 13.49
CA ASP A 144 -5.73 1.31 14.10
C ASP A 144 -6.76 0.97 13.02
N LEU A 145 -6.54 1.51 11.82
CA LEU A 145 -7.43 1.28 10.70
C LEU A 145 -7.07 -0.04 10.03
N THR A 146 -5.77 -0.29 9.93
CA THR A 146 -5.26 -1.50 9.32
C THR A 146 -5.83 -2.75 9.99
N VAL A 147 -5.70 -3.90 9.32
CA VAL A 147 -6.19 -5.16 9.85
C VAL A 147 -5.06 -5.98 10.47
N GLU A 148 -5.43 -6.93 11.31
CA GLU A 148 -4.45 -7.79 11.99
C GLU A 148 -3.38 -8.32 11.04
N PHE A 149 -3.80 -8.81 9.87
CA PHE A 149 -2.86 -9.35 8.90
C PHE A 149 -2.08 -8.26 8.17
N LYS A 150 -2.43 -7.00 8.44
CA LYS A 150 -1.74 -5.88 7.80
C LYS A 150 -1.12 -4.93 8.84
N LYS A 151 -1.36 -5.20 10.11
CA LYS A 151 -0.82 -4.38 11.19
C LYS A 151 0.70 -4.29 11.12
N PRO A 152 1.40 -5.43 11.27
CA PRO A 152 2.86 -5.47 11.22
C PRO A 152 3.41 -4.99 9.88
N VAL A 153 2.81 -5.49 8.78
CA VAL A 153 3.24 -5.11 7.44
C VAL A 153 3.17 -3.60 7.25
N TYR A 154 2.30 -2.96 8.00
CA TYR A 154 2.13 -1.52 7.94
C TYR A 154 3.04 -0.84 8.96
N LYS A 155 2.95 -1.27 10.21
CA LYS A 155 3.77 -0.70 11.28
C LYS A 155 5.24 -0.69 10.87
N GLU A 156 5.62 -1.69 10.08
CA GLU A 156 6.98 -1.79 9.59
C GLU A 156 7.28 -0.62 8.67
N VAL A 157 6.35 -0.34 7.77
CA VAL A 157 6.50 0.76 6.83
C VAL A 157 6.63 2.08 7.59
N LEU A 158 5.70 2.32 8.49
CA LEU A 158 5.72 3.53 9.31
C LEU A 158 7.00 3.59 10.12
N SER A 159 7.30 2.48 10.79
CA SER A 159 8.51 2.38 11.60
C SER A 159 9.73 2.85 10.81
N VAL A 160 9.85 2.37 9.57
CA VAL A 160 10.96 2.77 8.71
C VAL A 160 10.83 4.22 8.31
N PHE A 161 9.59 4.73 8.31
CA PHE A 161 9.30 6.10 7.93
C PHE A 161 9.02 6.98 9.14
N ALA A 162 9.32 6.46 10.33
CA ALA A 162 9.09 7.20 11.57
C ALA A 162 9.76 8.57 11.54
N PRO A 163 11.09 8.61 11.34
CA PRO A 163 11.85 9.87 11.29
C PRO A 163 11.31 10.82 10.23
N HIS A 164 10.61 10.26 9.24
CA HIS A 164 10.05 11.07 8.17
C HIS A 164 8.64 11.54 8.51
N LEU A 165 8.06 10.97 9.56
CA LEU A 165 6.72 11.33 9.99
C LEU A 165 6.76 12.08 11.32
PG ATP B . -3.87 -5.17 -4.40
O1G ATP B . -2.62 -4.42 -4.68
O2G ATP B . -3.62 -6.44 -5.12
O3G ATP B . -5.18 -4.63 -4.82
PB ATP B . -5.00 -6.15 -2.12
O1B ATP B . -6.31 -5.60 -2.55
O2B ATP B . -4.58 -6.07 -0.69
O3B ATP B . -3.97 -5.45 -2.94
PA ATP B . -5.87 -8.73 -1.88
O1A ATP B . -5.40 -9.26 -0.56
O2A ATP B . -6.15 -9.70 -2.97
O3A ATP B . -5.12 -7.59 -2.46
O5' ATP B . -7.20 -7.95 -1.52
C5' ATP B . -7.42 -7.45 -0.19
C4' ATP B . -8.65 -8.12 0.41
O4' ATP B . -8.39 -8.43 1.80
C3' ATP B . -9.90 -7.27 0.43
O3' ATP B . -10.60 -7.32 -0.80
C2' ATP B . -10.68 -7.87 1.59
O2' ATP B . -11.28 -9.09 1.21
C1' ATP B . -9.55 -8.17 2.57
N9 ATP B . -9.26 -7.08 3.49
C8 ATP B . -8.40 -6.03 3.32
N7 ATP B . -8.36 -5.20 4.33
C5 ATP B . -9.26 -5.74 5.23
C6 ATP B . -9.68 -5.33 6.52
N6 ATP B . -9.22 -4.23 7.12
N1 ATP B . -10.60 -6.10 7.15
C2 ATP B . -11.05 -7.19 6.53
N3 ATP B . -10.74 -7.68 5.33
C4 ATP B . -9.82 -6.90 4.73
H5'1 ATP B . -7.57 -6.38 -0.22
H5'2 ATP B . -6.56 -7.68 0.43
H4' ATP B . -8.87 -9.00 -0.20
H3' ATP B . -9.66 -6.22 0.60
HO3' ATP B . -9.97 -7.57 -1.48
H2' ATP B . -11.38 -7.15 2.00
HO2' ATP B . -10.95 -9.32 0.34
H1' ATP B . -9.74 -9.06 3.15
H8 ATP B . -7.79 -5.90 2.43
HN61 ATP B . -8.54 -3.65 6.67
HN62 ATP B . -9.56 -4.00 8.05
H2 ATP B . -11.79 -7.77 7.09
N GLY A 1 4.06 -15.20 14.14
CA GLY A 1 5.47 -15.64 13.96
C GLY A 1 6.45 -14.48 13.97
N PRO A 2 7.75 -14.75 14.14
CA PRO A 2 8.77 -13.70 14.16
C PRO A 2 8.99 -13.07 12.79
N LEU A 3 10.05 -12.28 12.66
CA LEU A 3 10.36 -11.62 11.40
C LEU A 3 9.27 -10.63 11.02
N GLY A 4 9.66 -9.38 10.80
CA GLY A 4 8.70 -8.36 10.42
C GLY A 4 8.67 -8.09 8.93
N SER A 5 9.81 -8.33 8.28
CA SER A 5 9.92 -8.13 6.85
C SER A 5 10.39 -9.40 6.17
N MET A 6 10.98 -9.26 5.00
CA MET A 6 11.47 -10.41 4.24
C MET A 6 12.79 -10.10 3.53
N ASP A 7 12.95 -8.86 3.08
CA ASP A 7 14.16 -8.44 2.37
C ASP A 7 14.46 -9.37 1.20
N SER A 8 13.42 -9.99 0.66
CA SER A 8 13.57 -10.90 -0.47
C SER A 8 12.22 -11.49 -0.86
N PRO A 9 11.83 -11.37 -2.14
CA PRO A 9 10.55 -11.91 -2.63
C PRO A 9 10.51 -13.43 -2.61
N PRO A 10 9.73 -14.03 -1.70
CA PRO A 10 9.62 -15.48 -1.58
C PRO A 10 8.76 -16.08 -2.68
N GLU A 11 8.50 -17.37 -2.58
CA GLU A 11 7.69 -18.07 -3.56
C GLU A 11 6.21 -18.03 -3.18
N GLY A 12 5.34 -17.99 -4.17
CA GLY A 12 3.91 -17.96 -3.92
C GLY A 12 3.37 -16.54 -3.88
N TYR A 13 4.25 -15.58 -3.62
CA TYR A 13 3.84 -14.17 -3.56
C TYR A 13 4.29 -13.43 -4.80
N ARG A 14 3.39 -12.61 -5.35
CA ARG A 14 3.68 -11.83 -6.54
C ARG A 14 4.33 -10.49 -6.17
N ARG A 15 5.13 -9.95 -7.08
CA ARG A 15 5.81 -8.68 -6.85
C ARG A 15 4.82 -7.51 -6.86
N ASN A 16 4.96 -6.63 -5.89
CA ASN A 16 4.10 -5.47 -5.76
C ASN A 16 4.82 -4.33 -5.05
N VAL A 17 4.35 -3.11 -5.25
CA VAL A 17 4.98 -1.96 -4.61
C VAL A 17 3.96 -1.10 -3.87
N GLY A 18 4.26 -0.79 -2.61
CA GLY A 18 3.37 0.03 -1.81
C GLY A 18 3.86 1.45 -1.67
N ILE A 19 2.95 2.40 -1.75
CA ILE A 19 3.31 3.82 -1.64
C ILE A 19 2.74 4.44 -0.37
N CYS A 20 3.60 4.65 0.62
CA CYS A 20 3.18 5.25 1.88
C CYS A 20 3.30 6.76 1.79
N LEU A 21 2.18 7.45 1.65
CA LEU A 21 2.18 8.91 1.55
C LEU A 21 1.75 9.55 2.85
N MET A 22 2.40 10.67 3.19
CA MET A 22 2.09 11.39 4.41
C MET A 22 1.75 12.85 4.10
N ASN A 23 1.01 13.47 5.02
CA ASN A 23 0.62 14.86 4.84
C ASN A 23 1.50 15.81 5.66
N ASN A 24 1.35 17.10 5.42
CA ASN A 24 2.12 18.11 6.14
C ASN A 24 1.94 17.99 7.65
N ASP A 25 0.90 17.27 8.07
CA ASP A 25 0.62 17.09 9.49
C ASP A 25 1.35 15.85 10.03
N LYS A 26 2.09 15.18 9.16
CA LYS A 26 2.85 13.98 9.53
C LYS A 26 1.94 12.76 9.66
N LYS A 27 0.83 12.77 8.94
CA LYS A 27 -0.10 11.64 8.97
C LYS A 27 0.15 10.73 7.78
N ILE A 28 -0.58 9.62 7.74
CA ILE A 28 -0.43 8.67 6.64
C ILE A 28 -1.71 8.57 5.82
N PHE A 29 -1.58 8.76 4.51
CA PHE A 29 -2.72 8.71 3.62
C PHE A 29 -3.42 7.35 3.68
N ALA A 30 -4.62 7.35 4.25
CA ALA A 30 -5.40 6.13 4.37
C ALA A 30 -6.69 6.25 3.57
N ALA A 31 -6.97 5.26 2.73
CA ALA A 31 -8.17 5.27 1.92
C ALA A 31 -9.11 4.13 2.28
N SER A 32 -10.40 4.45 2.35
CA SER A 32 -11.42 3.47 2.69
C SER A 32 -11.82 2.66 1.47
N ARG A 33 -12.31 1.44 1.69
CA ARG A 33 -12.71 0.58 0.59
C ARG A 33 -13.99 1.07 -0.06
N LEU A 34 -14.18 0.67 -1.30
CA LEU A 34 -15.37 1.02 -2.05
C LEU A 34 -16.43 -0.06 -1.87
N ASP A 35 -16.06 -1.14 -1.20
CA ASP A 35 -16.97 -2.25 -0.97
C ASP A 35 -17.07 -2.64 0.50
N ILE A 36 -16.08 -2.25 1.31
CA ILE A 36 -16.10 -2.57 2.72
C ILE A 36 -16.11 -1.31 3.58
N PRO A 37 -17.22 -1.04 4.29
CA PRO A 37 -17.32 0.14 5.14
C PRO A 37 -16.34 0.08 6.30
N ASP A 38 -15.62 1.17 6.50
CA ASP A 38 -14.64 1.27 7.58
C ASP A 38 -13.36 0.53 7.25
N ALA A 39 -13.29 0.00 6.05
CA ALA A 39 -12.11 -0.73 5.60
C ALA A 39 -11.12 0.22 4.94
N TRP A 40 -10.13 0.65 5.72
CA TRP A 40 -9.12 1.56 5.21
C TRP A 40 -7.82 0.84 4.95
N GLN A 41 -7.00 1.42 4.08
CA GLN A 41 -5.71 0.84 3.72
C GLN A 41 -4.88 1.85 2.93
N MET A 42 -3.66 1.45 2.60
CA MET A 42 -2.75 2.30 1.83
C MET A 42 -2.69 1.86 0.37
N PRO A 43 -2.34 2.77 -0.54
CA PRO A 43 -2.24 2.47 -1.98
C PRO A 43 -1.12 1.50 -2.30
N GLN A 44 -1.39 0.56 -3.21
CA GLN A 44 -0.40 -0.43 -3.62
C GLN A 44 -0.68 -0.92 -5.04
N GLY A 45 0.34 -1.46 -5.68
CA GLY A 45 0.17 -1.96 -7.04
C GLY A 45 1.26 -2.94 -7.44
N GLY A 46 0.86 -3.98 -8.16
CA GLY A 46 1.82 -4.99 -8.59
C GLY A 46 2.90 -4.43 -9.47
N ILE A 47 4.13 -4.87 -9.28
CA ILE A 47 5.25 -4.40 -10.08
C ILE A 47 5.16 -4.94 -11.50
N ASP A 48 5.86 -4.29 -12.42
CA ASP A 48 5.87 -4.70 -13.82
C ASP A 48 7.00 -5.69 -14.08
N GLU A 49 6.77 -6.61 -15.03
CA GLU A 49 7.77 -7.62 -15.38
C GLU A 49 9.13 -6.98 -15.62
N GLY A 50 9.97 -7.05 -14.61
CA GLY A 50 11.30 -6.48 -14.71
C GLY A 50 11.29 -4.98 -14.49
N GLU A 51 10.49 -4.56 -13.52
CA GLU A 51 10.35 -3.15 -13.18
C GLU A 51 10.92 -2.86 -11.81
N ASP A 52 11.49 -1.68 -11.66
CA ASP A 52 12.07 -1.26 -10.39
C ASP A 52 10.96 -0.93 -9.39
N PRO A 53 10.96 -1.57 -8.22
CA PRO A 53 9.93 -1.34 -7.20
C PRO A 53 9.71 0.14 -6.91
N ARG A 54 10.78 0.87 -6.65
CA ARG A 54 10.69 2.29 -6.36
C ARG A 54 10.00 3.04 -7.50
N ASN A 55 10.17 2.53 -8.72
CA ASN A 55 9.56 3.15 -9.89
C ASN A 55 8.12 2.68 -10.05
N ALA A 56 7.92 1.37 -9.93
CA ALA A 56 6.58 0.80 -10.04
C ALA A 56 5.66 1.41 -9.00
N ALA A 57 6.23 1.79 -7.86
CA ALA A 57 5.48 2.40 -6.79
C ALA A 57 5.11 3.84 -7.15
N ILE A 58 6.11 4.61 -7.54
CA ILE A 58 5.89 6.00 -7.94
C ILE A 58 4.88 6.06 -9.07
N ARG A 59 4.85 5.00 -9.87
CA ARG A 59 3.92 4.90 -10.99
C ARG A 59 2.56 4.46 -10.49
N GLU A 60 2.59 3.35 -9.77
CA GLU A 60 1.39 2.75 -9.20
C GLU A 60 0.62 3.76 -8.34
N LEU A 61 1.35 4.67 -7.70
CA LEU A 61 0.74 5.68 -6.84
C LEU A 61 -0.29 6.50 -7.60
N ARG A 62 0.16 7.23 -8.61
CA ARG A 62 -0.74 8.04 -9.42
C ARG A 62 -1.79 7.15 -10.10
N GLU A 63 -1.58 5.83 -10.05
CA GLU A 63 -2.51 4.89 -10.65
C GLU A 63 -3.57 4.44 -9.65
N GLU A 64 -3.14 4.22 -8.41
CA GLU A 64 -4.05 3.76 -7.37
C GLU A 64 -4.69 4.91 -6.61
N THR A 65 -3.95 6.01 -6.44
CA THR A 65 -4.47 7.17 -5.72
C THR A 65 -4.57 8.38 -6.64
N GLY A 66 -3.76 8.38 -7.68
CA GLY A 66 -3.77 9.48 -8.61
C GLY A 66 -2.95 10.66 -8.13
N VAL A 67 -2.34 10.53 -6.94
CA VAL A 67 -1.53 11.61 -6.38
C VAL A 67 -0.31 11.85 -7.27
N THR A 68 -0.22 13.07 -7.79
CA THR A 68 0.90 13.43 -8.67
C THR A 68 1.98 14.19 -7.90
N SER A 69 1.56 14.98 -6.92
CA SER A 69 2.49 15.75 -6.12
C SER A 69 2.94 14.97 -4.90
N ALA A 70 3.82 14.02 -5.12
CA ALA A 70 4.35 13.19 -4.05
C ALA A 70 5.77 12.75 -4.35
N GLU A 71 6.66 12.95 -3.39
CA GLU A 71 8.05 12.57 -3.53
C GLU A 71 8.43 11.57 -2.44
N VAL A 72 9.36 10.69 -2.74
CA VAL A 72 9.77 9.67 -1.78
C VAL A 72 10.74 10.23 -0.75
N ILE A 73 10.38 10.06 0.51
CA ILE A 73 11.20 10.52 1.61
C ILE A 73 11.89 9.33 2.27
N ALA A 74 11.34 8.13 2.06
CA ALA A 74 11.91 6.92 2.62
C ALA A 74 11.59 5.71 1.75
N GLU A 75 12.36 4.65 1.94
CA GLU A 75 12.16 3.42 1.17
C GLU A 75 12.53 2.21 2.02
N VAL A 76 11.54 1.41 2.34
CA VAL A 76 11.76 0.21 3.15
C VAL A 76 12.81 -0.70 2.48
N PRO A 77 13.89 -1.04 3.20
CA PRO A 77 14.97 -1.88 2.65
C PRO A 77 14.60 -3.36 2.53
N TYR A 78 13.43 -3.75 3.02
CA TYR A 78 13.01 -5.14 2.94
C TYR A 78 11.60 -5.31 2.39
N TRP A 79 11.35 -6.44 1.75
CA TRP A 79 10.04 -6.71 1.18
C TRP A 79 9.08 -7.18 2.27
N LEU A 80 7.83 -6.82 2.10
CA LEU A 80 6.79 -7.22 3.05
C LEU A 80 5.79 -8.13 2.36
N THR A 81 5.70 -9.35 2.86
CA THR A 81 4.79 -10.34 2.30
C THR A 81 3.70 -10.70 3.30
N TYR A 82 2.46 -10.68 2.85
CA TYR A 82 1.32 -11.00 3.70
C TYR A 82 0.45 -12.07 3.07
N ASP A 83 -0.49 -12.59 3.84
CA ASP A 83 -1.39 -13.64 3.36
C ASP A 83 -2.85 -13.27 3.64
N PHE A 84 -3.75 -13.88 2.89
CA PHE A 84 -5.18 -13.63 3.05
C PHE A 84 -5.88 -14.84 3.63
N PRO A 85 -7.01 -14.64 4.34
CA PRO A 85 -7.79 -15.72 4.95
C PRO A 85 -8.37 -16.68 3.91
N PRO A 86 -8.94 -17.80 4.36
CA PRO A 86 -9.53 -18.81 3.47
C PRO A 86 -10.75 -18.30 2.71
N LYS A 87 -11.34 -17.21 3.19
CA LYS A 87 -12.51 -16.63 2.55
C LYS A 87 -12.08 -15.59 1.52
N VAL A 88 -11.01 -14.89 1.84
CA VAL A 88 -10.47 -13.87 0.96
C VAL A 88 -9.61 -14.51 -0.13
N ARG A 89 -8.71 -15.39 0.29
CA ARG A 89 -7.83 -16.09 -0.65
C ARG A 89 -8.67 -16.87 -1.64
N GLU A 90 -9.67 -17.56 -1.11
CA GLU A 90 -10.57 -18.37 -1.92
C GLU A 90 -11.46 -17.47 -2.77
N LYS A 91 -11.69 -16.25 -2.30
CA LYS A 91 -12.51 -15.29 -3.01
C LYS A 91 -11.73 -14.65 -4.15
N LEU A 92 -10.51 -14.22 -3.85
CA LEU A 92 -9.66 -13.60 -4.85
C LEU A 92 -9.43 -14.55 -6.01
N ASN A 93 -9.09 -15.80 -5.70
CA ASN A 93 -8.85 -16.81 -6.72
C ASN A 93 -9.94 -16.76 -7.79
N ILE A 94 -11.15 -16.43 -7.37
CA ILE A 94 -12.28 -16.35 -8.28
C ILE A 94 -12.51 -14.91 -8.76
N GLN A 95 -12.53 -13.98 -7.82
CA GLN A 95 -12.75 -12.57 -8.14
C GLN A 95 -11.55 -11.99 -8.88
N TRP A 96 -10.37 -12.11 -8.27
CA TRP A 96 -9.15 -11.60 -8.86
C TRP A 96 -8.61 -12.55 -9.92
N GLY A 97 -8.88 -13.84 -9.74
CA GLY A 97 -8.41 -14.82 -10.70
C GLY A 97 -6.92 -15.07 -10.59
N SER A 98 -6.41 -15.06 -9.36
CA SER A 98 -4.98 -15.28 -9.13
C SER A 98 -4.78 -16.46 -8.18
N ASP A 99 -3.68 -17.18 -8.38
CA ASP A 99 -3.35 -18.34 -7.55
C ASP A 99 -2.11 -18.07 -6.71
N TRP A 100 -2.08 -16.92 -6.05
CA TRP A 100 -0.95 -16.54 -5.21
C TRP A 100 -1.35 -16.53 -3.74
N LYS A 101 -0.40 -16.83 -2.86
CA LYS A 101 -0.66 -16.84 -1.43
C LYS A 101 -0.69 -15.43 -0.87
N GLY A 102 0.04 -14.53 -1.51
CA GLY A 102 0.10 -13.15 -1.08
C GLY A 102 0.82 -12.27 -2.08
N GLN A 103 1.56 -11.30 -1.56
CA GLN A 103 2.31 -10.38 -2.41
C GLN A 103 3.47 -9.74 -1.65
N ALA A 104 4.69 -10.00 -2.11
CA ALA A 104 5.88 -9.43 -1.48
C ALA A 104 6.15 -8.05 -2.07
N GLN A 105 5.90 -7.01 -1.29
CA GLN A 105 6.09 -5.65 -1.76
C GLN A 105 7.05 -4.84 -0.89
N LYS A 106 7.72 -3.87 -1.53
CA LYS A 106 8.65 -2.99 -0.85
C LYS A 106 8.05 -1.59 -0.77
N TRP A 107 7.44 -1.27 0.36
CA TRP A 107 6.79 0.02 0.55
C TRP A 107 7.77 1.19 0.49
N PHE A 108 7.28 2.32 0.01
CA PHE A 108 8.07 3.53 -0.11
C PHE A 108 7.32 4.71 0.49
N LEU A 109 8.01 5.53 1.27
CA LEU A 109 7.38 6.70 1.86
C LEU A 109 7.30 7.82 0.85
N PHE A 110 6.25 8.64 0.95
CA PHE A 110 6.06 9.75 0.04
C PHE A 110 5.54 10.99 0.75
N LYS A 111 6.21 12.11 0.56
CA LYS A 111 5.76 13.36 1.16
C LYS A 111 4.86 14.09 0.18
N PHE A 112 3.62 14.34 0.58
CA PHE A 112 2.66 15.02 -0.27
C PHE A 112 3.11 16.45 -0.56
N THR A 113 3.21 16.78 -1.84
CA THR A 113 3.62 18.12 -2.23
C THR A 113 2.60 18.72 -3.21
N GLY A 114 1.34 18.45 -2.96
CA GLY A 114 0.28 18.97 -3.81
C GLY A 114 -0.91 19.46 -3.00
N GLN A 115 -2.10 19.27 -3.54
CA GLN A 115 -3.32 19.69 -2.87
C GLN A 115 -4.30 18.53 -2.80
N ASP A 116 -5.18 18.56 -1.82
CA ASP A 116 -6.17 17.51 -1.64
C ASP A 116 -6.93 17.24 -2.94
N GLN A 117 -6.84 18.16 -3.90
CA GLN A 117 -7.51 18.00 -5.18
C GLN A 117 -6.76 17.06 -6.11
N GLU A 118 -5.48 16.83 -5.80
CA GLU A 118 -4.65 15.95 -6.60
C GLU A 118 -4.92 14.49 -6.26
N ILE A 119 -5.39 14.25 -5.04
CA ILE A 119 -5.68 12.91 -4.58
C ILE A 119 -7.01 12.41 -5.13
N ASN A 120 -6.95 11.52 -6.10
CA ASN A 120 -8.15 10.94 -6.70
C ASN A 120 -8.10 9.42 -6.62
N LEU A 121 -8.76 8.88 -5.59
CA LEU A 121 -8.79 7.43 -5.37
C LEU A 121 -9.12 6.66 -6.64
N LEU A 122 -9.75 7.33 -7.61
CA LEU A 122 -10.10 6.68 -8.87
C LEU A 122 -8.84 6.12 -9.53
N GLY A 123 -7.92 7.02 -9.80
CA GLY A 123 -6.67 6.65 -10.43
C GLY A 123 -6.34 7.58 -11.57
N ASP A 124 -5.25 7.29 -12.26
CA ASP A 124 -4.83 8.09 -13.40
C ASP A 124 -5.47 7.55 -14.67
N GLY A 125 -6.73 7.14 -14.54
CA GLY A 125 -7.44 6.60 -15.69
C GLY A 125 -6.85 5.29 -16.17
N SER A 126 -6.19 4.57 -15.27
CA SER A 126 -5.58 3.30 -15.60
C SER A 126 -6.43 2.13 -15.15
N GLU A 127 -6.62 2.00 -13.84
CA GLU A 127 -7.42 0.92 -13.27
C GLU A 127 -8.71 1.46 -12.64
N LYS A 128 -9.65 0.57 -12.38
CA LYS A 128 -10.92 0.95 -11.77
C LYS A 128 -10.72 1.35 -10.31
N PRO A 129 -11.49 2.33 -9.83
CA PRO A 129 -11.40 2.81 -8.44
C PRO A 129 -11.53 1.68 -7.43
N GLU A 130 -10.67 1.70 -6.42
CA GLU A 130 -10.69 0.68 -5.38
C GLU A 130 -11.15 1.27 -4.05
N PHE A 131 -10.89 2.56 -3.85
CA PHE A 131 -11.28 3.25 -2.62
C PHE A 131 -12.39 4.24 -2.91
N GLY A 132 -13.13 4.62 -1.87
CA GLY A 132 -14.22 5.58 -2.04
C GLY A 132 -13.97 6.85 -1.26
N GLU A 133 -13.09 6.76 -0.27
CA GLU A 133 -12.75 7.89 0.57
C GLU A 133 -11.34 7.75 1.11
N TRP A 134 -10.88 8.77 1.81
CA TRP A 134 -9.56 8.76 2.41
C TRP A 134 -9.46 9.76 3.54
N SER A 135 -8.53 9.50 4.45
CA SER A 135 -8.31 10.37 5.60
C SER A 135 -6.89 10.27 6.11
N TRP A 136 -6.45 11.30 6.84
CA TRP A 136 -5.11 11.34 7.40
C TRP A 136 -5.09 10.75 8.80
N VAL A 137 -4.24 9.74 9.00
CA VAL A 137 -4.13 9.08 10.29
C VAL A 137 -2.68 8.88 10.68
N THR A 138 -2.43 8.89 11.99
CA THR A 138 -1.09 8.70 12.52
C THR A 138 -0.64 7.26 12.26
N PRO A 139 0.68 7.00 12.27
CA PRO A 139 1.20 5.66 12.03
C PRO A 139 0.61 4.64 13.01
N GLU A 140 0.07 5.15 14.11
CA GLU A 140 -0.54 4.29 15.12
C GLU A 140 -2.03 4.11 14.82
N GLN A 141 -2.64 5.17 14.27
CA GLN A 141 -4.06 5.12 13.93
C GLN A 141 -4.27 4.23 12.72
N LEU A 142 -3.49 4.49 11.66
CA LEU A 142 -3.58 3.70 10.45
C LEU A 142 -3.41 2.22 10.78
N ILE A 143 -2.60 1.97 11.79
CA ILE A 143 -2.35 0.63 12.26
C ILE A 143 -3.61 0.05 12.89
N ASP A 144 -4.45 0.93 13.42
CA ASP A 144 -5.70 0.52 14.03
C ASP A 144 -6.76 0.30 12.96
N LEU A 145 -6.55 0.91 11.79
CA LEU A 145 -7.46 0.77 10.68
C LEU A 145 -7.15 -0.50 9.89
N THR A 146 -5.86 -0.76 9.74
CA THR A 146 -5.39 -1.93 9.01
C THR A 146 -5.91 -3.22 9.65
N VAL A 147 -6.08 -4.25 8.82
CA VAL A 147 -6.57 -5.53 9.30
C VAL A 147 -5.45 -6.35 9.94
N GLU A 148 -5.83 -7.32 10.76
CA GLU A 148 -4.88 -8.17 11.46
C GLU A 148 -3.84 -8.79 10.53
N PHE A 149 -4.24 -9.13 9.30
CA PHE A 149 -3.32 -9.75 8.35
C PHE A 149 -2.47 -8.70 7.61
N LYS A 150 -2.61 -7.44 8.00
CA LYS A 150 -1.83 -6.37 7.37
C LYS A 150 -1.24 -5.43 8.42
N LYS A 151 -1.39 -5.78 9.69
CA LYS A 151 -0.86 -4.96 10.78
C LYS A 151 0.67 -4.86 10.70
N PRO A 152 1.37 -5.99 10.83
CA PRO A 152 2.84 -6.00 10.76
C PRO A 152 3.37 -5.46 9.44
N VAL A 153 2.71 -5.83 8.36
CA VAL A 153 3.10 -5.38 7.02
C VAL A 153 3.06 -3.86 6.93
N TYR A 154 2.24 -3.25 7.78
CA TYR A 154 2.11 -1.80 7.82
C TYR A 154 3.08 -1.21 8.83
N LYS A 155 3.07 -1.75 10.04
CA LYS A 155 3.97 -1.28 11.10
C LYS A 155 5.41 -1.23 10.60
N GLU A 156 5.75 -2.16 9.73
CA GLU A 156 7.08 -2.24 9.16
C GLU A 156 7.33 -1.01 8.30
N VAL A 157 6.35 -0.69 7.46
CA VAL A 157 6.45 0.47 6.59
C VAL A 157 6.60 1.74 7.41
N LEU A 158 5.71 1.92 8.37
CA LEU A 158 5.76 3.09 9.23
C LEU A 158 7.04 3.08 10.04
N SER A 159 7.33 1.93 10.64
CA SER A 159 8.55 1.78 11.44
C SER A 159 9.77 2.26 10.67
N VAL A 160 9.88 1.83 9.42
CA VAL A 160 10.99 2.23 8.57
C VAL A 160 10.89 3.71 8.23
N PHE A 161 9.67 4.23 8.27
CA PHE A 161 9.41 5.63 7.96
C PHE A 161 9.16 6.46 9.21
N ALA A 162 9.43 5.88 10.37
CA ALA A 162 9.22 6.55 11.65
C ALA A 162 9.93 7.90 11.68
N PRO A 163 11.26 7.92 11.46
CA PRO A 163 12.05 9.15 11.47
C PRO A 163 11.51 10.18 10.47
N HIS A 164 10.77 9.69 9.47
CA HIS A 164 10.20 10.56 8.46
C HIS A 164 8.78 10.99 8.84
N LEU A 165 8.17 10.27 9.78
CA LEU A 165 6.83 10.59 10.24
C LEU A 165 6.85 11.21 11.63
PG ATP B . -3.59 -5.13 -3.64
O1G ATP B . -4.39 -4.25 -4.54
O2G ATP B . -2.25 -4.49 -3.73
O3G ATP B . -3.45 -6.58 -3.95
PB ATP B . -5.47 -5.22 -1.68
O1B ATP B . -6.15 -6.18 -2.56
O2B ATP B . -6.04 -3.86 -1.45
O3B ATP B . -4.10 -5.05 -2.25
PA ATP B . -5.30 -7.33 0.06
O1A ATP B . -4.57 -7.59 1.32
O2A ATP B . -4.96 -8.14 -1.14
O3A ATP B . -5.46 -5.92 -0.37
O5' ATP B . -6.82 -7.59 0.44
C5' ATP B . -7.77 -8.01 -0.53
C4' ATP B . -9.00 -8.58 0.14
O4' ATP B . -8.71 -8.78 1.54
C3' ATP B . -10.22 -7.68 0.13
O3' ATP B . -10.96 -7.79 -1.08
C2' ATP B . -11.00 -8.18 1.33
O2' ATP B . -11.65 -9.40 1.05
C1' ATP B . -9.86 -8.46 2.31
N9 ATP B . -9.53 -7.32 3.17
C8 ATP B . -8.63 -6.31 2.92
N7 ATP B . -8.56 -5.43 3.89
C5 ATP B . -9.47 -5.89 4.84
C6 ATP B . -9.86 -5.39 6.08
N6 ATP B . -9.37 -4.28 6.64
N1 ATP B . -10.79 -6.10 6.78
C2 ATP B . -11.29 -7.21 6.23
N3 ATP B . -11.00 -7.77 5.05
C4 ATP B . -10.07 -7.06 4.40
H5'1 ATP B . -7.31 -8.77 -1.17
H5'2 ATP B . -8.06 -7.16 -1.16
H4' ATP B . -9.27 -9.49 -0.39
H3' ATP B . -9.95 -6.63 0.22
HO3' ATP B . -10.32 -7.93 -1.79
H2' ATP B . -11.67 -7.41 1.71
HO2' ATP B . -12.51 -9.19 0.67
H1' ATP B . -10.07 -9.32 2.95
H8 ATP B . -8.04 -6.25 2.02
HN61 ATP B . -8.67 -3.74 6.15
HN62 ATP B . -9.69 -3.98 7.54
H2 ATP B . -12.03 -7.73 6.82
N GLY A 1 6.28 -15.63 5.39
CA GLY A 1 6.10 -16.36 6.67
C GLY A 1 5.71 -15.44 7.81
N PRO A 2 6.08 -15.79 9.06
CA PRO A 2 5.77 -14.97 10.23
C PRO A 2 6.55 -13.67 10.26
N LEU A 3 6.51 -12.99 11.40
CA LEU A 3 7.22 -11.72 11.55
C LEU A 3 6.72 -10.69 10.55
N GLY A 4 7.31 -9.49 10.58
CA GLY A 4 6.90 -8.44 9.67
C GLY A 4 8.10 -7.73 9.05
N SER A 5 8.98 -8.51 8.41
CA SER A 5 10.16 -7.95 7.77
C SER A 5 10.80 -8.98 6.87
N MET A 6 10.99 -8.61 5.61
CA MET A 6 11.60 -9.51 4.63
C MET A 6 12.78 -8.84 3.93
N ASP A 7 13.99 -9.25 4.31
CA ASP A 7 15.20 -8.68 3.71
C ASP A 7 15.52 -9.33 2.36
N SER A 8 14.49 -9.88 1.71
CA SER A 8 14.67 -10.53 0.41
C SER A 8 13.36 -11.16 -0.06
N PRO A 9 12.85 -10.76 -1.23
CA PRO A 9 11.60 -11.32 -1.76
C PRO A 9 11.68 -12.82 -2.01
N PRO A 10 10.96 -13.63 -1.22
CA PRO A 10 10.97 -15.08 -1.36
C PRO A 10 9.94 -15.57 -2.36
N GLU A 11 9.74 -16.87 -2.39
CA GLU A 11 8.79 -17.49 -3.30
C GLU A 11 7.40 -17.58 -2.67
N GLY A 12 6.39 -17.75 -3.50
CA GLY A 12 5.03 -17.85 -3.01
C GLY A 12 4.29 -16.53 -3.10
N TYR A 13 5.02 -15.43 -2.97
CA TYR A 13 4.42 -14.10 -3.04
C TYR A 13 4.88 -13.36 -4.29
N ARG A 14 3.93 -12.73 -4.97
CA ARG A 14 4.23 -11.98 -6.19
C ARG A 14 4.82 -10.61 -5.87
N ARG A 15 5.62 -10.07 -6.79
CA ARG A 15 6.24 -8.77 -6.59
C ARG A 15 5.18 -7.70 -6.35
N ASN A 16 5.46 -6.79 -5.42
CA ASN A 16 4.55 -5.71 -5.10
C ASN A 16 5.29 -4.52 -4.55
N VAL A 17 4.64 -3.35 -4.58
CA VAL A 17 5.24 -2.13 -4.06
C VAL A 17 4.20 -1.27 -3.35
N GLY A 18 4.48 -0.95 -2.09
CA GLY A 18 3.56 -0.13 -1.32
C GLY A 18 3.97 1.33 -1.29
N ILE A 19 2.98 2.22 -1.24
CA ILE A 19 3.24 3.65 -1.21
C ILE A 19 2.64 4.30 0.03
N CYS A 20 3.48 4.57 1.02
CA CYS A 20 3.03 5.20 2.25
C CYS A 20 3.13 6.72 2.10
N LEU A 21 2.00 7.38 1.91
CA LEU A 21 1.98 8.82 1.73
C LEU A 21 1.53 9.54 3.00
N MET A 22 2.07 10.73 3.21
CA MET A 22 1.73 11.53 4.38
C MET A 22 1.36 12.94 3.98
N ASN A 23 0.61 13.62 4.85
CA ASN A 23 0.18 14.98 4.57
C ASN A 23 0.98 15.99 5.40
N ASN A 24 0.82 17.27 5.07
CA ASN A 24 1.53 18.33 5.78
C ASN A 24 1.26 18.29 7.28
N ASP A 25 0.21 17.57 7.68
CA ASP A 25 -0.15 17.46 9.10
C ASP A 25 0.57 16.28 9.74
N LYS A 26 1.39 15.57 8.95
CA LYS A 26 2.14 14.43 9.43
C LYS A 26 1.25 13.19 9.58
N LYS A 27 0.18 13.13 8.80
CA LYS A 27 -0.72 11.99 8.84
C LYS A 27 -0.40 11.03 7.71
N ILE A 28 -1.02 9.87 7.71
CA ILE A 28 -0.78 8.88 6.67
C ILE A 28 -1.98 8.74 5.74
N PHE A 29 -1.74 9.00 4.46
CA PHE A 29 -2.79 8.93 3.45
C PHE A 29 -3.47 7.56 3.45
N ALA A 30 -4.70 7.53 3.94
CA ALA A 30 -5.47 6.29 4.00
C ALA A 30 -6.71 6.38 3.12
N ALA A 31 -7.04 5.28 2.46
CA ALA A 31 -8.20 5.24 1.58
C ALA A 31 -9.14 4.09 1.95
N SER A 32 -10.43 4.35 1.90
CA SER A 32 -11.43 3.34 2.22
C SER A 32 -11.71 2.45 1.01
N ARG A 33 -12.23 1.26 1.26
CA ARG A 33 -12.52 0.32 0.19
C ARG A 33 -13.76 0.71 -0.58
N LEU A 34 -13.87 0.19 -1.80
CA LEU A 34 -15.02 0.45 -2.64
C LEU A 34 -16.05 -0.66 -2.48
N ASP A 35 -15.69 -1.69 -1.71
CA ASP A 35 -16.59 -2.81 -1.48
C ASP A 35 -16.75 -3.14 0.00
N ILE A 36 -15.85 -2.63 0.85
CA ILE A 36 -15.94 -2.90 2.27
C ILE A 36 -16.05 -1.61 3.06
N PRO A 37 -17.21 -1.36 3.70
CA PRO A 37 -17.41 -0.14 4.50
C PRO A 37 -16.50 -0.11 5.71
N ASP A 38 -15.85 1.03 5.89
CA ASP A 38 -14.93 1.22 7.02
C ASP A 38 -13.61 0.52 6.80
N ALA A 39 -13.45 -0.07 5.63
CA ALA A 39 -12.22 -0.77 5.29
C ALA A 39 -11.22 0.19 4.67
N TRP A 40 -10.30 0.67 5.49
CA TRP A 40 -9.29 1.61 5.03
C TRP A 40 -7.95 0.91 4.81
N GLN A 41 -7.14 1.49 3.96
CA GLN A 41 -5.82 0.93 3.64
C GLN A 41 -5.00 1.93 2.84
N MET A 42 -3.80 1.50 2.44
CA MET A 42 -2.91 2.36 1.66
C MET A 42 -2.73 1.81 0.25
N PRO A 43 -2.40 2.67 -0.72
CA PRO A 43 -2.20 2.25 -2.12
C PRO A 43 -1.01 1.32 -2.28
N GLN A 44 -1.15 0.34 -3.16
CA GLN A 44 -0.07 -0.62 -3.41
C GLN A 44 -0.19 -1.20 -4.81
N GLY A 45 0.81 -2.00 -5.21
CA GLY A 45 0.81 -2.61 -6.52
C GLY A 45 1.56 -3.92 -6.55
N GLY A 46 1.59 -4.56 -7.73
CA GLY A 46 2.28 -5.84 -7.87
C GLY A 46 3.49 -5.73 -8.77
N ILE A 47 4.04 -4.52 -8.90
CA ILE A 47 5.21 -4.27 -9.73
C ILE A 47 5.02 -4.82 -11.15
N ASP A 48 5.77 -4.28 -12.09
CA ASP A 48 5.69 -4.71 -13.48
C ASP A 48 6.69 -5.84 -13.77
N GLU A 49 6.66 -6.36 -14.98
CA GLU A 49 7.56 -7.43 -15.38
C GLU A 49 9.00 -6.94 -15.39
N GLY A 50 9.70 -7.22 -14.31
CA GLY A 50 11.08 -6.80 -14.18
C GLY A 50 11.18 -5.29 -13.99
N GLU A 51 10.41 -4.78 -13.04
CA GLU A 51 10.38 -3.36 -12.74
C GLU A 51 10.96 -3.09 -11.37
N ASP A 52 11.59 -1.93 -11.23
CA ASP A 52 12.17 -1.52 -9.96
C ASP A 52 11.07 -1.23 -8.94
N PRO A 53 11.22 -1.72 -7.69
CA PRO A 53 10.23 -1.51 -6.64
C PRO A 53 9.85 -0.04 -6.47
N ARG A 54 10.82 0.79 -6.15
CA ARG A 54 10.58 2.22 -5.95
C ARG A 54 9.92 2.84 -7.18
N ASN A 55 10.15 2.26 -8.35
CA ASN A 55 9.57 2.76 -9.58
C ASN A 55 8.14 2.28 -9.75
N ALA A 56 7.94 0.97 -9.58
CA ALA A 56 6.61 0.39 -9.70
C ALA A 56 5.64 1.05 -8.72
N ALA A 57 6.17 1.48 -7.58
CA ALA A 57 5.37 2.14 -6.56
C ALA A 57 5.00 3.55 -7.01
N ILE A 58 6.01 4.32 -7.39
CA ILE A 58 5.79 5.67 -7.87
C ILE A 58 4.83 5.67 -9.04
N ARG A 59 4.83 4.57 -9.78
CA ARG A 59 3.95 4.42 -10.94
C ARG A 59 2.59 3.93 -10.47
N GLU A 60 2.63 2.86 -9.71
CA GLU A 60 1.42 2.23 -9.18
C GLU A 60 0.54 3.23 -8.45
N LEU A 61 1.15 4.01 -7.57
CA LEU A 61 0.40 5.01 -6.79
C LEU A 61 -0.40 5.92 -7.71
N ARG A 62 0.29 6.55 -8.65
CA ARG A 62 -0.36 7.44 -9.60
C ARG A 62 -1.45 6.69 -10.38
N GLU A 63 -1.40 5.36 -10.32
CA GLU A 63 -2.38 4.54 -11.03
C GLU A 63 -3.58 4.20 -10.15
N GLU A 64 -3.33 3.96 -8.87
CA GLU A 64 -4.39 3.60 -7.94
C GLU A 64 -4.99 4.82 -7.24
N THR A 65 -4.20 5.88 -7.09
CA THR A 65 -4.68 7.09 -6.43
C THR A 65 -4.56 8.29 -7.34
N GLY A 66 -3.69 8.20 -8.33
CA GLY A 66 -3.50 9.29 -9.25
C GLY A 66 -2.72 10.45 -8.65
N VAL A 67 -2.23 10.27 -7.43
CA VAL A 67 -1.47 11.33 -6.76
C VAL A 67 -0.21 11.64 -7.55
N THR A 68 -0.18 12.80 -8.19
CA THR A 68 0.97 13.21 -8.98
C THR A 68 1.98 14.00 -8.15
N SER A 69 1.48 14.78 -7.19
CA SER A 69 2.34 15.58 -6.34
C SER A 69 2.74 14.79 -5.09
N ALA A 70 3.65 13.86 -5.28
CA ALA A 70 4.14 13.03 -4.18
C ALA A 70 5.58 12.60 -4.42
N GLU A 71 6.43 12.87 -3.45
CA GLU A 71 7.84 12.51 -3.53
C GLU A 71 8.20 11.55 -2.40
N VAL A 72 9.15 10.67 -2.66
CA VAL A 72 9.56 9.69 -1.66
C VAL A 72 10.47 10.31 -0.61
N ILE A 73 10.07 10.11 0.65
CA ILE A 73 10.84 10.61 1.78
C ILE A 73 11.55 9.48 2.49
N ALA A 74 11.05 8.25 2.27
CA ALA A 74 11.65 7.08 2.90
C ALA A 74 11.35 5.82 2.09
N GLU A 75 12.13 4.77 2.34
CA GLU A 75 11.95 3.51 1.66
C GLU A 75 12.34 2.35 2.57
N VAL A 76 11.36 1.54 2.94
CA VAL A 76 11.62 0.39 3.81
C VAL A 76 12.66 -0.52 3.18
N PRO A 77 13.75 -0.82 3.93
CA PRO A 77 14.83 -1.67 3.43
C PRO A 77 14.47 -3.15 3.33
N TYR A 78 13.31 -3.52 3.88
CA TYR A 78 12.88 -4.92 3.85
C TYR A 78 11.46 -5.06 3.31
N TRP A 79 11.27 -6.01 2.39
CA TRP A 79 9.96 -6.25 1.83
C TRP A 79 9.03 -6.77 2.90
N LEU A 80 7.76 -6.43 2.78
CA LEU A 80 6.76 -6.88 3.74
C LEU A 80 5.79 -7.83 3.06
N THR A 81 5.76 -9.06 3.54
CA THR A 81 4.89 -10.07 2.97
C THR A 81 3.83 -10.50 3.98
N TYR A 82 2.59 -10.54 3.52
CA TYR A 82 1.47 -10.94 4.38
C TYR A 82 0.61 -11.98 3.67
N ASP A 83 -0.31 -12.57 4.41
CA ASP A 83 -1.20 -13.59 3.85
C ASP A 83 -2.66 -13.24 4.09
N PHE A 84 -3.54 -13.82 3.28
CA PHE A 84 -4.97 -13.57 3.39
C PHE A 84 -5.69 -14.81 3.91
N PRO A 85 -6.85 -14.63 4.55
CA PRO A 85 -7.64 -15.74 5.10
C PRO A 85 -8.12 -16.69 4.01
N PRO A 86 -8.69 -17.84 4.41
CA PRO A 86 -9.19 -18.86 3.47
C PRO A 86 -10.35 -18.36 2.61
N LYS A 87 -10.98 -17.27 3.04
CA LYS A 87 -12.10 -16.70 2.31
C LYS A 87 -11.61 -15.65 1.33
N VAL A 88 -10.56 -14.95 1.73
CA VAL A 88 -9.97 -13.91 0.90
C VAL A 88 -9.00 -14.53 -0.11
N ARG A 89 -8.12 -15.41 0.39
CA ARG A 89 -7.15 -16.07 -0.46
C ARG A 89 -7.88 -16.86 -1.54
N GLU A 90 -8.91 -17.57 -1.10
CA GLU A 90 -9.73 -18.38 -1.99
C GLU A 90 -10.55 -17.48 -2.91
N LYS A 91 -10.85 -16.28 -2.44
CA LYS A 91 -11.62 -15.32 -3.23
C LYS A 91 -10.74 -14.67 -4.30
N LEU A 92 -9.55 -14.24 -3.90
CA LEU A 92 -8.62 -13.62 -4.83
C LEU A 92 -8.31 -14.56 -5.98
N ASN A 93 -8.01 -15.82 -5.64
CA ASN A 93 -7.70 -16.82 -6.65
C ASN A 93 -8.71 -16.77 -7.79
N ILE A 94 -9.95 -16.39 -7.46
CA ILE A 94 -11.00 -16.28 -8.47
C ILE A 94 -11.15 -14.85 -8.95
N GLN A 95 -11.24 -13.92 -8.01
CA GLN A 95 -11.39 -12.50 -8.34
C GLN A 95 -10.14 -11.97 -9.03
N TRP A 96 -9.01 -12.10 -8.34
CA TRP A 96 -7.73 -11.64 -8.88
C TRP A 96 -7.20 -12.61 -9.93
N GLY A 97 -7.46 -13.90 -9.73
CA GLY A 97 -7.00 -14.90 -10.67
C GLY A 97 -5.55 -15.25 -10.47
N SER A 98 -5.09 -15.24 -9.21
CA SER A 98 -3.71 -15.55 -8.90
C SER A 98 -3.64 -16.66 -7.85
N ASP A 99 -2.60 -17.48 -7.95
CA ASP A 99 -2.40 -18.58 -7.01
C ASP A 99 -1.21 -18.30 -6.09
N TRP A 100 -1.17 -17.11 -5.52
CA TRP A 100 -0.09 -16.72 -4.62
C TRP A 100 -0.57 -16.72 -3.17
N LYS A 101 0.35 -17.00 -2.25
CA LYS A 101 0.03 -17.04 -0.84
C LYS A 101 -0.18 -15.63 -0.30
N GLY A 102 0.51 -14.66 -0.89
CA GLY A 102 0.39 -13.29 -0.45
C GLY A 102 1.05 -12.33 -1.43
N GLN A 103 1.72 -11.32 -0.89
CA GLN A 103 2.39 -10.33 -1.72
C GLN A 103 3.51 -9.62 -0.97
N ALA A 104 4.74 -9.81 -1.43
CA ALA A 104 5.89 -9.18 -0.81
C ALA A 104 6.11 -7.80 -1.42
N GLN A 105 5.82 -6.75 -0.66
CA GLN A 105 5.98 -5.39 -1.16
C GLN A 105 6.95 -4.56 -0.33
N LYS A 106 7.59 -3.60 -1.01
CA LYS A 106 8.54 -2.70 -0.38
C LYS A 106 7.92 -1.31 -0.26
N TRP A 107 7.34 -1.02 0.89
CA TRP A 107 6.68 0.26 1.11
C TRP A 107 7.64 1.43 1.03
N PHE A 108 7.18 2.50 0.39
CA PHE A 108 7.97 3.71 0.23
C PHE A 108 7.21 4.91 0.79
N LEU A 109 7.87 5.73 1.59
CA LEU A 109 7.22 6.91 2.16
C LEU A 109 7.17 8.04 1.14
N PHE A 110 5.99 8.63 0.98
CA PHE A 110 5.81 9.72 0.03
C PHE A 110 5.23 10.95 0.70
N LYS A 111 5.87 12.09 0.49
CA LYS A 111 5.37 13.35 1.05
C LYS A 111 4.48 14.04 0.02
N PHE A 112 3.23 14.29 0.38
CA PHE A 112 2.30 14.93 -0.54
C PHE A 112 2.71 16.36 -0.81
N THR A 113 2.90 16.68 -2.08
CA THR A 113 3.29 18.03 -2.49
C THR A 113 2.31 18.60 -3.50
N GLY A 114 1.03 18.30 -3.30
CA GLY A 114 0.00 18.78 -4.18
C GLY A 114 -1.22 19.26 -3.43
N GLN A 115 -2.39 19.05 -4.01
CA GLN A 115 -3.64 19.45 -3.39
C GLN A 115 -4.60 18.27 -3.35
N ASP A 116 -5.52 18.30 -2.40
CA ASP A 116 -6.50 17.24 -2.25
C ASP A 116 -7.20 16.95 -3.58
N GLN A 117 -7.08 17.86 -4.54
CA GLN A 117 -7.71 17.69 -5.85
C GLN A 117 -6.92 16.70 -6.70
N GLU A 118 -5.65 16.50 -6.35
CA GLU A 118 -4.79 15.58 -7.08
C GLU A 118 -5.09 14.14 -6.72
N ILE A 119 -5.63 13.95 -5.52
CA ILE A 119 -5.97 12.62 -5.04
C ILE A 119 -7.19 12.05 -5.77
N ASN A 120 -6.94 11.14 -6.68
CA ASN A 120 -8.02 10.50 -7.45
C ASN A 120 -7.99 8.99 -7.20
N LEU A 121 -8.82 8.56 -6.26
CA LEU A 121 -8.90 7.14 -5.90
C LEU A 121 -9.19 6.28 -7.13
N LEU A 122 -9.76 6.87 -8.16
CA LEU A 122 -10.06 6.13 -9.39
C LEU A 122 -8.77 5.64 -10.03
N GLY A 123 -7.91 6.59 -10.36
CA GLY A 123 -6.64 6.28 -10.98
C GLY A 123 -6.24 7.32 -11.99
N ASP A 124 -5.18 7.04 -12.73
CA ASP A 124 -4.71 7.95 -13.74
C ASP A 124 -5.31 7.59 -15.10
N GLY A 125 -6.57 7.19 -15.08
CA GLY A 125 -7.25 6.81 -16.30
C GLY A 125 -6.64 5.56 -16.93
N SER A 126 -6.05 4.73 -16.08
CA SER A 126 -5.43 3.49 -16.55
C SER A 126 -6.27 2.27 -16.18
N GLU A 127 -6.42 2.02 -14.89
CA GLU A 127 -7.20 0.89 -14.41
C GLU A 127 -8.43 1.34 -13.64
N LYS A 128 -9.37 0.43 -13.45
CA LYS A 128 -10.61 0.73 -12.73
C LYS A 128 -10.31 1.19 -11.31
N PRO A 129 -11.20 2.01 -10.72
CA PRO A 129 -11.02 2.52 -9.36
C PRO A 129 -10.70 1.42 -8.35
N GLU A 130 -10.52 1.81 -7.10
CA GLU A 130 -10.21 0.87 -6.03
C GLU A 130 -10.79 1.34 -4.70
N PHE A 131 -10.61 2.63 -4.42
CA PHE A 131 -11.12 3.21 -3.18
C PHE A 131 -12.27 4.16 -3.48
N GLY A 132 -13.09 4.44 -2.46
CA GLY A 132 -14.21 5.34 -2.64
C GLY A 132 -14.04 6.62 -1.85
N GLU A 133 -13.20 6.53 -0.82
CA GLU A 133 -12.93 7.66 0.04
C GLU A 133 -11.53 7.56 0.64
N TRP A 134 -11.14 8.59 1.35
CA TRP A 134 -9.83 8.62 1.99
C TRP A 134 -9.80 9.64 3.12
N SER A 135 -8.87 9.43 4.06
CA SER A 135 -8.74 10.32 5.20
C SER A 135 -7.31 10.30 5.75
N TRP A 136 -6.96 11.34 6.51
CA TRP A 136 -5.65 11.45 7.11
C TRP A 136 -5.65 10.89 8.52
N VAL A 137 -4.78 9.93 8.77
CA VAL A 137 -4.70 9.30 10.09
C VAL A 137 -3.27 9.15 10.55
N THR A 138 -3.08 9.19 11.87
CA THR A 138 -1.76 9.04 12.46
C THR A 138 -1.27 7.61 12.27
N PRO A 139 0.05 7.37 12.38
CA PRO A 139 0.60 6.02 12.22
C PRO A 139 -0.01 5.03 13.20
N GLU A 140 -0.63 5.57 14.25
CA GLU A 140 -1.28 4.75 15.26
C GLU A 140 -2.75 4.53 14.90
N GLN A 141 -3.35 5.54 14.28
CA GLN A 141 -4.74 5.45 13.87
C GLN A 141 -4.88 4.51 12.69
N LEU A 142 -4.06 4.74 11.67
CA LEU A 142 -4.08 3.89 10.47
C LEU A 142 -3.89 2.44 10.88
N ILE A 143 -3.16 2.26 11.95
CA ILE A 143 -2.90 0.93 12.49
C ILE A 143 -4.19 0.35 13.06
N ASP A 144 -5.07 1.23 13.51
CA ASP A 144 -6.35 0.82 14.05
C ASP A 144 -7.34 0.52 12.92
N LEU A 145 -7.06 1.08 11.75
CA LEU A 145 -7.90 0.89 10.59
C LEU A 145 -7.51 -0.41 9.88
N THR A 146 -6.21 -0.65 9.83
CA THR A 146 -5.67 -1.85 9.18
C THR A 146 -6.26 -3.12 9.79
N VAL A 147 -6.11 -4.23 9.08
CA VAL A 147 -6.64 -5.51 9.54
C VAL A 147 -5.58 -6.27 10.35
N GLU A 148 -6.02 -7.28 11.08
CA GLU A 148 -5.12 -8.10 11.90
C GLU A 148 -3.97 -8.68 11.08
N PHE A 149 -4.24 -9.03 9.83
CA PHE A 149 -3.20 -9.60 8.98
C PHE A 149 -2.45 -8.53 8.19
N LYS A 150 -2.67 -7.26 8.54
CA LYS A 150 -1.99 -6.16 7.87
C LYS A 150 -1.41 -5.16 8.88
N LYS A 151 -1.66 -5.38 10.16
CA LYS A 151 -1.16 -4.50 11.21
C LYS A 151 0.37 -4.41 11.17
N PRO A 152 1.07 -5.54 11.40
CA PRO A 152 2.53 -5.57 11.39
C PRO A 152 3.11 -5.09 10.06
N VAL A 153 2.49 -5.52 8.97
CA VAL A 153 2.93 -5.13 7.63
C VAL A 153 2.88 -3.62 7.46
N TYR A 154 1.99 -2.98 8.19
CA TYR A 154 1.85 -1.53 8.14
C TYR A 154 2.72 -0.87 9.20
N LYS A 155 2.60 -1.34 10.44
CA LYS A 155 3.38 -0.80 11.54
C LYS A 155 4.86 -0.76 11.18
N GLU A 156 5.29 -1.73 10.39
CA GLU A 156 6.67 -1.82 9.96
C GLU A 156 6.99 -0.64 9.05
N VAL A 157 6.08 -0.37 8.12
CA VAL A 157 6.24 0.74 7.19
C VAL A 157 6.36 2.05 7.95
N LEU A 158 5.44 2.26 8.88
CA LEU A 158 5.45 3.46 9.71
C LEU A 158 6.73 3.51 10.52
N SER A 159 7.03 2.39 11.18
CA SER A 159 8.22 2.29 12.00
C SER A 159 9.45 2.77 11.23
N VAL A 160 9.60 2.31 10.00
CA VAL A 160 10.72 2.70 9.16
C VAL A 160 10.59 4.17 8.76
N PHE A 161 9.35 4.66 8.74
CA PHE A 161 9.07 6.03 8.37
C PHE A 161 8.77 6.91 9.59
N ALA A 162 9.05 6.38 10.77
CA ALA A 162 8.83 7.10 12.01
C ALA A 162 9.51 8.46 12.00
N PRO A 163 10.84 8.49 11.81
CA PRO A 163 11.60 9.75 11.78
C PRO A 163 11.08 10.73 10.74
N HIS A 164 10.36 10.21 9.75
CA HIS A 164 9.79 11.05 8.71
C HIS A 164 8.39 11.52 9.08
N LEU A 165 7.79 10.88 10.09
CA LEU A 165 6.45 11.24 10.53
C LEU A 165 6.50 11.91 11.90
PG ATP B . -4.01 -4.25 -3.95
O1G ATP B . -2.73 -4.82 -4.44
O2G ATP B . -4.87 -4.38 -5.15
O3G ATP B . -4.06 -2.85 -3.46
PB ATP B . -5.67 -4.91 -1.90
O1B ATP B . -6.78 -5.76 -2.39
O2B ATP B . -5.89 -3.46 -1.72
O3B ATP B . -4.55 -5.10 -2.86
PA ATP B . -5.10 -6.85 -0.05
O1A ATP B . -4.44 -6.96 1.28
O2A ATP B . -4.59 -7.66 -1.17
O3A ATP B . -5.39 -5.49 -0.56
O5' ATP B . -6.61 -7.27 0.26
C5' ATP B . -7.32 -8.16 -0.61
C4' ATP B . -8.55 -8.68 0.09
O4' ATP B . -8.28 -8.84 1.51
C3' ATP B . -9.76 -7.76 0.05
O3' ATP B . -10.49 -7.90 -1.17
C2' ATP B . -10.55 -8.22 1.26
O2' ATP B . -11.23 -9.43 0.99
C1' ATP B . -9.43 -8.49 2.25
N9 ATP B . -9.11 -7.34 3.10
C8 ATP B . -8.21 -6.34 2.86
N7 ATP B . -8.15 -5.45 3.83
C5 ATP B . -9.07 -5.89 4.75
C6 ATP B . -9.48 -5.39 6.00
N6 ATP B . -8.98 -4.27 6.55
N1 ATP B . -10.42 -6.07 6.68
C2 ATP B . -10.91 -7.20 6.13
N3 ATP B . -10.61 -7.77 4.98
C4 ATP B . -9.67 -7.06 4.32
H5'1 ATP B . -6.67 -8.99 -0.87
H5'2 ATP B . -7.61 -7.64 -1.51
H4' ATP B . -8.84 -9.60 -0.40
H3' ATP B . -9.48 -6.72 0.11
HO3' ATP B . -9.86 -7.97 -1.88
H2' ATP B . -11.23 -7.43 1.60
HO2' ATP B . -11.02 -9.69 0.10
H1' ATP B . -9.65 -9.33 2.89
H8 ATP B . -7.60 -6.29 1.97
HN61 ATP B . -8.29 -3.74 6.06
HN62 ATP B . -9.32 -3.95 7.45
H2 ATP B . -11.67 -7.71 6.72
N GLY A 1 10.25 -16.74 11.23
CA GLY A 1 8.83 -17.11 11.54
C GLY A 1 7.98 -15.89 11.82
N PRO A 2 8.04 -15.34 13.04
CA PRO A 2 7.25 -14.16 13.43
C PRO A 2 7.73 -12.90 12.72
N LEU A 3 7.24 -11.75 13.20
CA LEU A 3 7.62 -10.47 12.61
C LEU A 3 7.18 -10.38 11.15
N GLY A 4 7.09 -9.16 10.64
CA GLY A 4 6.69 -8.97 9.26
C GLY A 4 7.75 -8.26 8.44
N SER A 5 8.83 -8.97 8.14
CA SER A 5 9.92 -8.40 7.36
C SER A 5 10.56 -9.47 6.47
N MET A 6 10.38 -9.33 5.17
CA MET A 6 10.95 -10.27 4.22
C MET A 6 12.16 -9.67 3.51
N ASP A 7 13.35 -10.12 3.88
CA ASP A 7 14.58 -9.63 3.28
C ASP A 7 14.87 -10.31 1.94
N SER A 8 13.82 -10.81 1.29
CA SER A 8 13.95 -11.46 0.00
C SER A 8 12.61 -11.98 -0.49
N PRO A 9 12.21 -11.66 -1.73
CA PRO A 9 10.93 -12.10 -2.30
C PRO A 9 10.83 -13.62 -2.37
N PRO A 10 9.96 -14.23 -1.53
CA PRO A 10 9.76 -15.67 -1.50
C PRO A 10 8.88 -16.16 -2.64
N GLU A 11 8.61 -17.45 -2.65
CA GLU A 11 7.77 -18.05 -3.68
C GLU A 11 6.31 -18.06 -3.25
N GLY A 12 5.41 -18.01 -4.22
CA GLY A 12 3.99 -18.01 -3.93
C GLY A 12 3.40 -16.62 -3.88
N TYR A 13 4.23 -15.63 -3.56
CA TYR A 13 3.77 -14.25 -3.48
C TYR A 13 4.11 -13.49 -4.77
N ARG A 14 3.17 -12.67 -5.22
CA ARG A 14 3.35 -11.88 -6.43
C ARG A 14 4.10 -10.58 -6.14
N ARG A 15 4.81 -10.08 -7.14
CA ARG A 15 5.58 -8.84 -6.99
C ARG A 15 4.64 -7.63 -6.92
N ASN A 16 4.86 -6.79 -5.91
CA ASN A 16 4.04 -5.60 -5.73
C ASN A 16 4.82 -4.52 -4.99
N VAL A 17 4.35 -3.28 -5.09
CA VAL A 17 5.01 -2.16 -4.42
C VAL A 17 4.02 -1.31 -3.64
N GLY A 18 4.38 -0.95 -2.42
CA GLY A 18 3.53 -0.12 -1.59
C GLY A 18 3.99 1.31 -1.52
N ILE A 19 3.05 2.23 -1.35
CA ILE A 19 3.38 3.65 -1.28
C ILE A 19 2.82 4.30 -0.01
N CYS A 20 3.69 4.50 0.98
CA CYS A 20 3.28 5.13 2.22
C CYS A 20 3.45 6.64 2.11
N LEU A 21 2.35 7.34 1.86
CA LEU A 21 2.39 8.79 1.71
C LEU A 21 1.88 9.48 2.97
N MET A 22 2.50 10.62 3.29
CA MET A 22 2.13 11.38 4.47
C MET A 22 1.83 12.83 4.10
N ASN A 23 1.05 13.49 4.95
CA ASN A 23 0.67 14.88 4.72
C ASN A 23 1.55 15.83 5.52
N ASN A 24 1.42 17.13 5.24
CA ASN A 24 2.19 18.15 5.94
C ASN A 24 1.96 18.09 7.45
N ASP A 25 0.91 17.41 7.88
CA ASP A 25 0.58 17.28 9.29
C ASP A 25 1.28 16.06 9.90
N LYS A 26 2.05 15.35 9.08
CA LYS A 26 2.79 14.17 9.52
C LYS A 26 1.86 12.96 9.67
N LYS A 27 0.77 12.95 8.91
CA LYS A 27 -0.16 11.82 8.96
C LYS A 27 0.11 10.89 7.79
N ILE A 28 -0.55 9.74 7.78
CA ILE A 28 -0.37 8.78 6.71
C ILE A 28 -1.62 8.69 5.84
N PHE A 29 -1.44 8.93 4.55
CA PHE A 29 -2.55 8.88 3.61
C PHE A 29 -3.27 7.54 3.67
N ALA A 30 -4.50 7.56 4.18
CA ALA A 30 -5.30 6.35 4.29
C ALA A 30 -6.54 6.44 3.41
N ALA A 31 -6.78 5.42 2.61
CA ALA A 31 -7.93 5.41 1.72
C ALA A 31 -8.89 4.29 2.08
N SER A 32 -10.19 4.60 2.04
CA SER A 32 -11.22 3.63 2.36
C SER A 32 -11.51 2.73 1.16
N ARG A 33 -12.07 1.55 1.43
CA ARG A 33 -12.39 0.61 0.37
C ARG A 33 -13.59 1.06 -0.44
N LEU A 34 -13.70 0.51 -1.64
CA LEU A 34 -14.81 0.82 -2.51
C LEU A 34 -15.92 -0.21 -2.33
N ASP A 35 -15.64 -1.24 -1.52
CA ASP A 35 -16.61 -2.30 -1.28
C ASP A 35 -16.82 -2.57 0.22
N ILE A 36 -15.89 -2.12 1.05
CA ILE A 36 -16.01 -2.34 2.48
C ILE A 36 -16.04 -1.02 3.25
N PRO A 37 -17.19 -0.68 3.87
CA PRO A 37 -17.31 0.56 4.63
C PRO A 37 -16.41 0.55 5.85
N ASP A 38 -15.69 1.65 6.03
CA ASP A 38 -14.77 1.80 7.17
C ASP A 38 -13.49 1.01 6.98
N ALA A 39 -13.36 0.41 5.81
CA ALA A 39 -12.17 -0.37 5.49
C ALA A 39 -11.12 0.51 4.83
N TRP A 40 -10.17 0.97 5.65
CA TRP A 40 -9.10 1.82 5.16
C TRP A 40 -7.80 1.05 5.00
N GLN A 41 -6.94 1.54 4.13
CA GLN A 41 -5.65 0.92 3.88
C GLN A 41 -4.75 1.84 3.06
N MET A 42 -3.49 1.46 2.91
CA MET A 42 -2.53 2.25 2.15
C MET A 42 -2.54 1.82 0.68
N PRO A 43 -2.16 2.73 -0.24
CA PRO A 43 -2.12 2.43 -1.67
C PRO A 43 -1.01 1.45 -2.04
N GLN A 44 -1.33 0.53 -2.94
CA GLN A 44 -0.36 -0.48 -3.38
C GLN A 44 -0.66 -0.91 -4.82
N GLY A 45 0.32 -1.52 -5.47
CA GLY A 45 0.14 -1.97 -6.83
C GLY A 45 1.22 -2.94 -7.28
N GLY A 46 0.82 -3.95 -8.05
CA GLY A 46 1.78 -4.93 -8.53
C GLY A 46 2.89 -4.30 -9.34
N ILE A 47 4.12 -4.81 -9.17
CA ILE A 47 5.26 -4.29 -9.89
C ILE A 47 5.21 -4.72 -11.35
N ASP A 48 5.92 -4.00 -12.21
CA ASP A 48 5.96 -4.32 -13.63
C ASP A 48 7.11 -5.28 -13.95
N GLU A 49 6.91 -6.12 -14.96
CA GLU A 49 7.92 -7.08 -15.36
C GLU A 49 9.27 -6.42 -15.55
N GLY A 50 10.12 -6.55 -14.54
CA GLY A 50 11.44 -5.95 -14.59
C GLY A 50 11.39 -4.48 -14.25
N GLU A 51 10.58 -4.13 -13.26
CA GLU A 51 10.43 -2.75 -12.83
C GLU A 51 11.04 -2.55 -11.44
N ASP A 52 11.57 -1.36 -11.23
CA ASP A 52 12.17 -1.01 -9.95
C ASP A 52 11.10 -0.77 -8.89
N PRO A 53 11.23 -1.39 -7.71
CA PRO A 53 10.25 -1.24 -6.63
C PRO A 53 9.96 0.23 -6.30
N ARG A 54 10.93 1.10 -6.59
CA ARG A 54 10.77 2.52 -6.33
C ARG A 54 10.08 3.22 -7.50
N ASN A 55 10.15 2.61 -8.67
CA ASN A 55 9.53 3.17 -9.86
C ASN A 55 8.11 2.66 -10.01
N ALA A 56 7.92 1.37 -9.73
CA ALA A 56 6.60 0.76 -9.82
C ALA A 56 5.66 1.39 -8.80
N ALA A 57 6.22 1.83 -7.69
CA ALA A 57 5.44 2.46 -6.63
C ALA A 57 5.05 3.88 -7.05
N ILE A 58 6.04 4.66 -7.49
CA ILE A 58 5.80 6.02 -7.93
C ILE A 58 4.78 6.02 -9.07
N ARG A 59 4.78 4.95 -9.84
CA ARG A 59 3.85 4.80 -10.95
C ARG A 59 2.51 4.33 -10.44
N GLU A 60 2.56 3.24 -9.69
CA GLU A 60 1.36 2.63 -9.13
C GLU A 60 0.52 3.64 -8.35
N LEU A 61 1.19 4.40 -7.46
CA LEU A 61 0.49 5.40 -6.65
C LEU A 61 -0.27 6.37 -7.53
N ARG A 62 0.42 6.99 -8.47
CA ARG A 62 -0.20 7.94 -9.37
C ARG A 62 -1.28 7.24 -10.20
N GLU A 63 -1.27 5.91 -10.18
CA GLU A 63 -2.26 5.14 -10.94
C GLU A 63 -3.49 4.81 -10.11
N GLU A 64 -3.27 4.42 -8.85
CA GLU A 64 -4.37 4.04 -7.96
C GLU A 64 -4.88 5.23 -7.15
N THR A 65 -4.04 6.22 -6.94
CA THR A 65 -4.41 7.39 -6.16
C THR A 65 -4.34 8.66 -7.00
N GLY A 66 -3.58 8.59 -8.09
CA GLY A 66 -3.44 9.74 -8.96
C GLY A 66 -2.62 10.87 -8.34
N VAL A 67 -2.02 10.59 -7.19
CA VAL A 67 -1.21 11.60 -6.51
C VAL A 67 0.06 11.89 -7.32
N THR A 68 0.17 13.13 -7.81
CA THR A 68 1.32 13.54 -8.60
C THR A 68 2.35 14.26 -7.75
N SER A 69 1.88 15.01 -6.76
CA SER A 69 2.78 15.76 -5.89
C SER A 69 3.17 14.93 -4.68
N ALA A 70 4.07 13.99 -4.90
CA ALA A 70 4.56 13.12 -3.84
C ALA A 70 6.00 12.70 -4.09
N GLU A 71 6.85 12.88 -3.10
CA GLU A 71 8.26 12.52 -3.21
C GLU A 71 8.59 11.42 -2.22
N VAL A 72 9.52 10.55 -2.58
CA VAL A 72 9.90 9.46 -1.70
C VAL A 72 10.81 9.95 -0.59
N ILE A 73 10.33 9.78 0.64
CA ILE A 73 11.07 10.19 1.81
C ILE A 73 11.90 9.01 2.34
N ALA A 74 11.43 7.80 2.05
CA ALA A 74 12.11 6.60 2.49
C ALA A 74 11.73 5.39 1.65
N GLU A 75 12.43 4.28 1.86
CA GLU A 75 12.18 3.05 1.15
C GLU A 75 12.51 1.87 2.04
N VAL A 76 11.52 1.04 2.32
CA VAL A 76 11.71 -0.13 3.16
C VAL A 76 12.79 -1.03 2.55
N PRO A 77 13.85 -1.34 3.32
CA PRO A 77 14.96 -2.18 2.85
C PRO A 77 14.53 -3.63 2.54
N TYR A 78 13.37 -4.02 3.05
CA TYR A 78 12.89 -5.39 2.82
C TYR A 78 11.49 -5.39 2.19
N TRP A 79 10.97 -6.58 1.98
CA TRP A 79 9.63 -6.74 1.42
C TRP A 79 8.69 -7.28 2.47
N LEU A 80 7.44 -6.85 2.39
CA LEU A 80 6.43 -7.31 3.34
C LEU A 80 5.40 -8.16 2.62
N THR A 81 5.31 -9.43 3.03
CA THR A 81 4.38 -10.36 2.42
C THR A 81 3.25 -10.70 3.40
N TYR A 82 2.02 -10.64 2.90
CA TYR A 82 0.86 -10.94 3.73
C TYR A 82 -0.04 -11.95 3.04
N ASP A 83 -0.91 -12.58 3.81
CA ASP A 83 -1.82 -13.58 3.27
C ASP A 83 -3.27 -13.21 3.53
N PHE A 84 -4.18 -13.77 2.74
CA PHE A 84 -5.60 -13.51 2.89
C PHE A 84 -6.30 -14.70 3.54
N PRO A 85 -7.39 -14.45 4.28
CA PRO A 85 -8.16 -15.51 4.95
C PRO A 85 -8.74 -16.51 3.95
N PRO A 86 -9.25 -17.64 4.46
CA PRO A 86 -9.84 -18.69 3.61
C PRO A 86 -11.06 -18.21 2.83
N LYS A 87 -11.63 -17.09 3.25
CA LYS A 87 -12.80 -16.56 2.58
C LYS A 87 -12.39 -15.55 1.52
N VAL A 88 -11.38 -14.77 1.85
CA VAL A 88 -10.86 -13.77 0.93
C VAL A 88 -9.96 -14.41 -0.12
N ARG A 89 -9.08 -15.30 0.33
CA ARG A 89 -8.18 -16.00 -0.58
C ARG A 89 -8.99 -16.84 -1.55
N GLU A 90 -9.94 -17.57 -0.99
CA GLU A 90 -10.83 -18.43 -1.78
C GLU A 90 -11.73 -17.60 -2.68
N LYS A 91 -11.98 -16.35 -2.26
CA LYS A 91 -12.82 -15.45 -3.03
C LYS A 91 -12.03 -14.78 -4.14
N LEU A 92 -10.83 -14.31 -3.80
CA LEU A 92 -9.97 -13.65 -4.79
C LEU A 92 -9.70 -14.58 -5.96
N ASN A 93 -9.45 -15.84 -5.65
CA ASN A 93 -9.18 -16.84 -6.68
C ASN A 93 -10.18 -16.71 -7.83
N ILE A 94 -11.42 -16.37 -7.49
CA ILE A 94 -12.46 -16.21 -8.50
C ILE A 94 -12.62 -14.74 -8.90
N GLN A 95 -12.70 -13.86 -7.90
CA GLN A 95 -12.85 -12.43 -8.16
C GLN A 95 -11.63 -11.86 -8.85
N TRP A 96 -10.46 -12.04 -8.23
CA TRP A 96 -9.21 -11.54 -8.79
C TRP A 96 -8.66 -12.49 -9.85
N GLY A 97 -8.89 -13.79 -9.66
CA GLY A 97 -8.41 -14.77 -10.61
C GLY A 97 -6.94 -15.08 -10.43
N SER A 98 -6.49 -15.12 -9.17
CA SER A 98 -5.10 -15.41 -8.87
C SER A 98 -4.99 -16.54 -7.86
N ASP A 99 -3.93 -17.32 -7.98
CA ASP A 99 -3.70 -18.45 -7.08
C ASP A 99 -2.47 -18.22 -6.23
N TRP A 100 -2.27 -16.98 -5.79
CA TRP A 100 -1.14 -16.62 -4.95
C TRP A 100 -1.54 -16.62 -3.48
N LYS A 101 -0.57 -16.92 -2.62
CA LYS A 101 -0.82 -16.95 -1.18
C LYS A 101 -0.79 -15.54 -0.61
N GLY A 102 -0.04 -14.66 -1.27
CA GLY A 102 0.09 -13.30 -0.84
C GLY A 102 0.83 -12.45 -1.85
N GLN A 103 1.49 -11.41 -1.37
CA GLN A 103 2.25 -10.52 -2.22
C GLN A 103 3.39 -9.86 -1.46
N ALA A 104 4.62 -10.14 -1.87
CA ALA A 104 5.79 -9.55 -1.23
C ALA A 104 6.08 -8.20 -1.86
N GLN A 105 5.77 -7.13 -1.14
CA GLN A 105 5.97 -5.78 -1.67
C GLN A 105 6.97 -4.96 -0.86
N LYS A 106 7.47 -3.91 -1.50
CA LYS A 106 8.42 -2.99 -0.88
C LYS A 106 7.80 -1.61 -0.75
N TRP A 107 7.40 -1.25 0.47
CA TRP A 107 6.75 0.03 0.71
C TRP A 107 7.74 1.18 0.69
N PHE A 108 7.34 2.27 0.04
CA PHE A 108 8.16 3.48 -0.07
C PHE A 108 7.44 4.65 0.58
N LEU A 109 8.15 5.41 1.39
CA LEU A 109 7.55 6.57 2.05
C LEU A 109 7.50 7.74 1.08
N PHE A 110 6.37 8.43 1.03
CA PHE A 110 6.20 9.57 0.14
C PHE A 110 5.72 10.81 0.87
N LYS A 111 6.37 11.92 0.57
CA LYS A 111 5.98 13.22 1.16
C LYS A 111 5.08 13.96 0.19
N PHE A 112 3.85 14.25 0.63
CA PHE A 112 2.89 14.96 -0.21
C PHE A 112 3.33 16.39 -0.43
N THR A 113 3.47 16.76 -1.70
CA THR A 113 3.89 18.12 -2.06
C THR A 113 2.87 18.75 -3.01
N GLY A 114 1.60 18.46 -2.77
CA GLY A 114 0.54 19.00 -3.60
C GLY A 114 -0.65 19.46 -2.79
N GLN A 115 -1.84 19.29 -3.35
CA GLN A 115 -3.06 19.67 -2.67
C GLN A 115 -4.04 18.49 -2.66
N ASP A 116 -4.92 18.48 -1.68
CA ASP A 116 -5.91 17.42 -1.56
C ASP A 116 -6.64 17.18 -2.88
N GLN A 117 -6.55 18.15 -3.80
CA GLN A 117 -7.21 18.03 -5.09
C GLN A 117 -6.44 17.09 -6.03
N GLU A 118 -5.18 16.85 -5.70
CA GLU A 118 -4.34 15.96 -6.51
C GLU A 118 -4.66 14.51 -6.21
N ILE A 119 -5.15 14.24 -5.01
CA ILE A 119 -5.49 12.89 -4.60
C ILE A 119 -6.75 12.40 -5.31
N ASN A 120 -6.56 11.62 -6.36
CA ASN A 120 -7.66 11.07 -7.12
C ASN A 120 -7.69 9.54 -6.97
N LEU A 121 -8.49 9.06 -6.04
CA LEU A 121 -8.60 7.63 -5.78
C LEU A 121 -9.01 6.87 -7.05
N LEU A 122 -9.60 7.58 -8.01
CA LEU A 122 -10.02 6.96 -9.26
C LEU A 122 -8.80 6.37 -9.97
N GLY A 123 -7.81 7.22 -10.21
CA GLY A 123 -6.61 6.81 -10.87
C GLY A 123 -6.17 7.80 -11.91
N ASP A 124 -5.13 7.46 -12.64
CA ASP A 124 -4.62 8.34 -13.69
C ASP A 124 -5.31 7.98 -15.01
N GLY A 125 -6.59 7.67 -14.94
CA GLY A 125 -7.34 7.32 -16.12
C GLY A 125 -6.83 6.04 -16.75
N SER A 126 -6.27 5.16 -15.93
CA SER A 126 -5.73 3.89 -16.40
C SER A 126 -6.56 2.72 -15.91
N GLU A 127 -6.58 2.52 -14.59
CA GLU A 127 -7.34 1.42 -14.00
C GLU A 127 -8.57 1.92 -13.27
N LYS A 128 -9.49 1.01 -12.96
CA LYS A 128 -10.72 1.36 -12.25
C LYS A 128 -10.43 1.74 -10.80
N PRO A 129 -11.20 2.69 -10.25
CA PRO A 129 -11.02 3.15 -8.86
C PRO A 129 -11.07 1.99 -7.86
N GLU A 130 -10.22 2.06 -6.85
CA GLU A 130 -10.17 1.04 -5.83
C GLU A 130 -10.68 1.57 -4.49
N PHE A 131 -10.55 2.88 -4.29
CA PHE A 131 -10.99 3.52 -3.07
C PHE A 131 -12.07 4.56 -3.37
N GLY A 132 -12.86 4.92 -2.35
CA GLY A 132 -13.90 5.90 -2.55
C GLY A 132 -13.68 7.12 -1.67
N GLU A 133 -12.82 6.98 -0.68
CA GLU A 133 -12.53 8.07 0.24
C GLU A 133 -11.12 7.93 0.80
N TRP A 134 -10.71 8.92 1.56
CA TRP A 134 -9.39 8.92 2.18
C TRP A 134 -9.34 9.89 3.36
N SER A 135 -8.44 9.59 4.29
CA SER A 135 -8.28 10.43 5.48
C SER A 135 -6.85 10.36 6.01
N TRP A 136 -6.48 11.37 6.79
CA TRP A 136 -5.15 11.44 7.38
C TRP A 136 -5.14 10.83 8.78
N VAL A 137 -4.25 9.88 8.99
CA VAL A 137 -4.16 9.21 10.29
C VAL A 137 -2.71 8.98 10.70
N THR A 138 -2.48 8.95 12.01
CA THR A 138 -1.15 8.73 12.55
C THR A 138 -0.72 7.30 12.27
N PRO A 139 0.59 7.00 12.33
CA PRO A 139 1.09 5.65 12.08
C PRO A 139 0.47 4.63 13.02
N GLU A 140 -0.10 5.12 14.11
CA GLU A 140 -0.76 4.27 15.09
C GLU A 140 -2.24 4.14 14.77
N GLN A 141 -2.83 5.22 14.24
CA GLN A 141 -4.24 5.20 13.88
C GLN A 141 -4.45 4.33 12.65
N LEU A 142 -3.64 4.57 11.62
CA LEU A 142 -3.73 3.79 10.39
C LEU A 142 -3.61 2.31 10.72
N ILE A 143 -2.83 2.03 11.75
CA ILE A 143 -2.63 0.68 12.23
C ILE A 143 -3.91 0.14 12.84
N ASP A 144 -4.72 1.06 13.38
CA ASP A 144 -5.99 0.69 13.98
C ASP A 144 -7.03 0.47 12.90
N LEU A 145 -6.82 1.08 11.74
CA LEU A 145 -7.72 0.95 10.61
C LEU A 145 -7.44 -0.34 9.87
N THR A 146 -6.16 -0.65 9.75
CA THR A 146 -5.70 -1.86 9.06
C THR A 146 -6.33 -3.11 9.67
N VAL A 147 -6.24 -4.22 8.95
CA VAL A 147 -6.80 -5.48 9.42
C VAL A 147 -5.74 -6.33 10.11
N GLU A 148 -6.17 -7.30 10.91
CA GLU A 148 -5.27 -8.17 11.65
C GLU A 148 -4.34 -8.97 10.72
N PHE A 149 -4.79 -9.23 9.50
CA PHE A 149 -3.98 -9.99 8.55
C PHE A 149 -3.09 -9.10 7.70
N LYS A 150 -2.99 -7.82 8.06
CA LYS A 150 -2.15 -6.88 7.32
C LYS A 150 -1.61 -5.77 8.23
N LYS A 151 -1.73 -5.97 9.53
CA LYS A 151 -1.26 -4.98 10.50
C LYS A 151 0.27 -4.89 10.49
N PRO A 152 0.96 -5.99 10.86
CA PRO A 152 2.43 -6.03 10.89
C PRO A 152 3.03 -5.53 9.58
N VAL A 153 2.42 -5.92 8.46
CA VAL A 153 2.89 -5.51 7.14
C VAL A 153 2.90 -4.00 7.01
N TYR A 154 2.06 -3.35 7.81
CA TYR A 154 1.98 -1.90 7.81
C TYR A 154 2.92 -1.30 8.84
N LYS A 155 2.83 -1.80 10.08
CA LYS A 155 3.68 -1.32 11.16
C LYS A 155 5.14 -1.32 10.72
N GLU A 156 5.50 -2.29 9.90
CA GLU A 156 6.85 -2.41 9.38
C GLU A 156 7.17 -1.22 8.51
N VAL A 157 6.23 -0.89 7.62
CA VAL A 157 6.40 0.25 6.73
C VAL A 157 6.59 1.53 7.53
N LEU A 158 5.73 1.74 8.51
CA LEU A 158 5.81 2.90 9.36
C LEU A 158 7.10 2.87 10.17
N SER A 159 7.36 1.71 10.77
CA SER A 159 8.57 1.51 11.56
C SER A 159 9.81 1.95 10.79
N VAL A 160 9.90 1.53 9.53
CA VAL A 160 11.04 1.90 8.69
C VAL A 160 11.00 3.40 8.39
N PHE A 161 9.82 3.97 8.48
CA PHE A 161 9.63 5.39 8.20
C PHE A 161 9.52 6.22 9.48
N ALA A 162 9.60 5.55 10.63
CA ALA A 162 9.52 6.23 11.92
C ALA A 162 10.38 7.48 11.95
N PRO A 163 11.67 7.36 11.58
CA PRO A 163 12.59 8.50 11.57
C PRO A 163 12.08 9.65 10.71
N HIS A 164 11.19 9.34 9.77
CA HIS A 164 10.62 10.35 8.89
C HIS A 164 9.30 10.88 9.45
N LEU A 165 8.69 10.10 10.35
CA LEU A 165 7.42 10.50 10.97
C LEU A 165 7.51 10.43 12.49
PG ATP B . -5.29 -4.15 -4.08
O1G ATP B . -4.98 -2.73 -3.76
O2G ATP B . -4.23 -4.47 -5.06
O3G ATP B . -6.61 -4.53 -4.64
PB ATP B . -6.00 -5.29 -1.71
O1B ATP B . -7.35 -5.49 -2.29
O2B ATP B . -5.78 -4.26 -0.66
O3B ATP B . -5.10 -4.98 -2.85
PA ATP B . -5.71 -7.13 0.30
O1A ATP B . -6.19 -6.22 1.37
O2A ATP B . -4.45 -7.88 0.50
O3A ATP B . -5.71 -6.61 -1.09
O5' ATP B . -6.92 -8.16 0.12
C5' ATP B . -8.09 -7.79 -0.59
C4' ATP B . -9.32 -8.37 0.08
O4' ATP B . -9.01 -8.61 1.48
C3' ATP B . -10.53 -7.46 0.11
O3' ATP B . -11.29 -7.56 -1.08
C2' ATP B . -11.28 -7.99 1.32
O2' ATP B . -11.95 -9.19 1.03
C1' ATP B . -10.14 -8.28 2.28
N9 ATP B . -9.78 -7.15 3.14
C8 ATP B . -8.88 -6.14 2.87
N7 ATP B . -8.77 -5.27 3.85
C5 ATP B . -9.65 -5.73 4.81
C6 ATP B . -10.00 -5.25 6.09
N6 ATP B . -9.48 -4.15 6.63
N1 ATP B . -10.91 -5.96 6.79
C2 ATP B . -11.43 -7.07 6.25
N3 ATP B . -11.18 -7.62 5.07
C4 ATP B . -10.27 -6.89 4.39
H5'1 ATP B . -8.04 -8.17 -1.62
H5'2 ATP B . -8.18 -6.71 -0.62
H4' ATP B . -9.60 -9.26 -0.46
H3' ATP B . -10.25 -6.41 0.22
HO3' ATP B . -10.68 -7.78 -1.79
H2' ATP B . -11.96 -7.22 1.72
HO2' ATP B . -12.85 -9.13 1.38
H1' ATP B . -10.34 -9.14 2.91
H8 ATP B . -8.32 -6.07 1.95
HN61 ATP B . -8.80 -3.61 6.11
HN62 ATP B . -9.78 -3.85 7.55
H2 ATP B . -12.16 -7.60 6.86
N GLY A 1 12.21 -12.89 19.14
CA GLY A 1 12.87 -12.99 17.81
C GLY A 1 12.31 -11.99 16.81
N PRO A 2 13.13 -11.54 15.84
CA PRO A 2 12.70 -10.57 14.83
C PRO A 2 11.70 -11.17 13.85
N LEU A 3 10.75 -10.35 13.40
CA LEU A 3 9.74 -10.80 12.46
C LEU A 3 8.83 -9.64 12.05
N GLY A 4 8.39 -9.66 10.79
CA GLY A 4 7.52 -8.61 10.30
C GLY A 4 7.47 -8.56 8.78
N SER A 5 8.57 -8.91 8.14
CA SER A 5 8.65 -8.91 6.70
C SER A 5 9.12 -10.28 6.20
N MET A 6 9.72 -10.30 5.02
CA MET A 6 10.21 -11.54 4.43
C MET A 6 11.65 -11.40 3.94
N ASP A 7 11.93 -10.29 3.26
CA ASP A 7 13.27 -10.05 2.73
C ASP A 7 13.56 -10.97 1.56
N SER A 8 12.52 -11.36 0.84
CA SER A 8 12.65 -12.26 -0.31
C SER A 8 11.28 -12.72 -0.79
N PRO A 9 10.91 -12.41 -2.05
CA PRO A 9 9.61 -12.81 -2.60
C PRO A 9 9.46 -14.32 -2.65
N PRO A 10 8.58 -14.90 -1.81
CA PRO A 10 8.34 -16.34 -1.77
C PRO A 10 7.56 -16.82 -2.97
N GLU A 11 7.17 -18.08 -2.94
CA GLU A 11 6.41 -18.68 -4.03
C GLU A 11 4.91 -18.52 -3.82
N GLY A 12 4.19 -18.32 -4.91
CA GLY A 12 2.75 -18.16 -4.83
C GLY A 12 2.32 -16.71 -4.71
N TYR A 13 3.10 -15.90 -3.99
CA TYR A 13 2.76 -14.50 -3.82
C TYR A 13 2.98 -13.71 -5.10
N ARG A 14 2.05 -12.82 -5.39
CA ARG A 14 2.12 -12.00 -6.59
C ARG A 14 3.01 -10.78 -6.36
N ARG A 15 3.63 -10.28 -7.44
CA ARG A 15 4.50 -9.12 -7.35
C ARG A 15 3.70 -7.83 -7.28
N ASN A 16 4.00 -7.01 -6.29
CA ASN A 16 3.30 -5.73 -6.10
C ASN A 16 4.20 -4.72 -5.40
N VAL A 17 3.83 -3.45 -5.48
CA VAL A 17 4.59 -2.39 -4.84
C VAL A 17 3.70 -1.50 -3.99
N GLY A 18 4.15 -1.20 -2.78
CA GLY A 18 3.39 -0.36 -1.88
C GLY A 18 3.94 1.05 -1.79
N ILE A 19 3.05 2.03 -1.70
CA ILE A 19 3.46 3.42 -1.60
C ILE A 19 2.97 4.04 -0.31
N CYS A 20 3.86 4.16 0.66
CA CYS A 20 3.53 4.75 1.95
C CYS A 20 3.78 6.25 1.90
N LEU A 21 2.70 7.02 1.79
CA LEU A 21 2.83 8.48 1.70
C LEU A 21 2.46 9.13 3.04
N MET A 22 3.22 10.16 3.39
CA MET A 22 3.00 10.88 4.63
C MET A 22 2.80 12.36 4.37
N ASN A 23 2.14 13.04 5.31
CA ASN A 23 1.87 14.47 5.17
C ASN A 23 2.85 15.29 6.01
N ASN A 24 2.83 16.60 5.80
CA ASN A 24 3.71 17.51 6.52
C ASN A 24 3.54 17.37 8.03
N ASP A 25 2.45 16.74 8.46
CA ASP A 25 2.19 16.54 9.88
C ASP A 25 2.80 15.23 10.36
N LYS A 26 3.45 14.51 9.45
CA LYS A 26 4.08 13.24 9.77
C LYS A 26 3.06 12.12 9.90
N LYS A 27 1.93 12.27 9.22
CA LYS A 27 0.88 11.24 9.26
C LYS A 27 1.02 10.33 8.05
N ILE A 28 0.26 9.25 8.03
CA ILE A 28 0.30 8.32 6.91
C ILE A 28 -0.98 8.39 6.09
N PHE A 29 -0.82 8.67 4.80
CA PHE A 29 -1.96 8.77 3.90
C PHE A 29 -2.78 7.48 3.89
N ALA A 30 -3.97 7.55 4.45
CA ALA A 30 -4.87 6.40 4.51
C ALA A 30 -6.14 6.68 3.71
N ALA A 31 -6.54 5.71 2.90
CA ALA A 31 -7.74 5.86 2.08
C ALA A 31 -8.79 4.82 2.42
N SER A 32 -10.02 5.26 2.52
CA SER A 32 -11.14 4.37 2.84
C SER A 32 -11.62 3.65 1.59
N ARG A 33 -12.22 2.48 1.78
CA ARG A 33 -12.71 1.70 0.66
C ARG A 33 -13.94 2.34 0.04
N LEU A 34 -14.18 2.00 -1.21
CA LEU A 34 -15.34 2.50 -1.93
C LEU A 34 -16.50 1.53 -1.77
N ASP A 35 -16.23 0.38 -1.15
CA ASP A 35 -17.26 -0.64 -0.95
C ASP A 35 -17.36 -1.09 0.50
N ILE A 36 -16.33 -0.82 1.31
CA ILE A 36 -16.35 -1.22 2.71
C ILE A 36 -16.24 -0.01 3.62
N PRO A 37 -17.34 0.36 4.30
CA PRO A 37 -17.33 1.51 5.21
C PRO A 37 -16.37 1.30 6.38
N ASP A 38 -15.51 2.29 6.60
CA ASP A 38 -14.53 2.24 7.69
C ASP A 38 -13.32 1.41 7.32
N ALA A 39 -13.31 0.92 6.09
CA ALA A 39 -12.20 0.12 5.60
C ALA A 39 -11.13 1.01 4.98
N TRP A 40 -10.11 1.31 5.77
CA TRP A 40 -9.02 2.16 5.30
C TRP A 40 -7.78 1.33 5.03
N GLN A 41 -6.91 1.88 4.17
CA GLN A 41 -5.68 1.21 3.80
C GLN A 41 -4.76 2.15 3.04
N MET A 42 -3.62 1.63 2.59
CA MET A 42 -2.66 2.44 1.84
C MET A 42 -2.68 2.05 0.35
N PRO A 43 -2.21 2.96 -0.52
CA PRO A 43 -2.18 2.69 -1.97
C PRO A 43 -1.15 1.64 -2.34
N GLN A 44 -1.52 0.77 -3.29
CA GLN A 44 -0.62 -0.28 -3.75
C GLN A 44 -0.97 -0.70 -5.17
N GLY A 45 -0.03 -1.37 -5.83
CA GLY A 45 -0.25 -1.81 -7.20
C GLY A 45 0.71 -2.91 -7.61
N GLY A 46 0.26 -3.78 -8.51
CA GLY A 46 1.11 -4.86 -8.97
C GLY A 46 2.25 -4.38 -9.84
N ILE A 47 3.45 -4.94 -9.61
CA ILE A 47 4.62 -4.57 -10.39
C ILE A 47 4.51 -5.07 -11.81
N ASP A 48 5.28 -4.47 -12.71
CA ASP A 48 5.27 -4.86 -14.12
C ASP A 48 6.33 -5.94 -14.38
N GLU A 49 6.06 -6.80 -15.35
CA GLU A 49 6.98 -7.87 -15.71
C GLU A 49 8.38 -7.32 -15.94
N GLY A 50 9.21 -7.45 -14.93
CA GLY A 50 10.58 -6.96 -15.02
C GLY A 50 10.66 -5.48 -14.74
N GLU A 51 9.89 -5.03 -13.77
CA GLU A 51 9.87 -3.63 -13.39
C GLU A 51 10.46 -3.43 -12.01
N ASP A 52 11.09 -2.28 -11.82
CA ASP A 52 11.71 -1.95 -10.54
C ASP A 52 10.64 -1.58 -9.51
N PRO A 53 10.74 -2.14 -8.28
CA PRO A 53 9.78 -1.86 -7.21
C PRO A 53 9.56 -0.37 -6.98
N ARG A 54 10.65 0.35 -6.72
CA ARG A 54 10.58 1.78 -6.48
C ARG A 54 9.97 2.52 -7.66
N ASN A 55 10.04 1.91 -8.84
CA ASN A 55 9.48 2.53 -10.04
C ASN A 55 8.01 2.19 -10.20
N ALA A 56 7.69 0.92 -10.08
CA ALA A 56 6.30 0.47 -10.19
C ALA A 56 5.43 1.15 -9.15
N ALA A 57 6.04 1.51 -8.02
CA ALA A 57 5.33 2.18 -6.94
C ALA A 57 5.09 3.63 -7.31
N ILE A 58 6.15 4.32 -7.72
CA ILE A 58 6.05 5.71 -8.11
C ILE A 58 5.02 5.87 -9.22
N ARG A 59 4.88 4.82 -10.02
CA ARG A 59 3.93 4.81 -11.12
C ARG A 59 2.55 4.47 -10.58
N GLU A 60 2.50 3.36 -9.86
CA GLU A 60 1.25 2.87 -9.26
C GLU A 60 0.60 3.92 -8.37
N LEU A 61 1.43 4.73 -7.71
CA LEU A 61 0.92 5.77 -6.82
C LEU A 61 -0.01 6.73 -7.56
N ARG A 62 0.51 7.41 -8.57
CA ARG A 62 -0.30 8.32 -9.36
C ARG A 62 -1.43 7.58 -10.06
N GLU A 63 -1.38 6.25 -10.01
CA GLU A 63 -2.41 5.43 -10.64
C GLU A 63 -3.55 5.14 -9.66
N GLU A 64 -3.18 4.72 -8.44
CA GLU A 64 -4.18 4.39 -7.42
C GLU A 64 -4.55 5.59 -6.56
N THR A 65 -3.61 6.51 -6.37
CA THR A 65 -3.87 7.69 -5.55
C THR A 65 -3.84 8.95 -6.40
N GLY A 66 -3.16 8.86 -7.54
CA GLY A 66 -3.06 9.99 -8.43
C GLY A 66 -2.18 11.10 -7.89
N VAL A 67 -1.48 10.82 -6.79
CA VAL A 67 -0.60 11.81 -6.20
C VAL A 67 0.63 12.03 -7.07
N THR A 68 0.79 13.27 -7.56
CA THR A 68 1.91 13.60 -8.42
C THR A 68 3.05 14.21 -7.62
N SER A 69 2.71 15.00 -6.59
CA SER A 69 3.71 15.64 -5.76
C SER A 69 4.10 14.74 -4.59
N ALA A 70 4.88 13.73 -4.87
CA ALA A 70 5.32 12.78 -3.86
C ALA A 70 6.70 12.23 -4.20
N GLU A 71 7.61 12.31 -3.24
CA GLU A 71 8.97 11.80 -3.42
C GLU A 71 9.25 10.72 -2.40
N VAL A 72 10.09 9.76 -2.78
CA VAL A 72 10.41 8.66 -1.89
C VAL A 72 11.41 9.06 -0.82
N ILE A 73 11.05 8.78 0.43
CA ILE A 73 11.90 9.09 1.57
C ILE A 73 12.49 7.81 2.16
N ALA A 74 11.85 6.68 1.85
CA ALA A 74 12.31 5.39 2.35
C ALA A 74 11.81 4.24 1.50
N GLU A 75 12.44 3.07 1.66
CA GLU A 75 12.06 1.88 0.93
C GLU A 75 12.34 0.65 1.80
N VAL A 76 11.29 -0.09 2.11
CA VAL A 76 11.43 -1.29 2.93
C VAL A 76 12.42 -2.26 2.28
N PRO A 77 13.60 -2.43 2.89
CA PRO A 77 14.66 -3.31 2.38
C PRO A 77 14.18 -4.71 2.04
N TYR A 78 13.08 -5.12 2.66
CA TYR A 78 12.52 -6.44 2.43
C TYR A 78 11.18 -6.37 1.73
N TRP A 79 10.55 -7.52 1.55
CA TRP A 79 9.25 -7.58 0.89
C TRP A 79 8.15 -7.83 1.90
N LEU A 80 6.98 -7.28 1.62
CA LEU A 80 5.82 -7.43 2.49
C LEU A 80 4.80 -8.35 1.84
N THR A 81 4.54 -9.46 2.50
CA THR A 81 3.58 -10.43 2.01
C THR A 81 2.44 -10.63 3.00
N TYR A 82 1.21 -10.57 2.51
CA TYR A 82 0.03 -10.73 3.36
C TYR A 82 -0.88 -11.82 2.79
N ASP A 83 -1.88 -12.21 3.57
CA ASP A 83 -2.82 -13.24 3.15
C ASP A 83 -4.25 -12.82 3.40
N PHE A 84 -5.18 -13.44 2.67
CA PHE A 84 -6.60 -13.14 2.81
C PHE A 84 -7.35 -14.35 3.37
N PRO A 85 -8.48 -14.10 4.06
CA PRO A 85 -9.29 -15.19 4.64
C PRO A 85 -9.85 -16.11 3.57
N PRO A 86 -10.47 -17.24 3.99
CA PRO A 86 -11.04 -18.21 3.06
C PRO A 86 -12.22 -17.67 2.25
N LYS A 87 -12.80 -16.56 2.71
CA LYS A 87 -13.92 -15.96 2.01
C LYS A 87 -13.43 -14.92 1.01
N VAL A 88 -12.37 -14.22 1.39
CA VAL A 88 -11.77 -13.21 0.54
C VAL A 88 -10.89 -13.87 -0.51
N ARG A 89 -10.03 -14.78 -0.06
CA ARG A 89 -9.15 -15.50 -0.97
C ARG A 89 -9.97 -16.23 -2.02
N GLU A 90 -10.97 -16.94 -1.54
CA GLU A 90 -11.86 -17.69 -2.41
C GLU A 90 -12.71 -16.75 -3.26
N LYS A 91 -12.90 -15.53 -2.77
CA LYS A 91 -13.69 -14.54 -3.49
C LYS A 91 -12.85 -13.86 -4.56
N LEU A 92 -11.62 -13.51 -4.22
CA LEU A 92 -10.72 -12.85 -5.16
C LEU A 92 -10.45 -13.76 -6.35
N ASN A 93 -10.14 -15.02 -6.06
CA ASN A 93 -9.86 -16.00 -7.10
C ASN A 93 -10.91 -15.92 -8.21
N ILE A 94 -12.15 -15.62 -7.82
CA ILE A 94 -13.24 -15.51 -8.78
C ILE A 94 -13.49 -14.06 -9.20
N GLN A 95 -13.51 -13.17 -8.21
CA GLN A 95 -13.74 -11.75 -8.47
C GLN A 95 -12.53 -11.13 -9.17
N TRP A 96 -11.37 -11.25 -8.54
CA TRP A 96 -10.14 -10.71 -9.11
C TRP A 96 -9.59 -11.62 -10.21
N GLY A 97 -9.83 -12.92 -10.06
CA GLY A 97 -9.36 -13.86 -11.06
C GLY A 97 -7.87 -14.12 -10.96
N SER A 98 -7.37 -14.15 -9.72
CA SER A 98 -5.95 -14.38 -9.49
C SER A 98 -5.75 -15.60 -8.60
N ASP A 99 -4.66 -16.32 -8.83
CA ASP A 99 -4.33 -17.51 -8.07
C ASP A 99 -3.14 -17.26 -7.15
N TRP A 100 -3.31 -16.33 -6.20
CA TRP A 100 -2.25 -16.01 -5.26
C TRP A 100 -2.81 -15.97 -3.85
N LYS A 101 -2.11 -16.62 -2.93
CA LYS A 101 -2.53 -16.65 -1.54
C LYS A 101 -2.28 -15.30 -0.88
N GLY A 102 -1.25 -14.62 -1.37
CA GLY A 102 -0.90 -13.32 -0.86
C GLY A 102 -0.25 -12.46 -1.91
N GLN A 103 0.49 -11.46 -1.47
CA GLN A 103 1.18 -10.54 -2.37
C GLN A 103 2.43 -9.98 -1.72
N ALA A 104 3.60 -10.36 -2.25
CA ALA A 104 4.87 -9.87 -1.74
C ALA A 104 5.22 -8.54 -2.40
N GLN A 105 5.08 -7.45 -1.67
CA GLN A 105 5.36 -6.12 -2.23
C GLN A 105 6.38 -5.35 -1.42
N LYS A 106 7.11 -4.46 -2.10
CA LYS A 106 8.12 -3.62 -1.46
C LYS A 106 7.56 -2.22 -1.25
N TRP A 107 7.15 -1.92 -0.02
CA TRP A 107 6.58 -0.63 0.30
C TRP A 107 7.65 0.47 0.30
N PHE A 108 7.30 1.63 -0.25
CA PHE A 108 8.21 2.76 -0.32
C PHE A 108 7.59 3.98 0.34
N LEU A 109 8.38 4.66 1.17
CA LEU A 109 7.90 5.85 1.85
C LEU A 109 7.93 7.05 0.91
N PHE A 110 6.84 7.80 0.86
CA PHE A 110 6.76 8.98 0.00
C PHE A 110 6.36 10.22 0.79
N LYS A 111 7.13 11.27 0.64
CA LYS A 111 6.81 12.54 1.31
C LYS A 111 5.96 13.40 0.39
N PHE A 112 4.77 13.76 0.84
CA PHE A 112 3.87 14.57 0.04
C PHE A 112 4.45 15.98 -0.18
N THR A 113 4.56 16.36 -1.43
CA THR A 113 5.10 17.68 -1.78
C THR A 113 4.14 18.42 -2.71
N GLY A 114 2.85 18.26 -2.46
CA GLY A 114 1.84 18.91 -3.27
C GLY A 114 0.70 19.46 -2.43
N GLN A 115 -0.51 19.40 -2.98
CA GLN A 115 -1.68 19.88 -2.28
C GLN A 115 -2.75 18.80 -2.25
N ASP A 116 -3.62 18.86 -1.25
CA ASP A 116 -4.70 17.89 -1.11
C ASP A 116 -5.47 17.71 -2.42
N GLN A 117 -5.31 18.65 -3.33
CA GLN A 117 -6.01 18.60 -4.62
C GLN A 117 -5.33 17.62 -5.57
N GLU A 118 -4.07 17.29 -5.29
CA GLU A 118 -3.32 16.36 -6.12
C GLU A 118 -3.71 14.91 -5.82
N ILE A 119 -4.20 14.69 -4.61
CA ILE A 119 -4.60 13.34 -4.20
C ILE A 119 -5.93 12.94 -4.82
N ASN A 120 -5.85 12.07 -5.82
CA ASN A 120 -7.04 11.58 -6.51
C ASN A 120 -7.12 10.06 -6.38
N LEU A 121 -7.87 9.60 -5.40
CA LEU A 121 -8.03 8.17 -5.14
C LEU A 121 -8.46 7.42 -6.40
N LEU A 122 -9.11 8.13 -7.32
CA LEU A 122 -9.56 7.53 -8.56
C LEU A 122 -8.37 7.03 -9.36
N GLY A 123 -7.46 7.94 -9.66
CA GLY A 123 -6.28 7.61 -10.41
C GLY A 123 -5.91 8.72 -11.36
N ASP A 124 -4.85 8.52 -12.12
CA ASP A 124 -4.41 9.51 -13.09
C ASP A 124 -5.08 9.25 -14.43
N GLY A 125 -6.35 8.86 -14.37
CA GLY A 125 -7.09 8.56 -15.59
C GLY A 125 -6.67 7.25 -16.21
N SER A 126 -6.19 6.34 -15.38
CA SER A 126 -5.75 5.03 -15.84
C SER A 126 -6.52 3.91 -15.17
N GLU A 127 -6.29 3.71 -13.88
CA GLU A 127 -6.96 2.67 -13.12
C GLU A 127 -8.32 3.14 -12.61
N LYS A 128 -9.14 2.19 -12.18
CA LYS A 128 -10.47 2.50 -11.68
C LYS A 128 -10.43 2.83 -10.19
N PRO A 129 -11.29 3.78 -9.74
CA PRO A 129 -11.34 4.19 -8.34
C PRO A 129 -11.51 3.02 -7.38
N GLU A 130 -10.65 2.94 -6.38
CA GLU A 130 -10.70 1.87 -5.38
C GLU A 130 -11.11 2.42 -4.02
N PHE A 131 -10.72 3.66 -3.76
CA PHE A 131 -11.04 4.32 -2.49
C PHE A 131 -12.04 5.44 -2.72
N GLY A 132 -12.74 5.85 -1.67
CA GLY A 132 -13.71 6.92 -1.80
C GLY A 132 -13.33 8.13 -0.98
N GLU A 133 -12.47 7.92 -0.01
CA GLU A 133 -12.01 8.99 0.87
C GLU A 133 -10.62 8.69 1.40
N TRP A 134 -10.07 9.65 2.13
CA TRP A 134 -8.75 9.49 2.73
C TRP A 134 -8.57 10.41 3.92
N SER A 135 -7.69 10.01 4.82
CA SER A 135 -7.41 10.79 6.02
C SER A 135 -5.98 10.57 6.51
N TRP A 136 -5.50 11.50 7.35
CA TRP A 136 -4.16 11.42 7.89
C TRP A 136 -4.16 10.75 9.26
N VAL A 137 -3.39 9.68 9.40
CA VAL A 137 -3.33 8.95 10.66
C VAL A 137 -1.88 8.61 11.03
N THR A 138 -1.63 8.51 12.32
CA THR A 138 -0.31 8.17 12.82
C THR A 138 0.00 6.71 12.49
N PRO A 139 1.28 6.31 12.53
CA PRO A 139 1.67 4.94 12.23
C PRO A 139 0.98 3.94 13.15
N GLU A 140 0.47 4.44 14.27
CA GLU A 140 -0.23 3.60 15.23
C GLU A 140 -1.72 3.60 14.94
N GLN A 141 -2.23 4.74 14.47
CA GLN A 141 -3.65 4.84 14.13
C GLN A 141 -3.96 4.03 12.89
N LEU A 142 -3.17 4.24 11.84
CA LEU A 142 -3.34 3.50 10.59
C LEU A 142 -3.34 2.01 10.87
N ILE A 143 -2.56 1.64 11.88
CA ILE A 143 -2.45 0.25 12.30
C ILE A 143 -3.77 -0.21 12.91
N ASP A 144 -4.50 0.74 13.47
CA ASP A 144 -5.80 0.45 14.08
C ASP A 144 -6.87 0.36 13.00
N LEU A 145 -6.60 0.99 11.86
CA LEU A 145 -7.52 0.98 10.74
C LEU A 145 -7.33 -0.28 9.92
N THR A 146 -6.07 -0.66 9.77
CA THR A 146 -5.70 -1.86 9.01
C THR A 146 -6.35 -3.11 9.62
N VAL A 147 -6.29 -4.20 8.87
CA VAL A 147 -6.87 -5.46 9.33
C VAL A 147 -5.77 -6.40 9.84
N GLU A 148 -6.17 -7.37 10.66
CA GLU A 148 -5.23 -8.32 11.25
C GLU A 148 -4.33 -8.98 10.21
N PHE A 149 -4.89 -9.35 9.05
CA PHE A 149 -4.11 -9.99 8.00
C PHE A 149 -3.28 -8.99 7.20
N LYS A 150 -3.36 -7.70 7.57
CA LYS A 150 -2.60 -6.66 6.89
C LYS A 150 -1.97 -5.69 7.88
N LYS A 151 -2.06 -6.01 9.16
CA LYS A 151 -1.50 -5.16 10.21
C LYS A 151 0.04 -5.20 10.18
N PRO A 152 0.64 -6.38 10.42
CA PRO A 152 2.10 -6.53 10.41
C PRO A 152 2.71 -6.02 9.11
N VAL A 153 2.08 -6.36 7.99
CA VAL A 153 2.54 -5.92 6.68
C VAL A 153 2.63 -4.40 6.62
N TYR A 154 1.83 -3.74 7.44
CA TYR A 154 1.81 -2.28 7.50
C TYR A 154 2.80 -1.79 8.54
N LYS A 155 2.69 -2.31 9.77
CA LYS A 155 3.59 -1.93 10.85
C LYS A 155 5.04 -2.03 10.39
N GLU A 156 5.30 -2.99 9.52
CA GLU A 156 6.62 -3.20 8.98
C GLU A 156 7.04 -1.99 8.15
N VAL A 157 6.11 -1.55 7.30
CA VAL A 157 6.35 -0.39 6.46
C VAL A 157 6.64 0.84 7.31
N LEU A 158 5.81 1.06 8.31
CA LEU A 158 5.97 2.18 9.23
C LEU A 158 7.27 2.01 10.01
N SER A 159 7.45 0.82 10.56
CA SER A 159 8.64 0.51 11.34
C SER A 159 9.90 0.88 10.57
N VAL A 160 9.92 0.52 9.28
CA VAL A 160 11.06 0.84 8.43
C VAL A 160 11.11 2.33 8.12
N PHE A 161 9.94 2.97 8.19
CA PHE A 161 9.83 4.39 7.90
C PHE A 161 9.72 5.23 9.17
N ALA A 162 9.92 4.59 10.31
CA ALA A 162 9.83 5.27 11.60
C ALA A 162 10.73 6.51 11.65
N PRO A 163 12.02 6.37 11.30
CA PRO A 163 12.97 7.48 11.31
C PRO A 163 12.48 8.68 10.51
N HIS A 164 11.58 8.42 9.57
CA HIS A 164 11.02 9.49 8.74
C HIS A 164 9.77 10.07 9.38
N LEU A 165 9.12 9.28 10.24
CA LEU A 165 7.91 9.73 10.92
C LEU A 165 7.78 9.05 12.28
PG ATP B . -4.25 -4.22 -4.61
O1G ATP B . -2.93 -3.57 -4.76
O2G ATP B . -4.19 -5.26 -5.67
O3G ATP B . -5.50 -3.42 -4.79
PB ATP B . -4.82 -6.20 -2.85
O1B ATP B . -4.23 -6.41 -1.49
O2B ATP B . -4.53 -7.17 -3.93
O3B ATP B . -4.35 -4.86 -3.28
PA ATP B . -7.29 -5.28 -2.11
O1A ATP B . -7.89 -4.38 -3.13
O2A ATP B . -6.81 -4.69 -0.84
O3A ATP B . -6.27 -6.26 -2.58
O5' ATP B . -8.45 -6.33 -1.81
C5' ATP B . -8.30 -7.33 -0.82
C4' ATP B . -9.64 -7.70 -0.24
O4' ATP B . -9.46 -8.05 1.17
C3' ATP B . -10.67 -6.57 -0.21
O3' ATP B . -11.35 -6.46 -1.46
C2' ATP B . -11.58 -7.02 0.92
O2' ATP B . -12.45 -8.07 0.51
C1' ATP B . -10.57 -7.57 1.91
N9 ATP B . -10.08 -6.59 2.87
C8 ATP B . -9.04 -5.71 2.74
N7 ATP B . -8.84 -4.95 3.78
C5 ATP B . -9.84 -5.34 4.67
C6 ATP B . -10.18 -4.91 5.96
N6 ATP B . -9.52 -3.94 6.61
N1 ATP B . -11.21 -5.50 6.57
C2 ATP B . -11.88 -6.47 5.92
N3 ATP B . -11.65 -6.97 4.70
C4 ATP B . -10.61 -6.34 4.13
H5'1 ATP B . -7.65 -6.96 -0.02
H5'2 ATP B . -7.84 -8.22 -1.26
H4' ATP B . -10.05 -8.50 -0.84
H3' ATP B . -10.21 -5.61 -0.02
HO3' ATP B . -11.02 -7.16 -2.03
H2' ATP B . -12.13 -6.17 1.32
HO2' ATP B . -12.34 -8.17 -0.43
H1' ATP B . -10.97 -8.43 2.47
H8 ATP B . -8.42 -5.67 1.85
HN61 ATP B . -8.74 -3.48 6.18
HN62 ATP B . -9.81 -3.67 7.55
H2 ATP B . -12.71 -6.92 6.46
N GLY A 1 5.76 -13.78 15.75
CA GLY A 1 6.67 -13.07 16.68
C GLY A 1 6.93 -11.63 16.26
N PRO A 2 8.11 -11.08 16.61
CA PRO A 2 8.47 -9.70 16.24
C PRO A 2 8.71 -9.53 14.75
N LEU A 3 8.94 -8.29 14.33
CA LEU A 3 9.18 -8.00 12.92
C LEU A 3 7.99 -8.40 12.07
N GLY A 4 8.11 -8.22 10.76
CA GLY A 4 7.03 -8.56 9.85
C GLY A 4 7.40 -8.37 8.39
N SER A 5 8.51 -8.97 7.99
CA SER A 5 8.98 -8.87 6.62
C SER A 5 9.46 -10.22 6.12
N MET A 6 10.29 -10.21 5.10
CA MET A 6 10.83 -11.44 4.53
C MET A 6 12.23 -11.24 3.96
N ASP A 7 12.50 -10.06 3.45
CA ASP A 7 13.82 -9.75 2.87
C ASP A 7 14.01 -10.49 1.55
N SER A 8 12.90 -10.90 0.94
CA SER A 8 12.92 -11.62 -0.33
C SER A 8 11.54 -12.18 -0.64
N PRO A 9 11.13 -12.19 -1.93
CA PRO A 9 9.83 -12.70 -2.33
C PRO A 9 9.64 -14.16 -1.96
N PRO A 10 8.81 -14.44 -0.95
CA PRO A 10 8.53 -15.81 -0.48
C PRO A 10 7.81 -16.65 -1.51
N GLU A 11 7.09 -17.66 -1.02
CA GLU A 11 6.33 -18.62 -1.83
C GLU A 11 5.79 -18.02 -3.14
N GLY A 12 4.61 -18.46 -3.55
CA GLY A 12 4.01 -17.99 -4.79
C GLY A 12 3.34 -16.63 -4.66
N TYR A 13 3.88 -15.76 -3.82
CA TYR A 13 3.31 -14.43 -3.65
C TYR A 13 3.48 -13.61 -4.93
N ARG A 14 2.59 -12.65 -5.13
CA ARG A 14 2.64 -11.80 -6.33
C ARG A 14 3.52 -10.57 -6.10
N ARG A 15 4.09 -10.06 -7.19
CA ARG A 15 4.94 -8.87 -7.11
C ARG A 15 4.09 -7.60 -7.08
N ASN A 16 4.31 -6.78 -6.06
CA ASN A 16 3.57 -5.54 -5.92
C ASN A 16 4.39 -4.49 -5.17
N VAL A 17 4.04 -3.23 -5.36
CA VAL A 17 4.75 -2.13 -4.69
C VAL A 17 3.78 -1.27 -3.88
N GLY A 18 4.09 -1.10 -2.60
CA GLY A 18 3.24 -0.29 -1.75
C GLY A 18 3.74 1.14 -1.64
N ILE A 19 2.81 2.08 -1.48
CA ILE A 19 3.17 3.49 -1.36
C ILE A 19 2.79 4.06 0.00
N CYS A 20 3.77 4.19 0.88
CA CYS A 20 3.52 4.77 2.20
C CYS A 20 3.76 6.26 2.15
N LEU A 21 2.69 7.03 2.00
CA LEU A 21 2.82 8.48 1.91
C LEU A 21 2.44 9.17 3.21
N MET A 22 3.04 10.33 3.44
CA MET A 22 2.79 11.10 4.65
C MET A 22 2.58 12.57 4.30
N ASN A 23 1.90 13.29 5.19
CA ASN A 23 1.62 14.70 4.95
C ASN A 23 2.43 15.59 5.90
N ASN A 24 2.40 16.90 5.65
CA ASN A 24 3.13 17.88 6.44
C ASN A 24 2.86 17.74 7.95
N ASP A 25 1.76 17.06 8.29
CA ASP A 25 1.40 16.87 9.69
C ASP A 25 2.04 15.60 10.25
N LYS A 26 2.82 14.93 9.41
CA LYS A 26 3.51 13.70 9.80
C LYS A 26 2.55 12.53 9.91
N LYS A 27 1.44 12.58 9.17
CA LYS A 27 0.46 11.50 9.20
C LYS A 27 0.70 10.58 8.01
N ILE A 28 -0.02 9.46 7.97
CA ILE A 28 0.14 8.52 6.85
C ILE A 28 -1.08 8.54 5.95
N PHE A 29 -0.84 8.80 4.67
CA PHE A 29 -1.90 8.85 3.67
C PHE A 29 -2.67 7.53 3.63
N ALA A 30 -3.87 7.53 4.20
CA ALA A 30 -4.70 6.33 4.22
C ALA A 30 -5.99 6.56 3.44
N ALA A 31 -6.36 5.60 2.61
CA ALA A 31 -7.57 5.69 1.81
C ALA A 31 -8.55 4.57 2.14
N SER A 32 -9.82 4.91 2.23
CA SER A 32 -10.86 3.93 2.53
C SER A 32 -11.27 3.17 1.28
N ARG A 33 -11.83 1.97 1.47
CA ARG A 33 -12.25 1.15 0.34
C ARG A 33 -13.53 1.69 -0.27
N LEU A 34 -13.75 1.31 -1.52
CA LEU A 34 -14.95 1.71 -2.24
C LEU A 34 -16.03 0.64 -2.10
N ASP A 35 -15.67 -0.47 -1.46
CA ASP A 35 -16.61 -1.57 -1.27
C ASP A 35 -16.68 -2.03 0.18
N ILE A 36 -15.69 -1.67 1.00
CA ILE A 36 -15.69 -2.07 2.39
C ILE A 36 -15.65 -0.86 3.32
N PRO A 37 -16.75 -0.61 4.06
CA PRO A 37 -16.80 0.52 4.98
C PRO A 37 -15.82 0.37 6.11
N ASP A 38 -15.08 1.44 6.38
CA ASP A 38 -14.08 1.44 7.45
C ASP A 38 -12.81 0.70 7.05
N ALA A 39 -12.77 0.27 5.80
CA ALA A 39 -11.61 -0.44 5.28
C ALA A 39 -10.63 0.53 4.66
N TRP A 40 -9.62 0.90 5.44
CA TRP A 40 -8.60 1.83 4.96
C TRP A 40 -7.30 1.11 4.64
N GLN A 41 -6.51 1.74 3.78
CA GLN A 41 -5.23 1.18 3.37
C GLN A 41 -4.41 2.21 2.61
N MET A 42 -3.25 1.79 2.12
CA MET A 42 -2.37 2.69 1.36
C MET A 42 -2.26 2.24 -0.09
N PRO A 43 -1.85 3.15 -0.99
CA PRO A 43 -1.72 2.83 -2.42
C PRO A 43 -0.88 1.59 -2.67
N GLN A 44 -1.42 0.67 -3.47
CA GLN A 44 -0.71 -0.56 -3.80
C GLN A 44 -0.96 -0.95 -5.26
N GLY A 45 0.07 -1.46 -5.91
CA GLY A 45 -0.05 -1.86 -7.30
C GLY A 45 0.99 -2.89 -7.71
N GLY A 46 0.54 -3.93 -8.40
CA GLY A 46 1.45 -4.96 -8.84
C GLY A 46 2.56 -4.42 -9.73
N ILE A 47 3.79 -4.84 -9.46
CA ILE A 47 4.93 -4.40 -10.22
C ILE A 47 4.84 -4.89 -11.66
N ASP A 48 5.56 -4.22 -12.56
CA ASP A 48 5.55 -4.60 -13.97
C ASP A 48 6.65 -5.62 -14.27
N GLU A 49 6.41 -6.48 -15.25
CA GLU A 49 7.38 -7.50 -15.64
C GLU A 49 8.74 -6.88 -15.89
N GLY A 50 9.60 -6.99 -14.90
CA GLY A 50 10.94 -6.43 -15.01
C GLY A 50 10.97 -4.95 -14.68
N GLU A 51 10.19 -4.58 -13.68
CA GLU A 51 10.10 -3.19 -13.25
C GLU A 51 10.68 -3.01 -11.86
N ASP A 52 11.29 -1.86 -11.63
CA ASP A 52 11.89 -1.55 -10.34
C ASP A 52 10.81 -1.23 -9.31
N PRO A 53 10.93 -1.77 -8.09
CA PRO A 53 9.94 -1.53 -7.03
C PRO A 53 9.66 -0.06 -6.80
N ARG A 54 10.72 0.72 -6.55
CA ARG A 54 10.58 2.14 -6.31
C ARG A 54 9.95 2.85 -7.51
N ASN A 55 10.11 2.27 -8.69
CA ASN A 55 9.55 2.85 -9.91
C ASN A 55 8.09 2.44 -10.08
N ALA A 56 7.83 1.15 -9.97
CA ALA A 56 6.47 0.64 -10.11
C ALA A 56 5.54 1.32 -9.10
N ALA A 57 6.10 1.67 -7.95
CA ALA A 57 5.33 2.34 -6.91
C ALA A 57 5.04 3.77 -7.32
N ILE A 58 6.09 4.52 -7.67
CA ILE A 58 5.94 5.90 -8.10
C ILE A 58 4.95 5.98 -9.25
N ARG A 59 4.87 4.90 -10.02
CA ARG A 59 3.96 4.83 -11.16
C ARG A 59 2.58 4.43 -10.68
N GLU A 60 2.55 3.33 -9.95
CA GLU A 60 1.31 2.79 -9.40
C GLU A 60 0.57 3.79 -8.53
N LEU A 61 1.31 4.59 -7.78
CA LEU A 61 0.72 5.59 -6.90
C LEU A 61 -0.24 6.51 -7.66
N ARG A 62 0.29 7.22 -8.64
CA ARG A 62 -0.52 8.13 -9.44
C ARG A 62 -1.65 7.36 -10.13
N GLU A 63 -1.57 6.03 -10.11
CA GLU A 63 -2.58 5.21 -10.75
C GLU A 63 -3.69 4.83 -9.77
N GLU A 64 -3.30 4.51 -8.53
CA GLU A 64 -4.25 4.11 -7.50
C GLU A 64 -4.74 5.31 -6.69
N THR A 65 -3.88 6.32 -6.53
CA THR A 65 -4.26 7.50 -5.76
C THR A 65 -4.16 8.76 -6.60
N GLY A 66 -3.40 8.69 -7.68
CA GLY A 66 -3.24 9.83 -8.55
C GLY A 66 -2.33 10.90 -7.98
N VAL A 67 -1.75 10.64 -6.81
CA VAL A 67 -0.85 11.59 -6.18
C VAL A 67 0.43 11.73 -7.00
N THR A 68 0.60 12.89 -7.63
CA THR A 68 1.78 13.15 -8.45
C THR A 68 2.85 13.87 -7.64
N SER A 69 2.42 14.67 -6.66
CA SER A 69 3.37 15.41 -5.83
C SER A 69 3.75 14.59 -4.61
N ALA A 70 4.62 13.62 -4.83
CA ALA A 70 5.10 12.75 -3.77
C ALA A 70 6.52 12.28 -4.04
N GLU A 71 7.38 12.40 -3.04
CA GLU A 71 8.77 11.99 -3.17
C GLU A 71 9.08 10.90 -2.17
N VAL A 72 9.84 9.91 -2.61
CA VAL A 72 10.20 8.81 -1.74
C VAL A 72 11.13 9.25 -0.63
N ILE A 73 10.67 9.07 0.60
CA ILE A 73 11.45 9.45 1.77
C ILE A 73 12.22 8.24 2.30
N ALA A 74 11.71 7.04 1.99
CA ALA A 74 12.35 5.81 2.44
C ALA A 74 11.84 4.60 1.67
N GLU A 75 12.50 3.47 1.89
CA GLU A 75 12.14 2.21 1.25
C GLU A 75 12.48 1.05 2.17
N VAL A 76 11.49 0.23 2.48
CA VAL A 76 11.70 -0.91 3.36
C VAL A 76 12.78 -1.82 2.80
N PRO A 77 13.82 -2.13 3.60
CA PRO A 77 14.94 -2.99 3.17
C PRO A 77 14.50 -4.39 2.78
N TYR A 78 13.31 -4.79 3.22
CA TYR A 78 12.79 -6.11 2.91
C TYR A 78 11.43 -6.03 2.20
N TRP A 79 10.84 -7.18 1.96
CA TRP A 79 9.55 -7.24 1.32
C TRP A 79 8.46 -7.52 2.34
N LEU A 80 7.29 -6.97 2.10
CA LEU A 80 6.16 -7.16 3.00
C LEU A 80 5.18 -8.14 2.37
N THR A 81 4.98 -9.26 3.03
CA THR A 81 4.08 -10.30 2.53
C THR A 81 2.91 -10.50 3.49
N TYR A 82 1.73 -10.65 2.91
CA TYR A 82 0.51 -10.85 3.68
C TYR A 82 -0.32 -11.99 3.08
N ASP A 83 -1.34 -12.41 3.80
CA ASP A 83 -2.21 -13.49 3.34
C ASP A 83 -3.67 -13.09 3.40
N PHE A 84 -4.49 -13.77 2.63
CA PHE A 84 -5.93 -13.50 2.59
C PHE A 84 -6.72 -14.66 3.17
N PRO A 85 -7.84 -14.38 3.86
CA PRO A 85 -8.68 -15.42 4.47
C PRO A 85 -9.36 -16.31 3.43
N PRO A 86 -10.01 -17.39 3.88
CA PRO A 86 -10.69 -18.34 2.99
C PRO A 86 -11.81 -17.70 2.18
N LYS A 87 -12.26 -16.53 2.61
CA LYS A 87 -13.34 -15.83 1.91
C LYS A 87 -12.76 -14.93 0.85
N VAL A 88 -11.63 -14.30 1.18
CA VAL A 88 -10.95 -13.41 0.26
C VAL A 88 -10.20 -14.23 -0.79
N ARG A 89 -9.42 -15.20 -0.33
CA ARG A 89 -8.67 -16.07 -1.22
C ARG A 89 -9.62 -16.69 -2.23
N GLU A 90 -10.66 -17.28 -1.71
CA GLU A 90 -11.69 -17.94 -2.53
C GLU A 90 -12.42 -16.92 -3.40
N LYS A 91 -12.54 -15.70 -2.88
CA LYS A 91 -13.22 -14.64 -3.61
C LYS A 91 -12.35 -14.11 -4.75
N LEU A 92 -11.07 -13.89 -4.46
CA LEU A 92 -10.14 -13.40 -5.47
C LEU A 92 -10.05 -14.39 -6.63
N ASN A 93 -9.86 -15.66 -6.30
CA ASN A 93 -9.75 -16.70 -7.31
C ASN A 93 -10.87 -16.57 -8.34
N ILE A 94 -12.02 -16.06 -7.90
CA ILE A 94 -13.16 -15.87 -8.80
C ILE A 94 -13.22 -14.44 -9.33
N GLN A 95 -13.09 -13.47 -8.43
CA GLN A 95 -13.15 -12.06 -8.80
C GLN A 95 -11.89 -11.66 -9.57
N TRP A 96 -10.74 -11.89 -8.96
CA TRP A 96 -9.46 -11.57 -9.59
C TRP A 96 -9.05 -12.64 -10.59
N GLY A 97 -9.48 -13.86 -10.34
CA GLY A 97 -9.13 -14.96 -11.24
C GLY A 97 -7.67 -15.33 -11.16
N SER A 98 -7.11 -15.29 -9.95
CA SER A 98 -5.71 -15.62 -9.76
C SER A 98 -5.54 -16.60 -8.60
N ASP A 99 -4.46 -17.37 -8.65
CA ASP A 99 -4.16 -18.35 -7.62
C ASP A 99 -2.87 -17.98 -6.89
N TRP A 100 -2.95 -17.01 -6.00
CA TRP A 100 -1.78 -16.56 -5.25
C TRP A 100 -1.99 -16.75 -3.75
N LYS A 101 -0.90 -16.96 -3.04
CA LYS A 101 -0.95 -17.15 -1.59
C LYS A 101 -1.16 -15.81 -0.90
N GLY A 102 -0.63 -14.77 -1.52
CA GLY A 102 -0.74 -13.42 -0.99
C GLY A 102 -0.08 -12.41 -1.89
N GLN A 103 0.71 -11.52 -1.31
CA GLN A 103 1.41 -10.50 -2.10
C GLN A 103 2.63 -9.95 -1.38
N ALA A 104 3.81 -10.22 -1.93
CA ALA A 104 5.05 -9.71 -1.36
C ALA A 104 5.43 -8.40 -2.04
N GLN A 105 5.24 -7.28 -1.32
CA GLN A 105 5.53 -5.97 -1.89
C GLN A 105 6.57 -5.19 -1.08
N LYS A 106 7.20 -4.24 -1.74
CA LYS A 106 8.20 -3.38 -1.12
C LYS A 106 7.62 -1.99 -0.89
N TRP A 107 7.18 -1.74 0.33
CA TRP A 107 6.60 -0.45 0.67
C TRP A 107 7.63 0.67 0.67
N PHE A 108 7.31 1.76 -0.02
CA PHE A 108 8.21 2.91 -0.09
C PHE A 108 7.55 4.12 0.55
N LEU A 109 8.30 4.86 1.35
CA LEU A 109 7.77 6.04 2.00
C LEU A 109 7.76 7.21 1.03
N PHE A 110 6.66 7.98 1.03
CA PHE A 110 6.54 9.11 0.12
C PHE A 110 6.14 10.38 0.86
N LYS A 111 6.83 11.46 0.56
CA LYS A 111 6.53 12.76 1.15
C LYS A 111 5.64 13.56 0.21
N PHE A 112 4.45 13.92 0.68
CA PHE A 112 3.53 14.67 -0.16
C PHE A 112 4.05 16.08 -0.41
N THR A 113 4.19 16.43 -1.69
CA THR A 113 4.67 17.75 -2.08
C THR A 113 3.68 18.43 -3.01
N GLY A 114 2.40 18.21 -2.75
CA GLY A 114 1.36 18.81 -3.57
C GLY A 114 0.23 19.36 -2.73
N GLN A 115 -0.99 19.26 -3.26
CA GLN A 115 -2.16 19.74 -2.56
C GLN A 115 -3.23 18.66 -2.53
N ASP A 116 -4.10 18.72 -1.53
CA ASP A 116 -5.17 17.75 -1.38
C ASP A 116 -5.96 17.58 -2.69
N GLN A 117 -5.80 18.53 -3.61
CA GLN A 117 -6.49 18.49 -4.89
C GLN A 117 -5.84 17.47 -5.82
N GLU A 118 -4.58 17.16 -5.56
CA GLU A 118 -3.84 16.20 -6.38
C GLU A 118 -4.27 14.78 -6.07
N ILE A 119 -4.77 14.58 -4.84
CA ILE A 119 -5.23 13.26 -4.41
C ILE A 119 -6.47 12.82 -5.17
N ASN A 120 -6.28 11.90 -6.10
CA ASN A 120 -7.38 11.37 -6.89
C ASN A 120 -7.48 9.87 -6.70
N LEU A 121 -8.34 9.45 -5.78
CA LEU A 121 -8.53 8.03 -5.48
C LEU A 121 -8.89 7.24 -6.72
N LEU A 122 -9.40 7.91 -7.75
CA LEU A 122 -9.76 7.25 -8.99
C LEU A 122 -8.52 6.71 -9.67
N GLY A 123 -7.61 7.61 -9.99
CA GLY A 123 -6.37 7.23 -10.63
C GLY A 123 -5.91 8.29 -11.62
N ASP A 124 -4.85 7.99 -12.33
CA ASP A 124 -4.32 8.92 -13.32
C ASP A 124 -4.93 8.62 -14.68
N GLY A 125 -6.21 8.29 -14.68
CA GLY A 125 -6.90 7.98 -15.91
C GLY A 125 -6.47 6.65 -16.49
N SER A 126 -6.01 5.75 -15.63
CA SER A 126 -5.55 4.44 -16.05
C SER A 126 -6.42 3.33 -15.48
N GLU A 127 -6.34 3.14 -14.16
CA GLU A 127 -7.12 2.11 -13.50
C GLU A 127 -8.42 2.69 -12.94
N LYS A 128 -9.35 1.79 -12.58
CA LYS A 128 -10.63 2.21 -12.04
C LYS A 128 -10.52 2.53 -10.54
N PRO A 129 -11.34 3.47 -10.06
CA PRO A 129 -11.33 3.87 -8.65
C PRO A 129 -11.39 2.68 -7.70
N GLU A 130 -10.42 2.60 -6.79
CA GLU A 130 -10.36 1.51 -5.83
C GLU A 130 -10.76 2.01 -4.43
N PHE A 131 -10.51 3.29 -4.18
CA PHE A 131 -10.84 3.90 -2.90
C PHE A 131 -11.98 4.90 -3.07
N GLY A 132 -12.68 5.20 -1.96
CA GLY A 132 -13.78 6.14 -2.03
C GLY A 132 -13.51 7.38 -1.21
N GLU A 133 -12.63 7.24 -0.23
CA GLU A 133 -12.26 8.34 0.64
C GLU A 133 -10.84 8.16 1.17
N TRP A 134 -10.37 9.16 1.87
CA TRP A 134 -9.03 9.12 2.46
C TRP A 134 -8.90 10.11 3.60
N SER A 135 -7.91 9.87 4.45
CA SER A 135 -7.66 10.74 5.59
C SER A 135 -6.24 10.58 6.12
N TRP A 136 -5.83 11.50 6.99
CA TRP A 136 -4.50 11.47 7.58
C TRP A 136 -4.53 10.82 8.95
N VAL A 137 -3.76 9.75 9.11
CA VAL A 137 -3.71 9.03 10.39
C VAL A 137 -2.28 8.76 10.82
N THR A 138 -2.08 8.69 12.13
CA THR A 138 -0.77 8.42 12.69
C THR A 138 -0.39 6.96 12.42
N PRO A 139 0.91 6.63 12.48
CA PRO A 139 1.36 5.25 12.24
C PRO A 139 0.68 4.27 13.18
N GLU A 140 0.12 4.79 14.26
CA GLU A 140 -0.57 3.96 15.24
C GLU A 140 -2.05 3.86 14.88
N GLN A 141 -2.59 4.95 14.32
CA GLN A 141 -3.98 4.98 13.92
C GLN A 141 -4.19 4.12 12.69
N LEU A 142 -3.36 4.35 11.67
CA LEU A 142 -3.45 3.58 10.44
C LEU A 142 -3.34 2.09 10.76
N ILE A 143 -2.60 1.80 11.81
CA ILE A 143 -2.41 0.43 12.26
C ILE A 143 -3.71 -0.09 12.86
N ASP A 144 -4.53 0.83 13.37
CA ASP A 144 -5.82 0.48 13.94
C ASP A 144 -6.86 0.32 12.85
N LEU A 145 -6.55 0.87 11.66
CA LEU A 145 -7.45 0.79 10.52
C LEU A 145 -7.18 -0.49 9.74
N THR A 146 -5.91 -0.84 9.65
CA THR A 146 -5.47 -2.03 8.93
C THR A 146 -6.14 -3.28 9.52
N VAL A 147 -6.10 -4.37 8.75
CA VAL A 147 -6.69 -5.63 9.18
C VAL A 147 -5.67 -6.48 9.94
N GLU A 148 -6.16 -7.45 10.69
CA GLU A 148 -5.28 -8.33 11.46
C GLU A 148 -4.24 -9.01 10.59
N PHE A 149 -4.59 -9.27 9.33
CA PHE A 149 -3.67 -9.94 8.42
C PHE A 149 -2.85 -8.93 7.60
N LYS A 150 -2.97 -7.65 7.94
CA LYS A 150 -2.22 -6.61 7.23
C LYS A 150 -1.57 -5.64 8.21
N LYS A 151 -1.90 -5.76 9.49
CA LYS A 151 -1.33 -4.89 10.52
C LYS A 151 0.19 -4.90 10.48
N PRO A 152 0.82 -6.07 10.67
CA PRO A 152 2.27 -6.20 10.65
C PRO A 152 2.87 -5.71 9.33
N VAL A 153 2.23 -6.07 8.24
CA VAL A 153 2.68 -5.67 6.91
C VAL A 153 2.75 -4.15 6.79
N TYR A 154 1.93 -3.48 7.56
CA TYR A 154 1.90 -2.02 7.58
C TYR A 154 2.84 -1.49 8.66
N LYS A 155 2.63 -1.97 9.89
CA LYS A 155 3.46 -1.56 11.02
C LYS A 155 4.94 -1.61 10.65
N GLU A 156 5.29 -2.63 9.89
CA GLU A 156 6.67 -2.81 9.43
C GLU A 156 7.08 -1.61 8.59
N VAL A 157 6.19 -1.23 7.68
CA VAL A 157 6.43 -0.09 6.81
C VAL A 157 6.65 1.17 7.64
N LEU A 158 5.75 1.41 8.58
CA LEU A 158 5.84 2.57 9.45
C LEU A 158 7.12 2.48 10.29
N SER A 159 7.32 1.32 10.90
CA SER A 159 8.51 1.09 11.72
C SER A 159 9.77 1.48 10.98
N VAL A 160 9.83 1.13 9.71
CA VAL A 160 10.98 1.46 8.88
C VAL A 160 10.98 2.94 8.54
N PHE A 161 9.79 3.54 8.57
CA PHE A 161 9.62 4.95 8.25
C PHE A 161 9.40 5.80 9.50
N ALA A 162 9.64 5.21 10.65
CA ALA A 162 9.47 5.90 11.93
C ALA A 162 10.24 7.22 11.95
N PRO A 163 11.56 7.18 11.69
CA PRO A 163 12.40 8.37 11.69
C PRO A 163 11.89 9.44 10.73
N HIS A 164 11.10 9.02 9.74
CA HIS A 164 10.54 9.94 8.77
C HIS A 164 9.19 10.46 9.24
N LEU A 165 8.58 9.77 10.19
CA LEU A 165 7.29 10.18 10.72
C LEU A 165 7.41 10.65 12.16
PG ATP B . -6.25 -2.58 -2.11
O1G ATP B . -5.48 -1.50 -2.79
O2G ATP B . -7.48 -2.62 -2.94
O3G ATP B . -6.63 -2.44 -0.69
PB ATP B . -5.74 -5.08 -3.07
O1B ATP B . -4.54 -5.21 -3.93
O2B ATP B . -7.09 -4.97 -3.68
O3B ATP B . -5.52 -3.87 -2.23
PA ATP B . -5.32 -6.69 -0.90
O1A ATP B . -5.02 -5.58 0.03
O2A ATP B . -4.37 -7.83 -0.98
O3A ATP B . -5.71 -6.34 -2.29
O5' ATP B . -6.74 -7.22 -0.42
C5' ATP B . -7.54 -8.04 -1.26
C4' ATP B . -8.83 -8.39 -0.56
O4' ATP B . -8.57 -8.62 0.85
C3' ATP B . -9.91 -7.32 -0.58
O3' ATP B . -10.65 -7.33 -1.79
C2' ATP B . -10.74 -7.69 0.64
O2' ATP B . -11.59 -8.80 0.36
C1' ATP B . -9.66 -8.13 1.61
N9 ATP B . -9.18 -7.06 2.48
C8 ATP B . -8.16 -6.17 2.24
N7 ATP B . -7.96 -5.31 3.22
C5 ATP B . -8.92 -5.67 4.17
C6 ATP B . -9.22 -5.16 5.44
N6 ATP B . -8.58 -4.12 6.00
N1 ATP B . -10.24 -5.74 6.12
C2 ATP B . -10.88 -6.77 5.56
N3 ATP B . -10.67 -7.34 4.38
C4 ATP B . -9.67 -6.74 3.73
H5'1 ATP B . -7.01 -8.96 -1.51
H5'2 ATP B . -7.78 -7.51 -2.18
H4' ATP B . -9.25 -9.27 -1.07
H3' ATP B . -9.48 -6.33 -0.49
HO3' ATP B . -10.03 -7.38 -2.51
H2' ATP B . -11.29 -6.82 1.00
HO2' ATP B . -11.26 -9.21 -0.44
H1' ATP B . -9.99 -8.96 2.25
H8 ATP B . -7.59 -6.17 1.33
HN61 ATP B . -7.83 -3.67 5.50
HN62 ATP B . -8.86 -3.79 6.90
H2 ATP B . -11.67 -7.21 6.16
N GLY A 1 11.02 -18.37 10.43
CA GLY A 1 9.85 -17.46 10.59
C GLY A 1 10.24 -16.14 11.24
N PRO A 2 10.94 -15.26 10.52
CA PRO A 2 11.37 -13.97 11.05
C PRO A 2 10.20 -13.01 11.23
N LEU A 3 10.51 -11.73 11.46
CA LEU A 3 9.48 -10.72 11.65
C LEU A 3 8.57 -10.62 10.42
N GLY A 4 7.72 -9.60 10.40
CA GLY A 4 6.82 -9.41 9.29
C GLY A 4 7.46 -8.66 8.13
N SER A 5 8.59 -9.19 7.65
CA SER A 5 9.31 -8.58 6.55
C SER A 5 9.78 -9.66 5.58
N MET A 6 10.76 -9.30 4.77
CA MET A 6 11.33 -10.22 3.80
C MET A 6 12.43 -9.54 2.98
N ASP A 7 13.66 -9.97 3.19
CA ASP A 7 14.81 -9.40 2.47
C ASP A 7 14.90 -9.92 1.04
N SER A 8 13.83 -10.54 0.54
CA SER A 8 13.80 -11.07 -0.81
C SER A 8 12.42 -11.62 -1.15
N PRO A 9 11.87 -11.27 -2.32
CA PRO A 9 10.55 -11.75 -2.74
C PRO A 9 10.53 -13.26 -3.00
N PRO A 10 9.66 -14.01 -2.29
CA PRO A 10 9.55 -15.44 -2.45
C PRO A 10 8.52 -15.81 -3.51
N GLU A 11 8.40 -17.11 -3.77
CA GLU A 11 7.44 -17.59 -4.77
C GLU A 11 6.09 -17.88 -4.17
N GLY A 12 5.91 -17.48 -2.92
CA GLY A 12 4.65 -17.68 -2.24
C GLY A 12 3.80 -16.44 -2.27
N TYR A 13 4.43 -15.32 -2.62
CA TYR A 13 3.75 -14.04 -2.70
C TYR A 13 4.03 -13.35 -4.03
N ARG A 14 2.99 -12.70 -4.58
CA ARG A 14 3.14 -11.99 -5.85
C ARG A 14 3.85 -10.66 -5.65
N ARG A 15 4.61 -10.23 -6.65
CA ARG A 15 5.33 -8.95 -6.57
C ARG A 15 4.39 -7.77 -6.55
N ASN A 16 4.61 -6.88 -5.59
CA ASN A 16 3.78 -5.69 -5.44
C ASN A 16 4.58 -4.56 -4.78
N VAL A 17 4.10 -3.33 -4.91
CA VAL A 17 4.79 -2.19 -4.31
C VAL A 17 3.80 -1.27 -3.60
N GLY A 18 4.08 -0.98 -2.33
CA GLY A 18 3.21 -0.12 -1.55
C GLY A 18 3.72 1.30 -1.50
N ILE A 19 2.82 2.26 -1.62
CA ILE A 19 3.19 3.68 -1.58
C ILE A 19 2.60 4.36 -0.36
N CYS A 20 3.43 4.57 0.66
CA CYS A 20 2.99 5.24 1.87
C CYS A 20 3.21 6.74 1.74
N LEU A 21 2.14 7.48 1.52
CA LEU A 21 2.25 8.93 1.36
C LEU A 21 1.79 9.65 2.61
N MET A 22 2.39 10.82 2.86
CA MET A 22 2.06 11.63 4.02
C MET A 22 1.78 13.07 3.62
N ASN A 23 1.03 13.78 4.46
CA ASN A 23 0.68 15.16 4.19
C ASN A 23 1.56 16.12 4.99
N ASN A 24 1.45 17.41 4.67
CA ASN A 24 2.23 18.44 5.33
C ASN A 24 1.99 18.44 6.85
N ASP A 25 0.92 17.77 7.28
CA ASP A 25 0.59 17.70 8.70
C ASP A 25 1.26 16.49 9.35
N LYS A 26 2.03 15.74 8.55
CA LYS A 26 2.75 14.57 9.03
C LYS A 26 1.82 13.37 9.22
N LYS A 27 0.74 13.33 8.45
CA LYS A 27 -0.20 12.22 8.54
C LYS A 27 0.07 11.23 7.42
N ILE A 28 -0.59 10.08 7.46
CA ILE A 28 -0.40 9.06 6.44
C ILE A 28 -1.65 8.93 5.58
N PHE A 29 -1.48 9.14 4.27
CA PHE A 29 -2.58 9.05 3.34
C PHE A 29 -3.27 7.70 3.42
N ALA A 30 -4.51 7.71 3.93
CA ALA A 30 -5.28 6.49 4.06
C ALA A 30 -6.53 6.57 3.18
N ALA A 31 -6.85 5.47 2.52
CA ALA A 31 -8.02 5.42 1.65
C ALA A 31 -8.96 4.30 2.05
N SER A 32 -10.26 4.59 1.99
CA SER A 32 -11.27 3.60 2.34
C SER A 32 -11.55 2.67 1.17
N ARG A 33 -12.05 1.48 1.47
CA ARG A 33 -12.35 0.49 0.44
C ARG A 33 -13.57 0.89 -0.37
N LEU A 34 -13.66 0.36 -1.56
CA LEU A 34 -14.79 0.61 -2.45
C LEU A 34 -15.88 -0.42 -2.22
N ASP A 35 -15.59 -1.42 -1.38
CA ASP A 35 -16.55 -2.48 -1.12
C ASP A 35 -16.69 -2.76 0.39
N ILE A 36 -15.74 -2.30 1.20
CA ILE A 36 -15.81 -2.53 2.63
C ILE A 36 -15.88 -1.20 3.39
N PRO A 37 -17.06 -0.85 3.93
CA PRO A 37 -17.25 0.39 4.68
C PRO A 37 -16.35 0.44 5.91
N ASP A 38 -15.61 1.54 6.05
CA ASP A 38 -14.71 1.74 7.19
C ASP A 38 -13.39 1.01 6.99
N ALA A 39 -13.26 0.36 5.87
CA ALA A 39 -12.03 -0.37 5.56
C ALA A 39 -11.02 0.55 4.90
N TRP A 40 -10.11 1.05 5.70
CA TRP A 40 -9.07 1.95 5.21
C TRP A 40 -7.75 1.22 5.03
N GLN A 41 -6.93 1.76 4.14
CA GLN A 41 -5.62 1.18 3.84
C GLN A 41 -4.79 2.15 3.00
N MET A 42 -3.60 1.70 2.62
CA MET A 42 -2.71 2.51 1.80
C MET A 42 -2.73 2.05 0.34
N PRO A 43 -2.37 2.94 -0.60
CA PRO A 43 -2.36 2.63 -2.03
C PRO A 43 -1.24 1.65 -2.40
N GLN A 44 -1.63 0.51 -2.97
CA GLN A 44 -0.68 -0.51 -3.38
C GLN A 44 -0.82 -0.82 -4.86
N GLY A 45 0.20 -1.43 -5.44
CA GLY A 45 0.16 -1.77 -6.85
C GLY A 45 1.14 -2.86 -7.22
N GLY A 46 0.72 -3.79 -8.06
CA GLY A 46 1.58 -4.88 -8.47
C GLY A 46 2.70 -4.41 -9.39
N ILE A 47 3.93 -4.78 -9.05
CA ILE A 47 5.08 -4.39 -9.85
C ILE A 47 4.97 -4.96 -11.26
N ASP A 48 5.70 -4.36 -12.19
CA ASP A 48 5.68 -4.80 -13.58
C ASP A 48 6.77 -5.85 -13.83
N GLU A 49 6.53 -6.76 -14.77
CA GLU A 49 7.47 -7.80 -15.10
C GLU A 49 8.85 -7.21 -15.40
N GLY A 50 9.71 -7.27 -14.40
CA GLY A 50 11.05 -6.73 -14.55
C GLY A 50 11.09 -5.24 -14.26
N GLU A 51 10.32 -4.83 -13.26
CA GLU A 51 10.25 -3.43 -12.86
C GLU A 51 10.82 -3.25 -11.47
N ASP A 52 11.40 -2.09 -11.24
CA ASP A 52 11.99 -1.75 -9.94
C ASP A 52 10.89 -1.40 -8.94
N PRO A 53 11.05 -1.80 -7.67
CA PRO A 53 10.05 -1.53 -6.63
C PRO A 53 9.75 -0.04 -6.47
N ARG A 54 10.78 0.74 -6.19
CA ARG A 54 10.62 2.19 -6.02
C ARG A 54 10.02 2.84 -7.26
N ASN A 55 10.20 2.20 -8.41
CA ASN A 55 9.67 2.73 -9.66
C ASN A 55 8.25 2.23 -9.87
N ALA A 56 8.04 0.96 -9.60
CA ALA A 56 6.71 0.36 -9.74
C ALA A 56 5.73 1.03 -8.80
N ALA A 57 6.23 1.46 -7.64
CA ALA A 57 5.41 2.14 -6.65
C ALA A 57 5.05 3.54 -7.13
N ILE A 58 6.07 4.31 -7.50
CA ILE A 58 5.87 5.65 -8.01
C ILE A 58 4.94 5.63 -9.21
N ARG A 59 4.97 4.52 -9.94
CA ARG A 59 4.12 4.33 -11.10
C ARG A 59 2.74 3.89 -10.66
N GLU A 60 2.74 2.84 -9.87
CA GLU A 60 1.51 2.26 -9.34
C GLU A 60 0.66 3.29 -8.61
N LEU A 61 1.30 4.10 -7.77
CA LEU A 61 0.59 5.13 -7.02
C LEU A 61 -0.20 6.03 -7.95
N ARG A 62 0.47 6.57 -8.95
CA ARG A 62 -0.18 7.44 -9.92
C ARG A 62 -1.29 6.69 -10.65
N GLU A 63 -1.30 5.37 -10.53
CA GLU A 63 -2.32 4.56 -11.20
C GLU A 63 -3.53 4.32 -10.30
N GLU A 64 -3.28 4.03 -9.03
CA GLU A 64 -4.37 3.75 -8.09
C GLU A 64 -4.86 5.01 -7.38
N THR A 65 -3.99 6.00 -7.24
CA THR A 65 -4.35 7.24 -6.57
C THR A 65 -4.18 8.43 -7.49
N GLY A 66 -3.35 8.26 -8.52
CA GLY A 66 -3.11 9.34 -9.46
C GLY A 66 -2.30 10.48 -8.86
N VAL A 67 -1.79 10.28 -7.64
CA VAL A 67 -0.99 11.31 -6.99
C VAL A 67 0.29 11.56 -7.77
N THR A 68 0.38 12.73 -8.39
CA THR A 68 1.57 13.08 -9.17
C THR A 68 2.59 13.84 -8.32
N SER A 69 2.10 14.66 -7.39
CA SER A 69 2.97 15.43 -6.54
C SER A 69 3.30 14.67 -5.27
N ALA A 70 4.20 13.71 -5.39
CA ALA A 70 4.63 12.90 -4.26
C ALA A 70 6.08 12.45 -4.45
N GLU A 71 6.90 12.67 -3.44
CA GLU A 71 8.30 12.28 -3.48
C GLU A 71 8.61 11.28 -2.40
N VAL A 72 9.42 10.29 -2.72
CA VAL A 72 9.78 9.26 -1.75
C VAL A 72 10.66 9.84 -0.66
N ILE A 73 10.18 9.71 0.57
CA ILE A 73 10.91 10.20 1.74
C ILE A 73 11.68 9.05 2.39
N ALA A 74 11.22 7.83 2.13
CA ALA A 74 11.85 6.64 2.70
C ALA A 74 11.42 5.38 1.97
N GLU A 75 12.16 4.30 2.21
CA GLU A 75 11.88 3.01 1.59
C GLU A 75 12.28 1.89 2.53
N VAL A 76 11.33 1.05 2.89
CA VAL A 76 11.61 -0.07 3.79
C VAL A 76 12.71 -0.95 3.21
N PRO A 77 13.78 -1.21 3.99
CA PRO A 77 14.93 -2.01 3.55
C PRO A 77 14.54 -3.43 3.14
N TYR A 78 13.38 -3.88 3.59
CA TYR A 78 12.91 -5.22 3.27
C TYR A 78 11.56 -5.19 2.56
N TRP A 79 11.01 -6.37 2.31
CA TRP A 79 9.72 -6.50 1.66
C TRP A 79 8.66 -6.87 2.68
N LEU A 80 7.45 -6.40 2.46
CA LEU A 80 6.35 -6.69 3.36
C LEU A 80 5.42 -7.72 2.76
N THR A 81 5.32 -8.85 3.45
CA THR A 81 4.48 -9.96 3.00
C THR A 81 3.40 -10.28 4.03
N TYR A 82 2.17 -10.44 3.55
CA TYR A 82 1.05 -10.75 4.43
C TYR A 82 0.20 -11.88 3.85
N ASP A 83 -0.72 -12.38 4.66
CA ASP A 83 -1.59 -13.47 4.22
C ASP A 83 -3.06 -13.07 4.31
N PHE A 84 -3.87 -13.81 3.60
CA PHE A 84 -5.31 -13.58 3.57
C PHE A 84 -6.07 -14.71 4.26
N PRO A 85 -7.17 -14.38 4.96
CA PRO A 85 -7.98 -15.38 5.68
C PRO A 85 -8.68 -16.35 4.74
N PRO A 86 -9.30 -17.40 5.30
CA PRO A 86 -10.02 -18.42 4.52
C PRO A 86 -11.18 -17.87 3.70
N LYS A 87 -11.62 -16.65 4.05
CA LYS A 87 -12.73 -16.02 3.35
C LYS A 87 -12.20 -15.18 2.20
N VAL A 88 -11.05 -14.56 2.43
CA VAL A 88 -10.42 -13.73 1.42
C VAL A 88 -9.71 -14.60 0.40
N ARG A 89 -8.92 -15.55 0.89
CA ARG A 89 -8.21 -16.47 0.02
C ARG A 89 -9.19 -17.20 -0.88
N GLU A 90 -10.18 -17.77 -0.24
CA GLU A 90 -11.22 -18.51 -0.95
C GLU A 90 -12.00 -17.60 -1.90
N LYS A 91 -12.03 -16.32 -1.58
CA LYS A 91 -12.73 -15.34 -2.41
C LYS A 91 -11.85 -14.87 -3.56
N LEU A 92 -10.58 -14.57 -3.25
CA LEU A 92 -9.65 -14.12 -4.28
C LEU A 92 -9.44 -15.19 -5.33
N ASN A 93 -9.22 -16.42 -4.88
CA ASN A 93 -9.00 -17.54 -5.78
C ASN A 93 -10.06 -17.55 -6.88
N ILE A 94 -11.26 -17.08 -6.55
CA ILE A 94 -12.36 -17.02 -7.51
C ILE A 94 -12.45 -15.63 -8.15
N GLN A 95 -12.42 -14.60 -7.31
CA GLN A 95 -12.51 -13.23 -7.78
C GLN A 95 -11.25 -12.84 -8.56
N TRP A 96 -10.12 -12.94 -7.91
CA TRP A 96 -8.84 -12.61 -8.53
C TRP A 96 -8.38 -13.74 -9.46
N GLY A 97 -8.73 -14.97 -9.10
CA GLY A 97 -8.34 -16.11 -9.92
C GLY A 97 -6.89 -16.48 -9.73
N SER A 98 -6.39 -16.35 -8.50
CA SER A 98 -5.01 -16.67 -8.19
C SER A 98 -4.93 -17.56 -6.95
N ASP A 99 -3.87 -18.34 -6.86
CA ASP A 99 -3.66 -19.24 -5.73
C ASP A 99 -2.38 -18.86 -4.98
N TRP A 100 -2.22 -17.56 -4.71
CA TRP A 100 -1.06 -17.06 -4.01
C TRP A 100 -1.34 -16.93 -2.51
N LYS A 101 -0.30 -17.08 -1.70
CA LYS A 101 -0.44 -16.98 -0.25
C LYS A 101 -0.68 -15.53 0.16
N GLY A 102 -0.13 -14.60 -0.62
CA GLY A 102 -0.29 -13.20 -0.34
C GLY A 102 0.42 -12.33 -1.36
N GLN A 103 1.15 -11.33 -0.89
CA GLN A 103 1.87 -10.44 -1.78
C GLN A 103 3.03 -9.75 -1.05
N ALA A 104 4.25 -10.06 -1.47
CA ALA A 104 5.44 -9.46 -0.88
C ALA A 104 5.76 -8.15 -1.59
N GLN A 105 5.48 -7.03 -0.92
CA GLN A 105 5.74 -5.72 -1.52
C GLN A 105 6.66 -4.86 -0.67
N LYS A 106 7.48 -4.07 -1.36
CA LYS A 106 8.41 -3.16 -0.70
C LYS A 106 7.79 -1.77 -0.61
N TRP A 107 7.23 -1.45 0.55
CA TRP A 107 6.58 -0.17 0.76
C TRP A 107 7.57 1.00 0.71
N PHE A 108 7.11 2.11 0.15
CA PHE A 108 7.93 3.32 0.03
C PHE A 108 7.17 4.52 0.58
N LEU A 109 7.85 5.36 1.34
CA LEU A 109 7.23 6.55 1.88
C LEU A 109 7.15 7.63 0.81
N PHE A 110 6.20 8.55 0.92
CA PHE A 110 6.05 9.61 -0.05
C PHE A 110 5.58 10.91 0.58
N LYS A 111 6.25 11.99 0.22
CA LYS A 111 5.89 13.32 0.71
C LYS A 111 5.02 14.01 -0.33
N PHE A 112 3.79 14.33 0.06
CA PHE A 112 2.86 14.99 -0.85
C PHE A 112 3.33 16.41 -1.16
N THR A 113 3.56 16.69 -2.43
CA THR A 113 4.01 18.01 -2.86
C THR A 113 3.03 18.60 -3.87
N GLY A 114 1.74 18.35 -3.66
CA GLY A 114 0.72 18.85 -4.54
C GLY A 114 -0.47 19.39 -3.78
N GLN A 115 -1.67 19.20 -4.34
CA GLN A 115 -2.89 19.65 -3.72
C GLN A 115 -3.88 18.51 -3.62
N ASP A 116 -4.78 18.60 -2.65
CA ASP A 116 -5.79 17.56 -2.45
C ASP A 116 -6.52 17.22 -3.76
N GLN A 117 -6.39 18.10 -4.76
CA GLN A 117 -7.03 17.89 -6.05
C GLN A 117 -6.27 16.85 -6.88
N GLU A 118 -5.02 16.58 -6.49
CA GLU A 118 -4.20 15.62 -7.20
C GLU A 118 -4.54 14.19 -6.79
N ILE A 119 -5.08 14.04 -5.58
CA ILE A 119 -5.45 12.74 -5.07
C ILE A 119 -6.70 12.20 -5.75
N ASN A 120 -6.51 11.25 -6.66
CA ASN A 120 -7.61 10.63 -7.38
C ASN A 120 -7.59 9.13 -7.16
N LEU A 121 -8.38 8.67 -6.20
CA LEU A 121 -8.45 7.25 -5.88
C LEU A 121 -8.83 6.42 -7.09
N LEU A 122 -9.44 7.05 -8.09
CA LEU A 122 -9.83 6.34 -9.30
C LEU A 122 -8.59 5.82 -10.02
N GLY A 123 -7.72 6.74 -10.36
CA GLY A 123 -6.49 6.39 -11.04
C GLY A 123 -6.12 7.43 -12.07
N ASP A 124 -5.10 7.13 -12.86
CA ASP A 124 -4.66 8.04 -13.92
C ASP A 124 -5.34 7.68 -15.22
N GLY A 125 -6.62 7.31 -15.13
CA GLY A 125 -7.37 6.94 -16.32
C GLY A 125 -6.91 5.63 -16.91
N SER A 126 -6.37 4.77 -16.06
CA SER A 126 -5.87 3.48 -16.50
C SER A 126 -6.69 2.34 -15.90
N GLU A 127 -6.57 2.17 -14.58
CA GLU A 127 -7.30 1.10 -13.88
C GLU A 127 -8.57 1.64 -13.24
N LYS A 128 -9.46 0.74 -12.84
CA LYS A 128 -10.71 1.11 -12.20
C LYS A 128 -10.49 1.52 -10.75
N PRO A 129 -11.30 2.46 -10.24
CA PRO A 129 -11.18 2.95 -8.86
C PRO A 129 -11.18 1.80 -7.85
N GLU A 130 -10.28 1.90 -6.87
CA GLU A 130 -10.17 0.88 -5.82
C GLU A 130 -10.70 1.42 -4.49
N PHE A 131 -10.58 2.74 -4.32
CA PHE A 131 -11.05 3.39 -3.10
C PHE A 131 -12.12 4.42 -3.43
N GLY A 132 -12.92 4.79 -2.43
CA GLY A 132 -13.96 5.77 -2.64
C GLY A 132 -13.72 7.04 -1.86
N GLU A 133 -12.87 6.94 -0.85
CA GLU A 133 -12.54 8.07 -0.01
C GLU A 133 -11.15 7.93 0.58
N TRP A 134 -10.71 8.96 1.28
CA TRP A 134 -9.40 8.95 1.92
C TRP A 134 -9.34 9.97 3.04
N SER A 135 -8.49 9.70 4.01
CA SER A 135 -8.33 10.58 5.16
C SER A 135 -6.90 10.55 5.70
N TRP A 136 -6.51 11.61 6.39
CA TRP A 136 -5.18 11.72 6.97
C TRP A 136 -5.18 11.21 8.40
N VAL A 137 -4.29 10.26 8.68
CA VAL A 137 -4.19 9.68 10.01
C VAL A 137 -2.75 9.52 10.45
N THR A 138 -2.53 9.58 11.75
CA THR A 138 -1.20 9.42 12.32
C THR A 138 -0.75 7.98 12.16
N PRO A 139 0.57 7.72 12.22
CA PRO A 139 1.09 6.36 12.08
C PRO A 139 0.48 5.41 13.09
N GLU A 140 -0.09 5.98 14.15
CA GLU A 140 -0.73 5.19 15.20
C GLU A 140 -2.21 4.99 14.87
N GLN A 141 -2.81 6.02 14.25
CA GLN A 141 -4.22 5.94 13.88
C GLN A 141 -4.40 4.97 12.72
N LEU A 142 -3.60 5.15 11.68
CA LEU A 142 -3.66 4.28 10.51
C LEU A 142 -3.50 2.83 10.94
N ILE A 143 -2.76 2.66 12.02
CA ILE A 143 -2.53 1.33 12.59
C ILE A 143 -3.83 0.81 13.19
N ASP A 144 -4.68 1.73 13.64
CA ASP A 144 -5.95 1.36 14.23
C ASP A 144 -6.97 1.05 13.13
N LEU A 145 -6.71 1.58 11.94
CA LEU A 145 -7.58 1.36 10.80
C LEU A 145 -7.24 0.03 10.13
N THR A 146 -5.94 -0.25 10.07
CA THR A 146 -5.44 -1.47 9.47
C THR A 146 -6.10 -2.71 10.09
N VAL A 147 -5.97 -3.85 9.41
CA VAL A 147 -6.55 -5.09 9.89
C VAL A 147 -5.52 -5.93 10.63
N GLU A 148 -5.99 -6.91 11.41
CA GLU A 148 -5.12 -7.77 12.18
C GLU A 148 -4.02 -8.40 11.32
N PHE A 149 -4.36 -8.77 10.09
CA PHE A 149 -3.38 -9.39 9.19
C PHE A 149 -2.62 -8.34 8.39
N LYS A 150 -2.77 -7.07 8.76
CA LYS A 150 -2.07 -6.00 8.07
C LYS A 150 -1.38 -5.06 9.07
N LYS A 151 -1.59 -5.29 10.36
CA LYS A 151 -0.98 -4.47 11.40
C LYS A 151 0.54 -4.42 11.26
N PRO A 152 1.21 -5.59 11.37
CA PRO A 152 2.67 -5.65 11.25
C PRO A 152 3.17 -5.15 9.91
N VAL A 153 2.54 -5.62 8.84
CA VAL A 153 2.91 -5.21 7.48
C VAL A 153 2.82 -3.70 7.32
N TYR A 154 1.95 -3.10 8.11
CA TYR A 154 1.76 -1.64 8.08
C TYR A 154 2.70 -0.96 9.07
N LYS A 155 2.65 -1.42 10.33
CA LYS A 155 3.50 -0.86 11.37
C LYS A 155 4.95 -0.82 10.92
N GLU A 156 5.31 -1.79 10.09
CA GLU A 156 6.67 -1.86 9.55
C GLU A 156 6.91 -0.66 8.66
N VAL A 157 5.95 -0.39 7.79
CA VAL A 157 6.03 0.74 6.88
C VAL A 157 6.17 2.05 7.65
N LEU A 158 5.25 2.26 8.58
CA LEU A 158 5.27 3.45 9.40
C LEU A 158 6.53 3.48 10.25
N SER A 159 6.80 2.37 10.92
CA SER A 159 7.98 2.26 11.77
C SER A 159 9.24 2.66 11.01
N VAL A 160 9.36 2.15 9.79
CA VAL A 160 10.51 2.47 8.94
C VAL A 160 10.45 3.93 8.50
N PHE A 161 9.24 4.47 8.46
CA PHE A 161 9.02 5.85 8.04
C PHE A 161 8.81 6.78 9.24
N ALA A 162 9.00 6.25 10.43
CA ALA A 162 8.83 7.02 11.66
C ALA A 162 9.59 8.35 11.61
N PRO A 163 10.92 8.29 11.37
CA PRO A 163 11.75 9.49 11.30
C PRO A 163 11.17 10.54 10.37
N HIS A 164 10.37 10.11 9.41
CA HIS A 164 9.75 11.02 8.47
C HIS A 164 8.34 11.42 8.92
N LEU A 165 7.77 10.63 9.82
CA LEU A 165 6.43 10.90 10.32
C LEU A 165 6.46 11.27 11.81
PG ATP B . -10.00 -3.51 -3.65
O1G ATP B . -9.02 -4.02 -4.65
O2G ATP B . -10.57 -2.35 -4.37
O3G ATP B . -9.54 -3.09 -2.31
PB ATP B . -11.00 -5.92 -2.88
O1B ATP B . -10.86 -6.81 -4.05
O2B ATP B . -12.15 -6.10 -1.95
O3B ATP B . -11.05 -4.54 -3.42
PA ATP B . -8.41 -6.73 -2.46
O1A ATP B . -7.43 -5.77 -3.00
O2A ATP B . -8.60 -8.04 -3.14
O3A ATP B . -9.76 -6.19 -2.11
O5' ATP B . -7.91 -6.97 -0.96
C5' ATP B . -7.71 -8.29 -0.47
C4' ATP B . -8.92 -8.76 0.30
O4' ATP B . -8.57 -8.87 1.71
C3' ATP B . -10.11 -7.80 0.30
O3' ATP B . -10.91 -7.96 -0.86
C2' ATP B . -10.84 -8.19 1.58
O2' ATP B . -11.57 -9.40 1.40
C1' ATP B . -9.66 -8.46 2.51
N9 ATP B . -9.26 -7.30 3.29
C8 ATP B . -8.32 -6.35 2.97
N7 ATP B . -8.18 -5.41 3.88
C5 ATP B . -9.09 -5.79 4.88
C6 ATP B . -9.42 -5.20 6.11
N6 ATP B . -8.86 -4.08 6.58
N1 ATP B . -10.36 -5.82 6.86
C2 ATP B . -10.92 -6.94 6.39
N3 ATP B . -10.69 -7.58 5.24
C4 ATP B . -9.75 -6.94 4.53
H5'1 ATP B . -6.84 -8.30 0.18
H5'2 ATP B . -7.54 -8.98 -1.31
H4' ATP B . -9.26 -9.69 -0.13
H3' ATP B . -9.78 -6.77 0.31
HO3' ATP B . -10.39 -8.45 -1.50
H2' ATP B . -11.46 -7.37 1.93
HO2' ATP B . -11.61 -9.57 0.45
H1' ATP B . -9.88 -9.28 3.21
H8 ATP B . -7.76 -6.36 2.06
HN61 ATP B . -8.16 -3.60 6.04
HN62 ATP B . -9.15 -3.72 7.48
H2 ATP B . -11.68 -7.40 7.03
N GLY A 1 9.61 -12.00 17.82
CA GLY A 1 8.63 -10.96 17.44
C GLY A 1 7.68 -11.42 16.35
N PRO A 2 6.61 -10.65 16.07
CA PRO A 2 5.63 -11.00 15.04
C PRO A 2 6.20 -10.87 13.64
N LEU A 3 5.68 -11.67 12.71
CA LEU A 3 6.13 -11.64 11.33
C LEU A 3 6.00 -10.25 10.73
N GLY A 4 6.41 -10.11 9.48
CA GLY A 4 6.35 -8.82 8.81
C GLY A 4 7.69 -8.37 8.27
N SER A 5 8.44 -9.29 7.70
CA SER A 5 9.75 -8.99 7.14
C SER A 5 10.38 -10.24 6.53
N MET A 6 10.76 -10.15 5.26
CA MET A 6 11.37 -11.28 4.57
C MET A 6 12.74 -10.91 4.02
N ASP A 7 12.84 -9.71 3.46
CA ASP A 7 14.10 -9.23 2.88
C ASP A 7 14.41 -9.96 1.58
N SER A 8 13.37 -10.47 0.92
CA SER A 8 13.52 -11.19 -0.34
C SER A 8 12.17 -11.73 -0.82
N PRO A 9 11.86 -11.55 -2.11
CA PRO A 9 10.59 -12.04 -2.68
C PRO A 9 10.52 -13.56 -2.75
N PRO A 10 9.66 -14.17 -1.92
CA PRO A 10 9.50 -15.63 -1.88
C PRO A 10 8.64 -16.14 -3.02
N GLU A 11 8.39 -17.45 -3.03
CA GLU A 11 7.57 -18.07 -4.06
C GLU A 11 6.11 -18.09 -3.66
N GLY A 12 5.22 -18.08 -4.65
CA GLY A 12 3.80 -18.11 -4.37
C GLY A 12 3.20 -16.72 -4.30
N TYR A 13 3.94 -15.77 -3.73
CA TYR A 13 3.46 -14.40 -3.61
C TYR A 13 3.73 -13.62 -4.90
N ARG A 14 2.80 -12.72 -5.22
CA ARG A 14 2.92 -11.90 -6.43
C ARG A 14 3.76 -10.66 -6.18
N ARG A 15 4.40 -10.15 -7.22
CA ARG A 15 5.24 -8.97 -7.10
C ARG A 15 4.39 -7.70 -7.02
N ASN A 16 4.64 -6.90 -6.00
CA ASN A 16 3.89 -5.66 -5.80
C ASN A 16 4.74 -4.63 -5.05
N VAL A 17 4.40 -3.36 -5.21
CA VAL A 17 5.13 -2.28 -4.53
C VAL A 17 4.18 -1.40 -3.72
N GLY A 18 4.47 -1.26 -2.43
CA GLY A 18 3.64 -0.44 -1.58
C GLY A 18 4.13 1.00 -1.51
N ILE A 19 3.19 1.94 -1.49
CA ILE A 19 3.55 3.36 -1.43
C ILE A 19 2.94 4.04 -0.21
N CYS A 20 3.76 4.24 0.82
CA CYS A 20 3.31 4.89 2.04
C CYS A 20 3.50 6.39 1.91
N LEU A 21 2.41 7.13 1.75
CA LEU A 21 2.48 8.58 1.60
C LEU A 21 2.07 9.28 2.89
N MET A 22 2.69 10.42 3.14
CA MET A 22 2.40 11.20 4.34
C MET A 22 2.13 12.66 3.99
N ASN A 23 1.42 13.34 4.87
CA ASN A 23 1.08 14.75 4.66
C ASN A 23 2.01 15.67 5.45
N ASN A 24 1.91 16.97 5.18
CA ASN A 24 2.72 17.96 5.86
C ASN A 24 2.58 17.87 7.38
N ASP A 25 1.52 17.21 7.84
CA ASP A 25 1.27 17.06 9.27
C ASP A 25 1.96 15.80 9.80
N LYS A 26 2.64 15.07 8.92
CA LYS A 26 3.34 13.84 9.28
C LYS A 26 2.38 12.68 9.46
N LYS A 27 1.23 12.75 8.79
CA LYS A 27 0.25 11.66 8.87
C LYS A 27 0.46 10.71 7.70
N ILE A 28 -0.26 9.60 7.71
CA ILE A 28 -0.13 8.61 6.65
C ILE A 28 -1.39 8.56 5.80
N PHE A 29 -1.23 8.84 4.51
CA PHE A 29 -2.35 8.84 3.58
C PHE A 29 -3.11 7.52 3.63
N ALA A 30 -4.33 7.58 4.16
CA ALA A 30 -5.17 6.39 4.27
C ALA A 30 -6.42 6.56 3.42
N ALA A 31 -6.73 5.55 2.63
CA ALA A 31 -7.90 5.59 1.76
C ALA A 31 -8.89 4.49 2.13
N SER A 32 -10.17 4.85 2.13
CA SER A 32 -11.22 3.90 2.46
C SER A 32 -11.58 3.04 1.26
N ARG A 33 -12.13 1.86 1.52
CA ARG A 33 -12.51 0.95 0.45
C ARG A 33 -13.70 1.45 -0.33
N LEU A 34 -13.85 0.94 -1.54
CA LEU A 34 -14.96 1.30 -2.39
C LEU A 34 -16.10 0.30 -2.20
N ASP A 35 -15.84 -0.74 -1.41
CA ASP A 35 -16.85 -1.77 -1.17
C ASP A 35 -17.06 -2.01 0.33
N ILE A 36 -16.09 -1.62 1.16
CA ILE A 36 -16.22 -1.82 2.60
C ILE A 36 -16.17 -0.50 3.35
N PRO A 37 -17.29 -0.09 3.97
CA PRO A 37 -17.35 1.16 4.72
C PRO A 37 -16.42 1.14 5.93
N ASP A 38 -15.63 2.19 6.08
CA ASP A 38 -14.70 2.32 7.20
C ASP A 38 -13.46 1.46 6.99
N ALA A 39 -13.39 0.81 5.85
CA ALA A 39 -12.25 -0.03 5.54
C ALA A 39 -11.15 0.78 4.89
N TRP A 40 -10.19 1.20 5.69
CA TRP A 40 -9.07 1.99 5.20
C TRP A 40 -7.82 1.15 5.03
N GLN A 41 -6.94 1.60 4.15
CA GLN A 41 -5.70 0.91 3.88
C GLN A 41 -4.75 1.77 3.05
N MET A 42 -3.50 1.33 2.93
CA MET A 42 -2.51 2.07 2.16
C MET A 42 -2.51 1.63 0.70
N PRO A 43 -2.06 2.50 -0.22
CA PRO A 43 -2.03 2.20 -1.65
C PRO A 43 -0.83 1.34 -2.05
N GLN A 44 -1.03 0.52 -3.08
CA GLN A 44 0.02 -0.37 -3.58
C GLN A 44 -0.22 -0.68 -5.06
N GLY A 45 0.63 -1.53 -5.63
CA GLY A 45 0.48 -1.89 -7.02
C GLY A 45 1.44 -2.97 -7.46
N GLY A 46 0.95 -3.91 -8.25
CA GLY A 46 1.78 -4.99 -8.74
C GLY A 46 2.87 -4.52 -9.66
N ILE A 47 4.12 -4.87 -9.35
CA ILE A 47 5.25 -4.48 -10.16
C ILE A 47 5.12 -5.03 -11.58
N ASP A 48 5.87 -4.44 -12.51
CA ASP A 48 5.83 -4.87 -13.90
C ASP A 48 6.85 -5.98 -14.15
N GLU A 49 6.96 -6.40 -15.40
CA GLU A 49 7.90 -7.45 -15.77
C GLU A 49 9.31 -6.89 -15.84
N GLY A 50 10.06 -7.11 -14.78
CA GLY A 50 11.43 -6.61 -14.71
C GLY A 50 11.46 -5.13 -14.44
N GLU A 51 10.70 -4.70 -13.44
CA GLU A 51 10.62 -3.31 -13.06
C GLU A 51 11.15 -3.10 -11.65
N ASP A 52 11.77 -1.95 -11.43
CA ASP A 52 12.32 -1.61 -10.13
C ASP A 52 11.20 -1.32 -9.13
N PRO A 53 11.31 -1.87 -7.90
CA PRO A 53 10.29 -1.66 -6.86
C PRO A 53 9.98 -0.19 -6.62
N ARG A 54 11.01 0.58 -6.29
CA ARG A 54 10.84 2.01 -6.04
C ARG A 54 10.21 2.72 -7.23
N ASN A 55 10.44 2.19 -8.42
CA ASN A 55 9.90 2.78 -9.63
C ASN A 55 8.44 2.35 -9.84
N ALA A 56 8.20 1.04 -9.76
CA ALA A 56 6.86 0.52 -9.92
C ALA A 56 5.90 1.15 -8.92
N ALA A 57 6.43 1.51 -7.76
CA ALA A 57 5.63 2.14 -6.72
C ALA A 57 5.31 3.58 -7.09
N ILE A 58 6.35 4.33 -7.44
CA ILE A 58 6.18 5.72 -7.84
C ILE A 58 5.21 5.82 -9.01
N ARG A 59 5.16 4.76 -9.80
CA ARG A 59 4.26 4.69 -10.95
C ARG A 59 2.89 4.25 -10.49
N GLU A 60 2.89 3.13 -9.78
CA GLU A 60 1.66 2.52 -9.27
C GLU A 60 0.87 3.50 -8.40
N LEU A 61 1.59 4.35 -7.66
CA LEU A 61 0.95 5.32 -6.77
C LEU A 61 -0.01 6.22 -7.55
N ARG A 62 0.51 6.93 -8.54
CA ARG A 62 -0.33 7.81 -9.34
C ARG A 62 -1.41 7.01 -10.07
N GLU A 63 -1.29 5.69 -10.05
CA GLU A 63 -2.25 4.83 -10.71
C GLU A 63 -3.38 4.43 -9.77
N GLU A 64 -3.02 4.04 -8.56
CA GLU A 64 -4.00 3.59 -7.56
C GLU A 64 -4.48 4.74 -6.69
N THR A 65 -3.64 5.75 -6.49
CA THR A 65 -4.01 6.90 -5.67
C THR A 65 -4.13 8.16 -6.51
N GLY A 66 -3.49 8.15 -7.67
CA GLY A 66 -3.54 9.30 -8.54
C GLY A 66 -2.66 10.45 -8.06
N VAL A 67 -1.91 10.22 -7.00
CA VAL A 67 -1.02 11.25 -6.45
C VAL A 67 0.21 11.41 -7.33
N THR A 68 0.39 12.59 -7.88
CA THR A 68 1.53 12.88 -8.74
C THR A 68 2.64 13.61 -7.98
N SER A 69 2.24 14.45 -7.02
CA SER A 69 3.19 15.21 -6.23
C SER A 69 3.58 14.44 -4.98
N ALA A 70 4.46 13.46 -5.14
CA ALA A 70 4.93 12.65 -4.04
C ALA A 70 6.35 12.17 -4.28
N GLU A 71 7.21 12.38 -3.28
CA GLU A 71 8.60 11.97 -3.37
C GLU A 71 8.91 10.97 -2.26
N VAL A 72 9.79 10.03 -2.54
CA VAL A 72 10.14 9.01 -1.55
C VAL A 72 11.08 9.56 -0.50
N ILE A 73 10.67 9.39 0.75
CA ILE A 73 11.46 9.84 1.89
C ILE A 73 12.06 8.65 2.62
N ALA A 74 11.53 7.46 2.34
CA ALA A 74 12.01 6.23 2.97
C ALA A 74 11.71 5.02 2.10
N GLU A 75 12.44 3.94 2.34
CA GLU A 75 12.26 2.70 1.59
C GLU A 75 12.55 1.50 2.48
N VAL A 76 11.54 0.70 2.73
CA VAL A 76 11.71 -0.49 3.56
C VAL A 76 12.78 -1.39 2.97
N PRO A 77 13.78 -1.79 3.79
CA PRO A 77 14.90 -2.63 3.33
C PRO A 77 14.48 -4.06 2.99
N TYR A 78 13.28 -4.45 3.41
CA TYR A 78 12.80 -5.81 3.13
C TYR A 78 11.41 -5.81 2.50
N TRP A 79 10.96 -7.00 2.12
CA TRP A 79 9.64 -7.15 1.53
C TRP A 79 8.65 -7.65 2.57
N LEU A 80 7.42 -7.22 2.44
CA LEU A 80 6.37 -7.63 3.36
C LEU A 80 5.34 -8.48 2.62
N THR A 81 5.21 -9.73 3.04
CA THR A 81 4.27 -10.64 2.42
C THR A 81 3.15 -11.01 3.38
N TYR A 82 1.92 -10.90 2.90
CA TYR A 82 0.76 -11.23 3.72
C TYR A 82 -0.20 -12.12 2.94
N ASP A 83 -1.06 -12.82 3.67
CA ASP A 83 -2.02 -13.72 3.06
C ASP A 83 -3.45 -13.30 3.37
N PHE A 84 -4.38 -13.74 2.54
CA PHE A 84 -5.79 -13.42 2.73
C PHE A 84 -6.55 -14.61 3.32
N PRO A 85 -7.61 -14.35 4.10
CA PRO A 85 -8.41 -15.42 4.72
C PRO A 85 -9.09 -16.30 3.67
N PRO A 86 -9.69 -17.42 4.12
CA PRO A 86 -10.37 -18.36 3.21
C PRO A 86 -11.58 -17.75 2.51
N LYS A 87 -12.09 -16.65 3.04
CA LYS A 87 -13.25 -15.99 2.45
C LYS A 87 -12.80 -14.91 1.47
N VAL A 88 -11.67 -14.29 1.79
CA VAL A 88 -11.12 -13.25 0.93
C VAL A 88 -10.29 -13.87 -0.18
N ARG A 89 -9.43 -14.81 0.17
CA ARG A 89 -8.60 -15.49 -0.81
C ARG A 89 -9.48 -16.19 -1.83
N GLU A 90 -10.49 -16.87 -1.31
CA GLU A 90 -11.44 -17.59 -2.14
C GLU A 90 -12.28 -16.61 -2.95
N LYS A 91 -12.47 -15.41 -2.41
CA LYS A 91 -13.24 -14.37 -3.07
C LYS A 91 -12.43 -13.71 -4.17
N LEU A 92 -11.19 -13.35 -3.86
CA LEU A 92 -10.31 -12.72 -4.83
C LEU A 92 -10.13 -13.61 -6.05
N ASN A 93 -9.87 -14.88 -5.80
CA ASN A 93 -9.67 -15.85 -6.88
C ASN A 93 -10.77 -15.70 -7.93
N ILE A 94 -11.97 -15.32 -7.49
CA ILE A 94 -13.09 -15.13 -8.40
C ILE A 94 -13.26 -13.67 -8.80
N GLN A 95 -13.22 -12.78 -7.82
CA GLN A 95 -13.38 -11.35 -8.08
C GLN A 95 -12.15 -10.79 -8.79
N TRP A 96 -10.98 -11.00 -8.19
CA TRP A 96 -9.73 -10.51 -8.75
C TRP A 96 -9.23 -11.44 -9.84
N GLY A 97 -9.55 -12.74 -9.72
CA GLY A 97 -9.12 -13.69 -10.71
C GLY A 97 -7.65 -14.04 -10.59
N SER A 98 -7.15 -14.09 -9.36
CA SER A 98 -5.76 -14.41 -9.11
C SER A 98 -5.65 -15.61 -8.17
N ASP A 99 -4.61 -16.40 -8.37
CA ASP A 99 -4.39 -17.59 -7.55
C ASP A 99 -3.06 -17.49 -6.80
N TRP A 100 -2.97 -16.52 -5.90
CA TRP A 100 -1.76 -16.31 -5.11
C TRP A 100 -2.06 -16.46 -3.62
N LYS A 101 -1.07 -16.91 -2.86
CA LYS A 101 -1.23 -17.09 -1.42
C LYS A 101 -1.17 -15.74 -0.70
N GLY A 102 -0.40 -14.81 -1.28
CA GLY A 102 -0.26 -13.51 -0.69
C GLY A 102 0.35 -12.51 -1.66
N GLN A 103 1.17 -11.61 -1.14
CA GLN A 103 1.83 -10.61 -1.97
C GLN A 103 3.07 -10.05 -1.30
N ALA A 104 4.24 -10.34 -1.87
CA ALA A 104 5.49 -9.84 -1.34
C ALA A 104 5.83 -8.49 -1.95
N GLN A 105 5.65 -7.43 -1.19
CA GLN A 105 5.93 -6.08 -1.69
C GLN A 105 6.89 -5.30 -0.81
N LYS A 106 7.59 -4.35 -1.45
CA LYS A 106 8.55 -3.49 -0.75
C LYS A 106 7.97 -2.08 -0.63
N TRP A 107 7.36 -1.81 0.51
CA TRP A 107 6.73 -0.52 0.76
C TRP A 107 7.74 0.62 0.75
N PHE A 108 7.34 1.75 0.16
CA PHE A 108 8.18 2.94 0.08
C PHE A 108 7.45 4.14 0.65
N LEU A 109 8.16 4.96 1.41
CA LEU A 109 7.56 6.15 1.99
C LEU A 109 7.49 7.25 0.93
N PHE A 110 6.55 8.18 1.10
CA PHE A 110 6.40 9.29 0.15
C PHE A 110 5.89 10.54 0.83
N LYS A 111 6.60 11.64 0.61
CA LYS A 111 6.18 12.92 1.16
C LYS A 111 5.34 13.68 0.14
N PHE A 112 4.10 13.98 0.49
CA PHE A 112 3.21 14.67 -0.42
C PHE A 112 3.74 16.07 -0.73
N THR A 113 3.89 16.36 -2.01
CA THR A 113 4.39 17.66 -2.45
C THR A 113 3.44 18.29 -3.46
N GLY A 114 2.14 18.10 -3.23
CA GLY A 114 1.14 18.66 -4.11
C GLY A 114 -0.04 19.21 -3.35
N GLN A 115 -1.23 19.07 -3.94
CA GLN A 115 -2.44 19.55 -3.31
C GLN A 115 -3.47 18.43 -3.25
N ASP A 116 -4.38 18.53 -2.29
CA ASP A 116 -5.43 17.53 -2.13
C ASP A 116 -6.15 17.23 -3.45
N GLN A 117 -5.98 18.13 -4.42
CA GLN A 117 -6.63 17.96 -5.73
C GLN A 117 -5.87 16.96 -6.59
N GLU A 118 -4.61 16.68 -6.23
CA GLU A 118 -3.80 15.74 -6.97
C GLU A 118 -4.14 14.31 -6.58
N ILE A 119 -4.66 14.13 -5.38
CA ILE A 119 -5.02 12.81 -4.88
C ILE A 119 -6.30 12.31 -5.54
N ASN A 120 -6.14 11.41 -6.49
CA ASN A 120 -7.27 10.82 -7.19
C ASN A 120 -7.33 9.33 -6.94
N LEU A 121 -8.14 8.93 -5.97
CA LEU A 121 -8.28 7.52 -5.61
C LEU A 121 -8.68 6.69 -6.82
N LEU A 122 -9.28 7.32 -7.82
CA LEU A 122 -9.68 6.62 -9.04
C LEU A 122 -8.46 6.04 -9.73
N GLY A 123 -7.54 6.93 -10.08
CA GLY A 123 -6.33 6.52 -10.74
C GLY A 123 -5.89 7.53 -11.76
N ASP A 124 -4.80 7.24 -12.44
CA ASP A 124 -4.29 8.14 -13.48
C ASP A 124 -4.89 7.75 -14.82
N GLY A 125 -6.17 7.39 -14.80
CA GLY A 125 -6.85 7.00 -16.02
C GLY A 125 -6.37 5.67 -16.54
N SER A 126 -5.88 4.83 -15.64
CA SER A 126 -5.38 3.51 -16.02
C SER A 126 -6.29 2.40 -15.48
N GLU A 127 -6.31 2.24 -14.17
CA GLU A 127 -7.13 1.21 -13.54
C GLU A 127 -8.39 1.80 -12.93
N LYS A 128 -9.35 0.94 -12.60
CA LYS A 128 -10.61 1.37 -12.01
C LYS A 128 -10.41 1.79 -10.55
N PRO A 129 -11.20 2.76 -10.08
CA PRO A 129 -11.12 3.25 -8.70
C PRO A 129 -11.15 2.13 -7.68
N GLU A 130 -10.32 2.25 -6.65
CA GLU A 130 -10.25 1.24 -5.59
C GLU A 130 -10.77 1.81 -4.28
N PHE A 131 -10.54 3.11 -4.07
CA PHE A 131 -10.98 3.79 -2.86
C PHE A 131 -12.01 4.88 -3.20
N GLY A 132 -12.80 5.27 -2.21
CA GLY A 132 -13.79 6.30 -2.43
C GLY A 132 -13.52 7.54 -1.61
N GLU A 133 -12.66 7.39 -0.61
CA GLU A 133 -12.29 8.49 0.27
C GLU A 133 -10.91 8.28 0.84
N TRP A 134 -10.43 9.27 1.57
CA TRP A 134 -9.11 9.19 2.19
C TRP A 134 -8.99 10.17 3.34
N SER A 135 -8.16 9.82 4.31
CA SER A 135 -7.95 10.66 5.48
C SER A 135 -6.51 10.53 6.01
N TRP A 136 -6.10 11.51 6.80
CA TRP A 136 -4.77 11.53 7.38
C TRP A 136 -4.78 10.94 8.77
N VAL A 137 -3.93 9.94 8.99
CA VAL A 137 -3.85 9.27 10.29
C VAL A 137 -2.41 9.01 10.70
N THR A 138 -2.18 8.99 12.00
CA THR A 138 -0.86 8.74 12.54
C THR A 138 -0.48 7.28 12.30
N PRO A 139 0.82 6.95 12.33
CA PRO A 139 1.27 5.57 12.12
C PRO A 139 0.61 4.60 13.09
N GLU A 140 0.08 5.14 14.17
CA GLU A 140 -0.59 4.33 15.18
C GLU A 140 -2.08 4.25 14.88
N GLN A 141 -2.63 5.33 14.33
CA GLN A 141 -4.05 5.37 13.98
C GLN A 141 -4.31 4.48 12.77
N LEU A 142 -3.51 4.67 11.73
CA LEU A 142 -3.64 3.87 10.51
C LEU A 142 -3.58 2.39 10.87
N ILE A 143 -2.78 2.10 11.88
CA ILE A 143 -2.63 0.74 12.36
C ILE A 143 -3.93 0.27 12.99
N ASP A 144 -4.71 1.22 13.50
CA ASP A 144 -5.99 0.90 14.11
C ASP A 144 -7.05 0.74 13.03
N LEU A 145 -6.79 1.32 11.86
CA LEU A 145 -7.70 1.23 10.74
C LEU A 145 -7.46 -0.06 9.97
N THR A 146 -6.18 -0.40 9.85
CA THR A 146 -5.76 -1.61 9.14
C THR A 146 -6.38 -2.85 9.77
N VAL A 147 -6.28 -3.98 9.07
CA VAL A 147 -6.83 -5.24 9.55
C VAL A 147 -5.73 -6.10 10.18
N GLU A 148 -6.15 -7.11 10.94
CA GLU A 148 -5.21 -8.00 11.61
C GLU A 148 -4.30 -8.74 10.61
N PHE A 149 -4.86 -9.12 9.47
CA PHE A 149 -4.08 -9.85 8.47
C PHE A 149 -3.18 -8.92 7.64
N LYS A 150 -3.24 -7.62 7.93
CA LYS A 150 -2.41 -6.64 7.23
C LYS A 150 -1.86 -5.59 8.19
N LYS A 151 -2.01 -5.83 9.49
CA LYS A 151 -1.52 -4.90 10.50
C LYS A 151 0.00 -4.88 10.54
N PRO A 152 0.63 -6.03 10.88
CA PRO A 152 2.09 -6.12 10.95
C PRO A 152 2.76 -5.66 9.66
N VAL A 153 2.20 -6.09 8.53
CA VAL A 153 2.73 -5.71 7.23
C VAL A 153 2.77 -4.21 7.06
N TYR A 154 1.91 -3.53 7.81
CA TYR A 154 1.84 -2.07 7.78
C TYR A 154 2.77 -1.47 8.83
N LYS A 155 2.68 -2.00 10.05
CA LYS A 155 3.51 -1.52 11.15
C LYS A 155 4.98 -1.49 10.75
N GLU A 156 5.36 -2.45 9.90
CA GLU A 156 6.72 -2.54 9.43
C GLU A 156 7.04 -1.34 8.55
N VAL A 157 6.11 -1.04 7.65
CA VAL A 157 6.26 0.09 6.74
C VAL A 157 6.41 1.38 7.53
N LEU A 158 5.53 1.55 8.51
CA LEU A 158 5.57 2.72 9.37
C LEU A 158 6.83 2.70 10.22
N SER A 159 7.09 1.56 10.83
CA SER A 159 8.27 1.39 11.68
C SER A 159 9.53 1.79 10.92
N VAL A 160 9.66 1.33 9.68
CA VAL A 160 10.81 1.66 8.86
C VAL A 160 10.80 3.14 8.48
N PHE A 161 9.61 3.73 8.46
CA PHE A 161 9.43 5.12 8.09
C PHE A 161 9.34 6.04 9.31
N ALA A 162 9.27 5.44 10.50
CA ALA A 162 9.18 6.22 11.74
C ALA A 162 10.27 7.29 11.80
N PRO A 163 11.52 6.93 11.44
CA PRO A 163 12.64 7.87 11.47
C PRO A 163 12.43 9.06 10.54
N HIS A 164 11.58 8.90 9.54
CA HIS A 164 11.30 9.97 8.59
C HIS A 164 10.06 10.75 9.00
N LEU A 165 9.02 10.02 9.38
CA LEU A 165 7.78 10.65 9.80
C LEU A 165 7.03 9.79 10.81
PG ATP B . -3.68 -9.58 -4.20
O1G ATP B . -4.58 -10.71 -4.50
O2G ATP B . -3.80 -8.78 -5.46
O3G ATP B . -2.24 -9.83 -3.93
PB ATP B . -5.35 -7.88 -2.92
O1B ATP B . -6.43 -8.42 -3.80
O2B ATP B . -4.87 -6.48 -3.10
O3B ATP B . -4.20 -8.80 -3.05
PA ATP B . -6.00 -7.06 -0.38
O1A ATP B . -6.14 -5.60 -0.61
O2A ATP B . -4.94 -7.54 0.56
O3A ATP B . -5.99 -7.95 -1.57
O5' ATP B . -7.43 -7.51 0.18
C5' ATP B . -8.57 -7.50 -0.66
C4' ATP B . -9.77 -8.05 0.08
O4' ATP B . -9.39 -8.30 1.46
C3' ATP B . -10.96 -7.11 0.18
O3' ATP B . -11.79 -7.18 -0.97
C2' ATP B . -11.66 -7.62 1.43
O2' ATP B . -12.38 -8.81 1.18
C1' ATP B . -10.47 -7.94 2.32
N9 ATP B . -10.04 -6.83 3.16
C8 ATP B . -9.12 -5.85 2.87
N7 ATP B . -8.94 -4.99 3.83
C5 ATP B . -9.80 -5.43 4.83
C6 ATP B . -10.08 -4.94 6.12
N6 ATP B . -9.50 -3.85 6.65
N1 ATP B . -10.98 -5.61 6.87
C2 ATP B . -11.56 -6.70 6.34
N3 ATP B . -11.38 -7.25 5.14
C4 ATP B . -10.48 -6.56 4.43
H5'1 ATP B . -8.38 -8.11 -1.54
H5'2 ATP B . -8.79 -6.48 -0.98
H4' ATP B . -10.11 -8.93 -0.45
H3' ATP B . -10.65 -6.08 0.26
HO3' ATP B . -11.32 -6.73 -1.69
H2' ATP B . -12.29 -6.83 1.87
HO2' ATP B . -12.11 -9.12 0.31
H1' ATP B . -10.66 -8.79 2.95
H8 ATP B . -8.59 -5.80 1.92
HN61 ATP B . -8.82 -3.34 6.11
HN62 ATP B . -9.74 -3.55 7.58
H2 ATP B . -12.28 -7.20 6.98
N GLY A 1 12.38 -8.96 15.57
CA GLY A 1 11.34 -9.91 16.06
C GLY A 1 11.06 -11.03 15.09
N PRO A 2 9.83 -11.56 15.07
CA PRO A 2 9.46 -12.66 14.17
C PRO A 2 9.39 -12.22 12.71
N LEU A 3 8.82 -13.07 11.86
CA LEU A 3 8.69 -12.77 10.44
C LEU A 3 7.90 -11.48 10.24
N GLY A 4 8.60 -10.35 10.23
CA GLY A 4 7.95 -9.07 10.04
C GLY A 4 8.18 -8.50 8.66
N SER A 5 9.34 -8.81 8.08
CA SER A 5 9.69 -8.33 6.75
C SER A 5 10.40 -9.43 5.97
N MET A 6 11.09 -9.03 4.93
CA MET A 6 11.82 -9.97 4.08
C MET A 6 12.75 -9.22 3.14
N ASP A 7 14.06 -9.32 3.39
CA ASP A 7 15.05 -8.64 2.55
C ASP A 7 15.25 -9.36 1.22
N SER A 8 14.36 -10.28 0.89
CA SER A 8 14.43 -11.02 -0.36
C SER A 8 13.06 -11.59 -0.73
N PRO A 9 12.54 -11.26 -1.93
CA PRO A 9 11.23 -11.75 -2.36
C PRO A 9 11.23 -13.26 -2.63
N PRO A 10 10.51 -14.04 -1.80
CA PRO A 10 10.43 -15.48 -1.95
C PRO A 10 9.29 -15.90 -2.85
N GLU A 11 9.03 -17.19 -2.87
CA GLU A 11 7.96 -17.76 -3.69
C GLU A 11 6.63 -17.76 -2.94
N GLY A 12 5.54 -17.92 -3.69
CA GLY A 12 4.24 -17.94 -3.07
C GLY A 12 3.54 -16.58 -3.13
N TYR A 13 4.31 -15.52 -2.92
CA TYR A 13 3.76 -14.17 -2.95
C TYR A 13 4.07 -13.49 -4.28
N ARG A 14 3.07 -12.85 -4.86
CA ARG A 14 3.22 -12.14 -6.14
C ARG A 14 3.89 -10.79 -5.95
N ARG A 15 4.58 -10.33 -6.99
CA ARG A 15 5.27 -9.04 -6.95
C ARG A 15 4.28 -7.89 -6.85
N ASN A 16 4.50 -7.02 -5.86
CA ASN A 16 3.64 -5.85 -5.65
C ASN A 16 4.41 -4.72 -4.98
N VAL A 17 3.92 -3.50 -5.11
CA VAL A 17 4.59 -2.35 -4.50
C VAL A 17 3.60 -1.41 -3.81
N GLY A 18 3.86 -1.14 -2.53
CA GLY A 18 3.01 -0.24 -1.77
C GLY A 18 3.56 1.16 -1.72
N ILE A 19 2.70 2.15 -1.53
CA ILE A 19 3.13 3.54 -1.47
C ILE A 19 2.60 4.26 -0.24
N CYS A 20 3.49 4.59 0.69
CA CYS A 20 3.10 5.30 1.90
C CYS A 20 3.21 6.80 1.65
N LEU A 21 2.08 7.46 1.46
CA LEU A 21 2.06 8.89 1.18
C LEU A 21 1.66 9.68 2.42
N MET A 22 2.19 10.89 2.53
CA MET A 22 1.90 11.76 3.66
C MET A 22 1.43 13.14 3.19
N ASN A 23 0.72 13.85 4.06
CA ASN A 23 0.23 15.18 3.73
C ASN A 23 1.01 16.25 4.51
N ASN A 24 0.84 17.51 4.09
CA ASN A 24 1.53 18.64 4.74
C ASN A 24 1.42 18.62 6.26
N ASP A 25 0.45 17.88 6.79
CA ASP A 25 0.23 17.81 8.23
C ASP A 25 1.04 16.67 8.86
N LYS A 26 1.79 15.96 8.02
CA LYS A 26 2.63 14.83 8.48
C LYS A 26 1.79 13.60 8.76
N LYS A 27 0.63 13.50 8.13
CA LYS A 27 -0.24 12.35 8.31
C LYS A 27 0.04 11.34 7.19
N ILE A 28 -0.54 10.16 7.30
CA ILE A 28 -0.35 9.13 6.28
C ILE A 28 -1.62 8.94 5.46
N PHE A 29 -1.50 9.09 4.15
CA PHE A 29 -2.63 8.95 3.25
C PHE A 29 -3.35 7.62 3.45
N ALA A 30 -4.61 7.70 3.86
CA ALA A 30 -5.43 6.52 4.08
C ALA A 30 -6.67 6.58 3.21
N ALA A 31 -6.97 5.49 2.52
CA ALA A 31 -8.14 5.44 1.65
C ALA A 31 -9.08 4.31 2.05
N SER A 32 -10.37 4.60 2.00
CA SER A 32 -11.39 3.63 2.35
C SER A 32 -11.65 2.68 1.17
N ARG A 33 -12.15 1.49 1.48
CA ARG A 33 -12.43 0.50 0.46
C ARG A 33 -13.64 0.89 -0.37
N LEU A 34 -13.71 0.32 -1.57
CA LEU A 34 -14.83 0.57 -2.47
C LEU A 34 -15.91 -0.49 -2.24
N ASP A 35 -15.61 -1.48 -1.40
CA ASP A 35 -16.56 -2.56 -1.13
C ASP A 35 -16.73 -2.81 0.38
N ILE A 36 -15.79 -2.33 1.19
CA ILE A 36 -15.88 -2.54 2.64
C ILE A 36 -15.97 -1.21 3.38
N PRO A 37 -17.14 -0.92 3.98
CA PRO A 37 -17.33 0.34 4.72
C PRO A 37 -16.42 0.41 5.95
N ASP A 38 -15.75 1.53 6.09
CA ASP A 38 -14.85 1.75 7.22
C ASP A 38 -13.53 1.03 7.04
N ALA A 39 -13.37 0.39 5.90
CA ALA A 39 -12.15 -0.32 5.59
C ALA A 39 -11.14 0.61 4.93
N TRP A 40 -10.23 1.11 5.73
CA TRP A 40 -9.21 2.03 5.23
C TRP A 40 -7.87 1.32 5.07
N GLN A 41 -7.04 1.87 4.19
CA GLN A 41 -5.73 1.31 3.93
C GLN A 41 -4.89 2.27 3.09
N MET A 42 -3.69 1.84 2.73
CA MET A 42 -2.79 2.66 1.92
C MET A 42 -2.78 2.17 0.47
N PRO A 43 -2.39 3.04 -0.48
CA PRO A 43 -2.34 2.68 -1.90
C PRO A 43 -1.28 1.62 -2.20
N GLN A 44 -1.56 0.78 -3.18
CA GLN A 44 -0.65 -0.29 -3.57
C GLN A 44 -0.88 -0.68 -5.02
N GLY A 45 -0.06 -1.59 -5.52
CA GLY A 45 -0.19 -2.03 -6.89
C GLY A 45 0.83 -3.09 -7.27
N GLY A 46 0.42 -4.03 -8.12
CA GLY A 46 1.32 -5.07 -8.55
C GLY A 46 2.40 -4.56 -9.47
N ILE A 47 3.64 -4.91 -9.18
CA ILE A 47 4.77 -4.48 -10.00
C ILE A 47 4.61 -4.95 -11.45
N ASP A 48 5.31 -4.30 -12.35
CA ASP A 48 5.25 -4.64 -13.77
C ASP A 48 6.32 -5.68 -14.12
N GLU A 49 6.01 -6.52 -15.10
CA GLU A 49 6.94 -7.56 -15.53
C GLU A 49 8.32 -6.97 -15.80
N GLY A 50 9.20 -7.12 -14.82
CA GLY A 50 10.54 -6.61 -14.94
C GLY A 50 10.62 -5.13 -14.61
N GLU A 51 9.87 -4.74 -13.59
CA GLU A 51 9.84 -3.36 -13.15
C GLU A 51 10.43 -3.21 -11.76
N ASP A 52 11.07 -2.07 -11.52
CA ASP A 52 11.69 -1.79 -10.24
C ASP A 52 10.62 -1.50 -9.18
N PRO A 53 10.82 -1.98 -7.95
CA PRO A 53 9.85 -1.77 -6.86
C PRO A 53 9.59 -0.29 -6.60
N ARG A 54 10.64 0.52 -6.70
CA ARG A 54 10.52 1.95 -6.46
C ARG A 54 9.85 2.65 -7.64
N ASN A 55 9.92 2.03 -8.81
CA ASN A 55 9.32 2.60 -10.01
C ASN A 55 7.87 2.15 -10.15
N ALA A 56 7.64 0.86 -9.91
CA ALA A 56 6.30 0.31 -9.99
C ALA A 56 5.39 0.98 -8.97
N ALA A 57 5.97 1.38 -7.85
CA ALA A 57 5.23 2.05 -6.79
C ALA A 57 4.89 3.46 -7.20
N ILE A 58 5.90 4.21 -7.64
CA ILE A 58 5.71 5.58 -8.08
C ILE A 58 4.67 5.62 -9.20
N ARG A 59 4.59 4.54 -9.95
CA ARG A 59 3.64 4.42 -11.04
C ARG A 59 2.29 3.97 -10.52
N GLU A 60 2.34 2.88 -9.79
CA GLU A 60 1.14 2.28 -9.20
C GLU A 60 0.34 3.30 -8.38
N LEU A 61 1.05 4.11 -7.60
CA LEU A 61 0.41 5.13 -6.78
C LEU A 61 -0.46 6.05 -7.64
N ARG A 62 0.14 6.62 -8.66
CA ARG A 62 -0.58 7.50 -9.57
C ARG A 62 -1.71 6.74 -10.26
N GLU A 63 -1.67 5.41 -10.17
CA GLU A 63 -2.68 4.57 -10.79
C GLU A 63 -3.83 4.26 -9.82
N GLU A 64 -3.49 3.99 -8.57
CA GLU A 64 -4.48 3.64 -7.56
C GLU A 64 -4.99 4.87 -6.81
N THR A 65 -4.17 5.91 -6.73
CA THR A 65 -4.55 7.12 -6.02
C THR A 65 -4.61 8.32 -6.96
N GLY A 66 -3.93 8.20 -8.09
CA GLY A 66 -3.90 9.27 -9.05
C GLY A 66 -3.02 10.43 -8.64
N VAL A 67 -2.32 10.28 -7.52
CA VAL A 67 -1.43 11.34 -7.03
C VAL A 67 -0.20 11.45 -7.92
N THR A 68 -0.03 12.62 -8.53
CA THR A 68 1.10 12.86 -9.41
C THR A 68 2.22 13.62 -8.68
N SER A 69 1.83 14.52 -7.78
CA SER A 69 2.80 15.29 -7.03
C SER A 69 3.18 14.59 -5.74
N ALA A 70 4.07 13.64 -5.85
CA ALA A 70 4.53 12.87 -4.69
C ALA A 70 5.98 12.42 -4.87
N GLU A 71 6.80 12.67 -3.87
CA GLU A 71 8.21 12.27 -3.91
C GLU A 71 8.51 11.31 -2.76
N VAL A 72 9.38 10.35 -3.02
CA VAL A 72 9.74 9.37 -2.00
C VAL A 72 10.71 9.95 -0.99
N ILE A 73 10.29 9.89 0.27
CA ILE A 73 11.09 10.40 1.38
C ILE A 73 11.67 9.25 2.20
N ALA A 74 11.13 8.06 1.99
CA ALA A 74 11.58 6.86 2.71
C ALA A 74 11.25 5.60 1.92
N GLU A 75 12.03 4.55 2.14
CA GLU A 75 11.83 3.28 1.46
C GLU A 75 12.24 2.11 2.34
N VAL A 76 11.28 1.26 2.67
CA VAL A 76 11.54 0.09 3.50
C VAL A 76 12.64 -0.78 2.86
N PRO A 77 13.69 -1.10 3.62
CA PRO A 77 14.83 -1.89 3.12
C PRO A 77 14.51 -3.38 2.93
N TYR A 78 13.33 -3.81 3.35
CA TYR A 78 12.96 -5.22 3.22
C TYR A 78 11.53 -5.38 2.73
N TRP A 79 11.31 -6.34 1.83
CA TRP A 79 9.98 -6.59 1.30
C TRP A 79 9.07 -7.07 2.41
N LEU A 80 7.81 -6.68 2.32
CA LEU A 80 6.82 -7.09 3.30
C LEU A 80 5.95 -8.16 2.67
N THR A 81 5.62 -9.18 3.45
CA THR A 81 4.81 -10.28 2.96
C THR A 81 3.79 -10.71 4.00
N TYR A 82 2.53 -10.83 3.59
CA TYR A 82 1.47 -11.24 4.49
C TYR A 82 0.52 -12.22 3.81
N ASP A 83 -0.36 -12.80 4.60
CA ASP A 83 -1.32 -13.77 4.08
C ASP A 83 -2.75 -13.37 4.45
N PHE A 84 -3.71 -13.87 3.69
CA PHE A 84 -5.12 -13.58 3.95
C PHE A 84 -5.80 -14.75 4.65
N PRO A 85 -6.88 -14.48 5.40
CA PRO A 85 -7.61 -15.53 6.12
C PRO A 85 -8.23 -16.55 5.17
N PRO A 86 -8.75 -17.66 5.72
CA PRO A 86 -9.37 -18.73 4.92
C PRO A 86 -10.64 -18.29 4.21
N LYS A 87 -11.14 -17.10 4.55
CA LYS A 87 -12.36 -16.59 3.94
C LYS A 87 -12.00 -15.64 2.80
N VAL A 88 -10.89 -14.94 2.96
CA VAL A 88 -10.41 -14.01 1.95
C VAL A 88 -9.61 -14.75 0.90
N ARG A 89 -8.66 -15.57 1.34
CA ARG A 89 -7.84 -16.35 0.42
C ARG A 89 -8.73 -17.23 -0.42
N GLU A 90 -9.62 -17.94 0.25
CA GLU A 90 -10.56 -18.83 -0.42
C GLU A 90 -11.46 -18.04 -1.36
N LYS A 91 -11.70 -16.79 -1.02
CA LYS A 91 -12.53 -15.90 -1.82
C LYS A 91 -11.75 -15.37 -3.01
N LEU A 92 -10.54 -14.91 -2.76
CA LEU A 92 -9.68 -14.37 -3.83
C LEU A 92 -9.46 -15.42 -4.90
N ASN A 93 -9.13 -16.64 -4.48
CA ASN A 93 -8.89 -17.74 -5.42
C ASN A 93 -9.98 -17.78 -6.47
N ILE A 94 -11.19 -17.39 -6.08
CA ILE A 94 -12.33 -17.36 -6.99
C ILE A 94 -12.53 -15.98 -7.59
N GLN A 95 -12.56 -14.97 -6.73
CA GLN A 95 -12.76 -13.59 -7.18
C GLN A 95 -11.57 -13.11 -8.00
N TRP A 96 -10.38 -13.18 -7.40
CA TRP A 96 -9.16 -12.77 -8.08
C TRP A 96 -8.70 -13.83 -9.07
N GLY A 97 -8.94 -15.09 -8.74
CA GLY A 97 -8.53 -16.17 -9.61
C GLY A 97 -7.06 -16.48 -9.51
N SER A 98 -6.51 -16.38 -8.31
CA SER A 98 -5.10 -16.65 -8.07
C SER A 98 -4.92 -17.60 -6.90
N ASP A 99 -3.88 -18.42 -6.98
CA ASP A 99 -3.58 -19.39 -5.92
C ASP A 99 -2.35 -18.97 -5.14
N TRP A 100 -2.20 -17.66 -4.91
CA TRP A 100 -1.06 -17.14 -4.18
C TRP A 100 -1.35 -17.10 -2.69
N LYS A 101 -0.31 -17.23 -1.87
CA LYS A 101 -0.46 -17.21 -0.42
C LYS A 101 -0.59 -15.77 0.07
N GLY A 102 -0.04 -14.84 -0.70
CA GLY A 102 -0.09 -13.45 -0.33
C GLY A 102 0.57 -12.57 -1.37
N GLN A 103 1.34 -11.59 -0.92
CA GLN A 103 2.02 -10.69 -1.84
C GLN A 103 3.22 -10.01 -1.17
N ALA A 104 4.41 -10.32 -1.67
CA ALA A 104 5.62 -9.72 -1.12
C ALA A 104 5.88 -8.38 -1.80
N GLN A 105 5.61 -7.30 -1.07
CA GLN A 105 5.79 -5.96 -1.63
C GLN A 105 6.73 -5.08 -0.81
N LYS A 106 7.34 -4.11 -1.48
CA LYS A 106 8.25 -3.18 -0.84
C LYS A 106 7.62 -1.78 -0.80
N TRP A 107 7.14 -1.39 0.37
CA TRP A 107 6.49 -0.09 0.53
C TRP A 107 7.47 1.06 0.33
N PHE A 108 6.95 2.15 -0.22
CA PHE A 108 7.74 3.34 -0.47
C PHE A 108 7.04 4.55 0.09
N LEU A 109 7.76 5.34 0.85
CA LEU A 109 7.20 6.54 1.45
C LEU A 109 7.11 7.65 0.41
N PHE A 110 6.16 8.56 0.57
CA PHE A 110 6.00 9.65 -0.38
C PHE A 110 5.47 10.92 0.26
N LYS A 111 6.16 12.02 0.03
CA LYS A 111 5.71 13.32 0.55
C LYS A 111 4.87 14.00 -0.51
N PHE A 112 3.63 14.33 -0.17
CA PHE A 112 2.73 14.97 -1.12
C PHE A 112 3.24 16.36 -1.51
N THR A 113 3.36 16.59 -2.81
CA THR A 113 3.83 17.87 -3.33
C THR A 113 2.82 18.44 -4.33
N GLY A 114 1.54 18.24 -4.05
CA GLY A 114 0.49 18.74 -4.91
C GLY A 114 -0.67 19.34 -4.13
N GLN A 115 -1.86 19.16 -4.65
CA GLN A 115 -3.06 19.66 -4.01
C GLN A 115 -4.10 18.56 -3.87
N ASP A 116 -4.97 18.69 -2.89
CA ASP A 116 -6.02 17.70 -2.65
C ASP A 116 -6.78 17.36 -3.94
N GLN A 117 -6.64 18.22 -4.95
CA GLN A 117 -7.31 18.00 -6.22
C GLN A 117 -6.61 16.93 -7.05
N GLU A 118 -5.34 16.68 -6.73
CA GLU A 118 -4.56 15.68 -7.44
C GLU A 118 -4.94 14.26 -6.98
N ILE A 119 -5.44 14.16 -5.75
CA ILE A 119 -5.83 12.88 -5.20
C ILE A 119 -7.07 12.32 -5.90
N ASN A 120 -6.85 11.34 -6.75
CA ASN A 120 -7.93 10.70 -7.49
C ASN A 120 -7.91 9.19 -7.25
N LEU A 121 -8.71 8.74 -6.30
CA LEU A 121 -8.77 7.33 -5.96
C LEU A 121 -9.15 6.48 -7.17
N LEU A 122 -9.76 7.11 -8.17
CA LEU A 122 -10.16 6.40 -9.38
C LEU A 122 -8.93 5.82 -10.06
N GLY A 123 -7.99 6.70 -10.37
CA GLY A 123 -6.76 6.30 -11.01
C GLY A 123 -6.36 7.28 -12.08
N ASP A 124 -5.24 7.00 -12.74
CA ASP A 124 -4.77 7.87 -13.80
C ASP A 124 -5.34 7.42 -15.13
N GLY A 125 -6.61 7.01 -15.09
CA GLY A 125 -7.28 6.55 -16.30
C GLY A 125 -6.68 5.26 -16.82
N SER A 126 -6.13 4.46 -15.90
CA SER A 126 -5.51 3.19 -16.27
C SER A 126 -6.28 2.02 -15.67
N GLU A 127 -6.25 1.91 -14.34
CA GLU A 127 -6.94 0.82 -13.65
C GLU A 127 -8.26 1.30 -13.04
N LYS A 128 -9.09 0.34 -12.66
CA LYS A 128 -10.39 0.67 -12.06
C LYS A 128 -10.21 1.14 -10.61
N PRO A 129 -11.07 2.08 -10.17
CA PRO A 129 -11.01 2.62 -8.81
C PRO A 129 -11.05 1.52 -7.74
N GLU A 130 -10.22 1.68 -6.72
CA GLU A 130 -10.16 0.71 -5.63
C GLU A 130 -10.71 1.31 -4.34
N PHE A 131 -10.58 2.63 -4.21
CA PHE A 131 -11.05 3.34 -3.02
C PHE A 131 -12.14 4.34 -3.39
N GLY A 132 -12.94 4.73 -2.40
CA GLY A 132 -14.00 5.69 -2.65
C GLY A 132 -13.78 6.98 -1.88
N GLU A 133 -12.95 6.91 -0.85
CA GLU A 133 -12.64 8.05 -0.02
C GLU A 133 -11.26 7.91 0.59
N TRP A 134 -10.82 8.95 1.28
CA TRP A 134 -9.52 8.94 1.93
C TRP A 134 -9.45 9.97 3.04
N SER A 135 -8.59 9.71 4.00
CA SER A 135 -8.40 10.62 5.13
C SER A 135 -6.95 10.62 5.62
N TRP A 136 -6.62 11.61 6.44
CA TRP A 136 -5.28 11.74 6.97
C TRP A 136 -5.21 11.18 8.39
N VAL A 137 -4.27 10.26 8.62
CA VAL A 137 -4.12 9.65 9.93
C VAL A 137 -2.66 9.47 10.30
N THR A 138 -2.39 9.50 11.60
CA THR A 138 -1.04 9.32 12.11
C THR A 138 -0.59 7.89 11.89
N PRO A 139 0.71 7.60 11.94
CA PRO A 139 1.23 6.24 11.75
C PRO A 139 0.63 5.27 12.76
N GLU A 140 0.07 5.81 13.83
CA GLU A 140 -0.54 4.99 14.87
C GLU A 140 -2.03 4.80 14.59
N GLN A 141 -2.66 5.84 14.02
CA GLN A 141 -4.07 5.77 13.68
C GLN A 141 -4.28 4.84 12.50
N LEU A 142 -3.51 5.06 11.44
CA LEU A 142 -3.60 4.24 10.25
C LEU A 142 -3.42 2.77 10.62
N ILE A 143 -2.68 2.56 11.71
CA ILE A 143 -2.43 1.23 12.22
C ILE A 143 -3.69 0.67 12.88
N ASP A 144 -4.52 1.59 13.38
CA ASP A 144 -5.77 1.20 14.02
C ASP A 144 -6.83 0.90 12.97
N LEU A 145 -6.64 1.47 11.78
CA LEU A 145 -7.56 1.24 10.67
C LEU A 145 -7.24 -0.08 10.00
N THR A 146 -5.94 -0.34 9.86
CA THR A 146 -5.46 -1.57 9.24
C THR A 146 -6.00 -2.80 9.97
N VAL A 147 -5.80 -3.97 9.36
CA VAL A 147 -6.27 -5.21 9.96
C VAL A 147 -5.09 -6.00 10.54
N GLU A 148 -5.38 -6.91 11.46
CA GLU A 148 -4.36 -7.72 12.11
C GLU A 148 -3.32 -8.24 11.13
N PHE A 149 -3.79 -8.85 10.06
CA PHE A 149 -2.91 -9.44 9.05
C PHE A 149 -2.20 -8.36 8.22
N LYS A 150 -2.57 -7.11 8.40
CA LYS A 150 -1.95 -6.01 7.66
C LYS A 150 -1.35 -4.96 8.61
N LYS A 151 -1.51 -5.18 9.91
CA LYS A 151 -0.99 -4.24 10.90
C LYS A 151 0.53 -4.26 10.94
N PRO A 152 1.15 -5.40 11.24
CA PRO A 152 2.61 -5.53 11.29
C PRO A 152 3.25 -5.14 9.96
N VAL A 153 2.64 -5.59 8.87
CA VAL A 153 3.12 -5.28 7.53
C VAL A 153 3.10 -3.78 7.29
N TYR A 154 2.24 -3.10 8.01
CA TYR A 154 2.11 -1.64 7.91
C TYR A 154 3.04 -0.97 8.91
N LYS A 155 2.97 -1.40 10.16
CA LYS A 155 3.81 -0.85 11.21
C LYS A 155 5.27 -0.84 10.78
N GLU A 156 5.63 -1.82 9.96
CA GLU A 156 6.99 -1.93 9.45
C GLU A 156 7.27 -0.77 8.52
N VAL A 157 6.30 -0.53 7.63
CA VAL A 157 6.41 0.56 6.66
C VAL A 157 6.49 1.89 7.39
N LEU A 158 5.62 2.07 8.38
CA LEU A 158 5.59 3.29 9.17
C LEU A 158 6.85 3.38 10.01
N SER A 159 7.16 2.28 10.70
CA SER A 159 8.35 2.21 11.54
C SER A 159 9.59 2.66 10.78
N VAL A 160 9.74 2.14 9.55
CA VAL A 160 10.88 2.49 8.71
C VAL A 160 10.79 3.97 8.31
N PHE A 161 9.58 4.50 8.33
CA PHE A 161 9.33 5.89 7.97
C PHE A 161 9.22 6.79 9.19
N ALA A 162 9.22 6.19 10.37
CA ALA A 162 9.15 6.95 11.62
C ALA A 162 10.06 8.18 11.65
N PRO A 163 11.29 8.09 11.11
CA PRO A 163 12.24 9.21 11.12
C PRO A 163 11.76 10.43 10.34
N HIS A 164 10.86 10.23 9.38
CA HIS A 164 10.35 11.35 8.59
C HIS A 164 9.12 11.96 9.25
N LEU A 165 8.42 11.15 10.05
CA LEU A 165 7.22 11.63 10.73
C LEU A 165 7.52 11.91 12.21
PG ATP B . -9.13 -4.87 -3.57
O1G ATP B . -9.18 -6.32 -3.26
O2G ATP B . -10.29 -4.36 -2.78
O3G ATP B . -9.26 -4.41 -4.97
PB ATP B . -6.58 -4.90 -2.64
O1B ATP B . -5.79 -3.80 -2.03
O2B ATP B . -6.03 -5.66 -3.79
O3B ATP B . -7.87 -4.28 -3.05
PA ATP B . -5.91 -6.19 -0.32
O1A ATP B . -5.58 -5.09 0.62
O2A ATP B . -4.82 -7.10 -0.76
O3A ATP B . -6.73 -5.85 -1.51
O5' ATP B . -7.02 -7.03 0.45
C5' ATP B . -7.46 -8.29 -0.03
C4' ATP B . -8.74 -8.69 0.65
O4' ATP B . -8.50 -8.85 2.07
C3' ATP B . -9.87 -7.67 0.58
O3' ATP B . -10.59 -7.76 -0.64
C2' ATP B . -10.72 -8.04 1.79
O2' ATP B . -11.49 -9.20 1.54
C1' ATP B . -9.63 -8.39 2.80
N9 ATP B . -9.22 -7.26 3.64
C8 ATP B . -8.23 -6.33 3.37
N7 ATP B . -8.09 -5.44 4.32
C5 ATP B . -9.05 -5.80 5.27
C6 ATP B . -9.41 -5.24 6.51
N6 ATP B . -8.83 -4.16 7.04
N1 ATP B . -10.40 -5.85 7.19
C2 ATP B . -10.99 -6.93 6.67
N3 ATP B . -10.73 -7.54 5.52
C4 ATP B . -9.75 -6.92 4.85
H5'1 ATP B . -6.69 -9.05 0.17
H5'2 ATP B . -7.63 -8.24 -1.11
H4' ATP B . -9.11 -9.59 0.17
H3' ATP B . -9.50 -6.66 0.63
HO3' ATP B . -10.09 -8.34 -1.22
H2' ATP B . -11.31 -7.19 2.11
HO2' ATP B . -12.27 -8.92 1.06
H1' ATP B . -9.93 -9.20 3.46
H8 ATP B . -7.63 -6.35 2.48
HN61 ATP B . -8.08 -3.70 6.54
HN62 ATP B . -9.12 -3.82 7.93
H2 ATP B . -11.78 -7.37 7.27
N GLY A 1 2.72 -18.10 6.21
CA GLY A 1 3.09 -18.57 7.58
C GLY A 1 3.72 -17.47 8.42
N PRO A 2 4.99 -17.11 8.14
CA PRO A 2 5.69 -16.06 8.88
C PRO A 2 5.15 -14.66 8.56
N LEU A 3 5.67 -13.67 9.26
CA LEU A 3 5.24 -12.29 9.05
C LEU A 3 6.08 -11.33 9.88
N GLY A 4 6.09 -10.05 9.49
CA GLY A 4 6.86 -9.06 10.21
C GLY A 4 8.26 -8.91 9.67
N SER A 5 8.41 -8.09 8.63
CA SER A 5 9.72 -7.85 8.01
C SER A 5 10.25 -9.14 7.40
N MET A 6 10.60 -9.06 6.12
CA MET A 6 11.11 -10.24 5.41
C MET A 6 12.59 -10.06 5.05
N ASP A 7 12.92 -8.90 4.49
CA ASP A 7 14.29 -8.61 4.09
C ASP A 7 14.74 -9.52 2.95
N SER A 8 13.78 -10.05 2.21
CA SER A 8 14.05 -10.93 1.08
C SER A 8 12.76 -11.51 0.51
N PRO A 9 12.46 -11.25 -0.77
CA PRO A 9 11.24 -11.76 -1.41
C PRO A 9 11.23 -13.28 -1.51
N PRO A 10 10.36 -13.95 -0.72
CA PRO A 10 10.26 -15.41 -0.73
C PRO A 10 9.52 -15.92 -1.95
N GLU A 11 9.29 -17.23 -1.98
CA GLU A 11 8.60 -17.87 -3.10
C GLU A 11 7.10 -17.89 -2.85
N GLY A 12 6.32 -17.93 -3.94
CA GLY A 12 4.88 -17.96 -3.82
C GLY A 12 4.25 -16.58 -3.88
N TYR A 13 4.93 -15.60 -3.27
CA TYR A 13 4.42 -14.23 -3.26
C TYR A 13 4.89 -13.47 -4.50
N ARG A 14 3.97 -12.71 -5.09
CA ARG A 14 4.27 -11.95 -6.29
C ARG A 14 4.91 -10.60 -5.94
N ARG A 15 5.72 -10.07 -6.86
CA ARG A 15 6.39 -8.80 -6.65
C ARG A 15 5.38 -7.66 -6.53
N ASN A 16 5.51 -6.86 -5.48
CA ASN A 16 4.62 -5.75 -5.24
C ASN A 16 5.32 -4.64 -4.45
N VAL A 17 4.89 -3.41 -4.67
CA VAL A 17 5.48 -2.27 -3.95
C VAL A 17 4.42 -1.48 -3.19
N GLY A 18 4.78 -1.01 -2.00
CA GLY A 18 3.87 -0.25 -1.19
C GLY A 18 4.26 1.22 -1.10
N ILE A 19 3.27 2.09 -0.95
CA ILE A 19 3.52 3.51 -0.86
C ILE A 19 2.82 4.12 0.34
N CYS A 20 3.59 4.36 1.41
CA CYS A 20 3.04 4.96 2.62
C CYS A 20 3.14 6.47 2.52
N LEU A 21 2.02 7.14 2.29
CA LEU A 21 2.01 8.59 2.17
C LEU A 21 1.50 9.26 3.43
N MET A 22 2.10 10.39 3.76
CA MET A 22 1.71 11.14 4.94
C MET A 22 1.41 12.60 4.60
N ASN A 23 0.63 13.25 5.45
CA ASN A 23 0.27 14.64 5.23
C ASN A 23 1.05 15.57 6.15
N ASN A 24 0.94 16.87 5.88
CA ASN A 24 1.64 17.87 6.68
C ASN A 24 1.31 17.75 8.17
N ASP A 25 0.23 17.05 8.48
CA ASP A 25 -0.19 16.87 9.86
C ASP A 25 0.46 15.62 10.47
N LYS A 26 1.27 14.94 9.67
CA LYS A 26 1.97 13.73 10.11
C LYS A 26 1.04 12.53 10.15
N LYS A 27 -0.01 12.56 9.32
CA LYS A 27 -0.95 11.45 9.27
C LYS A 27 -0.59 10.54 8.11
N ILE A 28 -1.29 9.41 8.00
CA ILE A 28 -1.03 8.46 6.92
C ILE A 28 -2.20 8.40 5.95
N PHE A 29 -1.92 8.71 4.68
CA PHE A 29 -2.95 8.71 3.65
C PHE A 29 -3.67 7.37 3.59
N ALA A 30 -4.92 7.36 4.04
CA ALA A 30 -5.74 6.15 4.03
C ALA A 30 -6.94 6.33 3.12
N ALA A 31 -7.21 5.33 2.30
CA ALA A 31 -8.33 5.39 1.37
C ALA A 31 -9.29 4.23 1.58
N SER A 32 -10.58 4.52 1.47
CA SER A 32 -11.61 3.50 1.65
C SER A 32 -11.79 2.69 0.37
N ARG A 33 -12.34 1.48 0.51
CA ARG A 33 -12.56 0.61 -0.64
C ARG A 33 -13.66 1.12 -1.53
N LEU A 34 -13.70 0.58 -2.74
CA LEU A 34 -14.72 0.94 -3.70
C LEU A 34 -15.83 -0.11 -3.66
N ASP A 35 -15.60 -1.18 -2.90
CA ASP A 35 -16.57 -2.26 -2.79
C ASP A 35 -16.90 -2.62 -1.34
N ILE A 36 -16.04 -2.22 -0.40
CA ILE A 36 -16.29 -2.52 1.00
C ILE A 36 -16.37 -1.25 1.83
N PRO A 37 -17.56 -0.93 2.37
CA PRO A 37 -17.75 0.26 3.20
C PRO A 37 -16.95 0.19 4.48
N ASP A 38 -16.25 1.26 4.78
CA ASP A 38 -15.43 1.34 5.99
C ASP A 38 -14.13 0.57 5.86
N ALA A 39 -13.91 0.01 4.69
CA ALA A 39 -12.71 -0.75 4.41
C ALA A 39 -11.62 0.17 3.89
N TRP A 40 -10.74 0.58 4.79
CA TRP A 40 -9.65 1.47 4.42
C TRP A 40 -8.35 0.69 4.28
N GLN A 41 -7.43 1.25 3.50
CA GLN A 41 -6.14 0.63 3.27
C GLN A 41 -5.19 1.59 2.57
N MET A 42 -3.92 1.22 2.50
CA MET A 42 -2.90 2.04 1.85
C MET A 42 -2.67 1.58 0.41
N PRO A 43 -2.18 2.48 -0.46
CA PRO A 43 -1.92 2.15 -1.87
C PRO A 43 -0.78 1.17 -2.05
N GLN A 44 -1.04 0.12 -2.83
CA GLN A 44 -0.04 -0.91 -3.11
C GLN A 44 -0.34 -1.59 -4.44
N GLY A 45 0.72 -1.91 -5.20
CA GLY A 45 0.53 -2.55 -6.48
C GLY A 45 1.68 -3.48 -6.84
N GLY A 46 1.43 -4.39 -7.78
CA GLY A 46 2.44 -5.33 -8.20
C GLY A 46 3.44 -4.71 -9.16
N ILE A 47 4.72 -4.83 -8.85
CA ILE A 47 5.77 -4.28 -9.71
C ILE A 47 5.65 -4.84 -11.12
N ASP A 48 6.30 -4.16 -12.07
CA ASP A 48 6.28 -4.59 -13.46
C ASP A 48 7.14 -5.83 -13.65
N GLU A 49 7.36 -6.21 -14.91
CA GLU A 49 8.17 -7.38 -15.22
C GLU A 49 9.64 -7.00 -15.39
N GLY A 50 10.04 -5.95 -14.70
CA GLY A 50 11.40 -5.47 -14.76
C GLY A 50 11.49 -4.02 -14.33
N GLU A 51 10.95 -3.74 -13.15
CA GLU A 51 10.95 -2.40 -12.60
C GLU A 51 11.49 -2.39 -11.19
N ASP A 52 12.14 -1.28 -10.83
CA ASP A 52 12.70 -1.12 -9.50
C ASP A 52 11.59 -0.79 -8.49
N PRO A 53 11.50 -1.54 -7.38
CA PRO A 53 10.47 -1.33 -6.37
C PRO A 53 10.28 0.14 -6.00
N ARG A 54 11.34 0.91 -6.10
CA ARG A 54 11.27 2.34 -5.78
C ARG A 54 10.52 3.10 -6.86
N ASN A 55 10.60 2.62 -8.09
CA ASN A 55 9.92 3.25 -9.21
C ASN A 55 8.49 2.75 -9.32
N ALA A 56 8.32 1.44 -9.19
CA ALA A 56 7.00 0.84 -9.26
C ALA A 56 6.09 1.44 -8.19
N ALA A 57 6.69 1.81 -7.07
CA ALA A 57 5.96 2.41 -5.97
C ALA A 57 5.55 3.83 -6.32
N ILE A 58 6.54 4.65 -6.69
CA ILE A 58 6.30 6.03 -7.08
C ILE A 58 5.29 6.08 -8.21
N ARG A 59 5.30 5.05 -9.05
CA ARG A 59 4.39 4.96 -10.18
C ARG A 59 3.02 4.48 -9.69
N GLU A 60 3.06 3.37 -8.98
CA GLU A 60 1.85 2.76 -8.44
C GLU A 60 1.02 3.76 -7.66
N LEU A 61 1.69 4.64 -6.92
CA LEU A 61 1.00 5.64 -6.12
C LEU A 61 0.12 6.53 -6.99
N ARG A 62 0.71 7.20 -7.96
CA ARG A 62 -0.05 8.05 -8.86
C ARG A 62 -1.08 7.23 -9.63
N GLU A 63 -0.97 5.91 -9.56
CA GLU A 63 -1.90 5.03 -10.25
C GLU A 63 -3.08 4.64 -9.36
N GLU A 64 -2.79 4.32 -8.11
CA GLU A 64 -3.82 3.91 -7.16
C GLU A 64 -4.38 5.07 -6.37
N THR A 65 -3.58 6.13 -6.21
CA THR A 65 -4.01 7.29 -5.45
C THR A 65 -4.11 8.52 -6.35
N GLY A 66 -3.42 8.46 -7.49
CA GLY A 66 -3.45 9.58 -8.41
C GLY A 66 -2.64 10.76 -7.93
N VAL A 67 -1.94 10.59 -6.82
CA VAL A 67 -1.11 11.67 -6.27
C VAL A 67 0.16 11.83 -7.09
N THR A 68 0.44 13.07 -7.49
CA THR A 68 1.63 13.37 -8.28
C THR A 68 2.69 14.06 -7.44
N SER A 69 2.24 14.89 -6.50
CA SER A 69 3.17 15.61 -5.63
C SER A 69 3.46 14.81 -4.37
N ALA A 70 4.38 13.87 -4.49
CA ALA A 70 4.78 13.03 -3.37
C ALA A 70 6.24 12.61 -3.50
N GLU A 71 6.99 12.79 -2.42
CA GLU A 71 8.40 12.43 -2.39
C GLU A 71 8.66 11.38 -1.33
N VAL A 72 9.62 10.50 -1.59
CA VAL A 72 9.94 9.45 -0.64
C VAL A 72 10.79 9.97 0.50
N ILE A 73 10.29 9.78 1.71
CA ILE A 73 10.98 10.21 2.92
C ILE A 73 11.61 9.01 3.62
N ALA A 74 11.07 7.83 3.34
CA ALA A 74 11.58 6.60 3.95
C ALA A 74 11.34 5.40 3.05
N GLU A 75 12.10 4.34 3.28
CA GLU A 75 11.98 3.12 2.51
C GLU A 75 12.31 1.91 3.36
N VAL A 76 11.29 1.10 3.64
CA VAL A 76 11.49 -0.09 4.46
C VAL A 76 12.55 -1.00 3.84
N PRO A 77 13.59 -1.36 4.60
CA PRO A 77 14.68 -2.21 4.11
C PRO A 77 14.29 -3.69 3.97
N TYR A 78 13.11 -4.05 4.45
CA TYR A 78 12.66 -5.43 4.36
C TYR A 78 11.28 -5.56 3.74
N TRP A 79 11.12 -6.52 2.84
CA TRP A 79 9.84 -6.74 2.20
C TRP A 79 8.83 -7.25 3.20
N LEU A 80 7.59 -6.86 3.03
CA LEU A 80 6.52 -7.29 3.90
C LEU A 80 5.57 -8.21 3.16
N THR A 81 5.48 -9.45 3.63
CA THR A 81 4.63 -10.45 3.00
C THR A 81 3.42 -10.75 3.87
N TYR A 82 2.26 -10.91 3.24
CA TYR A 82 1.02 -11.19 3.95
C TYR A 82 0.25 -12.31 3.28
N ASP A 83 -0.78 -12.79 3.94
CA ASP A 83 -1.61 -13.87 3.41
C ASP A 83 -3.08 -13.45 3.37
N PHE A 84 -3.85 -14.13 2.52
CA PHE A 84 -5.27 -13.83 2.38
C PHE A 84 -6.12 -15.06 2.70
N PRO A 85 -7.31 -14.85 3.28
CA PRO A 85 -8.22 -15.94 3.65
C PRO A 85 -8.73 -16.71 2.42
N PRO A 86 -9.43 -17.83 2.64
CA PRO A 86 -9.97 -18.67 1.56
C PRO A 86 -11.07 -17.97 0.75
N LYS A 87 -11.53 -16.83 1.23
CA LYS A 87 -12.57 -16.08 0.54
C LYS A 87 -11.95 -14.97 -0.29
N VAL A 88 -10.88 -14.39 0.24
CA VAL A 88 -10.18 -13.33 -0.45
C VAL A 88 -9.21 -13.91 -1.48
N ARG A 89 -8.47 -14.94 -1.07
CA ARG A 89 -7.52 -15.59 -1.95
C ARG A 89 -8.27 -16.18 -3.14
N GLU A 90 -9.37 -16.86 -2.83
CA GLU A 90 -10.20 -17.47 -3.85
C GLU A 90 -10.87 -16.41 -4.72
N LYS A 91 -11.09 -15.25 -4.12
CA LYS A 91 -11.71 -14.14 -4.83
C LYS A 91 -10.70 -13.43 -5.74
N LEU A 92 -9.53 -13.14 -5.19
CA LEU A 92 -8.48 -12.48 -5.96
C LEU A 92 -8.11 -13.31 -7.18
N ASN A 93 -7.95 -14.61 -6.97
CA ASN A 93 -7.60 -15.53 -8.06
C ASN A 93 -8.48 -15.26 -9.27
N ILE A 94 -9.71 -14.83 -9.02
CA ILE A 94 -10.65 -14.53 -10.11
C ILE A 94 -10.65 -13.04 -10.43
N GLN A 95 -10.78 -12.21 -9.40
CA GLN A 95 -10.80 -10.77 -9.58
C GLN A 95 -9.45 -10.26 -10.07
N TRP A 96 -8.40 -10.56 -9.31
CA TRP A 96 -7.05 -10.14 -9.66
C TRP A 96 -6.49 -11.05 -10.77
N GLY A 97 -6.84 -12.32 -10.73
CA GLY A 97 -6.35 -13.25 -11.71
C GLY A 97 -4.95 -13.75 -11.41
N SER A 98 -4.64 -13.90 -10.13
CA SER A 98 -3.33 -14.36 -9.71
C SER A 98 -3.44 -15.58 -8.81
N ASP A 99 -2.46 -16.47 -8.90
CA ASP A 99 -2.45 -17.68 -8.10
C ASP A 99 -1.30 -17.66 -7.09
N TRP A 100 -1.21 -16.56 -6.35
CA TRP A 100 -0.16 -16.40 -5.35
C TRP A 100 -0.73 -16.55 -3.95
N LYS A 101 0.09 -17.03 -3.02
CA LYS A 101 -0.33 -17.23 -1.64
C LYS A 101 -0.46 -15.89 -0.92
N GLY A 102 0.36 -14.93 -1.33
CA GLY A 102 0.32 -13.62 -0.72
C GLY A 102 0.99 -12.58 -1.58
N GLN A 103 1.66 -11.63 -0.94
CA GLN A 103 2.35 -10.58 -1.67
C GLN A 103 3.47 -9.97 -0.84
N ALA A 104 4.71 -10.13 -1.30
CA ALA A 104 5.87 -9.58 -0.62
C ALA A 104 6.23 -8.23 -1.23
N GLN A 105 5.92 -7.15 -0.52
CA GLN A 105 6.20 -5.82 -1.04
C GLN A 105 7.06 -4.97 -0.10
N LYS A 106 7.76 -4.01 -0.70
CA LYS A 106 8.61 -3.09 0.05
C LYS A 106 7.97 -1.72 0.09
N TRP A 107 7.42 -1.36 1.24
CA TRP A 107 6.74 -0.08 1.40
C TRP A 107 7.72 1.10 1.45
N PHE A 108 7.28 2.22 0.88
CA PHE A 108 8.09 3.43 0.85
C PHE A 108 7.30 4.61 1.41
N LEU A 109 7.91 5.38 2.29
CA LEU A 109 7.25 6.53 2.88
C LEU A 109 7.30 7.72 1.92
N PHE A 110 6.13 8.32 1.68
CA PHE A 110 6.04 9.47 0.77
C PHE A 110 5.43 10.67 1.46
N LYS A 111 6.11 11.80 1.38
CA LYS A 111 5.59 13.03 1.96
C LYS A 111 4.80 13.80 0.90
N PHE A 112 3.52 14.05 1.19
CA PHE A 112 2.68 14.77 0.25
C PHE A 112 3.18 16.18 0.01
N THR A 113 3.38 16.52 -1.25
CA THR A 113 3.87 17.85 -1.62
C THR A 113 2.95 18.49 -2.65
N GLY A 114 1.65 18.26 -2.49
CA GLY A 114 0.68 18.82 -3.40
C GLY A 114 -0.55 19.35 -2.67
N GLN A 115 -1.71 19.21 -3.32
CA GLN A 115 -2.96 19.66 -2.73
C GLN A 115 -3.99 18.55 -2.80
N ASP A 116 -4.95 18.58 -1.89
CA ASP A 116 -6.00 17.58 -1.84
C ASP A 116 -6.65 17.39 -3.23
N GLN A 117 -6.43 18.34 -4.13
CA GLN A 117 -6.99 18.26 -5.46
C GLN A 117 -6.21 17.28 -6.34
N GLU A 118 -4.95 17.04 -5.97
CA GLU A 118 -4.11 16.12 -6.71
C GLU A 118 -4.47 14.67 -6.39
N ILE A 119 -5.03 14.46 -5.22
CA ILE A 119 -5.43 13.12 -4.79
C ILE A 119 -6.58 12.58 -5.63
N ASN A 120 -6.25 11.67 -6.54
CA ASN A 120 -7.23 11.06 -7.40
C ASN A 120 -7.23 9.55 -7.20
N LEU A 121 -8.13 9.06 -6.36
CA LEU A 121 -8.22 7.64 -6.06
C LEU A 121 -8.48 6.83 -7.33
N LEU A 122 -9.00 7.49 -8.36
CA LEU A 122 -9.28 6.81 -9.63
C LEU A 122 -7.98 6.27 -10.21
N GLY A 123 -7.03 7.18 -10.41
CA GLY A 123 -5.75 6.81 -10.96
C GLY A 123 -5.19 7.90 -11.84
N ASP A 124 -4.00 7.67 -12.37
CA ASP A 124 -3.36 8.63 -13.26
C ASP A 124 -3.76 8.35 -14.70
N GLY A 125 -5.03 7.98 -14.88
CA GLY A 125 -5.52 7.67 -16.20
C GLY A 125 -4.95 6.37 -16.75
N SER A 126 -4.59 5.49 -15.83
CA SER A 126 -4.01 4.20 -16.21
C SER A 126 -4.90 3.04 -15.76
N GLU A 127 -4.97 2.83 -14.45
CA GLU A 127 -5.77 1.75 -13.88
C GLU A 127 -7.14 2.27 -13.43
N LYS A 128 -8.06 1.34 -13.19
CA LYS A 128 -9.40 1.69 -12.75
C LYS A 128 -9.42 2.05 -11.28
N PRO A 129 -10.33 2.97 -10.87
CA PRO A 129 -10.44 3.40 -9.48
C PRO A 129 -10.54 2.23 -8.50
N GLU A 130 -9.79 2.33 -7.40
CA GLU A 130 -9.80 1.28 -6.38
C GLU A 130 -10.45 1.79 -5.10
N PHE A 131 -10.33 3.08 -4.84
CA PHE A 131 -10.90 3.69 -3.65
C PHE A 131 -11.94 4.74 -4.04
N GLY A 132 -12.83 5.07 -3.10
CA GLY A 132 -13.85 6.08 -3.38
C GLY A 132 -13.71 7.27 -2.46
N GLU A 133 -12.92 7.11 -1.41
CA GLU A 133 -12.69 8.16 -0.44
C GLU A 133 -11.32 8.02 0.20
N TRP A 134 -10.96 8.99 1.01
CA TRP A 134 -9.68 8.96 1.71
C TRP A 134 -9.70 9.88 2.92
N SER A 135 -8.92 9.50 3.93
CA SER A 135 -8.83 10.29 5.15
C SER A 135 -7.45 10.17 5.79
N TRP A 136 -7.09 11.18 6.59
CA TRP A 136 -5.81 11.20 7.28
C TRP A 136 -5.92 10.57 8.66
N VAL A 137 -5.08 9.57 8.92
CA VAL A 137 -5.09 8.89 10.19
C VAL A 137 -3.68 8.68 10.73
N THR A 138 -3.57 8.63 12.05
CA THR A 138 -2.28 8.42 12.70
C THR A 138 -1.83 6.98 12.46
N PRO A 139 -0.53 6.70 12.60
CA PRO A 139 0.01 5.35 12.39
C PRO A 139 -0.68 4.33 13.29
N GLU A 140 -1.34 4.81 14.32
CA GLU A 140 -2.06 3.95 15.25
C GLU A 140 -3.51 3.81 14.80
N GLN A 141 -4.06 4.89 14.23
CA GLN A 141 -5.44 4.87 13.75
C GLN A 141 -5.55 4.00 12.50
N LEU A 142 -4.66 4.25 11.54
CA LEU A 142 -4.65 3.47 10.30
C LEU A 142 -4.55 1.99 10.63
N ILE A 143 -3.85 1.71 11.71
CA ILE A 143 -3.67 0.35 12.18
C ILE A 143 -5.00 -0.20 12.67
N ASP A 144 -5.87 0.70 13.12
CA ASP A 144 -7.19 0.31 13.60
C ASP A 144 -8.13 0.07 12.42
N LEU A 145 -7.81 0.70 11.29
CA LEU A 145 -8.59 0.56 10.08
C LEU A 145 -8.18 -0.71 9.35
N THR A 146 -6.87 -0.96 9.35
CA THR A 146 -6.31 -2.13 8.70
C THR A 146 -6.97 -3.42 9.18
N VAL A 147 -6.69 -4.52 8.49
CA VAL A 147 -7.26 -5.81 8.86
C VAL A 147 -6.23 -6.69 9.55
N GLU A 148 -6.70 -7.71 10.27
CA GLU A 148 -5.84 -8.61 11.00
C GLU A 148 -4.66 -9.11 10.16
N PHE A 149 -4.91 -9.43 8.89
CA PHE A 149 -3.86 -9.92 8.00
C PHE A 149 -3.09 -8.79 7.35
N LYS A 150 -3.34 -7.56 7.79
CA LYS A 150 -2.64 -6.40 7.24
C LYS A 150 -2.09 -5.49 8.34
N LYS A 151 -2.35 -5.87 9.60
CA LYS A 151 -1.88 -5.10 10.74
C LYS A 151 -0.34 -5.07 10.80
N PRO A 152 0.29 -6.24 10.97
CA PRO A 152 1.75 -6.33 11.04
C PRO A 152 2.43 -5.76 9.79
N VAL A 153 1.85 -6.06 8.64
CA VAL A 153 2.39 -5.56 7.37
C VAL A 153 2.40 -4.04 7.33
N TYR A 154 1.49 -3.44 8.08
CA TYR A 154 1.37 -2.00 8.16
C TYR A 154 2.23 -1.44 9.29
N LYS A 155 2.00 -1.95 10.50
CA LYS A 155 2.75 -1.51 11.68
C LYS A 155 4.24 -1.48 11.39
N GLU A 156 4.68 -2.41 10.55
CA GLU A 156 6.08 -2.50 10.17
C GLU A 156 6.47 -1.30 9.32
N VAL A 157 5.61 -0.97 8.38
CA VAL A 157 5.83 0.17 7.50
C VAL A 157 5.91 1.46 8.31
N LEU A 158 4.92 1.64 9.18
CA LEU A 158 4.88 2.82 10.04
C LEU A 158 6.09 2.83 10.96
N SER A 159 6.32 1.68 11.59
CA SER A 159 7.45 1.52 12.50
C SER A 159 8.74 2.01 11.86
N VAL A 160 8.99 1.59 10.61
CA VAL A 160 10.17 1.99 9.89
C VAL A 160 10.11 3.48 9.53
N PHE A 161 8.89 3.99 9.44
CA PHE A 161 8.67 5.39 9.07
C PHE A 161 8.38 6.26 10.29
N ALA A 162 8.40 5.66 11.47
CA ALA A 162 8.14 6.39 12.71
C ALA A 162 9.02 7.64 12.82
N PRO A 163 10.35 7.47 12.71
CA PRO A 163 11.29 8.59 12.80
C PRO A 163 10.97 9.70 11.80
N HIS A 164 10.22 9.36 10.76
CA HIS A 164 9.85 10.34 9.75
C HIS A 164 8.53 11.02 10.12
N LEU A 165 7.75 10.38 10.98
CA LEU A 165 6.48 10.93 11.42
C LEU A 165 6.13 10.45 12.83
PG ATP B . -9.06 -4.00 -6.98
O1G ATP B . -8.78 -2.72 -7.67
O2G ATP B . -9.11 -4.94 -8.13
O3G ATP B . -10.28 -4.16 -6.15
PB ATP B . -7.47 -3.84 -4.77
O1B ATP B . -8.42 -2.74 -4.42
O2B ATP B . -6.01 -3.57 -4.83
O3B ATP B . -7.91 -4.34 -6.10
PA ATP B . -7.06 -5.09 -2.36
O1A ATP B . -7.75 -4.60 -1.14
O2A ATP B . -5.60 -4.84 -2.52
O3A ATP B . -7.71 -4.82 -3.68
O5' ATP B . -7.32 -6.66 -2.34
C5' ATP B . -7.19 -7.40 -1.13
C4' ATP B . -8.54 -7.95 -0.72
O4' ATP B . -8.49 -8.34 0.68
C3' ATP B . -9.70 -6.98 -0.81
O3' ATP B . -10.25 -6.93 -2.12
C2' ATP B . -10.68 -7.56 0.20
O2' ATP B . -11.34 -8.70 -0.31
C1' ATP B . -9.72 -8.00 1.31
N9 ATP B . -9.47 -6.98 2.32
C8 ATP B . -8.50 -6.00 2.31
N7 ATP B . -8.53 -5.22 3.37
C5 ATP B . -9.59 -5.72 4.11
C6 ATP B . -10.15 -5.34 5.35
N6 ATP B . -9.70 -4.31 6.07
N1 ATP B . -11.21 -6.04 5.81
C2 ATP B . -11.66 -7.06 5.09
N3 ATP B . -11.23 -7.52 3.92
C4 ATP B . -10.17 -6.80 3.48
H5'1 ATP B . -6.82 -6.74 -0.33
H5'2 ATP B . -6.49 -8.22 -1.27
H4' ATP B . -8.77 -8.79 -1.38
H3' ATP B . -9.40 -5.97 -0.56
HO3' ATP B . -9.53 -7.12 -2.74
H2' ATP B . -11.37 -6.79 0.55
HO2' ATP B . -12.12 -8.39 -0.77
H1' ATP B . -10.07 -8.90 1.81
H8 ATP B . -7.77 -5.89 1.52
HN61 ATP B . -8.91 -3.77 5.74
HN62 ATP B . -10.14 -4.08 6.95
H2 ATP B . -12.51 -7.60 5.50
N GLY A 1 18.14 -9.08 14.54
CA GLY A 1 17.12 -10.00 15.10
C GLY A 1 16.04 -10.34 14.09
N PRO A 2 15.25 -11.40 14.33
CA PRO A 2 14.17 -11.82 13.43
C PRO A 2 13.01 -10.83 13.41
N LEU A 3 12.39 -10.67 12.25
CA LEU A 3 11.27 -9.75 12.10
C LEU A 3 10.13 -10.42 11.33
N GLY A 4 9.10 -9.63 11.01
CA GLY A 4 7.97 -10.16 10.28
C GLY A 4 7.89 -9.64 8.85
N SER A 5 8.86 -10.01 8.04
CA SER A 5 8.91 -9.58 6.65
C SER A 5 9.32 -10.75 5.77
N MET A 6 9.80 -10.43 4.58
CA MET A 6 10.23 -11.43 3.62
C MET A 6 11.17 -10.84 2.58
N ASP A 7 12.48 -11.05 2.77
CA ASP A 7 13.47 -10.53 1.84
C ASP A 7 13.51 -11.29 0.53
N SER A 8 12.51 -12.13 0.29
CA SER A 8 12.44 -12.91 -0.94
C SER A 8 10.99 -13.31 -1.24
N PRO A 9 10.45 -12.91 -2.40
CA PRO A 9 9.07 -13.23 -2.78
C PRO A 9 8.84 -14.74 -2.83
N PRO A 10 8.02 -15.29 -1.92
CA PRO A 10 7.72 -16.71 -1.88
C PRO A 10 6.96 -17.18 -3.11
N GLU A 11 6.49 -18.41 -3.05
CA GLU A 11 5.74 -18.99 -4.16
C GLU A 11 4.24 -18.75 -4.01
N GLY A 12 3.58 -18.53 -5.13
CA GLY A 12 2.15 -18.30 -5.11
C GLY A 12 1.80 -16.82 -5.06
N TYR A 13 2.54 -16.05 -4.28
CA TYR A 13 2.28 -14.63 -4.16
C TYR A 13 2.62 -13.90 -5.46
N ARG A 14 1.73 -12.99 -5.85
CA ARG A 14 1.92 -12.22 -7.08
C ARG A 14 2.80 -10.99 -6.84
N ARG A 15 3.50 -10.56 -7.89
CA ARG A 15 4.38 -9.40 -7.79
C ARG A 15 3.56 -8.12 -7.54
N ASN A 16 3.91 -7.41 -6.47
CA ASN A 16 3.21 -6.18 -6.12
C ASN A 16 4.13 -5.24 -5.34
N VAL A 17 3.78 -3.96 -5.31
CA VAL A 17 4.58 -2.97 -4.59
C VAL A 17 3.69 -2.05 -3.76
N GLY A 18 4.20 -1.62 -2.61
CA GLY A 18 3.44 -0.73 -1.75
C GLY A 18 4.02 0.66 -1.69
N ILE A 19 3.17 1.65 -1.45
CA ILE A 19 3.60 3.04 -1.38
C ILE A 19 3.12 3.70 -0.11
N CYS A 20 4.00 3.84 0.88
CA CYS A 20 3.64 4.47 2.14
C CYS A 20 3.91 5.97 2.04
N LEU A 21 2.84 6.75 1.91
CA LEU A 21 2.97 8.20 1.78
C LEU A 21 2.62 8.89 3.09
N MET A 22 3.38 9.95 3.40
CA MET A 22 3.16 10.71 4.62
C MET A 22 2.98 12.20 4.30
N ASN A 23 2.34 12.91 5.20
CA ASN A 23 2.09 14.34 5.02
C ASN A 23 3.08 15.17 5.84
N ASN A 24 3.06 16.48 5.61
CA ASN A 24 3.95 17.41 6.31
C ASN A 24 3.76 17.31 7.82
N ASP A 25 2.66 16.71 8.25
CA ASP A 25 2.39 16.56 9.68
C ASP A 25 2.98 15.26 10.22
N LYS A 26 3.63 14.50 9.34
CA LYS A 26 4.25 13.23 9.72
C LYS A 26 3.21 12.12 9.87
N LYS A 27 2.10 12.26 9.16
CA LYS A 27 1.05 11.25 9.20
C LYS A 27 1.15 10.33 7.99
N ILE A 28 0.37 9.26 7.98
CA ILE A 28 0.38 8.31 6.87
C ILE A 28 -0.92 8.40 6.08
N PHE A 29 -0.78 8.64 4.77
CA PHE A 29 -1.95 8.74 3.90
C PHE A 29 -2.78 7.46 3.94
N ALA A 30 -3.95 7.55 4.56
CA ALA A 30 -4.85 6.41 4.64
C ALA A 30 -6.15 6.70 3.91
N ALA A 31 -6.56 5.79 3.05
CA ALA A 31 -7.78 5.96 2.28
C ALA A 31 -8.84 4.93 2.67
N SER A 32 -10.09 5.37 2.71
CA SER A 32 -11.20 4.51 3.08
C SER A 32 -11.67 3.71 1.87
N ARG A 33 -12.35 2.59 2.12
CA ARG A 33 -12.84 1.74 1.05
C ARG A 33 -13.92 2.41 0.24
N LEU A 34 -14.21 1.84 -0.91
CA LEU A 34 -15.23 2.35 -1.78
C LEU A 34 -16.59 1.73 -1.43
N ASP A 35 -16.58 0.72 -0.55
CA ASP A 35 -17.83 0.07 -0.17
C ASP A 35 -17.84 -0.45 1.26
N ILE A 36 -16.71 -0.40 1.98
CA ILE A 36 -16.68 -0.89 3.35
C ILE A 36 -16.41 0.26 4.32
N PRO A 37 -17.41 0.66 5.11
CA PRO A 37 -17.25 1.74 6.08
C PRO A 37 -16.25 1.38 7.17
N ASP A 38 -15.31 2.28 7.41
CA ASP A 38 -14.28 2.08 8.42
C ASP A 38 -13.15 1.19 7.90
N ALA A 39 -13.26 0.80 6.65
CA ALA A 39 -12.25 -0.03 6.01
C ALA A 39 -11.27 0.84 5.25
N TRP A 40 -10.14 1.12 5.90
CA TRP A 40 -9.11 1.94 5.29
C TRP A 40 -7.89 1.11 4.92
N GLN A 41 -7.05 1.66 4.05
CA GLN A 41 -5.86 0.97 3.61
C GLN A 41 -4.93 1.91 2.83
N MET A 42 -3.68 1.49 2.65
CA MET A 42 -2.70 2.29 1.94
C MET A 42 -2.64 1.88 0.46
N PRO A 43 -2.16 2.78 -0.41
CA PRO A 43 -2.06 2.51 -1.85
C PRO A 43 -1.06 1.40 -2.18
N GLN A 44 -1.49 0.47 -3.04
CA GLN A 44 -0.65 -0.65 -3.45
C GLN A 44 -1.09 -1.16 -4.82
N GLY A 45 -0.18 -1.77 -5.56
CA GLY A 45 -0.52 -2.28 -6.88
C GLY A 45 0.46 -3.33 -7.37
N GLY A 46 -0.04 -4.24 -8.21
CA GLY A 46 0.81 -5.29 -8.74
C GLY A 46 1.90 -4.74 -9.64
N ILE A 47 3.08 -5.35 -9.55
CA ILE A 47 4.22 -4.94 -10.35
C ILE A 47 4.09 -5.45 -11.79
N ASP A 48 4.87 -4.87 -12.69
CA ASP A 48 4.85 -5.26 -14.09
C ASP A 48 5.73 -6.49 -14.32
N GLU A 49 5.85 -6.89 -15.58
CA GLU A 49 6.68 -8.05 -15.93
C GLU A 49 8.14 -7.67 -15.95
N GLY A 50 8.83 -8.01 -14.87
CA GLY A 50 10.24 -7.70 -14.76
C GLY A 50 10.46 -6.21 -14.53
N GLU A 51 9.74 -5.67 -13.55
CA GLU A 51 9.83 -4.26 -13.22
C GLU A 51 10.38 -4.07 -11.81
N ASP A 52 11.14 -2.99 -11.64
CA ASP A 52 11.73 -2.67 -10.35
C ASP A 52 10.65 -2.19 -9.38
N PRO A 53 10.64 -2.72 -8.15
CA PRO A 53 9.66 -2.33 -7.13
C PRO A 53 9.57 -0.83 -6.92
N ARG A 54 10.74 -0.18 -6.83
CA ARG A 54 10.79 1.26 -6.61
C ARG A 54 10.11 2.01 -7.75
N ASN A 55 10.08 1.40 -8.92
CA ASN A 55 9.45 2.03 -10.09
C ASN A 55 7.96 1.71 -10.12
N ALA A 56 7.64 0.43 -9.94
CA ALA A 56 6.25 0.00 -9.95
C ALA A 56 5.46 0.70 -8.86
N ALA A 57 6.14 1.05 -7.77
CA ALA A 57 5.52 1.74 -6.65
C ALA A 57 5.28 3.21 -7.00
N ILE A 58 6.33 3.87 -7.49
CA ILE A 58 6.24 5.26 -7.88
C ILE A 58 5.16 5.43 -8.94
N ARG A 59 4.97 4.39 -9.74
CA ARG A 59 3.96 4.40 -10.79
C ARG A 59 2.60 4.09 -10.20
N GLU A 60 2.55 2.97 -9.48
CA GLU A 60 1.33 2.51 -8.84
C GLU A 60 0.72 3.59 -7.95
N LEU A 61 1.58 4.40 -7.34
CA LEU A 61 1.12 5.47 -6.46
C LEU A 61 0.12 6.38 -7.18
N ARG A 62 0.58 6.99 -8.27
CA ARG A 62 -0.28 7.87 -9.04
C ARG A 62 -1.47 7.10 -9.59
N GLU A 63 -1.41 5.76 -9.50
CA GLU A 63 -2.49 4.92 -10.00
C GLU A 63 -3.51 4.62 -8.90
N GLU A 64 -3.02 4.38 -7.70
CA GLU A 64 -3.89 4.06 -6.57
C GLU A 64 -4.33 5.30 -5.80
N THR A 65 -3.48 6.32 -5.76
CA THR A 65 -3.80 7.54 -5.04
C THR A 65 -3.81 8.74 -5.98
N GLY A 66 -3.10 8.61 -7.09
CA GLY A 66 -3.03 9.69 -8.04
C GLY A 66 -2.07 10.79 -7.63
N VAL A 67 -1.41 10.61 -6.48
CA VAL A 67 -0.46 11.59 -5.99
C VAL A 67 0.75 11.67 -6.91
N THR A 68 0.95 12.81 -7.55
CA THR A 68 2.06 13.01 -8.46
C THR A 68 3.26 13.60 -7.74
N SER A 69 2.98 14.46 -6.75
CA SER A 69 4.04 15.09 -5.98
C SER A 69 4.39 14.26 -4.76
N ALA A 70 5.23 13.26 -4.97
CA ALA A 70 5.67 12.38 -3.90
C ALA A 70 7.07 11.86 -4.17
N GLU A 71 7.92 11.94 -3.15
CA GLU A 71 9.30 11.48 -3.26
C GLU A 71 9.55 10.38 -2.26
N VAL A 72 10.39 9.43 -2.62
CA VAL A 72 10.70 8.31 -1.74
C VAL A 72 11.69 8.72 -0.66
N ILE A 73 11.27 8.54 0.59
CA ILE A 73 12.11 8.86 1.74
C ILE A 73 12.66 7.60 2.37
N ALA A 74 11.99 6.48 2.10
CA ALA A 74 12.41 5.19 2.65
C ALA A 74 11.97 4.04 1.75
N GLU A 75 12.61 2.89 1.92
CA GLU A 75 12.29 1.71 1.13
C GLU A 75 12.53 0.45 1.95
N VAL A 76 11.45 -0.23 2.31
CA VAL A 76 11.56 -1.45 3.09
C VAL A 76 12.43 -2.48 2.36
N PRO A 77 13.50 -2.96 3.02
CA PRO A 77 14.44 -3.93 2.43
C PRO A 77 13.88 -5.35 2.34
N TYR A 78 12.70 -5.57 2.91
CA TYR A 78 12.10 -6.90 2.87
C TYR A 78 10.65 -6.87 2.40
N TRP A 79 10.31 -7.79 1.50
CA TRP A 79 8.96 -7.87 0.98
C TRP A 79 7.99 -8.27 2.07
N LEU A 80 6.77 -7.77 1.96
CA LEU A 80 5.73 -8.09 2.93
C LEU A 80 4.60 -8.83 2.22
N THR A 81 4.36 -10.06 2.63
CA THR A 81 3.31 -10.87 2.02
C THR A 81 2.17 -11.12 3.01
N TYR A 82 0.95 -10.90 2.55
CA TYR A 82 -0.23 -11.11 3.38
C TYR A 82 -1.27 -11.92 2.64
N ASP A 83 -2.19 -12.49 3.40
CA ASP A 83 -3.26 -13.31 2.82
C ASP A 83 -4.63 -12.73 3.14
N PHE A 84 -5.62 -13.10 2.33
CA PHE A 84 -6.98 -12.62 2.53
C PHE A 84 -7.91 -13.78 2.93
N PRO A 85 -9.01 -13.47 3.64
CA PRO A 85 -9.96 -14.49 4.08
C PRO A 85 -10.64 -15.21 2.92
N PRO A 86 -11.40 -16.28 3.21
CA PRO A 86 -12.10 -17.07 2.18
C PRO A 86 -13.16 -16.27 1.43
N LYS A 87 -13.57 -15.15 2.01
CA LYS A 87 -14.59 -14.31 1.38
C LYS A 87 -13.93 -13.26 0.51
N VAL A 88 -12.76 -12.80 0.95
CA VAL A 88 -12.02 -11.81 0.21
C VAL A 88 -11.20 -12.47 -0.89
N ARG A 89 -10.49 -13.54 -0.54
CA ARG A 89 -9.68 -14.28 -1.49
C ARG A 89 -10.57 -14.78 -2.62
N GLU A 90 -11.71 -15.33 -2.23
CA GLU A 90 -12.68 -15.85 -3.19
C GLU A 90 -13.32 -14.72 -3.97
N LYS A 91 -13.38 -13.55 -3.35
CA LYS A 91 -13.96 -12.37 -3.99
C LYS A 91 -12.98 -11.77 -5.00
N LEU A 92 -11.73 -11.62 -4.59
CA LEU A 92 -10.71 -11.07 -5.48
C LEU A 92 -10.57 -11.91 -6.73
N ASN A 93 -10.50 -13.22 -6.55
CA ASN A 93 -10.38 -14.15 -7.67
C ASN A 93 -11.37 -13.78 -8.77
N ILE A 94 -12.52 -13.24 -8.37
CA ILE A 94 -13.55 -12.84 -9.32
C ILE A 94 -13.45 -11.35 -9.64
N GLN A 95 -13.36 -10.52 -8.60
CA GLN A 95 -13.27 -9.08 -8.77
C GLN A 95 -11.94 -8.69 -9.42
N TRP A 96 -10.85 -9.12 -8.81
CA TRP A 96 -9.52 -8.84 -9.33
C TRP A 96 -9.19 -9.75 -10.50
N GLY A 97 -9.66 -10.99 -10.43
CA GLY A 97 -9.40 -11.95 -11.49
C GLY A 97 -8.01 -12.53 -11.40
N SER A 98 -7.53 -12.75 -10.18
CA SER A 98 -6.20 -13.30 -9.97
C SER A 98 -6.26 -14.50 -9.03
N ASP A 99 -5.36 -15.45 -9.26
CA ASP A 99 -5.30 -16.66 -8.44
C ASP A 99 -4.06 -16.64 -7.55
N TRP A 100 -4.07 -15.79 -6.54
CA TRP A 100 -2.96 -15.67 -5.61
C TRP A 100 -3.48 -15.61 -4.18
N LYS A 101 -2.81 -16.34 -3.30
CA LYS A 101 -3.21 -16.37 -1.89
C LYS A 101 -2.89 -15.03 -1.24
N GLY A 102 -1.82 -14.41 -1.71
CA GLY A 102 -1.41 -13.13 -1.19
C GLY A 102 -0.60 -12.35 -2.19
N GLN A 103 0.26 -11.48 -1.69
CA GLN A 103 1.12 -10.67 -2.56
C GLN A 103 2.34 -10.17 -1.81
N ALA A 104 3.51 -10.59 -2.26
CA ALA A 104 4.77 -10.16 -1.63
C ALA A 104 5.21 -8.84 -2.24
N GLN A 105 5.05 -7.75 -1.50
CA GLN A 105 5.43 -6.44 -2.00
C GLN A 105 6.41 -5.71 -1.08
N LYS A 106 7.21 -4.84 -1.70
CA LYS A 106 8.19 -4.03 -0.96
C LYS A 106 7.71 -2.59 -0.88
N TRP A 107 7.17 -2.22 0.28
CA TRP A 107 6.64 -0.87 0.47
C TRP A 107 7.74 0.18 0.50
N PHE A 108 7.44 1.35 -0.04
CA PHE A 108 8.38 2.46 -0.09
C PHE A 108 7.76 3.70 0.55
N LEU A 109 8.54 4.39 1.37
CA LEU A 109 8.04 5.59 2.01
C LEU A 109 8.11 6.78 1.06
N PHE A 110 7.01 7.52 0.96
CA PHE A 110 6.95 8.67 0.07
C PHE A 110 6.53 9.92 0.80
N LYS A 111 7.32 10.97 0.66
CA LYS A 111 6.99 12.25 1.29
C LYS A 111 6.18 13.09 0.32
N PHE A 112 4.98 13.51 0.74
CA PHE A 112 4.11 14.30 -0.12
C PHE A 112 4.71 15.67 -0.40
N THR A 113 4.78 16.02 -1.68
CA THR A 113 5.31 17.32 -2.10
C THR A 113 4.33 18.01 -3.04
N GLY A 114 3.04 17.86 -2.76
CA GLY A 114 2.01 18.48 -3.56
C GLY A 114 0.93 19.11 -2.72
N GLN A 115 -0.30 19.05 -3.21
CA GLN A 115 -1.44 19.62 -2.50
C GLN A 115 -2.55 18.59 -2.39
N ASP A 116 -3.38 18.73 -1.37
CA ASP A 116 -4.50 17.83 -1.13
C ASP A 116 -5.38 17.70 -2.38
N GLN A 117 -5.19 18.60 -3.33
CA GLN A 117 -5.98 18.59 -4.56
C GLN A 117 -5.39 17.62 -5.59
N GLU A 118 -4.13 17.25 -5.39
CA GLU A 118 -3.46 16.33 -6.31
C GLU A 118 -3.83 14.89 -5.99
N ILE A 119 -4.22 14.64 -4.75
CA ILE A 119 -4.60 13.31 -4.32
C ILE A 119 -5.90 12.85 -4.96
N ASN A 120 -5.79 11.95 -5.93
CA ASN A 120 -6.95 11.42 -6.62
C ASN A 120 -7.05 9.91 -6.36
N LEU A 121 -7.85 9.53 -5.37
CA LEU A 121 -8.02 8.13 -5.01
C LEU A 121 -8.38 7.27 -6.22
N LEU A 122 -8.97 7.89 -7.24
CA LEU A 122 -9.35 7.18 -8.44
C LEU A 122 -8.11 6.64 -9.13
N GLY A 123 -7.20 7.54 -9.46
CA GLY A 123 -5.97 7.18 -10.11
C GLY A 123 -5.49 8.26 -11.06
N ASP A 124 -4.40 8.00 -11.75
CA ASP A 124 -3.85 8.95 -12.71
C ASP A 124 -4.42 8.66 -14.09
N GLY A 125 -5.69 8.31 -14.13
CA GLY A 125 -6.34 8.00 -15.39
C GLY A 125 -5.88 6.67 -15.95
N SER A 126 -5.46 5.78 -15.06
CA SER A 126 -4.99 4.45 -15.45
C SER A 126 -5.81 3.35 -14.78
N GLU A 127 -5.72 3.29 -13.45
CA GLU A 127 -6.45 2.28 -12.69
C GLU A 127 -7.87 2.74 -12.39
N LYS A 128 -8.72 1.80 -11.97
CA LYS A 128 -10.11 2.11 -11.65
C LYS A 128 -10.26 2.48 -10.18
N PRO A 129 -11.31 3.25 -9.85
CA PRO A 129 -11.58 3.69 -8.48
C PRO A 129 -11.41 2.56 -7.45
N GLU A 130 -11.01 2.93 -6.24
CA GLU A 130 -10.81 1.97 -5.17
C GLU A 130 -11.22 2.56 -3.83
N PHE A 131 -10.81 3.80 -3.58
CA PHE A 131 -11.14 4.48 -2.33
C PHE A 131 -12.10 5.63 -2.60
N GLY A 132 -12.80 6.08 -1.56
CA GLY A 132 -13.75 7.18 -1.71
C GLY A 132 -13.35 8.37 -0.88
N GLU A 133 -12.46 8.15 0.07
CA GLU A 133 -11.99 9.20 0.96
C GLU A 133 -10.58 8.90 1.45
N TRP A 134 -10.01 9.84 2.17
CA TRP A 134 -8.68 9.67 2.74
C TRP A 134 -8.45 10.61 3.91
N SER A 135 -7.61 10.17 4.82
CA SER A 135 -7.28 10.96 6.01
C SER A 135 -5.85 10.71 6.48
N TRP A 136 -5.35 11.63 7.30
CA TRP A 136 -3.99 11.53 7.84
C TRP A 136 -4.01 10.89 9.21
N VAL A 137 -3.24 9.82 9.37
CA VAL A 137 -3.17 9.10 10.65
C VAL A 137 -1.75 8.72 11.00
N THR A 138 -1.47 8.64 12.29
CA THR A 138 -0.16 8.27 12.78
C THR A 138 0.10 6.79 12.50
N PRO A 139 1.36 6.36 12.46
CA PRO A 139 1.69 4.95 12.20
C PRO A 139 1.00 4.01 13.16
N GLU A 140 0.54 4.56 14.29
CA GLU A 140 -0.16 3.78 15.29
C GLU A 140 -1.66 3.82 15.03
N GLN A 141 -2.13 4.96 14.52
CA GLN A 141 -3.54 5.13 14.20
C GLN A 141 -3.90 4.30 12.97
N LEU A 142 -3.11 4.46 11.92
CA LEU A 142 -3.32 3.71 10.69
C LEU A 142 -3.37 2.23 10.99
N ILE A 143 -2.65 1.84 12.02
CA ILE A 143 -2.60 0.46 12.46
C ILE A 143 -3.94 0.07 13.06
N ASP A 144 -4.64 1.06 13.62
CA ASP A 144 -5.95 0.83 14.20
C ASP A 144 -7.02 0.76 13.11
N LEU A 145 -6.70 1.34 11.96
CA LEU A 145 -7.60 1.35 10.82
C LEU A 145 -7.46 0.06 10.03
N THR A 146 -6.21 -0.39 9.91
CA THR A 146 -5.90 -1.60 9.18
C THR A 146 -6.64 -2.80 9.78
N VAL A 147 -6.68 -3.90 9.03
CA VAL A 147 -7.34 -5.12 9.48
C VAL A 147 -6.34 -6.08 10.12
N GLU A 148 -6.86 -7.02 10.91
CA GLU A 148 -6.02 -7.99 11.60
C GLU A 148 -5.19 -8.84 10.64
N PHE A 149 -5.68 -9.02 9.42
CA PHE A 149 -4.98 -9.83 8.43
C PHE A 149 -4.03 -9.00 7.57
N LYS A 150 -3.81 -7.75 7.97
CA LYS A 150 -2.91 -6.87 7.22
C LYS A 150 -2.26 -5.82 8.15
N LYS A 151 -2.36 -6.04 9.45
CA LYS A 151 -1.80 -5.11 10.42
C LYS A 151 -0.27 -5.14 10.39
N PRO A 152 0.34 -6.31 10.71
CA PRO A 152 1.80 -6.45 10.71
C PRO A 152 2.43 -5.98 9.40
N VAL A 153 1.80 -6.33 8.29
CA VAL A 153 2.29 -5.95 6.97
C VAL A 153 2.44 -4.44 6.87
N TYR A 154 1.65 -3.72 7.65
CA TYR A 154 1.69 -2.27 7.68
C TYR A 154 2.67 -1.78 8.74
N LYS A 155 2.51 -2.26 9.96
CA LYS A 155 3.38 -1.89 11.06
C LYS A 155 4.84 -2.06 10.67
N GLU A 156 5.09 -3.05 9.81
CA GLU A 156 6.42 -3.33 9.34
C GLU A 156 6.89 -2.19 8.45
N VAL A 157 6.01 -1.76 7.56
CA VAL A 157 6.32 -0.66 6.65
C VAL A 157 6.62 0.61 7.44
N LEU A 158 5.78 0.88 8.43
CA LEU A 158 5.96 2.04 9.29
C LEU A 158 7.25 1.89 10.08
N SER A 159 7.40 0.72 10.70
CA SER A 159 8.59 0.42 11.49
C SER A 159 9.86 0.75 10.72
N VAL A 160 9.92 0.32 9.46
CA VAL A 160 11.07 0.59 8.61
C VAL A 160 11.15 2.08 8.28
N PHE A 161 9.99 2.74 8.34
CA PHE A 161 9.91 4.16 8.03
C PHE A 161 9.79 5.01 9.30
N ALA A 162 9.96 4.38 10.45
CA ALA A 162 9.88 5.08 11.73
C ALA A 162 10.79 6.30 11.76
N PRO A 163 12.11 6.10 11.53
CA PRO A 163 13.08 7.20 11.53
C PRO A 163 12.72 8.29 10.53
N HIS A 164 11.93 7.93 9.53
CA HIS A 164 11.51 8.90 8.51
C HIS A 164 10.22 9.60 8.91
N LEU A 165 9.54 9.06 9.91
CA LEU A 165 8.29 9.64 10.40
C LEU A 165 8.48 10.30 11.77
PG ATP B . -5.38 -2.02 -4.99
O1G ATP B . -4.53 -1.05 -4.26
O2G ATP B . -4.42 -3.13 -5.22
O3G ATP B . -5.99 -1.63 -6.30
PB ATP B . -6.69 -2.46 -2.66
O1B ATP B . -7.75 -1.45 -2.41
O2B ATP B . -5.36 -2.32 -2.01
O3B ATP B . -6.49 -2.48 -4.13
PA ATP B . -8.66 -4.07 -1.65
O1A ATP B . -9.48 -4.99 -2.49
O2A ATP B . -9.31 -2.84 -1.11
O3A ATP B . -7.31 -3.71 -2.14
O5' ATP B . -8.20 -4.99 -0.44
C5' ATP B . -8.31 -6.41 -0.51
C4' ATP B . -9.64 -6.86 0.05
O4' ATP B . -9.47 -7.22 1.45
C3' ATP B . -10.72 -5.79 0.09
O3' ATP B . -11.41 -5.69 -1.16
C2' ATP B . -11.62 -6.27 1.20
O2' ATP B . -12.43 -7.35 0.78
C1' ATP B . -10.59 -6.78 2.20
N9 ATP B . -10.14 -5.79 3.16
C8 ATP B . -9.11 -4.90 3.04
N7 ATP B . -8.96 -4.12 4.08
C5 ATP B . -9.95 -4.53 4.96
C6 ATP B . -10.32 -4.10 6.24
N6 ATP B . -9.70 -3.12 6.91
N1 ATP B . -11.36 -4.73 6.84
C2 ATP B . -11.98 -5.71 6.17
N3 ATP B . -11.72 -6.20 4.97
C4 ATP B . -10.68 -5.56 4.40
H5'1 ATP B . -7.51 -6.88 0.06
H5'2 ATP B . -8.25 -6.73 -1.55
H4' ATP B . -10.02 -7.67 -0.57
H3' ATP B . -10.31 -4.80 0.28
HO3' ATP B . -10.92 -6.21 -1.79
H2' ATP B . -12.20 -5.45 1.62
HO2' ATP B . -13.16 -6.98 0.29
H1' ATP B . -10.95 -7.66 2.76
H8 ATP B . -8.48 -4.83 2.16
HN61 ATP B . -8.91 -2.63 6.48
HN62 ATP B . -10.01 -2.86 7.83
H2 ATP B . -12.81 -6.18 6.71
N GLY A 1 9.23 -6.53 17.64
CA GLY A 1 9.57 -6.54 16.19
C GLY A 1 8.88 -7.66 15.44
N PRO A 2 7.59 -7.50 15.09
CA PRO A 2 6.83 -8.51 14.36
C PRO A 2 7.30 -8.67 12.92
N LEU A 3 6.64 -9.54 12.17
CA LEU A 3 6.99 -9.79 10.79
C LEU A 3 6.86 -8.51 9.96
N GLY A 4 7.31 -8.57 8.70
CA GLY A 4 7.23 -7.41 7.84
C GLY A 4 8.60 -6.95 7.38
N SER A 5 9.49 -7.89 7.13
CA SER A 5 10.85 -7.57 6.68
C SER A 5 11.57 -8.83 6.21
N MET A 6 12.00 -8.82 4.95
CA MET A 6 12.70 -9.97 4.39
C MET A 6 13.99 -9.55 3.68
N ASP A 7 13.96 -8.40 3.03
CA ASP A 7 15.12 -7.88 2.30
C ASP A 7 15.30 -8.61 0.97
N SER A 8 14.21 -9.16 0.45
CA SER A 8 14.23 -9.88 -0.81
C SER A 8 12.91 -10.61 -1.05
N PRO A 9 12.38 -10.57 -2.29
CA PRO A 9 11.11 -11.22 -2.62
C PRO A 9 11.22 -12.75 -2.52
N PRO A 10 10.55 -13.35 -1.52
CA PRO A 10 10.57 -14.79 -1.32
C PRO A 10 9.62 -15.52 -2.25
N GLU A 11 9.54 -16.83 -2.09
CA GLU A 11 8.66 -17.65 -2.92
C GLU A 11 7.28 -17.78 -2.29
N GLY A 12 6.26 -17.98 -3.13
CA GLY A 12 4.91 -18.12 -2.63
C GLY A 12 4.14 -16.82 -2.68
N TYR A 13 4.85 -15.70 -2.60
CA TYR A 13 4.21 -14.39 -2.64
C TYR A 13 4.52 -13.67 -3.95
N ARG A 14 3.50 -13.02 -4.50
CA ARG A 14 3.64 -12.29 -5.76
C ARG A 14 4.26 -10.92 -5.53
N ARG A 15 4.96 -10.42 -6.54
CA ARG A 15 5.61 -9.11 -6.46
C ARG A 15 4.58 -7.97 -6.47
N ASN A 16 4.75 -7.04 -5.55
CA ASN A 16 3.84 -5.90 -5.45
C ASN A 16 4.54 -4.69 -4.85
N VAL A 17 4.02 -3.50 -5.11
CA VAL A 17 4.60 -2.27 -4.59
C VAL A 17 3.55 -1.40 -3.91
N GLY A 18 3.89 -0.90 -2.73
CA GLY A 18 2.96 -0.05 -1.99
C GLY A 18 3.38 1.41 -2.01
N ILE A 19 2.42 2.31 -1.81
CA ILE A 19 2.71 3.73 -1.82
C ILE A 19 2.35 4.39 -0.49
N CYS A 20 3.36 4.65 0.34
CA CYS A 20 3.12 5.30 1.62
C CYS A 20 3.20 6.80 1.43
N LEU A 21 2.05 7.44 1.28
CA LEU A 21 2.01 8.88 1.05
C LEU A 21 1.62 9.63 2.31
N MET A 22 2.19 10.81 2.48
CA MET A 22 1.91 11.65 3.64
C MET A 22 1.53 13.06 3.22
N ASN A 23 0.82 13.75 4.09
CA ASN A 23 0.38 15.11 3.81
C ASN A 23 1.25 16.14 4.51
N ASN A 24 1.06 17.41 4.16
CA ASN A 24 1.82 18.50 4.77
C ASN A 24 1.72 18.49 6.29
N ASP A 25 0.72 17.80 6.82
CA ASP A 25 0.52 17.71 8.26
C ASP A 25 1.30 16.53 8.84
N LYS A 26 1.99 15.80 7.98
CA LYS A 26 2.79 14.65 8.40
C LYS A 26 1.91 13.43 8.67
N LYS A 27 0.74 13.39 8.04
CA LYS A 27 -0.17 12.26 8.22
C LYS A 27 0.08 11.24 7.12
N ILE A 28 -0.58 10.09 7.22
CA ILE A 28 -0.42 9.05 6.21
C ILE A 28 -1.69 8.87 5.40
N PHE A 29 -1.58 9.07 4.10
CA PHE A 29 -2.72 8.93 3.21
C PHE A 29 -3.39 7.58 3.37
N ALA A 30 -4.59 7.58 3.94
CA ALA A 30 -5.35 6.36 4.15
C ALA A 30 -6.64 6.39 3.35
N ALA A 31 -6.89 5.31 2.60
CA ALA A 31 -8.09 5.22 1.79
C ALA A 31 -8.97 4.08 2.24
N SER A 32 -10.27 4.33 2.26
CA SER A 32 -11.24 3.32 2.69
C SER A 32 -11.55 2.36 1.54
N ARG A 33 -11.98 1.16 1.89
CA ARG A 33 -12.31 0.14 0.89
C ARG A 33 -13.59 0.48 0.15
N LEU A 34 -13.71 -0.08 -1.04
CA LEU A 34 -14.89 0.12 -1.86
C LEU A 34 -15.91 -0.98 -1.58
N ASP A 35 -15.51 -1.95 -0.75
CA ASP A 35 -16.37 -3.08 -0.42
C ASP A 35 -16.52 -3.26 1.09
N ILE A 36 -15.56 -2.74 1.87
CA ILE A 36 -15.62 -2.88 3.31
C ILE A 36 -15.70 -1.51 3.99
N PRO A 37 -16.84 -1.20 4.62
CA PRO A 37 -17.02 0.08 5.30
C PRO A 37 -16.08 0.23 6.49
N ASP A 38 -15.41 1.37 6.55
CA ASP A 38 -14.47 1.67 7.63
C ASP A 38 -13.15 0.94 7.44
N ALA A 39 -13.02 0.24 6.33
CA ALA A 39 -11.80 -0.48 6.03
C ALA A 39 -10.82 0.42 5.30
N TRP A 40 -9.89 0.99 6.04
CA TRP A 40 -8.90 1.88 5.46
C TRP A 40 -7.56 1.17 5.27
N GLN A 41 -6.76 1.69 4.35
CA GLN A 41 -5.46 1.13 4.05
C GLN A 41 -4.65 2.09 3.18
N MET A 42 -3.46 1.65 2.78
CA MET A 42 -2.59 2.47 1.95
C MET A 42 -2.49 1.90 0.53
N PRO A 43 -2.14 2.74 -0.45
CA PRO A 43 -2.02 2.32 -1.86
C PRO A 43 -1.18 1.06 -2.02
N GLN A 44 -1.58 0.22 -2.96
CA GLN A 44 -0.87 -1.03 -3.25
C GLN A 44 -1.11 -1.46 -4.69
N GLY A 45 -0.10 -2.06 -5.31
CA GLY A 45 -0.23 -2.51 -6.68
C GLY A 45 0.83 -3.51 -7.06
N GLY A 46 0.41 -4.60 -7.70
CA GLY A 46 1.34 -5.62 -8.13
C GLY A 46 2.34 -5.11 -9.14
N ILE A 47 3.60 -5.54 -9.00
CA ILE A 47 4.65 -5.11 -9.92
C ILE A 47 4.49 -5.78 -11.28
N ASP A 48 5.11 -5.20 -12.30
CA ASP A 48 5.04 -5.74 -13.64
C ASP A 48 6.10 -6.80 -13.86
N GLU A 49 6.17 -7.33 -15.09
CA GLU A 49 7.15 -8.35 -15.42
C GLU A 49 8.51 -7.72 -15.64
N GLY A 50 9.35 -7.79 -14.62
CA GLY A 50 10.68 -7.23 -14.69
C GLY A 50 10.65 -5.73 -14.52
N GLU A 51 9.91 -5.27 -13.51
CA GLU A 51 9.79 -3.86 -13.23
C GLU A 51 10.37 -3.53 -11.86
N ASP A 52 10.96 -2.35 -11.76
CA ASP A 52 11.56 -1.90 -10.51
C ASP A 52 10.48 -1.53 -9.50
N PRO A 53 10.65 -1.93 -8.22
CA PRO A 53 9.68 -1.65 -7.17
C PRO A 53 9.34 -0.17 -7.07
N ARG A 54 10.36 0.67 -7.01
CA ARG A 54 10.17 2.12 -6.92
C ARG A 54 9.46 2.66 -8.15
N ASN A 55 9.58 1.96 -9.27
CA ASN A 55 8.94 2.37 -10.51
C ASN A 55 7.50 1.89 -10.55
N ALA A 56 7.29 0.61 -10.30
CA ALA A 56 5.95 0.05 -10.31
C ALA A 56 5.06 0.78 -9.32
N ALA A 57 5.66 1.26 -8.24
CA ALA A 57 4.94 1.99 -7.21
C ALA A 57 4.56 3.37 -7.72
N ILE A 58 5.56 4.11 -8.19
CA ILE A 58 5.34 5.45 -8.72
C ILE A 58 4.28 5.41 -9.82
N ARG A 59 4.19 4.26 -10.49
CA ARG A 59 3.21 4.06 -11.55
C ARG A 59 1.88 3.65 -10.94
N GLU A 60 1.95 2.62 -10.12
CA GLU A 60 0.79 2.07 -9.44
C GLU A 60 0.07 3.15 -8.61
N LEU A 61 0.85 4.08 -8.07
CA LEU A 61 0.29 5.15 -7.25
C LEU A 61 -0.83 5.88 -7.99
N ARG A 62 -0.49 6.48 -9.12
CA ARG A 62 -1.49 7.19 -9.91
C ARG A 62 -2.57 6.23 -10.40
N GLU A 63 -2.33 4.93 -10.23
CA GLU A 63 -3.29 3.92 -10.65
C GLU A 63 -4.26 3.56 -9.53
N GLU A 64 -3.72 3.41 -8.32
CA GLU A 64 -4.52 3.02 -7.17
C GLU A 64 -5.09 4.24 -6.43
N THR A 65 -4.34 5.34 -6.43
CA THR A 65 -4.78 6.54 -5.74
C THR A 65 -5.00 7.68 -6.72
N GLY A 66 -4.35 7.58 -7.87
CA GLY A 66 -4.48 8.62 -8.87
C GLY A 66 -3.70 9.87 -8.53
N VAL A 67 -2.95 9.84 -7.43
CA VAL A 67 -2.16 10.99 -7.02
C VAL A 67 -1.00 11.21 -7.99
N THR A 68 -1.00 12.37 -8.64
CA THR A 68 0.05 12.70 -9.60
C THR A 68 1.16 13.51 -8.94
N SER A 69 0.77 14.38 -8.01
CA SER A 69 1.74 15.21 -7.30
C SER A 69 2.26 14.52 -6.05
N ALA A 70 3.16 13.58 -6.25
CA ALA A 70 3.75 12.82 -5.15
C ALA A 70 5.17 12.41 -5.48
N GLU A 71 6.08 12.70 -4.57
CA GLU A 71 7.49 12.35 -4.74
C GLU A 71 7.93 11.43 -3.61
N VAL A 72 8.86 10.54 -3.91
CA VAL A 72 9.35 9.60 -2.91
C VAL A 72 10.33 10.25 -1.96
N ILE A 73 10.04 10.13 -0.68
CA ILE A 73 10.88 10.68 0.38
C ILE A 73 11.66 9.56 1.07
N ALA A 74 11.16 8.34 0.93
CA ALA A 74 11.81 7.19 1.55
C ALA A 74 11.46 5.90 0.82
N GLU A 75 12.25 4.86 1.07
CA GLU A 75 12.03 3.57 0.45
C GLU A 75 12.48 2.46 1.39
N VAL A 76 11.55 1.63 1.80
CA VAL A 76 11.86 0.53 2.71
C VAL A 76 12.94 -0.37 2.10
N PRO A 77 14.04 -0.60 2.83
CA PRO A 77 15.17 -1.42 2.36
C PRO A 77 14.80 -2.88 2.13
N TYR A 78 13.68 -3.31 2.70
CA TYR A 78 13.24 -4.70 2.55
C TYR A 78 11.82 -4.79 2.01
N TRP A 79 11.33 -6.03 1.91
CA TRP A 79 9.98 -6.27 1.43
C TRP A 79 9.10 -6.73 2.57
N LEU A 80 7.84 -6.37 2.50
CA LEU A 80 6.89 -6.77 3.53
C LEU A 80 5.87 -7.74 2.95
N THR A 81 5.86 -8.95 3.51
CA THR A 81 4.96 -9.99 3.04
C THR A 81 3.91 -10.29 4.11
N TYR A 82 2.66 -10.34 3.70
CA TYR A 82 1.55 -10.61 4.61
C TYR A 82 0.71 -11.77 4.11
N ASP A 83 -0.19 -12.25 4.96
CA ASP A 83 -1.06 -13.37 4.60
C ASP A 83 -2.51 -13.05 4.93
N PHE A 84 -3.42 -13.76 4.28
CA PHE A 84 -4.86 -13.57 4.50
C PHE A 84 -5.44 -14.78 5.23
N PRO A 85 -6.56 -14.58 5.96
CA PRO A 85 -7.21 -15.67 6.70
C PRO A 85 -7.74 -16.76 5.77
N PRO A 86 -8.20 -17.88 6.35
CA PRO A 86 -8.73 -19.01 5.57
C PRO A 86 -9.99 -18.67 4.79
N LYS A 87 -10.64 -17.57 5.15
CA LYS A 87 -11.85 -17.15 4.47
C LYS A 87 -11.51 -16.19 3.34
N VAL A 88 -10.48 -15.39 3.56
CA VAL A 88 -10.04 -14.42 2.58
C VAL A 88 -9.11 -15.10 1.56
N ARG A 89 -8.16 -15.88 2.05
CA ARG A 89 -7.24 -16.60 1.18
C ARG A 89 -8.02 -17.54 0.28
N GLU A 90 -8.96 -18.25 0.90
CA GLU A 90 -9.80 -19.19 0.17
C GLU A 90 -10.75 -18.45 -0.76
N LYS A 91 -11.07 -17.21 -0.41
CA LYS A 91 -11.97 -16.39 -1.21
C LYS A 91 -11.24 -15.80 -2.40
N LEU A 92 -10.05 -15.25 -2.15
CA LEU A 92 -9.24 -14.66 -3.22
C LEU A 92 -8.93 -15.70 -4.28
N ASN A 93 -8.52 -16.88 -3.84
CA ASN A 93 -8.19 -17.97 -4.76
C ASN A 93 -9.28 -18.11 -5.82
N ILE A 94 -10.51 -17.80 -5.45
CA ILE A 94 -11.64 -17.88 -6.38
C ILE A 94 -11.94 -16.52 -6.99
N GLN A 95 -12.05 -15.50 -6.14
CA GLN A 95 -12.34 -14.15 -6.62
C GLN A 95 -11.17 -13.59 -7.42
N TRP A 96 -10.00 -13.59 -6.82
CA TRP A 96 -8.80 -13.10 -7.49
C TRP A 96 -8.27 -14.12 -8.48
N GLY A 97 -8.41 -15.39 -8.13
CA GLY A 97 -7.94 -16.45 -9.01
C GLY A 97 -6.44 -16.66 -8.90
N SER A 98 -5.92 -16.52 -7.70
CA SER A 98 -4.49 -16.70 -7.46
C SER A 98 -4.24 -17.72 -6.36
N ASP A 99 -3.14 -18.44 -6.48
CA ASP A 99 -2.78 -19.46 -5.50
C ASP A 99 -1.54 -19.05 -4.72
N TRP A 100 -1.48 -17.78 -4.33
CA TRP A 100 -0.34 -17.27 -3.58
C TRP A 100 -0.68 -17.13 -2.10
N LYS A 101 0.33 -17.27 -1.25
CA LYS A 101 0.12 -17.16 0.19
C LYS A 101 -0.06 -15.70 0.58
N GLY A 102 0.57 -14.81 -0.16
CA GLY A 102 0.48 -13.39 0.12
C GLY A 102 1.12 -12.56 -0.98
N GLN A 103 1.82 -11.51 -0.58
CA GLN A 103 2.48 -10.64 -1.53
C GLN A 103 3.62 -9.87 -0.87
N ALA A 104 4.84 -10.13 -1.33
CA ALA A 104 6.02 -9.43 -0.80
C ALA A 104 6.22 -8.13 -1.54
N GLN A 105 5.90 -7.01 -0.89
CA GLN A 105 6.02 -5.70 -1.52
C GLN A 105 7.05 -4.80 -0.83
N LYS A 106 7.54 -3.82 -1.59
CA LYS A 106 8.51 -2.85 -1.08
C LYS A 106 7.87 -1.46 -1.03
N TRP A 107 7.36 -1.09 0.13
CA TRP A 107 6.71 0.19 0.30
C TRP A 107 7.66 1.37 0.11
N PHE A 108 7.13 2.46 -0.45
CA PHE A 108 7.91 3.67 -0.70
C PHE A 108 7.19 4.88 -0.13
N LEU A 109 7.92 5.74 0.56
CA LEU A 109 7.31 6.94 1.14
C LEU A 109 7.17 8.02 0.07
N PHE A 110 5.99 8.63 0.01
CA PHE A 110 5.74 9.68 -0.96
C PHE A 110 5.19 10.93 -0.30
N LYS A 111 5.80 12.06 -0.58
CA LYS A 111 5.35 13.34 -0.03
C LYS A 111 4.38 13.99 -1.00
N PHE A 112 3.17 14.27 -0.56
CA PHE A 112 2.16 14.88 -1.42
C PHE A 112 2.59 16.29 -1.81
N THR A 113 2.62 16.55 -3.12
CA THR A 113 3.00 17.86 -3.63
C THR A 113 1.95 18.38 -4.61
N GLY A 114 0.68 18.11 -4.30
CA GLY A 114 -0.40 18.55 -5.14
C GLY A 114 -1.58 19.07 -4.34
N GLN A 115 -2.78 18.83 -4.85
CA GLN A 115 -3.99 19.27 -4.17
C GLN A 115 -4.94 18.09 -4.02
N ASP A 116 -5.80 18.16 -3.02
CA ASP A 116 -6.78 17.12 -2.76
C ASP A 116 -7.56 16.74 -4.03
N GLN A 117 -7.50 17.60 -5.04
CA GLN A 117 -8.20 17.36 -6.29
C GLN A 117 -7.43 16.38 -7.18
N GLU A 118 -6.16 16.19 -6.88
CA GLU A 118 -5.32 15.28 -7.65
C GLU A 118 -5.53 13.84 -7.22
N ILE A 119 -5.97 13.66 -5.98
CA ILE A 119 -6.20 12.33 -5.43
C ILE A 119 -7.44 11.69 -6.04
N ASN A 120 -7.23 10.76 -6.95
CA ASN A 120 -8.32 10.04 -7.60
C ASN A 120 -8.29 8.58 -7.21
N LEU A 121 -9.07 8.22 -6.20
CA LEU A 121 -9.11 6.84 -5.72
C LEU A 121 -9.43 5.87 -6.84
N LEU A 122 -10.09 6.35 -7.89
CA LEU A 122 -10.43 5.52 -9.02
C LEU A 122 -9.17 5.02 -9.70
N GLY A 123 -8.35 5.96 -10.11
CA GLY A 123 -7.10 5.63 -10.77
C GLY A 123 -6.75 6.65 -11.83
N ASP A 124 -5.64 6.43 -12.51
CA ASP A 124 -5.20 7.33 -13.56
C ASP A 124 -5.79 6.89 -14.90
N GLY A 125 -7.02 6.43 -14.86
CA GLY A 125 -7.69 5.98 -16.07
C GLY A 125 -7.05 4.72 -16.63
N SER A 126 -6.47 3.93 -15.75
CA SER A 126 -5.81 2.68 -16.14
C SER A 126 -6.63 1.47 -15.73
N GLU A 127 -6.77 1.27 -14.41
CA GLU A 127 -7.53 0.14 -13.89
C GLU A 127 -8.76 0.60 -13.13
N LYS A 128 -9.67 -0.33 -12.88
CA LYS A 128 -10.90 -0.02 -12.14
C LYS A 128 -10.60 0.52 -10.75
N PRO A 129 -11.53 1.33 -10.20
CA PRO A 129 -11.36 1.91 -8.87
C PRO A 129 -10.93 0.88 -7.82
N GLU A 130 -10.72 1.36 -6.59
CA GLU A 130 -10.31 0.49 -5.50
C GLU A 130 -10.81 1.03 -4.15
N PHE A 131 -10.67 2.34 -3.96
CA PHE A 131 -11.10 2.99 -2.74
C PHE A 131 -12.28 3.92 -3.02
N GLY A 132 -13.04 4.24 -1.99
CA GLY A 132 -14.18 5.14 -2.16
C GLY A 132 -13.99 6.44 -1.43
N GLU A 133 -13.10 6.43 -0.44
CA GLU A 133 -12.80 7.60 0.36
C GLU A 133 -11.38 7.53 0.89
N TRP A 134 -10.97 8.60 1.54
CA TRP A 134 -9.63 8.67 2.13
C TRP A 134 -9.55 9.72 3.21
N SER A 135 -8.61 9.52 4.13
CA SER A 135 -8.42 10.45 5.24
C SER A 135 -6.98 10.44 5.72
N TRP A 136 -6.58 11.52 6.40
CA TRP A 136 -5.22 11.66 6.92
C TRP A 136 -5.15 11.14 8.35
N VAL A 137 -4.23 10.22 8.60
CA VAL A 137 -4.06 9.65 9.93
C VAL A 137 -2.59 9.52 10.30
N THR A 138 -2.32 9.61 11.60
CA THR A 138 -0.96 9.48 12.11
C THR A 138 -0.48 8.04 11.91
N PRO A 139 0.84 7.81 11.92
CA PRO A 139 1.39 6.47 11.74
C PRO A 139 0.85 5.49 12.79
N GLU A 140 0.32 6.04 13.87
CA GLU A 140 -0.24 5.24 14.95
C GLU A 140 -1.73 5.04 14.71
N GLN A 141 -2.38 6.04 14.14
CA GLN A 141 -3.81 5.96 13.85
C GLN A 141 -4.06 4.98 12.72
N LEU A 142 -3.33 5.17 11.62
CA LEU A 142 -3.46 4.29 10.46
C LEU A 142 -3.29 2.84 10.90
N ILE A 143 -2.45 2.64 11.89
CA ILE A 143 -2.19 1.33 12.45
C ILE A 143 -3.45 0.80 13.10
N ASP A 144 -4.28 1.71 13.60
CA ASP A 144 -5.54 1.34 14.24
C ASP A 144 -6.57 0.99 13.17
N LEU A 145 -6.45 1.66 12.03
CA LEU A 145 -7.35 1.43 10.91
C LEU A 145 -6.98 0.14 10.21
N THR A 146 -5.69 -0.08 10.07
CA THR A 146 -5.17 -1.27 9.42
C THR A 146 -5.71 -2.55 10.06
N VAL A 147 -5.57 -3.66 9.36
CA VAL A 147 -6.04 -4.95 9.86
C VAL A 147 -4.90 -5.73 10.52
N GLU A 148 -5.26 -6.72 11.33
CA GLU A 148 -4.27 -7.52 12.04
C GLU A 148 -3.37 -8.30 11.08
N PHE A 149 -3.92 -8.73 9.94
CA PHE A 149 -3.15 -9.49 8.98
C PHE A 149 -2.27 -8.59 8.11
N LYS A 150 -2.32 -7.28 8.36
CA LYS A 150 -1.51 -6.31 7.62
C LYS A 150 -1.09 -5.14 8.49
N LYS A 151 -1.18 -5.31 9.81
CA LYS A 151 -0.82 -4.26 10.75
C LYS A 151 0.69 -4.02 10.75
N PRO A 152 1.49 -5.03 11.13
CA PRO A 152 2.95 -4.92 11.16
C PRO A 152 3.51 -4.52 9.81
N VAL A 153 2.96 -5.11 8.75
CA VAL A 153 3.39 -4.81 7.39
C VAL A 153 3.35 -3.31 7.12
N TYR A 154 2.50 -2.63 7.84
CA TYR A 154 2.35 -1.18 7.70
C TYR A 154 3.28 -0.46 8.67
N LYS A 155 3.21 -0.84 9.94
CA LYS A 155 4.05 -0.24 10.96
C LYS A 155 5.51 -0.24 10.53
N GLU A 156 5.88 -1.26 9.77
CA GLU A 156 7.23 -1.38 9.26
C GLU A 156 7.51 -0.27 8.27
N VAL A 157 6.56 -0.04 7.37
CA VAL A 157 6.68 1.01 6.36
C VAL A 157 6.86 2.35 7.04
N LEU A 158 6.02 2.61 8.03
CA LEU A 158 6.09 3.85 8.79
C LEU A 158 7.43 3.93 9.52
N SER A 159 7.76 2.84 10.21
CA SER A 159 9.01 2.77 10.96
C SER A 159 10.19 3.20 10.08
N VAL A 160 10.22 2.69 8.85
CA VAL A 160 11.29 3.03 7.92
C VAL A 160 11.15 4.48 7.47
N PHE A 161 9.93 5.00 7.54
CA PHE A 161 9.63 6.36 7.13
C PHE A 161 9.45 7.31 8.32
N ALA A 162 9.76 6.80 9.51
CA ALA A 162 9.63 7.57 10.73
C ALA A 162 10.37 8.92 10.63
N PRO A 163 11.65 8.90 10.24
CA PRO A 163 12.46 10.12 10.11
C PRO A 163 11.78 11.18 9.26
N HIS A 164 10.88 10.74 8.38
CA HIS A 164 10.16 11.66 7.51
C HIS A 164 8.86 12.13 8.17
N LEU A 165 8.36 11.32 9.10
CA LEU A 165 7.12 11.66 9.80
C LEU A 165 7.12 11.07 11.22
PG ATP B . -11.43 -4.28 -3.89
O1G ATP B . -11.14 -2.86 -4.18
O2G ATP B . -12.40 -4.61 -4.97
O3G ATP B . -12.00 -4.67 -2.58
PB ATP B . -9.97 -6.52 -4.36
O1B ATP B . -8.78 -6.57 -5.26
O2B ATP B . -11.25 -7.12 -4.81
O3B ATP B . -10.19 -5.09 -4.06
PA ATP B . -9.25 -6.98 -1.76
O1A ATP B . -10.41 -6.50 -0.96
O2A ATP B . -7.96 -6.25 -1.67
O3A ATP B . -9.51 -7.30 -3.19
O5' ATP B . -9.05 -8.48 -1.26
C5' ATP B . -8.42 -8.74 0.00
C4' ATP B . -9.43 -9.29 0.99
O4' ATP B . -8.84 -9.28 2.32
C3' ATP B . -10.70 -8.47 1.13
O3' ATP B . -11.65 -8.80 0.12
C2' ATP B . -11.17 -8.85 2.52
O2' ATP B . -11.77 -10.13 2.53
C1' ATP B . -9.84 -8.93 3.26
N9 ATP B . -9.44 -7.67 3.90
C8 ATP B . -8.69 -6.65 3.38
N7 ATP B . -8.52 -5.65 4.19
C5 ATP B . -9.21 -6.02 5.34
C6 ATP B . -9.42 -5.38 6.57
N6 ATP B . -8.92 -4.18 6.88
N1 ATP B . -10.15 -6.03 7.50
C2 ATP B . -10.65 -7.24 7.19
N3 ATP B . -10.53 -7.94 6.07
C4 ATP B . -9.79 -7.27 5.17
H5'1 ATP B . -7.98 -7.83 0.40
H5'2 ATP B . -7.63 -9.48 -0.14
H4' ATP B . -9.72 -10.28 0.64
H3' ATP B . -10.50 -7.40 1.03
HO3' ATP B . -11.16 -8.95 -0.69
H2' ATP B . -11.82 -8.08 2.93
HO2' ATP B . -11.42 -10.62 1.78
H1' ATP B . -9.84 -9.70 4.03
H8 ATP B . -8.27 -6.69 2.38
HN61 ATP B . -8.37 -3.68 6.20
HN62 ATP B . -9.09 -3.78 7.78
H2 ATP B . -11.25 -7.72 7.97
N GLY A 1 10.77 -11.45 14.35
CA GLY A 1 9.67 -11.51 15.33
C GLY A 1 8.30 -11.43 14.67
N PRO A 2 7.80 -10.22 14.40
CA PRO A 2 6.50 -10.02 13.76
C PRO A 2 6.49 -10.46 12.31
N LEU A 3 5.39 -10.19 11.62
CA LEU A 3 5.25 -10.56 10.21
C LEU A 3 5.22 -9.32 9.32
N GLY A 4 6.38 -8.75 9.06
CA GLY A 4 6.45 -7.56 8.22
C GLY A 4 7.88 -7.20 7.84
N SER A 5 8.71 -8.21 7.62
CA SER A 5 10.10 -8.00 7.25
C SER A 5 10.71 -9.28 6.69
N MET A 6 11.17 -9.21 5.45
CA MET A 6 11.77 -10.38 4.81
C MET A 6 13.17 -10.08 4.29
N ASP A 7 13.35 -8.88 3.73
CA ASP A 7 14.65 -8.47 3.19
C ASP A 7 14.94 -9.17 1.86
N SER A 8 13.89 -9.69 1.23
CA SER A 8 14.03 -10.39 -0.04
C SER A 8 12.71 -11.05 -0.42
N PRO A 9 12.29 -10.95 -1.71
CA PRO A 9 11.05 -11.55 -2.18
C PRO A 9 11.10 -13.07 -2.18
N PRO A 10 10.36 -13.73 -1.28
CA PRO A 10 10.33 -15.19 -1.19
C PRO A 10 9.51 -15.82 -2.30
N GLU A 11 9.34 -17.13 -2.22
CA GLU A 11 8.58 -17.86 -3.22
C GLU A 11 7.10 -17.95 -2.82
N GLY A 12 6.23 -18.10 -3.82
CA GLY A 12 4.81 -18.18 -3.56
C GLY A 12 4.11 -16.84 -3.66
N TYR A 13 4.80 -15.79 -3.21
CA TYR A 13 4.22 -14.45 -3.27
C TYR A 13 4.58 -13.76 -4.58
N ARG A 14 3.62 -13.01 -5.12
CA ARG A 14 3.82 -12.29 -6.38
C ARG A 14 4.46 -10.93 -6.15
N ARG A 15 5.20 -10.45 -7.17
CA ARG A 15 5.88 -9.17 -7.08
C ARG A 15 4.87 -8.03 -6.87
N ASN A 16 5.13 -7.19 -5.88
CA ASN A 16 4.25 -6.07 -5.58
C ASN A 16 5.02 -4.92 -4.92
N VAL A 17 4.44 -3.73 -4.98
CA VAL A 17 5.07 -2.55 -4.38
C VAL A 17 4.04 -1.73 -3.59
N GLY A 18 4.50 -1.08 -2.53
CA GLY A 18 3.62 -0.27 -1.71
C GLY A 18 4.03 1.19 -1.70
N ILE A 19 3.05 2.08 -1.55
CA ILE A 19 3.33 3.51 -1.53
C ILE A 19 2.73 4.17 -0.29
N CYS A 20 3.57 4.44 0.70
CA CYS A 20 3.13 5.10 1.92
C CYS A 20 3.27 6.60 1.79
N LEU A 21 2.15 7.30 1.66
CA LEU A 21 2.18 8.75 1.49
C LEU A 21 1.79 9.46 2.79
N MET A 22 2.36 10.64 2.99
CA MET A 22 2.09 11.43 4.17
C MET A 22 1.74 12.87 3.80
N ASN A 23 1.05 13.56 4.70
CA ASN A 23 0.66 14.94 4.46
C ASN A 23 1.51 15.91 5.27
N ASN A 24 1.37 17.20 4.96
CA ASN A 24 2.12 18.25 5.66
C ASN A 24 1.90 18.18 7.17
N ASP A 25 0.85 17.51 7.59
CA ASP A 25 0.55 17.37 9.01
C ASP A 25 1.24 16.15 9.61
N LYS A 26 2.02 15.47 8.78
CA LYS A 26 2.77 14.28 9.20
C LYS A 26 1.85 13.09 9.38
N LYS A 27 0.72 13.07 8.66
CA LYS A 27 -0.21 11.96 8.74
C LYS A 27 0.09 10.97 7.62
N ILE A 28 -0.59 9.83 7.64
CA ILE A 28 -0.38 8.82 6.61
C ILE A 28 -1.60 8.70 5.71
N PHE A 29 -1.41 9.00 4.43
CA PHE A 29 -2.49 8.93 3.45
C PHE A 29 -3.19 7.58 3.48
N ALA A 30 -4.42 7.58 4.02
CA ALA A 30 -5.21 6.36 4.10
C ALA A 30 -6.47 6.48 3.26
N ALA A 31 -6.84 5.38 2.61
CA ALA A 31 -8.04 5.37 1.76
C ALA A 31 -8.98 4.25 2.17
N SER A 32 -10.28 4.55 2.14
CA SER A 32 -11.29 3.57 2.50
C SER A 32 -11.61 2.66 1.31
N ARG A 33 -12.15 1.48 1.59
CA ARG A 33 -12.47 0.51 0.56
C ARG A 33 -13.66 0.96 -0.27
N LEU A 34 -13.82 0.33 -1.42
CA LEU A 34 -14.92 0.61 -2.31
C LEU A 34 -16.03 -0.43 -2.08
N ASP A 35 -15.72 -1.43 -1.26
CA ASP A 35 -16.69 -2.50 -0.99
C ASP A 35 -16.87 -2.74 0.52
N ILE A 36 -15.93 -2.27 1.34
CA ILE A 36 -16.05 -2.47 2.78
C ILE A 36 -16.06 -1.14 3.52
N PRO A 37 -17.20 -0.78 4.14
CA PRO A 37 -17.31 0.47 4.89
C PRO A 37 -16.40 0.47 6.11
N ASP A 38 -15.66 1.55 6.28
CA ASP A 38 -14.75 1.70 7.41
C ASP A 38 -13.46 0.92 7.20
N ALA A 39 -13.35 0.29 6.04
CA ALA A 39 -12.17 -0.47 5.70
C ALA A 39 -11.14 0.42 5.01
N TRP A 40 -10.18 0.89 5.80
CA TRP A 40 -9.14 1.76 5.29
C TRP A 40 -7.83 1.01 5.09
N GLN A 41 -6.99 1.52 4.22
CA GLN A 41 -5.70 0.91 3.93
C GLN A 41 -4.83 1.85 3.10
N MET A 42 -3.65 1.37 2.73
CA MET A 42 -2.73 2.17 1.93
C MET A 42 -2.66 1.64 0.50
N PRO A 43 -2.28 2.50 -0.46
CA PRO A 43 -2.18 2.12 -1.88
C PRO A 43 -1.04 1.15 -2.15
N GLN A 44 -1.33 0.12 -2.93
CA GLN A 44 -0.34 -0.89 -3.29
C GLN A 44 -0.71 -1.55 -4.61
N GLY A 45 0.27 -2.16 -5.26
CA GLY A 45 0.00 -2.82 -6.53
C GLY A 45 1.09 -3.81 -6.91
N GLY A 46 0.80 -4.64 -7.91
CA GLY A 46 1.76 -5.63 -8.35
C GLY A 46 2.78 -5.05 -9.31
N ILE A 47 4.04 -5.39 -9.10
CA ILE A 47 5.11 -4.90 -9.96
C ILE A 47 4.98 -5.47 -11.37
N ASP A 48 5.63 -4.82 -12.31
CA ASP A 48 5.59 -5.26 -13.71
C ASP A 48 6.74 -6.23 -14.01
N GLU A 49 6.50 -7.14 -14.95
CA GLU A 49 7.52 -8.12 -15.33
C GLU A 49 8.84 -7.45 -15.66
N GLY A 50 9.73 -7.44 -14.69
CA GLY A 50 11.03 -6.82 -14.87
C GLY A 50 10.99 -5.33 -14.61
N GLU A 51 10.23 -4.94 -13.59
CA GLU A 51 10.09 -3.54 -13.23
C GLU A 51 10.68 -3.28 -11.84
N ASP A 52 11.26 -2.11 -11.68
CA ASP A 52 11.86 -1.72 -10.42
C ASP A 52 10.79 -1.47 -9.36
N PRO A 53 11.02 -1.90 -8.12
CA PRO A 53 10.06 -1.71 -7.02
C PRO A 53 9.68 -0.25 -6.82
N ARG A 54 10.68 0.60 -6.61
CA ARG A 54 10.45 2.02 -6.39
C ARG A 54 9.72 2.65 -7.58
N ASN A 55 9.85 2.04 -8.75
CA ASN A 55 9.20 2.55 -9.95
C ASN A 55 7.76 2.07 -10.03
N ALA A 56 7.56 0.77 -9.84
CA ALA A 56 6.24 0.18 -9.89
C ALA A 56 5.32 0.85 -8.86
N ALA A 57 5.91 1.28 -7.76
CA ALA A 57 5.16 1.96 -6.70
C ALA A 57 4.78 3.36 -7.14
N ILE A 58 5.79 4.13 -7.54
CA ILE A 58 5.57 5.49 -8.01
C ILE A 58 4.56 5.50 -9.15
N ARG A 59 4.54 4.40 -9.90
CA ARG A 59 3.61 4.26 -11.01
C ARG A 59 2.26 3.79 -10.51
N GLU A 60 2.31 2.70 -9.76
CA GLU A 60 1.10 2.09 -9.19
C GLU A 60 0.25 3.13 -8.45
N LEU A 61 0.91 3.95 -7.66
CA LEU A 61 0.20 4.99 -6.89
C LEU A 61 -0.59 5.90 -7.82
N ARG A 62 0.08 6.43 -8.83
CA ARG A 62 -0.57 7.30 -9.80
C ARG A 62 -1.67 6.54 -10.55
N GLU A 63 -1.68 5.21 -10.41
CA GLU A 63 -2.67 4.39 -11.09
C GLU A 63 -3.90 4.17 -10.21
N GLU A 64 -3.67 3.91 -8.92
CA GLU A 64 -4.76 3.65 -7.98
C GLU A 64 -5.25 4.93 -7.32
N THR A 65 -4.36 5.91 -7.18
CA THR A 65 -4.72 7.17 -6.54
C THR A 65 -4.49 8.35 -7.48
N GLY A 66 -3.62 8.15 -8.46
CA GLY A 66 -3.32 9.20 -9.40
C GLY A 66 -2.55 10.35 -8.79
N VAL A 67 -2.08 10.17 -7.56
CA VAL A 67 -1.31 11.21 -6.89
C VAL A 67 -0.05 11.53 -7.68
N THR A 68 -0.02 12.70 -8.30
CA THR A 68 1.12 13.12 -9.10
C THR A 68 2.15 13.88 -8.26
N SER A 69 1.67 14.66 -7.29
CA SER A 69 2.55 15.43 -6.44
C SER A 69 2.95 14.63 -5.20
N ALA A 70 3.82 13.67 -5.40
CA ALA A 70 4.31 12.83 -4.32
C ALA A 70 5.74 12.36 -4.59
N GLU A 71 6.62 12.61 -3.64
CA GLU A 71 8.02 12.23 -3.77
C GLU A 71 8.40 11.27 -2.66
N VAL A 72 9.30 10.35 -2.94
CA VAL A 72 9.72 9.37 -1.95
C VAL A 72 10.68 9.97 -0.93
N ILE A 73 10.31 9.81 0.32
CA ILE A 73 11.12 10.32 1.43
C ILE A 73 11.77 9.17 2.18
N ALA A 74 11.26 7.95 1.97
CA ALA A 74 11.80 6.78 2.64
C ALA A 74 11.53 5.51 1.85
N GLU A 75 12.27 4.47 2.15
CA GLU A 75 12.13 3.19 1.47
C GLU A 75 12.46 2.04 2.43
N VAL A 76 11.47 1.23 2.74
CA VAL A 76 11.66 0.10 3.63
C VAL A 76 12.77 -0.82 3.09
N PRO A 77 13.77 -1.15 3.92
CA PRO A 77 14.90 -1.99 3.51
C PRO A 77 14.54 -3.46 3.29
N TYR A 78 13.35 -3.86 3.69
CA TYR A 78 12.94 -5.26 3.53
C TYR A 78 11.53 -5.38 2.93
N TRP A 79 11.28 -6.49 2.24
CA TRP A 79 9.98 -6.73 1.66
C TRP A 79 9.01 -7.22 2.71
N LEU A 80 7.77 -6.80 2.60
CA LEU A 80 6.74 -7.22 3.53
C LEU A 80 5.73 -8.11 2.83
N THR A 81 5.63 -9.35 3.30
CA THR A 81 4.72 -10.31 2.70
C THR A 81 3.61 -10.67 3.68
N TYR A 82 2.38 -10.62 3.20
CA TYR A 82 1.22 -10.94 4.02
C TYR A 82 0.29 -11.89 3.27
N ASP A 83 -0.57 -12.57 4.02
CA ASP A 83 -1.52 -13.51 3.44
C ASP A 83 -2.96 -13.13 3.79
N PHE A 84 -3.90 -13.61 2.99
CA PHE A 84 -5.31 -13.32 3.21
C PHE A 84 -6.01 -14.53 3.85
N PRO A 85 -7.12 -14.29 4.57
CA PRO A 85 -7.87 -15.37 5.22
C PRO A 85 -8.44 -16.37 4.21
N PRO A 86 -9.00 -17.50 4.71
CA PRO A 86 -9.57 -18.54 3.86
C PRO A 86 -10.80 -18.08 3.08
N LYS A 87 -11.32 -16.90 3.41
CA LYS A 87 -12.49 -16.36 2.73
C LYS A 87 -12.06 -15.36 1.67
N VAL A 88 -11.00 -14.62 1.96
CA VAL A 88 -10.47 -13.64 1.04
C VAL A 88 -9.56 -14.32 0.03
N ARG A 89 -8.69 -15.21 0.51
CA ARG A 89 -7.78 -15.94 -0.35
C ARG A 89 -8.57 -16.79 -1.33
N GLU A 90 -9.57 -17.47 -0.79
CA GLU A 90 -10.44 -18.33 -1.60
C GLU A 90 -11.30 -17.50 -2.53
N LYS A 91 -11.56 -16.25 -2.13
CA LYS A 91 -12.37 -15.35 -2.93
C LYS A 91 -11.53 -14.71 -4.04
N LEU A 92 -10.35 -14.23 -3.68
CA LEU A 92 -9.46 -13.60 -4.65
C LEU A 92 -9.11 -14.58 -5.75
N ASN A 93 -8.77 -15.80 -5.36
CA ASN A 93 -8.41 -16.85 -6.32
C ASN A 93 -9.40 -16.88 -7.47
N ILE A 94 -10.66 -16.58 -7.16
CA ILE A 94 -11.71 -16.57 -8.17
C ILE A 94 -11.95 -15.15 -8.70
N GLN A 95 -12.09 -14.20 -7.77
CA GLN A 95 -12.32 -12.81 -8.15
C GLN A 95 -11.12 -12.23 -8.87
N TRP A 96 -9.96 -12.27 -8.22
CA TRP A 96 -8.73 -11.76 -8.79
C TRP A 96 -8.15 -12.74 -9.80
N GLY A 97 -8.31 -14.03 -9.53
CA GLY A 97 -7.80 -15.04 -10.43
C GLY A 97 -6.32 -15.31 -10.22
N SER A 98 -5.88 -15.23 -8.98
CA SER A 98 -4.48 -15.47 -8.64
C SER A 98 -4.34 -16.68 -7.72
N ASP A 99 -3.24 -17.39 -7.86
CA ASP A 99 -2.97 -18.57 -7.05
C ASP A 99 -1.75 -18.35 -6.15
N TRP A 100 -1.65 -17.16 -5.59
CA TRP A 100 -0.54 -16.82 -4.71
C TRP A 100 -0.98 -16.84 -3.25
N LYS A 101 -0.04 -17.16 -2.36
CA LYS A 101 -0.34 -17.22 -0.93
C LYS A 101 -0.50 -15.81 -0.36
N GLY A 102 0.22 -14.86 -0.94
CA GLY A 102 0.15 -13.50 -0.49
C GLY A 102 0.81 -12.55 -1.47
N GLN A 103 1.54 -11.57 -0.95
CA GLN A 103 2.22 -10.59 -1.79
C GLN A 103 3.39 -9.94 -1.06
N ALA A 104 4.59 -10.17 -1.57
CA ALA A 104 5.79 -9.58 -0.98
C ALA A 104 6.11 -8.27 -1.68
N GLN A 105 5.97 -7.16 -0.94
CA GLN A 105 6.22 -5.85 -1.53
C GLN A 105 7.11 -4.97 -0.65
N LYS A 106 7.85 -4.09 -1.31
CA LYS A 106 8.74 -3.15 -0.62
C LYS A 106 8.09 -1.77 -0.59
N TRP A 107 7.44 -1.46 0.51
CA TRP A 107 6.74 -0.19 0.66
C TRP A 107 7.69 1.01 0.65
N PHE A 108 7.26 2.07 -0.03
CA PHE A 108 8.06 3.29 -0.14
C PHE A 108 7.28 4.47 0.44
N LEU A 109 7.97 5.33 1.18
CA LEU A 109 7.32 6.51 1.74
C LEU A 109 7.20 7.58 0.68
N PHE A 110 6.22 8.48 0.84
CA PHE A 110 6.02 9.55 -0.12
C PHE A 110 5.49 10.81 0.53
N LYS A 111 6.16 11.93 0.28
CA LYS A 111 5.72 13.21 0.82
C LYS A 111 4.81 13.90 -0.20
N PHE A 112 3.59 14.18 0.20
CA PHE A 112 2.63 14.84 -0.70
C PHE A 112 3.08 16.27 -0.99
N THR A 113 3.26 16.57 -2.27
CA THR A 113 3.68 17.91 -2.68
C THR A 113 2.68 18.49 -3.66
N GLY A 114 1.40 18.21 -3.43
CA GLY A 114 0.35 18.73 -4.29
C GLY A 114 -0.85 19.22 -3.50
N GLN A 115 -2.03 19.02 -4.05
CA GLN A 115 -3.26 19.43 -3.40
C GLN A 115 -4.23 18.27 -3.33
N ASP A 116 -5.13 18.30 -2.35
CA ASP A 116 -6.12 17.25 -2.19
C ASP A 116 -6.85 16.95 -3.49
N GLN A 117 -6.74 17.86 -4.46
CA GLN A 117 -7.40 17.68 -5.75
C GLN A 117 -6.63 16.69 -6.63
N GLU A 118 -5.38 16.43 -6.26
CA GLU A 118 -4.54 15.51 -7.02
C GLU A 118 -4.86 14.06 -6.65
N ILE A 119 -5.37 13.88 -5.43
CA ILE A 119 -5.71 12.55 -4.95
C ILE A 119 -6.97 12.01 -5.62
N ASN A 120 -6.77 11.17 -6.62
CA ASN A 120 -7.89 10.56 -7.35
C ASN A 120 -7.90 9.05 -7.11
N LEU A 121 -8.71 8.64 -6.14
CA LEU A 121 -8.82 7.22 -5.79
C LEU A 121 -9.18 6.37 -7.01
N LEU A 122 -9.76 6.99 -8.03
CA LEU A 122 -10.12 6.26 -9.23
C LEU A 122 -8.87 5.74 -9.93
N GLY A 123 -7.99 6.66 -10.29
CA GLY A 123 -6.76 6.31 -10.94
C GLY A 123 -6.35 7.37 -11.95
N ASP A 124 -5.34 7.06 -12.74
CA ASP A 124 -4.87 7.99 -13.75
C ASP A 124 -5.52 7.65 -15.09
N GLY A 125 -6.80 7.30 -15.04
CA GLY A 125 -7.52 6.95 -16.24
C GLY A 125 -7.06 5.63 -16.82
N SER A 126 -6.53 4.76 -15.95
CA SER A 126 -6.04 3.46 -16.37
C SER A 126 -6.77 2.34 -15.64
N GLU A 127 -6.49 2.21 -14.34
CA GLU A 127 -7.12 1.17 -13.53
C GLU A 127 -8.47 1.62 -13.00
N LYS A 128 -9.26 0.67 -12.52
CA LYS A 128 -10.58 0.96 -11.99
C LYS A 128 -10.50 1.40 -10.53
N PRO A 129 -11.43 2.27 -10.09
CA PRO A 129 -11.45 2.76 -8.71
C PRO A 129 -11.37 1.65 -7.68
N GLU A 130 -10.48 1.80 -6.71
CA GLU A 130 -10.30 0.81 -5.66
C GLU A 130 -10.80 1.35 -4.32
N PHE A 131 -10.71 2.66 -4.16
CA PHE A 131 -11.16 3.32 -2.93
C PHE A 131 -12.25 4.33 -3.24
N GLY A 132 -13.04 4.69 -2.23
CA GLY A 132 -14.10 5.65 -2.43
C GLY A 132 -13.89 6.90 -1.60
N GLU A 133 -13.00 6.80 -0.61
CA GLU A 133 -12.69 7.91 0.26
C GLU A 133 -11.28 7.79 0.80
N TRP A 134 -10.85 8.82 1.51
CA TRP A 134 -9.52 8.84 2.10
C TRP A 134 -9.45 9.85 3.24
N SER A 135 -8.52 9.61 4.16
CA SER A 135 -8.34 10.50 5.30
C SER A 135 -6.91 10.44 5.84
N TRP A 136 -6.52 11.48 6.57
CA TRP A 136 -5.19 11.56 7.15
C TRP A 136 -5.19 10.99 8.57
N VAL A 137 -4.32 10.01 8.81
CA VAL A 137 -4.24 9.38 10.12
C VAL A 137 -2.79 9.21 10.56
N THR A 138 -2.58 9.23 11.87
CA THR A 138 -1.25 9.06 12.43
C THR A 138 -0.80 7.61 12.24
N PRO A 139 0.51 7.34 12.33
CA PRO A 139 1.03 5.99 12.16
C PRO A 139 0.41 5.02 13.15
N GLU A 140 -0.17 5.57 14.21
CA GLU A 140 -0.81 4.77 15.24
C GLU A 140 -2.29 4.59 14.92
N GLN A 141 -2.89 5.61 14.32
CA GLN A 141 -4.30 5.55 13.94
C GLN A 141 -4.48 4.60 12.76
N LEU A 142 -3.67 4.82 11.72
CA LEU A 142 -3.73 3.97 10.53
C LEU A 142 -3.58 2.52 10.93
N ILE A 143 -2.82 2.31 12.00
CA ILE A 143 -2.59 0.97 12.53
C ILE A 143 -3.88 0.43 13.13
N ASP A 144 -4.74 1.34 13.58
CA ASP A 144 -6.02 0.95 14.16
C ASP A 144 -7.03 0.68 13.05
N LEU A 145 -6.76 1.22 11.87
CA LEU A 145 -7.63 1.03 10.72
C LEU A 145 -7.28 -0.27 10.01
N THR A 146 -5.99 -0.54 9.94
CA THR A 146 -5.48 -1.75 9.29
C THR A 146 -6.07 -3.01 9.93
N VAL A 147 -5.97 -4.12 9.21
CA VAL A 147 -6.50 -5.39 9.71
C VAL A 147 -5.39 -6.22 10.36
N GLU A 148 -5.79 -7.19 11.18
CA GLU A 148 -4.85 -8.04 11.90
C GLU A 148 -3.79 -8.64 10.98
N PHE A 149 -4.16 -8.93 9.73
CA PHE A 149 -3.22 -9.52 8.78
C PHE A 149 -2.44 -8.46 8.01
N LYS A 150 -2.50 -7.22 8.47
CA LYS A 150 -1.78 -6.12 7.83
C LYS A 150 -1.14 -5.18 8.85
N LYS A 151 -1.37 -5.45 10.13
CA LYS A 151 -0.81 -4.62 11.20
C LYS A 151 0.71 -4.51 11.09
N PRO A 152 1.43 -5.64 11.19
CA PRO A 152 2.89 -5.64 11.09
C PRO A 152 3.39 -5.14 9.74
N VAL A 153 2.72 -5.56 8.68
CA VAL A 153 3.08 -5.14 7.33
C VAL A 153 3.03 -3.63 7.19
N TYR A 154 2.14 -3.01 7.94
CA TYR A 154 1.99 -1.56 7.94
C TYR A 154 2.88 -0.92 8.99
N LYS A 155 2.80 -1.42 10.22
CA LYS A 155 3.60 -0.89 11.32
C LYS A 155 5.06 -0.81 10.93
N GLU A 156 5.49 -1.76 10.12
CA GLU A 156 6.87 -1.80 9.65
C GLU A 156 7.12 -0.62 8.73
N VAL A 157 6.18 -0.40 7.81
CA VAL A 157 6.27 0.69 6.86
C VAL A 157 6.39 2.01 7.60
N LEU A 158 5.57 2.18 8.62
CA LEU A 158 5.59 3.39 9.44
C LEU A 158 6.88 3.44 10.24
N SER A 159 7.19 2.33 10.89
CA SER A 159 8.40 2.22 11.70
C SER A 159 9.63 2.65 10.90
N VAL A 160 9.73 2.17 9.67
CA VAL A 160 10.84 2.50 8.79
C VAL A 160 10.76 3.96 8.36
N PHE A 161 9.54 4.50 8.38
CA PHE A 161 9.30 5.87 7.97
C PHE A 161 9.13 6.82 9.16
N ALA A 162 9.19 6.27 10.36
CA ALA A 162 9.05 7.06 11.58
C ALA A 162 9.93 8.31 11.54
N PRO A 163 11.24 8.15 11.27
CA PRO A 163 12.17 9.27 11.21
C PRO A 163 11.71 10.36 10.24
N HIS A 164 10.84 9.99 9.30
CA HIS A 164 10.33 10.95 8.32
C HIS A 164 8.97 11.47 8.75
N LEU A 165 8.32 10.78 9.68
CA LEU A 165 7.00 11.19 10.16
C LEU A 165 7.03 11.42 11.67
PG ATP B . -4.90 -4.22 -3.49
O1G ATP B . -4.55 -4.47 -4.91
O2G ATP B . -6.38 -4.15 -3.56
O3G ATP B . -4.40 -3.01 -2.80
PB ATP B . -4.25 -5.54 -1.21
O1B ATP B . -4.24 -4.16 -0.64
O2B ATP B . -3.08 -6.42 -1.01
O3B ATP B . -4.48 -5.38 -2.67
PA ATP B . -6.17 -5.84 0.73
O1A ATP B . -6.34 -4.41 1.07
O2A ATP B . -5.75 -6.79 1.80
O3A ATP B . -5.39 -6.16 -0.49
O5' ATP B . -7.60 -6.27 0.18
C5' ATP B . -7.84 -7.59 -0.31
C4' ATP B . -9.06 -8.17 0.34
O4' ATP B . -8.76 -8.43 1.74
C3' ATP B . -10.28 -7.27 0.38
O3' ATP B . -11.02 -7.34 -0.83
C2' ATP B . -11.04 -7.82 1.57
O2' ATP B . -11.70 -9.03 1.25
C1' ATP B . -9.90 -8.14 2.53
N9 ATP B . -9.57 -7.04 3.43
C8 ATP B . -8.70 -6.00 3.21
N7 ATP B . -8.61 -5.16 4.22
C5 ATP B . -9.47 -5.69 5.17
C6 ATP B . -9.82 -5.26 6.46
N6 ATP B . -9.34 -4.17 7.04
N1 ATP B . -10.72 -6.02 7.15
C2 ATP B . -11.21 -7.12 6.55
N3 ATP B . -10.96 -7.62 5.34
C4 ATP B . -10.07 -6.85 4.69
H5'1 ATP B . -6.97 -8.22 -0.10
H5'2 ATP B . -7.99 -7.56 -1.40
H4' ATP B . -9.33 -9.07 -0.21
H3' ATP B . -10.00 -6.23 0.51
HO3' ATP B . -10.60 -8.00 -1.39
H2' ATP B . -11.72 -7.07 1.99
HO2' ATP B . -12.17 -8.89 0.43
H1' ATP B . -10.11 -9.02 3.13
H8 ATP B . -8.15 -5.88 2.29
HN61 ATP B . -8.67 -3.60 6.55
HN62 ATP B . -9.63 -3.92 7.97
H2 ATP B . -11.92 -7.68 7.15
N GLY A 1 0.26 -16.16 12.45
CA GLY A 1 1.66 -15.97 12.91
C GLY A 1 2.25 -14.65 12.46
N PRO A 2 3.34 -14.19 13.09
CA PRO A 2 3.99 -12.92 12.74
C PRO A 2 4.70 -13.00 11.39
N LEU A 3 4.68 -11.89 10.66
CA LEU A 3 5.30 -11.82 9.35
C LEU A 3 5.24 -10.41 8.78
N GLY A 4 6.30 -9.64 9.00
CA GLY A 4 6.34 -8.28 8.51
C GLY A 4 7.75 -7.83 8.14
N SER A 5 8.62 -8.80 7.86
CA SER A 5 9.99 -8.50 7.48
C SER A 5 10.71 -9.77 7.04
N MET A 6 11.26 -9.73 5.83
CA MET A 6 11.96 -10.90 5.29
C MET A 6 13.31 -10.51 4.68
N ASP A 7 13.40 -9.30 4.14
CA ASP A 7 14.63 -8.82 3.52
C ASP A 7 14.91 -9.59 2.22
N SER A 8 13.86 -10.16 1.64
CA SER A 8 13.99 -10.91 0.39
C SER A 8 12.64 -11.54 0.02
N PRO A 9 12.29 -11.53 -1.29
CA PRO A 9 11.03 -12.09 -1.75
C PRO A 9 10.98 -13.61 -1.68
N PRO A 10 10.10 -14.17 -0.83
CA PRO A 10 9.95 -15.61 -0.67
C PRO A 10 9.28 -16.24 -1.88
N GLU A 11 8.96 -17.52 -1.76
CA GLU A 11 8.32 -18.25 -2.84
C GLU A 11 6.80 -18.17 -2.74
N GLY A 12 6.14 -18.08 -3.89
CA GLY A 12 4.69 -18.01 -3.92
C GLY A 12 4.16 -16.60 -3.92
N TYR A 13 4.82 -15.70 -3.18
CA TYR A 13 4.37 -14.32 -3.10
C TYR A 13 4.75 -13.55 -4.36
N ARG A 14 3.80 -12.76 -4.86
CA ARG A 14 4.02 -11.96 -6.06
C ARG A 14 4.63 -10.61 -5.72
N ARG A 15 5.37 -10.04 -6.69
CA ARG A 15 6.02 -8.75 -6.50
C ARG A 15 4.99 -7.63 -6.39
N ASN A 16 5.16 -6.78 -5.39
CA ASN A 16 4.25 -5.65 -5.17
C ASN A 16 4.95 -4.50 -4.46
N VAL A 17 4.49 -3.28 -4.71
CA VAL A 17 5.07 -2.10 -4.08
C VAL A 17 3.99 -1.24 -3.42
N GLY A 18 4.20 -0.92 -2.15
CA GLY A 18 3.24 -0.10 -1.43
C GLY A 18 3.68 1.35 -1.31
N ILE A 19 2.74 2.23 -1.02
CA ILE A 19 3.05 3.65 -0.90
C ILE A 19 2.56 4.21 0.43
N CYS A 20 3.48 4.39 1.39
CA CYS A 20 3.12 4.94 2.68
C CYS A 20 3.30 6.46 2.64
N LEU A 21 2.22 7.17 2.32
CA LEU A 21 2.29 8.62 2.22
C LEU A 21 1.71 9.29 3.45
N MET A 22 2.25 10.46 3.78
CA MET A 22 1.79 11.21 4.93
C MET A 22 1.54 12.67 4.56
N ASN A 23 0.70 13.33 5.35
CA ASN A 23 0.36 14.74 5.10
C ASN A 23 1.15 15.67 6.00
N ASN A 24 1.05 16.97 5.73
CA ASN A 24 1.75 17.99 6.51
C ASN A 24 1.43 17.88 8.00
N ASP A 25 0.32 17.19 8.32
CA ASP A 25 -0.09 17.02 9.71
C ASP A 25 0.55 15.78 10.32
N LYS A 26 1.36 15.08 9.51
CA LYS A 26 2.05 13.87 9.96
C LYS A 26 1.11 12.68 10.02
N LYS A 27 0.05 12.71 9.22
CA LYS A 27 -0.90 11.61 9.18
C LYS A 27 -0.50 10.64 8.07
N ILE A 28 -1.18 9.52 7.99
CA ILE A 28 -0.87 8.53 6.96
C ILE A 28 -2.00 8.45 5.93
N PHE A 29 -1.68 8.80 4.69
CA PHE A 29 -2.65 8.78 3.60
C PHE A 29 -3.36 7.45 3.53
N ALA A 30 -4.63 7.44 3.92
CA ALA A 30 -5.43 6.23 3.90
C ALA A 30 -6.60 6.38 2.92
N ALA A 31 -6.92 5.30 2.23
CA ALA A 31 -8.02 5.32 1.27
C ALA A 31 -8.99 4.18 1.52
N SER A 32 -10.28 4.47 1.37
CA SER A 32 -11.31 3.45 1.58
C SER A 32 -11.49 2.60 0.32
N ARG A 33 -12.03 1.40 0.50
CA ARG A 33 -12.24 0.50 -0.62
C ARG A 33 -13.40 0.94 -1.49
N LEU A 34 -13.40 0.46 -2.72
CA LEU A 34 -14.46 0.76 -3.66
C LEU A 34 -15.52 -0.34 -3.62
N ASP A 35 -15.24 -1.40 -2.86
CA ASP A 35 -16.16 -2.51 -2.76
C ASP A 35 -16.49 -2.87 -1.30
N ILE A 36 -15.67 -2.40 -0.36
CA ILE A 36 -15.91 -2.68 1.05
C ILE A 36 -16.07 -1.40 1.86
N PRO A 37 -17.27 -1.13 2.37
CA PRO A 37 -17.52 0.07 3.17
C PRO A 37 -16.73 0.07 4.46
N ASP A 38 -16.07 1.18 4.74
CA ASP A 38 -15.28 1.32 5.96
C ASP A 38 -13.95 0.58 5.85
N ALA A 39 -13.68 0.03 4.69
CA ALA A 39 -12.45 -0.70 4.45
C ALA A 39 -11.36 0.25 3.96
N TRP A 40 -10.52 0.69 4.88
CA TRP A 40 -9.44 1.61 4.54
C TRP A 40 -8.12 0.89 4.46
N GLN A 41 -7.20 1.47 3.71
CA GLN A 41 -5.86 0.89 3.54
C GLN A 41 -4.93 1.89 2.86
N MET A 42 -3.70 1.45 2.59
CA MET A 42 -2.71 2.30 1.95
C MET A 42 -2.49 1.88 0.49
N PRO A 43 -2.00 2.80 -0.35
CA PRO A 43 -1.74 2.52 -1.77
C PRO A 43 -0.94 1.23 -1.99
N GLN A 44 -1.32 0.50 -3.03
CA GLN A 44 -0.64 -0.74 -3.38
C GLN A 44 -0.53 -0.87 -4.89
N GLY A 45 0.58 -1.41 -5.37
CA GLY A 45 0.77 -1.58 -6.79
C GLY A 45 1.73 -2.71 -7.13
N GLY A 46 1.22 -3.71 -7.85
CA GLY A 46 2.05 -4.83 -8.23
C GLY A 46 3.13 -4.45 -9.21
N ILE A 47 4.39 -4.67 -8.82
CA ILE A 47 5.53 -4.34 -9.67
C ILE A 47 5.38 -4.99 -11.05
N ASP A 48 6.12 -4.46 -12.02
CA ASP A 48 6.08 -4.98 -13.39
C ASP A 48 7.14 -6.06 -13.58
N GLU A 49 7.26 -6.56 -14.81
CA GLU A 49 8.22 -7.60 -15.12
C GLU A 49 9.62 -7.02 -15.17
N GLY A 50 10.36 -7.20 -14.08
CA GLY A 50 11.71 -6.67 -14.00
C GLY A 50 11.71 -5.17 -13.83
N GLU A 51 10.91 -4.69 -12.89
CA GLU A 51 10.79 -3.28 -12.61
C GLU A 51 11.27 -2.95 -11.21
N ASP A 52 11.88 -1.78 -11.07
CA ASP A 52 12.39 -1.32 -9.78
C ASP A 52 11.25 -1.08 -8.78
N PRO A 53 11.41 -1.53 -7.53
CA PRO A 53 10.39 -1.37 -6.49
C PRO A 53 10.06 0.11 -6.23
N ARG A 54 11.07 0.86 -5.80
CA ARG A 54 10.88 2.28 -5.50
C ARG A 54 10.31 3.04 -6.69
N ASN A 55 10.50 2.48 -7.89
CA ASN A 55 9.99 3.11 -9.11
C ASN A 55 8.55 2.67 -9.37
N ALA A 56 8.29 1.39 -9.16
CA ALA A 56 6.96 0.85 -9.37
C ALA A 56 5.97 1.51 -8.42
N ALA A 57 6.45 1.86 -7.23
CA ALA A 57 5.62 2.52 -6.23
C ALA A 57 5.33 3.96 -6.64
N ILE A 58 6.40 4.70 -6.91
CA ILE A 58 6.27 6.09 -7.33
C ILE A 58 5.38 6.18 -8.56
N ARG A 59 5.39 5.13 -9.36
CA ARG A 59 4.58 5.05 -10.56
C ARG A 59 3.18 4.61 -10.21
N GLU A 60 3.12 3.50 -9.49
CA GLU A 60 1.86 2.91 -9.05
C GLU A 60 1.03 3.91 -8.27
N LEU A 61 1.68 4.75 -7.48
CA LEU A 61 0.98 5.75 -6.68
C LEU A 61 0.21 6.71 -7.57
N ARG A 62 0.92 7.44 -8.40
CA ARG A 62 0.30 8.37 -9.32
C ARG A 62 -0.66 7.64 -10.26
N GLU A 63 -0.57 6.31 -10.27
CA GLU A 63 -1.44 5.51 -11.13
C GLU A 63 -2.71 5.07 -10.40
N GLU A 64 -2.56 4.60 -9.17
CA GLU A 64 -3.69 4.11 -8.39
C GLU A 64 -4.32 5.21 -7.54
N THR A 65 -3.53 6.21 -7.16
CA THR A 65 -4.04 7.29 -6.34
C THR A 65 -3.98 8.60 -7.09
N GLY A 66 -3.15 8.65 -8.12
CA GLY A 66 -3.01 9.84 -8.92
C GLY A 66 -2.15 10.90 -8.27
N VAL A 67 -1.74 10.68 -7.02
CA VAL A 67 -0.90 11.62 -6.30
C VAL A 67 0.42 11.82 -7.05
N THR A 68 0.66 13.05 -7.50
CA THR A 68 1.88 13.36 -8.22
C THR A 68 2.88 14.09 -7.31
N SER A 69 2.36 14.87 -6.37
CA SER A 69 3.21 15.60 -5.45
C SER A 69 3.52 14.78 -4.20
N ALA A 70 4.43 13.85 -4.35
CA ALA A 70 4.83 12.98 -3.25
C ALA A 70 6.29 12.57 -3.40
N GLU A 71 7.06 12.73 -2.32
CA GLU A 71 8.47 12.37 -2.32
C GLU A 71 8.74 11.30 -1.29
N VAL A 72 9.58 10.35 -1.63
CA VAL A 72 9.92 9.27 -0.71
C VAL A 72 10.74 9.78 0.47
N ILE A 73 10.16 9.67 1.66
CA ILE A 73 10.83 10.10 2.88
C ILE A 73 11.62 8.94 3.48
N ALA A 74 11.20 7.72 3.15
CA ALA A 74 11.87 6.53 3.68
C ALA A 74 11.53 5.30 2.84
N GLU A 75 12.26 4.22 3.10
CA GLU A 75 12.06 2.96 2.41
C GLU A 75 12.41 1.81 3.33
N VAL A 76 11.42 0.96 3.61
CA VAL A 76 11.62 -0.19 4.48
C VAL A 76 12.75 -1.06 3.93
N PRO A 77 13.74 -1.42 4.77
CA PRO A 77 14.88 -2.24 4.36
C PRO A 77 14.49 -3.66 3.93
N TYR A 78 13.31 -4.11 4.35
CA TYR A 78 12.85 -5.45 4.00
C TYR A 78 11.50 -5.44 3.30
N TRP A 79 11.00 -6.62 2.99
CA TRP A 79 9.71 -6.76 2.33
C TRP A 79 8.68 -7.27 3.31
N LEU A 80 7.44 -6.84 3.13
CA LEU A 80 6.36 -7.27 3.99
C LEU A 80 5.40 -8.16 3.22
N THR A 81 5.28 -9.40 3.67
CA THR A 81 4.41 -10.37 3.03
C THR A 81 3.21 -10.66 3.92
N TYR A 82 2.03 -10.74 3.30
CA TYR A 82 0.80 -11.00 4.02
C TYR A 82 0.04 -12.15 3.40
N ASP A 83 -0.99 -12.61 4.08
CA ASP A 83 -1.81 -13.72 3.57
C ASP A 83 -3.28 -13.36 3.58
N PHE A 84 -4.05 -14.06 2.75
CA PHE A 84 -5.48 -13.82 2.65
C PHE A 84 -6.28 -15.07 2.99
N PRO A 85 -7.48 -14.91 3.56
CA PRO A 85 -8.34 -16.04 3.92
C PRO A 85 -8.77 -16.86 2.71
N PRO A 86 -9.35 -18.06 2.95
CA PRO A 86 -9.80 -18.95 1.87
C PRO A 86 -10.89 -18.33 1.00
N LYS A 87 -11.51 -17.27 1.48
CA LYS A 87 -12.56 -16.59 0.74
C LYS A 87 -11.96 -15.48 -0.11
N VAL A 88 -10.92 -14.85 0.42
CA VAL A 88 -10.24 -13.77 -0.27
C VAL A 88 -9.24 -14.34 -1.26
N ARG A 89 -8.41 -15.27 -0.78
CA ARG A 89 -7.41 -15.91 -1.64
C ARG A 89 -8.10 -16.56 -2.83
N GLU A 90 -9.18 -17.25 -2.53
CA GLU A 90 -9.97 -17.93 -3.55
C GLU A 90 -10.68 -16.91 -4.44
N LYS A 91 -11.00 -15.77 -3.87
CA LYS A 91 -11.67 -14.69 -4.60
C LYS A 91 -10.70 -14.01 -5.56
N LEU A 92 -9.52 -13.68 -5.05
CA LEU A 92 -8.51 -13.02 -5.88
C LEU A 92 -8.17 -13.87 -7.09
N ASN A 93 -7.93 -15.16 -6.84
CA ASN A 93 -7.61 -16.09 -7.92
C ASN A 93 -8.55 -15.91 -9.10
N ILE A 94 -9.79 -15.51 -8.80
CA ILE A 94 -10.80 -15.30 -9.83
C ILE A 94 -10.89 -13.83 -10.22
N GLN A 95 -10.97 -12.96 -9.21
CA GLN A 95 -11.06 -11.52 -9.46
C GLN A 95 -9.76 -10.97 -10.02
N TRP A 96 -8.66 -11.22 -9.31
CA TRP A 96 -7.35 -10.76 -9.73
C TRP A 96 -6.78 -11.67 -10.81
N GLY A 97 -7.12 -12.96 -10.73
CA GLY A 97 -6.63 -13.91 -11.71
C GLY A 97 -5.16 -14.24 -11.51
N SER A 98 -4.75 -14.33 -10.24
CA SER A 98 -3.38 -14.65 -9.91
C SER A 98 -3.31 -15.82 -8.94
N ASP A 99 -2.23 -16.59 -9.03
CA ASP A 99 -2.03 -17.74 -8.16
C ASP A 99 -0.96 -17.45 -7.12
N TRP A 100 -1.29 -16.58 -6.17
CA TRP A 100 -0.37 -16.20 -5.11
C TRP A 100 -1.10 -16.19 -3.78
N LYS A 101 -0.47 -16.74 -2.75
CA LYS A 101 -1.06 -16.78 -1.42
C LYS A 101 -1.00 -15.41 -0.79
N GLY A 102 0.03 -14.66 -1.15
CA GLY A 102 0.21 -13.33 -0.63
C GLY A 102 1.01 -12.47 -1.57
N GLN A 103 1.68 -11.47 -1.02
CA GLN A 103 2.50 -10.57 -1.83
C GLN A 103 3.56 -9.88 -0.97
N ALA A 104 4.83 -10.14 -1.30
CA ALA A 104 5.93 -9.52 -0.57
C ALA A 104 6.24 -8.16 -1.20
N GLN A 105 5.84 -7.09 -0.50
CA GLN A 105 6.05 -5.74 -1.02
C GLN A 105 6.99 -4.92 -0.14
N LYS A 106 7.65 -3.95 -0.78
CA LYS A 106 8.58 -3.05 -0.10
C LYS A 106 7.95 -1.67 0.02
N TRP A 107 7.33 -1.40 1.16
CA TRP A 107 6.67 -0.12 1.39
C TRP A 107 7.66 1.03 1.41
N PHE A 108 7.25 2.13 0.79
CA PHE A 108 8.07 3.33 0.74
C PHE A 108 7.32 4.51 1.33
N LEU A 109 7.98 5.28 2.20
CA LEU A 109 7.34 6.43 2.80
C LEU A 109 7.34 7.60 1.83
N PHE A 110 6.21 8.28 1.70
CA PHE A 110 6.10 9.41 0.79
C PHE A 110 5.57 10.65 1.49
N LYS A 111 6.24 11.77 1.25
CA LYS A 111 5.82 13.05 1.80
C LYS A 111 4.97 13.80 0.79
N PHE A 112 3.74 14.10 1.15
CA PHE A 112 2.85 14.81 0.24
C PHE A 112 3.31 16.24 0.04
N THR A 113 3.56 16.59 -1.22
CA THR A 113 4.01 17.93 -1.56
C THR A 113 3.07 18.58 -2.57
N GLY A 114 1.78 18.31 -2.40
CA GLY A 114 0.77 18.86 -3.30
C GLY A 114 -0.44 19.35 -2.54
N GLN A 115 -1.60 19.21 -3.16
CA GLN A 115 -2.86 19.61 -2.54
C GLN A 115 -3.85 18.47 -2.57
N ASP A 116 -4.79 18.49 -1.64
CA ASP A 116 -5.82 17.45 -1.55
C ASP A 116 -6.52 17.26 -2.90
N GLN A 117 -6.36 18.21 -3.81
CA GLN A 117 -6.99 18.13 -5.12
C GLN A 117 -6.16 17.29 -6.09
N GLU A 118 -4.92 16.99 -5.72
CA GLU A 118 -4.04 16.20 -6.57
C GLU A 118 -4.34 14.71 -6.41
N ILE A 119 -4.89 14.35 -5.24
CA ILE A 119 -5.22 12.96 -4.95
C ILE A 119 -6.44 12.51 -5.73
N ASN A 120 -6.21 11.66 -6.72
CA ASN A 120 -7.28 11.11 -7.54
C ASN A 120 -7.32 9.59 -7.40
N LEU A 121 -8.18 9.12 -6.51
CA LEU A 121 -8.32 7.69 -6.25
C LEU A 121 -8.58 6.91 -7.53
N LEU A 122 -9.10 7.59 -8.54
CA LEU A 122 -9.37 6.94 -9.83
C LEU A 122 -8.07 6.46 -10.45
N GLY A 123 -7.17 7.40 -10.68
CA GLY A 123 -5.89 7.08 -11.26
C GLY A 123 -5.45 8.17 -12.22
N ASP A 124 -4.32 7.94 -12.87
CA ASP A 124 -3.80 8.89 -13.84
C ASP A 124 -4.33 8.58 -15.23
N GLY A 125 -5.60 8.17 -15.28
CA GLY A 125 -6.21 7.83 -16.55
C GLY A 125 -5.61 6.59 -17.16
N SER A 126 -5.07 5.72 -16.31
CA SER A 126 -4.45 4.48 -16.76
C SER A 126 -5.30 3.27 -16.40
N GLU A 127 -5.43 3.01 -15.10
CA GLU A 127 -6.21 1.87 -14.63
C GLU A 127 -7.51 2.34 -13.97
N LYS A 128 -8.43 1.41 -13.77
CA LYS A 128 -9.72 1.71 -13.16
C LYS A 128 -9.54 2.07 -11.68
N PRO A 129 -10.41 2.95 -11.15
CA PRO A 129 -10.34 3.38 -9.74
C PRO A 129 -10.29 2.20 -8.79
N GLU A 130 -9.57 2.38 -7.69
CA GLU A 130 -9.44 1.33 -6.68
C GLU A 130 -10.10 1.76 -5.36
N PHE A 131 -10.00 3.05 -5.06
CA PHE A 131 -10.59 3.59 -3.84
C PHE A 131 -11.71 4.56 -4.17
N GLY A 132 -12.59 4.80 -3.21
CA GLY A 132 -13.70 5.72 -3.43
C GLY A 132 -13.60 6.93 -2.54
N GLU A 133 -12.82 6.79 -1.48
CA GLU A 133 -12.61 7.86 -0.52
C GLU A 133 -11.25 7.72 0.15
N TRP A 134 -10.90 8.72 0.94
CA TRP A 134 -9.63 8.71 1.66
C TRP A 134 -9.67 9.68 2.83
N SER A 135 -8.80 9.43 3.80
CA SER A 135 -8.71 10.29 4.98
C SER A 135 -7.34 10.19 5.64
N TRP A 136 -7.01 11.21 6.43
CA TRP A 136 -5.72 11.26 7.13
C TRP A 136 -5.85 10.63 8.51
N VAL A 137 -5.02 9.63 8.79
CA VAL A 137 -5.05 8.95 10.07
C VAL A 137 -3.66 8.75 10.64
N THR A 138 -3.58 8.71 11.96
CA THR A 138 -2.30 8.51 12.63
C THR A 138 -1.82 7.08 12.40
N PRO A 139 -0.53 6.81 12.60
CA PRO A 139 0.01 5.46 12.40
C PRO A 139 -0.68 4.43 13.29
N GLU A 140 -1.37 4.93 14.31
CA GLU A 140 -2.09 4.07 15.23
C GLU A 140 -3.54 3.89 14.76
N GLN A 141 -4.09 4.96 14.16
CA GLN A 141 -5.45 4.91 13.66
C GLN A 141 -5.52 4.01 12.43
N LEU A 142 -4.65 4.27 11.46
CA LEU A 142 -4.61 3.48 10.25
C LEU A 142 -4.46 2.00 10.59
N ILE A 143 -3.76 1.76 11.69
CA ILE A 143 -3.54 0.41 12.19
C ILE A 143 -4.86 -0.17 12.68
N ASP A 144 -5.75 0.72 13.13
CA ASP A 144 -7.05 0.30 13.62
C ASP A 144 -8.00 0.04 12.45
N LEU A 145 -7.68 0.64 11.31
CA LEU A 145 -8.47 0.47 10.10
C LEU A 145 -8.06 -0.80 9.37
N THR A 146 -6.76 -1.04 9.36
CA THR A 146 -6.19 -2.21 8.71
C THR A 146 -6.82 -3.50 9.23
N VAL A 147 -6.62 -4.59 8.49
CA VAL A 147 -7.17 -5.88 8.88
C VAL A 147 -6.16 -6.69 9.68
N GLU A 148 -6.63 -7.74 10.34
CA GLU A 148 -5.78 -8.59 11.16
C GLU A 148 -4.60 -9.15 10.37
N PHE A 149 -4.82 -9.46 9.08
CA PHE A 149 -3.76 -10.01 8.24
C PHE A 149 -2.95 -8.91 7.56
N LYS A 150 -3.16 -7.66 7.97
CA LYS A 150 -2.42 -6.54 7.40
C LYS A 150 -1.86 -5.63 8.50
N LYS A 151 -2.15 -5.94 9.76
CA LYS A 151 -1.67 -5.15 10.87
C LYS A 151 -0.14 -5.08 10.90
N PRO A 152 0.52 -6.24 11.08
CA PRO A 152 1.99 -6.29 11.11
C PRO A 152 2.62 -5.73 9.84
N VAL A 153 2.02 -6.06 8.70
CA VAL A 153 2.52 -5.58 7.41
C VAL A 153 2.52 -4.05 7.36
N TYR A 154 1.61 -3.46 8.10
CA TYR A 154 1.49 -2.01 8.17
C TYR A 154 2.33 -1.44 9.30
N LYS A 155 2.11 -1.97 10.51
CA LYS A 155 2.84 -1.51 11.69
C LYS A 155 4.33 -1.45 11.40
N GLU A 156 4.80 -2.38 10.59
CA GLU A 156 6.20 -2.44 10.22
C GLU A 156 6.57 -1.22 9.38
N VAL A 157 5.70 -0.92 8.42
CA VAL A 157 5.91 0.23 7.54
C VAL A 157 6.05 1.50 8.36
N LEU A 158 5.09 1.71 9.26
CA LEU A 158 5.10 2.88 10.13
C LEU A 158 6.34 2.86 11.01
N SER A 159 6.59 1.70 11.63
CA SER A 159 7.74 1.52 12.49
C SER A 159 9.02 1.98 11.80
N VAL A 160 9.20 1.55 10.56
CA VAL A 160 10.37 1.94 9.79
C VAL A 160 10.31 3.43 9.43
N PHE A 161 9.10 3.97 9.40
CA PHE A 161 8.89 5.37 9.07
C PHE A 161 8.58 6.21 10.31
N ALA A 162 8.74 5.61 11.48
CA ALA A 162 8.49 6.30 12.74
C ALA A 162 9.25 7.63 12.83
N PRO A 163 10.57 7.62 12.57
CA PRO A 163 11.39 8.83 12.63
C PRO A 163 10.83 9.95 11.78
N HIS A 164 10.04 9.60 10.78
CA HIS A 164 9.44 10.58 9.89
C HIS A 164 8.09 11.04 10.44
N LEU A 165 7.45 10.17 11.23
CA LEU A 165 6.16 10.50 11.83
C LEU A 165 5.99 9.79 13.17
PG ATP B . -5.96 -1.81 -3.42
O1G ATP B . -5.75 -2.22 -4.84
O2G ATP B . -7.44 -1.70 -3.36
O3G ATP B . -5.36 -0.55 -2.92
PB ATP B . -4.99 -4.26 -2.77
O1B ATP B . -3.71 -4.37 -2.03
O2B ATP B . -5.01 -4.51 -4.24
O3B ATP B . -5.50 -2.90 -2.52
PA ATP B . -5.66 -6.20 -0.95
O1A ATP B . -5.54 -5.54 0.38
O2A ATP B . -4.70 -7.27 -1.29
O3A ATP B . -5.82 -5.32 -2.13
O5' ATP B . -7.14 -6.79 -0.95
C5' ATP B . -7.41 -8.11 -1.40
C4' ATP B . -8.72 -8.61 -0.84
O4' ATP B . -8.56 -8.87 0.57
C3' ATP B . -9.87 -7.61 -0.91
O3' ATP B . -10.51 -7.64 -2.18
C2' ATP B . -10.77 -8.09 0.21
O2' ATP B . -11.49 -9.25 -0.16
C1' ATP B . -9.73 -8.47 1.26
N9 ATP B . -9.38 -7.38 2.17
C8 ATP B . -8.42 -6.42 2.01
N7 ATP B . -8.35 -5.57 3.00
C5 ATP B . -9.33 -6.01 3.88
C6 ATP B . -9.76 -5.53 5.13
N6 ATP B . -9.24 -4.47 5.74
N1 ATP B . -10.77 -6.19 5.74
C2 ATP B . -11.30 -7.26 5.13
N3 ATP B . -10.98 -7.80 3.96
C4 ATP B . -9.98 -7.12 3.39
H5'1 ATP B . -6.60 -8.78 -1.08
H5'2 ATP B . -7.46 -8.12 -2.49
H4' ATP B . -9.02 -9.48 -1.42
H3' ATP B . -9.53 -6.59 -0.77
HO3' ATP B . -9.85 -7.86 -2.83
H2' ATP B . -11.42 -7.29 0.56
HO2' ATP B . -11.26 -9.44 -1.07
H1' ATP B . -10.05 -9.32 1.87
H8 ATP B . -7.77 -6.37 1.15
HN61 ATP B . -8.48 -3.95 5.30
HN62 ATP B . -9.59 -4.16 6.64
H2 ATP B . -12.10 -7.75 5.68
N GLY A 1 9.19 -17.98 9.18
CA GLY A 1 10.31 -17.01 9.37
C GLY A 1 9.84 -15.72 10.02
N PRO A 2 10.51 -14.59 9.72
CA PRO A 2 10.14 -13.29 10.31
C PRO A 2 8.80 -12.78 9.78
N LEU A 3 8.25 -11.78 10.45
CA LEU A 3 6.96 -11.20 10.05
C LEU A 3 7.13 -9.72 9.72
N GLY A 4 6.55 -9.32 8.59
CA GLY A 4 6.63 -7.93 8.17
C GLY A 4 8.04 -7.52 7.81
N SER A 5 8.87 -8.49 7.47
CA SER A 5 10.26 -8.23 7.09
C SER A 5 10.94 -9.51 6.62
N MET A 6 11.46 -9.47 5.40
CA MET A 6 12.14 -10.64 4.84
C MET A 6 13.46 -10.26 4.16
N ASP A 7 13.52 -9.06 3.60
CA ASP A 7 14.71 -8.59 2.91
C ASP A 7 14.89 -9.30 1.58
N SER A 8 13.78 -9.83 1.04
CA SER A 8 13.80 -10.55 -0.22
C SER A 8 12.43 -11.17 -0.51
N PRO A 9 11.92 -11.03 -1.74
CA PRO A 9 10.61 -11.59 -2.11
C PRO A 9 10.63 -13.11 -2.15
N PRO A 10 9.92 -13.76 -1.20
CA PRO A 10 9.85 -15.22 -1.14
C PRO A 10 8.95 -15.80 -2.23
N GLU A 11 8.75 -17.11 -2.16
CA GLU A 11 7.92 -17.81 -3.13
C GLU A 11 6.47 -17.86 -2.67
N GLY A 12 5.55 -17.96 -3.62
CA GLY A 12 4.14 -18.01 -3.29
C GLY A 12 3.48 -16.65 -3.31
N TYR A 13 4.19 -15.63 -2.86
CA TYR A 13 3.67 -14.28 -2.83
C TYR A 13 4.11 -13.50 -4.07
N ARG A 14 3.17 -12.78 -4.68
CA ARG A 14 3.46 -12.00 -5.88
C ARG A 14 4.11 -10.66 -5.51
N ARG A 15 4.99 -10.18 -6.38
CA ARG A 15 5.68 -8.92 -6.15
C ARG A 15 4.71 -7.75 -6.16
N ASN A 16 4.90 -6.83 -5.21
CA ASN A 16 4.06 -5.65 -5.10
C ASN A 16 4.84 -4.50 -4.46
N VAL A 17 4.44 -3.27 -4.78
CA VAL A 17 5.11 -2.10 -4.22
C VAL A 17 4.15 -1.22 -3.47
N GLY A 18 4.39 -1.05 -2.17
CA GLY A 18 3.53 -0.21 -1.35
C GLY A 18 3.96 1.24 -1.37
N ILE A 19 3.01 2.15 -1.28
CA ILE A 19 3.30 3.57 -1.28
C ILE A 19 2.75 4.25 -0.04
N CYS A 20 3.63 4.53 0.93
CA CYS A 20 3.21 5.20 2.15
C CYS A 20 3.31 6.70 1.97
N LEU A 21 2.18 7.33 1.72
CA LEU A 21 2.15 8.78 1.50
C LEU A 21 1.65 9.52 2.73
N MET A 22 2.29 10.63 3.03
CA MET A 22 1.92 11.44 4.17
C MET A 22 1.65 12.89 3.76
N ASN A 23 0.88 13.58 4.57
CA ASN A 23 0.53 14.98 4.28
C ASN A 23 1.34 15.94 5.15
N ASN A 24 1.26 17.23 4.82
CA ASN A 24 1.99 18.27 5.54
C ASN A 24 1.78 18.19 7.06
N ASP A 25 0.73 17.49 7.49
CA ASP A 25 0.45 17.35 8.92
C ASP A 25 1.15 16.14 9.51
N LYS A 26 1.90 15.43 8.67
CA LYS A 26 2.65 14.25 9.10
C LYS A 26 1.74 13.05 9.29
N LYS A 27 0.61 13.04 8.59
CA LYS A 27 -0.32 11.92 8.69
C LYS A 27 -0.09 10.95 7.53
N ILE A 28 -0.76 9.81 7.55
CA ILE A 28 -0.61 8.83 6.49
C ILE A 28 -1.88 8.74 5.66
N PHE A 29 -1.72 8.91 4.34
CA PHE A 29 -2.85 8.86 3.43
C PHE A 29 -3.56 7.53 3.51
N ALA A 30 -4.78 7.54 4.05
CA ALA A 30 -5.58 6.33 4.17
C ALA A 30 -6.84 6.45 3.33
N ALA A 31 -7.11 5.44 2.52
CA ALA A 31 -8.28 5.45 1.65
C ALA A 31 -9.26 4.35 2.04
N SER A 32 -10.54 4.70 2.06
CA SER A 32 -11.59 3.74 2.41
C SER A 32 -11.97 2.91 1.19
N ARG A 33 -12.49 1.71 1.44
CA ARG A 33 -12.89 0.82 0.36
C ARG A 33 -14.13 1.33 -0.36
N LEU A 34 -14.30 0.87 -1.58
CA LEU A 34 -15.46 1.24 -2.37
C LEU A 34 -16.58 0.23 -2.18
N ASP A 35 -16.29 -0.85 -1.43
CA ASP A 35 -17.27 -1.89 -1.19
C ASP A 35 -17.37 -2.26 0.30
N ILE A 36 -16.37 -1.88 1.10
CA ILE A 36 -16.40 -2.20 2.51
C ILE A 36 -16.38 -0.93 3.36
N PRO A 37 -17.48 -0.63 4.06
CA PRO A 37 -17.55 0.57 4.90
C PRO A 37 -16.59 0.50 6.07
N ASP A 38 -15.83 1.57 6.26
CA ASP A 38 -14.86 1.65 7.35
C ASP A 38 -13.59 0.88 7.04
N ALA A 39 -13.55 0.31 5.84
CA ALA A 39 -12.38 -0.45 5.40
C ALA A 39 -11.37 0.47 4.73
N TRP A 40 -10.39 0.89 5.51
CA TRP A 40 -9.35 1.78 4.99
C TRP A 40 -8.06 1.03 4.75
N GLN A 41 -7.22 1.60 3.88
CA GLN A 41 -5.93 1.00 3.55
C GLN A 41 -5.07 1.98 2.76
N MET A 42 -3.83 1.60 2.51
CA MET A 42 -2.91 2.45 1.76
C MET A 42 -2.78 1.95 0.31
N PRO A 43 -2.38 2.84 -0.61
CA PRO A 43 -2.22 2.48 -2.02
C PRO A 43 -1.08 1.50 -2.26
N GLN A 44 -1.36 0.45 -3.03
CA GLN A 44 -0.36 -0.58 -3.33
C GLN A 44 -0.68 -1.27 -4.65
N GLY A 45 0.34 -1.86 -5.26
CA GLY A 45 0.14 -2.55 -6.52
C GLY A 45 1.23 -3.56 -6.82
N GLY A 46 0.99 -4.43 -7.79
CA GLY A 46 1.97 -5.45 -8.15
C GLY A 46 3.06 -4.89 -9.04
N ILE A 47 4.31 -5.16 -8.68
CA ILE A 47 5.45 -4.70 -9.46
C ILE A 47 5.38 -5.23 -10.89
N ASP A 48 6.09 -4.57 -11.79
CA ASP A 48 6.12 -4.99 -13.19
C ASP A 48 7.27 -5.98 -13.44
N GLU A 49 7.05 -6.89 -14.37
CA GLU A 49 8.06 -7.90 -14.72
C GLU A 49 9.42 -7.25 -14.94
N GLY A 50 10.24 -7.34 -13.91
CA GLY A 50 11.58 -6.76 -13.97
C GLY A 50 11.54 -5.26 -13.77
N GLU A 51 10.73 -4.82 -12.83
CA GLU A 51 10.58 -3.41 -12.53
C GLU A 51 11.17 -3.09 -11.16
N ASP A 52 11.71 -1.88 -11.05
CA ASP A 52 12.30 -1.42 -9.79
C ASP A 52 11.20 -1.09 -8.78
N PRO A 53 11.28 -1.63 -7.55
CA PRO A 53 10.29 -1.38 -6.51
C PRO A 53 10.04 0.11 -6.29
N ARG A 54 11.02 0.93 -6.63
CA ARG A 54 10.90 2.37 -6.47
C ARG A 54 10.20 3.01 -7.66
N ASN A 55 10.22 2.32 -8.79
CA ASN A 55 9.58 2.82 -10.00
C ASN A 55 8.15 2.33 -10.08
N ALA A 56 7.93 1.06 -9.78
CA ALA A 56 6.60 0.48 -9.81
C ALA A 56 5.71 1.17 -8.78
N ALA A 57 6.32 1.61 -7.68
CA ALA A 57 5.59 2.30 -6.63
C ALA A 57 5.19 3.69 -7.09
N ILE A 58 6.19 4.45 -7.56
CA ILE A 58 5.94 5.80 -8.04
C ILE A 58 4.91 5.78 -9.15
N ARG A 59 4.82 4.66 -9.85
CA ARG A 59 3.86 4.49 -10.93
C ARG A 59 2.54 4.02 -10.37
N GLU A 60 2.62 2.96 -9.60
CA GLU A 60 1.45 2.35 -8.96
C GLU A 60 0.68 3.36 -8.11
N LEU A 61 1.41 4.28 -7.49
CA LEU A 61 0.77 5.29 -6.64
C LEU A 61 -0.26 6.10 -7.42
N ARG A 62 0.18 6.75 -8.49
CA ARG A 62 -0.73 7.53 -9.32
C ARG A 62 -1.82 6.64 -9.91
N GLU A 63 -1.63 5.32 -9.80
CA GLU A 63 -2.60 4.38 -10.33
C GLU A 63 -3.64 3.98 -9.27
N GLU A 64 -3.16 3.73 -8.06
CA GLU A 64 -4.05 3.32 -6.96
C GLU A 64 -4.56 4.51 -6.15
N THR A 65 -3.80 5.61 -6.15
CA THR A 65 -4.19 6.79 -5.40
C THR A 65 -4.41 7.97 -6.33
N GLY A 66 -3.81 7.91 -7.52
CA GLY A 66 -3.95 8.98 -8.48
C GLY A 66 -3.14 10.21 -8.12
N VAL A 67 -2.34 10.11 -7.06
CA VAL A 67 -1.50 11.22 -6.62
C VAL A 67 -0.31 11.39 -7.56
N THR A 68 -0.16 12.59 -8.11
CA THR A 68 0.94 12.88 -9.02
C THR A 68 2.05 13.64 -8.31
N SER A 69 1.68 14.52 -7.39
CA SER A 69 2.65 15.30 -6.65
C SER A 69 3.07 14.58 -5.38
N ALA A 70 3.96 13.61 -5.53
CA ALA A 70 4.45 12.84 -4.40
C ALA A 70 5.89 12.37 -4.65
N GLU A 71 6.75 12.63 -3.67
CA GLU A 71 8.15 12.25 -3.77
C GLU A 71 8.49 11.27 -2.64
N VAL A 72 9.39 10.35 -2.90
CA VAL A 72 9.79 9.36 -1.91
C VAL A 72 10.71 9.95 -0.86
N ILE A 73 10.34 9.72 0.39
CA ILE A 73 11.13 10.20 1.53
C ILE A 73 11.82 9.03 2.22
N ALA A 74 11.31 7.82 1.96
CA ALA A 74 11.88 6.62 2.57
C ALA A 74 11.51 5.37 1.78
N GLU A 75 12.25 4.30 2.01
CA GLU A 75 12.01 3.03 1.35
C GLU A 75 12.40 1.89 2.26
N VAL A 76 11.44 1.04 2.60
CA VAL A 76 11.69 -0.09 3.49
C VAL A 76 12.79 -0.99 2.89
N PRO A 77 13.86 -1.25 3.67
CA PRO A 77 14.97 -2.08 3.21
C PRO A 77 14.56 -3.52 2.91
N TYR A 78 13.43 -3.95 3.45
CA TYR A 78 12.95 -5.31 3.23
C TYR A 78 11.56 -5.34 2.61
N TRP A 79 11.03 -6.54 2.45
CA TRP A 79 9.70 -6.72 1.89
C TRP A 79 8.74 -7.19 2.97
N LEU A 80 7.49 -6.77 2.86
CA LEU A 80 6.48 -7.16 3.82
C LEU A 80 5.46 -8.07 3.17
N THR A 81 5.37 -9.29 3.67
CA THR A 81 4.45 -10.27 3.13
C THR A 81 3.30 -10.52 4.09
N TYR A 82 2.09 -10.59 3.55
CA TYR A 82 0.90 -10.83 4.36
C TYR A 82 0.07 -11.95 3.77
N ASP A 83 -0.93 -12.40 4.51
CA ASP A 83 -1.79 -13.48 4.05
C ASP A 83 -3.26 -13.10 4.20
N PHE A 84 -4.12 -13.77 3.43
CA PHE A 84 -5.56 -13.49 3.48
C PHE A 84 -6.32 -14.71 3.97
N PRO A 85 -7.47 -14.50 4.62
CA PRO A 85 -8.30 -15.59 5.15
C PRO A 85 -8.84 -16.50 4.05
N PRO A 86 -9.46 -17.62 4.42
CA PRO A 86 -10.02 -18.58 3.47
C PRO A 86 -11.16 -18.01 2.63
N LYS A 87 -11.74 -16.91 3.09
CA LYS A 87 -12.84 -16.27 2.38
C LYS A 87 -12.30 -15.22 1.43
N VAL A 88 -11.22 -14.57 1.84
CA VAL A 88 -10.59 -13.55 1.02
C VAL A 88 -9.66 -14.20 0.00
N ARG A 89 -8.82 -15.12 0.46
CA ARG A 89 -7.90 -15.82 -0.41
C ARG A 89 -8.68 -16.54 -1.50
N GLU A 90 -9.74 -17.21 -1.07
CA GLU A 90 -10.60 -17.96 -1.98
C GLU A 90 -11.37 -17.00 -2.89
N LYS A 91 -11.60 -15.79 -2.38
CA LYS A 91 -12.32 -14.77 -3.13
C LYS A 91 -11.40 -14.14 -4.19
N LEU A 92 -10.21 -13.77 -3.77
CA LEU A 92 -9.23 -13.17 -4.69
C LEU A 92 -8.96 -14.10 -5.86
N ASN A 93 -8.72 -15.37 -5.54
CA ASN A 93 -8.44 -16.37 -6.57
C ASN A 93 -9.44 -16.25 -7.72
N ILE A 94 -10.66 -15.83 -7.40
CA ILE A 94 -11.69 -15.66 -8.41
C ILE A 94 -11.79 -14.21 -8.86
N GLN A 95 -11.84 -13.29 -7.90
CA GLN A 95 -11.94 -11.87 -8.22
C GLN A 95 -10.67 -11.37 -8.89
N TRP A 96 -9.54 -11.56 -8.20
CA TRP A 96 -8.25 -11.14 -8.72
C TRP A 96 -7.73 -12.12 -9.76
N GLY A 97 -8.05 -13.40 -9.57
CA GLY A 97 -7.59 -14.41 -10.51
C GLY A 97 -6.14 -14.80 -10.29
N SER A 98 -5.72 -14.81 -9.03
CA SER A 98 -4.36 -15.18 -8.69
C SER A 98 -4.34 -16.34 -7.71
N ASP A 99 -3.30 -17.17 -7.82
CA ASP A 99 -3.16 -18.33 -6.94
C ASP A 99 -2.00 -18.13 -5.97
N TRP A 100 -1.86 -16.92 -5.46
CA TRP A 100 -0.80 -16.60 -4.52
C TRP A 100 -1.31 -16.68 -3.09
N LYS A 101 -0.44 -17.08 -2.17
CA LYS A 101 -0.81 -17.19 -0.76
C LYS A 101 -0.97 -15.83 -0.13
N GLY A 102 -0.22 -14.86 -0.64
CA GLY A 102 -0.28 -13.50 -0.13
C GLY A 102 0.33 -12.50 -1.06
N GLN A 103 1.06 -11.54 -0.51
CA GLN A 103 1.69 -10.50 -1.32
C GLN A 103 2.88 -9.88 -0.59
N ALA A 104 4.07 -10.08 -1.15
CA ALA A 104 5.29 -9.51 -0.57
C ALA A 104 5.63 -8.21 -1.26
N GLN A 105 5.52 -7.08 -0.56
CA GLN A 105 5.80 -5.79 -1.16
C GLN A 105 6.80 -4.96 -0.38
N LYS A 106 7.40 -3.99 -1.07
CA LYS A 106 8.37 -3.08 -0.47
C LYS A 106 7.79 -1.66 -0.42
N TRP A 107 7.22 -1.32 0.72
CA TRP A 107 6.59 0.00 0.88
C TRP A 107 7.59 1.14 0.78
N PHE A 108 7.17 2.23 0.16
CA PHE A 108 8.01 3.40 -0.01
C PHE A 108 7.30 4.63 0.55
N LEU A 109 8.02 5.43 1.33
CA LEU A 109 7.44 6.63 1.91
C LEU A 109 7.40 7.75 0.88
N PHE A 110 6.25 8.41 0.76
CA PHE A 110 6.10 9.50 -0.18
C PHE A 110 5.56 10.75 0.50
N LYS A 111 6.21 11.87 0.28
CA LYS A 111 5.76 13.13 0.85
C LYS A 111 4.89 13.85 -0.17
N PHE A 112 3.64 14.12 0.21
CA PHE A 112 2.71 14.80 -0.69
C PHE A 112 3.20 16.20 -1.03
N THR A 113 3.28 16.49 -2.31
CA THR A 113 3.72 17.80 -2.78
C THR A 113 2.75 18.36 -3.80
N GLY A 114 1.46 18.14 -3.56
CA GLY A 114 0.43 18.63 -4.46
C GLY A 114 -0.76 19.17 -3.70
N GLN A 115 -1.95 18.98 -4.27
CA GLN A 115 -3.18 19.44 -3.65
C GLN A 115 -4.17 18.30 -3.56
N ASP A 116 -5.08 18.39 -2.60
CA ASP A 116 -6.11 17.37 -2.41
C ASP A 116 -6.84 17.05 -3.71
N GLN A 117 -6.70 17.93 -4.70
CA GLN A 117 -7.34 17.73 -6.00
C GLN A 117 -6.58 16.74 -6.86
N GLU A 118 -5.31 16.53 -6.53
CA GLU A 118 -4.47 15.60 -7.27
C GLU A 118 -4.74 14.16 -6.85
N ILE A 119 -5.24 14.00 -5.63
CA ILE A 119 -5.53 12.67 -5.10
C ILE A 119 -6.75 12.07 -5.78
N ASN A 120 -6.50 11.13 -6.69
CA ASN A 120 -7.56 10.46 -7.42
C ASN A 120 -7.54 8.97 -7.10
N LEU A 121 -8.36 8.57 -6.14
CA LEU A 121 -8.44 7.17 -5.73
C LEU A 121 -8.75 6.26 -6.91
N LEU A 122 -9.38 6.80 -7.94
CA LEU A 122 -9.72 6.02 -9.12
C LEU A 122 -8.45 5.50 -9.78
N GLY A 123 -7.58 6.44 -10.12
CA GLY A 123 -6.33 6.09 -10.75
C GLY A 123 -5.88 7.17 -11.72
N ASP A 124 -4.73 6.96 -12.33
CA ASP A 124 -4.20 7.92 -13.29
C ASP A 124 -4.68 7.56 -14.69
N GLY A 125 -5.94 7.13 -14.77
CA GLY A 125 -6.52 6.75 -16.04
C GLY A 125 -5.96 5.44 -16.55
N SER A 126 -5.52 4.59 -15.62
CA SER A 126 -4.95 3.29 -15.96
C SER A 126 -5.75 2.15 -15.32
N GLU A 127 -5.64 2.03 -14.01
CA GLU A 127 -6.33 0.97 -13.28
C GLU A 127 -7.76 1.40 -12.94
N LYS A 128 -8.58 0.42 -12.55
CA LYS A 128 -9.97 0.69 -12.19
C LYS A 128 -10.08 1.12 -10.73
N PRO A 129 -11.14 1.88 -10.39
CA PRO A 129 -11.36 2.37 -9.03
C PRO A 129 -11.16 1.29 -7.97
N GLU A 130 -10.94 1.72 -6.74
CA GLU A 130 -10.73 0.80 -5.63
C GLU A 130 -11.23 1.42 -4.32
N PHE A 131 -10.88 2.68 -4.10
CA PHE A 131 -11.28 3.40 -2.90
C PHE A 131 -12.34 4.44 -3.25
N GLY A 132 -13.10 4.88 -2.25
CA GLY A 132 -14.13 5.86 -2.49
C GLY A 132 -13.87 7.16 -1.75
N GLU A 133 -13.01 7.08 -0.74
CA GLU A 133 -12.67 8.24 0.06
C GLU A 133 -11.27 8.09 0.64
N TRP A 134 -10.81 9.13 1.31
CA TRP A 134 -9.49 9.13 1.92
C TRP A 134 -9.42 10.11 3.08
N SER A 135 -8.58 9.80 4.05
CA SER A 135 -8.42 10.67 5.22
C SER A 135 -6.98 10.60 5.75
N TRP A 136 -6.65 11.55 6.61
CA TRP A 136 -5.31 11.62 7.21
C TRP A 136 -5.31 11.03 8.61
N VAL A 137 -4.43 10.06 8.84
CA VAL A 137 -4.34 9.41 10.14
C VAL A 137 -2.90 9.20 10.55
N THR A 138 -2.67 9.20 11.86
CA THR A 138 -1.33 8.99 12.40
C THR A 138 -0.93 7.54 12.20
N PRO A 139 0.38 7.25 12.21
CA PRO A 139 0.87 5.88 12.03
C PRO A 139 0.24 4.91 13.02
N GLU A 140 -0.29 5.46 14.10
CA GLU A 140 -0.95 4.65 15.12
C GLU A 140 -2.43 4.51 14.81
N GLN A 141 -3.02 5.57 14.23
CA GLN A 141 -4.42 5.54 13.87
C GLN A 141 -4.63 4.63 12.67
N LEU A 142 -3.83 4.84 11.63
CA LEU A 142 -3.92 4.02 10.43
C LEU A 142 -3.81 2.56 10.79
N ILE A 143 -3.08 2.30 11.87
CA ILE A 143 -2.88 0.95 12.37
C ILE A 143 -4.19 0.43 12.95
N ASP A 144 -5.02 1.34 13.43
CA ASP A 144 -6.31 0.99 13.99
C ASP A 144 -7.33 0.76 12.87
N LEU A 145 -7.03 1.33 11.70
CA LEU A 145 -7.90 1.18 10.55
C LEU A 145 -7.60 -0.11 9.82
N THR A 146 -6.31 -0.42 9.74
CA THR A 146 -5.84 -1.63 9.07
C THR A 146 -6.46 -2.88 9.69
N VAL A 147 -6.37 -4.00 8.98
CA VAL A 147 -6.92 -5.26 9.47
C VAL A 147 -5.86 -6.06 10.22
N GLU A 148 -6.32 -7.03 11.02
CA GLU A 148 -5.42 -7.87 11.81
C GLU A 148 -4.43 -8.65 10.94
N PHE A 149 -4.80 -8.93 9.70
CA PHE A 149 -3.94 -9.70 8.81
C PHE A 149 -3.02 -8.80 7.98
N LYS A 150 -2.95 -7.51 8.34
CA LYS A 150 -2.11 -6.58 7.62
C LYS A 150 -1.59 -5.47 8.55
N LYS A 151 -1.76 -5.66 9.85
CA LYS A 151 -1.31 -4.67 10.84
C LYS A 151 0.21 -4.54 10.82
N PRO A 152 0.94 -5.62 11.15
CA PRO A 152 2.41 -5.60 11.17
C PRO A 152 2.99 -5.14 9.84
N VAL A 153 2.40 -5.62 8.74
CA VAL A 153 2.86 -5.26 7.41
C VAL A 153 2.85 -3.75 7.21
N TYR A 154 1.96 -3.08 7.94
CA TYR A 154 1.84 -1.64 7.86
C TYR A 154 2.73 -0.97 8.92
N LYS A 155 2.56 -1.41 10.17
CA LYS A 155 3.34 -0.86 11.27
C LYS A 155 4.82 -0.86 10.94
N GLU A 156 5.24 -1.87 10.17
CA GLU A 156 6.63 -1.98 9.76
C GLU A 156 6.97 -0.84 8.83
N VAL A 157 6.09 -0.57 7.88
CA VAL A 157 6.28 0.52 6.94
C VAL A 157 6.43 1.84 7.67
N LEU A 158 5.54 2.06 8.63
CA LEU A 158 5.57 3.27 9.43
C LEU A 158 6.84 3.30 10.26
N SER A 159 7.13 2.19 10.93
CA SER A 159 8.32 2.08 11.76
C SER A 159 9.57 2.49 10.97
N VAL A 160 9.70 1.99 9.75
CA VAL A 160 10.83 2.33 8.90
C VAL A 160 10.78 3.79 8.51
N PHE A 161 9.59 4.37 8.55
CA PHE A 161 9.37 5.75 8.18
C PHE A 161 9.21 6.67 9.40
N ALA A 162 9.24 6.08 10.59
CA ALA A 162 9.11 6.84 11.82
C ALA A 162 10.04 8.05 11.87
N PRO A 163 11.32 7.89 11.47
CA PRO A 163 12.29 8.98 11.49
C PRO A 163 12.02 10.04 10.43
N HIS A 164 11.28 9.66 9.39
CA HIS A 164 10.97 10.59 8.32
C HIS A 164 9.67 11.32 8.62
N LEU A 165 8.68 10.59 9.14
CA LEU A 165 7.39 11.18 9.47
C LEU A 165 6.71 10.42 10.61
PG ATP B . -3.70 -3.04 0.31
O1G ATP B . -2.46 -3.04 1.13
O2G ATP B . -3.42 -4.13 -0.64
O3G ATP B . -4.09 -1.82 -0.46
PB ATP B . -6.03 -4.27 0.94
O1B ATP B . -6.56 -3.95 -0.40
O2B ATP B . -6.91 -4.19 2.14
O3B ATP B . -4.87 -3.38 1.16
PA ATP B . -5.80 -6.72 -0.28
O1A ATP B . -4.91 -7.91 -0.23
O2A ATP B . -5.96 -6.00 -1.57
O3A ATP B . -5.64 -5.71 0.79
O5' ATP B . -7.21 -7.28 0.18
C5' ATP B . -8.07 -7.96 -0.72
C4' ATP B . -9.33 -8.41 -0.02
O4' ATP B . -9.04 -8.61 1.39
C3' ATP B . -10.47 -7.40 -0.03
O3' ATP B . -11.23 -7.48 -1.23
C2' ATP B . -11.27 -7.82 1.19
O2' ATP B . -12.03 -8.99 0.93
C1' ATP B . -10.14 -8.17 2.16
N9 ATP B . -9.71 -7.06 3.00
C8 ATP B . -8.74 -6.12 2.73
N7 ATP B . -8.58 -5.24 3.68
C5 ATP B . -9.52 -5.60 4.64
C6 ATP B . -9.85 -5.07 5.90
N6 ATP B . -9.27 -3.99 6.42
N1 ATP B . -10.83 -5.69 6.60
C2 ATP B . -11.42 -6.76 6.08
N3 ATP B . -11.20 -7.36 4.91
C4 ATP B . -10.22 -6.72 4.23
H5'1 ATP B . -7.55 -8.84 -1.13
H5'2 ATP B . -8.33 -7.30 -1.54
H4' ATP B . -9.69 -9.30 -0.53
H3' ATP B . -10.11 -6.38 0.04
HO3' ATP B . -12.07 -7.04 -1.07
H2' ATP B . -11.88 -6.99 1.55
HO2' ATP B . -11.98 -9.16 0.00
H1' ATP B . -10.42 -9.00 2.81
H8 ATP B . -8.16 -6.12 1.82
HN61 ATP B . -8.54 -3.51 5.91
HN62 ATP B . -9.56 -3.65 7.33
H2 ATP B . -12.20 -7.21 6.68
N GLY A 1 8.28 -2.70 18.68
CA GLY A 1 8.12 -4.06 18.10
C GLY A 1 8.69 -4.16 16.70
N PRO A 2 10.02 -4.05 16.55
CA PRO A 2 10.68 -4.14 15.24
C PRO A 2 10.64 -5.54 14.66
N LEU A 3 11.21 -5.71 13.47
CA LEU A 3 11.23 -7.01 12.81
C LEU A 3 9.81 -7.50 12.53
N GLY A 4 9.68 -8.36 11.53
CA GLY A 4 8.38 -8.91 11.18
C GLY A 4 8.10 -8.83 9.70
N SER A 5 9.08 -9.22 8.89
CA SER A 5 8.94 -9.20 7.44
C SER A 5 9.38 -10.53 6.85
N MET A 6 9.78 -10.50 5.60
CA MET A 6 10.23 -11.70 4.90
C MET A 6 11.63 -11.53 4.34
N ASP A 7 11.89 -10.37 3.74
CA ASP A 7 13.19 -10.06 3.17
C ASP A 7 13.43 -10.86 1.89
N SER A 8 12.33 -11.27 1.23
CA SER A 8 12.42 -12.03 -0.01
C SER A 8 11.04 -12.56 -0.40
N PRO A 9 10.61 -12.32 -1.65
CA PRO A 9 9.31 -12.79 -2.13
C PRO A 9 9.22 -14.32 -2.18
N PRO A 10 8.42 -14.92 -1.28
CA PRO A 10 8.26 -16.37 -1.23
C PRO A 10 7.44 -16.90 -2.38
N GLU A 11 7.12 -18.18 -2.32
CA GLU A 11 6.33 -18.83 -3.37
C GLU A 11 4.84 -18.74 -3.06
N GLY A 12 4.03 -18.66 -4.10
CA GLY A 12 2.59 -18.58 -3.91
C GLY A 12 2.08 -17.16 -3.95
N TYR A 13 2.94 -16.21 -3.56
CA TYR A 13 2.56 -14.81 -3.56
C TYR A 13 2.96 -14.12 -4.86
N ARG A 14 2.10 -13.25 -5.36
CA ARG A 14 2.36 -12.52 -6.61
C ARG A 14 3.16 -11.25 -6.35
N ARG A 15 3.92 -10.82 -7.35
CA ARG A 15 4.73 -9.61 -7.24
C ARG A 15 3.87 -8.38 -7.01
N ASN A 16 4.21 -7.61 -5.98
CA ASN A 16 3.47 -6.39 -5.65
C ASN A 16 4.37 -5.38 -4.94
N VAL A 17 3.97 -4.13 -4.97
CA VAL A 17 4.74 -3.07 -4.32
C VAL A 17 3.84 -2.14 -3.52
N GLY A 18 4.31 -1.73 -2.34
CA GLY A 18 3.54 -0.84 -1.49
C GLY A 18 4.11 0.57 -1.47
N ILE A 19 3.24 1.56 -1.30
CA ILE A 19 3.67 2.94 -1.26
C ILE A 19 3.14 3.67 -0.02
N CYS A 20 4.03 3.88 0.95
CA CYS A 20 3.66 4.58 2.17
C CYS A 20 3.88 6.07 1.99
N LEU A 21 2.80 6.83 1.85
CA LEU A 21 2.90 8.28 1.64
C LEU A 21 2.57 9.03 2.91
N MET A 22 3.25 10.15 3.11
CA MET A 22 3.04 10.99 4.28
C MET A 22 2.86 12.45 3.87
N ASN A 23 2.21 13.22 4.73
CA ASN A 23 1.97 14.63 4.45
C ASN A 23 2.81 15.54 5.35
N ASN A 24 2.82 16.83 5.03
CA ASN A 24 3.59 17.83 5.79
C ASN A 24 3.33 17.75 7.29
N ASP A 25 2.22 17.13 7.68
CA ASP A 25 1.86 17.01 9.09
C ASP A 25 2.46 15.75 9.70
N LYS A 26 3.22 15.01 8.88
CA LYS A 26 3.86 13.78 9.33
C LYS A 26 2.86 12.64 9.50
N LYS A 27 1.76 12.70 8.76
CA LYS A 27 0.75 11.65 8.84
C LYS A 27 0.93 10.69 7.68
N ILE A 28 0.15 9.61 7.66
CA ILE A 28 0.24 8.62 6.59
C ILE A 28 -1.00 8.66 5.71
N PHE A 29 -0.79 8.81 4.41
CA PHE A 29 -1.88 8.87 3.45
C PHE A 29 -2.73 7.61 3.52
N ALA A 30 -3.95 7.76 4.03
CA ALA A 30 -4.88 6.64 4.14
C ALA A 30 -6.11 6.89 3.29
N ALA A 31 -6.47 5.91 2.46
CA ALA A 31 -7.62 6.03 1.59
C ALA A 31 -8.67 4.97 1.92
N SER A 32 -9.93 5.39 1.94
CA SER A 32 -11.03 4.48 2.24
C SER A 32 -11.43 3.68 1.00
N ARG A 33 -12.04 2.51 1.22
CA ARG A 33 -12.45 1.65 0.13
C ARG A 33 -13.63 2.23 -0.62
N LEU A 34 -13.82 1.75 -1.84
CA LEU A 34 -14.93 2.18 -2.67
C LEU A 34 -16.10 1.22 -2.51
N ASP A 35 -15.88 0.14 -1.74
CA ASP A 35 -16.92 -0.85 -1.53
C ASP A 35 -17.12 -1.15 -0.04
N ILE A 36 -16.14 -0.82 0.80
CA ILE A 36 -16.25 -1.08 2.23
C ILE A 36 -16.16 0.22 3.02
N PRO A 37 -17.25 0.64 3.67
CA PRO A 37 -17.27 1.87 4.46
C PRO A 37 -16.35 1.76 5.67
N ASP A 38 -15.52 2.79 5.86
CA ASP A 38 -14.58 2.83 6.97
C ASP A 38 -13.37 1.94 6.73
N ALA A 39 -13.33 1.33 5.56
CA ALA A 39 -12.21 0.47 5.20
C ALA A 39 -11.10 1.28 4.57
N TRP A 40 -10.11 1.64 5.37
CA TRP A 40 -8.99 2.42 4.89
C TRP A 40 -7.76 1.55 4.67
N GLN A 41 -6.87 2.02 3.82
CA GLN A 41 -5.63 1.30 3.51
C GLN A 41 -4.67 2.18 2.73
N MET A 42 -3.44 1.71 2.59
CA MET A 42 -2.42 2.46 1.85
C MET A 42 -2.38 2.03 0.39
N PRO A 43 -1.89 2.90 -0.50
CA PRO A 43 -1.80 2.61 -1.93
C PRO A 43 -0.78 1.52 -2.26
N GLN A 44 -1.24 0.47 -2.94
CA GLN A 44 -0.38 -0.64 -3.32
C GLN A 44 -0.94 -1.34 -4.55
N GLY A 45 -0.07 -2.06 -5.26
CA GLY A 45 -0.51 -2.75 -6.45
C GLY A 45 0.52 -3.74 -6.97
N GLY A 46 0.05 -4.77 -7.67
CA GLY A 46 0.94 -5.78 -8.21
C GLY A 46 1.95 -5.18 -9.17
N ILE A 47 3.20 -5.62 -9.06
CA ILE A 47 4.26 -5.12 -9.94
C ILE A 47 3.98 -5.54 -11.38
N ASP A 48 4.63 -4.86 -12.32
CA ASP A 48 4.46 -5.17 -13.74
C ASP A 48 5.46 -6.21 -14.19
N GLU A 49 5.05 -7.03 -15.16
CA GLU A 49 5.91 -8.08 -15.70
C GLU A 49 7.25 -7.51 -16.13
N GLY A 50 8.24 -7.67 -15.27
CA GLY A 50 9.57 -7.17 -15.55
C GLY A 50 9.74 -5.73 -15.11
N GLU A 51 9.11 -5.39 -14.00
CA GLU A 51 9.19 -4.05 -13.45
C GLU A 51 9.87 -4.05 -12.10
N ASP A 52 10.67 -3.02 -11.85
CA ASP A 52 11.38 -2.88 -10.59
C ASP A 52 10.42 -2.51 -9.46
N PRO A 53 10.64 -3.05 -8.25
CA PRO A 53 9.78 -2.77 -7.09
C PRO A 53 9.64 -1.28 -6.82
N ARG A 54 10.75 -0.57 -6.79
CA ARG A 54 10.74 0.87 -6.53
C ARG A 54 10.05 1.63 -7.66
N ASN A 55 10.05 1.04 -8.86
CA ASN A 55 9.41 1.67 -10.01
C ASN A 55 7.92 1.35 -10.04
N ALA A 56 7.60 0.07 -9.85
CA ALA A 56 6.20 -0.36 -9.85
C ALA A 56 5.42 0.38 -8.78
N ALA A 57 6.09 0.73 -7.69
CA ALA A 57 5.46 1.45 -6.59
C ALA A 57 5.23 2.91 -6.99
N ILE A 58 6.30 3.56 -7.44
CA ILE A 58 6.21 4.95 -7.87
C ILE A 58 5.14 5.09 -8.96
N ARG A 59 4.97 4.02 -9.74
CA ARG A 59 3.98 4.00 -10.80
C ARG A 59 2.62 3.68 -10.23
N GLU A 60 2.59 2.58 -9.49
CA GLU A 60 1.36 2.10 -8.86
C GLU A 60 0.69 3.19 -8.02
N LEU A 61 1.50 3.99 -7.33
CA LEU A 61 0.99 5.06 -6.50
C LEU A 61 0.10 6.00 -7.29
N ARG A 62 0.65 6.57 -8.36
CA ARG A 62 -0.12 7.47 -9.21
C ARG A 62 -1.31 6.74 -9.83
N GLU A 63 -1.30 5.40 -9.73
CA GLU A 63 -2.38 4.59 -10.28
C GLU A 63 -3.48 4.34 -9.24
N GLU A 64 -3.07 4.04 -8.01
CA GLU A 64 -4.01 3.76 -6.94
C GLU A 64 -4.39 5.00 -6.15
N THR A 65 -3.51 6.00 -6.16
CA THR A 65 -3.77 7.24 -5.42
C THR A 65 -3.86 8.43 -6.37
N GLY A 66 -3.27 8.27 -7.55
CA GLY A 66 -3.29 9.34 -8.52
C GLY A 66 -2.35 10.48 -8.16
N VAL A 67 -1.57 10.30 -7.10
CA VAL A 67 -0.62 11.31 -6.67
C VAL A 67 0.59 11.36 -7.58
N THR A 68 0.92 12.54 -8.09
CA THR A 68 2.05 12.70 -8.99
C THR A 68 3.24 13.33 -8.26
N SER A 69 2.95 14.22 -7.32
CA SER A 69 3.99 14.89 -6.56
C SER A 69 4.32 14.11 -5.29
N ALA A 70 5.15 13.09 -5.45
CA ALA A 70 5.57 12.25 -4.33
C ALA A 70 6.97 11.71 -4.56
N GLU A 71 7.82 11.85 -3.55
CA GLU A 71 9.20 11.36 -3.63
C GLU A 71 9.44 10.34 -2.54
N VAL A 72 10.30 9.38 -2.82
CA VAL A 72 10.61 8.33 -1.86
C VAL A 72 11.59 8.83 -0.80
N ILE A 73 11.17 8.73 0.46
CA ILE A 73 11.99 9.14 1.58
C ILE A 73 12.58 7.93 2.27
N ALA A 74 11.96 6.76 2.06
CA ALA A 74 12.44 5.53 2.66
C ALA A 74 12.00 4.32 1.84
N GLU A 75 12.66 3.20 2.07
CA GLU A 75 12.34 1.97 1.37
C GLU A 75 12.61 0.77 2.28
N VAL A 76 11.55 0.04 2.60
CA VAL A 76 11.68 -1.12 3.46
C VAL A 76 12.67 -2.12 2.84
N PRO A 77 13.66 -2.57 3.63
CA PRO A 77 14.69 -3.50 3.16
C PRO A 77 14.19 -4.93 2.96
N TYR A 78 12.98 -5.23 3.42
CA TYR A 78 12.44 -6.57 3.28
C TYR A 78 11.02 -6.57 2.72
N TRP A 79 10.59 -7.71 2.20
CA TRP A 79 9.25 -7.83 1.64
C TRP A 79 8.26 -8.24 2.70
N LEU A 80 7.03 -7.75 2.56
CA LEU A 80 5.98 -8.09 3.49
C LEU A 80 4.89 -8.86 2.77
N THR A 81 4.67 -10.10 3.20
CA THR A 81 3.68 -10.96 2.58
C THR A 81 2.55 -11.27 3.56
N TYR A 82 1.32 -11.09 3.11
CA TYR A 82 0.16 -11.36 3.95
C TYR A 82 -0.87 -12.17 3.19
N ASP A 83 -1.83 -12.72 3.92
CA ASP A 83 -2.88 -13.54 3.31
C ASP A 83 -4.26 -13.01 3.67
N PHE A 84 -5.24 -13.36 2.86
CA PHE A 84 -6.63 -12.94 3.09
C PHE A 84 -7.45 -14.08 3.67
N PRO A 85 -8.53 -13.76 4.38
CA PRO A 85 -9.40 -14.77 4.99
C PRO A 85 -10.06 -15.67 3.94
N PRO A 86 -10.75 -16.73 4.40
CA PRO A 86 -11.42 -17.68 3.50
C PRO A 86 -12.55 -17.05 2.69
N LYS A 87 -13.02 -15.89 3.13
CA LYS A 87 -14.10 -15.20 2.45
C LYS A 87 -13.53 -14.21 1.43
N VAL A 88 -12.39 -13.65 1.77
CA VAL A 88 -11.72 -12.70 0.90
C VAL A 88 -10.89 -13.44 -0.15
N ARG A 89 -10.09 -14.41 0.31
CA ARG A 89 -9.27 -15.20 -0.58
C ARG A 89 -10.15 -15.90 -1.60
N GLU A 90 -11.21 -16.49 -1.10
CA GLU A 90 -12.17 -17.20 -1.94
C GLU A 90 -12.91 -16.22 -2.85
N LYS A 91 -13.03 -14.98 -2.39
CA LYS A 91 -13.70 -13.94 -3.15
C LYS A 91 -12.79 -13.40 -4.25
N LEU A 92 -11.54 -13.11 -3.89
CA LEU A 92 -10.58 -12.61 -4.85
C LEU A 92 -10.41 -13.58 -6.01
N ASN A 93 -10.25 -14.86 -5.68
CA ASN A 93 -10.09 -15.89 -6.69
C ASN A 93 -11.11 -15.72 -7.80
N ILE A 94 -12.29 -15.23 -7.44
CA ILE A 94 -13.36 -15.01 -8.42
C ILE A 94 -13.38 -13.55 -8.89
N GLN A 95 -13.32 -12.62 -7.94
CA GLN A 95 -13.34 -11.20 -8.27
C GLN A 95 -12.05 -10.79 -8.97
N TRP A 96 -10.92 -11.05 -8.31
CA TRP A 96 -9.62 -10.70 -8.85
C TRP A 96 -9.19 -11.72 -9.91
N GLY A 97 -9.61 -12.97 -9.73
CA GLY A 97 -9.26 -14.01 -10.68
C GLY A 97 -7.82 -14.48 -10.51
N SER A 98 -7.37 -14.55 -9.26
CA SER A 98 -6.01 -14.98 -8.97
C SER A 98 -6.03 -16.16 -8.00
N ASP A 99 -5.06 -17.05 -8.15
CA ASP A 99 -4.95 -18.22 -7.30
C ASP A 99 -3.74 -18.12 -6.37
N TRP A 100 -3.48 -16.92 -5.87
CA TRP A 100 -2.35 -16.68 -4.98
C TRP A 100 -2.83 -16.55 -3.54
N LYS A 101 -1.98 -16.94 -2.60
CA LYS A 101 -2.31 -16.85 -1.19
C LYS A 101 -2.22 -15.41 -0.71
N GLY A 102 -1.34 -14.65 -1.35
CA GLY A 102 -1.16 -13.26 -0.99
C GLY A 102 -0.25 -12.54 -1.97
N GLN A 103 0.56 -11.63 -1.47
CA GLN A 103 1.48 -10.88 -2.31
C GLN A 103 2.63 -10.30 -1.49
N ALA A 104 3.86 -10.61 -1.89
CA ALA A 104 5.04 -10.10 -1.19
C ALA A 104 5.41 -8.74 -1.77
N GLN A 105 5.14 -7.69 -1.00
CA GLN A 105 5.41 -6.33 -1.46
C GLN A 105 6.47 -5.63 -0.63
N LYS A 106 7.21 -4.74 -1.29
CA LYS A 106 8.25 -3.95 -0.64
C LYS A 106 7.81 -2.49 -0.56
N TRP A 107 7.27 -2.12 0.59
CA TRP A 107 6.75 -0.77 0.80
C TRP A 107 7.86 0.29 0.71
N PHE A 108 7.47 1.45 0.19
CA PHE A 108 8.39 2.58 0.04
C PHE A 108 7.76 3.84 0.61
N LEU A 109 8.51 4.59 1.39
CA LEU A 109 8.00 5.82 1.97
C LEU A 109 8.05 6.95 0.96
N PHE A 110 6.93 7.66 0.81
CA PHE A 110 6.86 8.76 -0.14
C PHE A 110 6.40 10.05 0.53
N LYS A 111 7.17 11.11 0.34
CA LYS A 111 6.82 12.42 0.91
C LYS A 111 6.02 13.21 -0.13
N PHE A 112 4.80 13.59 0.24
CA PHE A 112 3.94 14.34 -0.66
C PHE A 112 4.56 15.69 -1.00
N THR A 113 4.70 15.96 -2.28
CA THR A 113 5.28 17.23 -2.73
C THR A 113 4.35 17.92 -3.73
N GLY A 114 3.06 17.82 -3.47
CA GLY A 114 2.07 18.45 -4.35
C GLY A 114 0.96 19.10 -3.56
N GLN A 115 -0.25 19.06 -4.11
CA GLN A 115 -1.40 19.64 -3.47
C GLN A 115 -2.53 18.63 -3.41
N ASP A 116 -3.42 18.79 -2.44
CA ASP A 116 -4.56 17.90 -2.27
C ASP A 116 -5.30 17.70 -3.58
N GLN A 117 -5.06 18.57 -4.55
CA GLN A 117 -5.72 18.47 -5.85
C GLN A 117 -5.10 17.39 -6.71
N GLU A 118 -3.85 17.04 -6.41
CA GLU A 118 -3.13 16.01 -7.14
C GLU A 118 -3.60 14.62 -6.73
N ILE A 119 -4.11 14.52 -5.51
CA ILE A 119 -4.59 13.26 -4.98
C ILE A 119 -5.83 12.79 -5.71
N ASN A 120 -5.67 11.83 -6.60
CA ASN A 120 -6.78 11.27 -7.36
C ASN A 120 -6.90 9.78 -7.10
N LEU A 121 -7.78 9.42 -6.17
CA LEU A 121 -7.98 8.03 -5.81
C LEU A 121 -8.42 7.20 -7.02
N LEU A 122 -8.94 7.87 -8.05
CA LEU A 122 -9.37 7.19 -9.25
C LEU A 122 -8.19 6.47 -9.89
N GLY A 123 -7.16 7.24 -10.18
CA GLY A 123 -5.97 6.71 -10.79
C GLY A 123 -5.37 7.67 -11.79
N ASP A 124 -4.26 7.28 -12.38
CA ASP A 124 -3.60 8.12 -13.38
C ASP A 124 -4.14 7.78 -14.76
N GLY A 125 -5.44 7.52 -14.82
CA GLY A 125 -6.07 7.18 -16.08
C GLY A 125 -5.56 5.86 -16.64
N SER A 126 -5.17 4.97 -15.74
CA SER A 126 -4.65 3.67 -16.13
C SER A 126 -5.65 2.55 -15.79
N GLU A 127 -5.90 2.36 -14.50
CA GLU A 127 -6.82 1.33 -14.04
C GLU A 127 -8.03 1.93 -13.35
N LYS A 128 -9.06 1.11 -13.18
CA LYS A 128 -10.30 1.55 -12.53
C LYS A 128 -10.03 2.01 -11.10
N PRO A 129 -10.87 2.93 -10.59
CA PRO A 129 -10.73 3.46 -9.22
C PRO A 129 -10.55 2.35 -8.18
N GLU A 130 -10.35 2.76 -6.94
CA GLU A 130 -10.16 1.82 -5.83
C GLU A 130 -10.66 2.41 -4.52
N PHE A 131 -10.31 3.67 -4.29
CA PHE A 131 -10.72 4.37 -3.07
C PHE A 131 -11.72 5.47 -3.40
N GLY A 132 -12.49 5.89 -2.39
CA GLY A 132 -13.46 6.95 -2.61
C GLY A 132 -13.14 8.18 -1.80
N GLU A 133 -12.30 8.00 -0.79
CA GLU A 133 -11.89 9.10 0.08
C GLU A 133 -10.50 8.83 0.65
N TRP A 134 -9.99 9.81 1.38
CA TRP A 134 -8.68 9.68 1.99
C TRP A 134 -8.52 10.65 3.15
N SER A 135 -7.69 10.27 4.10
CA SER A 135 -7.43 11.11 5.27
C SER A 135 -6.02 10.88 5.82
N TRP A 136 -5.58 11.82 6.65
CA TRP A 136 -4.24 11.74 7.25
C TRP A 136 -4.32 11.13 8.64
N VAL A 137 -3.57 10.05 8.85
CA VAL A 137 -3.55 9.37 10.14
C VAL A 137 -2.14 9.08 10.60
N THR A 138 -1.96 9.03 11.91
CA THR A 138 -0.66 8.73 12.49
C THR A 138 -0.31 7.27 12.24
N PRO A 139 0.98 6.92 12.28
CA PRO A 139 1.41 5.54 12.06
C PRO A 139 0.71 4.56 12.98
N GLU A 140 0.15 5.08 14.06
CA GLU A 140 -0.58 4.27 15.03
C GLU A 140 -2.06 4.23 14.68
N GLN A 141 -2.56 5.35 14.15
CA GLN A 141 -3.97 5.43 13.77
C GLN A 141 -4.24 4.56 12.55
N LEU A 142 -3.41 4.71 11.52
CA LEU A 142 -3.54 3.92 10.31
C LEU A 142 -3.56 2.45 10.66
N ILE A 143 -2.81 2.11 11.69
CA ILE A 143 -2.74 0.75 12.18
C ILE A 143 -4.08 0.33 12.76
N ASP A 144 -4.83 1.31 13.26
CA ASP A 144 -6.14 1.05 13.81
C ASP A 144 -7.15 0.86 12.69
N LEU A 145 -6.92 1.57 11.59
CA LEU A 145 -7.77 1.49 10.42
C LEU A 145 -7.52 0.18 9.68
N THR A 146 -6.24 -0.17 9.61
CA THR A 146 -5.82 -1.39 8.92
C THR A 146 -6.55 -2.61 9.48
N VAL A 147 -6.47 -3.72 8.74
CA VAL A 147 -7.14 -4.95 9.15
C VAL A 147 -6.15 -5.89 9.86
N GLU A 148 -6.68 -6.83 10.63
CA GLU A 148 -5.87 -7.78 11.38
C GLU A 148 -4.76 -8.40 10.53
N PHE A 149 -5.09 -8.79 9.30
CA PHE A 149 -4.10 -9.42 8.41
C PHE A 149 -3.26 -8.38 7.68
N LYS A 150 -3.43 -7.11 8.04
CA LYS A 150 -2.66 -6.03 7.41
C LYS A 150 -1.99 -5.14 8.44
N LYS A 151 -2.29 -5.39 9.72
CA LYS A 151 -1.71 -4.60 10.80
C LYS A 151 -0.18 -4.71 10.81
N PRO A 152 0.37 -5.93 10.97
CA PRO A 152 1.82 -6.14 10.99
C PRO A 152 2.48 -5.72 9.68
N VAL A 153 1.84 -6.07 8.56
CA VAL A 153 2.36 -5.74 7.24
C VAL A 153 2.53 -4.24 7.08
N TYR A 154 1.75 -3.49 7.84
CA TYR A 154 1.81 -2.03 7.81
C TYR A 154 2.77 -1.52 8.87
N LYS A 155 2.57 -1.96 10.11
CA LYS A 155 3.42 -1.55 11.22
C LYS A 155 4.89 -1.76 10.88
N GLU A 156 5.15 -2.75 10.05
CA GLU A 156 6.51 -3.05 9.60
C GLU A 156 7.01 -1.92 8.72
N VAL A 157 6.16 -1.50 7.80
CA VAL A 157 6.49 -0.41 6.89
C VAL A 157 6.80 0.86 7.67
N LEU A 158 5.90 1.19 8.59
CA LEU A 158 6.08 2.36 9.44
C LEU A 158 7.37 2.24 10.24
N SER A 159 7.53 1.09 10.88
CA SER A 159 8.71 0.82 11.69
C SER A 159 9.98 1.17 10.92
N VAL A 160 10.02 0.79 9.65
CA VAL A 160 11.17 1.06 8.80
C VAL A 160 11.23 2.55 8.45
N PHE A 161 10.07 3.20 8.48
CA PHE A 161 9.97 4.61 8.14
C PHE A 161 9.90 5.50 9.39
N ALA A 162 9.90 4.89 10.56
CA ALA A 162 9.83 5.62 11.82
C ALA A 162 10.80 6.81 11.82
N PRO A 163 12.08 6.58 11.49
CA PRO A 163 13.08 7.65 11.47
C PRO A 163 12.66 8.81 10.57
N HIS A 164 11.76 8.54 9.64
CA HIS A 164 11.29 9.58 8.73
C HIS A 164 9.97 10.19 9.22
N LEU A 165 9.31 9.49 10.14
CA LEU A 165 8.04 9.97 10.69
C LEU A 165 8.08 9.94 12.22
PG ATP B . -4.77 -3.92 -4.13
O1G ATP B . -4.14 -2.58 -4.05
O2G ATP B . -3.69 -4.72 -4.78
O3G ATP B . -6.04 -4.11 -4.88
PB ATP B . -5.69 -3.84 -1.57
O1B ATP B . -6.81 -3.02 -2.11
O2B ATP B . -4.66 -3.23 -0.71
O3B ATP B . -5.02 -4.43 -2.75
PA ATP B . -6.03 -6.13 -0.10
O1A ATP B . -5.31 -6.05 1.20
O2A ATP B . -5.51 -7.04 -1.15
O3A ATP B . -6.41 -4.85 -0.75
O5' ATP B . -7.50 -6.58 0.31
C5' ATP B . -8.38 -7.19 -0.64
C4' ATP B . -9.64 -7.65 0.04
O4' ATP B . -9.38 -7.83 1.46
C3' ATP B . -10.79 -6.65 -0.01
O3' ATP B . -11.53 -6.75 -1.21
C2' ATP B . -11.61 -7.06 1.21
O2' ATP B . -12.36 -8.23 0.97
C1' ATP B . -10.50 -7.39 2.21
N9 ATP B . -10.08 -6.25 3.02
C8 ATP B . -9.11 -5.31 2.74
N7 ATP B . -8.97 -4.41 3.67
C5 ATP B . -9.91 -4.76 4.63
C6 ATP B . -10.26 -4.20 5.87
N6 ATP B . -9.67 -3.11 6.37
N1 ATP B . -11.23 -4.80 6.58
C2 ATP B . -11.81 -5.89 6.07
N3 ATP B . -11.57 -6.52 4.92
C4 ATP B . -10.60 -5.89 4.24
H5'1 ATP B . -7.88 -8.05 -1.09
H5'2 ATP B . -8.62 -6.48 -1.42
H4' ATP B . -9.98 -8.55 -0.46
H3' ATP B . -10.44 -5.63 0.05
HO3' ATP B . -11.01 -7.27 -1.83
H2' ATP B . -12.23 -6.23 1.56
HO2' ATP B . -13.21 -8.13 1.37
H1' ATP B . -10.78 -8.20 2.87
H8 ATP B . -8.53 -5.33 1.83
HN61 ATP B . -8.93 -2.64 5.86
HN62 ATP B . -9.97 -2.75 7.27
H2 ATP B . -12.60 -6.34 6.69
N GLY A 1 8.96 -13.60 17.30
CA GLY A 1 9.68 -13.98 16.04
C GLY A 1 9.58 -12.89 14.99
N PRO A 2 10.22 -13.09 13.82
CA PRO A 2 10.20 -12.12 12.73
C PRO A 2 8.83 -12.00 12.07
N LEU A 3 8.59 -10.89 11.40
CA LEU A 3 7.32 -10.65 10.72
C LEU A 3 7.35 -9.35 9.93
N GLY A 4 6.59 -9.31 8.84
CA GLY A 4 6.54 -8.11 8.01
C GLY A 4 7.91 -7.71 7.50
N SER A 5 8.77 -8.70 7.27
CA SER A 5 10.11 -8.44 6.78
C SER A 5 10.74 -9.73 6.23
N MET A 6 11.09 -9.71 4.96
CA MET A 6 11.68 -10.88 4.31
C MET A 6 13.05 -10.55 3.72
N ASP A 7 13.17 -9.36 3.13
CA ASP A 7 14.42 -8.93 2.52
C ASP A 7 14.63 -9.61 1.17
N SER A 8 13.53 -10.07 0.56
CA SER A 8 13.59 -10.74 -0.73
C SER A 8 12.24 -11.38 -1.06
N PRO A 9 11.79 -11.26 -2.33
CA PRO A 9 10.51 -11.83 -2.75
C PRO A 9 10.57 -13.35 -2.88
N PRO A 10 9.82 -14.08 -2.04
CA PRO A 10 9.78 -15.53 -2.05
C PRO A 10 8.73 -16.08 -3.01
N GLU A 11 8.51 -17.38 -2.93
CA GLU A 11 7.54 -18.05 -3.78
C GLU A 11 6.15 -18.05 -3.13
N GLY A 12 5.12 -18.15 -3.96
CA GLY A 12 3.76 -18.16 -3.44
C GLY A 12 3.12 -16.79 -3.47
N TYR A 13 3.92 -15.76 -3.23
CA TYR A 13 3.42 -14.39 -3.22
C TYR A 13 3.87 -13.64 -4.47
N ARG A 14 2.94 -12.90 -5.08
CA ARG A 14 3.24 -12.14 -6.28
C ARG A 14 3.92 -10.81 -5.94
N ARG A 15 4.72 -10.29 -6.86
CA ARG A 15 5.42 -9.03 -6.65
C ARG A 15 4.45 -7.86 -6.59
N ASN A 16 4.68 -6.97 -5.63
CA ASN A 16 3.85 -5.80 -5.45
C ASN A 16 4.64 -4.66 -4.82
N VAL A 17 4.21 -3.42 -5.03
CA VAL A 17 4.89 -2.27 -4.46
C VAL A 17 3.91 -1.35 -3.74
N GLY A 18 4.16 -1.12 -2.45
CA GLY A 18 3.30 -0.26 -1.66
C GLY A 18 3.84 1.16 -1.59
N ILE A 19 2.94 2.13 -1.66
CA ILE A 19 3.34 3.53 -1.60
C ILE A 19 2.80 4.22 -0.35
N CYS A 20 3.65 4.39 0.65
CA CYS A 20 3.27 5.04 1.88
C CYS A 20 3.51 6.54 1.78
N LEU A 21 2.44 7.30 1.61
CA LEU A 21 2.56 8.75 1.48
C LEU A 21 2.16 9.45 2.76
N MET A 22 2.81 10.58 3.04
CA MET A 22 2.53 11.35 4.24
C MET A 22 2.28 12.82 3.89
N ASN A 23 1.58 13.50 4.79
CA ASN A 23 1.25 14.90 4.59
C ASN A 23 2.19 15.81 5.37
N ASN A 24 2.07 17.11 5.13
CA ASN A 24 2.89 18.11 5.80
C ASN A 24 2.75 18.00 7.33
N ASP A 25 1.68 17.34 7.78
CA ASP A 25 1.44 17.18 9.20
C ASP A 25 2.11 15.91 9.73
N LYS A 26 2.78 15.18 8.84
CA LYS A 26 3.48 13.96 9.20
C LYS A 26 2.51 12.79 9.37
N LYS A 27 1.36 12.87 8.71
CA LYS A 27 0.38 11.80 8.77
C LYS A 27 0.57 10.83 7.63
N ILE A 28 -0.20 9.76 7.62
CA ILE A 28 -0.09 8.76 6.57
C ILE A 28 -1.36 8.72 5.72
N PHE A 29 -1.20 8.86 4.42
CA PHE A 29 -2.32 8.85 3.50
C PHE A 29 -3.11 7.55 3.59
N ALA A 30 -4.31 7.65 4.14
CA ALA A 30 -5.18 6.49 4.29
C ALA A 30 -6.45 6.66 3.47
N ALA A 31 -6.78 5.65 2.68
CA ALA A 31 -7.96 5.70 1.84
C ALA A 31 -8.94 4.60 2.20
N SER A 32 -10.23 4.94 2.21
CA SER A 32 -11.27 3.99 2.55
C SER A 32 -11.64 3.14 1.34
N ARG A 33 -12.21 1.96 1.58
CA ARG A 33 -12.59 1.05 0.51
C ARG A 33 -13.81 1.56 -0.24
N LEU A 34 -13.97 1.08 -1.45
CA LEU A 34 -15.10 1.45 -2.28
C LEU A 34 -16.23 0.45 -2.08
N ASP A 35 -15.96 -0.61 -1.31
CA ASP A 35 -16.96 -1.65 -1.07
C ASP A 35 -17.09 -1.98 0.42
N ILE A 36 -16.10 -1.60 1.24
CA ILE A 36 -16.15 -1.88 2.66
C ILE A 36 -16.14 -0.60 3.48
N PRO A 37 -17.24 -0.28 4.15
CA PRO A 37 -17.34 0.93 4.97
C PRO A 37 -16.38 0.88 6.14
N ASP A 38 -15.63 1.97 6.33
CA ASP A 38 -14.68 2.07 7.43
C ASP A 38 -13.42 1.28 7.15
N ALA A 39 -13.34 0.69 5.98
CA ALA A 39 -12.18 -0.09 5.58
C ALA A 39 -11.14 0.80 4.93
N TRP A 40 -10.16 1.21 5.70
CA TRP A 40 -9.09 2.07 5.20
C TRP A 40 -7.81 1.28 4.97
N GLN A 41 -6.99 1.80 4.07
CA GLN A 41 -5.72 1.15 3.74
C GLN A 41 -4.85 2.08 2.90
N MET A 42 -3.61 1.69 2.68
CA MET A 42 -2.68 2.48 1.89
C MET A 42 -2.66 2.00 0.43
N PRO A 43 -2.24 2.87 -0.50
CA PRO A 43 -2.18 2.53 -1.93
C PRO A 43 -1.05 1.54 -2.25
N GLN A 44 -1.40 0.47 -2.95
CA GLN A 44 -0.43 -0.54 -3.33
C GLN A 44 -0.87 -1.27 -4.60
N GLY A 45 0.10 -1.80 -5.33
CA GLY A 45 -0.22 -2.51 -6.56
C GLY A 45 0.86 -3.51 -6.94
N GLY A 46 0.54 -4.38 -7.90
CA GLY A 46 1.50 -5.38 -8.34
C GLY A 46 2.52 -4.81 -9.30
N ILE A 47 3.80 -5.12 -9.06
CA ILE A 47 4.88 -4.65 -9.92
C ILE A 47 4.69 -5.15 -11.34
N ASP A 48 5.35 -4.47 -12.28
CA ASP A 48 5.26 -4.85 -13.70
C ASP A 48 6.34 -5.87 -14.06
N GLU A 49 6.03 -6.73 -15.01
CA GLU A 49 6.98 -7.75 -15.46
C GLU A 49 8.33 -7.13 -15.80
N GLY A 50 9.24 -7.23 -14.84
CA GLY A 50 10.58 -6.66 -15.03
C GLY A 50 10.61 -5.19 -14.70
N GLU A 51 9.90 -4.80 -13.66
CA GLU A 51 9.83 -3.41 -13.25
C GLU A 51 10.48 -3.23 -11.89
N ASP A 52 11.09 -2.08 -11.70
CA ASP A 52 11.76 -1.76 -10.43
C ASP A 52 10.71 -1.46 -9.35
N PRO A 53 10.94 -1.93 -8.12
CA PRO A 53 10.00 -1.70 -7.01
C PRO A 53 9.69 -0.22 -6.80
N ARG A 54 10.72 0.58 -6.63
CA ARG A 54 10.56 2.02 -6.41
C ARG A 54 9.86 2.67 -7.60
N ASN A 55 10.01 2.08 -8.78
CA ASN A 55 9.39 2.62 -9.98
C ASN A 55 7.94 2.17 -10.08
N ALA A 56 7.72 0.88 -9.93
CA ALA A 56 6.37 0.34 -9.99
C ALA A 56 5.48 0.98 -8.94
N ALA A 57 6.07 1.37 -7.83
CA ALA A 57 5.34 2.02 -6.75
C ALA A 57 5.00 3.46 -7.13
N ILE A 58 6.02 4.21 -7.53
CA ILE A 58 5.82 5.58 -7.95
C ILE A 58 4.79 5.66 -9.08
N ARG A 59 4.74 4.59 -9.86
CA ARG A 59 3.79 4.49 -10.96
C ARG A 59 2.43 4.08 -10.44
N GLU A 60 2.44 2.98 -9.70
CA GLU A 60 1.24 2.42 -9.11
C GLU A 60 0.50 3.45 -8.25
N LEU A 61 1.27 4.34 -7.61
CA LEU A 61 0.69 5.37 -6.76
C LEU A 61 -0.33 6.21 -7.52
N ARG A 62 0.13 6.85 -8.60
CA ARG A 62 -0.75 7.67 -9.41
C ARG A 62 -1.87 6.82 -10.01
N GLU A 63 -1.74 5.50 -9.90
CA GLU A 63 -2.73 4.59 -10.45
C GLU A 63 -3.80 4.25 -9.40
N GLU A 64 -3.34 3.95 -8.19
CA GLU A 64 -4.24 3.57 -7.10
C GLU A 64 -4.70 4.78 -6.29
N THR A 65 -3.87 5.80 -6.22
CA THR A 65 -4.20 7.00 -5.45
C THR A 65 -4.34 8.21 -6.37
N GLY A 66 -3.75 8.12 -7.54
CA GLY A 66 -3.82 9.20 -8.49
C GLY A 66 -2.95 10.39 -8.09
N VAL A 67 -2.16 10.22 -7.04
CA VAL A 67 -1.29 11.29 -6.57
C VAL A 67 -0.07 11.42 -7.48
N THR A 68 0.22 12.65 -7.91
CA THR A 68 1.35 12.90 -8.78
C THR A 68 2.46 13.65 -8.05
N SER A 69 2.06 14.50 -7.10
CA SER A 69 3.03 15.27 -6.33
C SER A 69 3.44 14.52 -5.06
N ALA A 70 4.33 13.56 -5.23
CA ALA A 70 4.82 12.76 -4.13
C ALA A 70 6.25 12.30 -4.37
N GLU A 71 7.11 12.50 -3.38
CA GLU A 71 8.51 12.10 -3.48
C GLU A 71 8.84 11.08 -2.42
N VAL A 72 9.63 10.09 -2.79
CA VAL A 72 10.00 9.05 -1.84
C VAL A 72 10.94 9.59 -0.77
N ILE A 73 10.47 9.54 0.47
CA ILE A 73 11.24 10.00 1.61
C ILE A 73 12.05 8.85 2.20
N ALA A 74 11.56 7.63 1.95
CA ALA A 74 12.22 6.44 2.45
C ALA A 74 11.83 5.21 1.65
N GLU A 75 12.54 4.12 1.87
CA GLU A 75 12.27 2.87 1.18
C GLU A 75 12.63 1.69 2.07
N VAL A 76 11.62 0.90 2.41
CA VAL A 76 11.81 -0.26 3.27
C VAL A 76 12.84 -1.21 2.63
N PRO A 77 13.85 -1.64 3.41
CA PRO A 77 14.91 -2.54 2.92
C PRO A 77 14.44 -3.95 2.62
N TYR A 78 13.26 -4.31 3.13
CA TYR A 78 12.74 -5.65 2.91
C TYR A 78 11.31 -5.64 2.36
N TRP A 79 10.83 -6.81 1.95
CA TRP A 79 9.50 -6.94 1.42
C TRP A 79 8.54 -7.40 2.51
N LEU A 80 7.32 -6.93 2.45
CA LEU A 80 6.31 -7.30 3.44
C LEU A 80 5.26 -8.19 2.79
N THR A 81 5.16 -9.41 3.30
CA THR A 81 4.20 -10.38 2.78
C THR A 81 3.06 -10.59 3.77
N TYR A 82 1.83 -10.61 3.24
CA TYR A 82 0.65 -10.79 4.08
C TYR A 82 -0.21 -11.93 3.55
N ASP A 83 -1.21 -12.32 4.34
CA ASP A 83 -2.10 -13.40 3.95
C ASP A 83 -3.55 -12.97 4.07
N PHE A 84 -4.43 -13.67 3.35
CA PHE A 84 -5.86 -13.35 3.37
C PHE A 84 -6.65 -14.52 3.95
N PRO A 85 -7.81 -14.23 4.56
CA PRO A 85 -8.67 -15.26 5.17
C PRO A 85 -9.21 -16.25 4.12
N PRO A 86 -9.83 -17.35 4.59
CA PRO A 86 -10.39 -18.37 3.70
C PRO A 86 -11.54 -17.86 2.84
N LYS A 87 -12.12 -16.74 3.24
CA LYS A 87 -13.23 -16.15 2.50
C LYS A 87 -12.73 -15.16 1.47
N VAL A 88 -11.64 -14.48 1.83
CA VAL A 88 -11.04 -13.50 0.94
C VAL A 88 -10.10 -14.20 -0.04
N ARG A 89 -9.26 -15.09 0.47
CA ARG A 89 -8.34 -15.84 -0.37
C ARG A 89 -9.11 -16.64 -1.39
N GLU A 90 -10.16 -17.29 -0.92
CA GLU A 90 -11.03 -18.10 -1.76
C GLU A 90 -11.82 -17.21 -2.71
N LYS A 91 -12.06 -15.98 -2.29
CA LYS A 91 -12.81 -15.02 -3.10
C LYS A 91 -11.92 -14.44 -4.20
N LEU A 92 -10.72 -14.03 -3.83
CA LEU A 92 -9.78 -13.46 -4.79
C LEU A 92 -9.48 -14.46 -5.89
N ASN A 93 -9.21 -15.70 -5.50
CA ASN A 93 -8.92 -16.77 -6.46
C ASN A 93 -9.93 -16.74 -7.60
N ILE A 94 -11.15 -16.33 -7.30
CA ILE A 94 -12.20 -16.25 -8.31
C ILE A 94 -12.33 -14.84 -8.87
N GLN A 95 -12.41 -13.85 -7.97
CA GLN A 95 -12.53 -12.45 -8.39
C GLN A 95 -11.26 -12.00 -9.10
N TRP A 96 -10.12 -12.12 -8.43
CA TRP A 96 -8.85 -11.72 -8.99
C TRP A 96 -8.34 -12.77 -9.98
N GLY A 97 -8.61 -14.04 -9.69
CA GLY A 97 -8.17 -15.10 -10.56
C GLY A 97 -6.71 -15.47 -10.35
N SER A 98 -6.27 -15.39 -9.10
CA SER A 98 -4.89 -15.72 -8.76
C SER A 98 -4.84 -16.80 -7.68
N ASP A 99 -3.81 -17.63 -7.76
CA ASP A 99 -3.64 -18.72 -6.79
C ASP A 99 -2.43 -18.46 -5.89
N TRP A 100 -2.28 -17.21 -5.45
CA TRP A 100 -1.17 -16.83 -4.58
C TRP A 100 -1.62 -16.78 -3.13
N LYS A 101 -0.69 -17.06 -2.22
CA LYS A 101 -1.00 -17.04 -0.79
C LYS A 101 -1.12 -15.61 -0.28
N GLY A 102 -0.39 -14.71 -0.93
CA GLY A 102 -0.43 -13.31 -0.55
C GLY A 102 0.30 -12.44 -1.55
N GLN A 103 1.05 -11.47 -1.04
CA GLN A 103 1.81 -10.56 -1.90
C GLN A 103 2.98 -9.93 -1.15
N ALA A 104 4.19 -10.26 -1.56
CA ALA A 104 5.39 -9.70 -0.95
C ALA A 104 5.74 -8.39 -1.63
N GLN A 105 5.49 -7.27 -0.95
CA GLN A 105 5.76 -5.96 -1.53
C GLN A 105 6.75 -5.15 -0.71
N LYS A 106 7.49 -4.29 -1.41
CA LYS A 106 8.47 -3.41 -0.79
C LYS A 106 7.89 -2.00 -0.70
N TRP A 107 7.32 -1.68 0.46
CA TRP A 107 6.71 -0.38 0.68
C TRP A 107 7.72 0.76 0.62
N PHE A 108 7.27 1.88 0.06
CA PHE A 108 8.11 3.07 -0.05
C PHE A 108 7.39 4.28 0.51
N LEU A 109 8.13 5.11 1.26
CA LEU A 109 7.53 6.30 1.84
C LEU A 109 7.44 7.39 0.78
N PHE A 110 6.51 8.32 0.94
CA PHE A 110 6.34 9.40 -0.02
C PHE A 110 5.91 10.69 0.65
N LYS A 111 6.58 11.77 0.30
CA LYS A 111 6.25 13.09 0.81
C LYS A 111 5.33 13.81 -0.16
N PHE A 112 4.14 14.16 0.30
CA PHE A 112 3.18 14.84 -0.55
C PHE A 112 3.67 16.24 -0.90
N THR A 113 3.81 16.50 -2.20
CA THR A 113 4.27 17.81 -2.66
C THR A 113 3.27 18.41 -3.64
N GLY A 114 1.98 18.20 -3.35
CA GLY A 114 0.94 18.73 -4.21
C GLY A 114 -0.22 19.29 -3.41
N GLN A 115 -1.42 19.13 -3.94
CA GLN A 115 -2.62 19.60 -3.28
C GLN A 115 -3.66 18.49 -3.22
N ASP A 116 -4.54 18.58 -2.23
CA ASP A 116 -5.59 17.57 -2.06
C ASP A 116 -6.34 17.33 -3.37
N GLN A 117 -6.19 18.24 -4.33
CA GLN A 117 -6.86 18.11 -5.62
C GLN A 117 -6.15 17.07 -6.50
N GLU A 118 -4.89 16.79 -6.19
CA GLU A 118 -4.11 15.83 -6.95
C GLU A 118 -4.48 14.40 -6.57
N ILE A 119 -5.00 14.25 -5.35
CA ILE A 119 -5.39 12.94 -4.85
C ILE A 119 -6.63 12.41 -5.58
N ASN A 120 -6.40 11.47 -6.47
CA ASN A 120 -7.48 10.85 -7.22
C ASN A 120 -7.52 9.36 -6.94
N LEU A 121 -8.37 8.96 -6.00
CA LEU A 121 -8.49 7.57 -5.62
C LEU A 121 -8.89 6.68 -6.79
N LEU A 122 -9.53 7.28 -7.79
CA LEU A 122 -9.95 6.54 -8.97
C LEU A 122 -8.73 5.95 -9.67
N GLY A 123 -7.79 6.81 -9.98
CA GLY A 123 -6.57 6.39 -10.63
C GLY A 123 -6.14 7.39 -11.69
N ASP A 124 -5.03 7.11 -12.33
CA ASP A 124 -4.53 7.99 -13.39
C ASP A 124 -5.10 7.55 -14.73
N GLY A 125 -6.36 7.15 -14.71
CA GLY A 125 -7.02 6.70 -15.92
C GLY A 125 -6.42 5.42 -16.46
N SER A 126 -5.89 4.61 -15.56
CA SER A 126 -5.27 3.34 -15.94
C SER A 126 -6.14 2.15 -15.55
N GLU A 127 -6.35 1.97 -14.25
CA GLU A 127 -7.16 0.86 -13.76
C GLU A 127 -8.41 1.37 -13.05
N LYS A 128 -9.36 0.46 -12.83
CA LYS A 128 -10.61 0.80 -12.15
C LYS A 128 -10.35 1.33 -10.75
N PRO A 129 -11.23 2.20 -10.24
CA PRO A 129 -11.10 2.77 -8.90
C PRO A 129 -10.84 1.72 -7.83
N GLU A 130 -10.64 2.18 -6.60
CA GLU A 130 -10.38 1.29 -5.48
C GLU A 130 -10.90 1.88 -4.18
N PHE A 131 -10.61 3.17 -3.96
CA PHE A 131 -11.04 3.86 -2.77
C PHE A 131 -12.08 4.93 -3.12
N GLY A 132 -12.87 5.34 -2.12
CA GLY A 132 -13.88 6.35 -2.34
C GLY A 132 -13.62 7.60 -1.52
N GLU A 133 -12.75 7.46 -0.53
CA GLU A 133 -12.40 8.56 0.35
C GLU A 133 -10.99 8.37 0.89
N TRP A 134 -10.51 9.38 1.61
CA TRP A 134 -9.17 9.32 2.19
C TRP A 134 -9.04 10.30 3.34
N SER A 135 -8.16 9.95 4.28
CA SER A 135 -7.92 10.80 5.43
C SER A 135 -6.49 10.63 5.96
N TRP A 136 -5.99 11.67 6.62
CA TRP A 136 -4.65 11.65 7.18
C TRP A 136 -4.66 11.11 8.61
N VAL A 137 -3.84 10.10 8.85
CA VAL A 137 -3.76 9.48 10.17
C VAL A 137 -2.33 9.20 10.58
N THR A 138 -2.08 9.23 11.88
CA THR A 138 -0.76 8.95 12.41
C THR A 138 -0.42 7.49 12.19
N PRO A 139 0.89 7.14 12.21
CA PRO A 139 1.30 5.75 12.02
C PRO A 139 0.65 4.81 13.02
N GLU A 140 0.16 5.38 14.10
CA GLU A 140 -0.51 4.61 15.14
C GLU A 140 -2.00 4.53 14.85
N GLN A 141 -2.56 5.60 14.28
CA GLN A 141 -3.97 5.63 13.93
C GLN A 141 -4.24 4.72 12.75
N LEU A 142 -3.45 4.89 11.69
CA LEU A 142 -3.61 4.07 10.49
C LEU A 142 -3.53 2.60 10.87
N ILE A 143 -2.77 2.33 11.91
CA ILE A 143 -2.60 0.98 12.43
C ILE A 143 -3.92 0.51 13.04
N ASP A 144 -4.71 1.46 13.55
CA ASP A 144 -5.99 1.15 14.14
C ASP A 144 -7.04 0.96 13.06
N LEU A 145 -6.77 1.51 11.88
CA LEU A 145 -7.67 1.40 10.75
C LEU A 145 -7.42 0.10 10.01
N THR A 146 -6.15 -0.25 9.90
CA THR A 146 -5.74 -1.48 9.22
C THR A 146 -6.38 -2.71 9.86
N VAL A 147 -6.35 -3.82 9.14
CA VAL A 147 -6.93 -5.07 9.64
C VAL A 147 -5.87 -5.91 10.35
N GLU A 148 -6.32 -6.88 11.14
CA GLU A 148 -5.42 -7.75 11.89
C GLU A 148 -4.46 -8.51 10.97
N PHE A 149 -4.88 -8.76 9.74
CA PHE A 149 -4.03 -9.51 8.80
C PHE A 149 -3.17 -8.57 7.92
N LYS A 150 -3.19 -7.28 8.23
CA LYS A 150 -2.40 -6.31 7.48
C LYS A 150 -1.77 -5.26 8.39
N LYS A 151 -1.84 -5.49 9.71
CA LYS A 151 -1.29 -4.57 10.67
C LYS A 151 0.25 -4.58 10.64
N PRO A 152 0.88 -5.72 10.94
CA PRO A 152 2.34 -5.83 10.94
C PRO A 152 2.95 -5.38 9.62
N VAL A 153 2.36 -5.84 8.51
CA VAL A 153 2.84 -5.47 7.18
C VAL A 153 2.85 -3.95 7.01
N TYR A 154 1.99 -3.29 7.77
CA TYR A 154 1.90 -1.83 7.72
C TYR A 154 2.82 -1.20 8.77
N LYS A 155 2.69 -1.67 10.01
CA LYS A 155 3.52 -1.15 11.09
C LYS A 155 4.98 -1.15 10.70
N GLU A 156 5.37 -2.14 9.92
CA GLU A 156 6.74 -2.26 9.45
C GLU A 156 7.07 -1.08 8.55
N VAL A 157 6.14 -0.80 7.63
CA VAL A 157 6.31 0.31 6.71
C VAL A 157 6.51 1.61 7.48
N LEU A 158 5.63 1.85 8.44
CA LEU A 158 5.71 3.03 9.27
C LEU A 158 7.00 3.01 10.06
N SER A 159 7.27 1.88 10.71
CA SER A 159 8.48 1.70 11.51
C SER A 159 9.72 2.12 10.71
N VAL A 160 9.80 1.65 9.48
CA VAL A 160 10.92 1.99 8.61
C VAL A 160 10.88 3.47 8.21
N PHE A 161 9.68 4.03 8.25
CA PHE A 161 9.46 5.43 7.88
C PHE A 161 9.30 6.32 9.11
N ALA A 162 9.51 5.74 10.29
CA ALA A 162 9.38 6.48 11.54
C ALA A 162 10.20 7.78 11.52
N PRO A 163 11.51 7.70 11.19
CA PRO A 163 12.38 8.86 11.15
C PRO A 163 11.80 10.00 10.33
N HIS A 164 10.92 9.66 9.39
CA HIS A 164 10.29 10.67 8.54
C HIS A 164 8.96 11.13 9.13
N LEU A 165 8.38 10.29 9.98
CA LEU A 165 7.11 10.62 10.62
C LEU A 165 7.00 9.95 11.98
PG ATP B . -8.92 -4.65 -6.81
O1G ATP B . -8.08 -5.85 -7.12
O2G ATP B . -10.18 -4.99 -7.50
O3G ATP B . -8.47 -3.30 -7.24
PB ATP B . -8.26 -4.21 -4.20
O1B ATP B . -8.88 -3.03 -3.56
O2B ATP B . -6.86 -4.13 -4.72
O3B ATP B . -9.15 -4.57 -5.35
PA ATP B . -9.21 -6.31 -2.72
O1A ATP B . -9.07 -7.62 -3.41
O2A ATP B . -10.56 -5.72 -2.57
O3A ATP B . -8.28 -5.23 -3.12
O5' ATP B . -8.59 -6.57 -1.27
C5' ATP B . -8.42 -7.90 -0.79
C4' ATP B . -9.65 -8.36 -0.04
O4' ATP B . -9.30 -8.55 1.36
C3' ATP B . -10.79 -7.35 -0.01
O3' ATP B . -11.60 -7.42 -1.16
C2' ATP B . -11.54 -7.76 1.26
O2' ATP B . -12.32 -8.92 1.03
C1' ATP B . -10.38 -8.12 2.18
N9 ATP B . -9.92 -7.00 3.00
C8 ATP B . -8.95 -6.07 2.70
N7 ATP B . -8.76 -5.19 3.66
C5 ATP B . -9.65 -5.57 4.65
C6 ATP B . -9.94 -5.04 5.92
N6 ATP B . -9.34 -3.97 6.43
N1 ATP B . -10.89 -5.66 6.66
C2 ATP B . -11.51 -6.73 6.15
N3 ATP B . -11.32 -7.32 4.97
C4 ATP B . -10.37 -6.69 4.26
H5'1 ATP B . -7.55 -7.95 -0.12
H5'2 ATP B . -8.25 -8.58 -1.62
H4' ATP B . -10.02 -9.25 -0.52
H3' ATP B . -10.42 -6.33 0.05
HO3' ATP B . -11.14 -7.98 -1.80
H2' ATP B . -12.13 -6.93 1.65
HO2' ATP B . -12.30 -9.10 0.09
H1' ATP B . -10.62 -8.94 2.84
H8 ATP B . -8.40 -6.06 1.77
HN61 ATP B . -8.63 -3.49 5.89
HN62 ATP B . -9.59 -3.63 7.35
H2 ATP B . -12.26 -7.19 6.78
N GLY A 1 4.85 -13.70 14.26
CA GLY A 1 4.69 -12.61 15.26
C GLY A 1 4.94 -11.23 14.67
N PRO A 2 5.09 -10.20 15.51
CA PRO A 2 5.34 -8.83 15.06
C PRO A 2 6.74 -8.66 14.46
N LEU A 3 6.96 -7.54 13.80
CA LEU A 3 8.25 -7.25 13.19
C LEU A 3 8.61 -8.32 12.16
N GLY A 4 8.38 -8.00 10.89
CA GLY A 4 8.69 -8.94 9.82
C GLY A 4 9.90 -8.52 9.01
N SER A 5 9.67 -7.70 8.00
CA SER A 5 10.76 -7.23 7.14
C SER A 5 11.40 -8.39 6.39
N MET A 6 11.45 -8.27 5.06
CA MET A 6 12.04 -9.31 4.23
C MET A 6 12.91 -8.71 3.13
N ASP A 7 14.22 -8.74 3.34
CA ASP A 7 15.17 -8.18 2.38
C ASP A 7 15.33 -9.09 1.15
N SER A 8 14.44 -10.07 1.00
CA SER A 8 14.50 -10.98 -0.13
C SER A 8 13.12 -11.57 -0.41
N PRO A 9 12.64 -11.48 -1.68
CA PRO A 9 11.32 -12.01 -2.04
C PRO A 9 11.28 -13.53 -2.05
N PRO A 10 10.48 -14.13 -1.15
CA PRO A 10 10.35 -15.59 -1.05
C PRO A 10 9.50 -16.16 -2.18
N GLU A 11 9.25 -17.46 -2.12
CA GLU A 11 8.45 -18.13 -3.13
C GLU A 11 6.97 -18.12 -2.74
N GLY A 12 6.10 -18.12 -3.75
CA GLY A 12 4.68 -18.12 -3.49
C GLY A 12 4.07 -16.73 -3.50
N TYR A 13 4.84 -15.74 -3.04
CA TYR A 13 4.35 -14.37 -3.00
C TYR A 13 4.61 -13.66 -4.32
N ARG A 14 3.62 -12.89 -4.76
CA ARG A 14 3.71 -12.14 -6.02
C ARG A 14 4.40 -10.79 -5.82
N ARG A 15 5.03 -10.29 -6.89
CA ARG A 15 5.74 -9.01 -6.83
C ARG A 15 4.75 -7.84 -6.81
N ASN A 16 4.93 -6.94 -5.86
CA ASN A 16 4.07 -5.77 -5.72
C ASN A 16 4.82 -4.62 -5.05
N VAL A 17 4.36 -3.40 -5.29
CA VAL A 17 4.98 -2.21 -4.69
C VAL A 17 3.95 -1.36 -3.96
N GLY A 18 4.33 -0.87 -2.78
CA GLY A 18 3.42 -0.04 -2.01
C GLY A 18 3.83 1.41 -2.00
N ILE A 19 2.87 2.30 -1.78
CA ILE A 19 3.13 3.73 -1.75
C ILE A 19 2.58 4.38 -0.49
N CYS A 20 3.45 4.65 0.47
CA CYS A 20 3.04 5.28 1.73
C CYS A 20 3.12 6.79 1.58
N LEU A 21 1.98 7.44 1.41
CA LEU A 21 1.94 8.88 1.24
C LEU A 21 1.49 9.58 2.52
N MET A 22 2.06 10.76 2.77
CA MET A 22 1.72 11.53 3.95
C MET A 22 1.43 12.98 3.58
N ASN A 23 0.67 13.65 4.43
CA ASN A 23 0.32 15.04 4.20
C ASN A 23 1.24 15.99 4.95
N ASN A 24 1.06 17.28 4.73
CA ASN A 24 1.86 18.30 5.38
C ASN A 24 1.67 18.28 6.89
N ASP A 25 0.63 17.57 7.35
CA ASP A 25 0.35 17.46 8.78
C ASP A 25 1.08 16.27 9.39
N LYS A 26 1.84 15.56 8.56
CA LYS A 26 2.59 14.40 9.00
C LYS A 26 1.69 13.18 9.21
N LYS A 27 0.57 13.16 8.51
CA LYS A 27 -0.36 12.03 8.63
C LYS A 27 -0.13 11.05 7.48
N ILE A 28 -0.80 9.91 7.53
CA ILE A 28 -0.66 8.90 6.49
C ILE A 28 -1.89 8.88 5.60
N PHE A 29 -1.66 8.70 4.30
CA PHE A 29 -2.76 8.65 3.35
C PHE A 29 -3.48 7.31 3.44
N ALA A 30 -4.70 7.33 3.96
CA ALA A 30 -5.49 6.12 4.09
C ALA A 30 -6.75 6.19 3.25
N ALA A 31 -7.02 5.12 2.51
CA ALA A 31 -8.20 5.07 1.65
C ALA A 31 -9.10 3.92 2.05
N SER A 32 -10.40 4.20 2.12
CA SER A 32 -11.37 3.17 2.50
C SER A 32 -11.75 2.31 1.30
N ARG A 33 -12.19 1.08 1.56
CA ARG A 33 -12.56 0.16 0.51
C ARG A 33 -13.85 0.58 -0.17
N LEU A 34 -14.05 0.08 -1.38
CA LEU A 34 -15.25 0.36 -2.14
C LEU A 34 -16.28 -0.74 -1.90
N ASP A 35 -15.86 -1.79 -1.19
CA ASP A 35 -16.75 -2.91 -0.90
C ASP A 35 -16.81 -3.23 0.59
N ILE A 36 -15.82 -2.76 1.36
CA ILE A 36 -15.81 -3.03 2.79
C ILE A 36 -15.87 -1.73 3.59
N PRO A 37 -16.98 -1.46 4.29
CA PRO A 37 -17.13 -0.24 5.08
C PRO A 37 -16.14 -0.19 6.23
N ASP A 38 -15.46 0.94 6.36
CA ASP A 38 -14.48 1.14 7.43
C ASP A 38 -13.16 0.44 7.12
N ALA A 39 -13.09 -0.19 5.96
CA ALA A 39 -11.89 -0.89 5.55
C ALA A 39 -10.92 0.06 4.89
N TRP A 40 -9.97 0.54 5.67
CA TRP A 40 -8.98 1.48 5.16
C TRP A 40 -7.65 0.78 4.88
N GLN A 41 -6.89 1.37 3.98
CA GLN A 41 -5.59 0.83 3.59
C GLN A 41 -4.81 1.82 2.74
N MET A 42 -3.56 1.49 2.45
CA MET A 42 -2.71 2.36 1.64
C MET A 42 -2.67 1.86 0.19
N PRO A 43 -2.27 2.72 -0.75
CA PRO A 43 -2.20 2.35 -2.18
C PRO A 43 -1.06 1.40 -2.48
N GLN A 44 -1.36 0.36 -3.26
CA GLN A 44 -0.37 -0.64 -3.63
C GLN A 44 -0.75 -1.31 -4.95
N GLY A 45 0.24 -1.84 -5.65
CA GLY A 45 -0.03 -2.50 -6.91
C GLY A 45 1.07 -3.45 -7.32
N GLY A 46 0.69 -4.57 -7.94
CA GLY A 46 1.66 -5.55 -8.38
C GLY A 46 2.71 -4.97 -9.30
N ILE A 47 3.94 -5.44 -9.17
CA ILE A 47 5.03 -4.96 -10.01
C ILE A 47 4.95 -5.57 -11.41
N ASP A 48 5.62 -4.92 -12.36
CA ASP A 48 5.63 -5.40 -13.74
C ASP A 48 6.79 -6.36 -13.98
N GLU A 49 6.87 -6.91 -15.19
CA GLU A 49 7.93 -7.84 -15.54
C GLU A 49 9.25 -7.10 -15.71
N GLY A 50 10.06 -7.15 -14.66
CA GLY A 50 11.34 -6.47 -14.70
C GLY A 50 11.19 -4.99 -14.51
N GLU A 51 10.39 -4.61 -13.52
CA GLU A 51 10.13 -3.21 -13.22
C GLU A 51 10.78 -2.80 -11.91
N ASP A 52 11.18 -1.54 -11.85
CA ASP A 52 11.80 -1.00 -10.64
C ASP A 52 10.76 -0.77 -9.55
N PRO A 53 10.98 -1.33 -8.35
CA PRO A 53 10.04 -1.18 -7.23
C PRO A 53 9.71 0.26 -6.93
N ARG A 54 10.68 1.15 -7.12
CA ARG A 54 10.49 2.57 -6.87
C ARG A 54 9.70 3.23 -8.00
N ASN A 55 9.77 2.62 -9.18
CA ASN A 55 9.06 3.13 -10.35
C ASN A 55 7.65 2.57 -10.40
N ALA A 56 7.53 1.27 -10.18
CA ALA A 56 6.23 0.61 -10.19
C ALA A 56 5.32 1.22 -9.13
N ALA A 57 5.93 1.69 -8.04
CA ALA A 57 5.18 2.31 -6.96
C ALA A 57 4.71 3.70 -7.37
N ILE A 58 5.66 4.51 -7.85
CA ILE A 58 5.33 5.86 -8.31
C ILE A 58 4.26 5.80 -9.38
N ARG A 59 4.29 4.72 -10.15
CA ARG A 59 3.33 4.50 -11.22
C ARG A 59 2.02 4.01 -10.63
N GLU A 60 2.13 2.96 -9.84
CA GLU A 60 0.98 2.33 -9.20
C GLU A 60 0.20 3.33 -8.37
N LEU A 61 0.90 4.27 -7.74
CA LEU A 61 0.25 5.28 -6.91
C LEU A 61 -0.79 6.04 -7.71
N ARG A 62 -0.39 6.60 -8.84
CA ARG A 62 -1.30 7.34 -9.69
C ARG A 62 -2.41 6.43 -10.21
N GLU A 63 -2.25 5.12 -10.02
CA GLU A 63 -3.26 4.16 -10.46
C GLU A 63 -4.28 3.87 -9.37
N GLU A 64 -3.80 3.73 -8.13
CA GLU A 64 -4.66 3.43 -7.00
C GLU A 64 -5.18 4.70 -6.33
N THR A 65 -4.37 5.75 -6.36
CA THR A 65 -4.76 7.01 -5.73
C THR A 65 -4.83 8.13 -6.76
N GLY A 66 -4.09 7.96 -7.85
CA GLY A 66 -4.08 8.98 -8.88
C GLY A 66 -3.35 10.24 -8.45
N VAL A 67 -2.68 10.18 -7.31
CA VAL A 67 -1.93 11.33 -6.80
C VAL A 67 -0.73 11.62 -7.68
N THR A 68 -0.70 12.81 -8.28
CA THR A 68 0.40 13.20 -9.15
C THR A 68 1.45 14.00 -8.39
N SER A 69 1.01 14.79 -7.43
CA SER A 69 1.92 15.61 -6.64
C SER A 69 2.39 14.85 -5.40
N ALA A 70 3.34 13.96 -5.61
CA ALA A 70 3.90 13.17 -4.52
C ALA A 70 5.35 12.82 -4.79
N GLU A 71 6.20 13.04 -3.81
CA GLU A 71 7.63 12.75 -3.93
C GLU A 71 8.04 11.73 -2.89
N VAL A 72 8.92 10.83 -3.27
CA VAL A 72 9.38 9.80 -2.35
C VAL A 72 10.28 10.39 -1.27
N ILE A 73 9.82 10.28 -0.02
CA ILE A 73 10.58 10.77 1.12
C ILE A 73 11.47 9.67 1.66
N ALA A 74 11.06 8.43 1.44
CA ALA A 74 11.81 7.27 1.92
C ALA A 74 11.44 6.02 1.13
N GLU A 75 12.22 4.96 1.34
CA GLU A 75 11.99 3.69 0.67
C GLU A 75 12.42 2.53 1.56
N VAL A 76 11.46 1.75 2.01
CA VAL A 76 11.76 0.61 2.87
C VAL A 76 12.72 -0.35 2.15
N PRO A 77 13.87 -0.65 2.79
CA PRO A 77 14.88 -1.53 2.19
C PRO A 77 14.53 -3.02 2.22
N TYR A 78 13.40 -3.36 2.84
CA TYR A 78 12.99 -4.76 2.92
C TYR A 78 11.54 -4.96 2.51
N TRP A 79 11.27 -6.03 1.77
CA TRP A 79 9.93 -6.34 1.33
C TRP A 79 9.12 -6.90 2.48
N LEU A 80 7.84 -6.56 2.48
CA LEU A 80 6.94 -7.05 3.52
C LEU A 80 5.95 -8.03 2.92
N THR A 81 5.99 -9.27 3.40
CA THR A 81 5.11 -10.31 2.91
C THR A 81 4.06 -10.67 3.95
N TYR A 82 2.80 -10.71 3.53
CA TYR A 82 1.71 -11.05 4.43
C TYR A 82 0.84 -12.15 3.84
N ASP A 83 -0.01 -12.73 4.67
CA ASP A 83 -0.90 -13.81 4.23
C ASP A 83 -2.36 -13.44 4.48
N PHE A 84 -3.24 -14.10 3.75
CA PHE A 84 -4.68 -13.86 3.88
C PHE A 84 -5.39 -15.08 4.45
N PRO A 85 -6.53 -14.88 5.14
CA PRO A 85 -7.29 -15.98 5.73
C PRO A 85 -7.83 -16.95 4.69
N PRO A 86 -8.39 -18.09 5.12
CA PRO A 86 -8.94 -19.11 4.23
C PRO A 86 -10.14 -18.62 3.42
N LYS A 87 -10.74 -17.52 3.86
CA LYS A 87 -11.89 -16.96 3.17
C LYS A 87 -11.43 -15.93 2.14
N VAL A 88 -10.36 -15.23 2.47
CA VAL A 88 -9.80 -14.24 1.59
C VAL A 88 -8.90 -14.89 0.54
N ARG A 89 -8.01 -15.76 1.00
CA ARG A 89 -7.11 -16.47 0.11
C ARG A 89 -7.92 -17.27 -0.90
N GLU A 90 -8.92 -17.96 -0.39
CA GLU A 90 -9.81 -18.76 -1.22
C GLU A 90 -10.66 -17.88 -2.11
N LYS A 91 -10.90 -16.65 -1.66
CA LYS A 91 -11.70 -15.70 -2.41
C LYS A 91 -10.87 -15.08 -3.54
N LEU A 92 -9.65 -14.66 -3.21
CA LEU A 92 -8.76 -14.06 -4.19
C LEU A 92 -8.52 -15.03 -5.34
N ASN A 93 -8.22 -16.28 -4.99
CA ASN A 93 -7.96 -17.31 -5.99
C ASN A 93 -9.02 -17.25 -7.09
N ILE A 94 -10.24 -16.87 -6.71
CA ILE A 94 -11.34 -16.77 -7.66
C ILE A 94 -11.51 -15.34 -8.17
N GLN A 95 -11.54 -14.39 -7.24
CA GLN A 95 -11.70 -12.98 -7.59
C GLN A 95 -10.47 -12.47 -8.32
N TRP A 96 -9.32 -12.60 -7.69
CA TRP A 96 -8.06 -12.15 -8.29
C TRP A 96 -7.58 -13.14 -9.34
N GLY A 97 -7.86 -14.43 -9.12
CA GLY A 97 -7.44 -15.45 -10.06
C GLY A 97 -5.98 -15.79 -9.93
N SER A 98 -5.47 -15.78 -8.70
CA SER A 98 -4.08 -16.09 -8.44
C SER A 98 -3.95 -17.18 -7.38
N ASP A 99 -2.91 -17.99 -7.50
CA ASP A 99 -2.67 -19.08 -6.56
C ASP A 99 -1.49 -18.75 -5.65
N TRP A 100 -1.40 -17.48 -5.25
CA TRP A 100 -0.32 -17.04 -4.38
C TRP A 100 -0.75 -17.10 -2.91
N LYS A 101 0.22 -17.32 -2.03
CA LYS A 101 -0.07 -17.40 -0.60
C LYS A 101 -0.24 -16.00 -0.01
N GLY A 102 0.41 -15.03 -0.64
CA GLY A 102 0.34 -13.66 -0.19
C GLY A 102 0.90 -12.70 -1.21
N GLN A 103 1.65 -11.71 -0.76
CA GLN A 103 2.24 -10.74 -1.67
C GLN A 103 3.44 -10.06 -1.03
N ALA A 104 4.62 -10.30 -1.60
CA ALA A 104 5.85 -9.69 -1.11
C ALA A 104 6.05 -8.36 -1.81
N GLN A 105 5.81 -7.27 -1.09
CA GLN A 105 5.93 -5.94 -1.68
C GLN A 105 6.73 -4.98 -0.80
N LYS A 106 7.39 -4.03 -1.46
CA LYS A 106 8.18 -3.01 -0.79
C LYS A 106 7.36 -1.73 -0.67
N TRP A 107 7.70 -0.90 0.30
CA TRP A 107 6.96 0.35 0.50
C TRP A 107 7.86 1.57 0.37
N PHE A 108 7.32 2.61 -0.26
CA PHE A 108 8.04 3.86 -0.45
C PHE A 108 7.24 5.02 0.14
N LEU A 109 7.90 5.85 0.93
CA LEU A 109 7.23 6.99 1.54
C LEU A 109 7.10 8.12 0.52
N PHE A 110 5.93 8.74 0.46
CA PHE A 110 5.70 9.82 -0.48
C PHE A 110 5.18 11.08 0.21
N LYS A 111 5.79 12.20 -0.11
CA LYS A 111 5.37 13.49 0.43
C LYS A 111 4.40 14.16 -0.53
N PHE A 112 3.19 14.42 -0.06
CA PHE A 112 2.19 15.06 -0.91
C PHE A 112 2.56 16.50 -1.21
N THR A 113 2.68 16.80 -2.50
CA THR A 113 3.03 18.15 -2.93
C THR A 113 1.98 18.71 -3.88
N GLY A 114 0.71 18.38 -3.59
CA GLY A 114 -0.39 18.86 -4.42
C GLY A 114 -1.55 19.33 -3.59
N GLN A 115 -2.76 19.10 -4.10
CA GLN A 115 -3.97 19.50 -3.39
C GLN A 115 -4.93 18.32 -3.31
N ASP A 116 -5.79 18.34 -2.30
CA ASP A 116 -6.77 17.28 -2.10
C ASP A 116 -7.53 16.98 -3.40
N GLN A 117 -7.47 17.90 -4.36
CA GLN A 117 -8.14 17.71 -5.64
C GLN A 117 -7.41 16.70 -6.51
N GLU A 118 -6.11 16.53 -6.25
CA GLU A 118 -5.30 15.58 -7.00
C GLU A 118 -5.60 14.15 -6.58
N ILE A 119 -6.05 14.00 -5.34
CA ILE A 119 -6.36 12.69 -4.80
C ILE A 119 -7.59 12.09 -5.47
N ASN A 120 -7.36 11.17 -6.39
CA ASN A 120 -8.44 10.50 -7.09
C ASN A 120 -8.28 8.99 -6.94
N LEU A 121 -8.98 8.42 -5.98
CA LEU A 121 -8.92 6.99 -5.71
C LEU A 121 -9.25 6.16 -6.94
N LEU A 122 -9.91 6.77 -7.93
CA LEU A 122 -10.26 6.07 -9.15
C LEU A 122 -9.01 5.52 -9.82
N GLY A 123 -8.09 6.42 -10.13
CA GLY A 123 -6.85 6.05 -10.76
C GLY A 123 -6.48 7.03 -11.85
N ASP A 124 -5.35 6.79 -12.48
CA ASP A 124 -4.88 7.66 -13.56
C ASP A 124 -5.44 7.16 -14.89
N GLY A 125 -6.69 6.71 -14.85
CA GLY A 125 -7.34 6.20 -16.05
C GLY A 125 -6.66 4.96 -16.58
N SER A 126 -6.04 4.21 -15.68
CA SER A 126 -5.33 2.99 -16.06
C SER A 126 -6.08 1.75 -15.55
N GLU A 127 -6.17 1.61 -14.23
CA GLU A 127 -6.84 0.46 -13.63
C GLU A 127 -8.19 0.86 -13.06
N LYS A 128 -9.03 -0.14 -12.77
CA LYS A 128 -10.35 0.11 -12.21
C LYS A 128 -10.27 0.60 -10.77
N PRO A 129 -11.27 1.37 -10.32
CA PRO A 129 -11.31 1.91 -8.96
C PRO A 129 -11.05 0.84 -7.91
N GLU A 130 -10.85 1.27 -6.67
CA GLU A 130 -10.60 0.36 -5.56
C GLU A 130 -11.11 0.94 -4.24
N PHE A 131 -10.82 2.22 -4.02
CA PHE A 131 -11.26 2.90 -2.81
C PHE A 131 -12.40 3.86 -3.11
N GLY A 132 -13.17 4.22 -2.08
CA GLY A 132 -14.28 5.13 -2.27
C GLY A 132 -14.08 6.42 -1.50
N GLU A 133 -13.19 6.38 -0.53
CA GLU A 133 -12.89 7.53 0.30
C GLU A 133 -11.46 7.45 0.82
N TRP A 134 -11.05 8.50 1.51
CA TRP A 134 -9.71 8.55 2.08
C TRP A 134 -9.62 9.56 3.21
N SER A 135 -8.67 9.33 4.11
CA SER A 135 -8.48 10.22 5.25
C SER A 135 -7.03 10.20 5.72
N TRP A 136 -6.67 11.22 6.50
CA TRP A 136 -5.31 11.34 7.02
C TRP A 136 -5.26 10.83 8.46
N VAL A 137 -4.30 9.95 8.74
CA VAL A 137 -4.16 9.38 10.07
C VAL A 137 -2.70 9.26 10.49
N THR A 138 -2.47 9.23 11.79
CA THR A 138 -1.13 9.09 12.31
C THR A 138 -0.65 7.66 12.11
N PRO A 139 0.67 7.44 12.00
CA PRO A 139 1.22 6.11 11.80
C PRO A 139 0.66 5.10 12.79
N GLU A 140 0.13 5.61 13.91
CA GLU A 140 -0.45 4.78 14.94
C GLU A 140 -1.95 4.57 14.68
N GLN A 141 -2.60 5.60 14.12
CA GLN A 141 -4.01 5.51 13.82
C GLN A 141 -4.26 4.55 12.66
N LEU A 142 -3.52 4.75 11.57
CA LEU A 142 -3.64 3.86 10.42
C LEU A 142 -3.48 2.42 10.85
N ILE A 143 -2.62 2.22 11.83
CA ILE A 143 -2.37 0.91 12.39
C ILE A 143 -3.63 0.38 13.05
N ASP A 144 -4.47 1.30 13.54
CA ASP A 144 -5.73 0.91 14.16
C ASP A 144 -6.78 0.61 13.10
N LEU A 145 -6.57 1.16 11.91
CA LEU A 145 -7.47 0.95 10.80
C LEU A 145 -7.14 -0.35 10.09
N THR A 146 -5.85 -0.61 9.98
CA THR A 146 -5.36 -1.82 9.32
C THR A 146 -5.88 -3.07 10.03
N VAL A 147 -5.76 -4.21 9.37
CA VAL A 147 -6.21 -5.48 9.94
C VAL A 147 -5.05 -6.24 10.60
N GLU A 148 -5.39 -7.16 11.49
CA GLU A 148 -4.40 -7.94 12.21
C GLU A 148 -3.39 -8.62 11.28
N PHE A 149 -3.85 -9.11 10.13
CA PHE A 149 -2.96 -9.78 9.19
C PHE A 149 -2.23 -8.80 8.27
N LYS A 150 -2.40 -7.50 8.52
CA LYS A 150 -1.73 -6.48 7.70
C LYS A 150 -1.23 -5.32 8.56
N LYS A 151 -1.30 -5.48 9.88
CA LYS A 151 -0.84 -4.45 10.79
C LYS A 151 0.67 -4.28 10.75
N PRO A 152 1.43 -5.33 11.11
CA PRO A 152 2.90 -5.28 11.10
C PRO A 152 3.44 -4.87 9.73
N VAL A 153 2.81 -5.37 8.69
CA VAL A 153 3.21 -5.05 7.32
C VAL A 153 3.17 -3.54 7.08
N TYR A 154 2.31 -2.88 7.82
CA TYR A 154 2.16 -1.43 7.71
C TYR A 154 3.09 -0.73 8.71
N LYS A 155 3.02 -1.15 9.96
CA LYS A 155 3.86 -0.57 11.01
C LYS A 155 5.32 -0.56 10.57
N GLU A 156 5.70 -1.58 9.83
CA GLU A 156 7.06 -1.69 9.32
C GLU A 156 7.35 -0.55 8.38
N VAL A 157 6.40 -0.29 7.48
CA VAL A 157 6.54 0.79 6.51
C VAL A 157 6.65 2.12 7.23
N LEU A 158 5.78 2.34 8.20
CA LEU A 158 5.81 3.57 8.99
C LEU A 158 7.11 3.64 9.76
N SER A 159 7.45 2.55 10.42
CA SER A 159 8.68 2.46 11.21
C SER A 159 9.87 2.95 10.39
N VAL A 160 9.99 2.47 9.16
CA VAL A 160 11.07 2.88 8.28
C VAL A 160 10.92 4.34 7.90
N PHE A 161 9.69 4.83 7.95
CA PHE A 161 9.38 6.22 7.59
C PHE A 161 9.18 7.09 8.83
N ALA A 162 9.45 6.53 9.99
CA ALA A 162 9.30 7.25 11.25
C ALA A 162 10.00 8.60 11.21
N PRO A 163 11.30 8.63 10.85
CA PRO A 163 12.08 9.87 10.78
C PRO A 163 11.38 10.94 9.96
N HIS A 164 10.51 10.53 9.05
CA HIS A 164 9.77 11.46 8.22
C HIS A 164 8.46 11.87 8.89
N LEU A 165 7.96 11.00 9.77
CA LEU A 165 6.71 11.27 10.48
C LEU A 165 6.71 10.60 11.85
PG ATP B . -7.45 -3.25 -3.08
O1G ATP B . -8.52 -4.26 -3.29
O2G ATP B . -8.16 -2.24 -2.26
O3G ATP B . -6.82 -2.58 -4.25
PB ATP B . -6.01 -5.25 -1.94
O1B ATP B . -4.78 -5.58 -2.71
O2B ATP B . -7.23 -6.08 -2.11
O3B ATP B . -6.34 -3.85 -2.30
PA ATP B . -5.40 -6.55 0.39
O1A ATP B . -5.28 -6.24 1.84
O2A ATP B . -4.46 -7.51 -0.22
O3A ATP B . -5.55 -5.40 -0.54
O5' ATP B . -6.89 -7.11 0.25
C5' ATP B . -7.13 -8.46 -0.13
C4' ATP B . -8.40 -8.97 0.50
O4' ATP B . -8.18 -9.16 1.93
C3' ATP B . -9.59 -8.01 0.45
O3' ATP B . -10.28 -8.12 -0.78
C2' ATP B . -10.42 -8.46 1.63
O2' ATP B . -11.12 -9.65 1.35
C1' ATP B . -9.33 -8.76 2.66
N9 ATP B . -8.96 -7.62 3.49
C8 ATP B . -8.02 -6.65 3.25
N7 ATP B . -7.93 -5.75 4.20
C5 ATP B . -8.88 -6.15 5.13
C6 ATP B . -9.29 -5.61 6.36
N6 ATP B . -8.75 -4.51 6.89
N1 ATP B . -10.26 -6.26 7.04
C2 ATP B . -10.79 -7.36 6.50
N3 ATP B . -10.50 -7.96 5.35
C4 ATP B . -9.53 -7.30 4.71
H5'1 ATP B . -6.30 -9.09 0.19
H5'2 ATP B . -7.23 -8.52 -1.21
H4' ATP B . -8.70 -9.87 -0.01
H3' ATP B . -9.27 -6.97 0.53
HO3' ATP B . -11.21 -8.01 -0.59
H2' ATP B . -11.07 -7.65 1.97
HO2' ATP B . -10.91 -9.90 0.44
H1' ATP B . -9.59 -9.59 3.30
H8 ATP B . -7.41 -6.64 2.37
HN61 ATP B . -8.02 -4.01 6.42
HN62 ATP B . -9.08 -4.17 7.79
H2 ATP B . -11.58 -7.84 7.10
N GLY A 1 15.18 -13.96 9.42
CA GLY A 1 15.43 -13.99 10.89
C GLY A 1 14.30 -13.34 11.68
N PRO A 2 14.40 -12.03 11.94
CA PRO A 2 13.37 -11.30 12.69
C PRO A 2 12.09 -11.14 11.90
N LEU A 3 11.04 -10.66 12.58
CA LEU A 3 9.75 -10.47 11.94
C LEU A 3 9.57 -9.02 11.50
N GLY A 4 9.01 -8.84 10.30
CA GLY A 4 8.80 -7.49 9.78
C GLY A 4 9.80 -7.14 8.69
N SER A 5 10.00 -8.05 7.75
CA SER A 5 10.92 -7.84 6.64
C SER A 5 11.23 -9.16 5.95
N MET A 6 11.29 -9.11 4.62
CA MET A 6 11.58 -10.30 3.83
C MET A 6 12.90 -10.17 3.09
N ASP A 7 13.26 -8.94 2.75
CA ASP A 7 14.51 -8.66 2.04
C ASP A 7 14.53 -9.36 0.67
N SER A 8 13.37 -9.78 0.19
CA SER A 8 13.26 -10.46 -1.10
C SER A 8 11.88 -11.11 -1.27
N PRO A 9 11.32 -11.05 -2.48
CA PRO A 9 10.01 -11.65 -2.76
C PRO A 9 10.06 -13.18 -2.77
N PRO A 10 9.43 -13.83 -1.77
CA PRO A 10 9.39 -15.29 -1.68
C PRO A 10 8.47 -15.92 -2.71
N GLU A 11 8.32 -17.23 -2.62
CA GLU A 11 7.46 -17.96 -3.53
C GLU A 11 6.03 -18.05 -2.99
N GLY A 12 5.06 -18.10 -3.90
CA GLY A 12 3.68 -18.19 -3.50
C GLY A 12 3.00 -16.84 -3.41
N TYR A 13 3.79 -15.78 -3.31
CA TYR A 13 3.26 -14.42 -3.22
C TYR A 13 3.55 -13.64 -4.50
N ARG A 14 2.53 -12.93 -4.98
CA ARG A 14 2.66 -12.13 -6.20
C ARG A 14 3.44 -10.85 -5.93
N ARG A 15 4.11 -10.34 -6.97
CA ARG A 15 4.89 -9.11 -6.84
C ARG A 15 3.98 -7.88 -6.80
N ASN A 16 4.26 -6.99 -5.85
CA ASN A 16 3.47 -5.77 -5.69
C ASN A 16 4.32 -4.66 -5.07
N VAL A 17 3.87 -3.42 -5.22
CA VAL A 17 4.58 -2.28 -4.66
C VAL A 17 3.64 -1.36 -3.90
N GLY A 18 3.99 -1.09 -2.65
CA GLY A 18 3.16 -0.21 -1.83
C GLY A 18 3.67 1.22 -1.82
N ILE A 19 2.75 2.16 -1.90
CA ILE A 19 3.11 3.58 -1.90
C ILE A 19 2.66 4.27 -0.62
N CYS A 20 3.60 4.49 0.29
CA CYS A 20 3.30 5.16 1.55
C CYS A 20 3.46 6.66 1.39
N LEU A 21 2.34 7.37 1.24
CA LEU A 21 2.38 8.81 1.06
C LEU A 21 2.01 9.53 2.35
N MET A 22 2.63 10.69 2.57
CA MET A 22 2.36 11.47 3.77
C MET A 22 2.01 12.92 3.40
N ASN A 23 1.30 13.58 4.31
CA ASN A 23 0.90 14.97 4.10
C ASN A 23 1.92 15.93 4.70
N ASN A 24 1.71 17.22 4.45
CA ASN A 24 2.59 18.26 4.97
C ASN A 24 2.54 18.29 6.50
N ASP A 25 1.50 17.67 7.08
CA ASP A 25 1.34 17.64 8.52
C ASP A 25 2.04 16.42 9.13
N LYS A 26 2.66 15.60 8.26
CA LYS A 26 3.38 14.40 8.69
C LYS A 26 2.43 13.23 8.91
N LYS A 27 1.28 13.26 8.25
CA LYS A 27 0.31 12.18 8.37
C LYS A 27 0.52 11.18 7.24
N ILE A 28 -0.15 10.04 7.33
CA ILE A 28 -0.03 9.01 6.31
C ILE A 28 -1.31 8.91 5.48
N PHE A 29 -1.17 9.10 4.18
CA PHE A 29 -2.30 9.04 3.26
C PHE A 29 -3.05 7.72 3.40
N ALA A 30 -4.24 7.79 4.00
CA ALA A 30 -5.07 6.61 4.19
C ALA A 30 -6.38 6.73 3.42
N ALA A 31 -6.79 5.64 2.78
CA ALA A 31 -8.02 5.64 2.00
C ALA A 31 -8.95 4.51 2.45
N SER A 32 -10.24 4.79 2.48
CA SER A 32 -11.23 3.79 2.88
C SER A 32 -11.57 2.87 1.72
N ARG A 33 -12.09 1.69 2.04
CA ARG A 33 -12.45 0.72 1.02
C ARG A 33 -13.69 1.12 0.25
N LEU A 34 -13.88 0.47 -0.88
CA LEU A 34 -15.05 0.71 -1.72
C LEU A 34 -16.10 -0.35 -1.44
N ASP A 35 -15.73 -1.36 -0.63
CA ASP A 35 -16.64 -2.44 -0.31
C ASP A 35 -16.74 -2.68 1.20
N ILE A 36 -15.79 -2.18 1.98
CA ILE A 36 -15.82 -2.39 3.43
C ILE A 36 -15.85 -1.05 4.16
N PRO A 37 -16.96 -0.73 4.83
CA PRO A 37 -17.07 0.52 5.58
C PRO A 37 -16.12 0.55 6.76
N ASP A 38 -15.40 1.66 6.90
CA ASP A 38 -14.45 1.83 7.99
C ASP A 38 -13.15 1.08 7.72
N ALA A 39 -13.06 0.49 6.54
CA ALA A 39 -11.87 -0.25 6.15
C ALA A 39 -10.90 0.66 5.43
N TRP A 40 -9.93 1.17 6.16
CA TRP A 40 -8.93 2.07 5.59
C TRP A 40 -7.63 1.33 5.33
N GLN A 41 -6.84 1.87 4.42
CA GLN A 41 -5.55 1.29 4.06
C GLN A 41 -4.75 2.25 3.19
N MET A 42 -3.58 1.80 2.74
CA MET A 42 -2.72 2.61 1.90
C MET A 42 -2.73 2.11 0.46
N PRO A 43 -2.41 2.97 -0.51
CA PRO A 43 -2.39 2.60 -1.93
C PRO A 43 -1.30 1.59 -2.26
N GLN A 44 -1.67 0.55 -2.99
CA GLN A 44 -0.73 -0.49 -3.39
C GLN A 44 -1.15 -1.12 -4.70
N GLY A 45 -0.19 -1.72 -5.41
CA GLY A 45 -0.50 -2.36 -6.67
C GLY A 45 0.51 -3.44 -7.04
N GLY A 46 0.21 -4.18 -8.09
CA GLY A 46 1.10 -5.24 -8.53
C GLY A 46 2.18 -4.74 -9.48
N ILE A 47 3.42 -5.18 -9.26
CA ILE A 47 4.53 -4.78 -10.11
C ILE A 47 4.38 -5.39 -11.50
N ASP A 48 5.09 -4.81 -12.46
CA ASP A 48 5.05 -5.29 -13.84
C ASP A 48 6.01 -6.45 -14.04
N GLU A 49 6.15 -6.91 -15.28
CA GLU A 49 7.05 -8.01 -15.60
C GLU A 49 8.48 -7.52 -15.66
N GLY A 50 9.21 -7.74 -14.58
CA GLY A 50 10.59 -7.30 -14.50
C GLY A 50 10.69 -5.80 -14.37
N GLU A 51 9.95 -5.26 -13.42
CA GLU A 51 9.92 -3.83 -13.19
C GLU A 51 10.53 -3.48 -11.84
N ASP A 52 11.03 -2.26 -11.72
CA ASP A 52 11.63 -1.77 -10.49
C ASP A 52 10.54 -1.41 -9.47
N PRO A 53 10.66 -1.91 -8.23
CA PRO A 53 9.67 -1.63 -7.18
C PRO A 53 9.43 -0.13 -6.97
N ARG A 54 10.40 0.68 -7.37
CA ARG A 54 10.29 2.13 -7.21
C ARG A 54 9.50 2.75 -8.37
N ASN A 55 9.52 2.08 -9.52
CA ASN A 55 8.80 2.57 -10.69
C ASN A 55 7.36 2.08 -10.69
N ALA A 56 7.18 0.81 -10.35
CA ALA A 56 5.84 0.22 -10.31
C ALA A 56 5.00 0.91 -9.24
N ALA A 57 5.66 1.38 -8.19
CA ALA A 57 4.99 2.08 -7.10
C ALA A 57 4.58 3.47 -7.53
N ILE A 58 5.55 4.22 -8.06
CA ILE A 58 5.29 5.57 -8.54
C ILE A 58 4.19 5.56 -9.59
N ARG A 59 4.09 4.45 -10.32
CA ARG A 59 3.08 4.28 -11.34
C ARG A 59 1.77 3.87 -10.70
N GLU A 60 1.86 2.80 -9.92
CA GLU A 60 0.71 2.24 -9.22
C GLU A 60 0.01 3.30 -8.37
N LEU A 61 0.78 4.25 -7.86
CA LEU A 61 0.22 5.31 -7.01
C LEU A 61 -0.85 6.10 -7.76
N ARG A 62 -0.45 6.77 -8.84
CA ARG A 62 -1.41 7.53 -9.62
C ARG A 62 -2.50 6.63 -10.18
N GLU A 63 -2.29 5.32 -10.09
CA GLU A 63 -3.27 4.36 -10.58
C GLU A 63 -4.25 3.93 -9.49
N GLU A 64 -3.74 3.72 -8.29
CA GLU A 64 -4.57 3.28 -7.16
C GLU A 64 -5.14 4.46 -6.37
N THR A 65 -4.39 5.56 -6.30
CA THR A 65 -4.85 6.73 -5.56
C THR A 65 -5.04 7.92 -6.49
N GLY A 66 -4.33 7.89 -7.60
CA GLY A 66 -4.44 8.97 -8.56
C GLY A 66 -3.59 10.18 -8.20
N VAL A 67 -2.87 10.09 -7.07
CA VAL A 67 -2.01 11.19 -6.65
C VAL A 67 -0.85 11.37 -7.63
N THR A 68 -0.74 12.56 -8.20
CA THR A 68 0.32 12.84 -9.17
C THR A 68 1.47 13.61 -8.52
N SER A 69 1.14 14.46 -7.55
CA SER A 69 2.16 15.25 -6.87
C SER A 69 2.68 14.52 -5.64
N ALA A 70 3.54 13.55 -5.88
CA ALA A 70 4.13 12.77 -4.81
C ALA A 70 5.54 12.30 -5.18
N GLU A 71 6.49 12.55 -4.29
CA GLU A 71 7.87 12.15 -4.51
C GLU A 71 8.31 11.21 -3.40
N VAL A 72 9.18 10.26 -3.74
CA VAL A 72 9.65 9.30 -2.76
C VAL A 72 10.69 9.90 -1.82
N ILE A 73 10.42 9.78 -0.54
CA ILE A 73 11.31 10.28 0.50
C ILE A 73 12.01 9.12 1.20
N ALA A 74 11.46 7.92 1.03
CA ALA A 74 12.01 6.73 1.66
C ALA A 74 11.65 5.48 0.86
N GLU A 75 12.43 4.41 1.05
CA GLU A 75 12.19 3.16 0.36
C GLU A 75 12.60 1.99 1.24
N VAL A 76 11.62 1.21 1.68
CA VAL A 76 11.89 0.06 2.53
C VAL A 76 12.84 -0.91 1.82
N PRO A 77 13.96 -1.25 2.46
CA PRO A 77 14.97 -2.16 1.87
C PRO A 77 14.55 -3.62 1.84
N TYR A 78 13.43 -3.94 2.48
CA TYR A 78 12.95 -5.32 2.50
C TYR A 78 11.49 -5.44 2.07
N TRP A 79 11.15 -6.54 1.42
CA TRP A 79 9.79 -6.75 0.97
C TRP A 79 8.95 -7.23 2.13
N LEU A 80 7.69 -6.82 2.14
CA LEU A 80 6.77 -7.22 3.19
C LEU A 80 5.71 -8.15 2.60
N THR A 81 5.68 -9.38 3.09
CA THR A 81 4.71 -10.35 2.61
C THR A 81 3.69 -10.69 3.70
N TYR A 82 2.41 -10.64 3.33
CA TYR A 82 1.35 -10.93 4.27
C TYR A 82 0.36 -11.92 3.66
N ASP A 83 -0.45 -12.52 4.52
CA ASP A 83 -1.44 -13.50 4.08
C ASP A 83 -2.84 -13.12 4.55
N PHE A 84 -3.85 -13.65 3.87
CA PHE A 84 -5.24 -13.38 4.22
C PHE A 84 -5.84 -14.57 4.97
N PRO A 85 -6.88 -14.32 5.78
CA PRO A 85 -7.54 -15.38 6.55
C PRO A 85 -8.18 -16.44 5.65
N PRO A 86 -8.56 -17.59 6.24
CA PRO A 86 -9.18 -18.69 5.50
C PRO A 86 -10.49 -18.30 4.82
N LYS A 87 -11.07 -17.18 5.24
CA LYS A 87 -12.32 -16.71 4.67
C LYS A 87 -12.05 -15.75 3.52
N VAL A 88 -10.95 -15.02 3.64
CA VAL A 88 -10.56 -14.07 2.62
C VAL A 88 -9.77 -14.78 1.51
N ARG A 89 -8.77 -15.57 1.90
CA ARG A 89 -7.97 -16.30 0.94
C ARG A 89 -8.86 -17.24 0.14
N GLU A 90 -9.72 -17.93 0.86
CA GLU A 90 -10.66 -18.86 0.24
C GLU A 90 -11.64 -18.12 -0.66
N LYS A 91 -11.91 -16.86 -0.30
CA LYS A 91 -12.83 -16.03 -1.06
C LYS A 91 -12.14 -15.46 -2.30
N LEU A 92 -10.93 -14.94 -2.12
CA LEU A 92 -10.17 -14.38 -3.23
C LEU A 92 -9.97 -15.42 -4.32
N ASN A 93 -9.58 -16.63 -3.93
CA ASN A 93 -9.36 -17.71 -4.87
C ASN A 93 -10.49 -17.78 -5.89
N ILE A 94 -11.71 -17.48 -5.41
CA ILE A 94 -12.88 -17.51 -6.27
C ILE A 94 -13.21 -16.12 -6.82
N GLN A 95 -13.21 -15.13 -5.92
CA GLN A 95 -13.51 -13.76 -6.31
C GLN A 95 -12.41 -13.17 -7.18
N TRP A 96 -11.19 -13.20 -6.67
CA TRP A 96 -10.04 -12.68 -7.40
C TRP A 96 -9.56 -13.68 -8.44
N GLY A 97 -9.73 -14.97 -8.15
CA GLY A 97 -9.31 -15.99 -9.08
C GLY A 97 -7.80 -16.17 -9.09
N SER A 98 -7.19 -16.08 -7.92
CA SER A 98 -5.76 -16.24 -7.79
C SER A 98 -5.41 -17.32 -6.78
N ASP A 99 -4.32 -18.03 -7.03
CA ASP A 99 -3.88 -19.10 -6.14
C ASP A 99 -2.60 -18.72 -5.41
N TRP A 100 -2.56 -17.48 -4.90
CA TRP A 100 -1.40 -17.00 -4.17
C TRP A 100 -1.69 -16.89 -2.69
N LYS A 101 -0.69 -17.19 -1.87
CA LYS A 101 -0.85 -17.12 -0.42
C LYS A 101 -0.91 -15.68 0.06
N GLY A 102 -0.26 -14.79 -0.68
CA GLY A 102 -0.25 -13.38 -0.33
C GLY A 102 0.36 -12.53 -1.40
N GLN A 103 1.16 -11.55 -1.00
CA GLN A 103 1.81 -10.66 -1.95
C GLN A 103 3.05 -10.00 -1.33
N ALA A 104 4.21 -10.29 -1.91
CA ALA A 104 5.46 -9.72 -1.44
C ALA A 104 5.69 -8.36 -2.10
N GLN A 105 5.60 -7.30 -1.32
CA GLN A 105 5.78 -5.95 -1.87
C GLN A 105 6.75 -5.11 -1.05
N LYS A 106 7.43 -4.19 -1.75
CA LYS A 106 8.38 -3.28 -1.12
C LYS A 106 7.78 -1.88 -1.08
N TRP A 107 7.30 -1.48 0.09
CA TRP A 107 6.67 -0.17 0.25
C TRP A 107 7.66 0.97 0.11
N PHE A 108 7.20 2.07 -0.50
CA PHE A 108 8.01 3.25 -0.70
C PHE A 108 7.31 4.47 -0.11
N LEU A 109 8.07 5.32 0.56
CA LEU A 109 7.49 6.53 1.13
C LEU A 109 7.31 7.59 0.06
N PHE A 110 6.37 8.49 0.27
CA PHE A 110 6.10 9.55 -0.70
C PHE A 110 5.64 10.82 -0.02
N LYS A 111 6.30 11.92 -0.33
CA LYS A 111 5.91 13.21 0.23
C LYS A 111 4.94 13.91 -0.73
N PHE A 112 3.74 14.23 -0.24
CA PHE A 112 2.75 14.89 -1.08
C PHE A 112 3.22 16.28 -1.48
N THR A 113 3.28 16.53 -2.78
CA THR A 113 3.71 17.82 -3.30
C THR A 113 2.65 18.41 -4.22
N GLY A 114 1.38 18.21 -3.86
CA GLY A 114 0.28 18.73 -4.65
C GLY A 114 -0.81 19.31 -3.79
N GLN A 115 -2.04 19.14 -4.23
CA GLN A 115 -3.19 19.65 -3.50
C GLN A 115 -4.23 18.54 -3.32
N ASP A 116 -5.04 18.64 -2.29
CA ASP A 116 -6.07 17.66 -2.02
C ASP A 116 -6.90 17.36 -3.27
N GLN A 117 -6.83 18.26 -4.26
CA GLN A 117 -7.57 18.09 -5.50
C GLN A 117 -6.94 17.00 -6.38
N GLU A 118 -5.66 16.73 -6.16
CA GLU A 118 -4.94 15.72 -6.92
C GLU A 118 -5.32 14.33 -6.45
N ILE A 119 -5.75 14.22 -5.20
CA ILE A 119 -6.14 12.95 -4.62
C ILE A 119 -7.44 12.45 -5.23
N ASN A 120 -7.32 11.60 -6.25
CA ASN A 120 -8.48 11.04 -6.91
C ASN A 120 -8.47 9.52 -6.76
N LEU A 121 -9.20 9.04 -5.76
CA LEU A 121 -9.28 7.61 -5.47
C LEU A 121 -9.67 6.80 -6.70
N LEU A 122 -10.26 7.45 -7.69
CA LEU A 122 -10.65 6.76 -8.92
C LEU A 122 -9.45 6.11 -9.56
N GLY A 123 -8.47 6.93 -9.88
CA GLY A 123 -7.25 6.46 -10.50
C GLY A 123 -6.83 7.35 -11.65
N ASP A 124 -5.74 6.98 -12.30
CA ASP A 124 -5.26 7.75 -13.44
C ASP A 124 -5.90 7.21 -14.71
N GLY A 125 -7.18 6.87 -14.62
CA GLY A 125 -7.88 6.34 -15.76
C GLY A 125 -7.34 5.01 -16.22
N SER A 126 -6.74 4.28 -15.29
CA SER A 126 -6.16 2.97 -15.58
C SER A 126 -7.06 1.85 -15.09
N GLU A 127 -7.22 1.77 -13.77
CA GLU A 127 -8.05 0.73 -13.16
C GLU A 127 -9.31 1.33 -12.52
N LYS A 128 -10.27 0.47 -12.22
CA LYS A 128 -11.52 0.89 -11.61
C LYS A 128 -11.29 1.37 -10.18
N PRO A 129 -12.12 2.31 -9.69
CA PRO A 129 -12.01 2.84 -8.33
C PRO A 129 -11.88 1.75 -7.28
N GLU A 130 -10.96 1.95 -6.33
CA GLU A 130 -10.75 0.98 -5.27
C GLU A 130 -11.15 1.55 -3.91
N PHE A 131 -11.10 2.88 -3.80
CA PHE A 131 -11.46 3.55 -2.56
C PHE A 131 -12.59 4.56 -2.80
N GLY A 132 -13.30 4.93 -1.73
CA GLY A 132 -14.37 5.88 -1.85
C GLY A 132 -14.11 7.12 -1.04
N GLU A 133 -13.19 7.01 -0.09
CA GLU A 133 -12.83 8.12 0.77
C GLU A 133 -11.40 7.98 1.25
N TRP A 134 -10.93 9.01 1.94
CA TRP A 134 -9.58 9.00 2.47
C TRP A 134 -9.42 10.02 3.58
N SER A 135 -8.38 9.83 4.39
CA SER A 135 -8.10 10.73 5.51
C SER A 135 -6.66 10.63 5.95
N TRP A 136 -6.15 11.71 6.56
CA TRP A 136 -4.78 11.76 7.04
C TRP A 136 -4.69 11.23 8.46
N VAL A 137 -3.80 10.28 8.69
CA VAL A 137 -3.63 9.69 10.01
C VAL A 137 -2.17 9.47 10.36
N THR A 138 -1.86 9.55 11.64
CA THR A 138 -0.50 9.34 12.11
C THR A 138 -0.10 7.88 11.91
N PRO A 139 1.20 7.58 11.91
CA PRO A 139 1.68 6.21 11.72
C PRO A 139 1.12 5.27 12.79
N GLU A 140 0.63 5.85 13.87
CA GLU A 140 0.04 5.08 14.96
C GLU A 140 -1.46 4.94 14.74
N GLN A 141 -2.08 5.96 14.17
CA GLN A 141 -3.51 5.92 13.90
C GLN A 141 -3.80 4.97 12.75
N LEU A 142 -3.08 5.14 11.64
CA LEU A 142 -3.24 4.27 10.49
C LEU A 142 -3.09 2.83 10.90
N ILE A 143 -2.24 2.63 11.90
CA ILE A 143 -1.98 1.30 12.43
C ILE A 143 -3.24 0.78 13.12
N ASP A 144 -4.05 1.71 13.63
CA ASP A 144 -5.30 1.34 14.29
C ASP A 144 -6.39 1.08 13.26
N LEU A 145 -6.19 1.61 12.06
CA LEU A 145 -7.13 1.43 10.97
C LEU A 145 -6.84 0.13 10.24
N THR A 146 -5.56 -0.15 10.08
CA THR A 146 -5.10 -1.36 9.40
C THR A 146 -5.68 -2.61 10.05
N VAL A 147 -5.61 -3.73 9.33
CA VAL A 147 -6.11 -5.00 9.83
C VAL A 147 -5.00 -5.79 10.53
N GLU A 148 -5.40 -6.74 11.37
CA GLU A 148 -4.46 -7.57 12.11
C GLU A 148 -3.37 -8.16 11.21
N PHE A 149 -3.75 -8.63 10.03
CA PHE A 149 -2.79 -9.23 9.11
C PHE A 149 -2.09 -8.18 8.25
N LYS A 150 -2.32 -6.90 8.56
CA LYS A 150 -1.70 -5.80 7.82
C LYS A 150 -1.01 -4.81 8.76
N LYS A 151 -1.22 -4.98 10.06
CA LYS A 151 -0.62 -4.10 11.06
C LYS A 151 0.90 -4.09 10.94
N PRO A 152 1.55 -5.26 11.11
CA PRO A 152 3.01 -5.37 11.01
C PRO A 152 3.54 -4.96 9.64
N VAL A 153 2.84 -5.40 8.60
CA VAL A 153 3.23 -5.08 7.23
C VAL A 153 3.23 -3.57 7.00
N TYR A 154 2.40 -2.88 7.76
CA TYR A 154 2.29 -1.43 7.67
C TYR A 154 3.27 -0.76 8.64
N LYS A 155 3.22 -1.18 9.91
CA LYS A 155 4.10 -0.64 10.93
C LYS A 155 5.54 -0.67 10.45
N GLU A 156 5.86 -1.67 9.66
CA GLU A 156 7.20 -1.83 9.12
C GLU A 156 7.50 -0.69 8.15
N VAL A 157 6.52 -0.42 7.29
CA VAL A 157 6.65 0.66 6.32
C VAL A 157 6.88 1.98 7.03
N LEU A 158 6.05 2.23 8.05
CA LEU A 158 6.17 3.45 8.83
C LEU A 158 7.51 3.46 9.55
N SER A 159 7.82 2.35 10.20
CA SER A 159 9.08 2.21 10.93
C SER A 159 10.27 2.62 10.06
N VAL A 160 10.29 2.11 8.82
CA VAL A 160 11.36 2.45 7.90
C VAL A 160 11.26 3.90 7.46
N PHE A 161 10.05 4.44 7.52
CA PHE A 161 9.78 5.81 7.12
C PHE A 161 9.63 6.75 8.33
N ALA A 162 9.95 6.22 9.50
CA ALA A 162 9.85 7.00 10.73
C ALA A 162 10.63 8.30 10.63
N PRO A 163 11.95 8.23 10.36
CA PRO A 163 12.80 9.42 10.23
C PRO A 163 12.31 10.37 9.16
N HIS A 164 11.53 9.85 8.21
CA HIS A 164 11.00 10.66 7.13
C HIS A 164 9.64 11.27 7.51
N LEU A 165 9.07 10.80 8.62
CA LEU A 165 7.78 11.30 9.08
C LEU A 165 7.94 12.09 10.37
PG ATP B . -8.35 -4.72 -5.95
O1G ATP B . -7.89 -3.37 -6.36
O2G ATP B . -7.24 -5.57 -6.46
O3G ATP B . -9.64 -5.26 -6.46
PB ATP B . -7.39 -4.61 -3.41
O1B ATP B . -7.82 -3.40 -2.66
O2B ATP B . -6.05 -4.65 -4.04
O3B ATP B . -8.41 -4.80 -4.47
PA ATP B . -7.44 -5.65 -0.89
O1A ATP B . -8.23 -4.59 -0.22
O2A ATP B . -6.07 -5.93 -0.41
O3A ATP B . -7.43 -5.67 -2.37
O5' ATP B . -8.33 -6.97 -0.69
C5' ATP B . -7.89 -8.03 0.14
C4' ATP B . -9.06 -8.56 0.97
O4' ATP B . -8.65 -8.66 2.35
C3' ATP B . -10.29 -7.67 1.00
O3' ATP B . -11.13 -7.87 -0.13
C2' ATP B . -10.95 -8.08 2.31
O2' ATP B . -11.61 -9.33 2.16
C1' ATP B . -9.72 -8.27 3.19
N9 ATP B . -9.33 -7.07 3.92
C8 ATP B . -8.47 -6.08 3.51
N7 ATP B . -8.32 -5.12 4.40
C5 ATP B . -9.12 -5.51 5.45
C6 ATP B . -9.40 -4.92 6.69
N6 ATP B . -8.88 -3.76 7.10
N1 ATP B . -10.26 -5.57 7.52
C2 ATP B . -10.79 -6.73 7.11
N3 ATP B . -10.61 -7.38 5.97
C4 ATP B . -9.75 -6.71 5.17
H5'1 ATP B . -7.12 -7.67 0.82
H5'2 ATP B . -7.50 -8.84 -0.46
H4' ATP B . -9.37 -9.50 0.53
H3' ATP B . -10.02 -6.62 0.99
HO3' ATP B . -11.23 -7.04 -0.58
H2' ATP B . -11.60 -7.30 2.68
HO2' ATP B . -11.52 -9.60 1.25
H1' ATP B . -9.87 -9.07 3.91
H8 ATP B . -7.97 -6.08 2.55
HN61 ATP B . -8.24 -3.26 6.51
HN62 ATP B . -9.11 -3.39 8.01
H2 ATP B . -11.47 -7.21 7.82
N GLY A 1 10.84 -4.11 15.59
CA GLY A 1 10.66 -4.48 14.16
C GLY A 1 10.14 -5.89 13.97
N PRO A 2 8.86 -6.13 14.29
CA PRO A 2 8.25 -7.46 14.16
C PRO A 2 8.39 -8.02 12.75
N LEU A 3 7.67 -9.10 12.46
CA LEU A 3 7.71 -9.74 11.16
C LEU A 3 7.24 -8.78 10.07
N GLY A 4 8.16 -7.95 9.58
CA GLY A 4 7.81 -7.00 8.53
C GLY A 4 9.03 -6.50 7.78
N SER A 5 10.07 -7.32 7.73
CA SER A 5 11.30 -6.96 7.03
C SER A 5 12.04 -8.22 6.57
N MET A 6 12.18 -8.36 5.26
CA MET A 6 12.85 -9.52 4.69
C MET A 6 14.16 -9.11 4.00
N ASP A 7 14.12 -7.97 3.31
CA ASP A 7 15.28 -7.46 2.60
C ASP A 7 15.57 -8.29 1.35
N SER A 8 14.52 -8.95 0.83
CA SER A 8 14.66 -9.78 -0.36
C SER A 8 13.37 -10.54 -0.63
N PRO A 9 12.85 -10.50 -1.87
CA PRO A 9 11.61 -11.20 -2.23
C PRO A 9 11.76 -12.71 -2.17
N PRO A 10 11.13 -13.36 -1.19
CA PRO A 10 11.19 -14.81 -1.02
C PRO A 10 10.29 -15.54 -2.00
N GLU A 11 10.24 -16.85 -1.87
CA GLU A 11 9.41 -17.68 -2.74
C GLU A 11 8.01 -17.86 -2.16
N GLY A 12 7.04 -18.09 -3.05
CA GLY A 12 5.67 -18.28 -2.61
C GLY A 12 4.88 -17.00 -2.65
N TYR A 13 5.51 -15.88 -2.31
CA TYR A 13 4.85 -14.58 -2.30
C TYR A 13 4.98 -13.90 -3.66
N ARG A 14 3.88 -13.30 -4.12
CA ARG A 14 3.87 -12.61 -5.41
C ARG A 14 4.45 -11.20 -5.28
N ARG A 15 5.00 -10.69 -6.38
CA ARG A 15 5.60 -9.36 -6.41
C ARG A 15 4.52 -8.29 -6.32
N ASN A 16 4.71 -7.33 -5.42
CA ASN A 16 3.76 -6.24 -5.23
C ASN A 16 4.44 -4.99 -4.71
N VAL A 17 3.85 -3.83 -4.98
CA VAL A 17 4.41 -2.57 -4.52
C VAL A 17 3.34 -1.70 -3.88
N GLY A 18 3.70 -1.07 -2.76
CA GLY A 18 2.75 -0.21 -2.07
C GLY A 18 3.25 1.22 -1.98
N ILE A 19 2.38 2.17 -2.32
CA ILE A 19 2.74 3.57 -2.30
C ILE A 19 2.27 4.26 -1.01
N CYS A 20 3.23 4.67 -0.19
CA CYS A 20 2.92 5.35 1.06
C CYS A 20 2.99 6.86 0.86
N LEU A 21 1.84 7.50 0.75
CA LEU A 21 1.79 8.95 0.53
C LEU A 21 1.43 9.68 1.81
N MET A 22 1.95 10.90 1.94
CA MET A 22 1.68 11.71 3.12
C MET A 22 1.31 13.14 2.72
N ASN A 23 0.60 13.82 3.60
CA ASN A 23 0.16 15.19 3.33
C ASN A 23 1.10 16.22 3.97
N ASN A 24 0.88 17.49 3.64
CA ASN A 24 1.69 18.58 4.17
C ASN A 24 1.66 18.61 5.70
N ASP A 25 0.69 17.94 6.29
CA ASP A 25 0.56 17.88 7.74
C ASP A 25 1.37 16.72 8.32
N LYS A 26 2.02 15.97 7.44
CA LYS A 26 2.84 14.82 7.85
C LYS A 26 1.96 13.61 8.18
N LYS A 27 0.77 13.56 7.60
CA LYS A 27 -0.12 12.43 7.84
C LYS A 27 0.07 11.39 6.76
N ILE A 28 -0.60 10.25 6.90
CA ILE A 28 -0.49 9.18 5.93
C ILE A 28 -1.76 9.09 5.08
N PHE A 29 -1.58 8.88 3.79
CA PHE A 29 -2.71 8.76 2.88
C PHE A 29 -3.37 7.40 3.02
N ALA A 30 -4.51 7.36 3.69
CA ALA A 30 -5.23 6.12 3.90
C ALA A 30 -6.59 6.17 3.20
N ALA A 31 -6.98 5.06 2.59
CA ALA A 31 -8.25 4.97 1.90
C ALA A 31 -9.10 3.83 2.44
N SER A 32 -10.39 4.08 2.61
CA SER A 32 -11.31 3.07 3.12
C SER A 32 -11.76 2.15 1.98
N ARG A 33 -12.15 0.92 2.33
CA ARG A 33 -12.59 -0.04 1.35
C ARG A 33 -13.95 0.32 0.79
N LEU A 34 -14.23 -0.21 -0.40
CA LEU A 34 -15.50 0.02 -1.05
C LEU A 34 -16.47 -1.12 -0.70
N ASP A 35 -15.95 -2.12 0.01
CA ASP A 35 -16.76 -3.28 0.38
C ASP A 35 -16.71 -3.54 1.88
N ILE A 36 -15.70 -3.01 2.57
CA ILE A 36 -15.58 -3.22 4.01
C ILE A 36 -15.60 -1.89 4.75
N PRO A 37 -16.66 -1.62 5.53
CA PRO A 37 -16.77 -0.38 6.29
C PRO A 37 -15.70 -0.28 7.37
N ASP A 38 -15.03 0.86 7.40
CA ASP A 38 -13.98 1.12 8.38
C ASP A 38 -12.68 0.42 8.01
N ALA A 39 -12.68 -0.22 6.85
CA ALA A 39 -11.50 -0.92 6.37
C ALA A 39 -10.62 0.02 5.58
N TRP A 40 -9.60 0.55 6.24
CA TRP A 40 -8.67 1.48 5.60
C TRP A 40 -7.37 0.78 5.26
N GLN A 41 -6.66 1.35 4.30
CA GLN A 41 -5.39 0.80 3.86
C GLN A 41 -4.65 1.78 2.94
N MET A 42 -3.50 1.35 2.43
CA MET A 42 -2.70 2.19 1.55
C MET A 42 -2.81 1.70 0.11
N PRO A 43 -2.50 2.57 -0.87
CA PRO A 43 -2.57 2.22 -2.29
C PRO A 43 -1.47 1.27 -2.73
N GLN A 44 -1.88 0.18 -3.38
CA GLN A 44 -0.96 -0.84 -3.86
C GLN A 44 -1.53 -1.51 -5.11
N GLY A 45 -0.71 -2.27 -5.82
CA GLY A 45 -1.21 -2.92 -7.02
C GLY A 45 -0.21 -3.86 -7.68
N GLY A 46 0.25 -4.86 -6.94
CA GLY A 46 1.20 -5.81 -7.47
C GLY A 46 2.31 -5.16 -8.29
N ILE A 47 3.04 -5.97 -9.04
CA ILE A 47 4.13 -5.47 -9.87
C ILE A 47 4.02 -6.04 -11.29
N ASP A 48 4.67 -5.38 -12.24
CA ASP A 48 4.66 -5.81 -13.62
C ASP A 48 5.82 -6.76 -13.91
N GLU A 49 5.62 -7.68 -14.84
CA GLU A 49 6.65 -8.64 -15.21
C GLU A 49 7.95 -7.94 -15.57
N GLY A 50 8.86 -7.91 -14.62
CA GLY A 50 10.14 -7.27 -14.83
C GLY A 50 10.06 -5.77 -14.61
N GLU A 51 9.30 -5.37 -13.60
CA GLU A 51 9.11 -3.97 -13.28
C GLU A 51 9.83 -3.61 -11.98
N ASP A 52 10.33 -2.39 -11.92
CA ASP A 52 11.03 -1.91 -10.74
C ASP A 52 10.03 -1.54 -9.64
N PRO A 53 10.23 -2.06 -8.42
CA PRO A 53 9.33 -1.79 -7.30
C PRO A 53 9.06 -0.31 -7.11
N ARG A 54 10.00 0.53 -7.54
CA ARG A 54 9.85 1.97 -7.41
C ARG A 54 9.04 2.54 -8.56
N ASN A 55 9.01 1.82 -9.69
CA ASN A 55 8.26 2.26 -10.85
C ASN A 55 6.84 1.71 -10.81
N ALA A 56 6.71 0.45 -10.43
CA ALA A 56 5.40 -0.19 -10.34
C ALA A 56 4.55 0.54 -9.29
N ALA A 57 5.21 1.07 -8.27
CA ALA A 57 4.53 1.79 -7.22
C ALA A 57 4.05 3.14 -7.73
N ILE A 58 4.98 3.90 -8.31
CA ILE A 58 4.65 5.21 -8.86
C ILE A 58 3.54 5.07 -9.90
N ARG A 59 3.48 3.92 -10.54
CA ARG A 59 2.47 3.65 -11.55
C ARG A 59 1.19 3.16 -10.89
N GLU A 60 1.36 2.15 -10.07
CA GLU A 60 0.26 1.53 -9.34
C GLU A 60 -0.57 2.58 -8.60
N LEU A 61 0.12 3.53 -7.97
CA LEU A 61 -0.55 4.60 -7.22
C LEU A 61 -1.49 5.37 -8.13
N ARG A 62 -0.99 5.84 -9.26
CA ARG A 62 -1.80 6.57 -10.21
C ARG A 62 -2.93 5.69 -10.74
N GLU A 63 -2.83 4.39 -10.50
CA GLU A 63 -3.85 3.46 -10.97
C GLU A 63 -4.93 3.23 -9.93
N GLU A 64 -4.52 3.15 -8.67
CA GLU A 64 -5.47 2.90 -7.57
C GLU A 64 -6.08 4.19 -7.04
N THR A 65 -5.29 5.26 -7.02
CA THR A 65 -5.76 6.55 -6.51
C THR A 65 -5.66 7.63 -7.58
N GLY A 66 -4.77 7.41 -8.54
CA GLY A 66 -4.59 8.37 -9.60
C GLY A 66 -3.82 9.60 -9.15
N VAL A 67 -3.32 9.58 -7.92
CA VAL A 67 -2.55 10.71 -7.40
C VAL A 67 -1.37 11.01 -8.32
N THR A 68 -1.45 12.11 -9.04
CA THR A 68 -0.40 12.51 -9.97
C THR A 68 0.63 13.39 -9.28
N SER A 69 0.19 14.21 -8.33
CA SER A 69 1.10 15.10 -7.62
C SER A 69 1.65 14.42 -6.37
N ALA A 70 2.59 13.52 -6.58
CA ALA A 70 3.22 12.80 -5.48
C ALA A 70 4.66 12.46 -5.83
N GLU A 71 5.58 12.77 -4.92
CA GLU A 71 6.99 12.49 -5.13
C GLU A 71 7.50 11.58 -4.04
N VAL A 72 8.36 10.64 -4.41
CA VAL A 72 8.90 9.70 -3.44
C VAL A 72 9.88 10.39 -2.50
N ILE A 73 9.51 10.40 -1.22
CA ILE A 73 10.33 11.00 -0.19
C ILE A 73 11.27 9.96 0.39
N ALA A 74 10.87 8.70 0.30
CA ALA A 74 11.67 7.60 0.82
C ALA A 74 11.33 6.29 0.12
N GLU A 75 12.15 5.27 0.37
CA GLU A 75 11.95 3.96 -0.22
C GLU A 75 12.45 2.89 0.73
N VAL A 76 11.53 2.03 1.19
CA VAL A 76 11.89 0.97 2.11
C VAL A 76 12.98 0.08 1.49
N PRO A 77 14.12 -0.08 2.20
CA PRO A 77 15.25 -0.88 1.70
C PRO A 77 14.96 -2.37 1.63
N TYR A 78 13.87 -2.80 2.24
CA TYR A 78 13.51 -4.22 2.22
C TYR A 78 12.09 -4.45 1.73
N TRP A 79 11.68 -5.72 1.71
CA TRP A 79 10.34 -6.09 1.28
C TRP A 79 9.52 -6.53 2.48
N LEU A 80 8.23 -6.27 2.43
CA LEU A 80 7.33 -6.64 3.51
C LEU A 80 6.37 -7.72 3.03
N THR A 81 6.46 -8.88 3.66
CA THR A 81 5.61 -10.02 3.30
C THR A 81 4.63 -10.32 4.42
N TYR A 82 3.37 -10.48 4.06
CA TYR A 82 2.32 -10.78 5.03
C TYR A 82 1.55 -12.02 4.64
N ASP A 83 0.71 -12.49 5.55
CA ASP A 83 -0.11 -13.67 5.30
C ASP A 83 -1.59 -13.35 5.43
N PHE A 84 -2.43 -14.17 4.82
CA PHE A 84 -3.87 -13.99 4.88
C PHE A 84 -4.55 -15.19 5.54
N PRO A 85 -5.60 -14.94 6.34
CA PRO A 85 -6.34 -16.00 7.03
C PRO A 85 -6.99 -16.97 6.05
N PRO A 86 -7.55 -18.08 6.56
CA PRO A 86 -8.20 -19.11 5.74
C PRO A 86 -9.44 -18.60 5.01
N LYS A 87 -9.97 -17.45 5.46
CA LYS A 87 -11.15 -16.88 4.84
C LYS A 87 -10.75 -15.88 3.77
N VAL A 88 -9.65 -15.19 4.03
CA VAL A 88 -9.13 -14.20 3.09
C VAL A 88 -8.30 -14.89 2.01
N ARG A 89 -7.41 -15.78 2.44
CA ARG A 89 -6.57 -16.52 1.50
C ARG A 89 -7.45 -17.32 0.56
N GLU A 90 -8.42 -18.00 1.15
CA GLU A 90 -9.35 -18.82 0.39
C GLU A 90 -10.25 -17.94 -0.49
N LYS A 91 -10.45 -16.70 -0.05
CA LYS A 91 -11.28 -15.76 -0.79
C LYS A 91 -10.50 -15.13 -1.93
N LEU A 92 -9.28 -14.70 -1.65
CA LEU A 92 -8.42 -14.10 -2.66
C LEU A 92 -8.24 -15.04 -3.84
N ASN A 93 -8.03 -16.32 -3.53
CA ASN A 93 -7.84 -17.33 -4.56
C ASN A 93 -8.88 -17.17 -5.67
N ILE A 94 -10.08 -16.74 -5.30
CA ILE A 94 -11.16 -16.54 -6.26
C ILE A 94 -11.24 -15.08 -6.69
N GLN A 95 -11.25 -14.18 -5.72
CA GLN A 95 -11.32 -12.75 -6.00
C GLN A 95 -10.08 -12.29 -6.76
N TRP A 96 -8.91 -12.51 -6.18
CA TRP A 96 -7.66 -12.12 -6.80
C TRP A 96 -7.25 -13.12 -7.88
N GLY A 97 -7.53 -14.40 -7.64
CA GLY A 97 -7.18 -15.42 -8.62
C GLY A 97 -5.74 -15.86 -8.49
N SER A 98 -5.22 -15.87 -7.26
CA SER A 98 -3.85 -16.27 -7.01
C SER A 98 -3.78 -17.28 -5.87
N ASP A 99 -2.80 -18.17 -5.95
CA ASP A 99 -2.61 -19.20 -4.92
C ASP A 99 -1.33 -18.95 -4.14
N TRP A 100 -1.04 -17.68 -3.85
CA TRP A 100 0.16 -17.32 -3.10
C TRP A 100 -0.13 -17.31 -1.61
N LYS A 101 0.89 -17.60 -0.81
CA LYS A 101 0.75 -17.62 0.64
C LYS A 101 0.61 -16.20 1.18
N GLY A 102 1.23 -15.26 0.49
CA GLY A 102 1.18 -13.88 0.91
C GLY A 102 1.58 -12.93 -0.20
N GLN A 103 2.28 -11.86 0.16
CA GLN A 103 2.72 -10.88 -0.82
C GLN A 103 3.94 -10.09 -0.32
N ALA A 104 5.08 -10.31 -0.95
CA ALA A 104 6.30 -9.59 -0.58
C ALA A 104 6.42 -8.32 -1.41
N GLN A 105 6.16 -7.18 -0.78
CA GLN A 105 6.20 -5.90 -1.51
C GLN A 105 7.22 -4.93 -0.94
N LYS A 106 7.56 -3.94 -1.76
CA LYS A 106 8.50 -2.88 -1.39
C LYS A 106 7.78 -1.55 -1.37
N TRP A 107 7.50 -1.05 -0.18
CA TRP A 107 6.78 0.21 -0.01
C TRP A 107 7.66 1.43 -0.25
N PHE A 108 7.07 2.46 -0.84
CA PHE A 108 7.76 3.70 -1.12
C PHE A 108 6.97 4.89 -0.57
N LEU A 109 7.66 5.83 0.06
CA LEU A 109 7.00 7.00 0.61
C LEU A 109 6.73 8.00 -0.51
N PHE A 110 5.72 8.86 -0.32
CA PHE A 110 5.38 9.84 -1.32
C PHE A 110 4.87 11.14 -0.70
N LYS A 111 5.42 12.25 -1.18
CA LYS A 111 5.01 13.57 -0.71
C LYS A 111 3.95 14.13 -1.66
N PHE A 112 2.76 14.39 -1.14
CA PHE A 112 1.69 14.93 -1.96
C PHE A 112 2.01 16.37 -2.37
N THR A 113 2.09 16.59 -3.68
CA THR A 113 2.38 17.91 -4.21
C THR A 113 1.25 18.38 -5.12
N GLY A 114 0.02 18.05 -4.75
CA GLY A 114 -1.14 18.44 -5.52
C GLY A 114 -2.28 18.92 -4.66
N GLN A 115 -3.49 18.63 -5.07
CA GLN A 115 -4.68 19.03 -4.33
C GLN A 115 -5.58 17.82 -4.12
N ASP A 116 -6.39 17.88 -3.07
CA ASP A 116 -7.32 16.81 -2.76
C ASP A 116 -8.13 16.39 -3.98
N GLN A 117 -8.16 17.25 -5.00
CA GLN A 117 -8.90 16.97 -6.22
C GLN A 117 -8.19 15.92 -7.07
N GLU A 118 -6.88 15.77 -6.84
CA GLU A 118 -6.07 14.80 -7.58
C GLU A 118 -6.35 13.39 -7.08
N ILE A 119 -6.78 13.29 -5.84
CA ILE A 119 -7.07 12.00 -5.22
C ILE A 119 -8.31 11.36 -5.83
N ASN A 120 -8.08 10.34 -6.66
CA ASN A 120 -9.18 9.62 -7.30
C ASN A 120 -9.09 8.14 -6.96
N LEU A 121 -9.83 7.74 -5.94
CA LEU A 121 -9.84 6.35 -5.51
C LEU A 121 -10.20 5.39 -6.63
N LEU A 122 -10.86 5.91 -7.67
CA LEU A 122 -11.23 5.09 -8.81
C LEU A 122 -9.97 4.60 -9.53
N GLY A 123 -9.17 5.55 -9.96
CA GLY A 123 -7.94 5.23 -10.65
C GLY A 123 -7.68 6.20 -11.78
N ASP A 124 -6.69 5.89 -12.60
CA ASP A 124 -6.35 6.72 -13.74
C ASP A 124 -7.07 6.21 -14.98
N GLY A 125 -8.32 5.79 -14.79
CA GLY A 125 -9.10 5.27 -15.90
C GLY A 125 -8.59 3.92 -16.38
N SER A 126 -7.94 3.19 -15.48
CA SER A 126 -7.40 1.88 -15.82
C SER A 126 -8.06 0.78 -15.00
N GLU A 127 -7.80 0.77 -13.70
CA GLU A 127 -8.36 -0.24 -12.81
C GLU A 127 -9.69 0.24 -12.23
N LYS A 128 -10.45 -0.70 -11.66
CA LYS A 128 -11.75 -0.38 -11.08
C LYS A 128 -11.58 0.14 -9.65
N PRO A 129 -12.48 1.04 -9.21
CA PRO A 129 -12.43 1.62 -7.86
C PRO A 129 -12.31 0.55 -6.77
N GLU A 130 -11.31 0.70 -5.92
CA GLU A 130 -11.08 -0.24 -4.83
C GLU A 130 -11.45 0.38 -3.48
N PHE A 131 -11.33 1.70 -3.41
CA PHE A 131 -11.66 2.43 -2.18
C PHE A 131 -12.88 3.32 -2.39
N GLY A 132 -13.54 3.69 -1.31
CA GLY A 132 -14.72 4.54 -1.41
C GLY A 132 -14.49 5.88 -0.75
N GLU A 133 -13.52 5.93 0.15
CA GLU A 133 -13.19 7.14 0.87
C GLU A 133 -11.72 7.13 1.27
N TRP A 134 -11.28 8.25 1.83
CA TRP A 134 -9.90 8.37 2.28
C TRP A 134 -9.76 9.48 3.32
N SER A 135 -8.70 9.38 4.11
CA SER A 135 -8.44 10.36 5.15
C SER A 135 -6.97 10.38 5.55
N TRP A 136 -6.55 11.48 6.17
CA TRP A 136 -5.18 11.65 6.62
C TRP A 136 -5.02 11.18 8.06
N VAL A 137 -4.06 10.30 8.30
CA VAL A 137 -3.83 9.76 9.63
C VAL A 137 -2.35 9.72 9.98
N THR A 138 -2.05 9.81 11.27
CA THR A 138 -0.68 9.76 11.72
C THR A 138 -0.16 8.33 11.59
N PRO A 139 1.15 8.14 11.41
CA PRO A 139 1.74 6.80 11.28
C PRO A 139 1.27 5.86 12.38
N GLU A 140 0.84 6.44 13.48
CA GLU A 140 0.34 5.67 14.61
C GLU A 140 -1.15 5.40 14.44
N GLN A 141 -1.86 6.35 13.84
CA GLN A 141 -3.28 6.19 13.60
C GLN A 141 -3.52 5.15 12.51
N LEU A 142 -2.83 5.32 11.39
CA LEU A 142 -2.96 4.37 10.28
C LEU A 142 -2.70 2.96 10.77
N ILE A 143 -1.87 2.87 11.79
CA ILE A 143 -1.52 1.60 12.40
C ILE A 143 -2.72 1.06 13.16
N ASP A 144 -3.57 1.98 13.63
CA ASP A 144 -4.77 1.59 14.36
C ASP A 144 -5.87 1.17 13.38
N LEU A 145 -5.74 1.64 12.15
CA LEU A 145 -6.70 1.31 11.11
C LEU A 145 -6.38 -0.05 10.50
N THR A 146 -5.09 -0.29 10.33
CA THR A 146 -4.61 -1.54 9.76
C THR A 146 -5.07 -2.74 10.60
N VAL A 147 -5.00 -3.93 10.01
CA VAL A 147 -5.39 -5.15 10.70
C VAL A 147 -4.21 -5.79 11.41
N GLU A 148 -4.50 -6.67 12.37
CA GLU A 148 -3.45 -7.35 13.14
C GLU A 148 -2.57 -8.23 12.26
N PHE A 149 -3.11 -8.70 11.14
CA PHE A 149 -2.34 -9.57 10.24
C PHE A 149 -1.60 -8.77 9.17
N LYS A 150 -1.56 -7.45 9.32
CA LYS A 150 -0.86 -6.59 8.36
C LYS A 150 -0.37 -5.30 9.01
N LYS A 151 -0.34 -5.28 10.34
CA LYS A 151 0.11 -4.10 11.08
C LYS A 151 1.61 -3.85 10.86
N PRO A 152 2.46 -4.80 11.27
CA PRO A 152 3.91 -4.68 11.11
C PRO A 152 4.30 -4.32 9.68
N VAL A 153 3.64 -4.93 8.72
CA VAL A 153 3.90 -4.67 7.31
C VAL A 153 3.74 -3.19 6.99
N TYR A 154 2.90 -2.53 7.77
CA TYR A 154 2.66 -1.10 7.59
C TYR A 154 3.61 -0.30 8.47
N LYS A 155 3.70 -0.69 9.74
CA LYS A 155 4.57 0.00 10.69
C LYS A 155 5.98 0.08 10.14
N GLU A 156 6.37 -0.93 9.37
CA GLU A 156 7.69 -0.96 8.76
C GLU A 156 7.81 0.15 7.73
N VAL A 157 6.78 0.28 6.91
CA VAL A 157 6.74 1.32 5.89
C VAL A 157 6.85 2.69 6.53
N LEU A 158 6.07 2.90 7.58
CA LEU A 158 6.09 4.15 8.31
C LEU A 158 7.43 4.31 9.01
N SER A 159 7.84 3.26 9.70
CA SER A 159 9.12 3.26 10.41
C SER A 159 10.25 3.72 9.49
N VAL A 160 10.29 3.16 8.29
CA VAL A 160 11.31 3.53 7.31
C VAL A 160 11.10 4.95 6.83
N PHE A 161 9.86 5.42 6.93
CA PHE A 161 9.49 6.76 6.49
C PHE A 161 9.32 7.72 7.67
N ALA A 162 9.63 7.25 8.86
CA ALA A 162 9.52 8.06 10.07
C ALA A 162 10.23 9.40 9.92
N PRO A 163 11.54 9.37 9.59
CA PRO A 163 12.34 10.58 9.41
C PRO A 163 11.69 11.58 8.45
N HIS A 164 10.82 11.08 7.58
CA HIS A 164 10.14 11.93 6.62
C HIS A 164 8.82 12.46 7.20
N LEU A 165 8.29 11.76 8.20
CA LEU A 165 7.06 12.17 8.85
C LEU A 165 7.03 11.72 10.30
PG ATP B . -2.73 -6.06 -3.52
O1G ATP B . -2.03 -7.29 -3.96
O2G ATP B . -3.76 -5.91 -4.58
O3G ATP B . -1.97 -4.78 -3.40
PB ATP B . -4.41 -5.55 -1.45
O1B ATP B . -5.57 -5.42 -2.36
O2B ATP B . -3.78 -4.32 -0.89
O3B ATP B . -3.38 -6.29 -2.20
PA ATP B . -5.25 -5.99 1.12
O1A ATP B . -6.44 -5.16 1.41
O2A ATP B . -3.96 -5.65 1.78
O3A ATP B . -4.96 -6.31 -0.31
O5' ATP B . -5.69 -7.46 1.56
C5' ATP B . -6.53 -8.25 0.72
C4' ATP B . -7.75 -8.71 1.48
O4' ATP B . -7.42 -8.83 2.90
C3' ATP B . -8.93 -7.75 1.46
O3' ATP B . -9.71 -7.91 0.28
C2' ATP B . -9.68 -8.15 2.72
O2' ATP B . -10.41 -9.35 2.52
C1' ATP B . -8.53 -8.43 3.67
N9 ATP B . -8.15 -7.28 4.48
C8 ATP B . -7.21 -6.32 4.21
N7 ATP B . -7.10 -5.40 5.14
C5 ATP B . -8.03 -5.79 6.09
C6 ATP B . -8.38 -5.23 7.33
N6 ATP B . -7.84 -4.12 7.83
N1 ATP B . -9.35 -5.85 8.04
C2 ATP B . -9.90 -6.96 7.54
N3 ATP B . -9.64 -7.59 6.39
C4 ATP B . -8.68 -6.94 5.70
H5'1 ATP B . -5.97 -9.13 0.37
H5'2 ATP B . -6.84 -7.67 -0.14
H4' ATP B . -8.09 -9.64 1.04
H3' ATP B . -8.61 -6.72 1.48
HO3' ATP B . -9.51 -8.77 -0.09
H2' ATP B . -10.31 -7.32 3.06
HO2' ATP B . -11.33 -9.11 2.37
H1' ATP B . -8.75 -9.26 4.35
H8 ATP B . -6.62 -6.32 3.30
HN61 ATP B . -7.12 -3.63 7.32
HN62 ATP B . -8.15 -3.76 8.73
H2 ATP B . -10.67 -7.43 8.15
N GLY A 1 13.07 -12.47 14.40
CA GLY A 1 12.47 -11.98 13.13
C GLY A 1 10.99 -12.30 13.03
N PRO A 2 10.11 -11.42 13.54
CA PRO A 2 8.67 -11.63 13.50
C PRO A 2 8.11 -11.54 12.08
N LEU A 3 6.79 -11.47 11.97
CA LEU A 3 6.13 -11.38 10.67
C LEU A 3 6.25 -9.98 10.10
N GLY A 4 6.05 -9.86 8.79
CA GLY A 4 6.14 -8.56 8.14
C GLY A 4 7.55 -8.24 7.67
N SER A 5 8.34 -9.28 7.41
CA SER A 5 9.70 -9.10 6.96
C SER A 5 10.26 -10.40 6.39
N MET A 6 10.67 -10.37 5.13
CA MET A 6 11.20 -11.55 4.47
C MET A 6 12.61 -11.31 3.94
N ASP A 7 12.86 -10.09 3.47
CA ASP A 7 14.17 -9.73 2.93
C ASP A 7 14.42 -10.43 1.60
N SER A 8 13.34 -10.86 0.95
CA SER A 8 13.43 -11.56 -0.33
C SER A 8 12.06 -12.10 -0.75
N PRO A 9 11.65 -11.83 -2.01
CA PRO A 9 10.35 -12.29 -2.51
C PRO A 9 10.27 -13.81 -2.59
N PRO A 10 9.46 -14.43 -1.71
CA PRO A 10 9.29 -15.89 -1.67
C PRO A 10 8.36 -16.38 -2.77
N GLU A 11 8.09 -17.68 -2.76
CA GLU A 11 7.22 -18.29 -3.75
C GLU A 11 5.77 -18.29 -3.25
N GLY A 12 4.83 -18.30 -4.21
CA GLY A 12 3.43 -18.29 -3.86
C GLY A 12 2.82 -16.90 -3.89
N TYR A 13 3.64 -15.90 -3.62
CA TYR A 13 3.17 -14.52 -3.61
C TYR A 13 3.62 -13.79 -4.87
N ARG A 14 2.73 -12.98 -5.43
CA ARG A 14 3.03 -12.22 -6.64
C ARG A 14 3.79 -10.93 -6.31
N ARG A 15 4.59 -10.46 -7.26
CA ARG A 15 5.36 -9.24 -7.08
C ARG A 15 4.45 -8.02 -6.94
N ASN A 16 4.72 -7.20 -5.92
CA ASN A 16 3.92 -6.00 -5.69
C ASN A 16 4.74 -4.94 -4.97
N VAL A 17 4.31 -3.69 -5.08
CA VAL A 17 5.01 -2.58 -4.43
C VAL A 17 4.03 -1.69 -3.67
N GLY A 18 4.34 -1.44 -2.39
CA GLY A 18 3.49 -0.60 -1.57
C GLY A 18 4.02 0.81 -1.49
N ILE A 19 3.11 1.78 -1.44
CA ILE A 19 3.49 3.19 -1.36
C ILE A 19 2.92 3.85 -0.11
N CYS A 20 3.76 4.03 0.90
CA CYS A 20 3.33 4.66 2.14
C CYS A 20 3.55 6.18 2.03
N LEU A 21 2.48 6.92 1.91
CA LEU A 21 2.57 8.37 1.79
C LEU A 21 2.21 9.06 3.08
N MET A 22 2.88 10.16 3.36
CA MET A 22 2.64 10.92 4.58
C MET A 22 2.42 12.40 4.26
N ASN A 23 1.76 13.10 5.18
CA ASN A 23 1.46 14.51 4.99
C ASN A 23 2.38 15.38 5.85
N ASN A 24 2.34 16.68 5.60
CA ASN A 24 3.16 17.64 6.35
C ASN A 24 2.93 17.51 7.86
N ASP A 25 1.83 16.87 8.25
CA ASP A 25 1.51 16.69 9.66
C ASP A 25 2.11 15.39 10.18
N LYS A 26 2.89 14.71 9.32
CA LYS A 26 3.54 13.46 9.68
C LYS A 26 2.53 12.32 9.81
N LYS A 27 1.42 12.43 9.09
CA LYS A 27 0.40 11.38 9.12
C LYS A 27 0.59 10.44 7.95
N ILE A 28 -0.16 9.35 7.92
CA ILE A 28 -0.06 8.38 6.84
C ILE A 28 -1.31 8.39 5.97
N PHE A 29 -1.12 8.62 4.68
CA PHE A 29 -2.24 8.66 3.75
C PHE A 29 -3.03 7.36 3.77
N ALA A 30 -4.24 7.43 4.31
CA ALA A 30 -5.12 6.27 4.39
C ALA A 30 -6.37 6.49 3.55
N ALA A 31 -6.72 5.50 2.74
CA ALA A 31 -7.90 5.60 1.89
C ALA A 31 -8.95 4.58 2.27
N SER A 32 -10.20 5.02 2.27
CA SER A 32 -11.33 4.16 2.61
C SER A 32 -11.76 3.34 1.40
N ARG A 33 -12.44 2.22 1.65
CA ARG A 33 -12.90 1.36 0.57
C ARG A 33 -14.03 1.99 -0.20
N LEU A 34 -14.28 1.45 -1.39
CA LEU A 34 -15.35 1.91 -2.23
C LEU A 34 -16.59 1.06 -2.01
N ASP A 35 -16.45 -0.01 -1.21
CA ASP A 35 -17.57 -0.91 -0.96
C ASP A 35 -17.68 -1.30 0.51
N ILE A 36 -16.65 -1.05 1.32
CA ILE A 36 -16.70 -1.41 2.73
C ILE A 36 -16.53 -0.19 3.63
N PRO A 37 -17.59 0.21 4.35
CA PRO A 37 -17.51 1.36 5.24
C PRO A 37 -16.59 1.09 6.41
N ASP A 38 -15.71 2.05 6.68
CA ASP A 38 -14.74 1.93 7.78
C ASP A 38 -13.56 1.05 7.39
N ALA A 39 -13.56 0.62 6.14
CA ALA A 39 -12.49 -0.21 5.61
C ALA A 39 -11.46 0.65 4.91
N TRP A 40 -10.40 0.97 5.63
CA TRP A 40 -9.32 1.80 5.08
C TRP A 40 -8.07 0.98 4.82
N GLN A 41 -7.21 1.50 3.97
CA GLN A 41 -5.95 0.84 3.63
C GLN A 41 -5.03 1.78 2.86
N MET A 42 -3.79 1.35 2.66
CA MET A 42 -2.81 2.14 1.94
C MET A 42 -2.72 1.69 0.47
N PRO A 43 -2.26 2.57 -0.43
CA PRO A 43 -2.13 2.26 -1.86
C PRO A 43 -1.04 1.23 -2.14
N GLN A 44 -1.35 0.30 -3.04
CA GLN A 44 -0.41 -0.75 -3.42
C GLN A 44 -0.72 -1.26 -4.82
N GLY A 45 0.28 -1.84 -5.48
CA GLY A 45 0.07 -2.36 -6.82
C GLY A 45 1.11 -3.37 -7.22
N GLY A 46 0.73 -4.27 -8.12
CA GLY A 46 1.65 -5.30 -8.59
C GLY A 46 2.73 -4.75 -9.49
N ILE A 47 3.97 -5.11 -9.22
CA ILE A 47 5.09 -4.65 -10.03
C ILE A 47 4.93 -5.08 -11.48
N ASP A 48 5.65 -4.41 -12.37
CA ASP A 48 5.60 -4.72 -13.79
C ASP A 48 6.66 -5.75 -14.16
N GLU A 49 6.36 -6.57 -15.18
CA GLU A 49 7.29 -7.59 -15.63
C GLU A 49 8.67 -7.01 -15.88
N GLY A 50 9.54 -7.19 -14.90
CA GLY A 50 10.90 -6.67 -15.03
C GLY A 50 10.97 -5.21 -14.64
N GLU A 51 10.23 -4.84 -13.61
CA GLU A 51 10.20 -3.47 -13.14
C GLU A 51 10.79 -3.36 -11.74
N ASP A 52 11.44 -2.24 -11.47
CA ASP A 52 12.06 -1.99 -10.18
C ASP A 52 11.00 -1.71 -9.13
N PRO A 53 11.16 -2.24 -7.91
CA PRO A 53 10.20 -2.05 -6.82
C PRO A 53 9.92 -0.58 -6.54
N ARG A 54 10.98 0.20 -6.34
CA ARG A 54 10.84 1.63 -6.07
C ARG A 54 10.20 2.36 -7.24
N ASN A 55 10.34 1.80 -8.44
CA ASN A 55 9.77 2.41 -9.63
C ASN A 55 8.32 2.00 -9.81
N ALA A 56 8.05 0.70 -9.70
CA ALA A 56 6.71 0.18 -9.84
C ALA A 56 5.79 0.81 -8.79
N ALA A 57 6.38 1.18 -7.65
CA ALA A 57 5.62 1.80 -6.57
C ALA A 57 5.30 3.25 -6.91
N ILE A 58 6.33 3.99 -7.32
CA ILE A 58 6.15 5.38 -7.71
C ILE A 58 5.12 5.50 -8.82
N ARG A 59 5.04 4.45 -9.62
CA ARG A 59 4.09 4.41 -10.73
C ARG A 59 2.73 3.97 -10.22
N GLU A 60 2.74 2.85 -9.53
CA GLU A 60 1.52 2.26 -8.97
C GLU A 60 0.76 3.28 -8.12
N LEU A 61 1.48 4.05 -7.32
CA LEU A 61 0.87 5.06 -6.46
C LEU A 61 0.05 6.03 -7.29
N ARG A 62 0.68 6.63 -8.28
CA ARG A 62 0.00 7.58 -9.15
C ARG A 62 -1.14 6.88 -9.90
N GLU A 63 -1.14 5.55 -9.86
CA GLU A 63 -2.17 4.77 -10.54
C GLU A 63 -3.35 4.47 -9.62
N GLU A 64 -3.05 4.09 -8.38
CA GLU A 64 -4.08 3.74 -7.41
C GLU A 64 -4.53 4.93 -6.58
N THR A 65 -3.66 5.93 -6.43
CA THR A 65 -4.00 7.11 -5.65
C THR A 65 -3.98 8.36 -6.52
N GLY A 66 -3.30 8.27 -7.65
CA GLY A 66 -3.23 9.40 -8.55
C GLY A 66 -2.34 10.53 -8.03
N VAL A 67 -1.66 10.28 -6.91
CA VAL A 67 -0.78 11.29 -6.32
C VAL A 67 0.46 11.47 -7.18
N THR A 68 0.63 12.68 -7.72
CA THR A 68 1.77 12.98 -8.56
C THR A 68 2.90 13.65 -7.77
N SER A 69 2.52 14.47 -6.80
CA SER A 69 3.49 15.17 -5.96
C SER A 69 3.85 14.35 -4.73
N ALA A 70 4.70 13.37 -4.93
CA ALA A 70 5.14 12.51 -3.83
C ALA A 70 6.55 11.99 -4.08
N GLU A 71 7.41 12.15 -3.07
CA GLU A 71 8.78 11.70 -3.17
C GLU A 71 9.07 10.65 -2.12
N VAL A 72 9.96 9.74 -2.42
CA VAL A 72 10.30 8.67 -1.48
C VAL A 72 11.27 9.15 -0.42
N ILE A 73 10.85 8.99 0.83
CA ILE A 73 11.66 9.40 1.97
C ILE A 73 12.24 8.18 2.67
N ALA A 74 11.64 7.02 2.43
CA ALA A 74 12.09 5.78 3.03
C ALA A 74 11.71 4.56 2.20
N GLU A 75 12.41 3.47 2.40
CA GLU A 75 12.16 2.23 1.69
C GLU A 75 12.50 1.04 2.57
N VAL A 76 11.48 0.24 2.88
CA VAL A 76 11.68 -0.93 3.71
C VAL A 76 12.74 -1.86 3.09
N PRO A 77 13.77 -2.23 3.87
CA PRO A 77 14.86 -3.10 3.38
C PRO A 77 14.39 -4.49 2.97
N TYR A 78 13.22 -4.89 3.47
CA TYR A 78 12.68 -6.21 3.15
C TYR A 78 11.31 -6.13 2.49
N TRP A 79 10.74 -7.29 2.22
CA TRP A 79 9.42 -7.37 1.62
C TRP A 79 8.41 -7.87 2.64
N LEU A 80 7.19 -7.39 2.54
CA LEU A 80 6.13 -7.81 3.45
C LEU A 80 5.09 -8.62 2.71
N THR A 81 4.95 -9.88 3.11
CA THR A 81 4.00 -10.78 2.48
C THR A 81 2.85 -11.11 3.42
N TYR A 82 1.63 -11.00 2.92
CA TYR A 82 0.45 -11.30 3.72
C TYR A 82 -0.52 -12.17 2.92
N ASP A 83 -1.46 -12.77 3.64
CA ASP A 83 -2.46 -13.64 3.02
C ASP A 83 -3.87 -13.15 3.31
N PHE A 84 -4.82 -13.55 2.47
CA PHE A 84 -6.21 -13.15 2.64
C PHE A 84 -7.08 -14.33 3.01
N PRO A 85 -8.17 -14.09 3.77
CA PRO A 85 -9.09 -15.15 4.19
C PRO A 85 -9.77 -15.85 3.01
N PRO A 86 -10.47 -16.96 3.26
CA PRO A 86 -11.17 -17.73 2.22
C PRO A 86 -12.25 -16.93 1.51
N LYS A 87 -12.67 -15.82 2.11
CA LYS A 87 -13.70 -14.97 1.52
C LYS A 87 -13.06 -13.91 0.66
N VAL A 88 -11.95 -13.38 1.14
CA VAL A 88 -11.21 -12.35 0.43
C VAL A 88 -10.39 -12.98 -0.69
N ARG A 89 -9.68 -14.05 -0.36
CA ARG A 89 -8.86 -14.76 -1.34
C ARG A 89 -9.74 -15.24 -2.48
N GLU A 90 -10.87 -15.83 -2.12
CA GLU A 90 -11.83 -16.34 -3.08
C GLU A 90 -12.45 -15.20 -3.87
N LYS A 91 -12.53 -14.04 -3.23
CA LYS A 91 -13.11 -12.86 -3.86
C LYS A 91 -12.11 -12.22 -4.82
N LEU A 92 -10.88 -12.05 -4.35
CA LEU A 92 -9.83 -11.46 -5.17
C LEU A 92 -9.63 -12.27 -6.45
N ASN A 93 -9.57 -13.58 -6.29
CA ASN A 93 -9.40 -14.47 -7.43
C ASN A 93 -10.33 -14.07 -8.58
N ILE A 94 -11.49 -13.52 -8.22
CA ILE A 94 -12.46 -13.09 -9.22
C ILE A 94 -12.32 -11.59 -9.50
N GLN A 95 -12.30 -10.79 -8.44
CA GLN A 95 -12.18 -9.35 -8.58
C GLN A 95 -10.81 -8.97 -9.17
N TRP A 96 -9.76 -9.41 -8.50
CA TRP A 96 -8.40 -9.13 -8.94
C TRP A 96 -8.00 -10.04 -10.10
N GLY A 97 -8.49 -11.29 -10.05
CA GLY A 97 -8.16 -12.23 -11.11
C GLY A 97 -6.80 -12.87 -10.92
N SER A 98 -6.42 -13.08 -9.65
CA SER A 98 -5.14 -13.70 -9.35
C SER A 98 -5.32 -14.95 -8.49
N ASP A 99 -4.44 -15.91 -8.68
CA ASP A 99 -4.49 -17.17 -7.94
C ASP A 99 -3.31 -17.30 -7.00
N TRP A 100 -2.92 -16.19 -6.38
CA TRP A 100 -1.79 -16.18 -5.45
C TRP A 100 -2.28 -16.30 -4.01
N LYS A 101 -1.45 -16.90 -3.16
CA LYS A 101 -1.80 -17.08 -1.76
C LYS A 101 -1.76 -15.74 -1.03
N GLY A 102 -0.88 -14.85 -1.48
CA GLY A 102 -0.75 -13.55 -0.86
C GLY A 102 -0.07 -12.55 -1.79
N GLN A 103 0.75 -11.69 -1.20
CA GLN A 103 1.46 -10.68 -1.99
C GLN A 103 2.70 -10.18 -1.26
N ALA A 104 3.87 -10.48 -1.83
CA ALA A 104 5.14 -10.04 -1.25
C ALA A 104 5.56 -8.72 -1.89
N GLN A 105 5.42 -7.63 -1.16
CA GLN A 105 5.78 -6.32 -1.69
C GLN A 105 6.73 -5.55 -0.79
N LYS A 106 7.45 -4.61 -1.38
CA LYS A 106 8.40 -3.77 -0.66
C LYS A 106 7.84 -2.35 -0.57
N TRP A 107 7.23 -2.04 0.57
CA TRP A 107 6.63 -0.73 0.78
C TRP A 107 7.67 0.39 0.82
N PHE A 108 7.31 1.53 0.25
CA PHE A 108 8.19 2.69 0.20
C PHE A 108 7.49 3.91 0.78
N LEU A 109 8.20 4.68 1.59
CA LEU A 109 7.62 5.88 2.17
C LEU A 109 7.63 7.00 1.16
N PHE A 110 6.62 7.87 1.20
CA PHE A 110 6.52 8.98 0.28
C PHE A 110 6.06 10.24 0.96
N LYS A 111 6.82 11.32 0.78
CA LYS A 111 6.44 12.60 1.35
C LYS A 111 5.61 13.40 0.34
N PHE A 112 4.39 13.74 0.72
CA PHE A 112 3.50 14.48 -0.17
C PHE A 112 4.06 15.87 -0.45
N THR A 113 4.21 16.19 -1.74
CA THR A 113 4.73 17.48 -2.14
C THR A 113 3.77 18.16 -3.12
N GLY A 114 2.48 18.00 -2.89
CA GLY A 114 1.48 18.60 -3.74
C GLY A 114 0.31 19.15 -2.96
N GLN A 115 -0.87 19.05 -3.55
CA GLN A 115 -2.09 19.53 -2.90
C GLN A 115 -3.13 18.43 -2.87
N ASP A 116 -4.03 18.52 -1.90
CA ASP A 116 -5.10 17.53 -1.76
C ASP A 116 -5.83 17.30 -3.09
N GLN A 117 -5.65 18.21 -4.04
CA GLN A 117 -6.30 18.10 -5.34
C GLN A 117 -5.57 17.09 -6.23
N GLU A 118 -4.33 16.78 -5.88
CA GLU A 118 -3.53 15.83 -6.64
C GLU A 118 -3.91 14.39 -6.30
N ILE A 119 -4.43 14.21 -5.09
CA ILE A 119 -4.83 12.88 -4.63
C ILE A 119 -6.12 12.42 -5.30
N ASN A 120 -5.98 11.53 -6.27
CA ASN A 120 -7.13 10.99 -6.99
C ASN A 120 -7.22 9.48 -6.76
N LEU A 121 -8.04 9.09 -5.79
CA LEU A 121 -8.20 7.67 -5.46
C LEU A 121 -8.61 6.86 -6.68
N LEU A 122 -9.21 7.52 -7.67
CA LEU A 122 -9.62 6.83 -8.89
C LEU A 122 -8.41 6.25 -9.60
N GLY A 123 -7.47 7.13 -9.92
CA GLY A 123 -6.26 6.72 -10.59
C GLY A 123 -5.77 7.79 -11.55
N ASP A 124 -4.72 7.48 -12.27
CA ASP A 124 -4.16 8.41 -13.24
C ASP A 124 -4.78 8.16 -14.61
N GLY A 125 -6.08 7.86 -14.61
CA GLY A 125 -6.78 7.60 -15.86
C GLY A 125 -6.30 6.32 -16.52
N SER A 126 -5.82 5.39 -15.71
CA SER A 126 -5.32 4.12 -16.22
C SER A 126 -6.25 2.96 -15.83
N GLU A 127 -6.33 2.69 -14.54
CA GLU A 127 -7.17 1.61 -14.04
C GLU A 127 -8.39 2.16 -13.31
N LYS A 128 -9.38 1.29 -13.08
CA LYS A 128 -10.60 1.68 -12.39
C LYS A 128 -10.32 2.05 -10.94
N PRO A 129 -11.12 2.97 -10.36
CA PRO A 129 -10.95 3.40 -8.98
C PRO A 129 -10.85 2.25 -8.00
N GLU A 130 -10.65 2.57 -6.73
CA GLU A 130 -10.53 1.56 -5.68
C GLU A 130 -11.04 2.11 -4.35
N PHE A 131 -10.64 3.33 -4.03
CA PHE A 131 -11.04 3.98 -2.79
C PHE A 131 -12.05 5.09 -3.09
N GLY A 132 -12.82 5.50 -2.08
CA GLY A 132 -13.80 6.54 -2.27
C GLY A 132 -13.48 7.77 -1.43
N GLU A 133 -12.63 7.57 -0.44
CA GLU A 133 -12.22 8.65 0.45
C GLU A 133 -10.83 8.39 1.01
N TRP A 134 -10.33 9.37 1.75
CA TRP A 134 -9.02 9.25 2.37
C TRP A 134 -8.88 10.23 3.52
N SER A 135 -8.02 9.87 4.46
CA SER A 135 -7.78 10.71 5.63
C SER A 135 -6.36 10.53 6.17
N TRP A 136 -5.91 11.49 6.97
CA TRP A 136 -4.58 11.46 7.55
C TRP A 136 -4.62 10.86 8.95
N VAL A 137 -3.84 9.79 9.15
CA VAL A 137 -3.80 9.12 10.44
C VAL A 137 -2.37 8.81 10.86
N THR A 138 -2.15 8.77 12.17
CA THR A 138 -0.84 8.46 12.71
C THR A 138 -0.52 6.99 12.47
N PRO A 139 0.77 6.61 12.50
CA PRO A 139 1.17 5.22 12.29
C PRO A 139 0.47 4.27 13.25
N GLU A 140 -0.03 4.83 14.35
CA GLU A 140 -0.75 4.05 15.35
C GLU A 140 -2.24 4.00 15.02
N GLN A 141 -2.74 5.10 14.45
CA GLN A 141 -4.15 5.17 14.07
C GLN A 141 -4.41 4.30 12.85
N LEU A 142 -3.59 4.49 11.82
CA LEU A 142 -3.72 3.70 10.60
C LEU A 142 -3.69 2.22 10.93
N ILE A 143 -2.98 1.90 12.01
CA ILE A 143 -2.87 0.54 12.48
C ILE A 143 -4.22 0.08 13.02
N ASP A 144 -5.00 1.03 13.51
CA ASP A 144 -6.32 0.72 14.04
C ASP A 144 -7.32 0.57 12.90
N LEU A 145 -6.99 1.17 11.75
CA LEU A 145 -7.85 1.10 10.58
C LEU A 145 -7.57 -0.19 9.82
N THR A 146 -6.30 -0.54 9.75
CA THR A 146 -5.86 -1.75 9.06
C THR A 146 -6.52 -2.98 9.65
N VAL A 147 -6.38 -4.11 8.95
CA VAL A 147 -6.96 -5.36 9.40
C VAL A 147 -5.90 -6.30 9.97
N GLU A 148 -6.33 -7.27 10.77
CA GLU A 148 -5.44 -8.22 11.41
C GLU A 148 -4.39 -8.77 10.44
N PHE A 149 -4.82 -9.17 9.25
CA PHE A 149 -3.90 -9.74 8.26
C PHE A 149 -3.07 -8.65 7.57
N LYS A 150 -3.31 -7.38 7.93
CA LYS A 150 -2.57 -6.28 7.34
C LYS A 150 -1.93 -5.40 8.41
N LYS A 151 -2.11 -5.78 9.68
CA LYS A 151 -1.54 -5.01 10.79
C LYS A 151 -0.02 -5.04 10.77
N PRO A 152 0.59 -6.23 10.91
CA PRO A 152 2.05 -6.37 10.91
C PRO A 152 2.68 -5.89 9.61
N VAL A 153 2.05 -6.23 8.49
CA VAL A 153 2.54 -5.83 7.18
C VAL A 153 2.62 -4.31 7.07
N TYR A 154 1.75 -3.64 7.80
CA TYR A 154 1.70 -2.18 7.81
C TYR A 154 2.60 -1.62 8.90
N LYS A 155 2.42 -2.14 10.13
CA LYS A 155 3.21 -1.69 11.27
C LYS A 155 4.70 -1.70 10.93
N GLU A 156 5.09 -2.68 10.13
CA GLU A 156 6.48 -2.81 9.70
C GLU A 156 6.85 -1.64 8.81
N VAL A 157 5.96 -1.32 7.89
CA VAL A 157 6.16 -0.21 6.97
C VAL A 157 6.36 1.08 7.74
N LEU A 158 5.51 1.30 8.73
CA LEU A 158 5.58 2.48 9.58
C LEU A 158 6.85 2.42 10.40
N SER A 159 7.08 1.27 11.04
CA SER A 159 8.25 1.06 11.87
C SER A 159 9.52 1.44 11.11
N VAL A 160 9.63 0.99 9.85
CA VAL A 160 10.77 1.30 9.02
C VAL A 160 10.77 2.78 8.65
N PHE A 161 9.58 3.37 8.67
CA PHE A 161 9.41 4.78 8.33
C PHE A 161 9.18 5.65 9.57
N ALA A 162 9.40 5.06 10.73
CA ALA A 162 9.21 5.78 12.00
C ALA A 162 10.01 7.08 12.02
N PRO A 163 11.34 7.01 11.87
CA PRO A 163 12.20 8.19 11.88
C PRO A 163 11.78 9.21 10.82
N HIS A 164 11.06 8.76 9.80
CA HIS A 164 10.61 9.63 8.73
C HIS A 164 9.24 10.23 9.07
N LEU A 165 8.59 9.68 10.08
CA LEU A 165 7.27 10.17 10.49
C LEU A 165 7.35 10.89 11.83
PG ATP B . -6.47 -2.71 -5.59
O1G ATP B . -7.37 -2.55 -6.75
O2G ATP B . -5.94 -1.32 -5.45
O3G ATP B . -5.32 -3.65 -5.66
PB ATP B . -7.09 -2.76 -2.95
O1B ATP B . -8.19 -1.83 -2.61
O2B ATP B . -5.67 -2.36 -2.71
O3B ATP B . -7.25 -3.08 -4.39
PA ATP B . -8.59 -4.63 -1.64
O1A ATP B . -9.12 -5.69 -2.53
O2A ATP B . -9.53 -3.62 -1.08
O3A ATP B . -7.36 -3.92 -2.06
O5' ATP B . -7.94 -5.46 -0.43
C5' ATP B . -8.01 -6.88 -0.40
C4' ATP B . -9.36 -7.32 0.12
O4' ATP B . -9.23 -7.71 1.51
C3' ATP B . -10.44 -6.24 0.13
O3' ATP B . -11.08 -6.12 -1.13
C2' ATP B . -11.37 -6.74 1.21
O2' ATP B . -12.18 -7.82 0.76
C1' ATP B . -10.37 -7.29 2.24
N9 ATP B . -9.96 -6.30 3.22
C8 ATP B . -8.90 -5.41 3.15
N7 ATP B . -8.78 -4.65 4.20
C5 ATP B . -9.81 -5.06 5.04
C6 ATP B . -10.22 -4.64 6.32
N6 ATP B . -9.61 -3.67 7.00
N1 ATP B . -11.29 -5.25 6.87
C2 ATP B . -11.89 -6.23 6.18
N3 ATP B . -11.60 -6.71 4.97
C4 ATP B . -10.54 -6.07 4.45
H5'1 ATP B . -7.24 -7.26 0.27
H5'2 ATP B . -7.86 -7.27 -1.39
H4' ATP B . -9.72 -8.11 -0.52
H3' ATP B . -10.02 -5.26 0.36
HO3' ATP B . -10.60 -6.69 -1.75
H2' ATP B . -11.97 -5.92 1.63
HO2' ATP B . -11.71 -8.22 0.03
H1' ATP B . -10.76 -8.14 2.77
H8 ATP B . -8.25 -5.35 2.30
HN61 ATP B . -8.82 -3.19 6.62
HN62 ATP B . -9.96 -3.41 7.92
H2 ATP B . -12.75 -6.69 6.67
N GLY A 1 7.73 -11.06 18.83
CA GLY A 1 7.15 -11.93 17.76
C GLY A 1 6.97 -11.19 16.45
N PRO A 2 7.98 -11.21 15.57
CA PRO A 2 7.91 -10.53 14.26
C PRO A 2 6.93 -11.21 13.31
N LEU A 3 6.26 -10.41 12.49
CA LEU A 3 5.30 -10.94 11.52
C LEU A 3 5.17 -10.00 10.33
N GLY A 4 5.80 -10.38 9.22
CA GLY A 4 5.74 -9.56 8.03
C GLY A 4 7.09 -9.07 7.59
N SER A 5 7.97 -9.99 7.20
CA SER A 5 9.31 -9.65 6.75
C SER A 5 10.10 -10.90 6.39
N MET A 6 10.65 -10.92 5.18
CA MET A 6 11.43 -12.07 4.72
C MET A 6 12.67 -11.65 3.94
N ASP A 7 12.62 -10.49 3.31
CA ASP A 7 13.74 -9.98 2.51
C ASP A 7 13.86 -10.73 1.18
N SER A 8 12.72 -11.21 0.67
CA SER A 8 12.72 -11.93 -0.59
C SER A 8 11.30 -12.41 -0.95
N PRO A 9 10.93 -12.33 -2.23
CA PRO A 9 9.61 -12.75 -2.69
C PRO A 9 9.49 -14.27 -2.82
N PRO A 10 8.57 -14.90 -2.09
CA PRO A 10 8.36 -16.35 -2.13
C PRO A 10 7.33 -16.76 -3.16
N GLU A 11 6.96 -18.03 -3.12
CA GLU A 11 5.97 -18.57 -4.04
C GLU A 11 4.57 -18.40 -3.49
N GLY A 12 3.60 -18.28 -4.40
CA GLY A 12 2.22 -18.11 -3.97
C GLY A 12 1.78 -16.66 -3.98
N TYR A 13 2.74 -15.76 -3.77
CA TYR A 13 2.46 -14.33 -3.75
C TYR A 13 3.10 -13.64 -4.94
N ARG A 14 2.39 -12.68 -5.53
CA ARG A 14 2.88 -11.95 -6.68
C ARG A 14 3.61 -10.67 -6.26
N ARG A 15 4.55 -10.23 -7.08
CA ARG A 15 5.32 -9.02 -6.79
C ARG A 15 4.43 -7.79 -6.73
N ASN A 16 4.61 -7.00 -5.69
CA ASN A 16 3.83 -5.78 -5.51
C ASN A 16 4.62 -4.75 -4.70
N VAL A 17 4.31 -3.47 -4.88
CA VAL A 17 5.02 -2.42 -4.15
C VAL A 17 4.04 -1.51 -3.42
N GLY A 18 4.32 -1.26 -2.14
CA GLY A 18 3.47 -0.40 -1.34
C GLY A 18 4.06 0.98 -1.16
N ILE A 19 3.21 1.98 -1.05
CA ILE A 19 3.66 3.36 -0.88
C ILE A 19 3.08 3.97 0.38
N CYS A 20 3.90 4.06 1.43
CA CYS A 20 3.46 4.66 2.69
C CYS A 20 3.76 6.14 2.66
N LEU A 21 2.72 6.95 2.47
CA LEU A 21 2.89 8.40 2.41
C LEU A 21 2.47 9.06 3.71
N MET A 22 3.17 10.13 4.07
CA MET A 22 2.88 10.85 5.29
C MET A 22 2.70 12.34 5.00
N ASN A 23 1.99 13.02 5.89
CA ASN A 23 1.73 14.44 5.74
C ASN A 23 2.57 15.26 6.72
N ASN A 24 2.57 16.58 6.52
CA ASN A 24 3.32 17.49 7.38
C ASN A 24 2.95 17.29 8.85
N ASP A 25 1.80 16.65 9.10
CA ASP A 25 1.34 16.41 10.46
C ASP A 25 1.90 15.08 10.99
N LYS A 26 2.73 14.44 10.17
CA LYS A 26 3.34 13.16 10.53
C LYS A 26 2.31 12.03 10.53
N LYS A 27 1.27 12.19 9.72
CA LYS A 27 0.24 11.15 9.62
C LYS A 27 0.53 10.25 8.42
N ILE A 28 -0.26 9.21 8.25
CA ILE A 28 -0.08 8.29 7.14
C ILE A 28 -1.26 8.37 6.17
N PHE A 29 -0.97 8.74 4.93
CA PHE A 29 -1.99 8.86 3.91
C PHE A 29 -2.84 7.59 3.81
N ALA A 30 -4.10 7.69 4.23
CA ALA A 30 -5.01 6.56 4.18
C ALA A 30 -6.17 6.87 3.25
N ALA A 31 -6.50 5.91 2.38
CA ALA A 31 -7.59 6.08 1.44
C ALA A 31 -8.66 5.03 1.64
N SER A 32 -9.92 5.45 1.54
CA SER A 32 -11.04 4.54 1.71
C SER A 32 -11.33 3.78 0.41
N ARG A 33 -11.95 2.61 0.54
CA ARG A 33 -12.26 1.79 -0.61
C ARG A 33 -13.38 2.39 -1.44
N LEU A 34 -13.45 2.00 -2.70
CA LEU A 34 -14.48 2.46 -3.59
C LEU A 34 -15.67 1.50 -3.57
N ASP A 35 -15.50 0.39 -2.86
CA ASP A 35 -16.56 -0.61 -2.77
C ASP A 35 -16.86 -1.01 -1.33
N ILE A 36 -15.94 -0.73 -0.40
CA ILE A 36 -16.15 -1.09 1.00
C ILE A 36 -16.17 0.16 1.87
N PRO A 37 -17.33 0.51 2.45
CA PRO A 37 -17.45 1.68 3.31
C PRO A 37 -16.62 1.54 4.58
N ASP A 38 -15.85 2.58 4.88
CA ASP A 38 -15.00 2.60 6.07
C ASP A 38 -13.74 1.76 5.89
N ALA A 39 -13.58 1.21 4.70
CA ALA A 39 -12.42 0.39 4.39
C ALA A 39 -11.28 1.27 3.92
N TRP A 40 -10.38 1.58 4.82
CA TRP A 40 -9.23 2.42 4.50
C TRP A 40 -7.97 1.58 4.33
N GLN A 41 -7.03 2.12 3.58
CA GLN A 41 -5.76 1.44 3.32
C GLN A 41 -4.77 2.40 2.67
N MET A 42 -3.60 1.87 2.33
CA MET A 42 -2.55 2.68 1.69
C MET A 42 -2.42 2.32 0.21
N PRO A 43 -1.87 3.23 -0.60
CA PRO A 43 -1.67 3.00 -2.04
C PRO A 43 -0.66 1.89 -2.33
N GLN A 44 -1.07 0.94 -3.16
CA GLN A 44 -0.21 -0.18 -3.52
C GLN A 44 -0.59 -0.74 -4.89
N GLY A 45 0.35 -1.41 -5.54
CA GLY A 45 0.09 -1.98 -6.84
C GLY A 45 1.12 -3.00 -7.25
N GLY A 46 0.66 -4.09 -7.85
CA GLY A 46 1.56 -5.15 -8.28
C GLY A 46 2.63 -4.65 -9.24
N ILE A 47 3.85 -5.10 -9.04
CA ILE A 47 4.97 -4.69 -9.88
C ILE A 47 4.82 -5.28 -11.29
N ASP A 48 5.54 -4.70 -12.24
CA ASP A 48 5.50 -5.17 -13.62
C ASP A 48 6.29 -6.47 -13.78
N GLU A 49 6.47 -6.91 -15.02
CA GLU A 49 7.21 -8.14 -15.30
C GLU A 49 8.70 -7.84 -15.51
N GLY A 50 9.15 -6.76 -14.89
CA GLY A 50 10.54 -6.35 -15.01
C GLY A 50 10.73 -4.93 -14.55
N GLU A 51 10.18 -4.62 -13.39
CA GLU A 51 10.27 -3.29 -12.82
C GLU A 51 10.87 -3.32 -11.43
N ASP A 52 11.57 -2.25 -11.08
CA ASP A 52 12.19 -2.13 -9.76
C ASP A 52 11.14 -1.79 -8.71
N PRO A 53 11.20 -2.43 -7.52
CA PRO A 53 10.25 -2.18 -6.44
C PRO A 53 10.08 -0.70 -6.13
N ARG A 54 11.18 -0.02 -5.84
CA ARG A 54 11.15 1.40 -5.52
C ARG A 54 10.55 2.21 -6.66
N ASN A 55 10.76 1.74 -7.89
CA ASN A 55 10.23 2.44 -9.06
C ASN A 55 8.75 2.12 -9.26
N ALA A 56 8.42 0.84 -9.22
CA ALA A 56 7.03 0.42 -9.40
C ALA A 56 6.14 1.07 -8.35
N ALA A 57 6.72 1.35 -7.19
CA ALA A 57 5.99 2.00 -6.11
C ALA A 57 5.76 3.47 -6.43
N ILE A 58 6.86 4.16 -6.75
CA ILE A 58 6.79 5.57 -7.10
C ILE A 58 5.82 5.78 -8.26
N ARG A 59 5.71 4.76 -9.11
CA ARG A 59 4.82 4.80 -10.25
C ARG A 59 3.41 4.46 -9.81
N GLU A 60 3.31 3.32 -9.15
CA GLU A 60 2.03 2.81 -8.65
C GLU A 60 1.29 3.86 -7.83
N LEU A 61 2.01 4.53 -6.94
CA LEU A 61 1.40 5.55 -6.09
C LEU A 61 0.74 6.63 -6.93
N ARG A 62 1.50 7.23 -7.83
CA ARG A 62 0.96 8.26 -8.71
C ARG A 62 -0.16 7.68 -9.58
N GLU A 63 -0.25 6.35 -9.61
CA GLU A 63 -1.28 5.68 -10.40
C GLU A 63 -2.54 5.40 -9.58
N GLU A 64 -2.35 4.97 -8.34
CA GLU A 64 -3.47 4.64 -7.45
C GLU A 64 -3.92 5.84 -6.62
N THR A 65 -3.02 6.77 -6.39
CA THR A 65 -3.34 7.95 -5.58
C THR A 65 -3.24 9.22 -6.40
N GLY A 66 -2.50 9.15 -7.50
CA GLY A 66 -2.32 10.30 -8.35
C GLY A 66 -1.42 11.36 -7.74
N VAL A 67 -0.81 11.04 -6.60
CA VAL A 67 0.08 11.99 -5.93
C VAL A 67 1.38 12.14 -6.72
N THR A 68 1.69 13.37 -7.09
CA THR A 68 2.91 13.64 -7.85
C THR A 68 3.99 14.22 -6.95
N SER A 69 3.59 15.01 -5.97
CA SER A 69 4.54 15.61 -5.05
C SER A 69 4.78 14.72 -3.85
N ALA A 70 5.57 13.69 -4.06
CA ALA A 70 5.92 12.74 -3.00
C ALA A 70 7.31 12.16 -3.21
N GLU A 71 8.12 12.22 -2.16
CA GLU A 71 9.48 11.70 -2.22
C GLU A 71 9.66 10.61 -1.18
N VAL A 72 10.50 9.63 -1.46
CA VAL A 72 10.74 8.53 -0.55
C VAL A 72 11.67 8.94 0.59
N ILE A 73 11.19 8.73 1.81
CA ILE A 73 11.95 9.05 3.00
C ILE A 73 12.45 7.78 3.66
N ALA A 74 11.80 6.66 3.36
CA ALA A 74 12.18 5.38 3.92
C ALA A 74 11.82 4.24 2.99
N GLU A 75 12.47 3.10 3.17
CA GLU A 75 12.22 1.93 2.35
C GLU A 75 12.46 0.66 3.17
N VAL A 76 11.39 -0.11 3.38
CA VAL A 76 11.47 -1.33 4.15
C VAL A 76 12.51 -2.27 3.52
N PRO A 77 13.45 -2.80 4.34
CA PRO A 77 14.51 -3.70 3.86
C PRO A 77 14.00 -5.07 3.40
N TYR A 78 12.78 -5.41 3.78
CA TYR A 78 12.21 -6.70 3.39
C TYR A 78 10.85 -6.56 2.71
N TRP A 79 10.25 -7.71 2.41
CA TRP A 79 8.95 -7.74 1.77
C TRP A 79 7.88 -8.15 2.77
N LEU A 80 6.68 -7.61 2.58
CA LEU A 80 5.57 -7.94 3.45
C LEU A 80 4.50 -8.68 2.67
N THR A 81 4.24 -9.91 3.09
CA THR A 81 3.24 -10.75 2.44
C THR A 81 2.05 -10.95 3.34
N TYR A 82 0.85 -10.82 2.77
CA TYR A 82 -0.38 -10.98 3.52
C TYR A 82 -1.25 -12.07 2.90
N ASP A 83 -2.32 -12.44 3.60
CA ASP A 83 -3.22 -13.47 3.12
C ASP A 83 -4.66 -12.97 3.11
N PHE A 84 -5.49 -13.61 2.30
CA PHE A 84 -6.90 -13.23 2.19
C PHE A 84 -7.80 -14.39 2.64
N PRO A 85 -9.01 -14.07 3.14
CA PRO A 85 -9.96 -15.09 3.60
C PRO A 85 -10.44 -15.99 2.47
N PRO A 86 -11.07 -17.12 2.82
CA PRO A 86 -11.58 -18.08 1.83
C PRO A 86 -12.64 -17.49 0.91
N LYS A 87 -13.19 -16.35 1.30
CA LYS A 87 -14.22 -15.69 0.50
C LYS A 87 -13.58 -14.69 -0.45
N VAL A 88 -12.51 -14.06 0.02
CA VAL A 88 -11.79 -13.09 -0.78
C VAL A 88 -10.82 -13.80 -1.72
N ARG A 89 -10.05 -14.73 -1.18
CA ARG A 89 -9.10 -15.50 -1.97
C ARG A 89 -9.84 -16.23 -3.08
N GLU A 90 -10.95 -16.84 -2.71
CA GLU A 90 -11.78 -17.58 -3.64
C GLU A 90 -12.49 -16.64 -4.60
N LYS A 91 -12.79 -15.44 -4.12
CA LYS A 91 -13.46 -14.43 -4.92
C LYS A 91 -12.53 -13.88 -5.99
N LEU A 92 -11.32 -13.52 -5.59
CA LEU A 92 -10.34 -12.98 -6.52
C LEU A 92 -10.03 -13.98 -7.63
N ASN A 93 -9.79 -15.23 -7.24
CA ASN A 93 -9.51 -16.28 -8.20
C ASN A 93 -10.51 -16.25 -9.35
N ILE A 94 -11.73 -15.83 -9.05
CA ILE A 94 -12.78 -15.74 -10.07
C ILE A 94 -12.88 -14.32 -10.62
N GLN A 95 -12.93 -13.33 -9.73
CA GLN A 95 -13.04 -11.94 -10.13
C GLN A 95 -11.76 -11.46 -10.82
N TRP A 96 -10.64 -11.68 -10.15
CA TRP A 96 -9.34 -11.28 -10.70
C TRP A 96 -8.83 -12.31 -11.69
N GLY A 97 -9.13 -13.58 -11.41
CA GLY A 97 -8.69 -14.65 -12.30
C GLY A 97 -7.22 -14.98 -12.11
N SER A 98 -6.77 -14.95 -10.86
CA SER A 98 -5.38 -15.23 -10.55
C SER A 98 -5.27 -16.33 -9.48
N ASP A 99 -4.13 -16.97 -9.42
CA ASP A 99 -3.88 -18.03 -8.45
C ASP A 99 -2.74 -17.66 -7.51
N TRP A 100 -3.04 -16.80 -6.54
CA TRP A 100 -2.04 -16.36 -5.56
C TRP A 100 -2.62 -16.38 -4.16
N LYS A 101 -1.76 -16.62 -3.18
CA LYS A 101 -2.18 -16.67 -1.78
C LYS A 101 -2.21 -15.27 -1.18
N GLY A 102 -1.45 -14.36 -1.77
CA GLY A 102 -1.40 -13.00 -1.26
C GLY A 102 -0.56 -12.10 -2.15
N GLN A 103 0.25 -11.25 -1.53
CA GLN A 103 1.10 -10.34 -2.27
C GLN A 103 2.30 -9.90 -1.43
N ALA A 104 3.49 -10.29 -1.85
CA ALA A 104 4.71 -9.91 -1.16
C ALA A 104 5.22 -8.58 -1.71
N GLN A 105 5.04 -7.52 -0.94
CA GLN A 105 5.45 -6.19 -1.39
C GLN A 105 6.47 -5.53 -0.47
N LYS A 106 7.22 -4.58 -1.04
CA LYS A 106 8.22 -3.83 -0.30
C LYS A 106 7.77 -2.37 -0.20
N TRP A 107 7.13 -2.04 0.91
CA TRP A 107 6.61 -0.69 1.13
C TRP A 107 7.72 0.35 1.19
N PHE A 108 7.39 1.57 0.78
CA PHE A 108 8.32 2.68 0.78
C PHE A 108 7.68 3.91 1.39
N LEU A 109 8.39 4.58 2.29
CA LEU A 109 7.87 5.78 2.93
C LEU A 109 8.01 6.98 2.02
N PHE A 110 6.92 7.72 1.83
CA PHE A 110 6.93 8.91 0.98
C PHE A 110 6.47 10.14 1.73
N LYS A 111 7.25 11.20 1.65
CA LYS A 111 6.88 12.46 2.29
C LYS A 111 6.14 13.34 1.29
N PHE A 112 4.91 13.73 1.64
CA PHE A 112 4.12 14.57 0.75
C PHE A 112 4.75 15.95 0.59
N THR A 113 5.00 16.33 -0.65
CA THR A 113 5.59 17.63 -0.94
C THR A 113 4.76 18.40 -1.96
N GLY A 114 3.43 18.26 -1.83
CA GLY A 114 2.53 18.94 -2.74
C GLY A 114 1.34 19.53 -2.00
N GLN A 115 0.20 19.52 -2.66
CA GLN A 115 -1.03 20.04 -2.08
C GLN A 115 -2.14 19.00 -2.19
N ASP A 116 -3.10 19.09 -1.29
CA ASP A 116 -4.23 18.17 -1.29
C ASP A 116 -4.89 18.07 -2.68
N GLN A 117 -4.58 19.04 -3.54
CA GLN A 117 -5.14 19.05 -4.89
C GLN A 117 -4.41 18.07 -5.81
N GLU A 118 -3.21 17.66 -5.39
CA GLU A 118 -2.41 16.72 -6.18
C GLU A 118 -2.89 15.30 -5.97
N ILE A 119 -3.51 15.05 -4.82
CA ILE A 119 -4.01 13.73 -4.48
C ILE A 119 -5.23 13.36 -5.31
N ASN A 120 -5.03 12.51 -6.30
CA ASN A 120 -6.11 12.05 -7.16
C ASN A 120 -6.30 10.55 -7.00
N LEU A 121 -7.23 10.17 -6.15
CA LEU A 121 -7.52 8.76 -5.89
C LEU A 121 -7.87 8.02 -7.17
N LEU A 122 -8.33 8.75 -8.18
CA LEU A 122 -8.68 8.15 -9.46
C LEU A 122 -7.46 7.51 -10.08
N GLY A 123 -6.43 8.33 -10.27
CA GLY A 123 -5.20 7.86 -10.85
C GLY A 123 -4.56 8.91 -11.73
N ASP A 124 -3.44 8.57 -12.33
CA ASP A 124 -2.74 9.49 -13.22
C ASP A 124 -3.24 9.31 -14.64
N GLY A 125 -4.54 9.08 -14.78
CA GLY A 125 -5.13 8.88 -16.08
C GLY A 125 -4.70 7.57 -16.72
N SER A 126 -4.39 6.60 -15.88
CA SER A 126 -3.96 5.28 -16.35
C SER A 126 -4.99 4.21 -16.04
N GLU A 127 -5.17 3.93 -14.74
CA GLU A 127 -6.14 2.92 -14.31
C GLU A 127 -7.37 3.56 -13.70
N LYS A 128 -8.43 2.76 -13.55
CA LYS A 128 -9.68 3.24 -12.99
C LYS A 128 -9.54 3.52 -11.49
N PRO A 129 -10.31 4.48 -10.97
CA PRO A 129 -10.28 4.84 -9.55
C PRO A 129 -10.39 3.62 -8.63
N GLU A 130 -9.60 3.62 -7.57
CA GLU A 130 -9.60 2.52 -6.61
C GLU A 130 -10.15 2.99 -5.26
N PHE A 131 -9.92 4.26 -4.94
CA PHE A 131 -10.38 4.84 -3.69
C PHE A 131 -11.37 5.98 -3.96
N GLY A 132 -12.18 6.32 -2.97
CA GLY A 132 -13.14 7.39 -3.14
C GLY A 132 -12.85 8.55 -2.20
N GLU A 133 -12.10 8.27 -1.15
CA GLU A 133 -11.74 9.28 -0.17
C GLU A 133 -10.42 8.94 0.50
N TRP A 134 -9.95 9.86 1.32
CA TRP A 134 -8.70 9.66 2.04
C TRP A 134 -8.63 10.55 3.27
N SER A 135 -7.86 10.10 4.25
CA SER A 135 -7.69 10.86 5.48
C SER A 135 -6.32 10.61 6.11
N TRP A 136 -5.89 11.53 6.96
CA TRP A 136 -4.60 11.44 7.63
C TRP A 136 -4.76 10.76 8.99
N VAL A 137 -4.00 9.70 9.21
CA VAL A 137 -4.07 8.96 10.47
C VAL A 137 -2.68 8.58 10.97
N THR A 138 -2.56 8.48 12.28
CA THR A 138 -1.30 8.11 12.90
C THR A 138 -0.99 6.65 12.59
N PRO A 139 0.28 6.22 12.70
CA PRO A 139 0.65 4.83 12.43
C PRO A 139 -0.13 3.85 13.30
N GLU A 140 -0.70 4.37 14.38
CA GLU A 140 -1.50 3.56 15.29
C GLU A 140 -2.96 3.57 14.86
N GLN A 141 -3.40 4.70 14.31
CA GLN A 141 -4.78 4.83 13.85
C GLN A 141 -4.97 4.03 12.57
N LEU A 142 -4.08 4.24 11.60
CA LEU A 142 -4.15 3.54 10.34
C LEU A 142 -4.17 2.04 10.59
N ILE A 143 -3.52 1.65 11.68
CA ILE A 143 -3.46 0.26 12.09
C ILE A 143 -4.83 -0.20 12.55
N ASP A 144 -5.63 0.74 13.05
CA ASP A 144 -6.97 0.44 13.50
C ASP A 144 -7.94 0.39 12.31
N LEU A 145 -7.51 0.97 11.19
CA LEU A 145 -8.32 1.00 9.99
C LEU A 145 -8.07 -0.25 9.16
N THR A 146 -6.82 -0.67 9.14
CA THR A 146 -6.41 -1.86 8.39
C THR A 146 -7.15 -3.09 8.89
N VAL A 147 -7.15 -4.15 8.07
CA VAL A 147 -7.82 -5.39 8.43
C VAL A 147 -6.86 -6.34 9.13
N GLU A 148 -7.43 -7.32 9.85
CA GLU A 148 -6.63 -8.29 10.60
C GLU A 148 -5.57 -8.97 9.74
N PHE A 149 -5.86 -9.16 8.45
CA PHE A 149 -4.90 -9.81 7.56
C PHE A 149 -3.92 -8.81 6.93
N LYS A 150 -3.91 -7.58 7.44
CA LYS A 150 -3.01 -6.55 6.93
C LYS A 150 -2.37 -5.74 8.06
N LYS A 151 -2.76 -6.05 9.30
CA LYS A 151 -2.23 -5.35 10.46
C LYS A 151 -0.70 -5.41 10.50
N PRO A 152 -0.13 -6.62 10.60
CA PRO A 152 1.33 -6.80 10.63
C PRO A 152 2.01 -6.26 9.38
N VAL A 153 1.45 -6.58 8.22
CA VAL A 153 1.99 -6.12 6.95
C VAL A 153 2.10 -4.60 6.92
N TYR A 154 1.24 -3.94 7.67
CA TYR A 154 1.23 -2.49 7.76
C TYR A 154 2.11 -2.01 8.90
N LYS A 155 1.85 -2.54 10.10
CA LYS A 155 2.62 -2.16 11.28
C LYS A 155 4.12 -2.27 11.00
N GLU A 156 4.47 -3.22 10.15
CA GLU A 156 5.87 -3.42 9.77
C GLU A 156 6.36 -2.21 8.99
N VAL A 157 5.54 -1.78 8.04
CA VAL A 157 5.86 -0.63 7.22
C VAL A 157 6.09 0.60 8.10
N LEU A 158 5.15 0.85 8.99
CA LEU A 158 5.26 1.97 9.92
C LEU A 158 6.48 1.78 10.80
N SER A 159 6.61 0.60 11.37
CA SER A 159 7.74 0.28 12.24
C SER A 159 9.05 0.65 11.57
N VAL A 160 9.21 0.26 10.30
CA VAL A 160 10.42 0.58 9.54
C VAL A 160 10.50 2.08 9.29
N PHE A 161 9.34 2.73 9.29
CA PHE A 161 9.26 4.17 9.04
C PHE A 161 9.07 4.96 10.33
N ALA A 162 9.15 4.28 11.46
CA ALA A 162 8.99 4.92 12.76
C ALA A 162 9.90 6.14 12.90
N PRO A 163 11.22 5.95 12.74
CA PRO A 163 12.19 7.03 12.85
C PRO A 163 11.89 8.17 11.88
N HIS A 164 11.16 7.88 10.82
CA HIS A 164 10.80 8.88 9.83
C HIS A 164 9.48 9.56 10.19
N LEU A 165 8.74 8.96 11.12
CA LEU A 165 7.46 9.52 11.55
C LEU A 165 7.59 10.13 12.95
PG ATP B . -9.45 -1.31 -5.83
O1G ATP B . -9.85 -0.19 -4.93
O2G ATP B . -7.97 -1.19 -5.81
O3G ATP B . -9.91 -1.34 -7.24
PB ATP B . -9.75 -3.14 -3.84
O1B ATP B . -10.92 -4.05 -3.68
O2B ATP B . -9.55 -2.01 -2.91
O3B ATP B . -9.85 -2.61 -5.23
PA ATP B . -8.38 -5.51 -3.96
O1A ATP B . -6.99 -5.92 -4.30
O2A ATP B . -9.49 -5.98 -4.83
O3A ATP B . -8.61 -4.08 -3.66
O5' ATP B . -8.59 -6.06 -2.49
C5' ATP B . -8.62 -7.46 -2.22
C4' ATP B . -9.92 -7.84 -1.56
O4' ATP B . -9.68 -8.13 -0.16
C3' ATP B . -10.98 -6.74 -1.53
O3' ATP B . -11.72 -6.69 -2.74
C2' ATP B . -11.83 -7.16 -0.34
O2' ATP B . -12.69 -8.24 -0.67
C1' ATP B . -10.76 -7.66 0.62
N9 ATP B . -10.25 -6.63 1.53
C8 ATP B . -9.20 -5.77 1.34
N7 ATP B . -8.99 -4.96 2.34
C5 ATP B . -9.97 -5.30 3.26
C6 ATP B . -10.28 -4.82 4.54
N6 ATP B . -9.62 -3.83 5.13
N1 ATP B . -11.32 -5.39 5.20
C2 ATP B . -11.98 -6.38 4.59
N3 ATP B . -11.79 -6.93 3.39
C4 ATP B . -10.75 -6.34 2.78
H5'1 ATP B . -7.79 -7.73 -1.57
H5'2 ATP B . -8.52 -8.01 -3.16
H4' ATP B . -10.35 -8.67 -2.12
H3' ATP B . -10.54 -5.77 -1.40
HO3' ATP B . -12.59 -6.34 -2.53
H2' ATP B . -12.37 -6.30 0.06
HO2' ATP B . -12.43 -8.54 -1.54
H1' ATP B . -11.11 -8.50 1.22
H8 ATP B . -8.60 -5.76 0.44
HN61 ATP B . -8.84 -3.38 4.67
HN62 ATP B . -9.90 -3.52 6.06
H2 ATP B . -12.81 -6.81 5.17
N GLY A 1 5.40 -10.33 15.84
CA GLY A 1 4.68 -11.62 15.91
C GLY A 1 4.84 -12.45 14.65
N PRO A 2 3.94 -12.31 13.68
CA PRO A 2 3.99 -13.05 12.42
C PRO A 2 5.16 -12.61 11.54
N LEU A 3 5.26 -13.22 10.36
CA LEU A 3 6.34 -12.90 9.43
C LEU A 3 6.21 -11.45 8.95
N GLY A 4 6.79 -10.53 9.72
CA GLY A 4 6.73 -9.12 9.36
C GLY A 4 8.03 -8.63 8.75
N SER A 5 8.74 -9.53 8.06
CA SER A 5 10.00 -9.18 7.43
C SER A 5 10.66 -10.41 6.83
N MET A 6 11.03 -10.33 5.56
CA MET A 6 11.67 -11.46 4.88
C MET A 6 13.02 -11.07 4.28
N ASP A 7 13.14 -9.83 3.85
CA ASP A 7 14.38 -9.33 3.25
C ASP A 7 14.54 -9.87 1.82
N SER A 8 13.43 -10.32 1.24
CA SER A 8 13.43 -10.86 -0.12
C SER A 8 12.06 -11.43 -0.46
N PRO A 9 11.61 -11.26 -1.72
CA PRO A 9 10.31 -11.78 -2.16
C PRO A 9 10.27 -13.29 -2.21
N PRO A 10 9.45 -13.93 -1.36
CA PRO A 10 9.33 -15.39 -1.32
C PRO A 10 8.62 -15.94 -2.55
N GLU A 11 8.40 -17.24 -2.55
CA GLU A 11 7.73 -17.90 -3.66
C GLU A 11 6.22 -17.96 -3.45
N GLY A 12 5.48 -17.98 -4.55
CA GLY A 12 4.04 -18.05 -4.47
C GLY A 12 3.38 -16.68 -4.38
N TYR A 13 4.02 -15.76 -3.66
CA TYR A 13 3.47 -14.42 -3.52
C TYR A 13 3.85 -13.55 -4.70
N ARG A 14 2.87 -12.86 -5.25
CA ARG A 14 3.10 -11.99 -6.40
C ARG A 14 3.83 -10.72 -5.98
N ARG A 15 4.73 -10.24 -6.85
CA ARG A 15 5.49 -9.02 -6.56
C ARG A 15 4.59 -7.80 -6.53
N ASN A 16 4.78 -6.97 -5.51
CA ASN A 16 4.00 -5.76 -5.35
C ASN A 16 4.79 -4.72 -4.57
N VAL A 17 4.44 -3.45 -4.76
CA VAL A 17 5.12 -2.36 -4.07
C VAL A 17 4.14 -1.49 -3.28
N GLY A 18 4.45 -1.27 -2.01
CA GLY A 18 3.59 -0.46 -1.17
C GLY A 18 4.09 0.97 -1.04
N ILE A 19 3.16 1.91 -0.94
CA ILE A 19 3.53 3.32 -0.82
C ILE A 19 2.92 3.95 0.42
N CYS A 20 3.72 4.11 1.47
CA CYS A 20 3.26 4.72 2.70
C CYS A 20 3.46 6.23 2.63
N LEU A 21 2.38 6.96 2.36
CA LEU A 21 2.46 8.41 2.24
C LEU A 21 1.93 9.10 3.50
N MET A 22 2.57 10.20 3.87
CA MET A 22 2.17 10.96 5.04
C MET A 22 1.94 12.42 4.69
N ASN A 23 1.15 13.10 5.51
CA ASN A 23 0.84 14.51 5.29
C ASN A 23 1.69 15.40 6.18
N ASN A 24 1.65 16.71 5.91
CA ASN A 24 2.40 17.69 6.69
C ASN A 24 2.07 17.60 8.18
N ASP A 25 0.95 16.94 8.51
CA ASP A 25 0.54 16.80 9.89
C ASP A 25 1.14 15.54 10.52
N LYS A 26 1.92 14.81 9.73
CA LYS A 26 2.57 13.59 10.19
C LYS A 26 1.59 12.42 10.24
N LYS A 27 0.55 12.47 9.41
CA LYS A 27 -0.42 11.40 9.36
C LYS A 27 -0.13 10.47 8.19
N ILE A 28 -0.86 9.37 8.10
CA ILE A 28 -0.65 8.42 7.01
C ILE A 28 -1.84 8.42 6.07
N PHE A 29 -1.56 8.69 4.80
CA PHE A 29 -2.61 8.72 3.78
C PHE A 29 -3.39 7.41 3.73
N ALA A 30 -4.64 7.46 4.17
CA ALA A 30 -5.50 6.29 4.17
C ALA A 30 -6.69 6.50 3.24
N ALA A 31 -6.93 5.54 2.36
CA ALA A 31 -8.03 5.64 1.41
C ALA A 31 -9.05 4.53 1.63
N SER A 32 -10.32 4.90 1.56
CA SER A 32 -11.41 3.93 1.74
C SER A 32 -11.68 3.18 0.45
N ARG A 33 -12.28 2.01 0.57
CA ARG A 33 -12.59 1.18 -0.59
C ARG A 33 -13.74 1.76 -1.39
N LEU A 34 -13.81 1.35 -2.65
CA LEU A 34 -14.87 1.79 -3.53
C LEU A 34 -16.02 0.79 -3.50
N ASP A 35 -15.82 -0.32 -2.79
CA ASP A 35 -16.83 -1.37 -2.70
C ASP A 35 -17.08 -1.82 -1.26
N ILE A 36 -16.15 -1.51 -0.35
CA ILE A 36 -16.32 -1.90 1.04
C ILE A 36 -16.37 -0.69 1.96
N PRO A 37 -17.52 -0.41 2.57
CA PRO A 37 -17.67 0.73 3.47
C PRO A 37 -16.81 0.57 4.72
N ASP A 38 -16.08 1.62 5.06
CA ASP A 38 -15.21 1.62 6.23
C ASP A 38 -13.93 0.83 5.98
N ALA A 39 -13.76 0.35 4.77
CA ALA A 39 -12.59 -0.41 4.40
C ALA A 39 -11.51 0.52 3.89
N TRP A 40 -10.58 0.87 4.76
CA TRP A 40 -9.48 1.75 4.40
C TRP A 40 -8.19 0.98 4.24
N GLN A 41 -7.27 1.54 3.47
CA GLN A 41 -5.98 0.92 3.22
C GLN A 41 -5.03 1.91 2.54
N MET A 42 -3.76 1.52 2.46
CA MET A 42 -2.74 2.36 1.83
C MET A 42 -2.56 1.99 0.36
N PRO A 43 -2.08 2.93 -0.46
CA PRO A 43 -1.87 2.69 -1.89
C PRO A 43 -0.80 1.64 -2.17
N GLN A 44 -1.10 0.73 -3.08
CA GLN A 44 -0.17 -0.34 -3.44
C GLN A 44 -0.44 -0.84 -4.85
N GLY A 45 0.52 -1.54 -5.43
CA GLY A 45 0.36 -2.06 -6.78
C GLY A 45 1.41 -3.09 -7.15
N GLY A 46 1.00 -4.10 -7.89
CA GLY A 46 1.92 -5.14 -8.31
C GLY A 46 3.06 -4.59 -9.16
N ILE A 47 4.28 -5.04 -8.87
CA ILE A 47 5.45 -4.59 -9.62
C ILE A 47 5.39 -5.11 -11.05
N ASP A 48 6.14 -4.46 -11.94
CA ASP A 48 6.17 -4.85 -13.34
C ASP A 48 7.27 -5.89 -13.61
N GLU A 49 7.04 -6.76 -14.58
CA GLU A 49 8.00 -7.80 -14.92
C GLU A 49 9.39 -7.20 -15.13
N GLY A 50 10.21 -7.32 -14.11
CA GLY A 50 11.56 -6.79 -14.17
C GLY A 50 11.60 -5.30 -13.89
N GLU A 51 10.79 -4.88 -12.92
CA GLU A 51 10.71 -3.49 -12.53
C GLU A 51 11.24 -3.27 -11.13
N ASP A 52 11.87 -2.13 -10.91
CA ASP A 52 12.42 -1.79 -9.61
C ASP A 52 11.30 -1.40 -8.64
N PRO A 53 11.22 -2.06 -7.47
CA PRO A 53 10.18 -1.77 -6.48
C PRO A 53 10.05 -0.29 -6.18
N ARG A 54 11.17 0.37 -5.92
CA ARG A 54 11.18 1.80 -5.61
C ARG A 54 10.57 2.60 -6.75
N ASN A 55 10.68 2.07 -7.97
CA ASN A 55 10.13 2.74 -9.15
C ASN A 55 8.68 2.34 -9.35
N ALA A 56 8.41 1.05 -9.20
CA ALA A 56 7.06 0.53 -9.35
C ALA A 56 6.13 1.19 -8.33
N ALA A 57 6.69 1.50 -7.17
CA ALA A 57 5.93 2.13 -6.10
C ALA A 57 5.63 3.58 -6.46
N ILE A 58 6.68 4.32 -6.78
CA ILE A 58 6.55 5.72 -7.17
C ILE A 58 5.59 5.86 -8.34
N ARG A 59 5.54 4.82 -9.16
CA ARG A 59 4.66 4.78 -10.32
C ARG A 59 3.26 4.35 -9.89
N GLU A 60 3.22 3.24 -9.20
CA GLU A 60 1.97 2.65 -8.71
C GLU A 60 1.16 3.67 -7.91
N LEU A 61 1.84 4.40 -7.03
CA LEU A 61 1.18 5.40 -6.20
C LEU A 61 0.44 6.42 -7.07
N ARG A 62 1.16 7.04 -7.99
CA ARG A 62 0.56 8.01 -8.89
C ARG A 62 -0.50 7.34 -9.76
N GLU A 63 -0.50 6.00 -9.76
CA GLU A 63 -1.46 5.25 -10.56
C GLU A 63 -2.72 4.91 -9.76
N GLU A 64 -2.53 4.49 -8.50
CA GLU A 64 -3.64 4.11 -7.65
C GLU A 64 -4.18 5.28 -6.82
N THR A 65 -3.33 6.26 -6.56
CA THR A 65 -3.72 7.42 -5.77
C THR A 65 -3.65 8.70 -6.60
N GLY A 66 -2.89 8.64 -7.68
CA GLY A 66 -2.75 9.81 -8.53
C GLY A 66 -1.87 10.89 -7.92
N VAL A 67 -1.30 10.62 -6.75
CA VAL A 67 -0.44 11.59 -6.10
C VAL A 67 0.86 11.78 -6.86
N THR A 68 1.07 12.99 -7.37
CA THR A 68 2.27 13.29 -8.14
C THR A 68 3.33 13.94 -7.26
N SER A 69 2.88 14.75 -6.29
CA SER A 69 3.80 15.44 -5.40
C SER A 69 4.08 14.59 -4.16
N ALA A 70 4.94 13.61 -4.31
CA ALA A 70 5.31 12.71 -3.22
C ALA A 70 6.74 12.22 -3.38
N GLU A 71 7.53 12.36 -2.33
CA GLU A 71 8.91 11.92 -2.35
C GLU A 71 9.13 10.86 -1.29
N VAL A 72 10.05 9.94 -1.56
CA VAL A 72 10.34 8.86 -0.63
C VAL A 72 11.24 9.34 0.51
N ILE A 73 10.75 9.17 1.72
CA ILE A 73 11.49 9.55 2.92
C ILE A 73 12.08 8.34 3.59
N ALA A 74 11.52 7.17 3.30
CA ALA A 74 12.00 5.92 3.88
C ALA A 74 11.65 4.73 3.00
N GLU A 75 12.35 3.62 3.23
CA GLU A 75 12.12 2.40 2.47
C GLU A 75 12.42 1.19 3.34
N VAL A 76 11.42 0.38 3.59
CA VAL A 76 11.58 -0.81 4.40
C VAL A 76 12.67 -1.71 3.81
N PRO A 77 13.65 -2.13 4.63
CA PRO A 77 14.77 -2.98 4.17
C PRO A 77 14.32 -4.37 3.74
N TYR A 78 13.13 -4.78 4.17
CA TYR A 78 12.61 -6.10 3.82
C TYR A 78 11.24 -6.04 3.16
N TRP A 79 10.70 -7.21 2.83
CA TRP A 79 9.39 -7.29 2.23
C TRP A 79 8.40 -7.86 3.22
N LEU A 80 7.17 -7.40 3.14
CA LEU A 80 6.12 -7.88 4.03
C LEU A 80 5.12 -8.70 3.24
N THR A 81 5.02 -9.97 3.58
CA THR A 81 4.12 -10.88 2.90
C THR A 81 2.85 -11.11 3.72
N TYR A 82 1.71 -11.10 3.05
CA TYR A 82 0.43 -11.29 3.72
C TYR A 82 -0.41 -12.32 2.99
N ASP A 83 -1.50 -12.74 3.62
CA ASP A 83 -2.40 -13.73 3.03
C ASP A 83 -3.84 -13.22 3.01
N PHE A 84 -4.64 -13.80 2.13
CA PHE A 84 -6.04 -13.42 1.99
C PHE A 84 -6.96 -14.58 2.37
N PRO A 85 -8.12 -14.28 2.99
CA PRO A 85 -9.08 -15.31 3.39
C PRO A 85 -9.63 -16.09 2.20
N PRO A 86 -10.35 -17.19 2.47
CA PRO A 86 -10.94 -18.04 1.43
C PRO A 86 -11.93 -17.31 0.54
N LYS A 87 -12.40 -16.15 1.01
CA LYS A 87 -13.37 -15.36 0.25
C LYS A 87 -12.63 -14.37 -0.64
N VAL A 88 -11.60 -13.76 -0.07
CA VAL A 88 -10.79 -12.80 -0.79
C VAL A 88 -9.88 -13.51 -1.78
N ARG A 89 -9.22 -14.58 -1.32
CA ARG A 89 -8.33 -15.35 -2.16
C ARG A 89 -9.11 -15.94 -3.33
N GLU A 90 -10.26 -16.50 -3.00
CA GLU A 90 -11.14 -17.11 -3.98
C GLU A 90 -11.80 -16.04 -4.86
N LYS A 91 -11.86 -14.82 -4.33
CA LYS A 91 -12.46 -13.71 -5.06
C LYS A 91 -11.45 -13.08 -6.01
N LEU A 92 -10.23 -12.86 -5.51
CA LEU A 92 -9.18 -12.27 -6.33
C LEU A 92 -8.88 -13.14 -7.53
N ASN A 93 -8.77 -14.44 -7.29
CA ASN A 93 -8.49 -15.39 -8.37
C ASN A 93 -9.39 -15.12 -9.57
N ILE A 94 -10.61 -14.66 -9.31
CA ILE A 94 -11.55 -14.35 -10.37
C ILE A 94 -11.54 -12.86 -10.70
N GLN A 95 -11.60 -12.02 -9.67
CA GLN A 95 -11.59 -10.58 -9.87
C GLN A 95 -10.24 -10.10 -10.39
N TRP A 96 -9.20 -10.43 -9.66
CA TRP A 96 -7.84 -10.04 -10.05
C TRP A 96 -7.31 -10.97 -11.14
N GLY A 97 -7.71 -12.23 -11.09
CA GLY A 97 -7.25 -13.19 -12.09
C GLY A 97 -5.83 -13.63 -11.84
N SER A 98 -5.48 -13.81 -10.57
CA SER A 98 -4.13 -14.23 -10.20
C SER A 98 -4.18 -15.49 -9.33
N ASP A 99 -3.17 -16.33 -9.47
CA ASP A 99 -3.08 -17.57 -8.71
C ASP A 99 -1.96 -17.48 -7.66
N TRP A 100 -2.21 -16.74 -6.60
CA TRP A 100 -1.25 -16.57 -5.53
C TRP A 100 -1.94 -16.71 -4.19
N LYS A 101 -1.20 -17.19 -3.20
CA LYS A 101 -1.74 -17.37 -1.86
C LYS A 101 -1.72 -16.06 -1.09
N GLY A 102 -0.75 -15.22 -1.43
CA GLY A 102 -0.63 -13.94 -0.75
C GLY A 102 0.10 -12.92 -1.59
N GLN A 103 0.85 -12.05 -0.94
CA GLN A 103 1.59 -11.02 -1.63
C GLN A 103 2.76 -10.50 -0.81
N ALA A 104 3.93 -10.46 -1.41
CA ALA A 104 5.13 -9.96 -0.77
C ALA A 104 5.56 -8.65 -1.40
N GLN A 105 5.36 -7.54 -0.70
CA GLN A 105 5.71 -6.23 -1.24
C GLN A 105 6.71 -5.48 -0.36
N LYS A 106 7.35 -4.48 -0.96
CA LYS A 106 8.32 -3.63 -0.27
C LYS A 106 7.78 -2.21 -0.17
N TRP A 107 7.26 -1.85 0.99
CA TRP A 107 6.69 -0.53 1.21
C TRP A 107 7.74 0.57 1.23
N PHE A 108 7.32 1.78 0.86
CA PHE A 108 8.20 2.94 0.84
C PHE A 108 7.49 4.16 1.42
N LEU A 109 8.17 4.88 2.29
CA LEU A 109 7.58 6.07 2.91
C LEU A 109 7.65 7.25 1.95
N PHE A 110 6.53 7.94 1.76
CA PHE A 110 6.48 9.08 0.86
C PHE A 110 5.95 10.32 1.57
N LYS A 111 6.68 11.41 1.46
CA LYS A 111 6.25 12.67 2.06
C LYS A 111 5.46 13.48 1.02
N PHE A 112 4.21 13.79 1.33
CA PHE A 112 3.38 14.55 0.41
C PHE A 112 3.94 15.95 0.21
N THR A 113 4.17 16.30 -1.05
CA THR A 113 4.71 17.62 -1.40
C THR A 113 3.81 18.31 -2.41
N GLY A 114 2.49 18.13 -2.26
CA GLY A 114 1.54 18.74 -3.17
C GLY A 114 0.33 19.27 -2.43
N GLN A 115 -0.82 19.18 -3.08
CA GLN A 115 -2.06 19.65 -2.50
C GLN A 115 -3.12 18.56 -2.57
N ASP A 116 -4.07 18.62 -1.66
CA ASP A 116 -5.15 17.64 -1.62
C ASP A 116 -5.81 17.46 -2.99
N GLN A 117 -5.56 18.40 -3.89
CA GLN A 117 -6.13 18.35 -5.23
C GLN A 117 -5.36 17.37 -6.12
N GLU A 118 -4.14 17.05 -5.71
CA GLU A 118 -3.29 16.14 -6.47
C GLU A 118 -3.68 14.69 -6.20
N ILE A 119 -4.26 14.46 -5.03
CA ILE A 119 -4.68 13.11 -4.64
C ILE A 119 -5.89 12.65 -5.43
N ASN A 120 -5.65 11.88 -6.48
CA ASN A 120 -6.72 11.36 -7.32
C ASN A 120 -6.83 9.85 -7.13
N LEU A 121 -7.74 9.43 -6.26
CA LEU A 121 -7.94 8.01 -5.97
C LEU A 121 -8.24 7.22 -7.25
N LEU A 122 -8.73 7.91 -8.27
CA LEU A 122 -9.04 7.26 -9.54
C LEU A 122 -7.77 6.69 -10.15
N GLY A 123 -6.81 7.58 -10.37
CA GLY A 123 -5.55 7.19 -10.95
C GLY A 123 -4.98 8.27 -11.83
N ASP A 124 -3.86 7.98 -12.45
CA ASP A 124 -3.22 8.94 -13.34
C ASP A 124 -3.69 8.71 -14.77
N GLY A 125 -4.97 8.40 -14.91
CA GLY A 125 -5.55 8.15 -16.22
C GLY A 125 -4.98 6.90 -16.86
N SER A 126 -4.56 5.96 -16.02
CA SER A 126 -3.99 4.70 -16.50
C SER A 126 -4.91 3.52 -16.19
N GLU A 127 -5.09 3.23 -14.91
CA GLU A 127 -5.93 2.12 -14.49
C GLU A 127 -7.23 2.62 -13.86
N LYS A 128 -8.20 1.72 -13.72
CA LYS A 128 -9.49 2.06 -13.14
C LYS A 128 -9.35 2.43 -11.67
N PRO A 129 -10.25 3.28 -11.15
CA PRO A 129 -10.23 3.69 -9.75
C PRO A 129 -10.09 2.53 -8.78
N GLU A 130 -9.99 2.84 -7.49
CA GLU A 130 -9.85 1.82 -6.47
C GLU A 130 -10.46 2.30 -5.15
N PHE A 131 -10.17 3.54 -4.78
CA PHE A 131 -10.70 4.13 -3.55
C PHE A 131 -11.73 5.20 -3.89
N GLY A 132 -12.59 5.52 -2.92
CA GLY A 132 -13.60 6.53 -3.14
C GLY A 132 -13.39 7.74 -2.25
N GLU A 133 -12.61 7.55 -1.20
CA GLU A 133 -12.31 8.62 -0.26
C GLU A 133 -10.96 8.38 0.40
N TRP A 134 -10.53 9.34 1.19
CA TRP A 134 -9.27 9.23 1.91
C TRP A 134 -9.24 10.15 3.11
N SER A 135 -8.48 9.76 4.12
CA SER A 135 -8.35 10.54 5.34
C SER A 135 -6.97 10.39 5.97
N TRP A 136 -6.60 11.35 6.80
CA TRP A 136 -5.31 11.34 7.47
C TRP A 136 -5.43 10.69 8.85
N VAL A 137 -4.64 9.65 9.08
CA VAL A 137 -4.67 8.94 10.35
C VAL A 137 -3.27 8.68 10.89
N THR A 138 -3.17 8.61 12.21
CA THR A 138 -1.89 8.35 12.85
C THR A 138 -1.47 6.90 12.59
N PRO A 139 -0.17 6.60 12.71
CA PRO A 139 0.32 5.24 12.48
C PRO A 139 -0.40 4.21 13.35
N GLU A 140 -1.03 4.70 14.40
CA GLU A 140 -1.78 3.84 15.32
C GLU A 140 -3.24 3.75 14.87
N GLN A 141 -3.74 4.86 14.32
CA GLN A 141 -5.12 4.89 13.85
C GLN A 141 -5.27 4.04 12.60
N LEU A 142 -4.39 4.26 11.64
CA LEU A 142 -4.42 3.50 10.40
C LEU A 142 -4.39 2.01 10.71
N ILE A 143 -3.73 1.68 11.79
CA ILE A 143 -3.63 0.30 12.25
C ILE A 143 -5.00 -0.19 12.68
N ASP A 144 -5.84 0.74 13.15
CA ASP A 144 -7.18 0.40 13.57
C ASP A 144 -8.08 0.21 12.35
N LEU A 145 -7.77 0.95 11.29
CA LEU A 145 -8.52 0.87 10.04
C LEU A 145 -8.13 -0.40 9.29
N THR A 146 -6.84 -0.70 9.32
CA THR A 146 -6.30 -1.87 8.65
C THR A 146 -7.00 -3.14 9.12
N VAL A 147 -6.81 -4.23 8.38
CA VAL A 147 -7.42 -5.51 8.71
C VAL A 147 -6.43 -6.42 9.43
N GLU A 148 -6.96 -7.42 10.13
CA GLU A 148 -6.14 -8.37 10.89
C GLU A 148 -4.97 -8.90 10.07
N PHE A 149 -5.21 -9.25 8.81
CA PHE A 149 -4.15 -9.78 7.95
C PHE A 149 -3.31 -8.67 7.33
N LYS A 150 -3.57 -7.42 7.71
CA LYS A 150 -2.81 -6.28 7.20
C LYS A 150 -2.22 -5.45 8.33
N LYS A 151 -2.54 -5.82 9.57
CA LYS A 151 -2.04 -5.09 10.73
C LYS A 151 -0.50 -5.10 10.78
N PRO A 152 0.11 -6.29 10.88
CA PRO A 152 1.57 -6.42 10.93
C PRO A 152 2.25 -5.89 9.68
N VAL A 153 1.68 -6.21 8.51
CA VAL A 153 2.23 -5.75 7.24
C VAL A 153 2.33 -4.23 7.20
N TYR A 154 1.43 -3.58 7.91
CA TYR A 154 1.40 -2.12 7.98
C TYR A 154 2.24 -1.61 9.14
N LYS A 155 1.94 -2.10 10.34
CA LYS A 155 2.68 -1.68 11.53
C LYS A 155 4.18 -1.74 11.30
N GLU A 156 4.59 -2.69 10.48
CA GLU A 156 6.01 -2.86 10.16
C GLU A 156 6.48 -1.70 9.30
N VAL A 157 5.66 -1.35 8.32
CA VAL A 157 5.96 -0.25 7.42
C VAL A 157 6.12 1.05 8.21
N LEU A 158 5.23 1.24 9.17
CA LEU A 158 5.27 2.42 10.01
C LEU A 158 6.50 2.36 10.90
N SER A 159 6.69 1.22 11.53
CA SER A 159 7.83 1.01 12.41
C SER A 159 9.14 1.41 11.72
N VAL A 160 9.31 0.96 10.48
CA VAL A 160 10.50 1.29 9.71
C VAL A 160 10.51 2.78 9.36
N PHE A 161 9.33 3.38 9.34
CA PHE A 161 9.18 4.78 9.02
C PHE A 161 8.94 5.64 10.26
N ALA A 162 9.04 5.02 11.43
CA ALA A 162 8.84 5.72 12.69
C ALA A 162 9.70 6.99 12.77
N PRO A 163 10.99 6.88 12.48
CA PRO A 163 11.91 8.03 12.52
C PRO A 163 11.38 9.23 11.75
N HIS A 164 10.51 8.98 10.78
CA HIS A 164 9.93 10.04 9.98
C HIS A 164 8.58 10.49 10.54
N LEU A 165 7.91 9.57 11.23
CA LEU A 165 6.61 9.87 11.82
C LEU A 165 6.74 10.21 13.30
PG ATP B . -7.55 -3.69 -6.21
O1G ATP B . -7.92 -2.38 -6.80
O2G ATP B . -7.14 -4.45 -7.42
O3G ATP B . -8.56 -4.48 -5.46
PB ATP B . -6.30 -3.28 -3.84
O1B ATP B . -7.48 -2.46 -3.48
O2B ATP B . -4.92 -2.79 -3.53
O3B ATP B . -6.39 -3.52 -5.29
PA ATP B . -5.94 -5.05 -1.77
O1A ATP B . -5.68 -4.08 -0.67
O2A ATP B . -4.88 -6.02 -2.13
O3A ATP B . -6.51 -4.51 -3.03
O5' ATP B . -7.23 -5.84 -1.29
C5' ATP B . -7.22 -7.26 -1.18
C4' ATP B . -8.60 -7.75 -0.80
O4' ATP B . -8.60 -8.12 0.61
C3' ATP B . -9.72 -6.74 -0.93
O3' ATP B . -10.23 -6.68 -2.26
C2' ATP B . -10.75 -7.26 0.06
O2' ATP B . -11.43 -8.40 -0.44
C1' ATP B . -9.84 -7.72 1.20
N9 ATP B . -9.55 -6.67 2.18
C8 ATP B . -8.54 -5.75 2.16
N7 ATP B . -8.55 -4.93 3.20
C5 ATP B . -9.64 -5.36 3.94
C6 ATP B . -10.20 -4.91 5.15
N6 ATP B . -9.71 -3.88 5.86
N1 ATP B . -11.29 -5.55 5.63
C2 ATP B . -11.78 -6.58 4.92
N3 ATP B . -11.35 -7.10 3.77
C4 ATP B . -10.27 -6.43 3.33
H5'1 ATP B . -6.51 -7.57 -0.41
H5'2 ATP B . -6.94 -7.70 -2.13
H4' ATP B . -8.85 -8.59 -1.46
H3' ATP B . -9.39 -5.74 -0.69
HO3' ATP B . -9.53 -6.36 -2.83
H2' ATP B . -11.42 -6.46 0.38
HO2' ATP B . -11.78 -8.15 -1.31
H1' ATP B . -10.23 -8.59 1.73
H8 ATP B . -7.81 -5.68 1.38
HN61 ATP B . -8.89 -3.39 5.52
HN62 ATP B . -10.14 -3.61 6.72
H2 ATP B . -12.66 -7.07 5.35
N GLY A 1 3.50 -17.58 14.53
CA GLY A 1 4.01 -17.48 13.14
C GLY A 1 3.99 -16.06 12.60
N PRO A 2 4.87 -15.18 13.12
CA PRO A 2 4.94 -13.79 12.68
C PRO A 2 5.49 -13.66 11.26
N LEU A 3 5.46 -12.43 10.73
CA LEU A 3 5.97 -12.18 9.38
C LEU A 3 5.93 -10.68 9.07
N GLY A 4 6.99 -9.97 9.42
CA GLY A 4 7.04 -8.55 9.18
C GLY A 4 8.40 -8.11 8.62
N SER A 5 9.02 -8.98 7.82
CA SER A 5 10.32 -8.68 7.23
C SER A 5 10.88 -9.92 6.54
N MET A 6 11.29 -9.75 5.29
CA MET A 6 11.84 -10.86 4.51
C MET A 6 13.26 -10.57 4.04
N ASP A 7 13.49 -9.31 3.65
CA ASP A 7 14.81 -8.89 3.17
C ASP A 7 15.12 -9.54 1.82
N SER A 8 14.09 -10.02 1.14
CA SER A 8 14.24 -10.67 -0.16
C SER A 8 12.92 -11.28 -0.62
N PRO A 9 12.52 -11.05 -1.88
CA PRO A 9 11.27 -11.59 -2.43
C PRO A 9 11.29 -13.11 -2.51
N PRO A 10 10.50 -13.79 -1.65
CA PRO A 10 10.42 -15.24 -1.63
C PRO A 10 9.52 -15.79 -2.73
N GLU A 11 9.34 -17.11 -2.74
CA GLU A 11 8.50 -17.76 -3.73
C GLU A 11 7.06 -17.86 -3.25
N GLY A 12 6.12 -17.88 -4.19
CA GLY A 12 4.72 -17.98 -3.83
C GLY A 12 4.03 -16.62 -3.81
N TYR A 13 4.80 -15.57 -3.60
CA TYR A 13 4.25 -14.22 -3.54
C TYR A 13 4.61 -13.44 -4.81
N ARG A 14 3.65 -12.69 -5.34
CA ARG A 14 3.86 -11.89 -6.54
C ARG A 14 4.55 -10.57 -6.22
N ARG A 15 5.30 -10.04 -7.19
CA ARG A 15 6.00 -8.78 -7.00
C ARG A 15 5.03 -7.62 -6.87
N ASN A 16 5.23 -6.80 -5.83
CA ASN A 16 4.37 -5.65 -5.60
C ASN A 16 5.12 -4.55 -4.85
N VAL A 17 4.61 -3.32 -4.94
CA VAL A 17 5.23 -2.19 -4.26
C VAL A 17 4.19 -1.35 -3.53
N GLY A 18 4.48 -1.03 -2.27
CA GLY A 18 3.57 -0.23 -1.47
C GLY A 18 4.01 1.21 -1.37
N ILE A 19 3.05 2.12 -1.35
CA ILE A 19 3.33 3.55 -1.26
C ILE A 19 2.70 4.16 -0.02
N CYS A 20 3.52 4.37 1.02
CA CYS A 20 3.02 4.97 2.25
C CYS A 20 3.15 6.48 2.18
N LEU A 21 2.01 7.16 2.03
CA LEU A 21 2.01 8.62 1.92
C LEU A 21 1.56 9.26 3.22
N MET A 22 2.20 10.38 3.57
CA MET A 22 1.87 11.09 4.79
C MET A 22 1.59 12.57 4.50
N ASN A 23 0.85 13.20 5.40
CA ASN A 23 0.50 14.61 5.24
C ASN A 23 1.38 15.51 6.10
N ASN A 24 1.27 16.81 5.88
CA ASN A 24 2.05 17.79 6.64
C ASN A 24 1.85 17.64 8.14
N ASP A 25 0.77 16.96 8.53
CA ASP A 25 0.48 16.74 9.94
C ASP A 25 1.16 15.47 10.46
N LYS A 26 1.89 14.79 9.57
CA LYS A 26 2.59 13.57 9.93
C LYS A 26 1.64 12.38 10.02
N LYS A 27 0.53 12.45 9.30
CA LYS A 27 -0.44 11.35 9.30
C LYS A 27 -0.18 10.45 8.11
N ILE A 28 -0.88 9.32 8.06
CA ILE A 28 -0.72 8.38 6.96
C ILE A 28 -1.97 8.34 6.09
N PHE A 29 -1.80 8.65 4.80
CA PHE A 29 -2.92 8.67 3.87
C PHE A 29 -3.63 7.32 3.85
N ALA A 30 -4.84 7.30 4.39
CA ALA A 30 -5.64 6.08 4.42
C ALA A 30 -6.91 6.26 3.60
N ALA A 31 -7.18 5.30 2.72
CA ALA A 31 -8.36 5.36 1.87
C ALA A 31 -9.33 4.24 2.19
N SER A 32 -10.61 4.58 2.27
CA SER A 32 -11.65 3.59 2.56
C SER A 32 -12.04 2.84 1.29
N ARG A 33 -12.56 1.63 1.46
CA ARG A 33 -12.95 0.81 0.34
C ARG A 33 -14.20 1.34 -0.33
N LEU A 34 -14.36 0.96 -1.60
CA LEU A 34 -15.53 1.35 -2.37
C LEU A 34 -16.61 0.28 -2.25
N ASP A 35 -16.26 -0.83 -1.61
CA ASP A 35 -17.19 -1.94 -1.45
C ASP A 35 -17.31 -2.39 0.01
N ILE A 36 -16.33 -2.04 0.85
CA ILE A 36 -16.37 -2.45 2.24
C ILE A 36 -16.39 -1.23 3.15
N PRO A 37 -17.52 -0.98 3.84
CA PRO A 37 -17.63 0.16 4.75
C PRO A 37 -16.70 0.03 5.94
N ASP A 38 -15.97 1.10 6.22
CA ASP A 38 -15.02 1.12 7.33
C ASP A 38 -13.74 0.39 7.00
N ALA A 39 -13.63 -0.06 5.76
CA ALA A 39 -12.45 -0.76 5.31
C ALA A 39 -11.45 0.19 4.70
N TRP A 40 -10.47 0.59 5.49
CA TRP A 40 -9.44 1.51 5.02
C TRP A 40 -8.12 0.79 4.82
N GLN A 41 -7.27 1.36 3.97
CA GLN A 41 -5.98 0.78 3.68
C GLN A 41 -5.10 1.76 2.90
N MET A 42 -3.86 1.35 2.63
CA MET A 42 -2.92 2.19 1.90
C MET A 42 -2.82 1.74 0.45
N PRO A 43 -2.33 2.61 -0.44
CA PRO A 43 -2.19 2.29 -1.87
C PRO A 43 -1.04 1.33 -2.15
N GLN A 44 -1.29 0.36 -3.02
CA GLN A 44 -0.29 -0.64 -3.39
C GLN A 44 -0.58 -1.20 -4.78
N GLY A 45 0.47 -1.70 -5.44
CA GLY A 45 0.29 -2.26 -6.76
C GLY A 45 1.40 -3.21 -7.15
N GLY A 46 1.10 -4.11 -8.07
CA GLY A 46 2.09 -5.07 -8.51
C GLY A 46 3.15 -4.44 -9.40
N ILE A 47 4.42 -4.74 -9.11
CA ILE A 47 5.52 -4.19 -9.89
C ILE A 47 5.42 -4.62 -11.34
N ASP A 48 6.11 -3.91 -12.22
CA ASP A 48 6.10 -4.21 -13.64
C ASP A 48 7.22 -5.19 -14.00
N GLU A 49 6.98 -6.01 -15.02
CA GLU A 49 7.97 -6.99 -15.46
C GLU A 49 9.31 -6.34 -15.70
N GLY A 50 10.18 -6.46 -14.71
CA GLY A 50 11.51 -5.87 -14.81
C GLY A 50 11.51 -4.41 -14.41
N GLU A 51 10.73 -4.10 -13.39
CA GLU A 51 10.62 -2.73 -12.88
C GLU A 51 11.18 -2.63 -11.47
N ASP A 52 11.78 -1.48 -11.20
CA ASP A 52 12.37 -1.22 -9.88
C ASP A 52 11.27 -0.98 -8.84
N PRO A 53 11.43 -1.52 -7.62
CA PRO A 53 10.44 -1.35 -6.55
C PRO A 53 10.09 0.12 -6.30
N ARG A 54 11.10 0.94 -6.09
CA ARG A 54 10.90 2.36 -5.84
C ARG A 54 10.25 3.04 -7.04
N ASN A 55 10.44 2.47 -8.22
CA ASN A 55 9.85 3.04 -9.44
C ASN A 55 8.41 2.58 -9.61
N ALA A 56 8.19 1.26 -9.49
CA ALA A 56 6.86 0.70 -9.63
C ALA A 56 5.91 1.32 -8.60
N ALA A 57 6.47 1.66 -7.44
CA ALA A 57 5.69 2.27 -6.37
C ALA A 57 5.33 3.69 -6.73
N ILE A 58 6.33 4.48 -7.10
CA ILE A 58 6.13 5.87 -7.49
C ILE A 58 5.13 5.94 -8.65
N ARG A 59 5.10 4.89 -9.45
CA ARG A 59 4.19 4.81 -10.57
C ARG A 59 2.84 4.32 -10.11
N GLU A 60 2.87 3.19 -9.43
CA GLU A 60 1.67 2.55 -8.89
C GLU A 60 0.86 3.52 -8.03
N LEU A 61 1.57 4.42 -7.34
CA LEU A 61 0.92 5.39 -6.48
C LEU A 61 -0.11 6.20 -7.25
N ARG A 62 0.32 6.82 -8.34
CA ARG A 62 -0.59 7.60 -9.16
C ARG A 62 -1.71 6.71 -9.73
N GLU A 63 -1.53 5.39 -9.62
CA GLU A 63 -2.53 4.46 -10.12
C GLU A 63 -3.53 4.08 -9.04
N GLU A 64 -3.05 3.94 -7.81
CA GLU A 64 -3.91 3.57 -6.69
C GLU A 64 -4.55 4.79 -6.02
N THR A 65 -3.81 5.89 -5.96
CA THR A 65 -4.32 7.11 -5.33
C THR A 65 -4.32 8.27 -6.31
N GLY A 66 -3.46 8.18 -7.32
CA GLY A 66 -3.36 9.23 -8.30
C GLY A 66 -2.57 10.42 -7.81
N VAL A 67 -2.03 10.33 -6.60
CA VAL A 67 -1.24 11.41 -6.03
C VAL A 67 -0.01 11.68 -6.89
N THR A 68 0.04 12.86 -7.49
CA THR A 68 1.17 13.24 -8.34
C THR A 68 2.25 13.96 -7.54
N SER A 69 1.83 14.78 -6.59
CA SER A 69 2.76 15.52 -5.76
C SER A 69 3.15 14.73 -4.52
N ALA A 70 4.04 13.78 -4.70
CA ALA A 70 4.51 12.95 -3.60
C ALA A 70 5.96 12.51 -3.82
N GLU A 71 6.78 12.72 -2.81
CA GLU A 71 8.19 12.34 -2.88
C GLU A 71 8.51 11.34 -1.78
N VAL A 72 9.44 10.44 -2.07
CA VAL A 72 9.81 9.41 -1.10
C VAL A 72 10.73 9.96 -0.02
N ILE A 73 10.30 9.77 1.22
CA ILE A 73 11.06 10.21 2.37
C ILE A 73 11.69 9.03 3.09
N ALA A 74 11.14 7.83 2.83
CA ALA A 74 11.66 6.62 3.46
C ALA A 74 11.40 5.40 2.58
N GLU A 75 12.18 4.35 2.80
CA GLU A 75 12.05 3.12 2.05
C GLU A 75 12.43 1.93 2.93
N VAL A 76 11.48 1.06 3.17
CA VAL A 76 11.71 -0.12 3.99
C VAL A 76 12.85 -0.95 3.41
N PRO A 77 13.83 -1.34 4.24
CA PRO A 77 15.00 -2.13 3.80
C PRO A 77 14.64 -3.56 3.39
N TYR A 78 13.47 -4.03 3.82
CA TYR A 78 13.04 -5.38 3.50
C TYR A 78 11.66 -5.41 2.84
N TRP A 79 11.23 -6.61 2.46
CA TRP A 79 9.92 -6.78 1.85
C TRP A 79 8.95 -7.38 2.85
N LEU A 80 7.69 -6.99 2.75
CA LEU A 80 6.67 -7.50 3.64
C LEU A 80 5.68 -8.34 2.86
N THR A 81 5.60 -9.62 3.20
CA THR A 81 4.71 -10.53 2.51
C THR A 81 3.57 -10.97 3.43
N TYR A 82 2.36 -10.89 2.92
CA TYR A 82 1.18 -11.28 3.69
C TYR A 82 0.27 -12.19 2.87
N ASP A 83 -0.62 -12.88 3.56
CA ASP A 83 -1.55 -13.79 2.89
C ASP A 83 -2.99 -13.34 3.09
N PHE A 84 -3.87 -13.80 2.21
CA PHE A 84 -5.28 -13.45 2.28
C PHE A 84 -6.13 -14.68 2.55
N PRO A 85 -7.33 -14.48 3.15
CA PRO A 85 -8.24 -15.59 3.47
C PRO A 85 -8.75 -16.31 2.23
N PRO A 86 -9.46 -17.43 2.40
CA PRO A 86 -10.00 -18.23 1.29
C PRO A 86 -11.05 -17.48 0.48
N LYS A 87 -11.61 -16.42 1.06
CA LYS A 87 -12.63 -15.63 0.37
C LYS A 87 -11.97 -14.52 -0.43
N VAL A 88 -10.89 -13.99 0.12
CA VAL A 88 -10.14 -12.93 -0.53
C VAL A 88 -9.23 -13.51 -1.60
N ARG A 89 -8.46 -14.52 -1.22
CA ARG A 89 -7.55 -15.18 -2.14
C ARG A 89 -8.33 -15.70 -3.34
N GLU A 90 -9.44 -16.36 -3.05
CA GLU A 90 -10.31 -16.92 -4.08
C GLU A 90 -10.97 -15.81 -4.89
N LYS A 91 -11.15 -14.66 -4.25
CA LYS A 91 -11.78 -13.51 -4.90
C LYS A 91 -10.79 -12.81 -5.81
N LEU A 92 -9.59 -12.56 -5.29
CA LEU A 92 -8.56 -11.89 -6.07
C LEU A 92 -8.22 -12.71 -7.31
N ASN A 93 -8.06 -14.00 -7.12
CA ASN A 93 -7.75 -14.91 -8.22
C ASN A 93 -8.64 -14.61 -9.43
N ILE A 94 -9.85 -14.14 -9.16
CA ILE A 94 -10.78 -13.80 -10.22
C ILE A 94 -10.74 -12.32 -10.56
N GLN A 95 -10.84 -11.48 -9.53
CA GLN A 95 -10.81 -10.03 -9.71
C GLN A 95 -9.46 -9.58 -10.27
N TRP A 96 -8.39 -10.02 -9.61
CA TRP A 96 -7.04 -9.67 -10.04
C TRP A 96 -6.58 -10.59 -11.16
N GLY A 97 -6.90 -11.88 -11.04
CA GLY A 97 -6.50 -12.83 -12.05
C GLY A 97 -5.11 -13.39 -11.80
N SER A 98 -4.76 -13.55 -10.53
CA SER A 98 -3.46 -14.08 -10.17
C SER A 98 -3.60 -15.30 -9.27
N ASP A 99 -2.57 -16.15 -9.27
CA ASP A 99 -2.57 -17.36 -8.47
C ASP A 99 -1.40 -17.35 -7.48
N TRP A 100 -1.45 -16.45 -6.51
CA TRP A 100 -0.40 -16.34 -5.50
C TRP A 100 -0.99 -16.45 -4.09
N LYS A 101 -0.20 -16.97 -3.17
CA LYS A 101 -0.63 -17.13 -1.80
C LYS A 101 -0.66 -15.79 -1.08
N GLY A 102 0.22 -14.90 -1.48
CA GLY A 102 0.29 -13.58 -0.88
C GLY A 102 0.92 -12.57 -1.80
N GLN A 103 1.67 -11.63 -1.23
CA GLN A 103 2.32 -10.60 -2.02
C GLN A 103 3.51 -9.99 -1.26
N ALA A 104 4.71 -10.21 -1.79
CA ALA A 104 5.92 -9.67 -1.18
C ALA A 104 6.24 -8.31 -1.81
N GLN A 105 6.00 -7.23 -1.06
CA GLN A 105 6.25 -5.90 -1.57
C GLN A 105 7.13 -5.06 -0.64
N LYS A 106 7.80 -4.07 -1.22
CA LYS A 106 8.67 -3.17 -0.47
C LYS A 106 8.04 -1.79 -0.40
N TRP A 107 7.33 -1.52 0.70
CA TRP A 107 6.66 -0.24 0.88
C TRP A 107 7.63 0.93 0.94
N PHE A 108 7.20 2.06 0.41
CA PHE A 108 8.01 3.27 0.40
C PHE A 108 7.23 4.44 0.97
N LEU A 109 7.88 5.24 1.80
CA LEU A 109 7.23 6.40 2.39
C LEU A 109 7.20 7.54 1.39
N PHE A 110 6.15 8.35 1.44
CA PHE A 110 6.01 9.48 0.52
C PHE A 110 5.45 10.70 1.22
N LYS A 111 6.13 11.81 1.09
CA LYS A 111 5.66 13.07 1.68
C LYS A 111 4.80 13.80 0.66
N PHE A 112 3.55 14.07 1.03
CA PHE A 112 2.64 14.76 0.13
C PHE A 112 3.11 16.19 -0.13
N THR A 113 3.26 16.53 -1.39
CA THR A 113 3.70 17.87 -1.78
C THR A 113 2.75 18.47 -2.80
N GLY A 114 1.47 18.21 -2.62
CA GLY A 114 0.45 18.73 -3.52
C GLY A 114 -0.77 19.24 -2.79
N GLN A 115 -1.93 19.08 -3.39
CA GLN A 115 -3.18 19.52 -2.79
C GLN A 115 -4.17 18.36 -2.77
N ASP A 116 -5.10 18.42 -1.82
CA ASP A 116 -6.12 17.39 -1.69
C ASP A 116 -6.82 17.11 -3.02
N GLN A 117 -6.66 18.02 -3.99
CA GLN A 117 -7.28 17.86 -5.29
C GLN A 117 -6.48 16.90 -6.17
N GLU A 118 -5.21 16.68 -5.82
CA GLU A 118 -4.35 15.78 -6.58
C GLU A 118 -4.65 14.33 -6.24
N ILE A 119 -5.18 14.10 -5.05
CA ILE A 119 -5.51 12.75 -4.60
C ILE A 119 -6.75 12.22 -5.29
N ASN A 120 -6.55 11.34 -6.26
CA ASN A 120 -7.66 10.74 -7.00
C ASN A 120 -7.72 9.24 -6.70
N LEU A 121 -8.54 8.87 -5.73
CA LEU A 121 -8.69 7.47 -5.33
C LEU A 121 -8.91 6.57 -6.54
N LEU A 122 -9.47 7.12 -7.60
CA LEU A 122 -9.71 6.35 -8.82
C LEU A 122 -8.39 5.87 -9.40
N GLY A 123 -7.53 6.84 -9.70
CA GLY A 123 -6.23 6.55 -10.25
C GLY A 123 -5.78 7.62 -11.22
N ASP A 124 -4.67 7.37 -11.89
CA ASP A 124 -4.15 8.32 -12.85
C ASP A 124 -4.65 7.97 -14.25
N GLY A 125 -5.91 7.54 -14.32
CA GLY A 125 -6.50 7.18 -15.59
C GLY A 125 -5.92 5.89 -16.14
N SER A 126 -5.45 5.03 -15.25
CA SER A 126 -4.85 3.76 -15.64
C SER A 126 -5.68 2.58 -15.14
N GLU A 127 -5.70 2.40 -13.82
CA GLU A 127 -6.46 1.31 -13.22
C GLU A 127 -7.85 1.76 -12.82
N LYS A 128 -8.72 0.79 -12.54
CA LYS A 128 -10.09 1.08 -12.14
C LYS A 128 -10.16 1.48 -10.67
N PRO A 129 -11.19 2.27 -10.29
CA PRO A 129 -11.36 2.73 -8.92
C PRO A 129 -11.19 1.60 -7.90
N GLU A 130 -10.99 1.98 -6.64
CA GLU A 130 -10.81 1.02 -5.57
C GLU A 130 -11.31 1.57 -4.24
N PHE A 131 -10.96 2.84 -3.97
CA PHE A 131 -11.37 3.50 -2.73
C PHE A 131 -12.46 4.52 -3.03
N GLY A 132 -13.22 4.89 -2.00
CA GLY A 132 -14.28 5.87 -2.19
C GLY A 132 -14.03 7.12 -1.36
N GLU A 133 -13.20 6.98 -0.34
CA GLU A 133 -12.86 8.08 0.53
C GLU A 133 -11.47 7.88 1.13
N TRP A 134 -11.01 8.88 1.85
CA TRP A 134 -9.71 8.81 2.50
C TRP A 134 -9.62 9.80 3.65
N SER A 135 -8.73 9.51 4.59
CA SER A 135 -8.54 10.35 5.75
C SER A 135 -7.12 10.24 6.31
N TRP A 136 -6.74 11.19 7.15
CA TRP A 136 -5.42 11.21 7.75
C TRP A 136 -5.45 10.55 9.12
N VAL A 137 -4.59 9.55 9.32
CA VAL A 137 -4.52 8.83 10.58
C VAL A 137 -3.09 8.56 10.99
N THR A 138 -2.87 8.46 12.30
CA THR A 138 -1.55 8.19 12.84
C THR A 138 -1.17 6.76 12.52
N PRO A 139 0.14 6.42 12.56
CA PRO A 139 0.60 5.07 12.27
C PRO A 139 -0.05 4.04 13.19
N GLU A 140 -0.60 4.53 14.30
CA GLU A 140 -1.28 3.67 15.27
C GLU A 140 -2.76 3.57 14.93
N GLN A 141 -3.33 4.66 14.41
CA GLN A 141 -4.73 4.66 14.03
C GLN A 141 -4.94 3.83 12.79
N LEU A 142 -4.14 4.10 11.76
CA LEU A 142 -4.22 3.35 10.51
C LEU A 142 -4.10 1.87 10.78
N ILE A 143 -3.38 1.55 11.85
CA ILE A 143 -3.18 0.18 12.28
C ILE A 143 -4.50 -0.39 12.80
N ASP A 144 -5.33 0.50 13.34
CA ASP A 144 -6.63 0.10 13.87
C ASP A 144 -7.62 -0.07 12.74
N LEU A 145 -7.33 0.55 11.60
CA LEU A 145 -8.19 0.46 10.43
C LEU A 145 -7.85 -0.76 9.61
N THR A 146 -6.55 -1.05 9.53
CA THR A 146 -6.05 -2.20 8.78
C THR A 146 -6.57 -3.50 9.37
N VAL A 147 -6.43 -4.59 8.61
CA VAL A 147 -6.88 -5.90 9.06
C VAL A 147 -5.72 -6.72 9.63
N GLU A 148 -6.06 -7.75 10.40
CA GLU A 148 -5.05 -8.60 11.04
C GLU A 148 -4.02 -9.14 10.04
N PHE A 149 -4.44 -9.39 8.81
CA PHE A 149 -3.52 -9.92 7.80
C PHE A 149 -2.75 -8.80 7.08
N LYS A 150 -2.77 -7.60 7.66
CA LYS A 150 -2.07 -6.45 7.07
C LYS A 150 -1.47 -5.57 8.16
N LYS A 151 -2.08 -5.60 9.35
CA LYS A 151 -1.61 -4.80 10.49
C LYS A 151 -0.09 -4.83 10.61
N PRO A 152 0.50 -6.02 10.84
CA PRO A 152 1.95 -6.16 10.98
C PRO A 152 2.69 -5.69 9.73
N VAL A 153 2.18 -6.08 8.57
CA VAL A 153 2.76 -5.69 7.30
C VAL A 153 2.77 -4.18 7.14
N TYR A 154 1.86 -3.53 7.84
CA TYR A 154 1.74 -2.08 7.80
C TYR A 154 2.59 -1.44 8.90
N LYS A 155 2.40 -1.94 10.13
CA LYS A 155 3.14 -1.42 11.27
C LYS A 155 4.63 -1.36 10.96
N GLU A 156 5.10 -2.34 10.21
CA GLU A 156 6.51 -2.40 9.82
C GLU A 156 6.82 -1.22 8.93
N VAL A 157 5.94 -0.97 7.97
CA VAL A 157 6.10 0.14 7.03
C VAL A 157 6.16 1.45 7.79
N LEU A 158 5.29 1.59 8.78
CA LEU A 158 5.26 2.78 9.62
C LEU A 158 6.50 2.84 10.48
N SER A 159 6.79 1.72 11.14
CA SER A 159 7.95 1.62 12.01
C SER A 159 9.21 2.08 11.28
N VAL A 160 9.39 1.61 10.04
CA VAL A 160 10.53 2.00 9.24
C VAL A 160 10.45 3.47 8.86
N PHE A 161 9.23 3.99 8.84
CA PHE A 161 8.99 5.38 8.49
C PHE A 161 8.74 6.26 9.71
N ALA A 162 8.82 5.68 10.89
CA ALA A 162 8.60 6.40 12.13
C ALA A 162 9.47 7.66 12.20
N PRO A 163 10.80 7.53 12.05
CA PRO A 163 11.72 8.65 12.10
C PRO A 163 11.36 9.74 11.10
N HIS A 164 10.59 9.37 10.07
CA HIS A 164 10.17 10.33 9.05
C HIS A 164 8.86 11.00 9.44
N LEU A 165 8.12 10.35 10.34
CA LEU A 165 6.84 10.90 10.80
C LEU A 165 6.56 10.47 12.23
PG ATP B . -4.61 -4.76 0.01
O1G ATP B . -3.69 -4.27 1.07
O2G ATP B . -5.82 -5.10 0.82
O3G ATP B . -4.24 -5.93 -0.82
PB ATP B . -5.58 -3.64 -2.26
O1B ATP B . -4.48 -3.46 -3.24
O2B ATP B . -6.70 -2.67 -2.23
O3B ATP B . -4.93 -3.66 -0.93
PA ATP B . -7.48 -5.43 -3.08
O1A ATP B . -7.54 -6.65 -3.94
O2A ATP B . -8.29 -4.24 -3.45
O3A ATP B . -6.14 -4.95 -2.66
O5' ATP B . -7.96 -5.96 -1.65
C5' ATP B . -7.69 -7.31 -1.25
C4' ATP B . -8.94 -7.91 -0.65
O4' ATP B . -8.67 -8.25 0.74
C3' ATP B . -10.15 -7.00 -0.59
O3' ATP B . -10.88 -6.99 -1.82
C2' ATP B . -10.95 -7.61 0.56
O2' ATP B . -11.63 -8.78 0.14
C1' ATP B . -9.84 -7.99 1.52
N9 ATP B . -9.51 -6.96 2.50
C8 ATP B . -8.61 -5.94 2.38
N7 ATP B . -8.54 -5.17 3.44
C5 ATP B . -9.48 -5.71 4.31
C6 ATP B . -9.89 -5.35 5.60
N6 ATP B . -9.40 -4.31 6.28
N1 ATP B . -10.85 -6.10 6.19
C2 ATP B . -11.35 -7.15 5.52
N3 ATP B . -11.04 -7.59 4.29
C4 ATP B . -10.08 -6.81 3.73
H5'1 ATP B . -6.90 -7.32 -0.51
H5'2 ATP B . -7.40 -7.90 -2.12
H4' ATP B . -9.22 -8.77 -1.26
H3' ATP B . -9.87 -5.97 -0.39
HO3' ATP B . -10.87 -6.09 -2.13
H2' ATP B . -11.63 -6.86 0.99
HO2' ATP B . -12.51 -8.75 0.51
H1' ATP B . -10.06 -8.91 2.06
H8 ATP B . -7.99 -5.79 1.51
HN61 ATP B . -8.68 -3.73 5.86
HN62 ATP B . -9.75 -4.10 7.20
H2 ATP B . -12.11 -7.72 6.03
N GLY A 1 11.10 -12.71 15.67
CA GLY A 1 9.88 -11.96 15.28
C GLY A 1 9.68 -11.90 13.78
N PRO A 2 9.15 -12.96 13.17
CA PRO A 2 8.92 -13.01 11.72
C PRO A 2 7.80 -12.09 11.28
N LEU A 3 7.50 -12.09 9.98
CA LEU A 3 6.45 -11.25 9.43
C LEU A 3 6.77 -9.77 9.64
N GLY A 4 6.98 -9.05 8.55
CA GLY A 4 7.29 -7.64 8.64
C GLY A 4 8.69 -7.31 8.18
N SER A 5 9.28 -8.20 7.38
CA SER A 5 10.63 -8.01 6.86
C SER A 5 11.12 -9.25 6.14
N MET A 6 11.63 -9.08 4.93
CA MET A 6 12.12 -10.20 4.13
C MET A 6 13.52 -9.92 3.58
N ASP A 7 13.76 -8.67 3.23
CA ASP A 7 15.06 -8.28 2.68
C ASP A 7 15.27 -8.87 1.29
N SER A 8 14.20 -9.38 0.69
CA SER A 8 14.27 -9.98 -0.65
C SER A 8 12.97 -10.72 -0.96
N PRO A 9 12.48 -10.62 -2.22
CA PRO A 9 11.24 -11.28 -2.63
C PRO A 9 11.41 -12.80 -2.76
N PRO A 10 10.76 -13.57 -1.89
CA PRO A 10 10.83 -15.02 -1.89
C PRO A 10 9.73 -15.66 -2.73
N GLU A 11 9.64 -16.98 -2.66
CA GLU A 11 8.64 -17.73 -3.41
C GLU A 11 7.31 -17.76 -2.65
N GLY A 12 6.23 -18.02 -3.38
CA GLY A 12 4.92 -18.08 -2.75
C GLY A 12 4.17 -16.77 -2.86
N TYR A 13 4.90 -15.66 -2.77
CA TYR A 13 4.30 -14.34 -2.87
C TYR A 13 4.69 -13.65 -4.17
N ARG A 14 3.72 -12.98 -4.79
CA ARG A 14 3.96 -12.28 -6.04
C ARG A 14 4.53 -10.88 -5.78
N ARG A 15 5.31 -10.37 -6.74
CA ARG A 15 5.92 -9.06 -6.61
C ARG A 15 4.87 -7.96 -6.61
N ASN A 16 5.01 -7.05 -5.65
CA ASN A 16 4.08 -5.92 -5.50
C ASN A 16 4.80 -4.74 -4.85
N VAL A 17 4.26 -3.55 -5.04
CA VAL A 17 4.87 -2.35 -4.45
C VAL A 17 3.84 -1.47 -3.75
N GLY A 18 4.18 -1.04 -2.54
CA GLY A 18 3.28 -0.20 -1.78
C GLY A 18 3.72 1.25 -1.78
N ILE A 19 2.78 2.16 -1.60
CA ILE A 19 3.10 3.59 -1.60
C ILE A 19 2.55 4.28 -0.35
N CYS A 20 3.43 4.55 0.61
CA CYS A 20 3.03 5.23 1.84
C CYS A 20 3.14 6.73 1.65
N LEU A 21 2.00 7.40 1.48
CA LEU A 21 1.99 8.84 1.28
C LEU A 21 1.55 9.57 2.54
N MET A 22 2.14 10.74 2.75
CA MET A 22 1.82 11.55 3.93
C MET A 22 1.44 12.96 3.52
N ASN A 23 0.71 13.64 4.39
CA ASN A 23 0.26 14.99 4.12
C ASN A 23 1.11 16.02 4.86
N ASN A 24 0.92 17.29 4.52
CA ASN A 24 1.66 18.39 5.14
C ASN A 24 1.53 18.34 6.67
N ASP A 25 0.52 17.64 7.18
CA ASP A 25 0.29 17.53 8.61
C ASP A 25 1.06 16.35 9.20
N LYS A 26 1.80 15.65 8.34
CA LYS A 26 2.60 14.50 8.75
C LYS A 26 1.73 13.27 9.00
N LYS A 27 0.57 13.21 8.34
CA LYS A 27 -0.32 12.08 8.48
C LYS A 27 -0.09 11.09 7.34
N ILE A 28 -0.71 9.93 7.43
CA ILE A 28 -0.56 8.91 6.39
C ILE A 28 -1.84 8.78 5.57
N PHE A 29 -1.70 8.95 4.26
CA PHE A 29 -2.85 8.84 3.36
C PHE A 29 -3.51 7.48 3.47
N ALA A 30 -4.72 7.46 4.04
CA ALA A 30 -5.47 6.23 4.19
C ALA A 30 -6.75 6.29 3.38
N ALA A 31 -7.06 5.20 2.67
CA ALA A 31 -8.26 5.15 1.85
C ALA A 31 -9.19 4.05 2.31
N SER A 32 -10.48 4.36 2.37
CA SER A 32 -11.49 3.39 2.79
C SER A 32 -11.90 2.50 1.62
N ARG A 33 -12.35 1.29 1.93
CA ARG A 33 -12.75 0.34 0.90
C ARG A 33 -14.04 0.77 0.23
N LEU A 34 -14.24 0.26 -0.97
CA LEU A 34 -15.45 0.55 -1.73
C LEU A 34 -16.51 -0.52 -1.45
N ASP A 35 -16.11 -1.55 -0.72
CA ASP A 35 -17.02 -2.65 -0.40
C ASP A 35 -17.06 -2.96 1.10
N ILE A 36 -16.06 -2.49 1.85
CA ILE A 36 -16.03 -2.75 3.29
C ILE A 36 -16.05 -1.44 4.08
N PRO A 37 -17.18 -1.13 4.72
CA PRO A 37 -17.32 0.11 5.51
C PRO A 37 -16.32 0.14 6.66
N ASP A 38 -15.59 1.24 6.77
CA ASP A 38 -14.61 1.44 7.83
C ASP A 38 -13.31 0.71 7.53
N ALA A 39 -13.25 0.07 6.38
CA ALA A 39 -12.06 -0.66 5.97
C ALA A 39 -11.09 0.28 5.26
N TRP A 40 -10.12 0.76 5.99
CA TRP A 40 -9.12 1.67 5.44
C TRP A 40 -7.81 0.95 5.18
N GLN A 41 -7.01 1.50 4.29
CA GLN A 41 -5.72 0.93 3.94
C GLN A 41 -4.90 1.89 3.10
N MET A 42 -3.72 1.45 2.68
CA MET A 42 -2.85 2.27 1.86
C MET A 42 -2.79 1.74 0.42
N PRO A 43 -2.43 2.60 -0.55
CA PRO A 43 -2.35 2.22 -1.96
C PRO A 43 -1.22 1.22 -2.23
N GLN A 44 -1.52 0.25 -3.10
CA GLN A 44 -0.54 -0.78 -3.46
C GLN A 44 -0.84 -1.34 -4.85
N GLY A 45 0.17 -1.93 -5.47
CA GLY A 45 -0.02 -2.49 -6.79
C GLY A 45 1.09 -3.46 -7.18
N GLY A 46 0.73 -4.48 -7.96
CA GLY A 46 1.70 -5.47 -8.38
C GLY A 46 2.74 -4.89 -9.31
N ILE A 47 4.01 -5.24 -9.08
CA ILE A 47 5.09 -4.75 -9.92
C ILE A 47 4.97 -5.28 -11.33
N ASP A 48 5.63 -4.61 -12.27
CA ASP A 48 5.60 -5.02 -13.68
C ASP A 48 6.75 -5.98 -13.98
N GLU A 49 6.52 -6.86 -14.95
CA GLU A 49 7.51 -7.85 -15.34
C GLU A 49 8.85 -7.17 -15.64
N GLY A 50 9.73 -7.21 -14.66
CA GLY A 50 11.03 -6.59 -14.81
C GLY A 50 11.01 -5.11 -14.52
N GLU A 51 10.23 -4.74 -13.50
CA GLU A 51 10.10 -3.35 -13.11
C GLU A 51 10.69 -3.12 -11.73
N ASP A 52 11.25 -1.93 -11.54
CA ASP A 52 11.86 -1.56 -10.27
C ASP A 52 10.77 -1.30 -9.22
N PRO A 53 10.99 -1.76 -7.97
CA PRO A 53 10.02 -1.58 -6.89
C PRO A 53 9.64 -0.11 -6.68
N ARG A 54 10.65 0.74 -6.54
CA ARG A 54 10.42 2.16 -6.33
C ARG A 54 9.71 2.79 -7.51
N ASN A 55 9.90 2.20 -8.70
CA ASN A 55 9.28 2.72 -9.92
C ASN A 55 7.86 2.19 -10.05
N ALA A 56 7.70 0.88 -9.89
CA ALA A 56 6.39 0.26 -9.99
C ALA A 56 5.43 0.86 -8.96
N ALA A 57 5.99 1.33 -7.85
CA ALA A 57 5.20 1.94 -6.80
C ALA A 57 4.76 3.34 -7.21
N ILE A 58 5.73 4.13 -7.67
CA ILE A 58 5.45 5.49 -8.12
C ILE A 58 4.42 5.47 -9.24
N ARG A 59 4.41 4.38 -10.00
CA ARG A 59 3.47 4.21 -11.09
C ARG A 59 2.14 3.71 -10.55
N GLU A 60 2.24 2.62 -9.80
CA GLU A 60 1.07 1.98 -9.19
C GLU A 60 0.25 2.98 -8.38
N LEU A 61 0.93 3.86 -7.65
CA LEU A 61 0.25 4.86 -6.84
C LEU A 61 -0.68 5.71 -7.69
N ARG A 62 -0.15 6.25 -8.77
CA ARG A 62 -0.94 7.06 -9.69
C ARG A 62 -2.05 6.23 -10.30
N GLU A 63 -1.96 4.91 -10.16
CA GLU A 63 -2.97 4.01 -10.72
C GLU A 63 -4.07 3.70 -9.70
N GLU A 64 -3.68 3.46 -8.45
CA GLU A 64 -4.63 3.11 -7.41
C GLU A 64 -5.14 4.34 -6.66
N THR A 65 -4.34 5.41 -6.64
CA THR A 65 -4.73 6.63 -5.94
C THR A 65 -4.78 7.81 -6.90
N GLY A 66 -4.08 7.68 -8.02
CA GLY A 66 -4.07 8.75 -9.01
C GLY A 66 -3.29 9.97 -8.54
N VAL A 67 -2.59 9.84 -7.42
CA VAL A 67 -1.81 10.95 -6.88
C VAL A 67 -0.60 11.22 -7.77
N THR A 68 -0.58 12.39 -8.40
CA THR A 68 0.51 12.76 -9.28
C THR A 68 1.58 13.57 -8.54
N SER A 69 1.14 14.41 -7.60
CA SER A 69 2.06 15.24 -6.83
C SER A 69 2.51 14.52 -5.57
N ALA A 70 3.42 13.58 -5.74
CA ALA A 70 3.96 12.81 -4.63
C ALA A 70 5.39 12.39 -4.91
N GLU A 71 6.28 12.69 -3.97
CA GLU A 71 7.69 12.34 -4.09
C GLU A 71 8.08 11.42 -2.96
N VAL A 72 9.01 10.50 -3.23
CA VAL A 72 9.46 9.56 -2.22
C VAL A 72 10.41 10.20 -1.23
N ILE A 73 10.07 10.07 0.05
CA ILE A 73 10.87 10.61 1.12
C ILE A 73 11.56 9.49 1.88
N ALA A 74 11.08 8.26 1.68
CA ALA A 74 11.67 7.10 2.35
C ALA A 74 11.39 5.82 1.56
N GLU A 75 12.19 4.81 1.80
CA GLU A 75 12.04 3.53 1.12
C GLU A 75 12.49 2.40 2.03
N VAL A 76 11.55 1.54 2.40
CA VAL A 76 11.86 0.41 3.27
C VAL A 76 12.94 -0.46 2.64
N PRO A 77 14.02 -0.75 3.39
CA PRO A 77 15.15 -1.56 2.90
C PRO A 77 14.76 -3.01 2.59
N TYR A 78 13.64 -3.45 3.14
CA TYR A 78 13.20 -4.84 2.93
C TYR A 78 11.79 -4.89 2.34
N TRP A 79 11.32 -6.12 2.13
CA TRP A 79 9.98 -6.34 1.60
C TRP A 79 9.06 -6.85 2.70
N LEU A 80 7.80 -6.48 2.63
CA LEU A 80 6.83 -6.91 3.62
C LEU A 80 5.81 -7.83 2.98
N THR A 81 5.76 -9.07 3.46
CA THR A 81 4.83 -10.06 2.92
C THR A 81 3.78 -10.43 3.96
N TYR A 82 2.52 -10.44 3.53
CA TYR A 82 1.43 -10.77 4.42
C TYR A 82 0.53 -11.83 3.79
N ASP A 83 -0.30 -12.44 4.60
CA ASP A 83 -1.22 -13.49 4.14
C ASP A 83 -2.66 -13.11 4.44
N PHE A 84 -3.58 -13.72 3.68
CA PHE A 84 -5.00 -13.47 3.86
C PHE A 84 -5.72 -14.73 4.34
N PRO A 85 -6.85 -14.58 5.04
CA PRO A 85 -7.63 -15.71 5.55
C PRO A 85 -8.17 -16.60 4.43
N PRO A 86 -8.65 -17.81 4.78
CA PRO A 86 -9.19 -18.76 3.80
C PRO A 86 -10.40 -18.23 3.04
N LYS A 87 -11.00 -17.16 3.56
CA LYS A 87 -12.17 -16.57 2.92
C LYS A 87 -11.73 -15.48 1.95
N VAL A 88 -10.65 -14.80 2.32
CA VAL A 88 -10.11 -13.74 1.48
C VAL A 88 -9.24 -14.33 0.39
N ARG A 89 -8.30 -15.18 0.80
CA ARG A 89 -7.41 -15.84 -0.15
C ARG A 89 -8.23 -16.56 -1.20
N GLU A 90 -9.18 -17.35 -0.72
CA GLU A 90 -10.08 -18.11 -1.59
C GLU A 90 -10.93 -17.16 -2.44
N LYS A 91 -11.18 -15.98 -1.90
CA LYS A 91 -11.98 -14.97 -2.60
C LYS A 91 -11.15 -14.30 -3.69
N LEU A 92 -9.93 -13.91 -3.34
CA LEU A 92 -9.05 -13.27 -4.31
C LEU A 92 -8.80 -14.19 -5.49
N ASN A 93 -8.49 -15.45 -5.21
CA ASN A 93 -8.25 -16.44 -6.25
C ASN A 93 -9.31 -16.34 -7.35
N ILE A 94 -10.51 -15.94 -6.96
CA ILE A 94 -11.61 -15.80 -7.91
C ILE A 94 -11.74 -14.35 -8.39
N GLN A 95 -11.78 -13.42 -7.44
CA GLN A 95 -11.90 -12.00 -7.78
C GLN A 95 -10.68 -11.52 -8.54
N TRP A 96 -9.51 -11.75 -7.97
CA TRP A 96 -8.26 -11.34 -8.60
C TRP A 96 -7.84 -12.33 -9.68
N GLY A 97 -8.06 -13.62 -9.41
CA GLY A 97 -7.70 -14.64 -10.37
C GLY A 97 -6.24 -15.05 -10.26
N SER A 98 -5.72 -15.04 -9.04
CA SER A 98 -4.34 -15.42 -8.79
C SER A 98 -4.25 -16.45 -7.67
N ASP A 99 -3.27 -17.33 -7.77
CA ASP A 99 -3.07 -18.38 -6.75
C ASP A 99 -1.79 -18.11 -5.96
N TRP A 100 -1.84 -17.10 -5.10
CA TRP A 100 -0.69 -16.75 -4.28
C TRP A 100 -1.06 -16.75 -2.80
N LYS A 101 -0.09 -17.06 -1.95
CA LYS A 101 -0.32 -17.09 -0.51
C LYS A 101 -0.40 -15.67 0.05
N GLY A 102 0.31 -14.74 -0.58
CA GLY A 102 0.32 -13.37 -0.14
C GLY A 102 0.92 -12.44 -1.16
N GLN A 103 1.68 -11.45 -0.69
CA GLN A 103 2.32 -10.49 -1.56
C GLN A 103 3.51 -9.83 -0.89
N ALA A 104 4.70 -10.07 -1.41
CA ALA A 104 5.92 -9.47 -0.87
C ALA A 104 6.20 -8.15 -1.58
N GLN A 105 5.96 -7.04 -0.87
CA GLN A 105 6.16 -5.72 -1.47
C GLN A 105 7.11 -4.84 -0.66
N LYS A 106 7.76 -3.92 -1.37
CA LYS A 106 8.68 -2.97 -0.75
C LYS A 106 8.02 -1.59 -0.69
N TRP A 107 7.42 -1.29 0.45
CA TRP A 107 6.73 -0.01 0.64
C TRP A 107 7.67 1.19 0.52
N PHE A 108 7.15 2.26 -0.09
CA PHE A 108 7.92 3.48 -0.26
C PHE A 108 7.14 4.67 0.30
N LEU A 109 7.83 5.55 0.99
CA LEU A 109 7.18 6.73 1.55
C LEU A 109 7.02 7.79 0.46
N PHE A 110 6.02 8.66 0.62
CA PHE A 110 5.79 9.71 -0.37
C PHE A 110 5.24 10.97 0.27
N LYS A 111 5.88 12.09 0.00
CA LYS A 111 5.41 13.36 0.51
C LYS A 111 4.48 14.02 -0.50
N PHE A 112 3.24 14.26 -0.10
CA PHE A 112 2.26 14.86 -1.00
C PHE A 112 2.67 16.29 -1.36
N THR A 113 2.78 16.54 -2.66
CA THR A 113 3.17 17.87 -3.13
C THR A 113 2.15 18.40 -4.14
N GLY A 114 0.87 18.11 -3.87
CA GLY A 114 -0.20 18.56 -4.75
C GLY A 114 -1.39 19.05 -3.96
N GLN A 115 -2.58 18.80 -4.51
CA GLN A 115 -3.81 19.22 -3.86
C GLN A 115 -4.75 18.04 -3.73
N ASP A 116 -5.64 18.11 -2.75
CA ASP A 116 -6.62 17.04 -2.53
C ASP A 116 -7.35 16.67 -3.83
N GLN A 117 -7.28 17.55 -4.83
CA GLN A 117 -7.94 17.31 -6.10
C GLN A 117 -7.15 16.31 -6.96
N GLU A 118 -5.87 16.13 -6.63
CA GLU A 118 -5.02 15.21 -7.36
C GLU A 118 -5.28 13.77 -6.92
N ILE A 119 -5.75 13.62 -5.69
CA ILE A 119 -6.03 12.30 -5.13
C ILE A 119 -7.28 11.69 -5.74
N ASN A 120 -7.09 10.74 -6.65
CA ASN A 120 -8.20 10.06 -7.29
C ASN A 120 -8.13 8.57 -6.99
N LEU A 121 -8.87 8.15 -5.97
CA LEU A 121 -8.89 6.75 -5.56
C LEU A 121 -9.25 5.81 -6.72
N LEU A 122 -9.92 6.35 -7.72
CA LEU A 122 -10.29 5.56 -8.88
C LEU A 122 -9.05 5.07 -9.60
N GLY A 123 -8.25 6.02 -10.05
CA GLY A 123 -7.02 5.70 -10.74
C GLY A 123 -6.71 6.73 -11.80
N ASP A 124 -5.64 6.51 -12.54
CA ASP A 124 -5.25 7.42 -13.61
C ASP A 124 -5.86 6.96 -14.92
N GLY A 125 -7.10 6.50 -14.85
CA GLY A 125 -7.79 6.03 -16.04
C GLY A 125 -7.20 4.73 -16.56
N SER A 126 -6.59 3.96 -15.66
CA SER A 126 -5.98 2.69 -16.04
C SER A 126 -6.63 1.53 -15.31
N GLU A 127 -6.41 1.46 -13.99
CA GLU A 127 -6.97 0.39 -13.17
C GLU A 127 -8.39 0.73 -12.73
N LYS A 128 -9.10 -0.29 -12.25
CA LYS A 128 -10.48 -0.10 -11.78
C LYS A 128 -10.50 0.40 -10.34
N PRO A 129 -11.58 1.11 -9.96
CA PRO A 129 -11.73 1.66 -8.61
C PRO A 129 -11.41 0.64 -7.52
N GLU A 130 -11.16 1.13 -6.31
CA GLU A 130 -10.85 0.26 -5.18
C GLU A 130 -11.32 0.90 -3.88
N PHE A 131 -11.01 2.18 -3.71
CA PHE A 131 -11.40 2.91 -2.51
C PHE A 131 -12.52 3.90 -2.84
N GLY A 132 -13.26 4.33 -1.82
CA GLY A 132 -14.35 5.26 -2.04
C GLY A 132 -14.09 6.58 -1.33
N GLU A 133 -13.20 6.55 -0.35
CA GLU A 133 -12.85 7.73 0.42
C GLU A 133 -11.44 7.63 0.95
N TRP A 134 -10.99 8.69 1.59
CA TRP A 134 -9.66 8.73 2.18
C TRP A 134 -9.57 9.75 3.29
N SER A 135 -8.67 9.50 4.23
CA SER A 135 -8.49 10.41 5.36
C SER A 135 -7.04 10.42 5.83
N TRP A 136 -6.70 11.44 6.62
CA TRP A 136 -5.35 11.58 7.15
C TRP A 136 -5.27 11.04 8.57
N VAL A 137 -4.38 10.08 8.79
CA VAL A 137 -4.20 9.48 10.11
C VAL A 137 -2.74 9.34 10.48
N THR A 138 -2.47 9.40 11.78
CA THR A 138 -1.11 9.25 12.27
C THR A 138 -0.64 7.82 12.10
N PRO A 139 0.67 7.57 12.16
CA PRO A 139 1.21 6.22 11.99
C PRO A 139 0.63 5.25 13.02
N GLU A 140 0.09 5.81 14.09
CA GLU A 140 -0.52 5.01 15.14
C GLU A 140 -2.00 4.81 14.86
N GLN A 141 -2.64 5.84 14.30
CA GLN A 141 -4.05 5.76 13.98
C GLN A 141 -4.26 4.80 12.81
N LEU A 142 -3.49 4.99 11.75
CA LEU A 142 -3.58 4.13 10.58
C LEU A 142 -3.41 2.68 10.99
N ILE A 143 -2.62 2.49 12.03
CA ILE A 143 -2.37 1.18 12.58
C ILE A 143 -3.64 0.63 13.21
N ASP A 144 -4.47 1.54 13.69
CA ASP A 144 -5.74 1.16 14.31
C ASP A 144 -6.79 0.87 13.24
N LEU A 145 -6.55 1.41 12.04
CA LEU A 145 -7.46 1.21 10.92
C LEU A 145 -7.12 -0.09 10.20
N THR A 146 -5.82 -0.35 10.09
CA THR A 146 -5.32 -1.55 9.43
C THR A 146 -5.90 -2.81 10.05
N VAL A 147 -5.79 -3.91 9.33
CA VAL A 147 -6.31 -5.20 9.80
C VAL A 147 -5.24 -5.98 10.57
N GLU A 148 -5.66 -7.01 11.29
CA GLU A 148 -4.74 -7.82 12.07
C GLU A 148 -3.63 -8.43 11.20
N PHE A 149 -3.96 -8.73 9.94
CA PHE A 149 -2.98 -9.32 9.04
C PHE A 149 -2.25 -8.26 8.22
N LYS A 150 -2.38 -7.00 8.62
CA LYS A 150 -1.71 -5.90 7.93
C LYS A 150 -1.08 -4.92 8.92
N LYS A 151 -1.21 -5.21 10.21
CA LYS A 151 -0.66 -4.36 11.26
C LYS A 151 0.86 -4.26 11.15
N PRO A 152 1.58 -5.39 11.32
CA PRO A 152 3.04 -5.41 11.24
C PRO A 152 3.55 -4.95 9.88
N VAL A 153 2.92 -5.44 8.82
CA VAL A 153 3.31 -5.08 7.46
C VAL A 153 3.22 -3.58 7.25
N TYR A 154 2.34 -2.94 8.01
CA TYR A 154 2.15 -1.50 7.93
C TYR A 154 3.06 -0.78 8.91
N LYS A 155 3.01 -1.21 10.18
CA LYS A 155 3.83 -0.61 11.23
C LYS A 155 5.29 -0.55 10.79
N GLU A 156 5.69 -1.54 10.01
CA GLU A 156 7.05 -1.61 9.49
C GLU A 156 7.29 -0.45 8.55
N VAL A 157 6.33 -0.23 7.65
CA VAL A 157 6.41 0.85 6.68
C VAL A 157 6.53 2.19 7.40
N LEU A 158 5.68 2.37 8.41
CA LEU A 158 5.70 3.59 9.21
C LEU A 158 6.99 3.66 9.99
N SER A 159 7.32 2.56 10.66
CA SER A 159 8.55 2.48 11.45
C SER A 159 9.76 2.93 10.63
N VAL A 160 9.85 2.43 9.41
CA VAL A 160 10.95 2.80 8.52
C VAL A 160 10.84 4.25 8.08
N PHE A 161 9.61 4.76 8.11
CA PHE A 161 9.34 6.13 7.69
C PHE A 161 9.18 7.08 8.89
N ALA A 162 9.25 6.54 10.09
CA ALA A 162 9.10 7.34 11.30
C ALA A 162 9.96 8.60 11.24
N PRO A 163 11.27 8.46 10.97
CA PRO A 163 12.18 9.60 10.88
C PRO A 163 11.71 10.65 9.89
N HIS A 164 10.85 10.25 8.96
CA HIS A 164 10.32 11.17 7.95
C HIS A 164 8.95 11.71 8.37
N LEU A 165 8.33 11.06 9.35
CA LEU A 165 7.02 11.48 9.84
C LEU A 165 7.07 11.78 11.33
PG ATP B . -12.21 -4.75 -4.95
O1G ATP B . -13.53 -4.52 -4.30
O2G ATP B . -11.68 -3.36 -5.01
O3G ATP B . -12.14 -5.37 -6.30
PB ATP B . -11.08 -5.53 -2.60
O1B ATP B . -12.29 -6.08 -1.95
O2B ATP B . -10.61 -4.17 -2.26
O3B ATP B . -11.35 -5.58 -4.06
PA ATP B . -8.56 -6.59 -2.39
O1A ATP B . -7.85 -5.35 -2.78
O2A ATP B . -8.29 -7.84 -3.14
O3A ATP B . -10.03 -6.49 -2.18
O5' ATP B . -8.15 -6.78 -0.86
C5' ATP B . -7.80 -8.07 -0.36
C4' ATP B . -8.92 -8.61 0.50
O4' ATP B . -8.47 -8.69 1.88
C3' ATP B . -10.17 -7.74 0.57
O3' ATP B . -11.03 -7.97 -0.53
C2' ATP B . -10.79 -8.19 1.89
O2' ATP B . -11.45 -9.44 1.76
C1' ATP B . -9.54 -8.38 2.75
N9 ATP B . -9.17 -7.21 3.53
C8 ATP B . -8.33 -6.18 3.17
N7 ATP B . -8.20 -5.25 4.10
C5 ATP B . -9.01 -5.69 5.12
C6 ATP B . -9.32 -5.17 6.39
N6 ATP B . -8.82 -4.01 6.85
N1 ATP B . -10.17 -5.86 7.17
C2 ATP B . -10.68 -7.00 6.71
N3 ATP B . -10.47 -7.60 5.54
C4 ATP B . -9.62 -6.89 4.79
H5'1 ATP B . -6.90 -8.00 0.23
H5'2 ATP B . -7.63 -8.76 -1.19
H4' ATP B . -9.23 -9.58 0.08
H3' ATP B . -9.93 -6.69 0.56
HO3' ATP B . -11.85 -7.49 -0.36
H2' ATP B . -11.44 -7.41 2.29
HO2' ATP B . -11.92 -9.42 0.93
H1' ATP B . -9.65 -9.22 3.43
H8 ATP B . -7.82 -6.14 2.23
HN61 ATP B . -8.17 -3.48 6.28
HN62 ATP B . -9.07 -3.68 7.77
H2 ATP B . -11.36 -7.52 7.39
N GLY A 1 6.10 -11.86 17.79
CA GLY A 1 6.73 -12.55 16.64
C GLY A 1 6.15 -12.14 15.31
N PRO A 2 6.26 -10.85 14.94
CA PRO A 2 5.73 -10.33 13.68
C PRO A 2 6.51 -10.85 12.47
N LEU A 3 6.25 -10.26 11.31
CA LEU A 3 6.92 -10.66 10.08
C LEU A 3 6.80 -9.56 9.02
N GLY A 4 6.98 -8.32 9.43
CA GLY A 4 6.89 -7.21 8.51
C GLY A 4 8.25 -6.78 7.97
N SER A 5 9.19 -7.71 7.96
CA SER A 5 10.54 -7.43 7.47
C SER A 5 11.19 -8.70 6.95
N MET A 6 11.45 -8.73 5.64
CA MET A 6 12.08 -9.89 5.01
C MET A 6 13.45 -9.54 4.43
N ASP A 7 13.56 -8.33 3.90
CA ASP A 7 14.80 -7.87 3.30
C ASP A 7 15.12 -8.64 2.02
N SER A 8 14.08 -9.23 1.42
CA SER A 8 14.24 -9.99 0.20
C SER A 8 12.93 -10.68 -0.19
N PRO A 9 12.54 -10.65 -1.47
CA PRO A 9 11.30 -11.27 -1.94
C PRO A 9 11.34 -12.79 -1.82
N PRO A 10 10.54 -13.35 -0.89
CA PRO A 10 10.49 -14.80 -0.66
C PRO A 10 9.75 -15.52 -1.78
N GLU A 11 9.53 -16.81 -1.58
CA GLU A 11 8.84 -17.63 -2.57
C GLU A 11 7.34 -17.63 -2.33
N GLY A 12 6.57 -17.72 -3.42
CA GLY A 12 5.13 -17.73 -3.32
C GLY A 12 4.53 -16.35 -3.43
N TYR A 13 5.19 -15.36 -2.82
CA TYR A 13 4.71 -13.99 -2.85
C TYR A 13 5.02 -13.35 -4.20
N ARG A 14 4.09 -12.54 -4.69
CA ARG A 14 4.25 -11.85 -5.97
C ARG A 14 4.86 -10.46 -5.79
N ARG A 15 5.57 -9.99 -6.81
CA ARG A 15 6.20 -8.67 -6.76
C ARG A 15 5.14 -7.57 -6.71
N ASN A 16 5.26 -6.70 -5.71
CA ASN A 16 4.32 -5.60 -5.55
C ASN A 16 4.96 -4.42 -4.84
N VAL A 17 4.42 -3.22 -5.05
CA VAL A 17 4.95 -2.02 -4.42
C VAL A 17 3.84 -1.23 -3.73
N GLY A 18 4.14 -0.74 -2.53
CA GLY A 18 3.18 0.03 -1.77
C GLY A 18 3.51 1.50 -1.76
N ILE A 19 2.51 2.35 -1.52
CA ILE A 19 2.72 3.79 -1.49
C ILE A 19 2.30 4.38 -0.14
N CYS A 20 3.28 4.67 0.71
CA CYS A 20 2.99 5.27 2.01
C CYS A 20 3.00 6.78 1.87
N LEU A 21 1.81 7.36 1.67
CA LEU A 21 1.70 8.80 1.48
C LEU A 21 1.19 9.48 2.75
N MET A 22 1.71 10.68 2.99
CA MET A 22 1.32 11.46 4.16
C MET A 22 0.94 12.88 3.75
N ASN A 23 0.15 13.53 4.58
CA ASN A 23 -0.30 14.89 4.30
C ASN A 23 0.55 15.92 5.05
N ASN A 24 0.35 17.19 4.71
CA ASN A 24 1.07 18.29 5.33
C ASN A 24 0.89 18.29 6.85
N ASP A 25 -0.13 17.57 7.33
CA ASP A 25 -0.40 17.50 8.76
C ASP A 25 0.37 16.35 9.41
N LYS A 26 1.13 15.63 8.59
CA LYS A 26 1.94 14.50 9.06
C LYS A 26 1.08 13.27 9.30
N LYS A 27 -0.03 13.17 8.57
CA LYS A 27 -0.91 12.02 8.70
C LYS A 27 -0.61 11.00 7.60
N ILE A 28 -1.26 9.85 7.67
CA ILE A 28 -1.05 8.81 6.67
C ILE A 28 -2.26 8.67 5.76
N PHE A 29 -2.03 8.77 4.46
CA PHE A 29 -3.11 8.66 3.48
C PHE A 29 -3.74 7.26 3.54
N ALA A 30 -4.96 7.20 4.07
CA ALA A 30 -5.67 5.93 4.17
C ALA A 30 -6.93 5.94 3.32
N ALA A 31 -7.10 4.89 2.53
CA ALA A 31 -8.27 4.79 1.66
C ALA A 31 -9.13 3.59 2.06
N SER A 32 -10.43 3.82 2.13
CA SER A 32 -11.37 2.77 2.49
C SER A 32 -11.71 1.91 1.28
N ARG A 33 -12.10 0.67 1.53
CA ARG A 33 -12.44 -0.24 0.45
C ARG A 33 -13.74 0.15 -0.22
N LEU A 34 -13.90 -0.30 -1.45
CA LEU A 34 -15.11 -0.04 -2.21
C LEU A 34 -16.11 -1.17 -2.00
N ASP A 35 -15.69 -2.20 -1.29
CA ASP A 35 -16.55 -3.35 -1.03
C ASP A 35 -16.57 -3.75 0.44
N ILE A 36 -15.61 -3.28 1.23
CA ILE A 36 -15.57 -3.62 2.65
C ILE A 36 -15.64 -2.37 3.51
N PRO A 37 -16.75 -2.17 4.24
CA PRO A 37 -16.91 -1.00 5.10
C PRO A 37 -15.91 -1.01 6.25
N ASP A 38 -15.26 0.13 6.45
CA ASP A 38 -14.27 0.29 7.52
C ASP A 38 -12.94 -0.36 7.14
N ALA A 39 -12.88 -0.88 5.94
CA ALA A 39 -11.66 -1.52 5.46
C ALA A 39 -10.76 -0.49 4.79
N TRP A 40 -9.80 0.00 5.54
CA TRP A 40 -8.87 1.00 5.04
C TRP A 40 -7.51 0.38 4.72
N GLN A 41 -6.76 1.05 3.85
CA GLN A 41 -5.44 0.59 3.45
C GLN A 41 -4.71 1.67 2.67
N MET A 42 -3.41 1.47 2.47
CA MET A 42 -2.59 2.41 1.73
C MET A 42 -2.34 1.94 0.31
N PRO A 43 -2.28 2.88 -0.66
CA PRO A 43 -2.05 2.55 -2.07
C PRO A 43 -1.02 1.44 -2.27
N GLN A 44 -1.37 0.48 -3.12
CA GLN A 44 -0.48 -0.64 -3.42
C GLN A 44 -0.77 -1.21 -4.80
N GLY A 45 0.23 -1.83 -5.41
CA GLY A 45 0.05 -2.41 -6.72
C GLY A 45 1.19 -3.31 -7.13
N GLY A 46 0.87 -4.38 -7.86
CA GLY A 46 1.90 -5.31 -8.30
C GLY A 46 2.88 -4.67 -9.25
N ILE A 47 4.16 -4.99 -9.08
CA ILE A 47 5.21 -4.44 -9.94
C ILE A 47 5.08 -4.98 -11.36
N ASP A 48 5.68 -4.29 -12.30
CA ASP A 48 5.64 -4.70 -13.70
C ASP A 48 6.83 -5.60 -14.03
N GLU A 49 6.60 -6.57 -14.93
CA GLU A 49 7.64 -7.50 -15.33
C GLU A 49 8.92 -6.77 -15.70
N GLY A 50 9.83 -6.69 -14.75
CA GLY A 50 11.09 -6.02 -14.97
C GLY A 50 11.02 -4.54 -14.64
N GLU A 51 10.25 -4.21 -13.61
CA GLU A 51 10.08 -2.83 -13.19
C GLU A 51 10.66 -2.62 -11.79
N ASP A 52 11.26 -1.46 -11.59
CA ASP A 52 11.86 -1.12 -10.31
C ASP A 52 10.78 -0.84 -9.26
N PRO A 53 11.00 -1.26 -8.01
CA PRO A 53 10.03 -1.07 -6.92
C PRO A 53 9.61 0.40 -6.78
N ARG A 54 10.59 1.27 -6.57
CA ARG A 54 10.32 2.69 -6.40
C ARG A 54 9.61 3.27 -7.63
N ASN A 55 9.81 2.65 -8.78
CA ASN A 55 9.19 3.12 -10.01
C ASN A 55 7.77 2.56 -10.13
N ALA A 56 7.62 1.26 -9.93
CA ALA A 56 6.33 0.62 -10.01
C ALA A 56 5.34 1.26 -9.03
N ALA A 57 5.88 1.73 -7.91
CA ALA A 57 5.06 2.39 -6.89
C ALA A 57 4.63 3.76 -7.38
N ILE A 58 5.61 4.58 -7.77
CA ILE A 58 5.33 5.92 -8.27
C ILE A 58 4.33 5.84 -9.42
N ARG A 59 4.35 4.72 -10.12
CA ARG A 59 3.45 4.49 -11.24
C ARG A 59 2.11 4.00 -10.72
N GLU A 60 2.19 2.94 -9.93
CA GLU A 60 1.01 2.32 -9.33
C GLU A 60 0.20 3.31 -8.51
N LEU A 61 0.89 4.26 -7.88
CA LEU A 61 0.23 5.26 -7.05
C LEU A 61 -0.87 5.98 -7.82
N ARG A 62 -0.50 6.62 -8.92
CA ARG A 62 -1.47 7.33 -9.75
C ARG A 62 -2.50 6.35 -10.31
N GLU A 63 -2.24 5.06 -10.16
CA GLU A 63 -3.16 4.05 -10.66
C GLU A 63 -4.18 3.63 -9.59
N GLU A 64 -3.69 3.41 -8.37
CA GLU A 64 -4.54 2.99 -7.27
C GLU A 64 -5.10 4.17 -6.49
N THR A 65 -4.34 5.26 -6.42
CA THR A 65 -4.78 6.44 -5.68
C THR A 65 -4.99 7.61 -6.62
N GLY A 66 -4.36 7.54 -7.79
CA GLY A 66 -4.50 8.61 -8.76
C GLY A 66 -3.79 9.88 -8.34
N VAL A 67 -3.01 9.81 -7.27
CA VAL A 67 -2.27 10.97 -6.78
C VAL A 67 -1.09 11.27 -7.70
N THR A 68 -1.07 12.47 -8.27
CA THR A 68 0.00 12.87 -9.16
C THR A 68 1.03 13.72 -8.43
N SER A 69 0.58 14.53 -7.48
CA SER A 69 1.48 15.38 -6.71
C SER A 69 1.97 14.67 -5.46
N ALA A 70 2.91 13.76 -5.66
CA ALA A 70 3.48 13.00 -4.56
C ALA A 70 4.93 12.64 -4.84
N GLU A 71 5.81 12.96 -3.89
CA GLU A 71 7.22 12.67 -4.02
C GLU A 71 7.66 11.73 -2.91
N VAL A 72 8.64 10.88 -3.19
CA VAL A 72 9.12 9.94 -2.20
C VAL A 72 10.05 10.60 -1.20
N ILE A 73 9.73 10.41 0.07
CA ILE A 73 10.51 10.96 1.16
C ILE A 73 11.31 9.87 1.86
N ALA A 74 10.87 8.62 1.67
CA ALA A 74 11.54 7.49 2.28
C ALA A 74 11.26 6.20 1.53
N GLU A 75 12.08 5.19 1.76
CA GLU A 75 11.92 3.90 1.12
C GLU A 75 12.41 2.79 2.05
N VAL A 76 11.51 1.91 2.43
CA VAL A 76 11.85 0.81 3.31
C VAL A 76 12.97 -0.04 2.69
N PRO A 77 14.07 -0.25 3.44
CA PRO A 77 15.23 -1.02 2.96
C PRO A 77 14.90 -2.48 2.69
N TYR A 78 13.80 -2.97 3.25
CA TYR A 78 13.41 -4.37 3.06
C TYR A 78 12.02 -4.48 2.44
N TRP A 79 11.56 -5.72 2.28
CA TRP A 79 10.24 -5.99 1.73
C TRP A 79 9.30 -6.46 2.81
N LEU A 80 8.04 -6.12 2.68
CA LEU A 80 7.03 -6.53 3.64
C LEU A 80 6.08 -7.53 3.01
N THR A 81 6.07 -8.73 3.57
CA THR A 81 5.21 -9.79 3.07
C THR A 81 4.09 -10.08 4.06
N TYR A 82 2.89 -10.27 3.55
CA TYR A 82 1.72 -10.53 4.38
C TYR A 82 0.97 -11.76 3.86
N ASP A 83 0.02 -12.22 4.65
CA ASP A 83 -0.78 -13.39 4.26
C ASP A 83 -2.27 -13.08 4.34
N PHE A 84 -3.06 -13.86 3.61
CA PHE A 84 -4.50 -13.68 3.59
C PHE A 84 -5.21 -14.94 4.07
N PRO A 85 -6.37 -14.79 4.74
CA PRO A 85 -7.15 -15.92 5.24
C PRO A 85 -7.62 -16.84 4.11
N PRO A 86 -8.11 -18.04 4.46
CA PRO A 86 -8.59 -19.02 3.48
C PRO A 86 -9.77 -18.51 2.65
N LYS A 87 -10.39 -17.43 3.10
CA LYS A 87 -11.52 -16.86 2.38
C LYS A 87 -11.04 -15.79 1.41
N VAL A 88 -9.96 -15.13 1.77
CA VAL A 88 -9.37 -14.09 0.94
C VAL A 88 -8.44 -14.70 -0.11
N ARG A 89 -7.52 -15.53 0.35
CA ARG A 89 -6.58 -16.20 -0.54
C ARG A 89 -7.35 -16.98 -1.59
N GLU A 90 -8.34 -17.73 -1.10
CA GLU A 90 -9.18 -18.54 -1.97
C GLU A 90 -10.02 -17.65 -2.88
N LYS A 91 -10.31 -16.44 -2.41
CA LYS A 91 -11.08 -15.49 -3.18
C LYS A 91 -10.22 -14.85 -4.26
N LEU A 92 -9.02 -14.41 -3.88
CA LEU A 92 -8.10 -13.80 -4.82
C LEU A 92 -7.82 -14.74 -5.99
N ASN A 93 -7.51 -15.99 -5.66
CA ASN A 93 -7.23 -16.99 -6.68
C ASN A 93 -8.27 -16.94 -7.79
N ILE A 94 -9.49 -16.55 -7.44
CA ILE A 94 -10.57 -16.45 -8.41
C ILE A 94 -10.72 -15.01 -8.90
N GLN A 95 -10.78 -14.07 -7.98
CA GLN A 95 -10.92 -12.67 -8.33
C GLN A 95 -9.68 -12.15 -9.04
N TRP A 96 -8.54 -12.29 -8.38
CA TRP A 96 -7.27 -11.86 -8.96
C TRP A 96 -6.78 -12.84 -10.00
N GLY A 97 -7.06 -14.13 -9.79
CA GLY A 97 -6.64 -15.14 -10.73
C GLY A 97 -5.17 -15.50 -10.58
N SER A 98 -4.68 -15.45 -9.35
CA SER A 98 -3.28 -15.77 -9.09
C SER A 98 -3.16 -16.75 -7.92
N ASP A 99 -2.08 -17.52 -7.92
CA ASP A 99 -1.82 -18.49 -6.88
C ASP A 99 -0.58 -18.12 -6.07
N TRP A 100 -0.74 -17.14 -5.19
CA TRP A 100 0.36 -16.68 -4.36
C TRP A 100 0.02 -16.83 -2.88
N LYS A 101 1.05 -17.03 -2.06
CA LYS A 101 0.87 -17.19 -0.62
C LYS A 101 0.47 -15.85 -0.01
N GLY A 102 1.05 -14.78 -0.56
CA GLY A 102 0.77 -13.45 -0.10
C GLY A 102 1.30 -12.40 -1.05
N GLN A 103 1.97 -11.39 -0.51
CA GLN A 103 2.52 -10.33 -1.34
C GLN A 103 3.70 -9.63 -0.66
N ALA A 104 4.88 -9.79 -1.24
CA ALA A 104 6.09 -9.16 -0.71
C ALA A 104 6.35 -7.85 -1.45
N GLN A 105 6.08 -6.73 -0.79
CA GLN A 105 6.27 -5.43 -1.42
C GLN A 105 7.22 -4.52 -0.64
N LYS A 106 7.80 -3.57 -1.35
CA LYS A 106 8.72 -2.59 -0.76
C LYS A 106 8.05 -1.23 -0.72
N TRP A 107 7.46 -0.89 0.42
CA TRP A 107 6.76 0.37 0.59
C TRP A 107 7.70 1.57 0.45
N PHE A 108 7.13 2.67 -0.03
CA PHE A 108 7.86 3.91 -0.22
C PHE A 108 7.08 5.08 0.36
N LEU A 109 7.75 5.94 1.12
CA LEU A 109 7.08 7.09 1.70
C LEU A 109 6.92 8.20 0.68
N PHE A 110 5.72 8.75 0.58
CA PHE A 110 5.46 9.83 -0.36
C PHE A 110 4.85 11.04 0.32
N LYS A 111 5.42 12.20 0.07
CA LYS A 111 4.89 13.44 0.65
C LYS A 111 3.94 14.09 -0.35
N PHE A 112 2.69 14.25 0.07
CA PHE A 112 1.69 14.86 -0.81
C PHE A 112 2.06 16.30 -1.15
N THR A 113 2.13 16.59 -2.44
CA THR A 113 2.46 17.93 -2.89
C THR A 113 1.42 18.43 -3.90
N GLY A 114 0.16 18.10 -3.63
CA GLY A 114 -0.92 18.52 -4.50
C GLY A 114 -2.14 18.96 -3.73
N GLN A 115 -3.31 18.68 -4.28
CA GLN A 115 -4.57 19.03 -3.63
C GLN A 115 -5.47 17.81 -3.56
N ASP A 116 -6.37 17.81 -2.59
CA ASP A 116 -7.31 16.71 -2.41
C ASP A 116 -8.01 16.35 -3.72
N GLN A 117 -7.95 17.27 -4.69
CA GLN A 117 -8.58 17.03 -5.99
C GLN A 117 -7.76 16.08 -6.85
N GLU A 118 -6.46 15.99 -6.55
CA GLU A 118 -5.57 15.11 -7.29
C GLU A 118 -5.75 13.67 -6.86
N ILE A 119 -6.23 13.47 -5.64
CA ILE A 119 -6.44 12.14 -5.10
C ILE A 119 -7.63 11.45 -5.77
N ASN A 120 -7.33 10.63 -6.76
CA ASN A 120 -8.36 9.89 -7.48
C ASN A 120 -8.25 8.40 -7.17
N LEU A 121 -9.04 7.95 -6.21
CA LEU A 121 -9.03 6.55 -5.81
C LEU A 121 -9.32 5.62 -6.97
N LEU A 122 -9.97 6.16 -8.00
CA LEU A 122 -10.29 5.36 -9.19
C LEU A 122 -9.00 4.92 -9.87
N GLY A 123 -8.20 5.89 -10.27
CA GLY A 123 -6.94 5.61 -10.92
C GLY A 123 -6.60 6.68 -11.93
N ASP A 124 -5.46 6.55 -12.57
CA ASP A 124 -5.03 7.50 -13.58
C ASP A 124 -5.52 7.05 -14.95
N GLY A 125 -6.74 6.52 -14.97
CA GLY A 125 -7.31 6.04 -16.21
C GLY A 125 -6.69 4.73 -16.67
N SER A 126 -6.18 3.97 -15.70
CA SER A 126 -5.54 2.69 -16.00
C SER A 126 -6.24 1.55 -15.26
N GLU A 127 -6.04 1.50 -13.95
CA GLU A 127 -6.63 0.45 -13.12
C GLU A 127 -8.05 0.82 -12.69
N LYS A 128 -8.79 -0.16 -12.21
CA LYS A 128 -10.17 0.05 -11.77
C LYS A 128 -10.19 0.51 -10.31
N PRO A 129 -11.19 1.35 -9.96
CA PRO A 129 -11.34 1.87 -8.59
C PRO A 129 -11.30 0.76 -7.55
N GLU A 130 -10.41 0.90 -6.57
CA GLU A 130 -10.28 -0.08 -5.50
C GLU A 130 -10.79 0.49 -4.17
N PHE A 131 -10.69 1.81 -4.03
CA PHE A 131 -11.14 2.49 -2.82
C PHE A 131 -12.33 3.37 -3.12
N GLY A 132 -13.10 3.72 -2.09
CA GLY A 132 -14.27 4.57 -2.29
C GLY A 132 -14.12 5.89 -1.56
N GLU A 133 -13.23 5.91 -0.57
CA GLU A 133 -12.98 7.09 0.22
C GLU A 133 -11.56 7.09 0.76
N TRP A 134 -11.19 8.18 1.40
CA TRP A 134 -9.86 8.31 1.98
C TRP A 134 -9.87 9.28 3.14
N SER A 135 -8.95 9.06 4.08
CA SER A 135 -8.84 9.93 5.25
C SER A 135 -7.41 10.00 5.77
N TRP A 136 -7.13 11.01 6.58
CA TRP A 136 -5.81 11.22 7.15
C TRP A 136 -5.77 10.66 8.57
N VAL A 137 -4.77 9.83 8.84
CA VAL A 137 -4.64 9.22 10.17
C VAL A 137 -3.20 9.19 10.64
N THR A 138 -3.01 9.14 11.94
CA THR A 138 -1.67 9.08 12.51
C THR A 138 -1.12 7.68 12.32
N PRO A 139 0.20 7.53 12.22
CA PRO A 139 0.82 6.21 12.03
C PRO A 139 0.27 5.17 13.01
N GLU A 140 -0.27 5.66 14.11
CA GLU A 140 -0.86 4.79 15.13
C GLU A 140 -2.32 4.50 14.81
N GLN A 141 -3.02 5.49 14.25
CA GLN A 141 -4.42 5.33 13.89
C GLN A 141 -4.55 4.34 12.74
N LEU A 142 -3.81 4.59 11.67
CA LEU A 142 -3.84 3.71 10.50
C LEU A 142 -3.61 2.27 10.95
N ILE A 143 -2.77 2.13 11.94
CA ILE A 143 -2.44 0.84 12.51
C ILE A 143 -3.69 0.21 13.13
N ASP A 144 -4.60 1.06 13.59
CA ASP A 144 -5.84 0.60 14.18
C ASP A 144 -6.85 0.27 13.10
N LEU A 145 -6.62 0.82 11.91
CA LEU A 145 -7.50 0.58 10.77
C LEU A 145 -7.07 -0.68 10.03
N THR A 146 -5.77 -0.86 9.94
CA THR A 146 -5.19 -2.02 9.27
C THR A 146 -5.71 -3.32 9.87
N VAL A 147 -5.53 -4.42 9.14
CA VAL A 147 -5.98 -5.73 9.59
C VAL A 147 -4.86 -6.47 10.32
N GLU A 148 -5.23 -7.48 11.10
CA GLU A 148 -4.27 -8.26 11.86
C GLU A 148 -3.10 -8.76 11.00
N PHE A 149 -3.41 -9.20 9.78
CA PHE A 149 -2.37 -9.71 8.88
C PHE A 149 -1.68 -8.58 8.11
N LYS A 150 -2.02 -7.34 8.44
CA LYS A 150 -1.41 -6.18 7.78
C LYS A 150 -0.85 -5.19 8.79
N LYS A 151 -1.05 -5.46 10.08
CA LYS A 151 -0.56 -4.58 11.14
C LYS A 151 0.94 -4.35 11.02
N PRO A 152 1.76 -5.41 11.14
CA PRO A 152 3.22 -5.30 11.05
C PRO A 152 3.68 -4.77 9.70
N VAL A 153 3.05 -5.26 8.63
CA VAL A 153 3.39 -4.83 7.28
C VAL A 153 3.28 -3.31 7.14
N TYR A 154 2.40 -2.73 7.93
CA TYR A 154 2.19 -1.28 7.90
C TYR A 154 3.09 -0.60 8.92
N LYS A 155 3.02 -1.06 10.17
CA LYS A 155 3.83 -0.49 11.25
C LYS A 155 5.28 -0.41 10.82
N GLU A 156 5.71 -1.37 10.02
CA GLU A 156 7.08 -1.39 9.53
C GLU A 156 7.32 -0.21 8.62
N VAL A 157 6.36 0.01 7.72
CA VAL A 157 6.43 1.13 6.78
C VAL A 157 6.55 2.44 7.54
N LEU A 158 5.68 2.62 8.53
CA LEU A 158 5.70 3.82 9.35
C LEU A 158 7.01 3.89 10.12
N SER A 159 7.36 2.78 10.75
CA SER A 159 8.59 2.69 11.53
C SER A 159 9.77 3.20 10.71
N VAL A 160 9.87 2.73 9.46
CA VAL A 160 10.95 3.14 8.58
C VAL A 160 10.77 4.60 8.18
N PHE A 161 9.53 5.07 8.23
CA PHE A 161 9.20 6.45 7.87
C PHE A 161 8.91 7.31 9.10
N ALA A 162 9.27 6.80 10.26
CA ALA A 162 9.05 7.51 11.51
C ALA A 162 9.63 8.93 11.45
N PRO A 163 10.93 9.05 11.17
CA PRO A 163 11.60 10.37 11.10
C PRO A 163 10.86 11.32 10.16
N HIS A 164 10.10 10.77 9.22
CA HIS A 164 9.35 11.58 8.28
C HIS A 164 7.93 11.84 8.78
N LEU A 165 7.47 10.99 9.71
CA LEU A 165 6.14 11.13 10.27
C LEU A 165 6.20 11.66 11.70
PG ATP B . -4.91 -4.96 -5.37
O1G ATP B . -6.22 -5.31 -5.97
O2G ATP B . -4.80 -3.52 -5.73
O3G ATP B . -3.67 -5.66 -5.81
PB ATP B . -6.00 -4.70 -2.89
O1B ATP B . -7.14 -5.61 -3.09
O2B ATP B . -6.20 -3.23 -3.01
O3B ATP B . -4.98 -5.11 -3.90
PA ATP B . -4.88 -6.09 -0.82
O1A ATP B . -4.18 -5.79 0.46
O2A ATP B . -4.15 -6.86 -1.86
O3A ATP B . -5.58 -4.97 -1.50
O5' ATP B . -6.17 -6.90 -0.37
C5' ATP B . -6.11 -8.31 -0.16
C4' ATP B . -7.44 -8.81 0.34
O4' ATP B . -7.37 -9.01 1.79
C3' ATP B . -8.62 -7.86 0.17
O3' ATP B . -9.19 -7.96 -1.14
C2' ATP B . -9.57 -8.32 1.25
O2' ATP B . -10.23 -9.52 0.88
C1' ATP B . -8.60 -8.63 2.38
N9 ATP B . -8.34 -7.49 3.27
C8 ATP B . -7.42 -6.49 3.10
N7 ATP B . -7.43 -5.61 4.08
C5 ATP B . -8.41 -6.06 4.93
C6 ATP B . -8.92 -5.56 6.15
N6 ATP B . -8.47 -4.46 6.74
N1 ATP B . -9.91 -6.26 6.74
C2 ATP B . -10.37 -7.37 6.16
N3 ATP B . -9.98 -7.94 5.02
C4 ATP B . -8.99 -7.22 4.45
H5'1 ATP B . -5.34 -8.54 0.58
H5'2 ATP B . -5.87 -8.82 -1.09
H4' ATP B . -7.69 -9.72 -0.20
H3' ATP B . -8.31 -6.82 0.29
HO3' ATP B . -8.93 -8.81 -1.49
H2' ATP B . -10.26 -7.52 1.53
HO2' ATP B . -10.90 -9.69 1.56
H1' ATP B . -8.92 -9.47 2.99
H8 ATP B . -6.75 -6.43 2.26
HN61 ATP B . -7.73 -3.92 6.31
HN62 ATP B . -8.88 -4.15 7.62
H2 ATP B . -11.16 -7.90 6.68
#